data_6TMG
#
_entry.id   6TMG
#
_cell.length_a   1.00
_cell.length_b   1.00
_cell.length_c   1.00
_cell.angle_alpha   90.00
_cell.angle_beta   90.00
_cell.angle_gamma   90.00
#
_symmetry.space_group_name_H-M   'P 1'
#
loop_
_entity.id
_entity.type
_entity.pdbx_description
1 polymer ATPTG11
2 polymer ATPTG7
3 polymer ATPTG14
4 polymer ATPTG5
5 polymer 'subunit k'
6 polymer 'subunit a'
7 polymer 'subunit i/j'
8 polymer ATPTG13
9 polymer ATPTG15
10 polymer ATPTG6
11 polymer ATPTG3
12 polymer ATPTG17
13 polymer 'subunit b'
14 polymer ATPTG12
15 polymer ATPTG10
16 polymer 'subunit f'
17 polymer ATPTG8
18 polymer ATPTG1
19 polymer ATPTG2
20 polymer 'subunit 8'
21 polymer ATPTG9
22 polymer ATPTG4
23 polymer ATPTG16
24 polymer 'subunit d'
25 non-polymer 1,2-DIACYL-SN-GLYCERO-3-PHOSPHOCHOLINE
26 non-polymer DODECYL-BETA-D-MALTOSIDE
27 non-polymer CARDIOLIPIN
28 non-polymer 1,2-dioleoyl-sn-glycero-3-phosphoethanolamine
#
loop_
_entity_poly.entity_id
_entity_poly.type
_entity_poly.pdbx_seq_one_letter_code
_entity_poly.pdbx_strand_id
1 'polypeptide(L)'
;MVRNQRYPASPVQEIFLPEPVPFVQFDQTAPSPNSPPAPLPSPSLSQCEEQKDRYRDISSMFHRGVAGAEQVREAYNSMA
KCFRRVSVAEVLESDPAFRQARNFTMDLKQAEDDQRYKQLQYGRVPSILTKYHL
;
q,Q
2 'polypeptide(L)'
;MPSSSSEDAQGGNRFECVSNSTSPRRKNATKDEAACLQPRRSAVSGPREDVLCIRTTPQPHVRRGKSGPGRRKRMRFGRE
RERRDKKRGEGERKRTRFPFLRLHIEGGNANSRRPLCFPSRHSLLRNHYGSLSMAFRKVSPPKAPMSVFEARSSFLDLEQ
CARAAGPQRWEAECQGVRQRALQAAADVMSRECGAYGDSFFQCYRHGFRLEACQGEKATMQLLRCQRMVADRLVPL
;
i,I
3 'polypeptide(L)'
;MPAPAASGAAAVLSKDIARSFRWMQAFAAVKGKPTAGSCAAGTAVVNPEDPTKVTLKGRYTNFSLQHIWEKYDYLQTHLL
LRECMLSQVAKNPRLLDPEINAGLTPTVFMRVPPETQDPETQAKAAPQKGQAN
;
t,T
4 'polypeptide(L)'
;MQNGVFTRENADFLVKSGADSPSSQSLLLRTSPSPLSLPRRRFIFLRSASVDLSERSSLACLAPFFCLASGVCLRSAFSL
PFFARRGRPCLFFIFIFFFRVSFTANFRGKRVKMAASTIPISQWPSLLYAPPSSPANPAVEALPEMQFDDLHYPRQMLLC
RGAGYSLEQCNRMAQPDARVTPENPAEKLLKEEAVAAIACLSQREGGKDEQCRYYIERMYKLANKEKQPEPGTLSKASTL
ACKLLGIHRPEA
;
g,G
5 'polypeptide(L)'
;MAFAGAAAPLGVKGRSVFAGMRSFIGQRLGRLYDSFYYSQSSTKYVMVFLFPAGIFYTRFRADTKLGYHVFINEEKLYPD
YSQNYFDTKWTNGRKVYLDDETTVEQLKAQIYGGKAAPENVKVACRGRVFEDADNVAMAVRAFCKRDPRLLLFQDNL
;
o,O
6 'polypeptide(L)'
;MAAGSRFPFCTAARLSSRGTLPRLGEATFFAGAESQRSAGAFAKTLQRPFLRAPSTQLFPVGNRLGVSSARALVANAMEP
RRFFAAAASAKATHALQPTGTGSVAFTRPGQGSNAQFQTSLADKTRGLLGVGFLRPTKMASFAATFLLNFRFYFMYMART
TFQAVRPLLAFSVFGEVMKLVLATMSSGLFSFLFSFVLAFEVFYFFLQCYISYTFLTMFFTVLF
;
k,K
7 'polypeptide(L)'
;MGLSPAFAATAGCRLASPVANSSRFLSLLRLSRPRLNAAAPAAEAAKTLERNVPMKEILQPLWVVEPPNFLRQPVWKQFW
EAQFANRSFFFFGNAWTSAAAFAFFIWWSRVFDPPPKERLDRYWLNSPKFRILSAFHNPGKRPGLKISLMTYEARYCYRG
LDHPFTLNEMKDFLFKLREQYLVNKYEGIQFPFVFRQFNRVSTPGTLEVHTSPALQQQPHFHEEAAGHH
;
j,J
8 'polypeptide(L)'
;MSWATRLLRMSSPRLGLLPLGRSVKLGGAKERVSFSQFFDSEYFWTKANVGPFFLFLFTSPFWYQGIKTVYASCRYRKLN
EREIISDRYTWLHERMLEDEVERVLLEQVPAGGFDKTRPGLLLGPSTL
;
s,S
9 'polypeptide(L)'
;MATPPLQDGAPTNGGAATKPSCGARLQNFARMAIKGPSVPHSILFGVGAGCCAYAGYYLYRAMRLTFFDTESVALQSRLR
YAEKQKLFHQELDRELAAGHIASLVAEYDPVATRLPFQPMQDRYRV
;
u,U
10 'polypeptide(L)'
;MAETREGGQSGAASILGAEAFPELLSKVPLNPQMDEDKHFNKYKWGNEPIPVNRRTGSRMNSSIYDNRNHEAVRHPWSTD
ARTFHPNDNPEADRINTQYSNMVSDSFPEGGFSDAPRFSSNWERLLAYHHGLYSPEKFNSTTKTADEIRLAVNDFAAKVH
ADDPKNACKYLMIEEFKCLQSAQARIDPQGAATKCVKWFNEWRQCAWDQEKMVKGYNYIEDRRARKHKPYIGAPDLQYS
;
h,H
11 'polypeptide(L)'
;MGEKQEEEGEEEKEGKGEGGGEGGREEEDEDGSAPVVSWLRIVEERECHEETDEAPETKIALPFSAQRSSRGFEARQVEV
LVSANSAFLLSVLLASLFLSSSLPSFCPPRFLLSVLLALFKDKMAGDAPAAAAAPQQAGRTASASGVRTPGYLDLVGHSL
KATSMDHGMQYSSIYWETSHRTYLPFWASLTQKFSWKIMDDQIRSFLRLPKPVTTEPFVFSSGSPYIRRYFGDADISVPV
PLHAPAHFAFVPTGTVSPWEETGMETGPQGAAARGAAATAFRAVLESAWKCDIDEQIKEKLHSRAGAGAFHASGSTGGCP
IPTDF
;
e,E
12 'polypeptide(L)'
;MSTSPGLAFANLTLLLDVPQLPAIWAVNAWRELNGLFTEMKTLAGTSDLLYPSNRYNPQNEKTNRMGRPRKYNHGEWMFG
NSY
;
x,X
13 'polypeptide(L)'
;MNFSSSARWLAVRQSQTLGHTTRATVAAGRRVLAHSPAATEFTSFQSLHIGGDVCKLPLAVALGAAPSALGYGSAKHNQQ
RQYATLGSGWSFSKVQYTKYRITKPWTTDTTFDDIILSQPSKEDFAKFTKEAPLFLRFLKLVTDVEGRQEAFIQFAKRCE
NGLTVEKDVYVTKKELVDCLWKNGYTDTEINAFEIAFPADYKFHYPELAVLFDLTEEDCYKYCIRQRAATPEELVELKYT
KPKNLVSSYGLCFLGVWFGLSNTVLSNAWFYSKTFPFGAVFYMLGSYFYRDIREKLWKEEKSLIHTAQENKNMGEESVYK
QMKKYATDTKCLDYLSTFRTEVEDQIANYKVALVSQMRRQLTERLVEKLNGIQQAEKLIQGSLQDVMIREIVSSFKDLYK
SRPELHDAAMQSAIQGLSGSDGAMDPVGAHFKASLQELAKVNLSTATADPMGTVVQRVAAVFQKREKEFLDTFTVKATEA
QEIKTIVDKCHKGNTFDFHALSDEELRRLEQLYSTVNNRVGFETIHENSIKPVAPLSENSKGFVEFVNTQLEITKAKLRN
ARLTAFAHAFV
;
b,B
14 'polypeptide(L)'
;MLNFIPKRCPSVSLLFGKRPVQRIEVGQARHQLEIPVETIEKIYEGVDSRLEYHNKDYNAMKWKDFMKLKLDAYHLLEAS
QSETAAKSALSDLNWFSDLADIYSGQQTMAEMDVALKAQGEQKLSYPIQGKNIK
;
r,R
15 'polypeptide(L)'
;MSPPTASASVASSGSSPHMDRLLGDLKLLAAYDSAAGWQEPKAMESAFQSLSWDDADVLKALPQYLNCRGEQKRRVDFAY
AALCPRPVDEKDPKQTLMSLWMKARLFSYDQKHPFVLSPFAATDKSTSAGAMTAEKPF
;
p,P
16 'polypeptide(L)'
;MGFHFQQYIAMAGRAINPVQWTRAWRRMEGKSATEVYRDALAWTNNQFAQISRASQYRAWWWQNPLGMGLVLYGTYKAWH
MIYMVRKQKKTAQLVAAAYGQGGQWLNPVPR
;
v,V
17 'polypeptide(L)'
;MTALPPPPSANVAVSFTAAPAEPLSRGEVKAASLKLELQNIERELKDWWMSRKILRDRNIGLFNLLQHHNFAGLSVNNAK
LSDSQRVMWTDLVQGKPDVEDKLSVDAREMKVDMYEKLFKQAADLENPCRMPGVAYLRCLRDTLTETQSARRSSCLNAFS
SFDACRTGLLKQQSAAVENSLVRQNMADVRAKALFERRAVLLDLVEGK
;
l,L
18 'polypeptide(L)'
;MGGGGGGALNKLFPGYKDKIWMKVPVQWRQQMIQHWNKSYEKQVYSESVALNRTFQARNQLVLDRLKPSGAYRLPAVDYK
RQLSRGTLVEGADFYLPTAQEQQRLARHFEPYSEQEQEERRKFRFQSISVYLAVALGASFVHDYFYQRRPVAWCLEKEPP
HPPSYPFWFKSLFHSHDIPSVRRGYEVYRKVCATCHSMEQLHFRHLVGEVLPEKRVKQIAAEYDVTDGPNDQGEMYTRPG
ILGDAFPSPYPNEEAARYANGGAYPPDLSLITAARHFGPDYLMALLGGYRDPPEGVELRPGLYWNVWFPGNAIAMPPPLM
DEMIDYEDGTPCNISQMSKDVVNFLTWATEPTADERKLYGLKCVSAIAIGTVLMTLWWRFYWAMYATRRIDFGKLKYL
;
c,C
19 'polypeptide(L)'
;MSPVGRLFLGSKLPAQTWQSFRLQPALPQFAQKRFFSGGAAKPSWHVAREHRFGPTLPDHAYYGEHATYNYFVLFIRGMR
PYLEKIFGDCASTIKNAAVAVYRPVNAFVVKHNPDLRLQFVAFASFIATHMAITKEFNDMYQRLVDITSLLELQAAQLHA
SEGFWDSESEQQEARLQRHAEHRNDLETTWEEALREATLARNFDVLVSYLNHGTSDGCGEHGACGHSGQNGIPPSVTWNF
NAMPYGKENPDTKTFPIPDHEQPYRAFSLGFTANNLSGNWGDYIDRQDNKNALMRPARMMFTDVFIPTTK
;
d,D
20 'polypeptide(L)'
;MNTFFLTPAAAAARRVAVSFFARSSASGFPQHRVALRPFPSQRPAERAHNLAKSQTLRSVKAHGRQSGKKEQSTESGGRR
GFRAAVGAGTGCMLAASPMLFTDYDNTASPKSELIFMAGNALGYCTERFFENEYGQSIFMFALGLAYLAMLGHEGKIHGA
VWRMKHLFATNFKMVGHPRYAYALPKNPLLQDAAPTKTGSTSAKK
;
m,M
21 'polypeptide(L)'
;MSGDSVAPHQRAACEQLHSEYKQCLAKNGRTHFSACTDFHSKLRACENMLGTSYCIDEGINLMKCTKNPDPSFCAKEFVA
MRECNRPQGPHLVLSSSPSSPPHYELRPEVKHLYNVDSTDLGSAVAPVRSKEQLDRVADSLKADLNLPGYGHIPYKWESL
RPNPGA
;
n,N
22 'polypeptide(L)'
;MALNRVPSRVLPFAVSGVYVHPRNACRLPAAAAVSSVPSSVSAFSSRTNFLSRSSSAVMSHPCAATARHFSFAIPPANAA
ALADPLPATPTPPPVFEAVSSASSGIASGTNALKNVEEVSTMERYEAAVYEESFKKPIVCLFFARFSLQSKVLLQPFLDF
AASASNNATFFLIDCDRVPRAAYHARVENVPSLVVMKGDDAFRQTITDSVGVKTAGDLIQEARSALDQVLRLDQQEGGTK
LQPGVSSYTHHIGVDNLNVYRKGWPVA
;
f,F
23 'polypeptide(L)'
;MPFMWRQRAYCAPVPSAFASQQPNGLGGEAGVRKPLLRSNSESLSVFSQIPDGLLGHTTSVTMGNSDIFFLPKPSNLLKI
ALPAFVFMPNLTIFTRAFPFYAHTSA
;
w,W
24 'polypeptide(L)'
;MQALRRGAAIPSRLLPRRDSWMSLAPFVAPNNAAAWRKLRDGAQEVQTVIERQSTPGKPQQIDWAKWESQIAHKDILNCL
KTFYTNQVQILDRALGALETAKTPAPCEGAEKGWALFDAALSACAKSVEKSEELLSNGARALWVSCSNPPVWKVNTNEWL
DSDQYWQAFVEKHHFYSQYQPGVVDPEAPQEVEAFKQAWHSRMGKFNDRSDTPMLYAYMNELPSWEYYDLHRSAFLEHMT
YFLVRTGGDFRFFPEMPPWQWLAHMENLRFKLLSVAQSRRSQLQLANLERERALDFLPVDVEHHGEEYTQKFLQYETELF
QACAARLMGHFMFLCDPFIPVQSAEALSAVTRVDNGKGKLFSLGDDVNALFYLPEQQRRDVERPTQAVQTLLGHLEATGR
PFNPCYSELLHVHAEVLEERGEHWLTAPGECVSQAFLRRLRTDDPAYEVYCSYFKEMYERFAGAKEVSMEDGRKRLATIE
KNAQEEAAAYGLALKTMGSAELAHKAREGAAKLEQLRKAQEKAAGKSAQTVQENKM
;
a,A
#
# COMPACT_ATOMS: atom_id res chain seq x y z
N VAL A 2 4.81 -20.46 -44.51
CA VAL A 2 5.12 -20.72 -45.91
C VAL A 2 6.59 -21.03 -46.09
N ARG A 3 7.43 -20.42 -45.25
CA ARG A 3 8.87 -20.65 -45.36
C ARG A 3 9.18 -22.11 -45.07
N ASN A 4 10.10 -22.66 -45.87
CA ASN A 4 10.60 -24.02 -45.66
C ASN A 4 11.90 -23.89 -44.87
N GLN A 5 11.81 -24.14 -43.57
CA GLN A 5 12.93 -23.87 -42.68
C GLN A 5 14.14 -24.71 -43.04
N ARG A 6 15.32 -24.08 -42.99
CA ARG A 6 16.55 -24.80 -43.22
C ARG A 6 16.86 -25.78 -42.09
N TYR A 7 16.34 -25.53 -40.89
CA TYR A 7 16.60 -26.34 -39.71
C TYR A 7 15.27 -26.63 -39.02
N PRO A 8 14.53 -27.64 -39.48
CA PRO A 8 13.28 -27.99 -38.80
C PRO A 8 13.47 -28.24 -37.32
N ALA A 9 14.55 -28.93 -36.96
CA ALA A 9 14.96 -29.06 -35.57
C ALA A 9 15.99 -27.99 -35.24
N SER A 10 15.51 -26.74 -35.28
CA SER A 10 16.43 -25.60 -35.18
C SER A 10 17.28 -25.62 -33.91
N PRO A 11 16.74 -25.92 -32.72
CA PRO A 11 17.58 -25.86 -31.52
C PRO A 11 18.66 -26.93 -31.50
N VAL A 12 18.50 -28.01 -32.26
CA VAL A 12 19.39 -29.16 -32.18
C VAL A 12 20.20 -29.32 -33.47
N GLN A 13 19.57 -29.16 -34.63
CA GLN A 13 20.25 -29.38 -35.90
C GLN A 13 21.33 -28.33 -36.13
N GLU A 14 21.01 -27.06 -35.88
CA GLU A 14 21.94 -25.97 -36.15
C GLU A 14 23.29 -26.21 -35.50
N ILE A 15 23.30 -26.88 -34.35
CA ILE A 15 24.53 -26.95 -33.55
C ILE A 15 25.53 -27.89 -34.21
N PHE A 16 25.14 -29.13 -34.49
CA PHE A 16 26.08 -30.14 -34.92
C PHE A 16 26.00 -30.48 -36.41
N LEU A 17 25.06 -29.92 -37.16
CA LEU A 17 25.05 -30.06 -38.62
C LEU A 17 24.39 -28.83 -39.25
N PRO A 18 25.10 -27.71 -39.28
CA PRO A 18 24.61 -26.53 -39.99
C PRO A 18 24.74 -26.70 -41.50
N GLU A 19 24.22 -25.73 -42.23
CA GLU A 19 24.28 -25.75 -43.69
C GLU A 19 25.40 -24.85 -44.18
N PRO A 20 26.26 -25.30 -45.09
CA PRO A 20 27.34 -24.45 -45.57
C PRO A 20 26.87 -23.54 -46.69
N VAL A 21 27.75 -22.60 -47.04
CA VAL A 21 27.48 -21.71 -48.17
C VAL A 21 27.59 -22.51 -49.47
N PRO A 22 26.59 -22.51 -50.33
CA PRO A 22 26.63 -23.38 -51.51
C PRO A 22 27.66 -22.91 -52.53
N PHE A 23 27.97 -23.82 -53.45
CA PHE A 23 28.95 -23.58 -54.50
C PHE A 23 28.23 -23.71 -55.84
N VAL A 24 28.23 -22.63 -56.62
CA VAL A 24 27.38 -22.53 -57.81
C VAL A 24 28.16 -22.55 -59.11
N GLN A 25 29.50 -22.45 -59.07
CA GLN A 25 30.26 -22.46 -60.30
C GLN A 25 30.05 -23.77 -61.05
N PHE A 26 30.01 -24.89 -60.32
CA PHE A 26 29.70 -26.18 -60.92
C PHE A 26 29.26 -27.13 -59.81
N ASP A 27 28.80 -28.31 -60.23
CA ASP A 27 28.16 -29.24 -59.30
C ASP A 27 29.12 -29.66 -58.20
N GLN A 28 30.38 -29.92 -58.54
CA GLN A 28 31.44 -30.34 -57.63
C GLN A 28 31.27 -31.76 -57.11
N THR A 29 30.19 -32.45 -57.47
CA THR A 29 29.97 -33.84 -57.06
C THR A 29 30.21 -34.83 -58.18
N ALA A 30 30.49 -34.35 -59.39
CA ALA A 30 30.72 -35.19 -60.55
C ALA A 30 32.16 -35.03 -61.03
N PRO A 31 32.67 -35.98 -61.82
CA PRO A 31 34.04 -35.87 -62.31
C PRO A 31 34.25 -34.60 -63.14
N SER A 32 35.52 -34.25 -63.31
CA SER A 32 35.89 -33.09 -64.09
C SER A 32 36.24 -33.51 -65.51
N PRO A 33 35.55 -33.02 -66.54
CA PRO A 33 35.91 -33.40 -67.91
C PRO A 33 37.32 -32.96 -68.25
N ASN A 34 38.08 -33.87 -68.86
CA ASN A 34 39.43 -33.59 -69.30
C ASN A 34 39.50 -33.22 -70.77
N SER A 35 38.36 -33.11 -71.44
CA SER A 35 38.27 -32.74 -72.84
C SER A 35 37.19 -31.70 -73.03
N PRO A 36 37.34 -30.80 -74.00
CA PRO A 36 36.31 -29.79 -74.22
C PRO A 36 35.09 -30.39 -74.89
N PRO A 37 34.03 -29.60 -75.07
CA PRO A 37 32.87 -30.11 -75.82
C PRO A 37 33.17 -30.23 -77.30
N ALA A 38 32.52 -31.19 -77.92
CA ALA A 38 32.71 -31.38 -79.36
C ALA A 38 32.02 -30.25 -80.12
N PRO A 39 32.64 -29.76 -81.20
CA PRO A 39 32.01 -28.66 -81.95
C PRO A 39 30.69 -29.06 -82.57
N LEU A 40 29.60 -28.44 -82.11
CA LEU A 40 28.29 -28.76 -82.62
C LEU A 40 28.20 -28.44 -84.11
N PRO A 41 27.31 -29.09 -84.84
CA PRO A 41 27.19 -28.84 -86.29
C PRO A 41 26.79 -27.40 -86.56
N SER A 42 27.44 -26.80 -87.56
CA SER A 42 27.12 -25.43 -87.93
C SER A 42 25.66 -25.34 -88.36
N PRO A 43 24.89 -24.40 -87.82
CA PRO A 43 23.46 -24.35 -88.14
C PRO A 43 23.14 -23.58 -89.41
N SER A 44 21.86 -23.45 -89.71
CA SER A 44 21.39 -22.67 -90.85
C SER A 44 19.90 -22.40 -90.66
N LEU A 45 19.30 -21.71 -91.61
CA LEU A 45 17.89 -21.39 -91.56
C LEU A 45 17.00 -22.57 -91.94
N SER A 46 17.57 -23.77 -92.08
CA SER A 46 16.81 -24.96 -92.41
C SER A 46 16.14 -25.59 -91.19
N GLN A 47 16.20 -24.94 -90.03
CA GLN A 47 15.66 -25.51 -88.79
C GLN A 47 14.69 -24.55 -88.11
N CYS A 48 14.21 -23.53 -88.81
CA CYS A 48 13.27 -22.57 -88.25
C CYS A 48 11.84 -22.81 -88.69
N GLU A 49 11.53 -24.03 -89.13
CA GLU A 49 10.23 -24.33 -89.72
C GLU A 49 9.10 -24.12 -88.73
N GLU A 50 9.08 -24.93 -87.68
CA GLU A 50 8.00 -24.85 -86.70
C GLU A 50 8.00 -23.50 -85.99
N GLN A 51 9.20 -22.96 -85.72
CA GLN A 51 9.27 -21.67 -85.06
C GLN A 51 8.56 -20.60 -85.88
N LYS A 52 8.94 -20.48 -87.15
CA LYS A 52 8.35 -19.46 -88.02
C LYS A 52 6.86 -19.67 -88.18
N ASP A 53 6.43 -20.91 -88.47
CA ASP A 53 5.02 -21.12 -88.76
C ASP A 53 4.17 -20.89 -87.52
N ARG A 54 4.64 -21.33 -86.36
CA ARG A 54 3.88 -21.12 -85.13
C ARG A 54 3.86 -19.66 -84.74
N TYR A 55 4.95 -18.93 -84.97
CA TYR A 55 4.93 -17.50 -84.71
C TYR A 55 3.92 -16.79 -85.60
N ARG A 56 3.88 -17.16 -86.88
CA ARG A 56 2.88 -16.58 -87.78
C ARG A 56 1.47 -16.87 -87.31
N ASP A 57 1.20 -18.14 -86.97
CA ASP A 57 -0.13 -18.52 -86.53
C ASP A 57 -0.54 -17.75 -85.28
N ILE A 58 0.34 -17.69 -84.28
CA ILE A 58 0.00 -17.03 -83.04
C ILE A 58 -0.12 -15.53 -83.21
N SER A 59 0.67 -14.93 -84.10
CA SER A 59 0.53 -13.51 -84.37
C SER A 59 -0.81 -13.21 -85.04
N SER A 60 -1.23 -14.07 -85.97
CA SER A 60 -2.54 -13.90 -86.57
C SER A 60 -3.64 -14.02 -85.53
N MET A 61 -3.57 -15.05 -84.68
CA MET A 61 -4.58 -15.26 -83.67
C MET A 61 -4.59 -14.14 -82.63
N PHE A 62 -3.45 -13.48 -82.43
CA PHE A 62 -3.42 -12.34 -81.52
C PHE A 62 -4.03 -11.10 -82.17
N HIS A 63 -3.70 -10.85 -83.45
CA HIS A 63 -4.38 -9.80 -84.19
C HIS A 63 -5.90 -10.00 -84.13
N ARG A 64 -6.34 -11.26 -84.16
CA ARG A 64 -7.75 -11.54 -83.90
C ARG A 64 -8.13 -11.11 -82.50
N GLY A 65 -7.48 -11.68 -81.49
CA GLY A 65 -7.66 -11.23 -80.11
C GLY A 65 -7.90 -12.35 -79.13
N VAL A 66 -7.67 -13.60 -79.55
CA VAL A 66 -7.93 -14.77 -78.73
C VAL A 66 -6.65 -15.54 -78.39
N ALA A 67 -5.48 -14.96 -78.70
CA ALA A 67 -4.20 -15.62 -78.50
C ALA A 67 -3.55 -15.22 -77.17
N GLY A 68 -3.28 -13.93 -77.01
CA GLY A 68 -2.55 -13.42 -75.86
C GLY A 68 -1.17 -12.92 -76.28
N ALA A 69 -0.44 -12.43 -75.27
CA ALA A 69 0.88 -11.86 -75.49
C ALA A 69 2.01 -12.77 -75.04
N GLU A 70 1.79 -13.60 -74.02
CA GLU A 70 2.83 -14.50 -73.56
C GLU A 70 3.22 -15.50 -74.65
N GLN A 71 2.22 -16.06 -75.34
CA GLN A 71 2.50 -16.99 -76.43
C GLN A 71 3.27 -16.30 -77.54
N VAL A 72 2.89 -15.08 -77.87
CA VAL A 72 3.58 -14.32 -78.91
C VAL A 72 5.06 -14.14 -78.52
N ARG A 73 5.30 -13.72 -77.29
CA ARG A 73 6.67 -13.51 -76.83
C ARG A 73 7.46 -14.82 -76.90
N GLU A 74 6.86 -15.91 -76.41
CA GLU A 74 7.55 -17.19 -76.41
C GLU A 74 7.93 -17.61 -77.82
N ALA A 75 6.98 -17.56 -78.75
CA ALA A 75 7.24 -17.99 -80.11
C ALA A 75 8.30 -17.11 -80.77
N TYR A 76 8.17 -15.79 -80.60
CA TYR A 76 9.14 -14.89 -81.21
C TYR A 76 10.53 -15.12 -80.66
N ASN A 77 10.64 -15.40 -79.36
CA ASN A 77 11.95 -15.62 -78.77
C ASN A 77 12.55 -16.94 -79.22
N SER A 78 11.73 -17.96 -79.41
CA SER A 78 12.24 -19.21 -79.96
C SER A 78 12.79 -18.99 -81.36
N MET A 79 12.02 -18.31 -82.21
CA MET A 79 12.48 -18.04 -83.56
C MET A 79 13.75 -17.20 -83.56
N ALA A 80 13.80 -16.19 -82.69
CA ALA A 80 14.97 -15.33 -82.61
C ALA A 80 16.19 -16.09 -82.14
N LYS A 81 16.02 -17.03 -81.21
CA LYS A 81 17.13 -17.89 -80.82
C LYS A 81 17.62 -18.71 -82.00
N CYS A 82 16.68 -19.25 -82.77
CA CYS A 82 17.07 -20.05 -83.94
C CYS A 82 17.89 -19.23 -84.92
N PHE A 83 17.55 -17.95 -85.08
CA PHE A 83 18.34 -17.09 -85.96
C PHE A 83 19.69 -16.69 -85.35
N ARG A 84 19.68 -16.37 -84.05
CA ARG A 84 20.91 -15.99 -83.38
C ARG A 84 21.92 -17.12 -83.41
N ARG A 85 21.44 -18.37 -83.47
CA ARG A 85 22.37 -19.49 -83.63
C ARG A 85 23.27 -19.28 -84.84
N VAL A 86 22.67 -19.07 -86.01
CA VAL A 86 23.46 -18.92 -87.22
C VAL A 86 24.25 -17.63 -87.20
N SER A 87 23.69 -16.56 -86.61
CA SER A 87 24.44 -15.31 -86.51
C SER A 87 25.73 -15.51 -85.72
N VAL A 88 25.63 -16.18 -84.58
CA VAL A 88 26.79 -16.41 -83.73
C VAL A 88 27.78 -17.35 -84.41
N ALA A 89 27.26 -18.36 -85.11
CA ALA A 89 28.17 -19.25 -85.85
C ALA A 89 28.97 -18.47 -86.88
N GLU A 90 28.30 -17.60 -87.63
CA GLU A 90 29.00 -16.77 -88.61
C GLU A 90 30.05 -15.90 -87.93
N VAL A 91 29.68 -15.25 -86.83
CA VAL A 91 30.64 -14.39 -86.13
C VAL A 91 31.86 -15.19 -85.70
N LEU A 92 31.63 -16.33 -85.04
CA LEU A 92 32.75 -17.13 -84.54
C LEU A 92 33.65 -17.59 -85.67
N GLU A 93 33.06 -18.04 -86.78
CA GLU A 93 33.88 -18.59 -87.85
C GLU A 93 34.56 -17.51 -88.69
N SER A 94 34.04 -16.28 -88.67
CA SER A 94 34.64 -15.20 -89.46
C SER A 94 35.66 -14.41 -88.66
N ASP A 95 35.24 -13.83 -87.54
CA ASP A 95 36.12 -12.98 -86.76
C ASP A 95 37.37 -13.76 -86.34
N PRO A 96 38.58 -13.19 -86.49
CA PRO A 96 39.79 -13.95 -86.16
C PRO A 96 40.09 -14.03 -84.68
N ALA A 97 39.61 -13.07 -83.88
CA ALA A 97 39.92 -13.06 -82.46
C ALA A 97 39.38 -14.28 -81.73
N PHE A 98 38.44 -15.01 -82.33
CA PHE A 98 37.81 -16.15 -81.69
C PHE A 98 38.36 -17.49 -82.15
N ARG A 99 39.31 -17.49 -83.10
CA ARG A 99 39.88 -18.75 -83.55
C ARG A 99 40.68 -19.41 -82.43
N GLN A 100 41.48 -18.63 -81.72
CA GLN A 100 42.21 -19.16 -80.57
C GLN A 100 41.24 -19.69 -79.52
N ALA A 101 40.18 -18.94 -79.23
CA ALA A 101 39.19 -19.38 -78.26
C ALA A 101 38.55 -20.69 -78.68
N ARG A 102 38.26 -20.85 -79.98
CA ARG A 102 37.71 -22.11 -80.46
C ARG A 102 38.70 -23.25 -80.25
N ASN A 103 39.92 -23.11 -80.77
CA ASN A 103 40.95 -24.11 -80.52
C ASN A 103 41.76 -23.78 -79.27
N PHE A 104 41.05 -23.55 -78.18
CA PHE A 104 41.65 -23.40 -76.85
C PHE A 104 41.57 -24.70 -76.09
N THR A 105 42.68 -25.07 -75.44
CA THR A 105 42.75 -26.30 -74.67
C THR A 105 43.73 -26.10 -73.52
N MET A 106 43.46 -26.79 -72.42
CA MET A 106 44.26 -26.62 -71.20
C MET A 106 43.84 -27.69 -70.21
N ASP A 107 44.74 -27.99 -69.27
CA ASP A 107 44.54 -29.07 -68.31
C ASP A 107 44.61 -28.54 -66.89
N LEU A 108 43.95 -29.26 -65.98
CA LEU A 108 43.90 -28.87 -64.59
C LEU A 108 45.29 -28.79 -63.98
N LYS A 109 46.22 -29.62 -64.46
CA LYS A 109 47.57 -29.59 -63.93
C LYS A 109 48.25 -28.25 -64.23
N GLN A 110 48.18 -27.81 -65.49
CA GLN A 110 48.72 -26.50 -65.83
C GLN A 110 47.97 -25.39 -65.09
N ALA A 111 46.66 -25.56 -64.91
CA ALA A 111 45.89 -24.57 -64.18
C ALA A 111 46.40 -24.41 -62.76
N GLU A 112 46.71 -25.53 -62.10
CA GLU A 112 47.23 -25.47 -60.73
C GLU A 112 48.68 -25.02 -60.69
N ASP A 113 49.45 -25.27 -61.76
CA ASP A 113 50.84 -24.86 -61.78
C ASP A 113 51.03 -23.40 -62.14
N ASP A 114 50.06 -22.77 -62.80
CA ASP A 114 50.20 -21.37 -63.16
C ASP A 114 50.34 -20.51 -61.90
N GLN A 115 50.81 -19.28 -62.11
CA GLN A 115 51.12 -18.38 -61.00
C GLN A 115 50.56 -16.98 -61.23
N ARG A 116 49.51 -16.85 -62.05
CA ARG A 116 48.90 -15.55 -62.28
C ARG A 116 48.07 -15.08 -61.10
N TYR A 117 47.71 -15.98 -60.19
CA TYR A 117 46.88 -15.60 -59.06
C TYR A 117 47.56 -14.62 -58.12
N LYS A 118 48.87 -14.42 -58.26
CA LYS A 118 49.57 -13.46 -57.42
C LYS A 118 49.21 -12.03 -57.78
N GLN A 119 48.73 -11.80 -58.99
CA GLN A 119 48.50 -10.45 -59.51
C GLN A 119 47.02 -10.11 -59.57
N LEU A 120 46.17 -10.86 -58.87
CA LEU A 120 44.73 -10.63 -58.85
C LEU A 120 44.31 -9.61 -57.80
N GLN A 121 45.22 -8.76 -57.36
CA GLN A 121 44.91 -7.77 -56.34
C GLN A 121 44.31 -6.52 -56.99
N TYR A 122 43.20 -6.04 -56.43
CA TYR A 122 42.59 -4.82 -56.93
C TYR A 122 43.54 -3.63 -56.76
N GLY A 123 43.43 -2.69 -57.68
CA GLY A 123 44.28 -1.51 -57.65
C GLY A 123 43.87 -0.53 -56.56
N ARG A 124 44.20 0.74 -56.76
CA ARG A 124 43.86 1.78 -55.80
C ARG A 124 43.39 3.02 -56.57
N VAL A 125 42.29 3.59 -56.12
CA VAL A 125 41.73 4.76 -56.81
C VAL A 125 42.68 5.94 -56.66
N PRO A 126 42.90 6.74 -57.69
CA PRO A 126 43.81 7.88 -57.55
C PRO A 126 43.33 8.86 -56.49
N SER A 127 44.17 9.86 -56.22
CA SER A 127 43.86 10.86 -55.23
C SER A 127 42.88 11.89 -55.80
N ILE A 128 42.06 12.44 -54.92
CA ILE A 128 41.05 13.41 -55.32
C ILE A 128 41.64 14.76 -55.66
N LEU A 129 42.93 14.97 -55.36
CA LEU A 129 43.59 16.22 -55.72
C LEU A 129 43.90 16.30 -57.21
N THR A 130 43.98 15.15 -57.89
CA THR A 130 44.19 15.16 -59.33
C THR A 130 43.05 15.85 -60.06
N LYS A 131 41.88 15.96 -59.44
CA LYS A 131 40.78 16.69 -60.04
C LYS A 131 41.10 18.17 -60.16
N TYR A 132 41.75 18.73 -59.14
CA TYR A 132 42.21 20.11 -59.17
C TYR A 132 43.61 20.23 -59.75
N HIS A 133 44.25 19.12 -60.10
CA HIS A 133 45.58 19.11 -60.70
C HIS A 133 46.62 19.69 -59.74
N LEU A 134 46.79 18.99 -58.62
CA LEU A 134 47.73 19.39 -57.58
C LEU A 134 48.79 18.31 -57.38
N MET B 146 15.71 20.24 -79.81
CA MET B 146 15.50 19.91 -78.41
C MET B 146 14.01 19.91 -78.09
N SER B 147 13.24 20.60 -78.92
CA SER B 147 11.78 20.60 -78.83
C SER B 147 11.18 19.73 -79.93
N VAL B 148 9.90 19.44 -79.77
CA VAL B 148 9.21 18.58 -80.74
C VAL B 148 9.18 19.24 -82.12
N PHE B 149 8.93 20.55 -82.15
CA PHE B 149 8.92 21.27 -83.42
C PHE B 149 10.29 21.17 -84.11
N GLU B 150 11.35 21.42 -83.35
CA GLU B 150 12.70 21.34 -83.92
C GLU B 150 13.01 19.95 -84.42
N ALA B 151 12.65 18.92 -83.64
CA ALA B 151 12.91 17.55 -84.06
C ALA B 151 12.16 17.19 -85.32
N ARG B 152 10.90 17.62 -85.42
CA ARG B 152 10.11 17.34 -86.61
C ARG B 152 10.71 18.05 -87.83
N SER B 153 11.15 19.29 -87.64
CA SER B 153 11.80 20.00 -88.75
C SER B 153 13.08 19.28 -89.17
N SER B 154 13.84 18.77 -88.19
CA SER B 154 15.07 18.05 -88.51
C SER B 154 14.78 16.79 -89.31
N PHE B 155 13.73 16.07 -88.92
CA PHE B 155 13.37 14.85 -89.67
C PHE B 155 12.87 15.19 -91.07
N LEU B 156 12.16 16.31 -91.22
CA LEU B 156 11.76 16.73 -92.55
C LEU B 156 12.97 17.07 -93.41
N ASP B 157 13.94 17.79 -92.85
CA ASP B 157 15.18 18.05 -93.57
C ASP B 157 15.85 16.75 -93.97
N LEU B 158 15.91 15.78 -93.06
CA LEU B 158 16.51 14.50 -93.36
C LEU B 158 15.81 13.83 -94.54
N GLU B 159 14.48 13.78 -94.50
CA GLU B 159 13.75 13.07 -95.55
C GLU B 159 13.89 13.77 -96.89
N GLN B 160 13.86 15.10 -96.91
CA GLN B 160 13.97 15.80 -98.19
C GLN B 160 15.39 15.67 -98.75
N CYS B 161 16.41 15.74 -97.89
CA CYS B 161 17.77 15.55 -98.37
C CYS B 161 17.98 14.11 -98.87
N ALA B 162 17.32 13.14 -98.24
CA ALA B 162 17.40 11.76 -98.72
C ALA B 162 16.75 11.63 -100.09
N ARG B 163 15.56 12.21 -100.25
CA ARG B 163 14.90 12.18 -101.55
C ARG B 163 15.77 12.86 -102.61
N ALA B 164 16.50 13.90 -102.23
CA ALA B 164 17.38 14.58 -103.19
C ALA B 164 18.56 13.71 -103.56
N ALA B 165 19.22 13.11 -102.57
CA ALA B 165 20.42 12.32 -102.83
C ALA B 165 20.08 11.04 -103.58
N GLY B 166 19.27 10.17 -102.96
CA GLY B 166 18.90 8.92 -103.55
C GLY B 166 19.09 7.76 -102.61
N PRO B 167 18.62 6.57 -103.01
CA PRO B 167 18.73 5.39 -102.14
C PRO B 167 20.13 4.78 -102.09
N GLN B 168 21.09 5.32 -102.84
CA GLN B 168 22.41 4.72 -102.95
C GLN B 168 23.49 5.50 -102.23
N ARG B 169 23.35 6.83 -102.11
CA ARG B 169 24.38 7.68 -101.52
C ARG B 169 23.85 8.43 -100.30
N TRP B 170 22.66 8.09 -99.82
CA TRP B 170 22.10 8.80 -98.67
C TRP B 170 22.95 8.61 -97.43
N GLU B 171 23.28 7.37 -97.10
CA GLU B 171 24.05 7.10 -95.89
C GLU B 171 25.39 7.82 -95.90
N ALA B 172 25.90 8.19 -97.06
CA ALA B 172 27.18 8.87 -97.16
C ALA B 172 27.05 10.39 -97.21
N GLU B 173 25.93 10.89 -97.75
CA GLU B 173 25.76 12.32 -97.96
C GLU B 173 24.93 13.00 -96.88
N CYS B 174 24.23 12.24 -96.03
CA CYS B 174 23.29 12.79 -95.06
C CYS B 174 23.60 12.25 -93.67
N GLN B 175 24.85 12.45 -93.23
CA GLN B 175 25.24 12.04 -91.89
C GLN B 175 25.00 13.13 -90.85
N GLY B 176 25.34 14.38 -91.16
CA GLY B 176 25.16 15.44 -90.18
C GLY B 176 23.70 15.67 -89.83
N VAL B 177 22.85 15.75 -90.85
CA VAL B 177 21.42 15.90 -90.61
C VAL B 177 20.89 14.70 -89.84
N ARG B 178 21.38 13.51 -90.15
CA ARG B 178 20.97 12.31 -89.43
C ARG B 178 21.29 12.42 -87.95
N GLN B 179 22.52 12.83 -87.64
CA GLN B 179 22.93 12.96 -86.24
C GLN B 179 22.13 14.03 -85.53
N ARG B 180 21.90 15.16 -86.18
CA ARG B 180 21.10 16.22 -85.56
C ARG B 180 19.70 15.75 -85.26
N ALA B 181 19.06 15.07 -86.22
CA ALA B 181 17.71 14.56 -86.00
C ALA B 181 17.67 13.56 -84.87
N LEU B 182 18.63 12.63 -84.84
CA LEU B 182 18.65 11.64 -83.77
C LEU B 182 18.86 12.31 -82.42
N GLN B 183 19.73 13.32 -82.36
CA GLN B 183 19.98 13.99 -81.08
C GLN B 183 18.75 14.74 -80.60
N ALA B 184 18.04 15.40 -81.51
CA ALA B 184 16.83 16.10 -81.13
C ALA B 184 15.77 15.13 -80.63
N ALA B 185 15.53 14.05 -81.38
CA ALA B 185 14.59 13.04 -80.94
C ALA B 185 14.99 12.46 -79.59
N ALA B 186 16.29 12.33 -79.35
CA ALA B 186 16.77 11.79 -78.08
C ALA B 186 16.50 12.75 -76.94
N ASP B 187 16.73 14.05 -77.16
CA ASP B 187 16.39 15.03 -76.14
C ASP B 187 14.90 14.98 -75.82
N VAL B 188 14.06 14.88 -76.85
CA VAL B 188 12.62 14.78 -76.64
C VAL B 188 12.28 13.55 -75.81
N MET B 189 12.87 12.40 -76.18
CA MET B 189 12.59 11.17 -75.46
C MET B 189 13.02 11.27 -74.01
N SER B 190 14.19 11.85 -73.76
CA SER B 190 14.67 12.01 -72.39
C SER B 190 13.71 12.89 -71.60
N ARG B 191 13.31 14.02 -72.17
CA ARG B 191 12.42 14.92 -71.45
C ARG B 191 11.08 14.27 -71.15
N GLU B 192 10.54 13.48 -72.08
CA GLU B 192 9.21 12.94 -71.93
C GLU B 192 9.16 11.57 -71.24
N CYS B 193 10.30 10.91 -71.06
CA CYS B 193 10.33 9.58 -70.46
C CYS B 193 11.37 9.45 -69.37
N GLY B 194 11.94 10.56 -68.89
CA GLY B 194 12.93 10.47 -67.83
C GLY B 194 12.38 9.94 -66.53
N ALA B 195 11.17 10.37 -66.15
CA ALA B 195 10.56 9.90 -64.93
C ALA B 195 10.51 8.37 -64.90
N TYR B 196 10.09 7.77 -66.01
CA TYR B 196 10.02 6.31 -66.06
C TYR B 196 11.40 5.68 -66.04
N GLY B 197 12.37 6.31 -66.69
CA GLY B 197 13.73 5.81 -66.62
C GLY B 197 14.30 5.87 -65.22
N ASP B 198 14.07 6.98 -64.52
CA ASP B 198 14.52 7.09 -63.14
C ASP B 198 13.81 6.09 -62.25
N SER B 199 12.53 5.82 -62.51
CA SER B 199 11.81 4.82 -61.73
C SER B 199 12.39 3.44 -61.94
N PHE B 200 12.69 3.09 -63.20
CA PHE B 200 13.32 1.80 -63.46
C PHE B 200 14.69 1.72 -62.81
N PHE B 201 15.45 2.81 -62.84
CA PHE B 201 16.75 2.84 -62.19
C PHE B 201 16.63 2.60 -60.70
N GLN B 202 15.64 3.23 -60.06
CA GLN B 202 15.43 3.05 -58.63
C GLN B 202 15.02 1.62 -58.32
N CYS B 203 14.11 1.06 -59.12
CA CYS B 203 13.71 -0.33 -58.93
C CYS B 203 14.89 -1.28 -59.09
N TYR B 204 15.75 -1.03 -60.07
CA TYR B 204 16.93 -1.87 -60.26
C TYR B 204 17.89 -1.74 -59.08
N ARG B 205 18.07 -0.53 -58.58
CA ARG B 205 18.90 -0.35 -57.38
C ARG B 205 18.35 -1.16 -56.22
N HIS B 206 17.05 -1.12 -56.01
CA HIS B 206 16.42 -1.80 -54.89
C HIS B 206 15.98 -3.22 -55.21
N GLY B 207 16.46 -3.78 -56.32
CA GLY B 207 16.16 -5.16 -56.62
C GLY B 207 14.71 -5.44 -56.91
N PHE B 208 13.95 -4.44 -57.32
CA PHE B 208 12.53 -4.61 -57.63
C PHE B 208 11.77 -5.14 -56.41
N ARG B 209 12.14 -4.63 -55.23
CA ARG B 209 11.47 -4.99 -53.99
C ARG B 209 10.38 -4.01 -53.60
N LEU B 210 10.31 -2.86 -54.25
CA LEU B 210 9.34 -1.85 -53.88
C LEU B 210 7.96 -2.20 -54.43
N GLU B 211 6.96 -1.41 -54.03
CA GLU B 211 5.59 -1.66 -54.48
C GLU B 211 5.43 -1.35 -55.96
N ALA B 212 5.91 -0.17 -56.39
CA ALA B 212 5.78 0.23 -57.78
C ALA B 212 6.61 -0.62 -58.73
N CYS B 213 7.52 -1.44 -58.21
CA CYS B 213 8.35 -2.31 -59.04
C CYS B 213 7.74 -3.68 -59.24
N GLN B 214 6.58 -3.95 -58.64
CA GLN B 214 5.93 -5.25 -58.81
C GLN B 214 5.25 -5.34 -60.17
N GLY B 215 5.31 -6.53 -60.76
CA GLY B 215 4.76 -6.73 -62.08
C GLY B 215 5.73 -6.34 -63.18
N GLU B 216 5.19 -5.80 -64.27
CA GLU B 216 6.00 -5.41 -65.42
C GLU B 216 5.76 -3.96 -65.82
N LYS B 217 4.98 -3.21 -65.04
CA LYS B 217 4.66 -1.84 -65.39
C LYS B 217 5.92 -0.98 -65.43
N ALA B 218 6.85 -1.22 -64.51
CA ALA B 218 8.08 -0.41 -64.48
C ALA B 218 8.78 -0.39 -65.82
N THR B 219 8.64 -1.45 -66.60
CA THR B 219 9.27 -1.57 -67.91
C THR B 219 8.33 -1.20 -69.04
N MET B 220 7.07 -1.64 -68.93
CA MET B 220 6.10 -1.36 -69.99
C MET B 220 5.83 0.12 -70.13
N GLN B 221 5.84 0.87 -69.01
CA GLN B 221 5.63 2.30 -69.08
C GLN B 221 6.74 2.98 -69.89
N LEU B 222 7.99 2.62 -69.62
CA LEU B 222 9.11 3.20 -70.35
C LEU B 222 9.05 2.83 -71.83
N LEU B 223 8.79 1.55 -72.12
CA LEU B 223 8.72 1.14 -73.51
C LEU B 223 7.59 1.83 -74.24
N ARG B 224 6.45 2.02 -73.58
CA ARG B 224 5.32 2.69 -74.20
C ARG B 224 5.62 4.16 -74.45
N CYS B 225 6.28 4.81 -73.49
CA CYS B 225 6.67 6.20 -73.70
C CYS B 225 7.59 6.34 -74.89
N GLN B 226 8.58 5.45 -75.01
CA GLN B 226 9.49 5.51 -76.14
C GLN B 226 8.76 5.27 -77.46
N ARG B 227 7.87 4.27 -77.48
CA ARG B 227 7.11 4.00 -78.70
C ARG B 227 6.26 5.19 -79.10
N MET B 228 5.61 5.83 -78.13
CA MET B 228 4.79 7.00 -78.42
C MET B 228 5.64 8.14 -78.98
N VAL B 229 6.78 8.40 -78.36
CA VAL B 229 7.66 9.46 -78.84
C VAL B 229 8.10 9.19 -80.27
N ALA B 230 8.50 7.95 -80.55
CA ALA B 230 8.92 7.60 -81.91
C ALA B 230 7.78 7.81 -82.90
N ASP B 231 6.60 7.25 -82.61
CA ASP B 231 5.46 7.37 -83.50
C ASP B 231 5.03 8.83 -83.67
N ARG B 232 5.34 9.70 -82.71
CA ARG B 232 4.99 11.10 -82.84
C ARG B 232 6.03 11.87 -83.63
N LEU B 233 7.27 11.39 -83.64
CA LEU B 233 8.35 12.12 -84.31
C LEU B 233 8.58 11.65 -85.75
N VAL B 234 8.91 10.37 -85.93
CA VAL B 234 9.49 9.93 -87.19
C VAL B 234 8.46 9.90 -88.31
N PRO B 235 7.19 9.53 -88.06
CA PRO B 235 6.33 9.47 -89.25
C PRO B 235 5.96 10.85 -89.79
N ALA C 18 87.02 -84.02 25.18
CA ALA C 18 86.00 -83.57 26.14
C ALA C 18 86.51 -82.39 26.95
N ARG C 19 87.52 -82.63 27.78
CA ARG C 19 88.14 -81.54 28.52
C ARG C 19 88.71 -80.49 27.58
N SER C 20 89.11 -80.90 26.37
CA SER C 20 89.55 -79.94 25.38
C SER C 20 88.39 -79.09 24.86
N PHE C 21 87.21 -79.68 24.74
CA PHE C 21 86.01 -78.99 24.29
C PHE C 21 85.23 -78.37 25.46
N ARG C 22 85.82 -78.35 26.65
CA ARG C 22 85.27 -77.58 27.76
C ARG C 22 84.89 -76.17 27.32
N TRP C 23 85.78 -75.52 26.56
CA TRP C 23 85.52 -74.15 26.15
C TRP C 23 84.40 -74.07 25.12
N MET C 24 84.31 -75.06 24.23
CA MET C 24 83.17 -75.14 23.33
C MET C 24 81.87 -75.23 24.12
N GLN C 25 81.89 -76.03 25.18
CA GLN C 25 80.70 -76.16 26.03
C GLN C 25 80.35 -74.83 26.67
N ALA C 26 81.36 -74.11 27.16
CA ALA C 26 81.10 -72.81 27.77
C ALA C 26 80.50 -71.83 26.76
N PHE C 27 81.07 -71.79 25.56
CA PHE C 27 80.54 -70.92 24.52
C PHE C 27 79.09 -71.27 24.20
N ALA C 28 78.80 -72.56 24.01
CA ALA C 28 77.43 -72.96 23.75
C ALA C 28 76.51 -72.59 24.90
N ALA C 29 77.03 -72.61 26.13
CA ALA C 29 76.23 -72.18 27.27
C ALA C 29 75.86 -70.71 27.15
N VAL C 30 76.85 -69.86 26.90
CA VAL C 30 76.60 -68.43 26.72
C VAL C 30 76.39 -68.22 25.22
N LYS C 31 75.15 -68.39 24.77
CA LYS C 31 74.82 -68.38 23.35
C LYS C 31 73.93 -67.21 22.97
N GLY C 32 72.78 -67.06 23.62
CA GLY C 32 71.80 -66.07 23.23
C GLY C 32 71.52 -65.01 24.27
N LYS C 33 72.55 -64.60 24.98
CA LYS C 33 72.39 -63.56 26.00
C LYS C 33 72.29 -62.21 25.32
N PRO C 34 71.34 -61.36 25.69
CA PRO C 34 71.16 -60.09 24.99
C PRO C 34 72.35 -59.17 25.17
N THR C 35 72.45 -58.19 24.27
CA THR C 35 73.56 -57.26 24.22
C THR C 35 73.01 -55.84 24.11
N ALA C 36 73.94 -54.88 24.02
CA ALA C 36 73.58 -53.47 23.86
C ALA C 36 73.27 -53.11 22.42
N GLY C 37 73.50 -54.00 21.46
CA GLY C 37 73.25 -53.71 20.07
C GLY C 37 71.81 -53.83 19.64
N SER C 38 70.93 -54.26 20.54
CA SER C 38 69.51 -54.42 20.23
C SER C 38 68.64 -53.43 20.98
N CYS C 39 69.23 -52.52 21.76
CA CYS C 39 68.47 -51.61 22.59
C CYS C 39 69.25 -50.31 22.73
N ALA C 40 68.64 -49.35 23.43
CA ALA C 40 69.29 -48.09 23.69
C ALA C 40 70.46 -48.30 24.65
N ALA C 41 71.44 -47.40 24.55
CA ALA C 41 72.67 -47.53 25.32
C ALA C 41 72.63 -46.82 26.66
N GLY C 42 71.55 -46.10 26.96
CA GLY C 42 71.50 -45.33 28.19
C GLY C 42 70.10 -45.11 28.67
N THR C 43 70.00 -44.66 29.92
CA THR C 43 68.72 -44.35 30.54
C THR C 43 68.94 -43.29 31.61
N ALA C 44 67.98 -42.39 31.74
CA ALA C 44 68.07 -41.28 32.68
C ALA C 44 67.34 -41.62 33.96
N VAL C 45 67.90 -41.17 35.08
CA VAL C 45 67.31 -41.34 36.41
C VAL C 45 67.40 -40.01 37.13
N VAL C 46 66.27 -39.47 37.55
CA VAL C 46 66.19 -38.17 38.21
C VAL C 46 66.20 -38.40 39.71
N ASN C 47 67.02 -37.65 40.42
CA ASN C 47 67.06 -37.74 41.87
C ASN C 47 65.73 -37.26 42.44
N PRO C 48 64.94 -38.11 43.10
CA PRO C 48 63.64 -37.65 43.60
C PRO C 48 63.75 -36.49 44.57
N GLU C 49 64.76 -36.52 45.45
CA GLU C 49 64.91 -35.45 46.42
C GLU C 49 65.27 -34.13 45.75
N ASP C 50 66.04 -34.18 44.67
CA ASP C 50 66.44 -33.00 43.92
C ASP C 50 66.18 -33.25 42.44
N PRO C 51 65.00 -32.91 41.95
CA PRO C 51 64.70 -33.18 40.53
C PRO C 51 65.59 -32.44 39.57
N THR C 52 66.30 -31.41 40.03
CA THR C 52 67.26 -30.71 39.18
C THR C 52 68.47 -31.57 38.88
N LYS C 53 68.68 -32.64 39.64
CA LYS C 53 69.81 -33.54 39.45
C LYS C 53 69.35 -34.78 38.70
N VAL C 54 70.08 -35.14 37.65
CA VAL C 54 69.72 -36.23 36.78
C VAL C 54 70.99 -36.94 36.34
N THR C 55 70.97 -38.27 36.37
CA THR C 55 72.11 -39.09 36.03
C THR C 55 71.79 -39.94 34.81
N LEU C 56 72.82 -40.23 34.03
CA LEU C 56 72.69 -41.02 32.81
C LEU C 56 73.46 -42.33 33.00
N LYS C 57 72.71 -43.42 33.19
CA LYS C 57 73.29 -44.74 33.36
C LYS C 57 73.40 -45.41 32.00
N GLY C 58 74.61 -45.77 31.62
CA GLY C 58 74.82 -46.52 30.39
C GLY C 58 76.16 -46.17 29.76
N ARG C 59 76.19 -46.29 28.44
CA ARG C 59 77.38 -46.14 27.62
C ARG C 59 77.21 -44.95 26.68
N TYR C 60 78.21 -44.77 25.82
CA TYR C 60 78.16 -43.80 24.74
C TYR C 60 77.67 -44.49 23.47
N THR C 61 76.97 -43.72 22.64
CA THR C 61 76.56 -44.23 21.34
C THR C 61 76.19 -43.08 20.42
N ASN C 62 76.71 -43.11 19.20
CA ASN C 62 76.31 -42.24 18.11
C ASN C 62 75.61 -43.05 17.03
N PHE C 63 74.87 -44.06 17.45
CA PHE C 63 74.35 -45.11 16.58
C PHE C 63 72.87 -45.30 16.85
N SER C 64 72.08 -45.43 15.77
CA SER C 64 70.64 -45.58 15.91
C SER C 64 70.05 -46.66 15.01
N LEU C 65 70.87 -47.43 14.30
CA LEU C 65 70.39 -48.50 13.42
C LEU C 65 70.40 -49.85 14.14
N GLN C 66 69.80 -49.89 15.32
CA GLN C 66 69.73 -51.14 16.06
C GLN C 66 68.85 -52.16 15.35
N HIS C 67 67.75 -51.70 14.74
CA HIS C 67 66.86 -52.61 14.05
C HIS C 67 67.53 -53.31 12.88
N ILE C 68 68.76 -52.92 12.54
CA ILE C 68 69.56 -53.63 11.55
C ILE C 68 70.72 -54.36 12.21
N TRP C 69 71.40 -53.72 13.15
CA TRP C 69 72.57 -54.32 13.78
C TRP C 69 72.24 -55.47 14.71
N GLU C 70 70.97 -55.64 15.10
CA GLU C 70 70.61 -56.74 15.97
C GLU C 70 70.88 -58.09 15.33
N LYS C 71 71.07 -58.14 14.02
CA LYS C 71 71.30 -59.38 13.30
C LYS C 71 72.77 -59.62 12.98
N TYR C 72 73.59 -58.58 12.98
CA TYR C 72 75.02 -58.70 12.71
C TYR C 72 75.87 -58.39 13.93
N ASP C 73 75.27 -58.28 15.11
CA ASP C 73 75.98 -57.99 16.35
C ASP C 73 77.30 -58.74 16.50
N TYR C 74 77.39 -59.95 15.92
CA TYR C 74 78.55 -60.82 16.14
C TYR C 74 79.77 -60.41 15.32
N LEU C 75 79.61 -59.55 14.31
CA LEU C 75 80.70 -59.27 13.39
C LEU C 75 81.90 -58.65 14.08
N GLN C 76 81.67 -57.83 15.10
CA GLN C 76 82.77 -57.15 15.77
C GLN C 76 83.77 -58.17 16.34
N THR C 77 83.27 -59.05 17.20
CA THR C 77 84.13 -60.07 17.79
C THR C 77 84.62 -61.05 16.75
N HIS C 78 83.83 -61.32 15.71
CA HIS C 78 84.30 -62.22 14.65
C HIS C 78 85.55 -61.65 13.98
N LEU C 79 85.51 -60.37 13.59
CA LEU C 79 86.66 -59.75 12.95
C LEU C 79 87.85 -59.64 13.89
N LEU C 80 87.58 -59.39 15.18
CA LEU C 80 88.65 -59.42 16.16
C LEU C 80 89.33 -60.78 16.17
N LEU C 81 88.54 -61.85 16.18
CA LEU C 81 89.10 -63.20 16.14
C LEU C 81 89.89 -63.44 14.87
N ARG C 82 89.41 -62.89 13.75
CA ARG C 82 90.14 -63.07 12.50
C ARG C 82 91.51 -62.40 12.57
N GLU C 83 91.57 -61.18 13.10
CA GLU C 83 92.85 -60.52 13.26
C GLU C 83 93.78 -61.32 14.16
N CYS C 84 93.24 -61.83 15.27
CA CYS C 84 94.09 -62.60 16.18
C CYS C 84 94.58 -63.89 15.53
N MET C 85 93.74 -64.53 14.73
CA MET C 85 94.16 -65.73 14.02
C MET C 85 95.27 -65.41 13.02
N LEU C 86 95.14 -64.28 12.33
CA LEU C 86 96.22 -63.86 11.44
C LEU C 86 97.52 -63.66 12.22
N SER C 87 97.44 -63.04 13.38
CA SER C 87 98.63 -62.81 14.19
C SER C 87 99.28 -64.15 14.57
N GLN C 88 98.47 -65.12 14.99
CA GLN C 88 99.02 -66.42 15.40
C GLN C 88 99.61 -67.16 14.19
N VAL C 89 98.93 -67.10 13.05
CA VAL C 89 99.38 -67.81 11.87
C VAL C 89 100.65 -67.19 11.30
N ALA C 90 100.85 -65.89 11.50
CA ALA C 90 102.11 -65.29 11.07
C ALA C 90 103.31 -66.00 11.70
N LYS C 91 103.12 -66.64 12.85
CA LYS C 91 104.16 -67.40 13.53
C LYS C 91 104.08 -68.88 13.22
N ASN C 92 102.89 -69.48 13.32
CA ASN C 92 102.73 -70.91 13.07
C ASN C 92 101.46 -71.17 12.28
N PRO C 93 101.54 -71.48 10.98
CA PRO C 93 100.33 -71.70 10.19
C PRO C 93 99.75 -73.10 10.29
N ARG C 94 100.37 -74.00 11.05
CA ARG C 94 99.90 -75.37 11.17
C ARG C 94 98.85 -75.55 12.26
N LEU C 95 98.32 -74.46 12.79
CA LEU C 95 97.28 -74.56 13.82
C LEU C 95 95.90 -74.79 13.22
N LEU C 96 95.70 -74.46 11.95
CA LEU C 96 94.41 -74.65 11.29
C LEU C 96 94.29 -76.00 10.60
N ASP C 97 95.39 -76.75 10.49
CA ASP C 97 95.36 -78.04 9.80
C ASP C 97 94.23 -78.95 10.26
N PRO C 98 93.88 -79.00 11.56
CA PRO C 98 92.75 -79.86 11.96
C PRO C 98 91.46 -79.57 11.19
N GLU C 99 91.08 -78.29 11.09
CA GLU C 99 89.83 -77.97 10.40
C GLU C 99 89.94 -78.26 8.90
N ILE C 100 91.11 -77.96 8.31
CA ILE C 100 91.31 -78.25 6.89
C ILE C 100 91.11 -79.73 6.64
N ASN C 101 91.72 -80.57 7.47
CA ASN C 101 91.59 -82.01 7.31
C ASN C 101 90.15 -82.46 7.55
N ALA C 102 89.47 -81.84 8.51
CA ALA C 102 88.08 -82.18 8.77
C ALA C 102 87.17 -81.78 7.62
N GLY C 103 87.60 -80.82 6.80
CA GLY C 103 86.80 -80.41 5.66
C GLY C 103 85.81 -79.31 5.94
N LEU C 104 86.05 -78.48 6.95
CA LEU C 104 85.14 -77.39 7.26
C LEU C 104 85.35 -76.21 6.31
N THR C 105 86.59 -75.85 6.05
CA THR C 105 86.88 -74.70 5.20
C THR C 105 86.70 -75.06 3.73
N PRO C 106 86.49 -74.06 2.87
CA PRO C 106 86.44 -74.30 1.42
C PRO C 106 87.84 -74.46 0.85
N THR C 107 88.20 -75.69 0.51
CA THR C 107 89.54 -76.01 0.03
C THR C 107 89.43 -76.93 -1.17
N VAL C 108 90.45 -76.88 -2.03
CA VAL C 108 90.53 -77.68 -3.24
C VAL C 108 91.73 -78.61 -3.12
N PHE C 109 91.52 -79.78 -2.53
CA PHE C 109 92.57 -80.76 -2.35
C PHE C 109 93.13 -81.20 -3.70
N ALA D 115 20.48 -20.01 -37.69
CA ALA D 115 21.92 -19.81 -37.75
C ALA D 115 22.26 -18.37 -38.09
N ALA D 116 21.66 -17.87 -39.17
CA ALA D 116 21.85 -16.49 -39.59
C ALA D 116 20.99 -15.61 -38.69
N SER D 117 21.63 -15.01 -37.69
CA SER D 117 20.93 -14.21 -36.70
C SER D 117 20.79 -12.77 -37.16
N THR D 118 19.79 -12.09 -36.60
CA THR D 118 19.52 -10.71 -36.98
C THR D 118 20.69 -9.81 -36.62
N ILE D 119 20.96 -8.83 -37.48
CA ILE D 119 22.02 -7.86 -37.27
C ILE D 119 21.36 -6.57 -36.79
N PRO D 120 21.56 -6.17 -35.53
CA PRO D 120 20.96 -4.92 -35.05
C PRO D 120 21.45 -3.73 -35.87
N ILE D 121 20.79 -2.59 -35.66
CA ILE D 121 21.11 -1.39 -36.41
C ILE D 121 22.46 -0.81 -36.02
N SER D 122 22.99 -1.20 -34.86
CA SER D 122 24.28 -0.68 -34.41
C SER D 122 25.45 -1.37 -35.08
N GLN D 123 25.24 -2.53 -35.70
CA GLN D 123 26.29 -3.29 -36.35
C GLN D 123 26.25 -3.16 -37.87
N TRP D 124 25.50 -2.20 -38.40
CA TRP D 124 25.35 -2.03 -39.84
C TRP D 124 26.61 -1.43 -40.47
N PRO D 125 27.26 -0.46 -39.82
CA PRO D 125 28.50 0.07 -40.40
C PRO D 125 29.55 -1.00 -40.63
N SER D 126 29.65 -1.97 -39.73
CA SER D 126 30.57 -3.09 -39.95
C SER D 126 29.99 -4.08 -40.96
N LEU D 127 28.67 -4.18 -41.04
CA LEU D 127 28.05 -5.05 -42.03
C LEU D 127 28.30 -4.55 -43.45
N LEU D 128 28.51 -3.24 -43.61
CA LEU D 128 28.70 -2.68 -44.93
C LEU D 128 30.08 -2.98 -45.50
N TYR D 129 31.10 -3.03 -44.65
CA TYR D 129 32.47 -3.25 -45.08
C TYR D 129 33.01 -4.62 -44.68
N ALA D 130 32.20 -5.45 -44.05
CA ALA D 130 32.54 -6.83 -43.75
C ALA D 130 31.27 -7.67 -43.84
N PRO D 131 30.68 -7.77 -45.03
CA PRO D 131 29.40 -8.45 -45.16
C PRO D 131 29.54 -9.95 -44.96
N PRO D 132 28.44 -10.64 -44.69
CA PRO D 132 28.50 -12.09 -44.51
C PRO D 132 28.84 -12.80 -45.81
N SER D 133 29.19 -14.07 -45.69
CA SER D 133 29.56 -14.86 -46.85
C SER D 133 28.32 -15.20 -47.67
N SER D 134 28.50 -15.22 -48.99
CA SER D 134 27.43 -15.54 -49.91
C SER D 134 28.03 -16.29 -51.08
N PRO D 135 27.20 -16.96 -51.89
CA PRO D 135 27.71 -17.61 -53.09
C PRO D 135 28.31 -16.64 -54.09
N ALA D 136 27.94 -15.36 -54.03
CA ALA D 136 28.48 -14.32 -54.90
C ALA D 136 28.94 -13.17 -54.02
N ASN D 137 30.14 -13.28 -53.51
CA ASN D 137 30.66 -12.27 -52.61
C ASN D 137 31.35 -11.16 -53.38
N PRO D 138 31.42 -9.97 -52.81
CA PRO D 138 32.25 -8.91 -53.42
C PRO D 138 33.68 -8.96 -52.90
N ALA D 139 34.53 -8.07 -53.41
CA ALA D 139 35.90 -7.96 -52.92
C ALA D 139 35.89 -7.08 -51.68
N VAL D 140 35.85 -7.71 -50.51
CA VAL D 140 35.79 -6.96 -49.26
C VAL D 140 37.04 -6.09 -49.10
N GLU D 141 38.18 -6.58 -49.56
CA GLU D 141 39.41 -5.80 -49.47
C GLU D 141 39.36 -4.57 -50.39
N ALA D 142 38.45 -4.54 -51.35
CA ALA D 142 38.32 -3.44 -52.28
C ALA D 142 37.07 -2.61 -52.07
N LEU D 143 36.18 -3.02 -51.17
CA LEU D 143 34.99 -2.22 -50.90
C LEU D 143 35.32 -0.79 -50.49
N PRO D 144 36.39 -0.52 -49.74
CA PRO D 144 36.75 0.88 -49.45
C PRO D 144 37.25 1.64 -50.66
N GLU D 145 37.42 0.99 -51.80
CA GLU D 145 37.94 1.63 -53.00
C GLU D 145 36.87 1.88 -54.05
N MET D 146 35.62 1.55 -53.77
CA MET D 146 34.53 1.79 -54.71
C MET D 146 34.09 3.24 -54.60
N GLN D 147 34.19 3.98 -55.71
CA GLN D 147 33.92 5.41 -55.72
C GLN D 147 33.20 5.78 -57.00
N PHE D 148 32.32 6.78 -56.90
CA PHE D 148 31.62 7.32 -58.05
C PHE D 148 31.23 8.75 -57.70
N ASP D 149 31.97 9.72 -58.23
CA ASP D 149 31.85 11.10 -57.82
C ASP D 149 30.67 11.76 -58.54
N ASP D 150 29.71 12.26 -57.77
CA ASP D 150 28.62 13.04 -58.31
C ASP D 150 28.99 14.50 -58.56
N LEU D 151 30.15 14.94 -58.05
CA LEU D 151 30.60 16.31 -58.21
C LEU D 151 31.60 16.48 -59.35
N HIS D 152 31.87 15.42 -60.10
CA HIS D 152 32.92 15.47 -61.12
C HIS D 152 32.67 16.59 -62.12
N TYR D 153 31.54 16.53 -62.81
CA TYR D 153 31.27 17.46 -63.91
C TYR D 153 30.95 18.86 -63.37
N PRO D 154 30.18 18.98 -62.30
CA PRO D 154 29.99 20.31 -61.71
C PRO D 154 31.30 20.99 -61.33
N ARG D 155 32.19 20.25 -60.66
CA ARG D 155 33.48 20.81 -60.28
C ARG D 155 34.32 21.16 -61.49
N GLN D 156 34.33 20.29 -62.49
CA GLN D 156 35.07 20.56 -63.71
C GLN D 156 34.59 21.85 -64.37
N MET D 157 33.28 21.99 -64.49
CA MET D 157 32.71 23.19 -65.10
C MET D 157 33.04 24.43 -64.28
N LEU D 158 32.94 24.32 -62.95
CA LEU D 158 33.25 25.46 -62.10
C LEU D 158 34.69 25.90 -62.28
N LEU D 159 35.62 24.95 -62.25
CA LEU D 159 37.02 25.28 -62.41
C LEU D 159 37.30 25.91 -63.76
N CYS D 160 36.72 25.36 -64.83
CA CYS D 160 36.99 25.90 -66.16
C CYS D 160 36.39 27.30 -66.31
N ARG D 161 35.17 27.51 -65.82
CA ARG D 161 34.56 28.84 -65.91
C ARG D 161 35.31 29.85 -65.05
N GLY D 162 35.91 29.41 -63.94
CA GLY D 162 36.75 30.30 -63.17
C GLY D 162 38.03 30.63 -63.88
N ALA D 163 38.59 29.65 -64.60
CA ALA D 163 39.75 29.92 -65.43
C ALA D 163 39.42 30.96 -66.50
N GLY D 164 38.24 30.87 -67.09
CA GLY D 164 37.77 31.90 -68.01
C GLY D 164 37.21 31.37 -69.30
N TYR D 165 37.00 30.07 -69.38
CA TYR D 165 36.47 29.46 -70.60
C TYR D 165 34.96 29.63 -70.67
N SER D 166 34.43 29.40 -71.87
CA SER D 166 33.00 29.46 -72.12
C SER D 166 32.36 28.09 -71.91
N LEU D 167 31.03 28.06 -71.94
CA LEU D 167 30.31 26.81 -71.73
C LEU D 167 30.64 25.80 -72.82
N GLU D 168 30.75 26.25 -74.07
CA GLU D 168 31.06 25.33 -75.16
C GLU D 168 32.46 24.76 -75.00
N GLN D 169 33.43 25.62 -74.68
CA GLN D 169 34.79 25.14 -74.46
C GLN D 169 34.85 24.16 -73.30
N CYS D 170 34.11 24.45 -72.23
CA CYS D 170 34.07 23.54 -71.09
C CYS D 170 33.49 22.19 -71.47
N ASN D 171 32.40 22.19 -72.25
CA ASN D 171 31.79 20.92 -72.66
C ASN D 171 32.69 20.15 -73.60
N ARG D 172 33.48 20.85 -74.42
CA ARG D 172 34.40 20.15 -75.31
C ARG D 172 35.59 19.59 -74.55
N MET D 173 36.06 20.29 -73.52
CA MET D 173 37.19 19.86 -72.72
C MET D 173 36.81 18.85 -71.65
N ALA D 174 35.52 18.69 -71.36
CA ALA D 174 35.09 17.78 -70.32
C ALA D 174 35.45 16.35 -70.66
N GLN D 175 35.78 15.57 -69.63
CA GLN D 175 36.12 14.17 -69.77
C GLN D 175 35.49 13.40 -68.63
N PRO D 176 35.20 12.11 -68.84
CA PRO D 176 34.60 11.32 -67.77
C PRO D 176 35.58 11.04 -66.65
N ASP D 177 35.03 10.75 -65.48
CA ASP D 177 35.85 10.58 -64.28
C ASP D 177 36.69 9.32 -64.38
N ALA D 178 37.96 9.43 -64.03
CA ALA D 178 38.84 8.28 -63.91
C ALA D 178 38.87 7.72 -62.50
N ARG D 179 38.46 8.51 -61.50
CA ARG D 179 38.40 8.05 -60.12
C ARG D 179 37.08 7.30 -59.89
N VAL D 180 37.00 6.13 -60.51
CA VAL D 180 35.86 5.24 -60.32
C VAL D 180 36.37 3.92 -59.77
N THR D 181 35.46 3.00 -59.51
CA THR D 181 35.85 1.71 -58.96
C THR D 181 36.88 1.05 -59.88
N PRO D 182 37.99 0.54 -59.35
CA PRO D 182 39.01 -0.05 -60.21
C PRO D 182 38.46 -1.21 -61.02
N GLU D 183 39.17 -1.53 -62.10
CA GLU D 183 38.77 -2.61 -62.98
C GLU D 183 39.24 -3.95 -62.43
N ASN D 184 38.50 -5.00 -62.75
CA ASN D 184 38.85 -6.33 -62.31
C ASN D 184 40.11 -6.79 -63.03
N PRO D 185 41.16 -7.20 -62.31
CA PRO D 185 42.37 -7.68 -62.99
C PRO D 185 42.15 -8.98 -63.75
N ALA D 186 41.08 -9.71 -63.46
CA ALA D 186 40.80 -10.92 -64.21
C ALA D 186 40.53 -10.62 -65.67
N GLU D 187 39.94 -9.46 -65.98
CA GLU D 187 39.65 -9.12 -67.35
C GLU D 187 40.91 -8.98 -68.19
N LYS D 188 42.06 -8.80 -67.55
CA LYS D 188 43.34 -8.73 -68.26
C LYS D 188 44.20 -9.97 -68.08
N LEU D 189 44.05 -10.70 -66.98
CA LEU D 189 44.87 -11.89 -66.75
C LEU D 189 44.25 -13.16 -67.33
N LEU D 190 42.94 -13.32 -67.19
CA LEU D 190 42.22 -14.50 -67.69
C LEU D 190 41.48 -14.18 -68.98
N LYS D 191 42.09 -13.38 -69.84
CA LYS D 191 41.42 -12.89 -71.04
C LYS D 191 41.00 -14.04 -71.95
N GLU D 192 41.96 -14.89 -72.34
CA GLU D 192 41.68 -15.95 -73.29
C GLU D 192 40.68 -16.95 -72.73
N GLU D 193 40.84 -17.33 -71.46
CA GLU D 193 39.91 -18.28 -70.86
C GLU D 193 38.51 -17.70 -70.80
N ALA D 194 38.40 -16.41 -70.50
CA ALA D 194 37.08 -15.79 -70.45
C ALA D 194 36.44 -15.74 -71.83
N VAL D 195 37.22 -15.41 -72.86
CA VAL D 195 36.68 -15.39 -74.21
C VAL D 195 36.21 -16.79 -74.61
N ALA D 196 36.99 -17.81 -74.26
CA ALA D 196 36.60 -19.18 -74.60
C ALA D 196 35.32 -19.57 -73.87
N ALA D 197 35.21 -19.21 -72.60
CA ALA D 197 33.99 -19.51 -71.85
C ALA D 197 32.79 -18.81 -72.46
N ILE D 198 32.96 -17.56 -72.88
CA ILE D 198 31.84 -16.82 -73.46
C ILE D 198 31.43 -17.43 -74.79
N ALA D 199 32.40 -17.89 -75.58
CA ALA D 199 32.08 -18.60 -76.81
C ALA D 199 31.30 -19.87 -76.51
N CYS D 200 31.75 -20.65 -75.53
CA CYS D 200 31.04 -21.85 -75.14
C CYS D 200 29.61 -21.53 -74.74
N LEU D 201 29.41 -20.47 -73.98
CA LEU D 201 28.06 -20.10 -73.55
C LEU D 201 27.20 -19.71 -74.74
N SER D 202 27.72 -18.84 -75.60
CA SER D 202 26.97 -18.42 -76.78
C SER D 202 26.58 -19.60 -77.64
N GLN D 203 27.42 -20.64 -77.69
CA GLN D 203 27.12 -21.79 -78.53
C GLN D 203 26.22 -22.80 -77.85
N ARG D 204 26.27 -22.89 -76.52
CA ARG D 204 25.60 -23.95 -75.77
C ARG D 204 24.47 -23.43 -74.90
N GLU D 205 23.96 -22.23 -75.19
CA GLU D 205 22.74 -21.73 -74.56
C GLU D 205 22.99 -21.38 -73.08
N GLY D 206 24.11 -20.73 -72.80
CA GLY D 206 24.40 -20.30 -71.45
C GLY D 206 24.99 -21.36 -70.56
N GLY D 207 25.44 -22.48 -71.12
CA GLY D 207 26.03 -23.52 -70.30
C GLY D 207 25.03 -24.41 -69.61
N LYS D 208 23.84 -24.55 -70.18
CA LYS D 208 22.83 -25.41 -69.59
C LYS D 208 23.35 -26.84 -69.52
N ASP D 209 22.91 -27.56 -68.49
CA ASP D 209 23.35 -28.93 -68.21
C ASP D 209 24.86 -29.06 -68.39
N GLU D 210 25.59 -28.13 -67.77
CA GLU D 210 27.03 -28.26 -67.55
C GLU D 210 27.79 -28.50 -68.87
N GLN D 211 27.66 -27.54 -69.77
CA GLN D 211 28.35 -27.60 -71.06
C GLN D 211 29.57 -26.69 -71.15
N CYS D 212 29.79 -25.82 -70.16
CA CYS D 212 31.00 -25.01 -70.10
C CYS D 212 31.76 -25.22 -68.80
N ARG D 213 31.43 -26.31 -68.09
CA ARG D 213 32.14 -26.65 -66.87
C ARG D 213 33.65 -26.70 -67.09
N TYR D 214 34.07 -27.15 -68.27
CA TYR D 214 35.50 -27.22 -68.56
C TYR D 214 36.17 -25.87 -68.35
N TYR D 215 35.76 -24.86 -69.12
CA TYR D 215 36.39 -23.55 -69.04
C TYR D 215 36.16 -22.92 -67.68
N ILE D 216 34.96 -23.07 -67.11
CA ILE D 216 34.68 -22.44 -65.83
C ILE D 216 35.58 -23.01 -64.75
N GLU D 217 35.80 -24.33 -64.77
CA GLU D 217 36.65 -24.94 -63.76
C GLU D 217 38.11 -24.58 -63.97
N ARG D 218 38.56 -24.48 -65.22
CA ARG D 218 39.92 -24.01 -65.47
C ARG D 218 40.12 -22.62 -64.88
N MET D 219 39.18 -21.71 -65.12
CA MET D 219 39.28 -20.36 -64.57
C MET D 219 39.26 -20.38 -63.06
N TYR D 220 38.35 -21.16 -62.47
CA TYR D 220 38.25 -21.22 -61.02
C TYR D 220 39.56 -21.70 -60.39
N LYS D 221 40.15 -22.75 -60.96
CA LYS D 221 41.42 -23.25 -60.45
C LYS D 221 42.50 -22.18 -60.58
N LEU D 222 42.64 -21.60 -61.78
CA LEU D 222 43.64 -20.56 -61.99
C LEU D 222 43.51 -19.45 -60.96
N ALA D 223 42.28 -19.08 -60.61
CA ALA D 223 42.09 -17.93 -59.73
C ALA D 223 42.24 -18.29 -58.26
N ASN D 224 41.90 -19.52 -57.87
CA ASN D 224 41.85 -19.89 -56.47
C ASN D 224 43.12 -20.60 -56.00
N LYS D 225 43.57 -21.63 -56.70
CA LYS D 225 44.74 -22.41 -56.30
C LYS D 225 44.51 -23.04 -54.91
N GLU D 226 43.48 -23.88 -54.84
CA GLU D 226 43.14 -24.55 -53.59
C GLU D 226 42.94 -23.55 -52.46
N PRO E 9 73.13 -11.73 33.80
CA PRO E 9 74.10 -10.67 33.51
C PRO E 9 74.06 -10.23 32.05
N LEU E 10 73.34 -9.17 31.75
CA LEU E 10 73.20 -8.67 30.39
C LEU E 10 74.35 -7.74 30.07
N GLY E 11 74.92 -7.92 28.88
CA GLY E 11 75.98 -7.06 28.41
C GLY E 11 77.28 -7.24 29.17
N VAL E 12 78.39 -6.83 28.56
CA VAL E 12 79.70 -6.88 29.19
C VAL E 12 80.38 -5.53 28.96
N LYS E 13 81.22 -5.14 29.92
CA LYS E 13 81.89 -3.86 29.83
C LYS E 13 83.03 -3.91 28.81
N GLY E 14 83.14 -2.85 28.02
CA GLY E 14 84.12 -2.78 26.97
C GLY E 14 83.61 -3.25 25.62
N ARG E 15 82.50 -3.96 25.58
CA ARG E 15 81.91 -4.45 24.33
C ARG E 15 80.72 -3.58 23.95
N SER E 16 80.48 -3.48 22.66
CA SER E 16 79.45 -2.60 22.11
C SER E 16 78.33 -3.42 21.48
N VAL E 17 77.12 -2.85 21.55
CA VAL E 17 75.95 -3.49 20.96
C VAL E 17 76.15 -3.67 19.46
N PHE E 18 76.91 -2.78 18.84
CA PHE E 18 77.19 -2.93 17.41
C PHE E 18 78.09 -4.12 17.16
N ALA E 19 79.08 -4.35 18.04
CA ALA E 19 79.89 -5.54 17.94
C ALA E 19 79.04 -6.79 18.13
N GLY E 20 78.07 -6.73 19.04
CA GLY E 20 77.16 -7.85 19.20
C GLY E 20 76.35 -8.11 17.94
N MET E 21 75.83 -7.05 17.32
CA MET E 21 75.13 -7.20 16.06
C MET E 21 76.01 -7.85 15.00
N ARG E 22 77.26 -7.39 14.89
CA ARG E 22 78.17 -7.97 13.91
C ARG E 22 78.38 -9.45 14.17
N SER E 23 78.61 -9.82 15.43
CA SER E 23 78.79 -11.24 15.77
C SER E 23 77.55 -12.05 15.42
N PHE E 24 76.37 -11.51 15.71
CA PHE E 24 75.14 -12.23 15.41
C PHE E 24 74.96 -12.43 13.91
N ILE E 25 75.27 -11.41 13.13
CA ILE E 25 75.15 -11.52 11.68
C ILE E 25 76.14 -12.56 11.15
N GLY E 26 77.36 -12.56 11.69
CA GLY E 26 78.32 -13.58 11.31
C GLY E 26 77.83 -14.98 11.61
N GLN E 27 77.27 -15.18 12.80
CA GLN E 27 76.71 -16.47 13.16
C GLN E 27 75.62 -16.88 12.18
N ARG E 28 74.71 -15.97 11.88
CA ARG E 28 73.61 -16.29 10.96
C ARG E 28 74.14 -16.69 9.59
N LEU E 29 75.11 -15.93 9.07
CA LEU E 29 75.63 -16.23 7.74
C LEU E 29 76.37 -17.56 7.72
N GLY E 30 77.16 -17.85 8.75
CA GLY E 30 77.82 -19.14 8.82
C GLY E 30 76.85 -20.29 8.88
N ARG E 31 75.79 -20.13 9.69
CA ARG E 31 74.78 -21.18 9.76
C ARG E 31 74.09 -21.37 8.42
N LEU E 32 73.80 -20.28 7.71
CA LEU E 32 73.18 -20.39 6.40
C LEU E 32 74.08 -21.14 5.43
N TYR E 33 75.38 -20.82 5.44
CA TYR E 33 76.29 -21.52 4.55
C TYR E 33 76.36 -23.01 4.88
N ASP E 34 76.40 -23.33 6.18
CA ASP E 34 76.44 -24.74 6.57
C ASP E 34 75.18 -25.47 6.11
N SER E 35 74.02 -24.86 6.30
CA SER E 35 72.76 -25.49 5.92
C SER E 35 72.64 -25.62 4.41
N PHE E 36 73.19 -24.67 3.65
CA PHE E 36 73.17 -24.78 2.21
C PHE E 36 74.13 -25.85 1.72
N TYR E 37 75.29 -25.97 2.37
CA TYR E 37 76.22 -27.02 1.99
C TYR E 37 75.64 -28.40 2.24
N TYR E 38 75.06 -28.61 3.43
CA TYR E 38 74.45 -29.90 3.76
C TYR E 38 72.98 -29.88 3.34
N SER E 39 72.79 -29.95 2.03
CA SER E 39 71.46 -29.94 1.44
C SER E 39 71.52 -30.66 0.10
N GLN E 40 70.35 -30.95 -0.46
CA GLN E 40 70.25 -31.62 -1.73
C GLN E 40 70.58 -30.66 -2.86
N SER E 41 71.44 -31.11 -3.78
CA SER E 41 71.76 -30.30 -4.95
C SER E 41 70.59 -30.19 -5.92
N SER E 42 69.64 -31.11 -5.84
CA SER E 42 68.52 -31.09 -6.77
C SER E 42 67.55 -29.95 -6.48
N THR E 43 67.46 -29.53 -5.23
CA THR E 43 66.45 -28.57 -4.79
C THR E 43 67.01 -27.22 -4.39
N LYS E 44 68.20 -27.19 -3.79
CA LYS E 44 68.67 -25.97 -3.15
C LYS E 44 69.02 -24.91 -4.17
N TYR E 45 69.77 -25.29 -5.21
CA TYR E 45 70.15 -24.32 -6.23
C TYR E 45 68.92 -23.68 -6.85
N VAL E 46 67.96 -24.51 -7.27
CA VAL E 46 66.71 -23.98 -7.83
C VAL E 46 66.06 -23.04 -6.84
N MET E 47 65.64 -23.56 -5.68
CA MET E 47 64.83 -22.81 -4.74
C MET E 47 65.54 -21.56 -4.22
N VAL E 48 66.86 -21.48 -4.32
CA VAL E 48 67.59 -20.36 -3.75
C VAL E 48 68.05 -19.34 -4.79
N PHE E 49 68.16 -19.73 -6.06
CA PHE E 49 68.66 -18.81 -7.07
C PHE E 49 67.71 -18.61 -8.25
N LEU E 50 67.05 -19.67 -8.73
CA LEU E 50 66.31 -19.56 -9.98
C LEU E 50 64.90 -19.05 -9.78
N PHE E 51 64.20 -19.55 -8.76
CA PHE E 51 62.88 -18.99 -8.46
C PHE E 51 63.00 -17.57 -7.92
N PRO E 52 63.86 -17.30 -6.93
CA PRO E 52 64.04 -15.90 -6.52
C PRO E 52 64.41 -14.96 -7.66
N ALA E 53 65.32 -15.38 -8.54
CA ALA E 53 65.76 -14.51 -9.62
C ALA E 53 64.61 -14.20 -10.58
N GLY E 54 63.87 -15.24 -10.99
CA GLY E 54 62.76 -15.02 -11.89
C GLY E 54 61.66 -14.18 -11.27
N ILE E 55 61.33 -14.45 -10.01
CA ILE E 55 60.32 -13.66 -9.31
C ILE E 55 60.77 -12.21 -9.21
N PHE E 56 62.03 -11.99 -8.89
CA PHE E 56 62.57 -10.63 -8.80
C PHE E 56 62.45 -9.92 -10.13
N TYR E 57 62.88 -10.58 -11.21
CA TYR E 57 62.82 -9.97 -12.53
C TYR E 57 61.40 -9.60 -12.89
N THR E 58 60.47 -10.54 -12.70
CA THR E 58 59.08 -10.30 -13.07
C THR E 58 58.49 -9.14 -12.26
N ARG E 59 58.66 -9.18 -10.94
CA ARG E 59 58.10 -8.13 -10.09
C ARG E 59 58.71 -6.77 -10.43
N PHE E 60 60.02 -6.71 -10.62
CA PHE E 60 60.68 -5.45 -10.94
C PHE E 60 60.18 -4.90 -12.26
N ARG E 61 60.11 -5.76 -13.28
CA ARG E 61 59.64 -5.32 -14.59
C ARG E 61 58.21 -4.81 -14.51
N ALA E 62 57.35 -5.49 -13.74
CA ALA E 62 55.96 -5.09 -13.68
C ALA E 62 55.78 -3.80 -12.90
N ASP E 63 56.51 -3.63 -11.81
CA ASP E 63 56.33 -2.49 -10.93
C ASP E 63 57.16 -1.27 -11.34
N THR E 64 58.04 -1.43 -12.33
CA THR E 64 58.91 -0.33 -12.77
C THR E 64 58.60 0.10 -14.19
N LYS E 65 58.57 -0.83 -15.14
CA LYS E 65 58.27 -0.51 -16.51
C LYS E 65 56.76 -0.41 -16.73
N LEU E 66 56.37 -0.03 -17.93
CA LEU E 66 54.98 0.14 -18.28
C LEU E 66 54.71 -0.59 -19.59
N GLY E 67 53.67 -1.41 -19.61
CA GLY E 67 53.41 -2.28 -20.74
C GLY E 67 52.18 -1.91 -21.53
N TYR E 68 52.09 -2.47 -22.74
CA TYR E 68 51.01 -2.19 -23.66
C TYR E 68 50.53 -3.48 -24.29
N HIS E 69 49.22 -3.60 -24.47
CA HIS E 69 48.64 -4.74 -25.16
C HIS E 69 48.52 -4.38 -26.64
N VAL E 70 49.25 -5.09 -27.49
CA VAL E 70 49.33 -4.79 -28.91
C VAL E 70 48.44 -5.76 -29.67
N PHE E 71 47.70 -5.20 -30.63
CA PHE E 71 46.85 -5.94 -31.56
C PHE E 71 47.19 -5.50 -32.97
N ILE E 72 46.80 -6.32 -33.94
CA ILE E 72 46.96 -6.00 -35.36
C ILE E 72 45.63 -6.21 -36.06
N ASN E 73 45.31 -5.32 -37.00
CA ASN E 73 44.00 -5.31 -37.62
C ASN E 73 43.78 -6.55 -38.49
N GLU E 74 44.67 -6.78 -39.45
CA GLU E 74 44.52 -7.84 -40.42
C GLU E 74 45.63 -8.88 -40.29
N GLU E 75 45.35 -10.07 -40.80
CA GLU E 75 46.32 -11.16 -40.73
C GLU E 75 47.48 -10.94 -41.70
N LYS E 76 47.21 -10.29 -42.84
CA LYS E 76 48.27 -10.04 -43.80
C LYS E 76 49.35 -9.13 -43.25
N LEU E 77 49.05 -8.37 -42.20
CA LEU E 77 50.02 -7.49 -41.57
C LEU E 77 50.81 -8.19 -40.47
N TYR E 78 50.46 -9.42 -40.12
CA TYR E 78 51.17 -10.12 -39.07
C TYR E 78 52.64 -10.28 -39.45
N PRO E 79 53.56 -10.29 -38.49
CA PRO E 79 54.96 -10.50 -38.80
C PRO E 79 55.25 -11.95 -39.14
N ASP E 80 56.49 -12.20 -39.56
CA ASP E 80 56.97 -13.53 -39.89
C ASP E 80 57.83 -14.03 -38.74
N TYR E 81 57.24 -14.86 -37.88
CA TYR E 81 57.94 -15.46 -36.75
C TYR E 81 58.18 -16.94 -36.96
N SER E 82 58.32 -17.36 -38.23
CA SER E 82 58.50 -18.78 -38.52
C SER E 82 59.88 -19.27 -38.10
N GLN E 83 60.89 -18.41 -38.20
CA GLN E 83 62.26 -18.83 -37.91
C GLN E 83 62.54 -18.84 -36.41
N ASN E 84 62.33 -17.71 -35.74
CA ASN E 84 62.59 -17.62 -34.31
C ASN E 84 61.80 -18.68 -33.55
N TYR E 85 62.43 -19.23 -32.52
CA TYR E 85 61.84 -20.33 -31.77
C TYR E 85 61.06 -19.83 -30.57
N PHE E 86 60.22 -20.71 -30.03
CA PHE E 86 59.31 -20.47 -28.91
C PHE E 86 58.17 -19.53 -29.26
N ASP E 87 58.13 -19.02 -30.49
CA ASP E 87 56.99 -18.22 -30.94
C ASP E 87 56.95 -18.33 -32.47
N THR E 88 56.11 -19.23 -32.96
CA THR E 88 56.02 -19.51 -34.39
C THR E 88 54.81 -18.85 -35.04
N LYS E 89 54.13 -17.96 -34.32
CA LYS E 89 52.92 -17.33 -34.84
C LYS E 89 52.61 -16.11 -33.99
N TRP E 90 52.03 -15.10 -34.63
CA TRP E 90 51.63 -13.90 -33.92
C TRP E 90 50.27 -14.11 -33.26
N THR E 91 50.12 -13.58 -32.05
CA THR E 91 48.87 -13.63 -31.30
C THR E 91 48.51 -12.22 -30.86
N ASN E 92 47.30 -11.79 -31.18
CA ASN E 92 46.86 -10.46 -30.80
C ASN E 92 46.61 -10.37 -29.31
N GLY E 93 46.76 -9.16 -28.77
CA GLY E 93 46.64 -8.96 -27.35
C GLY E 93 47.92 -9.17 -26.61
N ARG E 94 49.05 -9.00 -27.27
CA ARG E 94 50.33 -9.37 -26.68
C ARG E 94 50.84 -8.25 -25.77
N LYS E 95 51.27 -8.64 -24.57
CA LYS E 95 51.83 -7.68 -23.63
C LYS E 95 53.28 -7.39 -24.01
N VAL E 96 53.58 -6.11 -24.18
CA VAL E 96 54.90 -5.67 -24.61
C VAL E 96 55.35 -4.58 -23.65
N TYR E 97 56.49 -4.79 -23.00
CA TYR E 97 57.05 -3.82 -22.09
C TYR E 97 58.06 -2.94 -22.84
N LEU E 98 57.97 -1.64 -22.61
CA LEU E 98 58.78 -0.67 -23.32
C LEU E 98 59.39 0.33 -22.36
N ASP E 99 60.33 1.11 -22.87
CA ASP E 99 60.98 2.18 -22.13
C ASP E 99 60.30 3.51 -22.43
N ASP E 100 60.48 4.46 -21.51
CA ASP E 100 59.81 5.75 -21.62
C ASP E 100 60.25 6.53 -22.85
N GLU E 101 61.43 6.23 -23.40
CA GLU E 101 61.95 6.93 -24.55
C GLU E 101 61.57 6.29 -25.88
N THR E 102 60.78 5.21 -25.85
CA THR E 102 60.45 4.49 -27.06
C THR E 102 59.50 5.30 -27.93
N THR E 103 59.72 5.23 -29.24
CA THR E 103 58.88 5.89 -30.22
C THR E 103 58.09 4.85 -31.01
N VAL E 104 57.18 5.35 -31.85
CA VAL E 104 56.33 4.48 -32.64
C VAL E 104 57.15 3.71 -33.66
N GLU E 105 58.18 4.34 -34.23
CA GLU E 105 59.05 3.64 -35.17
C GLU E 105 59.79 2.51 -34.48
N GLN E 106 60.33 2.76 -33.30
CA GLN E 106 61.01 1.71 -32.55
C GLN E 106 60.07 0.58 -32.20
N LEU E 107 58.84 0.92 -31.80
CA LEU E 107 57.85 -0.12 -31.51
C LEU E 107 57.55 -0.95 -32.73
N LYS E 108 57.37 -0.30 -33.89
CA LYS E 108 57.08 -1.02 -35.11
C LYS E 108 58.22 -1.94 -35.50
N ALA E 109 59.46 -1.47 -35.36
CA ALA E 109 60.61 -2.30 -35.67
C ALA E 109 60.71 -3.48 -34.71
N GLN E 110 60.45 -3.25 -33.42
CA GLN E 110 60.46 -4.34 -32.46
C GLN E 110 59.40 -5.37 -32.78
N ILE E 111 58.24 -4.93 -33.26
CA ILE E 111 57.17 -5.86 -33.62
C ILE E 111 57.58 -6.69 -34.83
N TYR E 112 58.06 -6.03 -35.88
CA TYR E 112 58.37 -6.69 -37.14
C TYR E 112 59.79 -7.23 -37.20
N GLY E 113 60.49 -7.28 -36.07
CA GLY E 113 61.79 -7.93 -36.02
C GLY E 113 62.85 -7.23 -36.86
N GLY E 114 62.84 -5.90 -36.87
CA GLY E 114 63.84 -5.18 -37.63
C GLY E 114 63.87 -5.52 -39.10
N LYS E 115 62.77 -6.00 -39.64
CA LYS E 115 62.66 -6.36 -41.04
C LYS E 115 61.67 -5.43 -41.74
N ALA E 116 61.64 -5.52 -43.07
CA ALA E 116 60.80 -4.64 -43.87
C ALA E 116 59.34 -4.78 -43.49
N ALA E 117 58.77 -3.72 -42.93
CA ALA E 117 57.37 -3.72 -42.55
C ALA E 117 56.50 -3.33 -43.74
N PRO E 118 55.20 -3.64 -43.69
CA PRO E 118 54.31 -3.23 -44.79
C PRO E 118 54.26 -1.71 -44.94
N GLU E 119 53.53 -1.25 -45.95
CA GLU E 119 53.48 0.17 -46.26
C GLU E 119 52.30 0.84 -45.56
N ASN E 120 52.52 2.08 -45.14
CA ASN E 120 51.45 2.90 -44.55
C ASN E 120 50.89 2.25 -43.29
N VAL E 121 51.75 1.61 -42.52
CA VAL E 121 51.34 1.03 -41.24
C VAL E 121 51.36 2.13 -40.18
N LYS E 122 50.33 2.16 -39.36
CA LYS E 122 50.20 3.17 -38.33
C LYS E 122 49.61 2.56 -37.08
N VAL E 123 49.75 3.28 -35.98
CA VAL E 123 49.34 2.85 -34.65
C VAL E 123 48.19 3.72 -34.18
N ALA E 124 47.24 3.11 -33.48
CA ALA E 124 46.09 3.82 -32.95
C ALA E 124 45.77 3.31 -31.56
N CYS E 125 45.10 4.16 -30.78
CA CYS E 125 44.63 3.79 -29.45
C CYS E 125 43.28 4.45 -29.26
N ARG E 126 42.24 3.64 -29.08
CA ARG E 126 40.89 4.15 -28.85
C ARG E 126 40.40 4.97 -30.04
N GLY E 127 40.88 4.62 -31.23
CA GLY E 127 40.45 5.25 -32.46
C GLY E 127 41.26 6.45 -32.89
N ARG E 128 42.36 6.75 -32.21
CA ARG E 128 43.12 7.97 -32.42
C ARG E 128 44.51 7.62 -32.93
N VAL E 129 44.86 8.13 -34.11
CA VAL E 129 46.08 7.77 -34.79
C VAL E 129 47.26 8.52 -34.18
N PHE E 130 48.37 7.83 -34.02
CA PHE E 130 49.60 8.41 -33.51
C PHE E 130 50.51 8.78 -34.68
N GLU E 131 51.31 9.83 -34.47
CA GLU E 131 52.39 10.15 -35.40
C GLU E 131 53.58 9.23 -35.15
N ASP E 132 54.33 8.97 -36.21
CA ASP E 132 55.46 8.06 -36.09
C ASP E 132 56.59 8.67 -35.26
N ALA E 133 56.73 9.98 -35.27
CA ALA E 133 57.71 10.68 -34.44
C ALA E 133 57.07 11.17 -33.15
N ASP E 134 56.49 10.23 -32.41
CA ASP E 134 55.83 10.54 -31.15
C ASP E 134 56.24 9.52 -30.10
N ASN E 135 56.35 9.98 -28.87
CA ASN E 135 56.63 9.10 -27.74
C ASN E 135 55.39 8.31 -27.38
N VAL E 136 55.53 6.99 -27.31
CA VAL E 136 54.38 6.14 -27.05
C VAL E 136 53.76 6.46 -25.71
N ALA E 137 54.59 6.66 -24.69
CA ALA E 137 54.07 6.91 -23.34
C ALA E 137 53.22 8.18 -23.31
N MET E 138 53.73 9.27 -23.88
CA MET E 138 52.99 10.52 -23.84
C MET E 138 51.77 10.48 -24.74
N ALA E 139 51.89 9.83 -25.90
CA ALA E 139 50.74 9.69 -26.79
C ALA E 139 49.63 8.92 -26.11
N VAL E 140 49.96 7.86 -25.37
CA VAL E 140 48.95 7.12 -24.63
C VAL E 140 48.36 7.98 -23.52
N ARG E 141 49.23 8.64 -22.76
CA ARG E 141 48.78 9.56 -21.72
C ARG E 141 47.75 10.55 -22.25
N ALA E 142 47.96 11.02 -23.49
CA ALA E 142 47.07 12.01 -24.07
C ALA E 142 45.79 11.39 -24.59
N PHE E 143 45.89 10.34 -25.40
CA PHE E 143 44.75 9.81 -26.12
C PHE E 143 43.99 8.75 -25.33
N CYS E 144 44.68 7.73 -24.84
CA CYS E 144 44.04 6.63 -24.10
C CYS E 144 44.71 6.53 -22.74
N LYS E 145 44.23 7.33 -21.80
CA LYS E 145 44.77 7.34 -20.44
C LYS E 145 44.32 6.08 -19.70
N ARG E 146 45.27 5.27 -19.28
CA ARG E 146 45.02 4.04 -18.54
C ARG E 146 44.29 2.99 -19.37
N ASP E 147 44.39 3.09 -20.70
CA ASP E 147 43.88 2.08 -21.62
C ASP E 147 44.88 1.92 -22.75
N PRO E 148 46.01 1.26 -22.48
CA PRO E 148 47.13 1.27 -23.42
C PRO E 148 46.97 0.34 -24.61
N ARG E 149 45.79 -0.22 -24.84
CA ARG E 149 45.59 -1.15 -25.95
C ARG E 149 45.87 -0.48 -27.28
N LEU E 150 46.96 -0.86 -27.93
CA LEU E 150 47.37 -0.31 -29.21
C LEU E 150 46.97 -1.23 -30.34
N LEU E 151 46.68 -0.63 -31.49
CA LEU E 151 46.27 -1.35 -32.69
C LEU E 151 47.14 -0.91 -33.86
N LEU E 152 47.67 -1.87 -34.59
CA LEU E 152 48.44 -1.60 -35.80
C LEU E 152 47.55 -1.87 -37.01
N PHE E 153 47.36 -0.84 -37.84
CA PHE E 153 46.51 -0.93 -39.01
C PHE E 153 47.22 -0.33 -40.20
N GLN E 154 46.61 -0.47 -41.37
CA GLN E 154 47.14 0.05 -42.62
C GLN E 154 46.31 1.26 -43.04
N ASP E 155 46.98 2.39 -43.22
CA ASP E 155 46.32 3.66 -43.53
C ASP E 155 46.53 3.98 -45.00
N ASN E 156 45.63 3.47 -45.85
CA ASN E 156 45.65 3.81 -47.27
C ASN E 156 44.73 4.99 -47.54
N LEU E 157 43.45 4.82 -47.26
CA LEU E 157 42.45 5.87 -47.36
C LEU E 157 42.57 6.66 -48.67
N ARG F 108 102.94 -44.35 6.68
CA ARG F 108 101.73 -43.67 7.09
C ARG F 108 100.52 -44.60 7.08
N PRO F 109 99.52 -44.29 7.91
CA PRO F 109 98.34 -45.17 7.97
C PRO F 109 97.56 -45.24 6.66
N GLY F 110 97.15 -44.10 6.13
CA GLY F 110 96.27 -44.04 4.97
C GLY F 110 96.96 -43.84 3.64
N GLN F 111 98.30 -43.88 3.59
CA GLN F 111 98.99 -43.67 2.33
C GLN F 111 98.67 -44.78 1.33
N GLY F 112 98.49 -46.02 1.81
CA GLY F 112 98.16 -47.10 0.92
C GLY F 112 96.87 -46.86 0.15
N SER F 113 95.89 -46.23 0.80
CA SER F 113 94.63 -45.93 0.14
C SER F 113 94.74 -44.65 -0.68
N ASN F 114 95.39 -43.62 -0.14
CA ASN F 114 95.52 -42.35 -0.85
C ASN F 114 96.39 -42.45 -2.09
N ALA F 115 97.19 -43.51 -2.21
CA ALA F 115 97.98 -43.69 -3.42
C ALA F 115 97.11 -44.07 -4.62
N GLN F 116 95.96 -44.71 -4.36
CA GLN F 116 95.04 -45.07 -5.44
C GLN F 116 94.29 -43.87 -5.98
N PHE F 117 94.36 -42.72 -5.32
CA PHE F 117 93.59 -41.54 -5.71
C PHE F 117 94.47 -40.65 -6.57
N GLN F 118 94.63 -41.05 -7.83
CA GLN F 118 95.35 -40.27 -8.82
C GLN F 118 94.45 -40.08 -10.03
N THR F 119 94.07 -38.83 -10.29
CA THR F 119 93.07 -38.51 -11.30
C THR F 119 93.74 -37.92 -12.54
N SER F 120 92.99 -37.97 -13.64
CA SER F 120 93.44 -37.38 -14.90
C SER F 120 92.97 -35.93 -15.01
N LEU F 121 93.52 -35.22 -15.98
CA LEU F 121 93.10 -33.85 -16.24
C LEU F 121 91.63 -33.81 -16.61
N ALA F 122 91.21 -34.70 -17.52
CA ALA F 122 89.80 -34.78 -17.89
C ALA F 122 88.94 -35.16 -16.69
N ASP F 123 89.43 -36.07 -15.84
CA ASP F 123 88.68 -36.47 -14.66
C ASP F 123 88.45 -35.29 -13.74
N LYS F 124 89.50 -34.50 -13.47
CA LYS F 124 89.34 -33.36 -12.58
C LYS F 124 88.48 -32.27 -13.21
N THR F 125 88.55 -32.08 -14.53
CA THR F 125 87.66 -31.13 -15.18
C THR F 125 86.21 -31.57 -15.06
N ARG F 126 85.96 -32.87 -15.26
CA ARG F 126 84.61 -33.39 -15.16
C ARG F 126 84.08 -33.26 -13.73
N GLY F 127 84.96 -33.47 -12.74
CA GLY F 127 84.54 -33.28 -11.36
C GLY F 127 84.23 -31.82 -11.05
N LEU F 128 85.09 -30.91 -11.51
CA LEU F 128 84.82 -29.49 -11.33
C LEU F 128 83.48 -29.09 -11.95
N LEU F 129 83.17 -29.65 -13.12
CA LEU F 129 81.89 -29.35 -13.76
C LEU F 129 80.72 -30.04 -13.08
N GLY F 130 80.96 -31.14 -12.37
CA GLY F 130 79.89 -31.85 -11.70
C GLY F 130 78.94 -32.51 -12.68
N VAL F 131 79.43 -33.51 -13.40
CA VAL F 131 78.61 -34.16 -14.44
C VAL F 131 77.54 -35.05 -13.80
N GLY F 132 77.98 -36.05 -13.04
CA GLY F 132 77.05 -37.01 -12.46
C GLY F 132 76.67 -36.68 -11.03
N PHE F 133 76.74 -35.40 -10.66
CA PHE F 133 76.42 -35.00 -9.30
C PHE F 133 75.56 -33.74 -9.22
N LEU F 134 75.40 -32.98 -10.30
CA LEU F 134 74.48 -31.84 -10.32
C LEU F 134 73.11 -32.25 -10.83
N ARG F 135 73.06 -32.96 -11.95
CA ARG F 135 71.83 -33.53 -12.48
C ARG F 135 70.80 -32.44 -12.75
N PRO F 136 71.03 -31.60 -13.76
CA PRO F 136 70.02 -30.60 -14.12
C PRO F 136 68.70 -31.22 -14.53
N THR F 137 68.72 -32.45 -15.05
CA THR F 137 67.46 -33.14 -15.32
C THR F 137 66.70 -33.41 -14.02
N LYS F 138 67.43 -33.78 -12.96
CA LYS F 138 66.79 -33.93 -11.66
C LYS F 138 66.25 -32.60 -11.15
N MET F 139 67.00 -31.52 -11.37
CA MET F 139 66.54 -30.21 -10.93
C MET F 139 65.26 -29.82 -11.66
N ALA F 140 65.20 -30.08 -12.97
CA ALA F 140 64.00 -29.78 -13.74
C ALA F 140 62.83 -30.63 -13.29
N SER F 141 63.07 -31.92 -13.02
CA SER F 141 62.01 -32.77 -12.51
C SER F 141 61.47 -32.25 -11.19
N PHE F 142 62.37 -31.82 -10.29
CA PHE F 142 61.93 -31.26 -9.02
C PHE F 142 61.09 -30.01 -9.24
N ALA F 143 61.54 -29.12 -10.13
CA ALA F 143 60.78 -27.90 -10.38
C ALA F 143 59.39 -28.22 -10.91
N ALA F 144 59.31 -29.14 -11.87
CA ALA F 144 58.02 -29.51 -12.43
C ALA F 144 57.10 -30.09 -11.36
N THR F 145 57.62 -31.01 -10.56
CA THR F 145 56.80 -31.62 -9.51
C THR F 145 56.34 -30.58 -8.49
N PHE F 146 57.23 -29.67 -8.12
CA PHE F 146 56.90 -28.65 -7.14
C PHE F 146 55.82 -27.72 -7.66
N LEU F 147 55.89 -27.36 -8.94
CA LEU F 147 54.85 -26.50 -9.52
C LEU F 147 53.54 -27.25 -9.67
N LEU F 148 53.60 -28.54 -10.00
CA LEU F 148 52.37 -29.32 -10.11
C LEU F 148 51.72 -29.54 -8.75
N ASN F 149 52.50 -29.53 -7.67
CA ASN F 149 51.94 -29.74 -6.34
C ASN F 149 51.11 -28.57 -5.84
N PHE F 150 50.90 -27.53 -6.65
CA PHE F 150 50.08 -26.40 -6.24
C PHE F 150 48.58 -26.66 -6.40
N ARG F 151 48.21 -27.79 -7.00
CA ARG F 151 46.79 -28.11 -7.16
C ARG F 151 46.14 -28.48 -5.83
N PHE F 152 46.93 -28.99 -4.89
CA PHE F 152 46.38 -29.38 -3.60
C PHE F 152 45.85 -28.18 -2.84
N TYR F 153 46.50 -27.03 -2.97
CA TYR F 153 46.01 -25.82 -2.31
C TYR F 153 44.63 -25.45 -2.83
N PHE F 154 44.44 -25.52 -4.15
CA PHE F 154 43.15 -25.18 -4.74
C PHE F 154 42.08 -26.18 -4.29
N MET F 155 42.40 -27.48 -4.31
CA MET F 155 41.47 -28.48 -3.82
C MET F 155 41.05 -28.19 -2.39
N TYR F 156 42.04 -27.91 -1.52
CA TYR F 156 41.76 -27.68 -0.12
C TYR F 156 40.89 -26.45 0.09
N MET F 157 41.21 -25.37 -0.61
CA MET F 157 40.40 -24.15 -0.43
C MET F 157 38.98 -24.36 -0.94
N ALA F 158 38.82 -25.10 -2.03
CA ALA F 158 37.48 -25.41 -2.52
C ALA F 158 36.68 -26.17 -1.47
N ARG F 159 37.28 -27.25 -0.93
CA ARG F 159 36.59 -28.03 0.09
C ARG F 159 36.24 -27.17 1.30
N THR F 160 37.18 -26.34 1.75
CA THR F 160 36.96 -25.52 2.93
C THR F 160 35.81 -24.53 2.70
N THR F 161 35.82 -23.86 1.54
CA THR F 161 34.77 -22.89 1.26
C THR F 161 33.41 -23.57 1.15
N PHE F 162 33.36 -24.75 0.53
CA PHE F 162 32.08 -25.45 0.43
C PHE F 162 31.56 -25.81 1.81
N GLN F 163 32.43 -26.35 2.67
CA GLN F 163 31.99 -26.72 4.01
C GLN F 163 31.63 -25.51 4.86
N ALA F 164 32.21 -24.35 4.54
CA ALA F 164 31.89 -23.14 5.29
C ALA F 164 30.58 -22.52 4.85
N VAL F 165 30.26 -22.61 3.56
CA VAL F 165 29.05 -21.98 3.06
C VAL F 165 27.82 -22.89 3.11
N ARG F 166 28.02 -24.20 3.26
CA ARG F 166 26.89 -25.13 3.39
C ARG F 166 25.78 -24.62 4.30
N PRO F 167 26.05 -24.19 5.53
CA PRO F 167 24.96 -23.67 6.36
C PRO F 167 24.36 -22.40 5.82
N LEU F 168 25.18 -21.50 5.27
CA LEU F 168 24.66 -20.30 4.66
C LEU F 168 23.68 -20.64 3.55
N LEU F 169 24.02 -21.62 2.71
CA LEU F 169 23.10 -22.05 1.67
C LEU F 169 21.80 -22.57 2.27
N ALA F 170 21.91 -23.53 3.21
CA ALA F 170 20.71 -24.09 3.83
C ALA F 170 19.84 -23.01 4.44
N PHE F 171 20.43 -21.91 4.90
CA PHE F 171 19.69 -20.87 5.59
C PHE F 171 19.12 -19.83 4.63
N SER F 172 19.75 -19.65 3.47
CA SER F 172 19.39 -18.58 2.55
C SER F 172 18.55 -19.05 1.37
N VAL F 173 19.01 -20.08 0.65
CA VAL F 173 18.32 -20.44 -0.59
C VAL F 173 17.05 -21.25 -0.29
N PHE F 174 17.15 -22.22 0.62
CA PHE F 174 15.95 -22.92 1.05
C PHE F 174 15.00 -21.95 1.75
N GLY F 175 15.55 -20.94 2.43
CA GLY F 175 14.71 -19.90 2.99
C GLY F 175 13.96 -19.13 1.92
N GLU F 176 14.64 -18.79 0.82
CA GLU F 176 13.97 -18.12 -0.29
C GLU F 176 12.85 -18.99 -0.85
N VAL F 177 13.08 -20.30 -0.94
CA VAL F 177 12.04 -21.20 -1.43
C VAL F 177 10.84 -21.18 -0.49
N MET F 178 11.10 -21.32 0.81
CA MET F 178 10.03 -21.24 1.80
C MET F 178 9.28 -19.92 1.70
N LYS F 179 10.00 -18.84 1.42
CA LYS F 179 9.37 -17.53 1.33
C LYS F 179 8.48 -17.42 0.10
N LEU F 180 8.93 -17.99 -1.02
CA LEU F 180 8.07 -18.10 -2.19
C LEU F 180 6.77 -18.82 -1.83
N VAL F 181 6.89 -19.97 -1.16
CA VAL F 181 5.70 -20.74 -0.81
C VAL F 181 4.78 -19.92 0.09
N LEU F 182 5.35 -19.23 1.08
CA LEU F 182 4.54 -18.40 1.96
C LEU F 182 3.84 -17.30 1.20
N ALA F 183 4.55 -16.67 0.25
CA ALA F 183 3.97 -15.59 -0.52
C ALA F 183 2.84 -16.08 -1.42
N THR F 184 2.90 -17.33 -1.85
CA THR F 184 1.91 -17.84 -2.78
C THR F 184 0.71 -18.50 -2.09
N MET F 185 0.89 -19.04 -0.89
CA MET F 185 -0.16 -19.82 -0.24
C MET F 185 -1.10 -18.91 0.54
N SER F 186 -2.38 -19.24 0.53
CA SER F 186 -3.39 -18.48 1.25
C SER F 186 -4.25 -19.33 2.18
N SER F 187 -4.55 -20.57 1.81
CA SER F 187 -5.52 -21.36 2.55
C SER F 187 -4.93 -21.86 3.86
N GLY F 188 -5.72 -22.64 4.58
CA GLY F 188 -5.34 -23.11 5.91
C GLY F 188 -4.81 -24.52 5.94
N LEU F 189 -5.35 -25.38 5.08
CA LEU F 189 -4.88 -26.75 5.02
C LEU F 189 -3.44 -26.81 4.53
N PHE F 190 -3.14 -26.11 3.44
CA PHE F 190 -1.78 -26.10 2.92
C PHE F 190 -0.81 -25.49 3.93
N SER F 191 -1.26 -24.46 4.66
CA SER F 191 -0.39 -23.86 5.66
C SER F 191 -0.13 -24.82 6.80
N PHE F 192 -1.16 -25.53 7.25
CA PHE F 192 -0.98 -26.56 8.27
C PHE F 192 0.03 -27.59 7.83
N LEU F 193 -0.01 -27.98 6.55
CA LEU F 193 0.93 -28.98 6.06
C LEU F 193 2.33 -28.42 5.85
N PHE F 194 2.44 -27.12 5.59
CA PHE F 194 3.72 -26.49 5.29
C PHE F 194 4.49 -26.11 6.55
N SER F 195 3.78 -25.92 7.67
CA SER F 195 4.46 -25.70 8.95
C SER F 195 5.47 -26.81 9.24
N PHE F 196 5.10 -28.05 8.92
CA PHE F 196 6.00 -29.17 9.18
C PHE F 196 7.21 -29.13 8.26
N VAL F 197 7.04 -28.66 7.03
CA VAL F 197 8.18 -28.46 6.14
C VAL F 197 9.13 -27.44 6.73
N LEU F 198 8.58 -26.36 7.29
CA LEU F 198 9.43 -25.36 7.94
C LEU F 198 10.22 -25.96 9.10
N ALA F 199 9.55 -26.76 9.93
CA ALA F 199 10.26 -27.40 11.05
C ALA F 199 11.35 -28.34 10.54
N PHE F 200 11.06 -29.09 9.47
CA PHE F 200 12.08 -29.95 8.88
C PHE F 200 13.26 -29.13 8.40
N GLU F 201 13.00 -27.95 7.85
CA GLU F 201 14.11 -27.09 7.42
C GLU F 201 14.95 -26.65 8.62
N VAL F 202 14.30 -26.38 9.75
CA VAL F 202 15.06 -26.09 10.98
C VAL F 202 16.01 -27.23 11.29
N PHE F 203 15.48 -28.45 11.36
CA PHE F 203 16.31 -29.60 11.70
C PHE F 203 17.43 -29.81 10.68
N TYR F 204 17.13 -29.60 9.40
CA TYR F 204 18.13 -29.77 8.36
C TYR F 204 19.24 -28.74 8.49
N PHE F 205 18.89 -27.50 8.83
CA PHE F 205 19.91 -26.49 9.08
C PHE F 205 20.83 -26.91 10.20
N PHE F 206 20.26 -27.42 11.30
CA PHE F 206 21.11 -27.85 12.41
C PHE F 206 22.01 -29.02 11.99
N LEU F 207 21.48 -29.93 11.18
CA LEU F 207 22.30 -31.04 10.70
C LEU F 207 23.47 -30.54 9.86
N GLN F 208 23.20 -29.60 8.95
CA GLN F 208 24.26 -29.06 8.11
C GLN F 208 25.30 -28.34 8.97
N CYS F 209 24.86 -27.64 10.01
CA CYS F 209 25.80 -26.97 10.90
C CYS F 209 26.68 -27.98 11.62
N TYR F 210 26.12 -29.10 12.07
CA TYR F 210 26.92 -30.14 12.70
C TYR F 210 27.95 -30.71 11.73
N ILE F 211 27.52 -31.00 10.50
CA ILE F 211 28.45 -31.53 9.50
C ILE F 211 29.58 -30.54 9.25
N SER F 212 29.25 -29.26 9.12
CA SER F 212 30.29 -28.26 8.87
C SER F 212 31.23 -28.14 10.04
N TYR F 213 30.72 -28.18 11.26
CA TYR F 213 31.57 -28.15 12.44
C TYR F 213 32.56 -29.30 12.43
N THR F 214 32.06 -30.51 12.12
CA THR F 214 32.94 -31.67 12.06
C THR F 214 34.04 -31.49 11.03
N PHE F 215 33.66 -31.17 9.79
CA PHE F 215 34.67 -31.05 8.75
C PHE F 215 35.64 -29.90 9.01
N LEU F 216 35.17 -28.84 9.66
CA LEU F 216 36.05 -27.71 9.93
C LEU F 216 37.04 -28.02 11.05
N THR F 217 36.60 -28.72 12.09
CA THR F 217 37.55 -29.15 13.11
C THR F 217 38.53 -30.18 12.55
N MET F 218 38.13 -30.91 11.49
CA MET F 218 39.07 -31.80 10.83
C MET F 218 40.08 -31.01 9.98
N PHE F 219 39.63 -29.95 9.32
CA PHE F 219 40.47 -29.19 8.41
C PHE F 219 41.35 -28.16 9.11
N PHE F 220 41.02 -27.77 10.34
CA PHE F 220 41.79 -26.79 11.08
C PHE F 220 42.50 -27.40 12.28
N THR F 221 42.76 -28.69 12.23
CA THR F 221 43.48 -29.39 13.28
C THR F 221 44.93 -29.56 12.85
N VAL F 222 45.86 -29.05 13.65
CA VAL F 222 47.28 -29.12 13.37
C VAL F 222 47.96 -29.88 14.49
N LEU F 223 48.88 -30.77 14.11
CA LEU F 223 49.64 -31.52 15.10
C LEU F 223 50.52 -30.59 15.93
N PHE F 224 51.35 -29.80 15.26
CA PHE F 224 52.30 -28.92 15.92
C PHE F 224 51.78 -27.49 15.99
N LYS G 47 18.83 -2.52 76.37
CA LYS G 47 18.37 -1.41 75.55
C LYS G 47 17.58 -1.93 74.36
N THR G 48 16.73 -1.07 73.79
CA THR G 48 15.89 -1.41 72.65
C THR G 48 16.52 -0.92 71.36
N LEU G 49 16.11 -1.54 70.25
CA LEU G 49 16.58 -1.19 68.93
C LEU G 49 15.58 -0.24 68.26
N GLU G 50 16.08 0.91 67.81
CA GLU G 50 15.28 1.88 67.10
C GLU G 50 15.81 2.21 65.71
N ARG G 51 17.09 2.02 65.46
CA ARG G 51 17.65 2.30 64.14
C ARG G 51 17.03 1.38 63.09
N ASN G 52 16.82 1.93 61.90
CA ASN G 52 16.29 1.17 60.77
C ASN G 52 17.48 0.51 60.06
N VAL G 53 17.67 -0.78 60.34
CA VAL G 53 18.85 -1.50 59.85
C VAL G 53 18.65 -1.87 58.39
N PRO G 54 19.50 -1.38 57.47
CA PRO G 54 19.40 -1.83 56.08
C PRO G 54 19.90 -3.26 55.93
N MET G 55 19.50 -3.88 54.82
CA MET G 55 19.92 -5.25 54.55
C MET G 55 21.32 -5.33 53.97
N LYS G 56 21.89 -4.21 53.51
CA LYS G 56 23.24 -4.25 52.98
C LYS G 56 24.29 -4.35 54.10
N GLU G 57 23.92 -4.01 55.33
CA GLU G 57 24.80 -4.21 56.47
C GLU G 57 24.83 -5.67 56.93
N ILE G 58 24.02 -6.53 56.32
CA ILE G 58 23.89 -7.91 56.77
C ILE G 58 24.25 -8.85 55.63
N LEU G 59 23.53 -8.73 54.52
CA LEU G 59 23.73 -9.57 53.35
C LEU G 59 24.55 -8.80 52.32
N GLN G 60 25.74 -9.30 52.02
CA GLN G 60 26.61 -8.69 51.03
C GLN G 60 26.48 -9.43 49.71
N PRO G 61 26.20 -8.76 48.61
CA PRO G 61 26.09 -9.45 47.33
C PRO G 61 27.44 -9.76 46.72
N LEU G 62 27.51 -10.90 46.05
CA LEU G 62 28.72 -11.27 45.32
C LEU G 62 28.92 -10.34 44.13
N TRP G 63 30.17 -10.25 43.69
CA TRP G 63 30.52 -9.47 42.51
C TRP G 63 30.53 -10.40 41.31
N VAL G 64 29.63 -10.16 40.37
CA VAL G 64 29.43 -11.05 39.23
C VAL G 64 29.41 -10.26 37.93
N VAL G 65 29.43 -8.93 38.03
CA VAL G 65 29.38 -8.09 36.84
C VAL G 65 30.62 -8.30 35.99
N GLU G 66 31.77 -8.20 36.61
CA GLU G 66 33.03 -8.46 35.92
C GLU G 66 33.57 -9.81 36.34
N PRO G 67 33.99 -10.64 35.40
CA PRO G 67 34.26 -12.04 35.72
C PRO G 67 35.50 -12.18 36.59
N PRO G 68 35.70 -13.36 37.18
CA PRO G 68 36.87 -13.58 38.02
C PRO G 68 38.13 -13.84 37.20
N ASN G 69 39.25 -13.58 37.84
CA ASN G 69 40.58 -13.82 37.27
C ASN G 69 41.28 -14.82 38.18
N PHE G 70 41.11 -16.10 37.86
CA PHE G 70 41.72 -17.15 38.67
C PHE G 70 43.23 -17.15 38.57
N LEU G 71 43.78 -16.58 37.51
CA LEU G 71 45.23 -16.48 37.35
C LEU G 71 45.81 -15.34 38.17
N ARG G 72 45.00 -14.36 38.55
CA ARG G 72 45.46 -13.22 39.34
C ARG G 72 46.57 -12.48 38.62
N GLN G 73 46.44 -12.38 37.30
CA GLN G 73 47.41 -11.72 36.44
C GLN G 73 46.66 -10.93 35.38
N PRO G 74 47.18 -9.77 34.99
CA PRO G 74 46.49 -8.98 33.98
C PRO G 74 46.62 -9.55 32.58
N VAL G 75 45.74 -9.08 31.71
CA VAL G 75 45.59 -9.64 30.38
C VAL G 75 46.84 -9.42 29.55
N TRP G 76 47.45 -8.23 29.66
CA TRP G 76 48.66 -7.98 28.90
C TRP G 76 49.80 -8.88 29.35
N LYS G 77 49.85 -9.21 30.65
CA LYS G 77 50.88 -10.11 31.13
C LYS G 77 50.62 -11.53 30.65
N GLN G 78 49.36 -11.94 30.58
CA GLN G 78 49.03 -13.22 29.96
C GLN G 78 49.51 -13.27 28.53
N PHE G 79 49.18 -12.23 27.76
CA PHE G 79 49.56 -12.17 26.36
C PHE G 79 51.08 -12.25 26.20
N TRP G 80 51.80 -11.51 27.03
CA TRP G 80 53.27 -11.54 26.99
C TRP G 80 53.80 -12.93 27.34
N GLU G 81 53.21 -13.59 28.33
CA GLU G 81 53.68 -14.92 28.73
C GLU G 81 53.45 -15.93 27.62
N ALA G 82 52.36 -15.78 26.87
CA ALA G 82 52.04 -16.72 25.80
C ALA G 82 53.05 -16.68 24.66
N GLN G 83 53.75 -15.56 24.48
CA GLN G 83 54.73 -15.43 23.41
C GLN G 83 55.87 -16.44 23.56
N PHE G 84 56.27 -16.71 24.80
CA PHE G 84 57.40 -17.59 25.06
C PHE G 84 56.98 -19.04 25.23
N ALA G 85 55.68 -19.30 25.30
CA ALA G 85 55.17 -20.65 25.34
C ALA G 85 55.19 -21.23 23.92
N ASN G 86 55.41 -22.53 23.83
CA ASN G 86 55.50 -23.19 22.54
C ASN G 86 54.15 -23.17 21.81
N ARG G 87 54.19 -22.81 20.52
CA ARG G 87 53.06 -22.77 19.60
C ARG G 87 52.10 -21.61 19.83
N SER G 88 52.47 -20.61 20.63
CA SER G 88 51.59 -19.47 20.87
C SER G 88 52.26 -18.14 20.55
N PHE G 89 53.29 -18.15 19.72
CA PHE G 89 53.99 -16.92 19.37
C PHE G 89 53.10 -16.09 18.45
N PHE G 90 52.94 -14.81 18.79
CA PHE G 90 52.14 -13.86 18.03
C PHE G 90 50.92 -14.50 17.39
N PHE G 91 50.81 -14.55 16.06
CA PHE G 91 49.57 -15.05 15.45
C PHE G 91 49.62 -16.52 15.08
N PHE G 92 50.70 -17.22 15.40
CA PHE G 92 50.75 -18.65 15.19
C PHE G 92 49.98 -19.34 16.32
N GLY G 93 49.43 -20.51 16.02
CA GLY G 93 48.67 -21.23 17.01
C GLY G 93 47.20 -20.89 16.93
N ASN G 94 46.43 -21.49 17.84
CA ASN G 94 44.98 -21.28 17.88
C ASN G 94 44.53 -20.80 19.24
N ALA G 95 45.41 -20.12 19.97
CA ALA G 95 45.06 -19.55 21.25
C ALA G 95 44.36 -18.21 21.08
N TRP G 96 43.81 -17.71 22.19
CA TRP G 96 43.15 -16.41 22.14
C TRP G 96 44.17 -15.34 21.81
N THR G 97 45.40 -15.50 22.31
CA THR G 97 46.43 -14.52 22.02
C THR G 97 46.74 -14.50 20.53
N SER G 98 46.68 -15.68 19.91
CA SER G 98 46.90 -15.78 18.46
C SER G 98 45.81 -15.05 17.71
N ALA G 99 44.55 -15.21 18.14
CA ALA G 99 43.46 -14.50 17.49
C ALA G 99 43.60 -13.00 17.67
N ALA G 100 44.01 -12.57 18.85
CA ALA G 100 44.18 -11.15 19.14
C ALA G 100 45.30 -10.56 18.29
N ALA G 101 46.39 -11.30 18.13
CA ALA G 101 47.51 -10.80 17.36
C ALA G 101 47.17 -10.78 15.88
N PHE G 102 46.42 -11.78 15.40
CA PHE G 102 45.98 -11.75 14.01
C PHE G 102 45.07 -10.55 13.75
N ALA G 103 44.18 -10.25 14.69
CA ALA G 103 43.34 -9.06 14.57
C ALA G 103 44.18 -7.80 14.51
N PHE G 104 45.12 -7.65 15.43
CA PHE G 104 45.98 -6.47 15.41
C PHE G 104 46.82 -6.41 14.14
N PHE G 105 47.19 -7.56 13.60
CA PHE G 105 48.01 -7.58 12.38
C PHE G 105 47.20 -7.11 11.19
N ILE G 106 45.97 -7.59 11.05
CA ILE G 106 45.15 -7.12 9.94
C ILE G 106 44.76 -5.66 10.13
N TRP G 107 44.69 -5.19 11.38
CA TRP G 107 44.45 -3.77 11.59
C TRP G 107 45.67 -2.94 11.21
N TRP G 108 46.86 -3.41 11.58
CA TRP G 108 48.09 -2.71 11.25
C TRP G 108 48.34 -2.71 9.75
N SER G 109 47.85 -3.71 9.05
CA SER G 109 47.95 -3.73 7.60
C SER G 109 47.12 -2.61 6.99
N ARG G 110 47.14 -2.55 5.66
CA ARG G 110 46.45 -1.49 4.92
C ARG G 110 45.09 -1.91 4.38
N VAL G 111 44.79 -3.21 4.36
CA VAL G 111 43.64 -3.69 3.61
C VAL G 111 42.34 -3.11 4.13
N PHE G 112 42.26 -2.80 5.42
CA PHE G 112 41.04 -2.29 6.01
C PHE G 112 41.01 -0.78 6.14
N ASP G 113 42.02 -0.08 5.63
CA ASP G 113 42.02 1.36 5.64
C ASP G 113 41.13 1.91 4.55
N PRO G 114 40.70 3.17 4.67
CA PRO G 114 39.85 3.76 3.65
C PRO G 114 40.58 3.90 2.32
N PRO G 115 39.85 3.92 1.22
CA PRO G 115 40.50 4.04 -0.09
C PRO G 115 40.92 5.47 -0.36
N PRO G 116 41.87 5.67 -1.27
CA PRO G 116 42.23 7.03 -1.66
C PRO G 116 41.23 7.66 -2.63
N LYS G 117 41.40 8.96 -2.81
CA LYS G 117 40.52 9.71 -3.70
C LYS G 117 40.59 9.19 -5.12
N GLU G 118 41.74 8.67 -5.54
CA GLU G 118 41.87 8.08 -6.86
C GLU G 118 41.04 6.81 -7.03
N ARG G 119 40.54 6.23 -5.94
CA ARG G 119 39.81 4.97 -5.99
C ARG G 119 38.42 5.07 -5.37
N LEU G 120 38.01 6.25 -4.89
CA LEU G 120 36.71 6.38 -4.26
C LEU G 120 35.58 5.89 -5.15
N ASP G 121 35.59 6.27 -6.41
CA ASP G 121 34.50 5.93 -7.31
C ASP G 121 34.51 4.48 -7.74
N ARG G 122 35.38 3.65 -7.17
CA ARG G 122 35.35 2.23 -7.49
C ARG G 122 34.23 1.54 -6.71
N TYR G 123 34.10 1.83 -5.42
CA TYR G 123 33.06 1.25 -4.59
C TYR G 123 32.34 2.28 -3.73
N TRP G 124 33.05 3.26 -3.17
CA TRP G 124 32.51 4.03 -2.07
C TRP G 124 31.37 4.94 -2.52
N LEU G 125 31.54 5.61 -3.66
CA LEU G 125 30.53 6.57 -4.10
C LEU G 125 29.24 5.92 -4.56
N ASN G 126 29.21 4.59 -4.70
CA ASN G 126 28.00 3.85 -5.00
C ASN G 126 27.59 2.95 -3.85
N SER G 127 27.91 3.37 -2.63
CA SER G 127 27.73 2.56 -1.43
C SER G 127 26.46 2.96 -0.69
N PRO G 128 25.77 1.98 -0.11
CA PRO G 128 24.57 2.31 0.68
C PRO G 128 24.88 3.16 1.89
N LYS G 129 25.96 2.87 2.60
CA LYS G 129 26.36 3.70 3.73
C LYS G 129 26.61 5.13 3.30
N PHE G 130 27.35 5.32 2.21
CA PHE G 130 27.64 6.66 1.72
C PHE G 130 26.37 7.40 1.34
N ARG G 131 25.49 6.73 0.60
CA ARG G 131 24.25 7.37 0.17
C ARG G 131 23.38 7.75 1.36
N ILE G 132 23.22 6.83 2.32
CA ILE G 132 22.39 7.10 3.48
C ILE G 132 22.97 8.23 4.31
N LEU G 133 24.29 8.24 4.50
CA LEU G 133 24.92 9.31 5.27
C LEU G 133 24.75 10.65 4.58
N SER G 134 24.94 10.70 3.26
CA SER G 134 24.76 11.96 2.54
C SER G 134 23.34 12.46 2.67
N ALA G 135 22.36 11.57 2.50
CA ALA G 135 20.97 11.97 2.65
C ALA G 135 20.67 12.45 4.05
N PHE G 136 21.21 11.76 5.06
CA PHE G 136 20.93 12.13 6.45
C PHE G 136 21.53 13.48 6.80
N HIS G 137 22.75 13.75 6.36
CA HIS G 137 23.41 15.00 6.70
C HIS G 137 23.07 16.14 5.74
N ASN G 138 22.30 15.86 4.68
CA ASN G 138 21.62 16.89 3.90
C ASN G 138 20.12 16.65 4.05
N PRO G 139 19.52 17.13 5.13
CA PRO G 139 18.17 16.68 5.52
C PRO G 139 17.12 16.74 4.43
N GLY G 140 16.89 17.91 3.85
CA GLY G 140 15.80 18.06 2.90
C GLY G 140 16.24 18.30 1.47
N LYS G 141 17.28 17.61 1.05
CA LYS G 141 17.86 17.81 -0.28
C LYS G 141 18.08 16.45 -0.94
N ARG G 142 18.51 16.49 -2.19
CA ARG G 142 18.76 15.30 -2.99
C ARG G 142 20.20 15.31 -3.46
N PRO G 143 21.07 14.47 -2.91
CA PRO G 143 22.50 14.60 -3.22
C PRO G 143 22.97 13.85 -4.46
N GLY G 144 22.04 13.42 -5.31
CA GLY G 144 22.45 12.71 -6.51
C GLY G 144 23.38 13.52 -7.39
N LEU G 145 23.04 14.79 -7.60
CA LEU G 145 23.85 15.66 -8.45
C LEU G 145 25.23 15.91 -7.83
N LYS G 146 25.27 16.20 -6.54
CA LYS G 146 26.56 16.42 -5.88
C LYS G 146 27.40 15.15 -5.88
N ILE G 147 26.76 13.97 -5.82
CA ILE G 147 27.50 12.72 -5.90
C ILE G 147 28.08 12.53 -7.29
N SER G 148 27.30 12.85 -8.33
CA SER G 148 27.83 12.81 -9.69
C SER G 148 29.05 13.73 -9.81
N LEU G 149 28.97 14.91 -9.21
CA LEU G 149 30.09 15.85 -9.30
C LEU G 149 31.29 15.37 -8.49
N MET G 150 31.06 14.70 -7.36
CA MET G 150 32.15 14.10 -6.61
C MET G 150 32.83 13.01 -7.41
N THR G 151 32.04 12.25 -8.18
CA THR G 151 32.62 11.22 -9.04
C THR G 151 33.47 11.87 -10.14
N TYR G 152 32.93 12.90 -10.78
CA TYR G 152 33.69 13.65 -11.77
C TYR G 152 35.02 14.13 -11.19
N GLU G 153 34.97 14.68 -9.98
CA GLU G 153 36.19 15.14 -9.31
C GLU G 153 37.16 13.99 -9.09
N ALA G 154 36.69 12.92 -8.45
CA ALA G 154 37.56 11.79 -8.14
C ALA G 154 38.25 11.27 -9.39
N ARG G 155 37.59 11.33 -10.54
CA ARG G 155 38.19 10.81 -11.76
C ARG G 155 39.07 11.84 -12.48
N TYR G 156 38.76 13.12 -12.36
CA TYR G 156 39.49 14.15 -13.10
C TYR G 156 40.69 14.68 -12.34
N CYS G 157 40.50 15.00 -11.06
CA CYS G 157 41.50 15.74 -10.29
C CYS G 157 42.45 14.85 -9.52
N TYR G 158 42.11 13.58 -9.33
CA TYR G 158 42.95 12.68 -8.53
C TYR G 158 43.34 11.41 -9.24
N ARG G 159 42.80 11.15 -10.44
CA ARG G 159 43.22 10.01 -11.25
C ARG G 159 43.79 10.40 -12.60
N GLY G 160 43.56 11.62 -13.06
CA GLY G 160 44.18 12.11 -14.27
C GLY G 160 43.38 11.91 -15.54
N LEU G 161 42.07 11.71 -15.43
CA LEU G 161 41.23 11.49 -16.60
C LEU G 161 40.63 12.82 -17.06
N ASP G 162 40.99 13.23 -18.28
CA ASP G 162 40.46 14.46 -18.82
C ASP G 162 39.01 14.33 -19.27
N HIS G 163 38.55 13.11 -19.51
CA HIS G 163 37.17 12.85 -19.93
C HIS G 163 36.59 11.79 -19.02
N PRO G 164 36.11 12.18 -17.84
CA PRO G 164 35.67 11.19 -16.86
C PRO G 164 34.32 10.57 -17.16
N PHE G 165 33.42 11.33 -17.77
CA PHE G 165 32.05 10.89 -18.01
C PHE G 165 31.89 10.41 -19.43
N THR G 166 31.29 9.23 -19.57
CA THR G 166 30.84 8.74 -20.86
C THR G 166 29.45 9.30 -21.16
N LEU G 167 28.83 8.79 -22.23
CA LEU G 167 27.52 9.26 -22.62
C LEU G 167 26.47 8.91 -21.57
N ASN G 168 26.55 7.70 -21.00
CA ASN G 168 25.60 7.30 -19.96
C ASN G 168 25.72 8.19 -18.74
N GLU G 169 26.95 8.48 -18.30
CA GLU G 169 27.14 9.31 -17.13
C GLU G 169 26.68 10.74 -17.39
N MET G 170 26.91 11.24 -18.60
CA MET G 170 26.42 12.56 -18.97
C MET G 170 24.90 12.61 -18.92
N LYS G 171 24.24 11.58 -19.46
CA LYS G 171 22.80 11.51 -19.40
C LYS G 171 22.30 11.45 -17.96
N ASP G 172 22.97 10.69 -17.10
CA ASP G 172 22.59 10.62 -15.70
C ASP G 172 22.71 11.98 -15.02
N PHE G 173 23.81 12.69 -15.29
CA PHE G 173 23.99 14.03 -14.74
C PHE G 173 22.86 14.96 -15.17
N LEU G 174 22.52 14.93 -16.47
CA LEU G 174 21.47 15.82 -16.95
C LEU G 174 20.10 15.42 -16.41
N PHE G 175 19.88 14.12 -16.21
CA PHE G 175 18.64 13.64 -15.60
C PHE G 175 18.50 14.18 -14.19
N LYS G 176 19.57 14.11 -13.41
CA LYS G 176 19.52 14.62 -12.04
C LYS G 176 19.34 16.13 -12.02
N LEU G 177 19.97 16.83 -12.96
CA LEU G 177 19.77 18.28 -13.08
C LEU G 177 18.31 18.62 -13.37
N ARG G 178 17.71 17.91 -14.32
CA ARG G 178 16.30 18.11 -14.63
C ARG G 178 15.42 17.83 -13.41
N GLU G 179 15.73 16.77 -12.66
CA GLU G 179 14.93 16.47 -11.47
C GLU G 179 15.05 17.57 -10.43
N GLN G 180 16.26 18.11 -10.24
CA GLN G 180 16.43 19.23 -9.33
C GLN G 180 15.57 20.41 -9.77
N TYR G 181 15.61 20.73 -11.06
CA TYR G 181 14.80 21.82 -11.58
C TYR G 181 13.32 21.60 -11.31
N LEU G 182 12.82 20.39 -11.63
CA LEU G 182 11.41 20.11 -11.44
C LEU G 182 11.02 20.16 -9.98
N VAL G 183 11.87 19.64 -9.09
CA VAL G 183 11.56 19.62 -7.68
C VAL G 183 11.46 21.04 -7.13
N ASN G 184 12.37 21.92 -7.56
CA ASN G 184 12.31 23.29 -7.09
C ASN G 184 11.24 24.12 -7.79
N LYS G 185 10.75 23.66 -8.94
CA LYS G 185 9.73 24.38 -9.68
C LYS G 185 8.32 24.03 -9.21
N TYR G 186 8.02 22.74 -9.12
CA TYR G 186 6.71 22.27 -8.71
C TYR G 186 6.80 21.80 -7.26
N GLU G 187 5.99 22.39 -6.39
CA GLU G 187 6.01 22.06 -4.97
C GLU G 187 5.22 20.78 -4.74
N GLY G 188 5.90 19.77 -4.21
CA GLY G 188 5.26 18.51 -3.88
C GLY G 188 5.28 17.46 -4.96
N ILE G 189 6.03 17.67 -6.04
CA ILE G 189 6.07 16.69 -7.11
C ILE G 189 6.64 15.38 -6.59
N GLN G 190 6.12 14.28 -7.10
CA GLN G 190 6.35 12.97 -6.49
C GLN G 190 6.63 11.96 -7.62
N PHE G 191 6.62 10.67 -7.26
CA PHE G 191 7.31 9.62 -8.01
C PHE G 191 7.10 9.72 -9.51
N PRO G 192 5.87 9.60 -10.00
CA PRO G 192 5.68 9.38 -11.44
C PRO G 192 6.51 10.30 -12.32
N PHE G 193 6.84 11.50 -11.83
CA PHE G 193 7.60 12.47 -12.61
C PHE G 193 9.03 12.63 -12.14
N VAL G 194 9.30 12.37 -10.86
CA VAL G 194 10.64 12.40 -10.30
C VAL G 194 10.76 11.24 -9.33
N PHE G 195 11.95 10.67 -9.21
CA PHE G 195 12.12 9.57 -8.28
C PHE G 195 12.14 10.10 -6.85
N ARG G 196 10.97 10.07 -6.22
CA ARG G 196 10.79 10.65 -4.89
C ARG G 196 9.44 10.21 -4.36
N GLN G 197 9.40 9.86 -3.08
CA GLN G 197 8.17 9.47 -2.39
C GLN G 197 8.18 10.05 -0.99
N PHE G 198 7.06 10.63 -0.58
CA PHE G 198 6.86 11.04 0.81
C PHE G 198 5.38 10.90 1.16
N ASN G 199 5.13 10.63 2.44
CA ASN G 199 3.81 10.24 2.90
C ASN G 199 2.92 11.44 3.19
N ARG G 200 3.45 12.44 3.88
CA ARG G 200 2.65 13.59 4.30
C ARG G 200 2.43 14.51 3.11
N VAL G 201 1.34 14.27 2.40
CA VAL G 201 0.99 15.00 1.19
C VAL G 201 -0.21 15.89 1.47
N SER G 202 -0.42 16.84 0.56
CA SER G 202 -1.52 17.79 0.64
C SER G 202 -2.57 17.41 -0.39
N THR G 203 -3.78 17.15 0.09
CA THR G 203 -4.91 16.78 -0.75
C THR G 203 -6.00 17.84 -0.68
N PRO G 204 -6.87 17.90 -1.69
CA PRO G 204 -7.86 18.99 -1.74
C PRO G 204 -8.86 18.97 -0.59
N GLY G 205 -9.40 17.80 -0.27
CA GLY G 205 -10.40 17.70 0.77
C GLY G 205 -11.61 16.91 0.32
N THR G 206 -11.98 17.07 -0.95
CA THR G 206 -13.00 16.26 -1.61
C THR G 206 -12.32 15.61 -2.81
N LEU G 207 -11.74 14.44 -2.60
CA LEU G 207 -10.96 13.76 -3.61
C LEU G 207 -11.87 12.83 -4.41
N GLU G 208 -12.06 13.15 -5.69
CA GLU G 208 -12.86 12.33 -6.57
C GLU G 208 -12.04 11.22 -7.18
N VAL G 209 -12.67 10.06 -7.38
CA VAL G 209 -12.04 8.89 -7.95
C VAL G 209 -12.82 8.50 -9.19
N HIS G 210 -12.14 8.47 -10.33
CA HIS G 210 -12.74 8.10 -11.60
C HIS G 210 -11.86 7.07 -12.30
N THR G 211 -12.49 6.30 -13.18
CA THR G 211 -11.74 5.40 -14.04
C THR G 211 -11.05 6.19 -15.14
N SER G 212 -9.82 5.79 -15.44
CA SER G 212 -9.09 6.42 -16.51
C SER G 212 -9.72 6.08 -17.85
N PRO G 213 -9.57 6.95 -18.86
CA PRO G 213 -10.07 6.62 -20.18
C PRO G 213 -9.29 5.49 -20.82
N ALA G 214 -9.99 4.71 -21.64
CA ALA G 214 -9.34 3.64 -22.38
C ALA G 214 -8.23 4.19 -23.25
N LEU G 215 -7.22 3.36 -23.49
CA LEU G 215 -6.10 3.78 -24.31
C LEU G 215 -6.56 4.15 -25.72
N GLN G 216 -5.97 5.20 -26.26
CA GLN G 216 -6.41 5.73 -27.54
C GLN G 216 -6.25 4.69 -28.65
N GLN G 217 -7.33 4.44 -29.38
CA GLN G 217 -7.28 3.58 -30.54
C GLN G 217 -6.42 4.23 -31.62
N GLN G 218 -5.27 3.62 -31.91
CA GLN G 218 -4.45 4.14 -32.99
C GLN G 218 -4.79 3.41 -34.29
N PRO G 219 -4.80 4.09 -35.43
CA PRO G 219 -5.05 3.40 -36.70
C PRO G 219 -3.94 2.41 -37.00
N HIS G 220 -4.33 1.29 -37.61
CA HIS G 220 -3.38 0.24 -37.95
C HIS G 220 -3.86 -0.45 -39.22
N PHE G 221 -2.92 -1.07 -39.92
CA PHE G 221 -3.27 -1.84 -41.10
C PHE G 221 -4.04 -3.09 -40.72
N HIS G 222 -4.90 -3.55 -41.64
CA HIS G 222 -5.75 -4.70 -41.38
C HIS G 222 -6.62 -4.47 -40.16
N VAL H 33 76.00 12.32 29.56
CA VAL H 33 76.32 10.97 29.11
C VAL H 33 76.88 11.00 27.70
N SER H 34 77.93 10.23 27.45
CA SER H 34 78.60 10.22 26.17
C SER H 34 78.09 9.09 25.29
N PHE H 35 78.35 9.23 23.99
CA PHE H 35 77.90 8.24 23.00
C PHE H 35 78.43 6.86 23.33
N SER H 36 79.75 6.76 23.57
CA SER H 36 80.37 5.46 23.79
C SER H 36 79.87 4.82 25.08
N GLN H 37 79.92 5.56 26.20
CA GLN H 37 79.51 4.99 27.47
C GLN H 37 78.01 4.74 27.51
N PHE H 38 77.24 5.35 26.62
CA PHE H 38 75.83 5.03 26.52
C PHE H 38 75.63 3.72 25.75
N PHE H 39 76.27 3.60 24.60
CA PHE H 39 76.12 2.40 23.77
C PHE H 39 76.96 1.24 24.25
N ASP H 40 77.65 1.38 25.38
CA ASP H 40 78.29 0.22 26.01
C ASP H 40 77.21 -0.76 26.47
N SER H 41 77.48 -2.05 26.30
CA SER H 41 76.47 -3.06 26.55
C SER H 41 75.96 -3.00 27.98
N GLU H 42 76.87 -2.93 28.95
CA GLU H 42 76.46 -2.95 30.35
C GLU H 42 75.56 -1.76 30.68
N TYR H 43 76.03 -0.55 30.39
CA TYR H 43 75.23 0.63 30.68
C TYR H 43 73.97 0.67 29.84
N PHE H 44 74.00 0.08 28.65
CA PHE H 44 72.85 0.14 27.76
C PHE H 44 71.75 -0.81 28.19
N TRP H 45 72.11 -1.92 28.83
CA TRP H 45 71.14 -2.93 29.23
C TRP H 45 70.81 -2.91 30.71
N THR H 46 71.54 -2.15 31.52
CA THR H 46 71.34 -2.14 32.96
C THR H 46 70.84 -0.79 33.47
N LYS H 47 71.55 0.29 33.18
CA LYS H 47 71.28 1.58 33.78
C LYS H 47 70.61 2.58 32.83
N ALA H 48 70.78 2.41 31.53
CA ALA H 48 70.27 3.39 30.58
C ALA H 48 68.77 3.24 30.39
N ASN H 49 68.16 4.30 29.88
CA ASN H 49 66.74 4.31 29.50
C ASN H 49 66.70 4.34 27.98
N VAL H 50 66.43 3.19 27.38
CA VAL H 50 66.47 3.03 25.93
C VAL H 50 65.09 3.25 25.33
N GLY H 51 64.16 3.74 26.15
CA GLY H 51 62.80 3.96 25.72
C GLY H 51 62.72 4.91 24.55
N PRO H 52 63.25 6.13 24.72
CA PRO H 52 63.23 7.10 23.61
C PRO H 52 63.99 6.61 22.39
N PHE H 53 65.14 5.98 22.58
CA PHE H 53 65.90 5.47 21.45
C PHE H 53 65.08 4.48 20.64
N PHE H 54 64.46 3.51 21.30
CA PHE H 54 63.72 2.50 20.57
C PHE H 54 62.40 3.05 20.02
N LEU H 55 61.83 4.07 20.66
CA LEU H 55 60.66 4.72 20.08
C LEU H 55 61.01 5.44 18.80
N PHE H 56 62.11 6.19 18.80
CA PHE H 56 62.60 6.81 17.58
C PHE H 56 62.89 5.75 16.52
N LEU H 57 63.45 4.62 16.94
CA LEU H 57 63.75 3.55 15.99
C LEU H 57 62.47 3.01 15.36
N PHE H 58 61.43 2.82 16.16
CA PHE H 58 60.16 2.32 15.64
C PHE H 58 59.50 3.33 14.71
N THR H 59 59.60 4.61 15.03
CA THR H 59 58.92 5.65 14.28
C THR H 59 59.75 6.20 13.12
N SER H 60 60.99 5.73 12.95
CA SER H 60 61.83 6.15 11.82
C SER H 60 61.09 6.38 10.52
N PRO H 61 60.24 5.46 10.04
CA PRO H 61 59.53 5.75 8.78
C PRO H 61 58.73 7.03 8.82
N PHE H 62 58.08 7.32 9.95
CA PHE H 62 57.32 8.56 10.06
C PHE H 62 58.22 9.78 9.86
N TRP H 63 59.37 9.80 10.53
CA TRP H 63 60.27 10.95 10.42
C TRP H 63 60.83 11.07 9.01
N TYR H 64 61.19 9.95 8.41
CA TYR H 64 61.72 9.97 7.04
C TYR H 64 60.68 10.54 6.07
N GLN H 65 59.46 10.01 6.14
CA GLN H 65 58.39 10.52 5.28
C GLN H 65 58.11 11.99 5.55
N GLY H 66 58.19 12.41 6.81
CA GLY H 66 57.93 13.82 7.11
C GLY H 66 59.00 14.74 6.53
N ILE H 67 60.26 14.33 6.62
CA ILE H 67 61.33 15.11 6.01
C ILE H 67 61.12 15.22 4.51
N LYS H 68 60.86 14.08 3.86
CA LYS H 68 60.62 14.11 2.43
C LYS H 68 59.43 14.99 2.09
N THR H 69 58.40 14.98 2.93
CA THR H 69 57.19 15.76 2.65
C THR H 69 57.46 17.25 2.78
N VAL H 70 58.26 17.65 3.77
CA VAL H 70 58.63 19.06 3.91
C VAL H 70 59.40 19.52 2.65
N TYR H 71 60.42 18.74 2.27
CA TYR H 71 61.18 19.12 1.09
C TYR H 71 60.29 19.19 -0.14
N ALA H 72 59.37 18.24 -0.27
CA ALA H 72 58.49 18.23 -1.43
C ALA H 72 57.53 19.41 -1.43
N SER H 73 57.07 19.82 -0.25
CA SER H 73 56.21 20.99 -0.17
C SER H 73 56.94 22.23 -0.68
N CYS H 74 58.16 22.43 -0.22
CA CYS H 74 58.94 23.57 -0.69
C CYS H 74 59.14 23.51 -2.20
N ARG H 75 59.56 22.35 -2.69
CA ARG H 75 59.81 22.19 -4.12
C ARG H 75 58.54 22.44 -4.93
N TYR H 76 57.41 21.95 -4.45
CA TYR H 76 56.16 22.10 -5.19
C TYR H 76 55.71 23.56 -5.22
N ARG H 77 55.93 24.29 -4.12
CA ARG H 77 55.63 25.71 -4.13
C ARG H 77 56.45 26.44 -5.20
N LYS H 78 57.76 26.23 -5.18
CA LYS H 78 58.60 26.86 -6.19
C LYS H 78 58.16 26.46 -7.60
N LEU H 79 57.83 25.18 -7.79
CA LEU H 79 57.47 24.69 -9.11
C LEU H 79 56.16 25.30 -9.59
N ASN H 80 55.20 25.47 -8.70
CA ASN H 80 53.94 26.11 -9.07
C ASN H 80 54.19 27.54 -9.53
N GLU H 81 55.00 28.28 -8.77
CA GLU H 81 55.34 29.64 -9.19
C GLU H 81 55.96 29.65 -10.59
N ARG H 82 56.96 28.80 -10.79
CA ARG H 82 57.65 28.77 -12.08
C ARG H 82 56.70 28.38 -13.21
N GLU H 83 55.82 27.43 -12.97
CA GLU H 83 54.91 26.97 -14.01
C GLU H 83 53.95 28.08 -14.42
N ILE H 84 53.39 28.78 -13.44
CA ILE H 84 52.51 29.90 -13.75
C ILE H 84 53.24 30.93 -14.61
N ILE H 85 54.42 31.34 -14.16
CA ILE H 85 55.14 32.38 -14.88
C ILE H 85 55.50 31.91 -16.30
N SER H 86 55.84 30.64 -16.44
CA SER H 86 56.21 30.11 -17.75
C SER H 86 55.02 30.10 -18.71
N ASP H 87 53.86 29.67 -18.22
CA ASP H 87 52.68 29.68 -19.07
C ASP H 87 52.31 31.09 -19.49
N ARG H 88 52.44 32.06 -18.58
CA ARG H 88 52.14 33.43 -18.95
C ARG H 88 53.15 33.99 -19.94
N TYR H 89 54.42 33.60 -19.83
CA TYR H 89 55.40 34.02 -20.82
C TYR H 89 55.09 33.43 -22.19
N THR H 90 54.64 32.18 -22.24
CA THR H 90 54.25 31.58 -23.51
C THR H 90 53.08 32.33 -24.13
N TRP H 91 52.06 32.62 -23.31
CA TRP H 91 50.94 33.44 -23.75
C TRP H 91 51.43 34.76 -24.35
N LEU H 92 52.34 35.44 -23.65
CA LEU H 92 52.84 36.72 -24.13
C LEU H 92 53.58 36.57 -25.44
N HIS H 93 54.36 35.51 -25.59
CA HIS H 93 55.08 35.26 -26.84
C HIS H 93 54.12 35.15 -28.00
N GLU H 94 53.06 34.34 -27.83
CA GLU H 94 52.09 34.18 -28.91
C GLU H 94 51.40 35.51 -29.23
N ARG H 95 51.03 36.28 -28.20
CA ARG H 95 50.35 37.54 -28.45
C ARG H 95 51.27 38.53 -29.16
N MET H 96 52.56 38.52 -28.84
CA MET H 96 53.48 39.42 -29.52
C MET H 96 53.67 39.03 -30.97
N LEU H 97 53.70 37.73 -31.26
CA LEU H 97 53.72 37.29 -32.65
C LEU H 97 52.48 37.79 -33.40
N GLU H 98 51.31 37.65 -32.78
CA GLU H 98 50.10 38.18 -33.40
C GLU H 98 50.20 39.68 -33.65
N ASP H 99 50.76 40.41 -32.69
CA ASP H 99 50.90 41.86 -32.86
C ASP H 99 51.83 42.19 -34.02
N GLU H 100 52.91 41.42 -34.18
CA GLU H 100 53.80 41.64 -35.33
C GLU H 100 53.06 41.39 -36.64
N VAL H 101 52.30 40.30 -36.70
CA VAL H 101 51.53 40.01 -37.90
C VAL H 101 50.57 41.15 -38.21
N GLU H 102 49.90 41.68 -37.18
CA GLU H 102 48.95 42.76 -37.39
C GLU H 102 49.66 44.03 -37.87
N ARG H 103 50.84 44.31 -37.31
CA ARG H 103 51.59 45.49 -37.73
C ARG H 103 51.99 45.37 -39.19
N VAL H 104 52.30 44.16 -39.65
CA VAL H 104 52.64 43.98 -41.05
C VAL H 104 51.40 44.08 -41.92
N LEU H 105 50.26 43.59 -41.43
CA LEU H 105 49.03 43.66 -42.21
C LEU H 105 48.57 45.09 -42.41
N LEU H 106 48.68 45.92 -41.37
CA LEU H 106 48.19 47.29 -41.46
C LEU H 106 48.88 48.08 -42.57
N GLU H 107 49.99 47.59 -43.11
CA GLU H 107 50.65 48.28 -44.21
C GLU H 107 49.91 48.07 -45.52
N GLN H 108 49.17 46.98 -45.66
CA GLN H 108 48.44 46.69 -46.88
C GLN H 108 47.14 47.46 -46.97
N VAL H 109 46.72 48.15 -45.91
CA VAL H 109 45.50 48.95 -45.95
C VAL H 109 45.72 50.14 -46.88
N PRO H 110 44.82 50.41 -47.82
CA PRO H 110 45.04 51.53 -48.74
C PRO H 110 45.04 52.87 -48.02
N ALA H 111 45.57 53.87 -48.71
CA ALA H 111 45.61 55.22 -48.15
C ALA H 111 44.20 55.72 -47.91
N GLY H 112 43.97 56.26 -46.71
CA GLY H 112 42.66 56.74 -46.33
C GLY H 112 41.78 55.69 -45.67
N GLY H 113 42.28 54.46 -45.52
CA GLY H 113 41.50 53.42 -44.87
C GLY H 113 40.53 52.75 -45.83
N PHE H 114 39.68 51.93 -45.25
CA PHE H 114 38.66 51.20 -46.00
C PHE H 114 37.39 52.03 -46.11
N ASP H 115 36.68 51.84 -47.21
CA ASP H 115 35.37 52.46 -47.42
C ASP H 115 34.32 51.54 -46.82
N LYS H 116 34.07 51.72 -45.52
CA LYS H 116 33.13 50.87 -44.80
C LYS H 116 31.68 51.14 -45.15
N THR H 117 31.41 52.05 -46.09
CA THR H 117 30.04 52.34 -46.47
C THR H 117 29.54 51.41 -47.57
N ARG H 118 30.38 51.09 -48.53
CA ARG H 118 30.04 50.25 -49.66
C ARG H 118 30.61 48.86 -49.47
N PRO H 119 30.17 47.90 -50.28
CA PRO H 119 30.80 46.58 -50.28
C PRO H 119 32.12 46.59 -51.04
N GLY H 120 33.07 45.80 -50.54
CA GLY H 120 34.36 45.71 -51.21
C GLY H 120 34.25 45.16 -52.61
N LEU H 121 33.43 44.12 -52.79
CA LEU H 121 33.20 43.50 -54.09
C LEU H 121 31.73 43.62 -54.43
N LEU H 122 31.43 44.30 -55.54
CA LEU H 122 30.08 44.40 -56.05
C LEU H 122 29.88 43.29 -57.07
N LEU H 123 29.00 42.34 -56.75
CA LEU H 123 28.89 41.08 -57.47
C LEU H 123 27.49 40.88 -58.03
N GLY H 124 26.92 41.94 -58.59
CA GLY H 124 25.63 41.85 -59.23
C GLY H 124 24.98 43.20 -59.41
N PRO H 125 24.06 43.30 -60.36
CA PRO H 125 23.40 44.58 -60.63
C PRO H 125 22.36 44.90 -59.57
N SER H 126 21.96 46.17 -59.57
CA SER H 126 20.90 46.66 -58.67
C SER H 126 20.00 47.55 -59.52
N THR H 127 18.97 46.94 -60.12
CA THR H 127 18.10 47.65 -61.04
C THR H 127 16.73 47.91 -60.41
N ALA I 33 31.28 34.73 39.07
CA ALA I 33 31.32 34.25 37.70
C ALA I 33 32.71 34.36 37.10
N ILE I 34 33.52 35.24 37.69
CA ILE I 34 34.88 35.47 37.19
C ILE I 34 35.89 34.61 37.93
N LYS I 35 35.78 34.55 39.26
CA LYS I 35 36.76 33.85 40.10
C LYS I 35 36.15 32.71 40.89
N GLY I 36 35.02 32.94 41.56
CA GLY I 36 34.49 31.98 42.49
C GLY I 36 33.97 30.72 41.83
N PRO I 37 33.94 29.62 42.57
CA PRO I 37 33.38 28.37 42.03
C PRO I 37 31.86 28.43 41.93
N SER I 38 31.34 28.52 40.71
CA SER I 38 29.91 28.70 40.49
C SER I 38 29.54 28.12 39.13
N VAL I 39 28.25 28.11 38.87
CA VAL I 39 27.71 27.63 37.59
C VAL I 39 28.16 28.57 36.47
N PRO I 40 28.09 29.89 36.67
CA PRO I 40 28.66 30.79 35.65
C PRO I 40 30.14 30.54 35.43
N HIS I 41 30.89 30.27 36.49
CA HIS I 41 32.31 29.98 36.34
C HIS I 41 32.53 28.72 35.52
N SER I 42 31.71 27.69 35.75
CA SER I 42 31.84 26.47 34.98
C SER I 42 31.48 26.69 33.52
N ILE I 43 30.45 27.50 33.26
CA ILE I 43 30.08 27.81 31.88
C ILE I 43 31.21 28.54 31.17
N LEU I 44 31.80 29.53 31.85
CA LEU I 44 32.95 30.22 31.30
C LEU I 44 34.10 29.25 31.02
N PHE I 45 34.31 28.31 31.93
CA PHE I 45 35.38 27.32 31.76
C PHE I 45 35.13 26.49 30.51
N GLY I 46 33.88 26.05 30.30
CA GLY I 46 33.57 25.27 29.11
C GLY I 46 33.74 26.07 27.84
N VAL I 47 33.32 27.33 27.85
CA VAL I 47 33.51 28.18 26.67
C VAL I 47 34.99 28.34 26.36
N GLY I 48 35.80 28.56 27.40
CA GLY I 48 37.23 28.66 27.19
C GLY I 48 37.84 27.38 26.65
N ALA I 49 37.35 26.25 27.14
CA ALA I 49 37.83 24.96 26.64
C ALA I 49 37.52 24.81 25.16
N GLY I 50 36.30 25.17 24.75
CA GLY I 50 35.96 25.11 23.33
C GLY I 50 36.83 26.02 22.48
N CYS I 51 37.04 27.25 22.96
CA CYS I 51 37.88 28.18 22.21
C CYS I 51 39.31 27.67 22.10
N CYS I 52 39.82 27.05 23.16
CA CYS I 52 41.18 26.49 23.10
C CYS I 52 41.24 25.30 22.16
N ALA I 53 40.19 24.49 22.14
CA ALA I 53 40.13 23.38 21.19
C ALA I 53 40.22 23.90 19.75
N TYR I 54 39.47 24.96 19.45
CA TYR I 54 39.51 25.48 18.09
C TYR I 54 40.83 26.19 17.80
N ALA I 55 41.47 26.76 18.81
CA ALA I 55 42.82 27.28 18.62
C ALA I 55 43.79 26.16 18.26
N GLY I 56 43.65 25.01 18.91
CA GLY I 56 44.46 23.86 18.56
C GLY I 56 44.21 23.39 17.14
N TYR I 57 42.93 23.39 16.73
CA TYR I 57 42.61 23.06 15.34
C TYR I 57 43.29 24.02 14.38
N TYR I 58 43.25 25.32 14.70
CA TYR I 58 43.92 26.32 13.86
C TYR I 58 45.40 26.04 13.75
N LEU I 59 46.05 25.72 14.88
CA LEU I 59 47.48 25.41 14.85
C LEU I 59 47.77 24.19 13.99
N TYR I 60 46.98 23.14 14.17
CA TYR I 60 47.15 21.93 13.38
C TYR I 60 47.08 22.24 11.88
N ARG I 61 46.03 22.94 11.47
CA ARG I 61 45.87 23.25 10.05
C ARG I 61 46.97 24.17 9.55
N ALA I 62 47.38 25.14 10.35
CA ALA I 62 48.45 26.04 9.94
C ALA I 62 49.73 25.26 9.66
N MET I 63 50.12 24.41 10.60
CA MET I 63 51.34 23.64 10.42
C MET I 63 51.23 22.71 9.21
N ARG I 64 50.08 22.06 9.06
CA ARG I 64 49.89 21.17 7.91
C ARG I 64 50.01 21.93 6.60
N LEU I 65 49.34 23.07 6.48
CA LEU I 65 49.37 23.82 5.23
C LEU I 65 50.74 24.45 4.98
N THR I 66 51.51 24.72 6.04
CA THR I 66 52.78 25.40 5.87
C THR I 66 53.93 24.44 5.60
N PHE I 67 53.83 23.18 6.01
CA PHE I 67 54.94 22.25 5.83
C PHE I 67 54.57 20.90 5.27
N PHE I 68 53.29 20.55 5.18
CA PHE I 68 52.87 19.19 4.84
C PHE I 68 51.76 19.19 3.80
N ASP I 69 51.89 20.01 2.75
CA ASP I 69 50.84 20.11 1.74
C ASP I 69 51.44 20.22 0.35
N THR I 70 51.15 19.22 -0.49
CA THR I 70 51.38 19.29 -1.93
C THR I 70 50.10 19.13 -2.73
N GLU I 71 49.04 18.61 -2.12
CA GLU I 71 47.77 18.44 -2.81
C GLU I 71 47.24 19.77 -3.32
N SER I 72 47.46 20.85 -2.57
CA SER I 72 46.97 22.15 -2.99
C SER I 72 47.62 22.58 -4.31
N VAL I 73 48.94 22.48 -4.39
CA VAL I 73 49.64 22.86 -5.61
C VAL I 73 49.22 21.96 -6.77
N ALA I 74 49.15 20.65 -6.52
CA ALA I 74 48.77 19.73 -7.59
C ALA I 74 47.37 20.04 -8.10
N LEU I 75 46.44 20.32 -7.19
CA LEU I 75 45.07 20.60 -7.58
C LEU I 75 44.96 21.92 -8.31
N GLN I 76 45.74 22.93 -7.90
CA GLN I 76 45.74 24.19 -8.60
C GLN I 76 46.22 24.02 -10.03
N SER I 77 47.31 23.27 -10.22
CA SER I 77 47.80 23.01 -11.56
C SER I 77 46.74 22.29 -12.40
N ARG I 78 46.12 21.27 -11.82
CA ARG I 78 45.09 20.51 -12.53
C ARG I 78 43.90 21.40 -12.87
N LEU I 79 43.56 22.35 -12.01
CA LEU I 79 42.43 23.23 -12.28
C LEU I 79 42.74 24.23 -13.38
N ARG I 80 43.96 24.74 -13.43
CA ARG I 80 44.35 25.58 -14.56
C ARG I 80 44.29 24.80 -15.87
N TYR I 81 44.78 23.56 -15.85
CA TYR I 81 44.64 22.67 -16.99
C TYR I 81 43.17 22.55 -17.40
N ALA I 82 42.29 22.36 -16.41
CA ALA I 82 40.87 22.22 -16.69
C ALA I 82 40.30 23.47 -17.32
N GLU I 83 40.77 24.65 -16.88
CA GLU I 83 40.29 25.89 -17.46
C GLU I 83 40.68 25.99 -18.93
N LYS I 84 41.93 25.68 -19.23
CA LYS I 84 42.36 25.65 -20.63
C LYS I 84 41.48 24.72 -21.46
N GLN I 85 41.25 23.52 -20.93
CA GLN I 85 40.42 22.53 -21.64
C GLN I 85 39.01 23.06 -21.89
N LYS I 86 38.42 23.67 -20.87
CA LYS I 86 37.07 24.21 -20.98
C LYS I 86 36.99 25.27 -22.07
N LEU I 87 37.94 26.20 -22.06
CA LEU I 87 37.89 27.28 -23.05
C LEU I 87 38.10 26.74 -24.46
N PHE I 88 39.00 25.75 -24.61
CA PHE I 88 39.18 25.13 -25.92
C PHE I 88 37.87 24.54 -26.42
N HIS I 89 37.22 23.72 -25.59
CA HIS I 89 35.97 23.10 -26.02
C HIS I 89 34.92 24.14 -26.36
N GLN I 90 34.85 25.20 -25.56
CA GLN I 90 33.89 26.28 -25.82
C GLN I 90 34.12 26.88 -27.21
N GLU I 91 35.36 27.28 -27.49
CA GLU I 91 35.67 27.88 -28.78
C GLU I 91 35.37 26.93 -29.93
N LEU I 92 35.66 25.64 -29.74
CA LEU I 92 35.39 24.66 -30.79
C LEU I 92 33.89 24.59 -31.10
N ASP I 93 33.07 24.47 -30.06
CA ASP I 93 31.63 24.40 -30.27
C ASP I 93 31.12 25.68 -30.94
N ARG I 94 31.63 26.83 -30.52
CA ARG I 94 31.24 28.08 -31.15
C ARG I 94 31.56 28.06 -32.64
N GLU I 95 32.75 27.60 -33.01
CA GLU I 95 33.14 27.55 -34.41
C GLU I 95 32.23 26.63 -35.21
N LEU I 96 31.88 25.47 -34.64
CA LEU I 96 30.98 24.56 -35.34
C LEU I 96 29.61 25.19 -35.58
N ALA I 97 29.05 25.82 -34.54
CA ALA I 97 27.77 26.50 -34.72
C ALA I 97 27.86 27.60 -35.77
N ALA I 98 28.97 28.34 -35.78
CA ALA I 98 29.15 29.38 -36.77
C ALA I 98 29.17 28.81 -38.18
N GLY I 99 29.81 27.65 -38.35
CA GLY I 99 29.79 27.01 -39.66
C GLY I 99 28.40 26.57 -40.06
N HIS I 100 27.63 26.06 -39.11
CA HIS I 100 26.23 25.73 -39.40
C HIS I 100 25.50 26.96 -39.91
N ILE I 101 25.69 28.10 -39.25
CA ILE I 101 25.02 29.32 -39.70
C ILE I 101 25.53 29.75 -41.06
N ALA I 102 26.82 29.59 -41.31
CA ALA I 102 27.39 29.97 -42.60
C ALA I 102 26.80 29.15 -43.73
N SER I 103 26.39 27.91 -43.44
CA SER I 103 25.74 27.11 -44.47
C SER I 103 24.46 27.77 -45.00
N LEU I 104 23.93 28.79 -44.33
CA LEU I 104 22.71 29.46 -44.74
C LEU I 104 22.95 30.63 -45.69
N VAL I 105 24.19 31.07 -45.84
CA VAL I 105 24.49 32.18 -46.74
C VAL I 105 24.20 31.80 -48.17
N ALA I 106 24.23 30.51 -48.49
CA ALA I 106 23.89 30.06 -49.84
C ALA I 106 22.39 30.17 -50.09
N GLU I 107 21.58 29.89 -49.07
CA GLU I 107 20.15 30.06 -49.21
C GLU I 107 19.76 31.52 -49.23
N TYR I 108 20.50 32.37 -48.52
CA TYR I 108 20.19 33.79 -48.48
C TYR I 108 20.15 34.36 -49.90
N ASP I 109 19.07 35.08 -50.20
CA ASP I 109 18.90 35.72 -51.49
C ASP I 109 18.60 37.20 -51.25
N PRO I 110 19.55 38.11 -51.53
CA PRO I 110 19.32 39.52 -51.24
C PRO I 110 18.36 40.20 -52.20
N VAL I 111 17.98 39.54 -53.29
CA VAL I 111 17.04 40.13 -54.23
C VAL I 111 15.62 40.05 -53.70
N ALA I 112 15.33 39.06 -52.87
CA ALA I 112 13.99 38.92 -52.32
C ALA I 112 13.63 40.08 -51.42
N THR I 113 14.63 40.74 -50.84
CA THR I 113 14.38 41.95 -50.05
C THR I 113 13.88 43.09 -50.91
N ARG I 114 14.05 43.00 -52.22
CA ARG I 114 13.67 44.08 -53.11
C ARG I 114 12.15 44.23 -53.14
N LEU I 115 11.70 45.46 -53.14
CA LEU I 115 10.28 45.76 -53.26
C LEU I 115 9.89 45.83 -54.74
N PRO I 116 8.70 45.39 -55.12
CA PRO I 116 8.34 45.40 -56.55
C PRO I 116 8.46 46.80 -57.14
N PHE I 117 9.11 46.86 -58.30
CA PHE I 117 9.28 48.11 -59.04
C PHE I 117 10.09 49.12 -58.22
N GLN I 118 11.15 48.64 -57.59
CA GLN I 118 12.07 49.45 -56.82
C GLN I 118 13.47 48.90 -57.01
N PRO I 119 14.49 49.75 -56.84
CA PRO I 119 15.87 49.27 -57.00
C PRO I 119 16.37 48.53 -55.77
N MET I 120 17.36 47.68 -56.02
CA MET I 120 17.97 46.89 -54.97
C MET I 120 18.97 47.74 -54.18
N GLN I 121 19.08 47.45 -52.88
CA GLN I 121 19.94 48.21 -51.98
C GLN I 121 21.26 47.46 -51.77
N ASP I 122 22.36 48.20 -51.84
CA ASP I 122 23.66 47.64 -51.49
C ASP I 122 23.75 47.26 -50.02
N ARG I 123 22.83 47.76 -49.19
CA ARG I 123 22.85 47.42 -47.77
C ARG I 123 22.80 45.91 -47.56
N TYR I 124 22.06 45.20 -48.41
CA TYR I 124 21.95 43.75 -48.31
C TYR I 124 23.00 43.06 -49.17
N ARG I 125 24.25 43.51 -49.03
CA ARG I 125 25.41 42.85 -49.63
C ARG I 125 25.19 42.40 -51.06
N VAL I 126 25.03 43.34 -51.98
CA VAL I 126 24.90 43.01 -53.39
C VAL I 126 26.08 42.14 -53.83
N SER J 14 2.45 -5.68 -83.97
CA SER J 14 3.68 -5.31 -83.27
C SER J 14 3.47 -5.35 -81.76
N ILE J 15 4.06 -6.35 -81.12
CA ILE J 15 3.93 -6.52 -79.67
C ILE J 15 4.99 -5.68 -78.98
N LEU J 16 4.68 -5.27 -77.75
CA LEU J 16 5.54 -4.40 -76.96
C LEU J 16 6.35 -5.23 -75.98
N GLY J 17 7.67 -5.03 -76.01
CA GLY J 17 8.54 -5.69 -75.04
C GLY J 17 8.60 -7.19 -75.21
N ALA J 18 9.17 -7.65 -76.32
CA ALA J 18 9.29 -9.08 -76.57
C ALA J 18 10.54 -9.65 -75.91
N GLU J 19 11.70 -9.08 -76.18
CA GLU J 19 12.97 -9.55 -75.65
C GLU J 19 13.32 -8.93 -74.30
N ALA J 20 12.35 -8.32 -73.63
CA ALA J 20 12.61 -7.58 -72.41
C ALA J 20 12.12 -8.28 -71.14
N PHE J 21 11.52 -9.45 -71.27
CA PHE J 21 10.99 -10.19 -70.11
C PHE J 21 11.54 -11.61 -70.08
N PRO J 22 12.87 -11.74 -70.04
CA PRO J 22 13.44 -13.07 -69.82
C PRO J 22 13.03 -13.65 -68.47
N GLU J 23 12.87 -12.81 -67.46
CA GLU J 23 12.35 -13.28 -66.18
C GLU J 23 11.05 -14.05 -66.35
N LEU J 24 10.23 -13.65 -67.31
CA LEU J 24 8.97 -14.34 -67.58
C LEU J 24 9.15 -15.53 -68.50
N LEU J 25 9.94 -15.37 -69.57
CA LEU J 25 10.14 -16.50 -70.49
C LEU J 25 10.80 -17.67 -69.76
N SER J 26 12.03 -17.46 -69.28
CA SER J 26 12.67 -18.39 -68.38
C SER J 26 12.21 -18.03 -66.97
N LYS J 27 11.66 -19.01 -66.26
CA LYS J 27 11.00 -18.72 -65.00
C LYS J 27 12.03 -18.31 -63.95
N VAL J 28 12.58 -17.12 -64.11
CA VAL J 28 13.62 -16.59 -63.23
C VAL J 28 12.96 -15.56 -62.31
N PRO J 29 12.88 -15.82 -61.00
CA PRO J 29 12.29 -14.82 -60.10
C PRO J 29 13.31 -13.80 -59.65
N LEU J 30 12.94 -12.52 -59.68
CA LEU J 30 13.81 -11.47 -59.19
C LEU J 30 13.87 -11.41 -57.67
N ASN J 31 12.99 -12.12 -56.98
CA ASN J 31 12.94 -12.10 -55.52
C ASN J 31 11.94 -13.17 -55.07
N PRO J 32 12.03 -13.59 -53.82
CA PRO J 32 11.10 -14.62 -53.34
C PRO J 32 9.65 -14.21 -53.42
N GLN J 33 9.35 -12.91 -53.34
CA GLN J 33 7.97 -12.47 -53.47
C GLN J 33 7.45 -12.75 -54.88
N MET J 34 8.22 -12.38 -55.90
CA MET J 34 7.84 -12.69 -57.27
C MET J 34 7.76 -14.19 -57.49
N ASP J 35 8.68 -14.94 -56.87
CA ASP J 35 8.66 -16.39 -57.00
C ASP J 35 7.35 -16.96 -56.46
N GLU J 36 6.96 -16.55 -55.26
CA GLU J 36 5.72 -17.02 -54.67
C GLU J 36 4.51 -16.58 -55.48
N ASP J 37 4.54 -15.35 -55.99
CA ASP J 37 3.39 -14.85 -56.76
C ASP J 37 3.21 -15.64 -58.04
N LYS J 38 4.22 -15.64 -58.91
CA LYS J 38 4.11 -16.29 -60.20
C LYS J 38 4.31 -17.80 -60.15
N HIS J 39 4.50 -18.36 -58.97
CA HIS J 39 4.52 -19.82 -58.79
C HIS J 39 5.64 -20.46 -59.60
N PHE J 40 6.79 -19.80 -59.66
CA PHE J 40 7.95 -20.40 -60.30
C PHE J 40 8.55 -21.49 -59.42
N ASN J 41 8.57 -21.28 -58.10
CA ASN J 41 9.02 -22.28 -57.15
C ASN J 41 10.48 -22.67 -57.38
N LYS J 42 11.33 -21.65 -57.51
CA LYS J 42 12.76 -21.85 -57.63
C LYS J 42 13.52 -21.41 -56.39
N TYR J 43 12.82 -20.97 -55.35
CA TYR J 43 13.43 -20.63 -54.07
C TYR J 43 13.17 -21.78 -53.12
N LYS J 44 14.23 -22.51 -52.76
CA LYS J 44 14.08 -23.70 -51.95
C LYS J 44 13.45 -23.38 -50.60
N TRP J 45 13.76 -22.22 -50.04
CA TRP J 45 13.33 -21.85 -48.70
C TRP J 45 12.01 -21.09 -48.69
N GLY J 46 11.36 -20.96 -49.84
CA GLY J 46 10.07 -20.31 -49.86
C GLY J 46 10.18 -18.81 -49.70
N ASN J 47 9.19 -18.24 -49.01
CA ASN J 47 9.12 -16.80 -48.81
C ASN J 47 8.32 -16.49 -47.56
N GLU J 48 8.88 -15.63 -46.71
CA GLU J 48 8.15 -15.08 -45.58
C GLU J 48 7.78 -13.64 -45.93
N PRO J 49 6.52 -13.36 -46.27
CA PRO J 49 6.19 -12.02 -46.79
C PRO J 49 6.54 -10.92 -45.81
N ILE J 50 7.05 -9.82 -46.35
CA ILE J 50 7.24 -8.59 -45.59
C ILE J 50 5.87 -7.95 -45.40
N PRO J 51 5.32 -7.89 -44.19
CA PRO J 51 3.97 -7.35 -44.02
C PRO J 51 3.89 -5.88 -44.44
N VAL J 52 2.66 -5.41 -44.57
CA VAL J 52 2.42 -4.07 -45.09
C VAL J 52 2.89 -3.02 -44.09
N ASN J 53 2.74 -3.29 -42.79
CA ASN J 53 3.19 -2.34 -41.78
C ASN J 53 4.69 -2.13 -41.81
N ARG J 54 5.43 -3.05 -42.44
CA ARG J 54 6.86 -2.88 -42.65
C ARG J 54 7.20 -2.44 -44.07
N ARG J 55 6.31 -2.69 -45.03
CA ARG J 55 6.54 -2.23 -46.39
C ARG J 55 6.30 -0.73 -46.53
N THR J 56 5.33 -0.20 -45.80
CA THR J 56 5.05 1.22 -45.81
C THR J 56 4.61 1.67 -44.43
N GLY J 57 4.32 2.94 -44.30
CA GLY J 57 3.89 3.50 -43.03
C GLY J 57 4.38 4.93 -42.88
N SER J 58 4.15 5.47 -41.70
CA SER J 58 4.47 6.85 -41.38
C SER J 58 5.48 6.92 -40.24
N ARG J 59 6.12 8.08 -40.12
CA ARG J 59 7.03 8.33 -39.02
C ARG J 59 6.27 8.36 -37.69
N MET J 60 6.91 7.84 -36.65
CA MET J 60 6.31 7.72 -35.34
C MET J 60 7.25 8.24 -34.28
N ASN J 61 6.67 8.63 -33.15
CA ASN J 61 7.44 8.94 -31.95
C ASN J 61 7.90 7.65 -31.28
N SER J 62 9.08 7.70 -30.68
CA SER J 62 9.73 6.48 -30.17
C SER J 62 9.98 6.49 -28.67
N SER J 63 10.40 7.61 -28.10
CA SER J 63 10.84 7.62 -26.71
C SER J 63 9.68 7.29 -25.77
N ILE J 64 10.00 6.54 -24.71
CA ILE J 64 9.02 6.27 -23.67
C ILE J 64 8.77 7.50 -22.82
N TYR J 65 9.72 8.43 -22.81
CA TYR J 65 9.56 9.70 -22.10
C TYR J 65 8.84 10.74 -22.95
N ASP J 66 8.10 10.29 -23.97
CA ASP J 66 7.21 11.13 -24.74
C ASP J 66 5.78 10.64 -24.50
N ASN J 67 4.85 11.58 -24.35
CA ASN J 67 3.47 11.20 -24.08
C ASN J 67 2.82 10.60 -25.33
N ARG J 68 3.13 11.13 -26.50
CA ARG J 68 2.61 10.58 -27.75
C ARG J 68 3.58 9.57 -28.35
N ASN J 69 3.98 8.59 -27.55
CA ASN J 69 4.88 7.55 -28.01
C ASN J 69 4.13 6.52 -28.85
N HIS J 70 4.79 6.01 -29.88
CA HIS J 70 4.21 5.05 -30.82
C HIS J 70 3.06 5.66 -31.60
N GLU J 71 2.97 6.98 -31.64
CA GLU J 71 1.96 7.69 -32.39
C GLU J 71 2.62 8.40 -33.56
N ALA J 72 1.85 8.54 -34.64
CA ALA J 72 2.38 9.15 -35.85
C ALA J 72 2.75 10.61 -35.60
N VAL J 73 3.74 11.07 -36.35
CA VAL J 73 4.18 12.45 -36.25
C VAL J 73 3.17 13.35 -36.95
N ARG J 74 2.87 14.47 -36.33
CA ARG J 74 1.90 15.42 -36.86
C ARG J 74 2.58 16.43 -37.78
N HIS J 75 1.96 16.68 -38.92
CA HIS J 75 2.48 17.63 -39.88
C HIS J 75 1.42 18.70 -40.19
N PRO J 76 1.80 19.79 -40.84
CA PRO J 76 0.79 20.79 -41.24
C PRO J 76 -0.21 20.25 -42.23
N TRP J 77 0.15 19.24 -43.01
CA TRP J 77 -0.72 18.65 -44.00
C TRP J 77 -1.38 17.39 -43.47
N SER J 78 -2.46 16.99 -44.13
CA SER J 78 -3.16 15.76 -43.77
C SER J 78 -2.28 14.56 -44.07
N THR J 79 -2.21 13.62 -43.13
CA THR J 79 -1.33 12.47 -43.26
C THR J 79 -2.01 11.22 -42.73
N ASP J 80 -1.83 10.13 -43.45
CA ASP J 80 -2.24 8.82 -42.96
C ASP J 80 -1.45 8.46 -41.72
N ALA J 81 -2.16 8.16 -40.63
CA ALA J 81 -1.55 7.96 -39.33
C ALA J 81 -1.18 6.50 -39.05
N ARG J 82 -1.30 5.62 -40.03
CA ARG J 82 -0.87 4.24 -39.86
C ARG J 82 0.63 4.18 -39.91
N THR J 83 1.24 3.67 -38.84
CA THR J 83 2.68 3.78 -38.64
C THR J 83 3.42 2.56 -39.15
N PHE J 84 4.67 2.78 -39.51
CA PHE J 84 5.59 1.69 -39.77
C PHE J 84 5.98 1.02 -38.46
N HIS J 85 5.84 -0.31 -38.41
CA HIS J 85 6.15 -1.05 -37.21
C HIS J 85 7.47 -1.76 -37.38
N PRO J 86 8.49 -1.46 -36.58
CA PRO J 86 9.75 -2.21 -36.66
C PRO J 86 9.54 -3.67 -36.26
N ASN J 87 10.46 -4.51 -36.71
CA ASN J 87 10.42 -5.93 -36.41
C ASN J 87 10.98 -6.14 -35.01
N ASP J 88 10.09 -6.37 -34.05
CA ASP J 88 10.47 -6.52 -32.66
C ASP J 88 10.68 -7.97 -32.26
N ASN J 89 9.98 -8.90 -32.91
CA ASN J 89 10.11 -10.33 -32.64
C ASN J 89 10.49 -11.03 -33.94
N PRO J 90 11.73 -10.87 -34.39
CA PRO J 90 12.17 -11.53 -35.62
C PRO J 90 12.42 -13.01 -35.43
N GLU J 91 12.29 -13.75 -36.53
CA GLU J 91 12.53 -15.17 -36.50
C GLU J 91 14.02 -15.46 -36.28
N ALA J 92 14.30 -16.67 -35.80
CA ALA J 92 15.68 -17.03 -35.51
C ALA J 92 16.54 -17.05 -36.77
N ASP J 93 16.02 -17.61 -37.85
CA ASP J 93 16.74 -17.73 -39.10
C ASP J 93 16.30 -16.59 -40.03
N ARG J 94 17.26 -15.75 -40.42
CA ARG J 94 17.03 -14.55 -41.22
C ARG J 94 17.93 -14.63 -42.45
N ILE J 95 17.76 -15.72 -43.19
CA ILE J 95 18.73 -16.29 -44.13
C ILE J 95 19.52 -15.19 -44.83
N ASN J 96 18.85 -14.14 -45.28
CA ASN J 96 19.52 -13.00 -45.89
C ASN J 96 19.86 -12.00 -44.79
N THR J 97 21.14 -11.94 -44.43
CA THR J 97 21.63 -10.98 -43.46
C THR J 97 22.33 -9.81 -44.11
N GLN J 98 22.03 -9.53 -45.38
CA GLN J 98 22.56 -8.37 -46.05
C GLN J 98 21.81 -7.11 -45.61
N TYR J 99 22.44 -5.96 -45.87
CA TYR J 99 21.82 -4.68 -45.55
C TYR J 99 20.46 -4.55 -46.20
N SER J 100 20.30 -5.08 -47.40
CA SER J 100 19.01 -5.02 -48.10
C SER J 100 17.88 -5.54 -47.24
N ASN J 101 18.07 -6.72 -46.66
CA ASN J 101 17.04 -7.36 -45.84
C ASN J 101 17.04 -6.86 -44.40
N MET J 102 18.15 -6.29 -43.93
CA MET J 102 18.19 -5.77 -42.57
C MET J 102 17.52 -4.42 -42.44
N VAL J 103 17.65 -3.56 -43.46
CA VAL J 103 17.12 -2.21 -43.38
C VAL J 103 15.60 -2.20 -43.27
N SER J 104 14.95 -3.26 -43.77
CA SER J 104 13.49 -3.34 -43.73
C SER J 104 12.95 -3.54 -42.33
N ASP J 105 13.80 -3.89 -41.37
CA ASP J 105 13.37 -4.06 -39.99
C ASP J 105 13.27 -2.75 -39.23
N SER J 106 13.85 -1.67 -39.76
CA SER J 106 13.86 -0.39 -39.09
C SER J 106 13.38 0.77 -39.95
N PHE J 107 13.35 0.62 -41.27
CA PHE J 107 12.85 1.64 -42.16
C PHE J 107 12.15 0.96 -43.33
N PRO J 108 11.23 1.66 -43.99
CA PRO J 108 10.68 1.13 -45.25
C PRO J 108 11.53 1.52 -46.44
N GLU J 109 11.88 0.54 -47.27
CA GLU J 109 12.76 0.81 -48.40
C GLU J 109 12.23 1.93 -49.28
N GLY J 110 10.93 1.92 -49.55
CA GLY J 110 10.31 2.93 -50.38
C GLY J 110 10.06 4.24 -49.70
N GLY J 111 10.53 4.42 -48.47
CA GLY J 111 10.30 5.62 -47.73
C GLY J 111 8.96 5.61 -47.02
N PHE J 112 8.77 6.62 -46.17
CA PHE J 112 7.53 6.74 -45.42
C PHE J 112 6.42 7.31 -46.29
N SER J 113 5.18 7.11 -45.84
CA SER J 113 3.99 7.49 -46.60
C SER J 113 3.41 8.81 -46.14
N ASP J 114 4.25 9.71 -45.63
CA ASP J 114 3.80 10.99 -45.09
C ASP J 114 4.28 12.16 -45.94
N ALA J 115 4.39 11.96 -47.25
CA ALA J 115 4.88 13.02 -48.12
C ALA J 115 3.72 13.93 -48.54
N PRO J 116 3.95 15.23 -48.65
CA PRO J 116 2.89 16.15 -49.05
C PRO J 116 2.84 16.44 -50.54
N ARG J 117 1.64 16.78 -50.98
CA ARG J 117 1.39 17.34 -52.32
C ARG J 117 0.85 18.74 -52.10
N PHE J 118 1.74 19.73 -52.16
CA PHE J 118 1.34 21.09 -51.81
C PHE J 118 0.46 21.68 -52.90
N SER J 119 -0.64 22.31 -52.48
CA SER J 119 -1.54 22.95 -53.43
C SER J 119 -0.95 24.23 -54.01
N SER J 120 0.10 24.77 -53.39
CA SER J 120 0.69 26.02 -53.82
C SER J 120 2.15 26.03 -53.42
N ASN J 121 2.88 27.03 -53.92
CA ASN J 121 4.30 27.14 -53.62
C ASN J 121 4.56 27.84 -52.31
N TRP J 122 3.68 28.75 -51.89
CA TRP J 122 3.92 29.48 -50.66
C TRP J 122 3.70 28.60 -49.43
N GLU J 123 2.85 27.58 -49.55
CA GLU J 123 2.70 26.61 -48.45
C GLU J 123 4.00 25.85 -48.24
N ARG J 124 4.60 25.38 -49.33
CA ARG J 124 5.91 24.74 -49.28
C ARG J 124 6.94 25.66 -48.67
N LEU J 125 6.99 26.91 -49.15
CA LEU J 125 7.91 27.90 -48.61
C LEU J 125 7.75 28.05 -47.10
N LEU J 126 6.51 28.21 -46.64
CA LEU J 126 6.28 28.46 -45.22
C LEU J 126 6.62 27.26 -44.38
N ALA J 127 6.28 26.05 -44.86
CA ALA J 127 6.65 24.84 -44.14
C ALA J 127 8.16 24.74 -43.98
N TYR J 128 8.90 24.94 -45.06
CA TYR J 128 10.36 24.92 -44.97
C TYR J 128 10.85 25.99 -44.01
N HIS J 129 10.33 27.22 -44.15
CA HIS J 129 10.77 28.32 -43.31
C HIS J 129 10.59 28.01 -41.83
N HIS J 130 9.53 27.28 -41.50
CA HIS J 130 9.29 26.93 -40.10
C HIS J 130 9.88 25.58 -39.71
N GLY J 131 10.53 24.88 -40.63
CA GLY J 131 11.23 23.67 -40.27
C GLY J 131 10.37 22.45 -40.22
N LEU J 132 9.35 22.37 -41.08
CA LEU J 132 8.40 21.27 -41.08
C LEU J 132 8.42 20.51 -42.39
N TYR J 133 9.33 20.82 -43.30
CA TYR J 133 9.39 20.15 -44.59
C TYR J 133 10.79 20.30 -45.16
N SER J 134 11.30 19.18 -45.70
CA SER J 134 12.48 19.20 -46.52
C SER J 134 12.30 18.06 -47.52
N PRO J 135 12.43 18.34 -48.82
CA PRO J 135 12.28 17.25 -49.80
C PRO J 135 13.28 16.14 -49.59
N GLU J 136 14.52 16.50 -49.22
CA GLU J 136 15.53 15.51 -48.87
C GLU J 136 14.99 14.49 -47.86
N LYS J 137 14.03 14.90 -47.04
CA LYS J 137 13.52 14.08 -45.96
C LYS J 137 12.21 13.40 -46.31
N PHE J 138 11.39 14.02 -47.15
CA PHE J 138 10.03 13.54 -47.39
C PHE J 138 9.83 12.88 -48.75
N ASN J 139 10.54 13.29 -49.78
CA ASN J 139 10.41 12.71 -51.10
C ASN J 139 11.73 12.00 -51.41
N SER J 140 11.83 10.74 -51.00
CA SER J 140 13.07 10.00 -51.09
C SER J 140 12.84 8.58 -50.60
N THR J 141 13.75 7.70 -50.97
CA THR J 141 13.77 6.31 -50.52
C THR J 141 14.95 6.10 -49.58
N THR J 142 15.09 4.87 -49.10
CA THR J 142 16.28 4.50 -48.36
C THR J 142 17.48 4.41 -49.29
N LYS J 143 18.65 4.59 -48.70
CA LYS J 143 19.89 4.47 -49.44
C LYS J 143 20.37 3.03 -49.45
N THR J 144 20.81 2.57 -50.62
CA THR J 144 21.36 1.23 -50.76
C THR J 144 22.79 1.19 -50.23
N ALA J 145 23.22 -0.03 -49.88
CA ALA J 145 24.55 -0.22 -49.33
C ALA J 145 25.63 0.35 -50.24
N ASP J 146 25.48 0.15 -51.56
CA ASP J 146 26.46 0.67 -52.49
C ASP J 146 26.54 2.20 -52.44
N GLU J 147 25.38 2.86 -52.42
CA GLU J 147 25.37 4.31 -52.32
C GLU J 147 26.01 4.78 -51.02
N ILE J 148 25.67 4.13 -49.92
CA ILE J 148 26.26 4.47 -48.63
C ILE J 148 27.78 4.37 -48.71
N ARG J 149 28.28 3.28 -49.30
CA ARG J 149 29.72 3.08 -49.38
C ARG J 149 30.38 4.12 -50.26
N LEU J 150 29.75 4.46 -51.39
CA LEU J 150 30.30 5.49 -52.25
C LEU J 150 30.41 6.82 -51.51
N ALA J 151 29.35 7.21 -50.81
CA ALA J 151 29.38 8.46 -50.07
C ALA J 151 30.46 8.43 -49.00
N VAL J 152 30.55 7.32 -48.26
CA VAL J 152 31.53 7.23 -47.18
C VAL J 152 32.95 7.33 -47.74
N ASN J 153 33.20 6.67 -48.87
CA ASN J 153 34.55 6.66 -49.41
C ASN J 153 34.94 8.02 -49.99
N ASP J 154 33.98 8.72 -50.61
CA ASP J 154 34.25 10.08 -51.06
C ASP J 154 34.56 10.99 -49.88
N PHE J 155 33.77 10.89 -48.81
CA PHE J 155 34.01 11.71 -47.63
C PHE J 155 35.37 11.40 -47.02
N ALA J 156 35.74 10.12 -46.98
CA ALA J 156 37.03 9.73 -46.43
C ALA J 156 38.18 10.30 -47.25
N ALA J 157 38.06 10.22 -48.58
CA ALA J 157 39.08 10.82 -49.43
C ALA J 157 39.20 12.31 -49.19
N LYS J 158 38.08 13.01 -49.09
CA LYS J 158 38.13 14.45 -48.84
C LYS J 158 38.78 14.77 -47.50
N VAL J 159 38.46 13.99 -46.47
CA VAL J 159 39.04 14.25 -45.15
C VAL J 159 40.54 13.99 -45.17
N HIS J 160 40.97 12.90 -45.81
CA HIS J 160 42.39 12.61 -45.91
C HIS J 160 43.12 13.72 -46.65
N ALA J 161 42.54 14.21 -47.75
CA ALA J 161 43.13 15.34 -48.46
C ALA J 161 43.19 16.57 -47.58
N ASP J 162 42.17 16.78 -46.75
CA ASP J 162 42.17 17.93 -45.85
C ASP J 162 43.35 17.87 -44.89
N ASP J 163 43.47 16.78 -44.14
CA ASP J 163 44.63 16.64 -43.27
C ASP J 163 44.96 15.17 -43.02
N PRO J 164 46.11 14.69 -43.51
CA PRO J 164 46.49 13.29 -43.21
C PRO J 164 46.99 13.11 -41.78
N LYS J 165 47.72 14.08 -41.25
CA LYS J 165 48.33 13.96 -39.92
C LYS J 165 47.36 14.46 -38.84
N ASN J 166 46.15 13.93 -38.87
CA ASN J 166 45.12 14.26 -37.89
C ASN J 166 44.63 12.96 -37.26
N ALA J 167 44.41 13.01 -35.94
CA ALA J 167 44.06 11.83 -35.17
C ALA J 167 42.56 11.53 -35.17
N CYS J 168 41.72 12.56 -35.28
CA CYS J 168 40.27 12.40 -35.24
C CYS J 168 39.67 12.12 -36.61
N LYS J 169 40.53 11.87 -37.61
CA LYS J 169 40.08 11.64 -38.97
C LYS J 169 39.12 10.46 -39.05
N TYR J 170 39.54 9.30 -38.56
CA TYR J 170 38.71 8.11 -38.65
C TYR J 170 37.48 8.24 -37.78
N LEU J 171 37.53 9.03 -36.70
CA LEU J 171 36.35 9.25 -35.89
C LEU J 171 35.29 10.06 -36.66
N MET J 172 35.72 11.11 -37.35
CA MET J 172 34.79 11.86 -38.20
C MET J 172 34.22 10.96 -39.28
N ILE J 173 35.07 10.15 -39.92
CA ILE J 173 34.61 9.22 -40.94
C ILE J 173 33.57 8.26 -40.37
N GLU J 174 33.77 7.83 -39.12
CA GLU J 174 32.86 6.86 -38.53
C GLU J 174 31.52 7.49 -38.19
N GLU J 175 31.51 8.73 -37.73
CA GLU J 175 30.22 9.37 -37.48
C GLU J 175 29.46 9.59 -38.79
N PHE J 176 30.18 9.98 -39.85
CA PHE J 176 29.55 10.08 -41.15
C PHE J 176 28.97 8.74 -41.59
N LYS J 177 29.77 7.68 -41.45
CA LYS J 177 29.33 6.35 -41.84
C LYS J 177 28.09 5.92 -41.07
N CYS J 178 28.06 6.18 -39.77
CA CYS J 178 26.92 5.75 -38.97
C CYS J 178 25.67 6.55 -39.32
N LEU J 179 25.81 7.84 -39.59
CA LEU J 179 24.67 8.60 -40.06
C LEU J 179 24.12 8.02 -41.35
N GLN J 180 24.99 7.80 -42.33
CA GLN J 180 24.55 7.24 -43.61
C GLN J 180 23.87 5.89 -43.41
N SER J 181 24.44 5.03 -42.56
CA SER J 181 23.87 3.71 -42.35
C SER J 181 22.52 3.78 -41.65
N ALA J 182 22.35 4.72 -40.74
CA ALA J 182 21.09 4.90 -40.04
C ALA J 182 20.10 5.77 -40.80
N GLN J 183 20.46 6.22 -42.01
CA GLN J 183 19.53 6.92 -42.87
C GLN J 183 19.11 8.24 -42.27
N ALA J 184 20.09 9.08 -41.94
CA ALA J 184 19.80 10.37 -41.31
C ALA J 184 19.02 11.30 -42.22
N ARG J 185 19.08 11.08 -43.54
CA ARG J 185 18.29 11.91 -44.45
C ARG J 185 16.81 11.84 -44.13
N ILE J 186 16.31 10.66 -43.78
CA ILE J 186 14.89 10.47 -43.52
C ILE J 186 14.59 10.23 -42.05
N ASP J 187 15.59 9.98 -41.22
CA ASP J 187 15.42 9.84 -39.77
C ASP J 187 16.57 10.55 -39.06
N PRO J 188 16.61 11.89 -39.15
CA PRO J 188 17.75 12.61 -38.60
C PRO J 188 17.89 12.48 -37.09
N GLN J 189 16.78 12.58 -36.37
CA GLN J 189 16.84 12.49 -34.91
C GLN J 189 17.28 11.10 -34.47
N GLY J 190 16.65 10.07 -35.03
CA GLY J 190 17.03 8.71 -34.71
C GLY J 190 18.49 8.42 -35.03
N ALA J 191 19.01 9.00 -36.11
CA ALA J 191 20.40 8.73 -36.48
C ALA J 191 21.37 9.51 -35.61
N ALA J 192 21.05 10.76 -35.27
CA ALA J 192 21.89 11.50 -34.34
C ALA J 192 21.97 10.79 -33.00
N THR J 193 20.85 10.20 -32.56
CA THR J 193 20.86 9.39 -31.35
C THR J 193 21.92 8.31 -31.38
N LYS J 194 22.32 7.87 -32.58
CA LYS J 194 23.34 6.82 -32.71
C LYS J 194 24.73 7.40 -32.92
N CYS J 195 24.85 8.55 -33.55
CA CYS J 195 26.14 9.08 -33.97
C CYS J 195 26.72 10.12 -33.01
N VAL J 196 25.95 10.57 -32.02
CA VAL J 196 26.48 11.54 -31.08
C VAL J 196 27.65 10.97 -30.28
N LYS J 197 27.76 9.65 -30.18
CA LYS J 197 28.88 9.06 -29.45
C LYS J 197 30.19 9.25 -30.20
N TRP J 198 30.18 9.02 -31.52
CA TRP J 198 31.37 9.29 -32.31
C TRP J 198 31.65 10.78 -32.37
N PHE J 199 30.62 11.62 -32.36
CA PHE J 199 30.87 13.06 -32.26
C PHE J 199 31.61 13.39 -30.98
N ASN J 200 31.19 12.81 -29.86
CA ASN J 200 31.83 13.08 -28.58
C ASN J 200 33.27 12.58 -28.57
N GLU J 201 33.51 11.39 -29.14
CA GLU J 201 34.88 10.90 -29.25
C GLU J 201 35.75 11.83 -30.10
N TRP J 202 35.19 12.36 -31.18
CA TRP J 202 35.93 13.32 -31.99
C TRP J 202 36.27 14.57 -31.20
N ARG J 203 35.33 15.05 -30.40
CA ARG J 203 35.57 16.21 -29.53
C ARG J 203 36.75 15.93 -28.59
N GLN J 204 36.73 14.79 -27.92
CA GLN J 204 37.82 14.41 -27.04
C GLN J 204 39.14 14.35 -27.78
N CYS J 205 39.15 13.72 -28.97
CA CYS J 205 40.38 13.62 -29.74
C CYS J 205 40.89 14.99 -30.15
N ALA J 206 39.99 15.92 -30.43
CA ALA J 206 40.39 17.28 -30.76
C ALA J 206 41.15 17.90 -29.60
N TRP J 207 40.57 17.81 -28.40
CA TRP J 207 41.27 18.33 -27.23
C TRP J 207 42.63 17.65 -27.04
N ASP J 208 42.67 16.34 -27.21
CA ASP J 208 43.91 15.61 -27.00
C ASP J 208 44.99 16.05 -27.98
N GLN J 209 44.63 16.18 -29.25
CA GLN J 209 45.58 16.65 -30.26
C GLN J 209 46.06 18.05 -29.93
N GLU J 210 45.14 18.93 -29.50
CA GLU J 210 45.54 20.29 -29.17
C GLU J 210 46.53 20.31 -28.01
N LYS J 211 46.28 19.50 -26.98
CA LYS J 211 47.16 19.52 -25.82
C LYS J 211 48.50 18.85 -26.13
N MET J 212 48.54 17.94 -27.09
CA MET J 212 49.82 17.39 -27.50
C MET J 212 50.60 18.40 -28.35
N VAL J 213 49.91 19.15 -29.20
CA VAL J 213 50.57 20.16 -30.01
C VAL J 213 51.11 21.28 -29.14
N LYS J 214 50.21 21.96 -28.44
CA LYS J 214 50.58 22.94 -27.43
C LYS J 214 50.86 22.20 -26.13
N GLY J 215 52.10 22.19 -25.69
CA GLY J 215 52.45 21.42 -24.52
C GLY J 215 51.67 21.86 -23.30
N TYR J 216 50.70 21.06 -22.91
CA TYR J 216 49.86 21.33 -21.75
C TYR J 216 49.94 20.13 -20.82
N ASN J 217 50.50 20.34 -19.64
CA ASN J 217 50.63 19.30 -18.63
C ASN J 217 50.33 19.91 -17.27
N TYR J 218 50.34 19.07 -16.25
CA TYR J 218 50.00 19.51 -14.91
C TYR J 218 50.92 18.83 -13.91
N ILE J 219 51.07 19.47 -12.76
CA ILE J 219 51.87 18.92 -11.67
C ILE J 219 51.06 17.78 -11.04
N GLU J 220 51.57 16.56 -11.18
CA GLU J 220 50.96 15.41 -10.54
C GLU J 220 51.41 15.32 -9.09
N ASP J 221 50.50 14.93 -8.21
CA ASP J 221 50.82 14.81 -6.80
C ASP J 221 51.59 13.53 -6.54
N ARG J 222 52.24 13.48 -5.38
CA ARG J 222 52.98 12.30 -5.00
C ARG J 222 52.05 11.09 -4.94
N ARG J 223 52.66 9.92 -4.86
CA ARG J 223 51.90 8.67 -4.84
C ARG J 223 51.20 8.50 -3.50
N ALA J 224 49.97 8.00 -3.56
CA ALA J 224 49.18 7.85 -2.35
C ALA J 224 49.70 6.69 -1.51
N ARG J 225 49.48 6.79 -0.19
CA ARG J 225 50.00 5.79 0.73
C ARG J 225 49.40 4.41 0.45
N LYS J 226 48.16 4.37 -0.03
CA LYS J 226 47.48 3.11 -0.35
C LYS J 226 47.19 3.02 -1.83
N HIS J 227 48.16 3.39 -2.67
CA HIS J 227 48.00 3.22 -4.11
C HIS J 227 47.73 1.77 -4.45
N LYS J 228 48.43 0.86 -3.80
CA LYS J 228 48.16 -0.56 -3.94
C LYS J 228 47.20 -1.01 -2.84
N PRO J 229 46.14 -1.75 -3.18
CA PRO J 229 45.27 -2.25 -2.11
C PRO J 229 45.93 -3.29 -1.24
N TYR J 230 46.85 -4.06 -1.80
CA TYR J 230 47.54 -5.13 -1.08
C TYR J 230 49.00 -5.12 -1.49
N ILE J 231 49.87 -5.35 -0.51
CA ILE J 231 51.31 -5.27 -0.77
C ILE J 231 51.73 -6.25 -1.84
N GLY J 232 51.16 -7.45 -1.83
CA GLY J 232 51.46 -8.45 -2.82
C GLY J 232 50.86 -8.21 -4.19
N ALA J 233 50.07 -7.15 -4.33
CA ALA J 233 49.46 -6.87 -5.61
C ALA J 233 50.45 -6.11 -6.50
N PRO J 234 50.43 -6.35 -7.81
CA PRO J 234 51.32 -5.60 -8.70
C PRO J 234 50.74 -4.24 -9.04
N ASP J 235 51.61 -3.23 -8.98
CA ASP J 235 51.23 -1.86 -9.32
C ASP J 235 51.64 -1.61 -10.76
N LEU J 236 50.75 -2.00 -11.68
CA LEU J 236 51.01 -1.78 -13.09
C LEU J 236 51.15 -0.30 -13.38
N GLN J 237 52.26 0.07 -14.01
CA GLN J 237 52.56 1.46 -14.29
C GLN J 237 51.78 1.93 -15.50
N TYR J 238 51.15 3.09 -15.39
CA TYR J 238 50.39 3.70 -16.46
C TYR J 238 50.99 5.06 -16.77
N SER J 239 51.16 5.34 -18.07
CA SER J 239 51.78 6.58 -18.53
C SER J 239 51.12 7.80 -17.89
N SER K 164 -1.48 19.80 -13.66
CA SER K 164 -1.88 18.78 -12.70
C SER K 164 -0.68 17.94 -12.26
N MET K 165 0.43 18.62 -11.95
CA MET K 165 1.66 17.95 -11.57
C MET K 165 2.12 18.26 -10.15
N ASP K 166 1.80 19.43 -9.62
CA ASP K 166 2.21 19.77 -8.27
C ASP K 166 1.32 19.10 -7.24
N HIS K 167 1.87 18.94 -6.04
CA HIS K 167 1.15 18.39 -4.90
C HIS K 167 0.51 17.04 -5.27
N GLY K 168 1.36 16.09 -5.60
CA GLY K 168 0.91 14.78 -5.98
C GLY K 168 0.81 13.82 -4.82
N MET K 169 0.05 12.76 -5.03
CA MET K 169 -0.14 11.74 -4.01
C MET K 169 1.01 10.75 -4.02
N GLN K 170 1.15 10.02 -2.92
CA GLN K 170 2.13 8.96 -2.82
C GLN K 170 1.73 7.82 -3.75
N TYR K 171 2.52 7.62 -4.80
CA TYR K 171 2.19 6.70 -5.88
C TYR K 171 2.78 5.33 -5.68
N SER K 172 3.90 5.25 -4.95
CA SER K 172 4.58 4.01 -4.65
C SER K 172 4.72 3.86 -3.14
N SER K 173 4.92 2.64 -2.69
CA SER K 173 4.99 2.34 -1.28
C SER K 173 6.41 2.55 -0.75
N ILE K 174 6.50 2.95 0.51
CA ILE K 174 7.76 3.14 1.21
C ILE K 174 7.89 2.03 2.23
N TYR K 175 9.06 1.38 2.26
CA TYR K 175 9.26 0.24 3.14
C TYR K 175 10.75 0.05 3.39
N TRP K 176 11.04 -0.77 4.39
CA TRP K 176 12.40 -1.18 4.72
C TRP K 176 12.42 -2.70 4.77
N GLU K 177 13.31 -3.30 3.98
CA GLU K 177 13.39 -4.75 3.95
C GLU K 177 14.05 -5.27 5.22
N THR K 178 13.64 -6.47 5.60
CA THR K 178 14.08 -7.07 6.86
C THR K 178 15.61 -7.17 6.91
N SER K 179 16.17 -6.69 8.01
CA SER K 179 17.58 -6.85 8.34
C SER K 179 18.52 -6.04 7.45
N HIS K 180 18.00 -5.07 6.71
CA HIS K 180 18.86 -4.14 5.99
C HIS K 180 19.43 -3.13 6.96
N ARG K 181 20.72 -2.83 6.81
CA ARG K 181 21.39 -1.98 7.77
C ARG K 181 21.10 -0.51 7.50
N THR K 182 21.33 0.29 8.54
CA THR K 182 21.06 1.72 8.52
C THR K 182 22.30 2.57 8.63
N TYR K 183 23.35 2.09 9.31
CA TYR K 183 24.64 2.75 9.41
C TYR K 183 24.56 4.07 10.16
N LEU K 184 23.56 4.25 11.02
CA LEU K 184 23.39 5.45 11.79
C LEU K 184 23.34 5.12 13.28
N PRO K 185 24.19 5.74 14.10
CA PRO K 185 24.10 5.54 15.55
C PRO K 185 23.01 6.39 16.19
N PHE K 186 22.92 6.37 17.51
CA PHE K 186 21.88 7.10 18.20
C PHE K 186 22.23 8.57 18.41
N TRP K 187 23.47 8.97 18.21
CA TRP K 187 23.89 10.36 18.31
C TRP K 187 24.08 11.00 16.93
N ALA K 188 23.61 10.35 15.88
CA ALA K 188 23.78 10.87 14.54
C ALA K 188 23.13 12.23 14.37
N SER K 189 21.98 12.44 15.01
CA SER K 189 21.30 13.72 14.88
C SER K 189 22.12 14.85 15.50
N LEU K 190 22.89 14.54 16.54
CA LEU K 190 23.77 15.54 17.13
C LEU K 190 25.05 15.71 16.32
N THR K 191 25.47 14.68 15.62
CA THR K 191 26.59 14.82 14.68
C THR K 191 26.29 15.91 13.66
N GLN K 192 27.36 16.51 13.13
CA GLN K 192 27.21 17.50 12.07
C GLN K 192 28.49 17.52 11.24
N LYS K 193 28.36 18.08 10.04
CA LYS K 193 29.46 18.08 9.07
C LYS K 193 30.44 19.20 9.37
N PHE K 194 31.54 19.23 8.61
CA PHE K 194 32.55 20.26 8.77
C PHE K 194 33.51 20.18 7.59
N SER K 195 33.96 21.34 7.12
CA SER K 195 34.99 21.42 6.11
C SER K 195 36.10 22.34 6.59
N TRP K 196 37.34 21.94 6.32
CA TRP K 196 38.51 22.72 6.67
C TRP K 196 38.78 23.85 5.69
N LYS K 197 37.90 24.08 4.71
CA LYS K 197 38.21 25.02 3.65
C LYS K 197 38.20 26.46 4.14
N ILE K 198 37.25 26.81 4.99
CA ILE K 198 37.17 28.19 5.50
C ILE K 198 38.40 28.51 6.34
N MET K 199 38.73 27.62 7.27
CA MET K 199 39.92 27.81 8.10
C MET K 199 41.19 27.85 7.26
N ASP K 200 41.27 26.99 6.25
CA ASP K 200 42.45 26.98 5.38
C ASP K 200 42.57 28.30 4.63
N ASP K 201 41.46 28.85 4.16
CA ASP K 201 41.52 30.13 3.47
C ASP K 201 41.96 31.24 4.41
N GLN K 202 41.40 31.27 5.63
CA GLN K 202 41.85 32.25 6.61
C GLN K 202 43.35 32.15 6.85
N ILE K 203 43.84 30.92 7.05
CA ILE K 203 45.25 30.73 7.36
C ILE K 203 46.12 31.14 6.18
N ARG K 204 45.72 30.80 4.96
CA ARG K 204 46.47 31.22 3.78
C ARG K 204 46.53 32.73 3.69
N SER K 205 45.39 33.40 3.89
CA SER K 205 45.37 34.86 3.81
C SER K 205 46.27 35.47 4.88
N PHE K 206 46.32 34.86 6.07
CA PHE K 206 47.11 35.43 7.15
C PHE K 206 48.60 35.18 6.97
N LEU K 207 48.97 34.03 6.42
CA LEU K 207 50.36 33.65 6.26
C LEU K 207 50.93 34.01 4.89
N ARG K 208 50.13 34.59 4.01
CA ARG K 208 50.59 35.03 2.69
C ARG K 208 51.10 33.83 1.88
N LEU K 209 50.30 32.77 1.86
CA LEU K 209 50.61 31.58 1.10
C LEU K 209 50.18 31.73 -0.35
N PRO K 210 50.69 30.88 -1.24
CA PRO K 210 50.37 31.03 -2.67
C PRO K 210 48.87 31.06 -2.92
N LYS K 211 48.44 32.07 -3.66
CA LYS K 211 47.05 32.23 -4.04
C LYS K 211 46.78 31.56 -5.38
N PRO K 212 45.56 31.07 -5.60
CA PRO K 212 45.20 30.59 -6.93
C PRO K 212 44.98 31.73 -7.90
N VAL K 213 45.18 31.44 -9.19
CA VAL K 213 45.05 32.46 -10.23
C VAL K 213 43.62 32.92 -10.41
N THR K 214 42.64 32.21 -9.85
CA THR K 214 41.26 32.65 -9.94
C THR K 214 41.03 33.98 -9.25
N THR K 215 41.97 34.42 -8.40
CA THR K 215 41.86 35.73 -7.80
C THR K 215 42.09 36.86 -8.79
N GLU K 216 42.71 36.56 -9.94
CA GLU K 216 42.96 37.56 -10.96
C GLU K 216 41.87 37.47 -12.01
N PRO K 217 41.12 38.54 -12.28
CA PRO K 217 40.01 38.42 -13.24
C PRO K 217 40.45 38.10 -14.65
N PHE K 218 41.61 38.59 -15.10
CA PHE K 218 42.05 38.29 -16.44
C PHE K 218 42.49 36.84 -16.55
N VAL K 219 42.23 36.24 -17.70
CA VAL K 219 42.46 34.82 -17.93
C VAL K 219 43.51 34.68 -19.01
N PHE K 220 44.63 34.05 -18.66
CA PHE K 220 45.71 33.77 -19.60
C PHE K 220 45.61 32.37 -20.20
N SER K 221 44.58 31.61 -19.86
CA SER K 221 44.44 30.23 -20.29
C SER K 221 43.97 30.09 -21.73
N SER K 222 43.90 31.19 -22.49
CA SER K 222 43.56 31.11 -23.90
C SER K 222 44.11 32.34 -24.61
N GLY K 223 44.03 32.31 -25.93
CA GLY K 223 44.51 33.42 -26.72
C GLY K 223 43.52 34.56 -26.81
N SER K 224 42.23 34.26 -26.81
CA SER K 224 41.21 35.28 -26.88
C SER K 224 40.92 35.85 -25.49
N PRO K 225 40.50 37.11 -25.40
CA PRO K 225 40.34 37.75 -24.09
C PRO K 225 39.15 37.20 -23.34
N TYR K 226 39.41 36.74 -22.11
CA TYR K 226 38.40 36.27 -21.19
C TYR K 226 38.53 37.03 -19.88
N ILE K 227 37.39 37.32 -19.26
CA ILE K 227 37.34 38.00 -17.97
C ILE K 227 36.47 37.19 -17.03
N ARG K 228 36.90 37.07 -15.78
CA ARG K 228 36.17 36.28 -14.81
C ARG K 228 35.02 37.08 -14.21
N ARG K 229 33.84 36.46 -14.17
CA ARG K 229 32.70 37.01 -13.46
C ARG K 229 32.54 36.21 -12.16
N TYR K 230 32.54 36.93 -11.04
CA TYR K 230 32.51 36.33 -9.72
C TYR K 230 31.10 36.39 -9.14
N PHE K 231 30.68 35.30 -8.52
CA PHE K 231 29.39 35.25 -7.84
C PHE K 231 29.60 35.38 -6.33
N GLY K 232 29.87 36.61 -5.90
CA GLY K 232 29.97 36.91 -4.49
C GLY K 232 31.16 36.34 -3.77
N ASP K 233 32.08 35.70 -4.47
CA ASP K 233 33.25 35.10 -3.85
C ASP K 233 34.25 34.74 -4.93
N ALA K 234 35.53 34.80 -4.58
CA ALA K 234 36.58 34.45 -5.53
C ALA K 234 36.59 32.97 -5.86
N ASP K 235 35.96 32.13 -5.03
CA ASP K 235 35.91 30.71 -5.29
C ASP K 235 34.86 30.32 -6.33
N ILE K 236 33.92 31.21 -6.62
CA ILE K 236 32.85 30.94 -7.56
C ILE K 236 32.99 31.95 -8.69
N SER K 237 33.50 31.50 -9.83
CA SER K 237 33.74 32.37 -10.96
C SER K 237 33.49 31.61 -12.26
N VAL K 238 33.19 32.37 -13.30
CA VAL K 238 33.06 31.82 -14.65
C VAL K 238 33.79 32.74 -15.63
N PRO K 239 34.62 32.22 -16.53
CA PRO K 239 35.21 33.08 -17.57
C PRO K 239 34.20 33.42 -18.64
N VAL K 240 34.25 34.66 -19.09
CA VAL K 240 33.34 35.19 -20.10
C VAL K 240 34.18 35.82 -21.20
N PRO K 241 33.95 35.50 -22.47
CA PRO K 241 34.75 36.10 -23.54
C PRO K 241 34.34 37.54 -23.82
N LEU K 242 35.34 38.34 -24.17
CA LEU K 242 35.13 39.75 -24.45
C LEU K 242 34.94 40.04 -25.93
N HIS K 243 35.60 39.29 -26.80
CA HIS K 243 35.54 39.57 -28.22
C HIS K 243 34.12 39.43 -28.75
N ALA K 244 33.80 40.26 -29.73
CA ALA K 244 32.63 40.05 -30.55
C ALA K 244 33.10 39.36 -31.81
N PRO K 245 33.08 38.02 -31.84
CA PRO K 245 33.80 37.31 -32.91
C PRO K 245 33.19 37.59 -34.27
N ALA K 246 34.07 37.85 -35.24
CA ALA K 246 33.65 38.00 -36.62
C ALA K 246 33.68 36.65 -37.30
N HIS K 247 32.58 36.30 -37.96
CA HIS K 247 32.46 35.04 -38.64
C HIS K 247 32.47 35.27 -40.15
N PHE K 248 32.91 34.26 -40.89
CA PHE K 248 33.13 34.37 -42.32
C PHE K 248 32.53 33.17 -43.03
N ALA K 249 32.08 33.41 -44.25
CA ALA K 249 31.45 32.37 -45.07
C ALA K 249 31.98 32.48 -46.48
N PHE K 250 32.74 31.47 -46.91
CA PHE K 250 33.27 31.40 -48.26
C PHE K 250 32.22 30.79 -49.19
N VAL K 251 31.06 31.43 -49.21
CA VAL K 251 29.88 30.90 -49.87
C VAL K 251 29.23 31.98 -50.73
N PRO K 252 28.69 31.64 -51.90
CA PRO K 252 27.90 32.60 -52.67
C PRO K 252 26.43 32.57 -52.29
N THR K 253 25.79 33.72 -52.45
CA THR K 253 24.40 33.90 -52.08
C THR K 253 23.47 33.63 -53.25
N GLY K 254 22.28 33.14 -52.93
CA GLY K 254 21.25 32.92 -53.94
C GLY K 254 21.51 31.75 -54.85
N THR K 255 22.26 30.75 -54.38
CA THR K 255 22.64 29.60 -55.19
C THR K 255 21.95 28.32 -54.76
N VAL K 256 20.97 28.42 -53.86
CA VAL K 256 20.32 27.24 -53.30
C VAL K 256 18.89 27.60 -52.93
N SER K 257 17.95 26.74 -53.30
CA SER K 257 16.55 26.85 -52.93
C SER K 257 16.11 25.51 -52.37
N PRO K 258 16.35 25.26 -51.08
CA PRO K 258 16.13 23.91 -50.55
C PRO K 258 14.67 23.49 -50.55
N TRP K 259 13.73 24.42 -50.41
CA TRP K 259 12.32 24.03 -50.39
C TRP K 259 11.90 23.41 -51.71
N GLU K 260 12.48 23.87 -52.82
CA GLU K 260 12.12 23.35 -54.12
C GLU K 260 12.73 21.98 -54.33
N GLU K 261 11.91 21.03 -54.77
CA GLU K 261 12.43 19.73 -55.21
C GLU K 261 13.08 19.92 -56.58
N THR K 262 14.38 19.65 -56.64
CA THR K 262 15.15 19.93 -57.85
C THR K 262 15.32 18.71 -58.73
N GLY K 263 15.11 17.50 -58.21
CA GLY K 263 15.21 16.31 -59.03
C GLY K 263 14.14 16.21 -60.09
N MET K 264 13.10 17.04 -60.01
CA MET K 264 12.00 16.99 -60.96
C MET K 264 12.12 18.02 -62.07
N GLU K 265 12.85 19.10 -61.84
CA GLU K 265 13.05 20.12 -62.86
C GLU K 265 14.14 19.68 -63.83
N THR K 266 13.99 20.11 -65.08
CA THR K 266 14.94 19.75 -66.14
C THR K 266 16.05 20.80 -66.19
N GLY K 267 17.30 20.32 -66.13
CA GLY K 267 18.43 21.20 -66.19
C GLY K 267 19.65 20.62 -65.48
N PRO K 268 20.76 21.35 -65.55
CA PRO K 268 21.97 20.87 -64.86
C PRO K 268 21.78 20.77 -63.35
N GLN K 269 21.19 21.80 -62.74
CA GLN K 269 20.89 21.74 -61.31
C GLN K 269 20.00 20.55 -61.00
N GLY K 270 19.06 20.23 -61.89
CA GLY K 270 18.20 19.10 -61.66
C GLY K 270 18.94 17.79 -61.71
N ALA K 271 19.79 17.60 -62.72
CA ALA K 271 20.55 16.36 -62.83
C ALA K 271 21.53 16.20 -61.67
N ALA K 272 22.07 17.32 -61.17
CA ALA K 272 23.01 17.27 -60.06
C ALA K 272 22.33 17.09 -58.72
N ALA K 273 21.11 17.59 -58.55
CA ALA K 273 20.31 17.18 -57.39
C ALA K 273 19.94 15.72 -57.50
N ARG K 274 19.74 15.24 -58.72
CA ARG K 274 19.88 13.83 -59.04
C ARG K 274 21.37 13.57 -59.13
N GLY K 275 21.77 12.46 -59.73
CA GLY K 275 23.15 12.02 -59.66
C GLY K 275 23.72 11.72 -61.02
N ALA K 276 25.03 11.50 -61.04
CA ALA K 276 25.70 11.11 -62.27
C ALA K 276 25.29 9.71 -62.70
N ALA K 277 24.84 8.87 -61.77
CA ALA K 277 24.39 7.53 -62.13
C ALA K 277 23.10 7.58 -62.92
N ALA K 278 22.13 8.36 -62.45
CA ALA K 278 20.89 8.52 -63.20
C ALA K 278 21.13 9.16 -64.55
N THR K 279 22.00 10.17 -64.60
CA THR K 279 22.31 10.82 -65.87
C THR K 279 22.97 9.86 -66.84
N ALA K 280 23.89 9.03 -66.34
CA ALA K 280 24.54 8.04 -67.19
C ALA K 280 23.54 7.00 -67.69
N PHE K 281 22.65 6.55 -66.82
CA PHE K 281 21.61 5.61 -67.24
C PHE K 281 20.73 6.22 -68.32
N ARG K 282 20.34 7.48 -68.14
CA ARG K 282 19.55 8.17 -69.15
C ARG K 282 20.28 8.27 -70.47
N ALA K 283 21.60 8.53 -70.42
CA ALA K 283 22.39 8.61 -71.64
C ALA K 283 22.49 7.26 -72.32
N VAL K 284 22.60 6.18 -71.54
CA VAL K 284 22.66 4.84 -72.13
C VAL K 284 21.34 4.50 -72.81
N LEU K 285 20.23 4.78 -72.14
CA LEU K 285 18.93 4.58 -72.77
C LEU K 285 18.82 5.40 -74.05
N GLU K 286 19.34 6.63 -74.02
CA GLU K 286 19.32 7.49 -75.18
C GLU K 286 20.07 6.86 -76.34
N SER K 287 21.27 6.33 -76.06
CA SER K 287 22.08 5.71 -77.11
C SER K 287 21.38 4.49 -77.70
N ALA K 288 20.84 3.63 -76.85
CA ALA K 288 20.14 2.45 -77.34
C ALA K 288 18.93 2.82 -78.19
N TRP K 289 18.15 3.81 -77.72
CA TRP K 289 17.01 4.27 -78.47
C TRP K 289 17.43 4.84 -79.82
N LYS K 290 18.56 5.55 -79.85
CA LYS K 290 19.06 6.08 -81.11
C LYS K 290 19.45 4.97 -82.07
N CYS K 291 20.08 3.91 -81.55
CA CYS K 291 20.39 2.76 -82.39
C CYS K 291 19.12 2.19 -83.02
N ASP K 292 18.11 1.94 -82.20
CA ASP K 292 16.87 1.38 -82.71
C ASP K 292 16.22 2.29 -83.75
N ILE K 293 16.19 3.60 -83.47
CA ILE K 293 15.55 4.53 -84.38
C ILE K 293 16.35 4.65 -85.67
N ASP K 294 17.67 4.47 -85.61
CA ASP K 294 18.46 4.49 -86.83
C ASP K 294 18.16 3.27 -87.69
N GLU K 295 18.01 2.12 -87.06
CA GLU K 295 17.58 0.94 -87.79
C GLU K 295 16.23 1.17 -88.47
N GLN K 296 15.29 1.75 -87.73
CA GLN K 296 13.97 2.03 -88.30
C GLN K 296 14.07 3.00 -89.47
N ILE K 297 14.88 4.05 -89.33
CA ILE K 297 15.05 5.02 -90.40
C ILE K 297 15.61 4.34 -91.63
N LYS K 298 16.60 3.48 -91.45
CA LYS K 298 17.17 2.76 -92.58
C LYS K 298 16.11 1.93 -93.29
N GLU K 299 15.39 1.11 -92.52
CA GLU K 299 14.41 0.23 -93.16
C GLU K 299 13.25 1.01 -93.78
N LYS K 300 13.01 2.24 -93.32
CA LYS K 300 11.93 3.03 -93.90
C LYS K 300 12.39 3.72 -95.18
N LEU K 301 13.59 4.31 -95.18
CA LEU K 301 14.06 5.05 -96.34
C LEU K 301 14.58 4.15 -97.44
N HIS K 302 14.95 2.90 -97.12
CA HIS K 302 15.35 1.97 -98.17
C HIS K 302 14.17 1.58 -99.05
N SER K 303 12.95 1.67 -98.54
CA SER K 303 11.77 1.33 -99.32
C SER K 303 11.52 2.37 -100.40
N SER L 2 51.81 -27.35 12.38
CA SER L 2 52.36 -27.28 11.04
C SER L 2 51.40 -26.56 10.09
N THR L 3 50.63 -27.32 9.34
CA THR L 3 49.68 -26.76 8.39
C THR L 3 48.45 -27.66 8.34
N SER L 4 47.57 -27.38 7.38
CA SER L 4 46.32 -28.10 7.25
C SER L 4 45.58 -27.64 5.99
N PRO L 5 44.55 -28.37 5.56
CA PRO L 5 43.80 -27.92 4.37
C PRO L 5 43.16 -26.55 4.54
N GLY L 6 42.70 -26.23 5.74
CA GLY L 6 42.09 -24.93 5.99
C GLY L 6 43.06 -23.77 5.90
N LEU L 7 44.36 -24.04 5.89
CA LEU L 7 45.38 -23.01 5.78
C LEU L 7 45.92 -22.88 4.37
N ALA L 8 45.20 -23.39 3.38
CA ALA L 8 45.68 -23.33 2.00
C ALA L 8 45.77 -21.88 1.53
N PHE L 9 44.79 -21.05 1.89
CA PHE L 9 44.83 -19.64 1.53
C PHE L 9 46.13 -19.00 2.01
N ALA L 10 46.42 -19.13 3.30
CA ALA L 10 47.60 -18.50 3.87
C ALA L 10 48.88 -19.10 3.31
N ASN L 11 48.92 -20.42 3.13
CA ASN L 11 50.11 -21.05 2.57
C ASN L 11 50.41 -20.52 1.18
N LEU L 12 49.40 -20.48 0.32
CA LEU L 12 49.58 -19.97 -1.04
C LEU L 12 50.02 -18.51 -1.01
N THR L 13 49.32 -17.69 -0.21
CA THR L 13 49.66 -16.27 -0.13
C THR L 13 51.10 -16.08 0.29
N LEU L 14 51.53 -16.79 1.33
CA LEU L 14 52.91 -16.68 1.79
C LEU L 14 53.89 -17.10 0.70
N LEU L 15 53.73 -18.33 0.20
CA LEU L 15 54.65 -18.84 -0.81
C LEU L 15 54.78 -17.91 -2.00
N LEU L 16 53.70 -17.22 -2.37
CA LEU L 16 53.73 -16.37 -3.55
C LEU L 16 54.09 -14.92 -3.26
N ASP L 17 54.04 -14.49 -2.00
CA ASP L 17 54.27 -13.09 -1.66
C ASP L 17 55.57 -12.83 -0.93
N VAL L 18 55.97 -13.68 0.01
CA VAL L 18 57.16 -13.39 0.79
C VAL L 18 58.41 -13.40 -0.10
N PRO L 19 58.45 -14.15 -1.20
CA PRO L 19 59.60 -14.02 -2.11
C PRO L 19 59.61 -12.72 -2.88
N GLN L 20 58.48 -12.01 -2.95
CA GLN L 20 58.40 -10.74 -3.67
C GLN L 20 58.81 -9.55 -2.81
N LEU L 21 58.92 -9.72 -1.50
CA LEU L 21 59.27 -8.58 -0.65
C LEU L 21 60.64 -8.01 -0.98
N PRO L 22 61.68 -8.81 -1.23
CA PRO L 22 62.94 -8.22 -1.70
C PRO L 22 62.78 -7.37 -2.93
N ALA L 23 62.00 -7.84 -3.91
CA ALA L 23 61.79 -7.06 -5.13
C ALA L 23 61.02 -5.78 -4.84
N ILE L 24 60.05 -5.84 -3.92
CA ILE L 24 59.30 -4.65 -3.55
C ILE L 24 60.22 -3.62 -2.91
N TRP L 25 61.07 -4.07 -2.00
CA TRP L 25 62.02 -3.16 -1.36
C TRP L 25 63.00 -2.59 -2.38
N ALA L 26 63.43 -3.40 -3.35
CA ALA L 26 64.32 -2.92 -4.39
C ALA L 26 63.64 -1.86 -5.24
N VAL L 27 62.37 -2.06 -5.57
CA VAL L 27 61.62 -1.07 -6.34
C VAL L 27 61.52 0.23 -5.56
N ASN L 28 61.23 0.15 -4.26
CA ASN L 28 61.16 1.34 -3.44
C ASN L 28 62.50 2.08 -3.43
N ALA L 29 63.60 1.35 -3.26
CA ALA L 29 64.91 1.97 -3.24
C ALA L 29 65.23 2.62 -4.58
N TRP L 30 64.89 1.96 -5.68
CA TRP L 30 65.12 2.53 -7.00
C TRP L 30 64.33 3.81 -7.19
N ARG L 31 63.08 3.83 -6.72
CA ARG L 31 62.28 5.05 -6.80
C ARG L 31 62.91 6.18 -6.00
N GLU L 32 63.40 5.86 -4.79
CA GLU L 32 64.08 6.88 -4.00
C GLU L 32 65.29 7.42 -4.73
N LEU L 33 66.09 6.55 -5.33
CA LEU L 33 67.29 7.01 -6.03
C LEU L 33 66.94 7.86 -7.24
N ASN L 34 65.91 7.48 -7.98
CA ASN L 34 65.48 8.27 -9.12
C ASN L 34 65.00 9.65 -8.67
N GLY L 35 64.25 9.71 -7.57
CA GLY L 35 63.85 11.00 -7.04
C GLY L 35 65.03 11.85 -6.63
N LEU L 36 66.03 11.23 -5.99
CA LEU L 36 67.22 11.95 -5.59
C LEU L 36 67.94 12.53 -6.80
N PHE L 37 68.10 11.72 -7.85
CA PHE L 37 68.78 12.20 -9.06
C PHE L 37 68.00 13.33 -9.71
N THR L 38 66.67 13.19 -9.76
CA THR L 38 65.84 14.25 -10.34
C THR L 38 65.99 15.54 -9.56
N GLU L 39 66.01 15.46 -8.23
CA GLU L 39 66.14 16.67 -7.43
C GLU L 39 67.52 17.29 -7.58
N MET L 40 68.57 16.45 -7.67
CA MET L 40 69.90 16.97 -7.91
C MET L 40 69.98 17.70 -9.25
N LYS L 41 69.37 17.13 -10.28
CA LYS L 41 69.35 17.78 -11.59
C LYS L 41 68.60 19.11 -11.53
N THR L 42 67.45 19.12 -10.84
CA THR L 42 66.70 20.36 -10.69
C THR L 42 67.53 21.42 -10.00
N LEU L 43 68.20 21.06 -8.91
CA LEU L 43 69.07 22.01 -8.23
C LEU L 43 70.17 22.51 -9.14
N ALA L 44 70.79 21.61 -9.91
CA ALA L 44 71.81 22.02 -10.85
C ALA L 44 71.28 23.07 -11.82
N GLY L 45 70.09 22.84 -12.36
CA GLY L 45 69.47 23.79 -13.26
C GLY L 45 68.92 23.13 -14.52
N THR L 46 67.86 23.72 -15.06
CA THR L 46 67.20 23.21 -16.24
C THR L 46 66.63 24.38 -17.04
N SER L 47 66.64 24.23 -18.36
CA SER L 47 66.04 25.24 -19.22
C SER L 47 64.54 25.34 -18.94
N ASP L 48 63.82 24.24 -19.11
CA ASP L 48 62.41 24.16 -18.73
C ASP L 48 62.27 23.32 -17.48
N LEU L 49 61.19 23.57 -16.74
CA LEU L 49 60.99 22.92 -15.45
C LEU L 49 60.85 21.42 -15.62
N LEU L 50 60.98 20.71 -14.51
CA LEU L 50 60.78 19.27 -14.43
C LEU L 50 59.67 18.98 -13.43
N TYR L 51 58.73 18.14 -13.83
CA TYR L 51 57.69 17.69 -12.92
C TYR L 51 58.24 16.53 -12.08
N PRO L 52 58.35 16.67 -10.76
CA PRO L 52 59.02 15.62 -9.98
C PRO L 52 58.28 14.29 -9.99
N SER L 53 57.00 14.30 -9.63
CA SER L 53 56.22 13.08 -9.47
C SER L 53 55.61 12.60 -10.77
N ASN L 54 56.12 13.04 -11.90
CA ASN L 54 55.63 12.62 -13.20
C ASN L 54 56.53 11.53 -13.78
N ARG L 55 55.92 10.66 -14.58
CA ARG L 55 56.63 9.51 -15.12
C ARG L 55 57.81 9.93 -15.98
N TYR L 56 57.58 10.80 -16.96
CA TYR L 56 58.57 11.14 -17.96
C TYR L 56 58.54 12.63 -18.22
N ASN L 57 59.72 13.23 -18.37
CA ASN L 57 59.87 14.66 -18.64
C ASN L 57 60.73 14.83 -19.89
N PRO L 58 60.14 14.91 -21.07
CA PRO L 58 60.91 15.06 -22.30
C PRO L 58 61.20 16.50 -22.72
N GLN L 59 60.73 17.49 -21.97
CA GLN L 59 60.85 18.87 -22.41
C GLN L 59 62.30 19.33 -22.44
N ASN L 60 62.66 20.01 -23.51
CA ASN L 60 63.96 20.63 -23.67
C ASN L 60 63.78 21.87 -24.54
N GLU L 61 64.88 22.39 -25.08
CA GLU L 61 64.80 23.59 -25.88
C GLU L 61 64.06 23.37 -27.20
N LYS L 62 63.97 22.12 -27.66
CA LYS L 62 63.38 21.79 -28.95
C LYS L 62 62.24 20.79 -28.81
N THR L 63 61.66 20.65 -27.63
CA THR L 63 60.65 19.64 -27.40
C THR L 63 59.66 20.11 -26.34
N ASN L 64 58.38 19.93 -26.61
CA ASN L 64 57.32 20.29 -25.69
C ASN L 64 57.33 19.35 -24.48
N ARG L 65 56.46 19.66 -23.53
CA ARG L 65 56.25 18.81 -22.35
C ARG L 65 55.40 17.60 -22.65
N MET L 66 55.14 17.30 -23.92
CA MET L 66 54.44 16.09 -24.33
C MET L 66 55.16 15.33 -25.44
N GLY L 67 56.41 15.70 -25.73
CA GLY L 67 57.21 14.99 -26.69
C GLY L 67 57.15 15.52 -28.10
N ARG L 68 56.41 16.59 -28.34
CA ARG L 68 56.29 17.18 -29.66
C ARG L 68 57.23 18.37 -29.79
N PRO L 69 57.62 18.72 -31.01
CA PRO L 69 58.45 19.92 -31.19
C PRO L 69 57.70 21.19 -30.78
N ARG L 70 58.46 22.15 -30.27
CA ARG L 70 57.87 23.41 -29.85
C ARG L 70 57.49 24.24 -31.06
N LYS L 71 56.31 24.85 -30.99
CA LYS L 71 55.87 25.77 -32.03
C LYS L 71 56.47 27.15 -31.79
N TYR L 72 56.84 27.81 -32.88
CA TYR L 72 57.35 29.18 -32.83
C TYR L 72 58.66 29.24 -32.06
N ASN L 73 59.56 28.31 -32.36
CA ASN L 73 60.84 28.20 -31.67
C ASN L 73 62.03 28.30 -32.62
N HIS L 74 61.80 28.75 -33.85
CA HIS L 74 62.90 28.86 -34.81
C HIS L 74 63.76 30.08 -34.57
N GLY L 75 63.13 31.20 -34.21
CA GLY L 75 63.84 32.44 -33.96
C GLY L 75 64.16 32.62 -32.49
N GLU L 76 64.60 33.82 -32.16
CA GLU L 76 64.94 34.20 -30.80
C GLU L 76 63.98 35.27 -30.31
N TRP L 77 63.85 35.38 -28.99
CA TRP L 77 62.89 36.26 -28.36
C TRP L 77 63.59 37.19 -27.39
N MET L 78 63.11 38.43 -27.30
CA MET L 78 63.76 39.42 -26.45
C MET L 78 63.70 39.02 -24.99
N PHE L 79 62.58 38.46 -24.54
CA PHE L 79 62.44 38.03 -23.16
C PHE L 79 63.07 36.68 -22.88
N GLY L 80 63.81 36.14 -23.83
CA GLY L 80 64.56 34.91 -23.60
C GLY L 80 63.76 33.69 -24.01
N ASN L 81 63.73 32.68 -23.15
CA ASN L 81 62.99 31.47 -23.45
C ASN L 81 61.51 31.76 -23.53
N SER L 82 60.82 31.02 -24.41
CA SER L 82 59.40 31.16 -24.61
C SER L 82 58.57 30.45 -23.55
N TYR L 83 59.20 30.10 -22.43
CA TYR L 83 58.56 29.29 -21.40
C TYR L 83 59.17 29.56 -20.04
N TYR M 83 24.42 -13.00 45.54
CA TYR M 83 24.44 -13.22 46.97
C TYR M 83 24.97 -14.60 47.31
N ALA M 84 25.64 -14.72 48.44
CA ALA M 84 26.20 -15.98 48.86
C ALA M 84 25.09 -16.98 49.19
N THR M 85 25.43 -18.25 49.08
CA THR M 85 24.52 -19.35 49.40
C THR M 85 24.80 -19.79 50.83
N LEU M 86 23.99 -19.31 51.77
CA LEU M 86 24.17 -19.65 53.17
C LEU M 86 23.48 -20.96 53.49
N GLY M 87 23.96 -21.61 54.55
CA GLY M 87 23.44 -22.89 54.98
C GLY M 87 24.56 -23.87 55.30
N SER M 88 24.28 -24.74 56.26
CA SER M 88 25.23 -25.75 56.71
C SER M 88 24.91 -27.14 56.14
N GLY M 89 24.07 -27.21 55.11
CA GLY M 89 23.61 -28.48 54.58
C GLY M 89 24.40 -28.90 53.35
N TRP M 90 24.68 -30.20 53.27
CA TRP M 90 25.38 -30.80 52.14
C TRP M 90 24.42 -31.42 51.13
N SER M 91 23.11 -31.22 51.30
CA SER M 91 22.13 -31.84 50.43
C SER M 91 22.04 -31.07 49.13
N PHE M 92 22.42 -31.73 48.03
CA PHE M 92 22.27 -31.14 46.70
C PHE M 92 20.80 -31.13 46.33
N SER M 93 20.18 -29.96 46.38
CA SER M 93 18.74 -29.83 46.21
C SER M 93 18.44 -28.97 44.99
N LYS M 94 17.61 -29.52 44.11
CA LYS M 94 17.05 -28.80 42.99
C LYS M 94 15.53 -28.83 43.09
N VAL M 95 14.87 -27.93 42.38
CA VAL M 95 13.43 -27.78 42.46
C VAL M 95 12.83 -27.91 41.07
N GLN M 96 11.60 -28.42 41.04
CA GLN M 96 10.77 -28.42 39.86
C GLN M 96 9.56 -27.51 40.11
N TYR M 97 9.15 -26.80 39.08
CA TYR M 97 8.09 -25.80 39.21
C TYR M 97 6.76 -26.35 38.71
N THR M 98 5.70 -25.75 39.22
CA THR M 98 4.33 -26.03 38.83
C THR M 98 3.80 -24.87 38.00
N LYS M 99 2.53 -24.97 37.61
CA LYS M 99 1.85 -23.89 36.91
C LYS M 99 0.94 -23.08 37.82
N TYR M 100 1.14 -23.19 39.13
CA TYR M 100 0.34 -22.48 40.12
C TYR M 100 1.23 -21.58 40.96
N ARG M 101 0.68 -20.45 41.36
CA ARG M 101 1.42 -19.47 42.15
C ARG M 101 1.24 -19.73 43.64
N ILE M 102 2.20 -19.23 44.41
CA ILE M 102 2.14 -19.36 45.87
C ILE M 102 1.03 -18.45 46.41
N THR M 103 0.24 -18.99 47.33
CA THR M 103 -0.88 -18.28 47.91
C THR M 103 -0.74 -18.26 49.42
N LYS M 104 -1.04 -17.11 50.00
CA LYS M 104 -1.01 -16.90 51.44
C LYS M 104 -2.36 -16.35 51.90
N PRO M 105 -2.64 -16.43 53.20
CA PRO M 105 -3.93 -15.94 53.69
C PRO M 105 -4.10 -14.46 53.42
N TRP M 106 -5.36 -14.05 53.20
CA TRP M 106 -5.65 -12.67 52.88
C TRP M 106 -5.30 -11.76 54.05
N THR M 107 -4.69 -10.63 53.73
CA THR M 107 -4.39 -9.59 54.71
C THR M 107 -4.48 -8.25 53.99
N THR M 108 -5.11 -7.28 54.66
CA THR M 108 -5.33 -5.97 54.08
C THR M 108 -4.14 -5.02 54.26
N ASP M 109 -3.14 -5.41 55.03
CA ASP M 109 -2.00 -4.54 55.32
C ASP M 109 -0.65 -5.17 55.02
N THR M 110 -0.57 -6.47 54.81
CA THR M 110 0.70 -7.15 54.62
C THR M 110 0.77 -7.79 53.24
N THR M 111 1.99 -8.09 52.83
CA THR M 111 2.26 -8.76 51.57
C THR M 111 3.50 -9.63 51.73
N PHE M 112 3.47 -10.80 51.12
CA PHE M 112 4.56 -11.76 51.26
C PHE M 112 5.51 -11.65 50.07
N ASP M 113 6.81 -11.68 50.35
CA ASP M 113 7.81 -11.52 49.31
C ASP M 113 9.09 -12.24 49.71
N ASP M 114 10.01 -12.36 48.75
CA ASP M 114 11.29 -12.99 48.99
C ASP M 114 12.26 -11.99 49.60
N ILE M 115 12.99 -12.44 50.62
CA ILE M 115 13.82 -11.52 51.40
C ILE M 115 14.98 -11.00 50.55
N ILE M 116 15.57 -11.87 49.73
CA ILE M 116 16.72 -11.46 48.94
C ILE M 116 16.30 -10.57 47.78
N LEU M 117 15.12 -10.80 47.22
CA LEU M 117 14.64 -9.97 46.12
C LEU M 117 14.11 -8.63 46.61
N SER M 118 13.60 -8.58 47.84
CA SER M 118 13.05 -7.35 48.38
C SER M 118 14.10 -6.49 49.06
N GLN M 119 15.11 -7.09 49.68
CA GLN M 119 16.10 -6.37 50.46
C GLN M 119 15.42 -5.47 51.49
N PRO M 120 14.54 -6.02 52.32
CA PRO M 120 13.73 -5.19 53.20
C PRO M 120 14.53 -4.62 54.35
N SER M 121 13.95 -3.61 54.98
CA SER M 121 14.47 -3.00 56.18
C SER M 121 13.56 -3.28 57.36
N LYS M 122 14.03 -2.89 58.55
CA LYS M 122 13.29 -3.17 59.77
C LYS M 122 11.92 -2.54 59.76
N GLU M 123 11.79 -1.35 59.15
CA GLU M 123 10.50 -0.70 59.06
C GLU M 123 9.65 -1.29 57.94
N ASP M 124 10.27 -1.87 56.91
CA ASP M 124 9.50 -2.55 55.89
C ASP M 124 8.90 -3.84 56.41
N PHE M 125 9.57 -4.47 57.38
CA PHE M 125 9.02 -5.67 57.99
C PHE M 125 7.71 -5.37 58.71
N ALA M 126 6.81 -6.34 58.71
CA ALA M 126 5.53 -6.22 59.39
C ALA M 126 5.66 -6.63 60.85
N LYS M 127 4.82 -6.04 61.69
CA LYS M 127 4.87 -6.23 63.13
C LYS M 127 3.62 -6.95 63.62
N PHE M 128 3.75 -7.57 64.79
CA PHE M 128 2.65 -8.27 65.43
C PHE M 128 2.96 -8.43 66.90
N THR M 129 1.95 -8.85 67.66
CA THR M 129 2.06 -9.02 69.10
C THR M 129 2.17 -10.49 69.44
N LYS M 130 3.12 -10.82 70.31
CA LYS M 130 3.39 -12.18 70.74
C LYS M 130 3.11 -12.31 72.23
N GLU M 131 2.68 -13.50 72.64
CA GLU M 131 2.36 -13.77 74.03
C GLU M 131 3.62 -14.03 74.83
N ALA M 132 3.71 -13.39 76.00
CA ALA M 132 4.91 -13.36 76.82
C ALA M 132 5.04 -14.53 77.80
N PRO M 133 3.98 -14.84 78.57
CA PRO M 133 4.15 -15.66 79.79
C PRO M 133 5.06 -16.86 79.65
N LEU M 134 4.85 -17.65 78.59
CA LEU M 134 5.64 -18.87 78.42
C LEU M 134 7.13 -18.55 78.37
N PHE M 135 7.50 -17.41 77.79
CA PHE M 135 8.89 -17.00 77.74
C PHE M 135 9.31 -16.26 79.00
N LEU M 136 8.40 -15.51 79.62
CA LEU M 136 8.76 -14.73 80.80
C LEU M 136 9.06 -15.63 81.98
N ARG M 137 8.41 -16.79 82.07
CA ARG M 137 8.73 -17.72 83.14
C ARG M 137 10.17 -18.22 83.03
N PHE M 138 10.53 -18.71 81.84
CA PHE M 138 11.90 -19.16 81.61
C PHE M 138 12.88 -18.03 81.81
N LEU M 139 12.51 -16.81 81.43
CA LEU M 139 13.40 -15.67 81.61
C LEU M 139 13.62 -15.37 83.08
N LYS M 140 12.55 -15.41 83.88
CA LYS M 140 12.70 -15.21 85.31
C LYS M 140 13.63 -16.26 85.91
N LEU M 141 13.46 -17.51 85.50
CA LEU M 141 14.35 -18.57 85.97
C LEU M 141 15.80 -18.26 85.62
N VAL M 142 16.06 -17.96 84.36
CA VAL M 142 17.43 -17.73 83.90
C VAL M 142 18.04 -16.53 84.62
N THR M 143 17.23 -15.50 84.86
CA THR M 143 17.76 -14.30 85.50
C THR M 143 18.03 -14.55 86.98
N ASP M 144 17.17 -15.32 87.65
CA ASP M 144 17.46 -15.68 89.03
C ASP M 144 18.70 -16.53 89.13
N VAL M 145 19.00 -17.31 88.09
CA VAL M 145 20.21 -18.12 88.10
C VAL M 145 21.44 -17.25 87.87
N GLU M 146 21.37 -16.35 86.89
CA GLU M 146 22.55 -15.58 86.50
C GLU M 146 22.85 -14.43 87.45
N GLY M 147 21.84 -13.82 88.04
CA GLY M 147 22.05 -12.71 88.95
C GLY M 147 21.81 -11.35 88.30
N ARG M 148 20.74 -11.25 87.52
CA ARG M 148 20.37 -9.97 86.90
C ARG M 148 18.85 -9.93 86.79
N GLN M 149 18.20 -9.30 87.77
CA GLN M 149 16.75 -9.21 87.79
C GLN M 149 16.22 -7.89 87.26
N GLU M 150 17.04 -6.84 87.27
CA GLU M 150 16.63 -5.57 86.66
C GLU M 150 16.24 -5.77 85.20
N ALA M 151 16.97 -6.62 84.50
CA ALA M 151 16.67 -6.88 83.09
C ALA M 151 15.30 -7.54 82.95
N PHE M 152 15.02 -8.54 83.79
CA PHE M 152 13.73 -9.20 83.74
C PHE M 152 12.61 -8.21 84.03
N ILE M 153 12.79 -7.37 85.05
CA ILE M 153 11.74 -6.41 85.42
C ILE M 153 11.49 -5.44 84.28
N GLN M 154 12.56 -4.89 83.71
CA GLN M 154 12.42 -3.95 82.61
C GLN M 154 11.74 -4.59 81.41
N PHE M 155 12.17 -5.81 81.06
CA PHE M 155 11.61 -6.47 79.89
C PHE M 155 10.15 -6.83 80.10
N ALA M 156 9.79 -7.21 81.33
CA ALA M 156 8.39 -7.55 81.60
C ALA M 156 7.51 -6.31 81.55
N LYS M 157 7.98 -5.20 82.12
CA LYS M 157 7.20 -3.97 82.04
C LYS M 157 7.10 -3.47 80.60
N ARG M 158 8.12 -3.76 79.78
CA ARG M 158 8.06 -3.40 78.37
C ARG M 158 7.08 -4.30 77.61
N CYS M 159 7.04 -5.58 77.97
CA CYS M 159 6.38 -6.59 77.18
C CYS M 159 4.93 -6.82 77.59
N GLU M 160 4.53 -6.38 78.78
CA GLU M 160 3.14 -6.55 79.19
C GLU M 160 2.20 -6.09 78.09
N ASN M 161 1.02 -6.70 78.05
CA ASN M 161 0.08 -6.54 76.95
C ASN M 161 0.65 -7.06 75.64
N GLY M 162 1.58 -8.00 75.72
CA GLY M 162 2.16 -8.61 74.54
C GLY M 162 3.39 -7.87 74.04
N LEU M 163 4.28 -8.64 73.42
CA LEU M 163 5.50 -8.09 72.84
C LEU M 163 5.24 -7.72 71.38
N THR M 164 5.35 -6.45 71.04
CA THR M 164 5.22 -5.99 69.67
C THR M 164 6.57 -6.09 68.98
N VAL M 165 6.64 -6.89 67.92
CA VAL M 165 7.91 -7.24 67.29
C VAL M 165 7.69 -7.53 65.82
N GLU M 166 8.76 -7.43 65.04
CA GLU M 166 8.72 -7.81 63.64
C GLU M 166 8.39 -9.29 63.52
N LYS M 167 7.58 -9.63 62.52
CA LYS M 167 6.96 -10.95 62.47
C LYS M 167 7.93 -12.02 61.99
N ASP M 168 8.61 -11.78 60.87
CA ASP M 168 9.43 -12.79 60.22
C ASP M 168 10.92 -12.61 60.51
N VAL M 169 11.26 -12.17 61.73
CA VAL M 169 12.65 -12.08 62.18
C VAL M 169 12.74 -12.93 63.43
N TYR M 170 13.14 -14.20 63.27
CA TYR M 170 13.15 -15.13 64.38
C TYR M 170 14.20 -16.19 64.13
N VAL M 171 14.41 -17.01 65.16
CA VAL M 171 15.27 -18.18 65.09
C VAL M 171 14.50 -19.35 65.67
N THR M 172 14.60 -20.51 65.03
CA THR M 172 13.86 -21.67 65.48
C THR M 172 14.53 -22.32 66.69
N LYS M 173 13.72 -23.08 67.42
CA LYS M 173 14.22 -23.76 68.61
C LYS M 173 15.33 -24.72 68.27
N LYS M 174 15.22 -25.42 67.13
CA LYS M 174 16.25 -26.37 66.73
C LYS M 174 17.57 -25.67 66.46
N GLU M 175 17.53 -24.57 65.72
CA GLU M 175 18.74 -23.80 65.45
C GLU M 175 19.36 -23.29 66.74
N LEU M 176 18.53 -22.78 67.65
CA LEU M 176 19.05 -22.27 68.92
C LEU M 176 19.69 -23.37 69.73
N VAL M 177 19.08 -24.56 69.75
CA VAL M 177 19.63 -25.68 70.51
C VAL M 177 20.96 -26.12 69.90
N ASP M 178 21.04 -26.17 68.58
CA ASP M 178 22.29 -26.50 67.93
C ASP M 178 23.38 -25.52 68.31
N CYS M 179 23.05 -24.22 68.28
CA CYS M 179 24.03 -23.20 68.65
C CYS M 179 24.50 -23.39 70.09
N LEU M 180 23.56 -23.57 71.02
CA LEU M 180 23.91 -23.78 72.41
C LEU M 180 24.84 -24.98 72.57
N TRP M 181 24.48 -26.10 71.93
CA TRP M 181 25.26 -27.32 72.08
C TRP M 181 26.67 -27.13 71.54
N LYS M 182 26.79 -26.56 70.35
CA LYS M 182 28.11 -26.41 69.75
C LYS M 182 28.93 -25.33 70.44
N ASN M 183 28.30 -24.45 71.20
CA ASN M 183 29.01 -23.40 71.90
C ASN M 183 29.25 -23.72 73.37
N GLY M 184 28.72 -24.84 73.87
CA GLY M 184 29.14 -25.37 75.14
C GLY M 184 28.20 -25.17 76.30
N TYR M 185 26.90 -24.98 76.05
CA TYR M 185 25.94 -24.90 77.13
C TYR M 185 25.61 -26.30 77.64
N THR M 186 25.39 -26.40 78.95
CA THR M 186 25.30 -27.69 79.59
C THR M 186 24.01 -28.42 79.21
N ASP M 187 24.04 -29.74 79.38
CA ASP M 187 22.89 -30.56 79.07
C ASP M 187 21.70 -30.18 79.93
N THR M 188 21.94 -29.76 81.17
CA THR M 188 20.84 -29.32 82.02
C THR M 188 20.11 -28.13 81.41
N GLU M 189 20.87 -27.12 80.97
CA GLU M 189 20.27 -25.94 80.37
C GLU M 189 19.55 -26.30 79.07
N ILE M 190 20.16 -27.17 78.27
CA ILE M 190 19.53 -27.55 77.01
C ILE M 190 18.21 -28.29 77.27
N ASN M 191 18.21 -29.20 78.25
CA ASN M 191 16.99 -29.92 78.59
C ASN M 191 15.94 -28.98 79.15
N ALA M 192 16.37 -27.96 79.91
CA ALA M 192 15.43 -26.95 80.37
C ALA M 192 14.77 -26.25 79.20
N PHE M 193 15.56 -25.80 78.22
CA PHE M 193 14.99 -25.22 77.01
C PHE M 193 13.98 -26.15 76.39
N GLU M 194 14.35 -27.42 76.22
CA GLU M 194 13.51 -28.37 75.52
C GLU M 194 12.17 -28.56 76.23
N ILE M 195 12.22 -28.76 77.56
CA ILE M 195 11.00 -29.02 78.29
C ILE M 195 10.16 -27.75 78.45
N ALA M 196 10.79 -26.58 78.36
CA ALA M 196 10.06 -25.33 78.57
C ALA M 196 9.33 -24.91 77.31
N PHE M 197 9.98 -25.00 76.15
CA PHE M 197 9.36 -24.44 74.96
C PHE M 197 8.89 -25.55 74.02
N PRO M 198 7.78 -25.34 73.31
CA PRO M 198 7.34 -26.32 72.32
C PRO M 198 8.34 -26.47 71.18
N ALA M 199 8.09 -27.46 70.33
CA ALA M 199 9.01 -27.73 69.23
C ALA M 199 8.91 -26.67 68.14
N ASP M 200 7.73 -26.10 67.93
CA ASP M 200 7.49 -25.12 66.88
C ASP M 200 7.57 -23.68 67.39
N TYR M 201 8.23 -23.47 68.52
CA TYR M 201 8.37 -22.12 69.04
C TYR M 201 9.38 -21.34 68.21
N LYS M 202 9.19 -20.02 68.15
CA LYS M 202 10.02 -19.14 67.36
C LYS M 202 10.50 -17.99 68.23
N PHE M 203 11.81 -17.93 68.45
CA PHE M 203 12.42 -16.91 69.29
C PHE M 203 12.76 -15.70 68.43
N HIS M 204 12.43 -14.51 68.93
CA HIS M 204 12.73 -13.26 68.25
C HIS M 204 13.92 -12.57 68.89
N TYR M 205 14.42 -11.56 68.20
CA TYR M 205 15.67 -10.94 68.61
C TYR M 205 15.59 -10.26 69.97
N PRO M 206 14.47 -9.66 70.39
CA PRO M 206 14.44 -9.11 71.75
C PRO M 206 14.53 -10.19 72.81
N GLU M 207 13.84 -11.30 72.59
CA GLU M 207 13.95 -12.44 73.50
C GLU M 207 15.38 -12.92 73.58
N LEU M 208 16.03 -13.11 72.43
CA LEU M 208 17.42 -13.57 72.43
C LEU M 208 18.32 -12.60 73.18
N ALA M 209 18.13 -11.30 72.95
CA ALA M 209 18.99 -10.30 73.57
C ALA M 209 18.82 -10.31 75.08
N VAL M 210 17.57 -10.29 75.55
CA VAL M 210 17.35 -10.26 76.98
C VAL M 210 17.73 -11.58 77.64
N LEU M 211 17.77 -12.67 76.87
CA LEU M 211 18.08 -13.98 77.45
C LEU M 211 19.57 -14.26 77.49
N PHE M 212 20.35 -13.66 76.58
CA PHE M 212 21.78 -13.91 76.52
C PHE M 212 22.62 -12.67 76.80
N ASP M 213 22.00 -11.58 77.23
CA ASP M 213 22.72 -10.35 77.56
C ASP M 213 23.51 -9.84 76.35
N LEU M 214 22.83 -9.76 75.22
CA LEU M 214 23.42 -9.28 73.98
C LEU M 214 22.63 -8.08 73.48
N THR M 215 23.05 -7.56 72.33
CA THR M 215 22.42 -6.39 71.72
C THR M 215 21.35 -6.82 70.72
N GLU M 216 20.23 -6.10 70.75
CA GLU M 216 19.14 -6.40 69.83
C GLU M 216 19.59 -6.26 68.37
N GLU M 217 20.54 -5.36 68.11
CA GLU M 217 21.06 -5.22 66.75
C GLU M 217 21.74 -6.51 66.29
N ASP M 218 22.63 -7.04 67.11
CA ASP M 218 23.32 -8.28 66.77
C ASP M 218 22.33 -9.44 66.64
N CYS M 219 21.36 -9.51 67.55
CA CYS M 219 20.37 -10.58 67.47
C CYS M 219 19.53 -10.46 66.20
N TYR M 220 19.20 -9.23 65.81
CA TYR M 220 18.46 -9.00 64.57
C TYR M 220 19.27 -9.47 63.37
N LYS M 221 20.55 -9.12 63.33
CA LYS M 221 21.39 -9.55 62.21
C LYS M 221 21.51 -11.07 62.15
N TYR M 222 21.66 -11.71 63.31
CA TYR M 222 21.74 -13.17 63.35
C TYR M 222 20.46 -13.80 62.84
N CYS M 223 19.31 -13.29 63.29
CA CYS M 223 18.03 -13.80 62.82
C CYS M 223 17.88 -13.62 61.31
N ILE M 224 18.33 -12.48 60.79
CA ILE M 224 18.22 -12.24 59.36
C ILE M 224 19.09 -13.21 58.58
N ARG M 225 20.30 -13.46 59.05
CA ARG M 225 21.17 -14.43 58.38
C ARG M 225 20.55 -15.82 58.41
N GLN M 226 19.97 -16.20 59.55
CA GLN M 226 19.39 -17.54 59.66
C GLN M 226 18.13 -17.67 58.81
N ARG M 227 17.42 -16.58 58.57
CA ARG M 227 16.27 -16.63 57.68
C ARG M 227 16.70 -16.67 56.22
N ALA M 228 17.75 -15.92 55.87
CA ALA M 228 18.27 -15.98 54.52
C ALA M 228 18.85 -17.35 54.20
N ALA M 229 19.34 -18.06 55.21
CA ALA M 229 19.80 -19.43 54.99
C ALA M 229 18.68 -20.32 54.47
N THR M 230 17.44 -20.00 54.81
CA THR M 230 16.25 -20.72 54.33
C THR M 230 15.35 -19.74 53.61
N PRO M 231 15.76 -19.27 52.42
CA PRO M 231 15.01 -18.21 51.74
C PRO M 231 13.82 -18.71 50.93
N GLU M 232 13.58 -20.02 50.91
CA GLU M 232 12.40 -20.53 50.23
C GLU M 232 11.13 -20.06 50.92
N GLU M 233 11.21 -19.74 52.21
CA GLU M 233 10.06 -19.25 52.96
C GLU M 233 9.92 -17.74 52.76
N LEU M 234 8.75 -17.32 52.33
CA LEU M 234 8.52 -15.90 52.11
C LEU M 234 8.37 -15.17 53.44
N VAL M 235 8.71 -13.90 53.43
CA VAL M 235 8.63 -13.05 54.60
C VAL M 235 7.55 -12.01 54.38
N GLU M 236 6.99 -11.54 55.48
CA GLU M 236 5.81 -10.68 55.46
C GLU M 236 6.23 -9.23 55.67
N LEU M 237 5.95 -8.38 54.69
CA LEU M 237 6.26 -6.97 54.70
C LEU M 237 4.98 -6.16 54.75
N LYS M 238 5.15 -4.87 55.05
CA LYS M 238 4.04 -3.95 54.98
C LYS M 238 3.62 -3.74 53.53
N TYR M 239 2.30 -3.70 53.30
CA TYR M 239 1.77 -3.50 51.97
C TYR M 239 1.91 -2.04 51.57
N THR M 240 2.37 -1.81 50.35
CA THR M 240 2.52 -0.48 49.79
C THR M 240 1.86 -0.44 48.42
N LYS M 241 1.11 0.62 48.16
CA LYS M 241 0.47 0.78 46.87
C LYS M 241 1.53 0.85 45.77
N PRO M 242 1.16 0.51 44.53
CA PRO M 242 2.09 0.69 43.42
C PRO M 242 2.50 2.15 43.26
N LYS M 243 3.58 2.36 42.52
CA LYS M 243 4.18 3.67 42.37
C LYS M 243 4.44 3.96 40.91
N ASN M 244 4.21 5.21 40.51
CA ASN M 244 4.58 5.71 39.18
C ASN M 244 3.71 5.07 38.10
N LEU M 245 2.44 4.84 38.42
CA LEU M 245 1.55 4.17 37.48
C LEU M 245 1.27 5.05 36.27
N VAL M 246 1.14 6.36 36.46
CA VAL M 246 0.82 7.25 35.36
C VAL M 246 1.98 7.32 34.37
N SER M 247 3.19 7.54 34.88
CA SER M 247 4.36 7.57 34.02
C SER M 247 4.58 6.22 33.35
N SER M 248 4.33 5.13 34.08
CA SER M 248 4.48 3.80 33.47
C SER M 248 3.46 3.60 32.36
N TYR M 249 2.24 4.09 32.54
CA TYR M 249 1.25 4.02 31.47
C TYR M 249 1.70 4.80 30.25
N GLY M 250 2.20 6.02 30.47
CA GLY M 250 2.72 6.79 29.35
C GLY M 250 3.81 6.07 28.60
N LEU M 251 4.77 5.51 29.33
CA LEU M 251 5.90 4.83 28.69
C LEU M 251 5.45 3.56 27.99
N CYS M 252 4.49 2.83 28.55
CA CYS M 252 3.99 1.63 27.89
C CYS M 252 3.21 1.97 26.63
N PHE M 253 2.43 3.07 26.67
CA PHE M 253 1.78 3.51 25.44
C PHE M 253 2.80 3.86 24.38
N LEU M 254 3.85 4.58 24.76
CA LEU M 254 4.91 4.90 23.82
C LEU M 254 5.53 3.63 23.25
N GLY M 255 5.76 2.65 24.12
CA GLY M 255 6.34 1.40 23.70
C GLY M 255 5.49 0.69 22.64
N VAL M 256 4.18 0.57 22.90
CA VAL M 256 3.32 -0.09 21.94
C VAL M 256 3.22 0.73 20.66
N TRP M 257 3.08 2.05 20.80
CA TRP M 257 2.96 2.93 19.64
C TRP M 257 4.16 2.82 18.71
N PHE M 258 5.35 2.63 19.27
CA PHE M 258 6.55 2.48 18.45
C PHE M 258 6.88 1.04 18.08
N GLY M 259 6.34 0.06 18.80
CA GLY M 259 6.74 -1.31 18.61
C GLY M 259 5.78 -2.17 17.80
N LEU M 260 4.51 -1.78 17.78
CA LEU M 260 3.50 -2.54 17.03
C LEU M 260 3.13 -1.87 15.71
N SER M 261 3.61 -0.66 15.46
CA SER M 261 3.41 0.00 14.18
C SER M 261 4.46 -0.48 13.18
N ASN M 262 4.37 -1.77 12.87
CA ASN M 262 5.34 -2.40 11.98
C ASN M 262 4.77 -3.71 11.47
N THR M 263 5.52 -4.37 10.60
CA THR M 263 5.16 -5.64 10.00
C THR M 263 6.03 -6.77 10.53
N VAL M 264 6.52 -6.64 11.76
CA VAL M 264 7.45 -7.61 12.32
C VAL M 264 6.75 -8.93 12.61
N LEU M 265 5.60 -8.86 13.27
CA LEU M 265 4.87 -10.06 13.66
C LEU M 265 4.10 -10.69 12.50
N SER M 266 4.30 -10.20 11.29
CA SER M 266 3.64 -10.73 10.10
C SER M 266 4.64 -11.00 8.98
N ASN M 267 5.92 -11.08 9.32
CA ASN M 267 6.99 -11.19 8.35
C ASN M 267 7.24 -12.62 7.91
N ALA M 268 7.72 -12.75 6.68
CA ALA M 268 8.24 -14.02 6.22
C ALA M 268 9.38 -14.49 7.11
N TRP M 269 10.23 -13.57 7.56
CA TRP M 269 11.26 -13.94 8.52
C TRP M 269 10.64 -14.52 9.78
N PHE M 270 9.64 -13.83 10.34
CA PHE M 270 8.94 -14.36 11.49
C PHE M 270 8.49 -15.79 11.24
N TYR M 271 7.62 -15.99 10.25
CA TYR M 271 7.01 -17.28 10.02
C TYR M 271 8.01 -18.36 9.63
N SER M 272 9.16 -17.99 9.08
CA SER M 272 10.13 -18.98 8.60
C SER M 272 11.21 -19.32 9.61
N LYS M 273 11.61 -18.37 10.44
CA LYS M 273 12.71 -18.57 11.38
C LYS M 273 12.27 -18.41 12.82
N THR M 274 11.56 -17.34 13.16
CA THR M 274 11.33 -17.01 14.55
C THR M 274 10.36 -17.99 15.19
N PHE M 275 9.26 -18.26 14.52
CA PHE M 275 8.26 -19.16 15.10
C PHE M 275 8.72 -20.60 14.99
N PRO M 276 9.27 -21.05 13.86
CA PRO M 276 9.73 -22.45 13.80
C PRO M 276 10.85 -22.76 14.76
N PHE M 277 11.93 -21.97 14.75
CA PHE M 277 13.04 -22.24 15.66
C PHE M 277 12.59 -22.16 17.11
N GLY M 278 11.86 -21.11 17.46
CA GLY M 278 11.42 -20.95 18.83
C GLY M 278 10.49 -22.08 19.27
N ALA M 279 9.55 -22.44 18.41
CA ALA M 279 8.61 -23.51 18.75
C ALA M 279 9.32 -24.85 18.86
N VAL M 280 10.31 -25.10 18.00
CA VAL M 280 11.06 -26.35 18.08
C VAL M 280 11.87 -26.40 19.37
N PHE M 281 12.54 -25.30 19.71
CA PHE M 281 13.26 -25.25 20.98
C PHE M 281 12.32 -25.47 22.15
N TYR M 282 11.15 -24.84 22.13
CA TYR M 282 10.20 -24.98 23.22
C TYR M 282 9.70 -26.41 23.34
N MET M 283 9.37 -27.05 22.21
CA MET M 283 8.89 -28.42 22.25
C MET M 283 9.97 -29.38 22.72
N LEU M 284 11.20 -29.23 22.22
CA LEU M 284 12.28 -30.09 22.67
C LEU M 284 12.55 -29.89 24.15
N GLY M 285 12.53 -28.64 24.62
CA GLY M 285 12.73 -28.40 26.04
C GLY M 285 11.63 -28.98 26.89
N SER M 286 10.39 -28.89 26.43
CA SER M 286 9.28 -29.46 27.18
C SER M 286 9.31 -30.98 27.19
N TYR M 287 9.84 -31.59 26.13
CA TYR M 287 9.84 -33.05 26.03
C TYR M 287 11.04 -33.68 26.71
N PHE M 288 12.19 -33.00 26.71
CA PHE M 288 13.40 -33.49 27.35
C PHE M 288 13.82 -32.57 28.49
N TYR M 289 12.84 -31.97 29.18
CA TYR M 289 13.15 -31.04 30.26
C TYR M 289 14.00 -31.71 31.33
N ARG M 290 13.68 -32.94 31.69
CA ARG M 290 14.35 -33.61 32.79
C ARG M 290 15.62 -34.34 32.36
N ASP M 291 15.62 -34.94 31.17
CA ASP M 291 16.82 -35.59 30.67
C ASP M 291 17.98 -34.62 30.61
N ILE M 292 17.73 -33.41 30.11
CA ILE M 292 18.77 -32.40 30.00
C ILE M 292 19.30 -32.04 31.38
N ARG M 293 18.40 -31.75 32.32
CA ARG M 293 18.82 -31.35 33.66
C ARG M 293 19.67 -32.44 34.31
N GLU M 294 19.23 -33.70 34.19
CA GLU M 294 19.97 -34.79 34.80
C GLU M 294 21.35 -34.95 34.15
N LYS M 295 21.41 -34.90 32.82
CA LYS M 295 22.68 -35.05 32.13
C LYS M 295 23.64 -33.92 32.50
N LEU M 296 23.12 -32.74 32.81
CA LEU M 296 23.97 -31.64 33.23
C LEU M 296 24.42 -31.79 34.67
N TRP M 297 23.51 -32.21 35.56
CA TRP M 297 23.80 -32.24 36.98
C TRP M 297 24.54 -33.49 37.43
N LYS M 298 24.70 -34.48 36.55
CA LYS M 298 25.41 -35.70 36.91
C LYS M 298 26.79 -35.39 37.50
N GLU M 299 27.57 -34.55 36.81
CA GLU M 299 28.94 -34.27 37.25
C GLU M 299 28.96 -33.57 38.59
N GLU M 300 28.10 -32.58 38.77
CA GLU M 300 28.07 -31.86 40.04
C GLU M 300 27.68 -32.78 41.19
N LYS M 301 26.69 -33.65 40.96
CA LYS M 301 26.30 -34.61 42.00
C LYS M 301 27.48 -35.50 42.36
N SER M 302 28.19 -36.01 41.35
CA SER M 302 29.33 -36.89 41.64
C SER M 302 30.40 -36.15 42.42
N LEU M 303 30.69 -34.90 42.05
CA LEU M 303 31.70 -34.13 42.75
C LEU M 303 31.32 -33.90 44.20
N ILE M 304 30.06 -33.54 44.45
CA ILE M 304 29.61 -33.30 45.81
C ILE M 304 29.71 -34.58 46.64
N HIS M 305 29.31 -35.71 46.06
CA HIS M 305 29.42 -36.97 46.76
C HIS M 305 30.87 -37.28 47.12
N THR M 306 31.79 -37.10 46.15
CA THR M 306 33.20 -37.35 46.41
C THR M 306 33.72 -36.47 47.53
N ALA M 307 33.40 -35.18 47.48
CA ALA M 307 33.88 -34.25 48.51
C ALA M 307 33.39 -34.66 49.88
N GLN M 308 32.10 -35.01 50.00
CA GLN M 308 31.56 -35.39 51.30
C GLN M 308 32.22 -36.67 51.81
N GLU M 309 32.42 -37.65 50.94
CA GLU M 309 33.07 -38.89 51.37
C GLU M 309 34.48 -38.62 51.87
N ASN M 310 35.24 -37.81 51.13
CA ASN M 310 36.60 -37.50 51.55
C ASN M 310 36.60 -36.80 52.92
N LYS M 311 35.73 -35.81 53.08
CA LYS M 311 35.64 -35.11 54.35
C LYS M 311 35.37 -36.08 55.49
N ASN M 312 34.38 -36.96 55.31
CA ASN M 312 34.00 -37.88 56.36
C ASN M 312 35.16 -38.81 56.72
N MET M 313 35.79 -39.43 55.71
CA MET M 313 36.83 -40.39 56.00
C MET M 313 38.02 -39.72 56.70
N GLY M 314 38.41 -38.53 56.25
CA GLY M 314 39.50 -37.83 56.89
C GLY M 314 39.20 -37.47 58.34
N GLU M 315 38.01 -36.91 58.57
CA GLU M 315 37.63 -36.57 59.93
C GLU M 315 37.65 -37.79 60.84
N GLU M 316 37.09 -38.90 60.37
CA GLU M 316 37.04 -40.11 61.19
C GLU M 316 38.45 -40.61 61.50
N SER M 317 39.32 -40.65 60.50
CA SER M 317 40.68 -41.12 60.74
C SER M 317 41.40 -40.26 61.76
N VAL M 318 41.32 -38.94 61.60
CA VAL M 318 41.99 -38.04 62.53
C VAL M 318 41.44 -38.23 63.94
N TYR M 319 40.12 -38.35 64.06
CA TYR M 319 39.49 -38.51 65.36
C TYR M 319 39.98 -39.78 66.05
N LYS M 320 39.97 -40.91 65.33
CA LYS M 320 40.38 -42.16 65.96
C LYS M 320 41.86 -42.16 66.31
N GLN M 321 42.69 -41.50 65.51
CA GLN M 321 44.12 -41.45 65.83
C GLN M 321 44.37 -40.60 67.07
N MET M 322 43.69 -39.45 67.18
CA MET M 322 43.83 -38.64 68.38
C MET M 322 43.31 -39.39 69.60
N LYS M 323 42.26 -40.20 69.42
CA LYS M 323 41.79 -41.02 70.52
C LYS M 323 42.86 -42.03 70.95
N LYS M 324 43.51 -42.66 69.98
CA LYS M 324 44.63 -43.54 70.30
C LYS M 324 45.67 -42.82 71.13
N TYR M 325 46.08 -41.63 70.70
CA TYR M 325 47.14 -40.89 71.36
C TYR M 325 46.65 -40.04 72.54
N ALA M 326 45.40 -40.24 72.97
CA ALA M 326 44.86 -39.39 74.03
C ALA M 326 45.51 -39.67 75.38
N THR M 327 46.02 -40.88 75.59
CA THR M 327 46.55 -41.30 76.89
C THR M 327 48.06 -41.12 76.99
N ASP M 328 48.62 -40.10 76.35
CA ASP M 328 50.04 -39.84 76.41
C ASP M 328 50.40 -38.71 77.38
N THR M 329 49.43 -38.23 78.16
CA THR M 329 49.68 -37.17 79.13
C THR M 329 49.90 -37.69 80.55
N LYS M 330 49.40 -38.88 80.87
CA LYS M 330 49.55 -39.43 82.20
C LYS M 330 50.96 -39.89 82.50
N CYS M 331 51.85 -39.94 81.50
CA CYS M 331 53.23 -40.30 81.76
C CYS M 331 53.85 -39.36 82.78
N LEU M 332 53.55 -38.06 82.67
CA LEU M 332 54.13 -37.09 83.57
C LEU M 332 53.67 -37.31 85.01
N ASP M 333 52.35 -37.35 85.22
CA ASP M 333 51.83 -37.55 86.57
C ASP M 333 52.17 -38.92 87.12
N TYR M 334 52.50 -39.90 86.27
CA TYR M 334 53.06 -41.14 86.78
C TYR M 334 54.50 -40.94 87.23
N LEU M 335 55.28 -40.19 86.47
CA LEU M 335 56.68 -39.94 86.81
C LEU M 335 56.78 -39.17 88.12
N MET N 1 40.21 -29.56 54.65
CA MET N 1 39.48 -28.41 55.26
C MET N 1 39.80 -27.11 54.54
N LEU N 2 38.89 -26.15 54.67
CA LEU N 2 39.04 -24.83 54.05
C LEU N 2 39.61 -23.83 55.03
N ASN N 3 40.15 -22.75 54.49
CA ASN N 3 40.67 -21.65 55.30
C ASN N 3 39.58 -20.59 55.49
N PHE N 4 38.50 -21.03 56.14
CA PHE N 4 37.34 -20.19 56.43
C PHE N 4 37.08 -20.29 57.94
N ILE N 5 37.49 -19.27 58.69
CA ILE N 5 37.33 -19.23 60.14
C ILE N 5 36.14 -18.34 60.46
N PRO N 6 35.11 -18.84 61.13
CA PRO N 6 33.94 -17.99 61.40
C PRO N 6 34.30 -16.83 62.32
N LYS N 7 33.75 -15.66 62.02
CA LYS N 7 33.90 -14.52 62.92
C LYS N 7 33.20 -14.82 64.25
N ARG N 8 33.89 -14.54 65.34
CA ARG N 8 33.34 -14.78 66.66
C ARG N 8 32.46 -13.64 67.16
N CYS N 9 32.16 -12.68 66.30
CA CYS N 9 31.21 -11.63 66.66
C CYS N 9 29.82 -12.23 66.84
N PRO N 10 29.04 -11.71 67.79
CA PRO N 10 27.70 -12.29 68.02
C PRO N 10 26.75 -12.14 66.85
N SER N 11 26.96 -11.16 65.98
CA SER N 11 26.12 -11.03 64.79
C SER N 11 26.31 -12.19 63.83
N VAL N 12 27.39 -12.97 63.99
CA VAL N 12 27.69 -14.09 63.12
C VAL N 12 27.61 -15.40 63.89
N SER N 13 28.46 -15.57 64.91
CA SER N 13 28.52 -16.77 65.72
C SER N 13 27.98 -16.40 67.09
N LEU N 14 26.66 -16.50 67.25
CA LEU N 14 26.04 -16.19 68.51
C LEU N 14 26.55 -17.13 69.60
N LEU N 15 26.96 -16.56 70.73
CA LEU N 15 27.32 -17.33 71.92
C LEU N 15 28.65 -18.08 71.75
N PHE N 16 29.64 -17.42 71.15
CA PHE N 16 30.91 -18.10 70.93
C PHE N 16 31.61 -18.42 72.25
N GLY N 17 31.93 -17.38 73.02
CA GLY N 17 32.71 -17.57 74.23
C GLY N 17 31.91 -17.43 75.50
N LYS N 18 30.60 -17.59 75.41
CA LYS N 18 29.76 -17.51 76.60
C LYS N 18 30.06 -18.64 77.57
N ARG N 19 30.50 -19.79 77.05
CA ARG N 19 30.91 -20.93 77.84
C ARG N 19 32.35 -21.30 77.51
N PRO N 20 33.01 -22.07 78.37
CA PRO N 20 34.43 -22.38 78.16
C PRO N 20 34.70 -23.59 77.27
N VAL N 21 33.70 -24.05 76.52
CA VAL N 21 33.84 -25.28 75.75
C VAL N 21 33.14 -25.13 74.40
N GLN N 22 33.67 -25.84 73.41
CA GLN N 22 33.05 -25.98 72.10
C GLN N 22 32.79 -27.46 71.83
N ARG N 23 31.79 -27.74 71.01
CA ARG N 23 31.43 -29.11 70.67
C ARG N 23 31.26 -29.23 69.16
N ILE N 24 31.55 -30.42 68.64
CA ILE N 24 31.45 -30.68 67.21
C ILE N 24 31.05 -32.12 66.98
N GLU N 25 30.39 -32.35 65.85
CA GLU N 25 30.07 -33.69 65.36
C GLU N 25 31.02 -34.06 64.24
N VAL N 26 31.52 -35.29 64.27
CA VAL N 26 32.60 -35.75 63.41
C VAL N 26 32.15 -36.97 62.65
N GLY N 27 32.39 -36.96 61.35
CA GLY N 27 32.18 -38.14 60.53
C GLY N 27 30.73 -38.40 60.18
N GLN N 28 30.52 -39.53 59.50
CA GLN N 28 29.16 -39.93 59.13
C GLN N 28 28.37 -40.38 60.35
N ALA N 29 29.04 -41.04 61.31
CA ALA N 29 28.37 -41.43 62.54
C ALA N 29 28.13 -40.25 63.47
N ARG N 30 28.78 -39.11 63.23
CA ARG N 30 28.55 -37.89 64.00
C ARG N 30 28.94 -38.11 65.46
N HIS N 31 30.16 -38.58 65.67
CA HIS N 31 30.71 -38.69 67.02
C HIS N 31 30.88 -37.31 67.63
N GLN N 32 30.62 -37.21 68.92
CA GLN N 32 30.75 -35.93 69.62
C GLN N 32 32.20 -35.72 70.05
N LEU N 33 32.65 -34.47 69.96
CA LEU N 33 33.97 -34.10 70.44
C LEU N 33 33.91 -32.72 71.08
N GLU N 34 34.48 -32.60 72.26
CA GLU N 34 34.55 -31.34 72.99
C GLU N 34 35.97 -30.80 72.95
N ILE N 35 36.08 -29.48 72.80
CA ILE N 35 37.36 -28.82 72.60
C ILE N 35 37.40 -27.57 73.48
N PRO N 36 38.51 -27.30 74.16
CA PRO N 36 38.58 -26.08 74.98
C PRO N 36 38.62 -24.81 74.13
N VAL N 37 37.86 -23.82 74.61
CA VAL N 37 37.73 -22.55 73.90
C VAL N 37 39.05 -21.84 73.78
N GLU N 38 40.01 -22.13 74.66
CA GLU N 38 41.34 -21.51 74.52
C GLU N 38 42.12 -22.15 73.38
N THR N 39 42.09 -23.49 73.32
CA THR N 39 42.65 -24.18 72.15
C THR N 39 42.06 -23.63 70.86
N ILE N 40 40.77 -23.29 70.89
CA ILE N 40 40.16 -22.71 69.69
C ILE N 40 40.66 -21.29 69.45
N GLU N 41 40.61 -20.44 70.47
CA GLU N 41 41.03 -19.05 70.34
C GLU N 41 42.45 -18.93 69.85
N LYS N 42 43.28 -19.97 70.05
CA LYS N 42 44.63 -19.92 69.51
C LYS N 42 44.63 -19.69 68.00
N ILE N 43 43.52 -19.97 67.31
CA ILE N 43 43.45 -19.78 65.86
C ILE N 43 43.29 -18.32 65.49
N TYR N 44 42.56 -17.57 66.31
CA TYR N 44 42.28 -16.17 65.98
C TYR N 44 43.49 -15.27 66.22
N GLU N 45 44.62 -15.83 66.64
CA GLU N 45 45.87 -15.08 66.65
C GLU N 45 46.55 -15.10 65.30
N GLY N 46 46.34 -16.16 64.53
CA GLY N 46 46.82 -16.23 63.17
C GLY N 46 45.81 -15.77 62.14
N VAL N 47 44.53 -15.74 62.53
CA VAL N 47 43.51 -15.21 61.64
C VAL N 47 43.92 -13.84 61.12
N ASP N 48 43.62 -13.60 59.84
CA ASP N 48 43.86 -12.33 59.19
C ASP N 48 42.53 -11.65 58.88
N SER N 49 42.38 -10.41 59.33
CA SER N 49 41.11 -9.71 59.22
C SER N 49 40.93 -8.97 57.90
N ARG N 50 42.02 -8.72 57.16
CA ARG N 50 41.88 -8.09 55.85
C ARG N 50 41.01 -8.92 54.93
N LEU N 51 41.01 -10.24 55.10
CA LEU N 51 40.30 -11.16 54.21
C LEU N 51 38.99 -11.60 54.87
N GLU N 52 37.90 -11.48 54.12
CA GLU N 52 36.59 -11.85 54.61
C GLU N 52 35.78 -12.39 53.44
N TYR N 53 35.20 -13.58 53.62
CA TYR N 53 34.52 -14.29 52.55
C TYR N 53 33.18 -14.80 53.04
N HIS N 54 32.38 -15.28 52.09
CA HIS N 54 31.11 -15.93 52.36
C HIS N 54 30.17 -15.01 53.16
N ASN N 55 29.80 -13.91 52.52
CA ASN N 55 28.96 -12.87 53.11
C ASN N 55 29.68 -12.11 54.21
N LYS N 56 31.01 -12.12 54.19
CA LYS N 56 31.82 -11.43 55.18
C LYS N 56 31.53 -11.96 56.58
N ASP N 57 31.41 -13.29 56.69
CA ASP N 57 31.26 -13.96 57.96
C ASP N 57 32.43 -14.87 58.30
N TYR N 58 33.36 -15.07 57.36
CA TYR N 58 34.49 -15.95 57.55
C TYR N 58 35.77 -15.20 57.17
N ASN N 59 36.72 -15.17 58.08
CA ASN N 59 38.05 -14.66 57.80
C ASN N 59 38.94 -15.81 57.32
N ALA N 60 40.17 -15.47 56.96
CA ALA N 60 41.15 -16.46 56.52
C ALA N 60 42.36 -16.41 57.43
N MET N 61 42.94 -17.59 57.68
CA MET N 61 44.18 -17.67 58.44
C MET N 61 45.36 -17.33 57.55
N LYS N 62 46.51 -17.14 58.19
CA LYS N 62 47.76 -17.02 57.46
C LYS N 62 48.20 -18.39 56.96
N TRP N 63 48.72 -18.42 55.74
CA TRP N 63 48.99 -19.70 55.08
C TRP N 63 49.95 -20.54 55.90
N LYS N 64 50.92 -19.92 56.56
CA LYS N 64 51.85 -20.66 57.40
C LYS N 64 51.11 -21.52 58.43
N ASP N 65 50.26 -20.87 59.23
CA ASP N 65 49.56 -21.57 60.28
C ASP N 65 48.56 -22.57 59.71
N PHE N 66 47.82 -22.16 58.68
CA PHE N 66 46.84 -23.06 58.08
C PHE N 66 47.51 -24.33 57.56
N MET N 67 48.68 -24.20 56.93
CA MET N 67 49.35 -25.37 56.39
C MET N 67 50.00 -26.21 57.49
N LYS N 68 50.46 -25.58 58.57
CA LYS N 68 50.89 -26.37 59.71
C LYS N 68 49.75 -27.25 60.23
N LEU N 69 48.57 -26.65 60.34
CA LEU N 69 47.39 -27.38 60.79
C LEU N 69 47.06 -28.53 59.83
N LYS N 70 47.03 -28.24 58.53
CA LYS N 70 46.78 -29.28 57.53
C LYS N 70 47.82 -30.39 57.62
N LEU N 71 49.09 -30.03 57.87
CA LEU N 71 50.14 -31.04 57.95
C LEU N 71 49.95 -31.94 59.16
N ASP N 72 49.56 -31.37 60.29
CA ASP N 72 49.29 -32.20 61.45
C ASP N 72 48.14 -33.16 61.15
N ALA N 73 47.08 -32.67 60.53
CA ALA N 73 45.97 -33.54 60.15
C ALA N 73 46.43 -34.67 59.22
N TYR N 74 47.23 -34.32 58.22
CA TYR N 74 47.69 -35.30 57.24
C TYR N 74 48.59 -36.34 57.89
N HIS N 75 49.44 -35.91 58.82
CA HIS N 75 50.30 -36.84 59.53
C HIS N 75 49.46 -37.82 60.34
N LEU N 76 48.48 -37.32 61.09
CA LEU N 76 47.61 -38.21 61.84
C LEU N 76 46.91 -39.20 60.91
N LEU N 77 46.42 -38.71 59.77
CA LEU N 77 45.67 -39.58 58.87
C LEU N 77 46.55 -40.67 58.28
N GLU N 78 47.76 -40.31 57.83
CA GLU N 78 48.64 -41.32 57.25
C GLU N 78 49.14 -42.30 58.31
N ALA N 79 49.31 -41.83 59.55
CA ALA N 79 49.64 -42.75 60.63
C ALA N 79 48.50 -43.74 60.87
N SER N 80 47.26 -43.25 60.84
CA SER N 80 46.12 -44.15 60.97
C SER N 80 46.09 -45.18 59.85
N GLN N 81 46.40 -44.74 58.63
CA GLN N 81 46.38 -45.66 57.49
C GLN N 81 47.49 -46.69 57.60
N SER N 82 48.66 -46.29 58.09
CA SER N 82 49.79 -47.20 58.22
C SER N 82 49.62 -48.09 59.44
N GLU N 83 50.41 -49.16 59.47
CA GLU N 83 50.40 -50.12 60.57
C GLU N 83 51.64 -50.06 61.44
N THR N 84 52.77 -49.63 60.90
CA THR N 84 54.00 -49.47 61.67
C THR N 84 54.03 -48.14 62.42
N ALA N 85 52.89 -47.49 62.57
CA ALA N 85 52.85 -46.20 63.26
C ALA N 85 53.27 -46.36 64.72
N ALA N 86 53.80 -45.28 65.28
CA ALA N 86 54.22 -45.29 66.67
C ALA N 86 53.00 -45.38 67.57
N LYS N 87 53.13 -46.16 68.65
CA LYS N 87 52.07 -46.30 69.62
C LYS N 87 51.91 -45.08 70.50
N SER N 88 52.76 -44.07 70.34
CA SER N 88 52.70 -42.86 71.14
C SER N 88 53.27 -41.70 70.33
N ALA N 89 52.84 -40.49 70.68
CA ALA N 89 53.32 -39.26 70.06
C ALA N 89 54.45 -38.61 70.85
N LEU N 90 55.20 -39.40 71.61
CA LEU N 90 56.28 -38.86 72.43
C LEU N 90 57.62 -39.01 71.74
N SER O 15 10.92 -4.66 -81.85
CA SER O 15 11.44 -3.60 -82.70
C SER O 15 12.37 -2.67 -81.90
N SER O 16 12.69 -3.07 -80.67
CA SER O 16 13.62 -2.31 -79.82
C SER O 16 14.55 -3.28 -79.12
N PRO O 17 15.34 -4.05 -79.89
CA PRO O 17 16.11 -5.13 -79.26
C PRO O 17 17.15 -4.63 -78.29
N HIS O 18 17.84 -3.54 -78.61
CA HIS O 18 18.88 -3.03 -77.74
C HIS O 18 18.31 -2.66 -76.37
N MET O 19 17.26 -1.85 -76.37
CA MET O 19 16.62 -1.46 -75.11
C MET O 19 16.10 -2.68 -74.36
N ASP O 20 15.41 -3.57 -75.06
CA ASP O 20 14.83 -4.74 -74.40
C ASP O 20 15.91 -5.56 -73.72
N ARG O 21 16.99 -5.86 -74.43
CA ARG O 21 18.03 -6.70 -73.88
C ARG O 21 18.80 -6.01 -72.77
N LEU O 22 18.98 -4.69 -72.87
CA LEU O 22 19.59 -3.94 -71.78
C LEU O 22 18.78 -4.09 -70.50
N LEU O 23 17.47 -3.80 -70.58
CA LEU O 23 16.64 -3.91 -69.39
C LEU O 23 16.61 -5.34 -68.86
N GLY O 24 16.55 -6.32 -69.77
CA GLY O 24 16.56 -7.70 -69.32
C GLY O 24 17.83 -8.08 -68.59
N ASP O 25 18.98 -7.68 -69.13
CA ASP O 25 20.24 -7.97 -68.47
C ASP O 25 20.31 -7.31 -67.10
N LEU O 26 19.80 -6.09 -66.98
CA LEU O 26 19.77 -5.43 -65.68
C LEU O 26 18.91 -6.21 -64.69
N LYS O 27 17.72 -6.61 -65.11
CA LYS O 27 16.86 -7.41 -64.25
C LYS O 27 17.56 -8.70 -63.82
N LEU O 28 18.28 -9.33 -64.74
CA LEU O 28 18.93 -10.60 -64.42
C LEU O 28 20.09 -10.40 -63.45
N LEU O 29 20.82 -9.30 -63.59
CA LEU O 29 21.85 -8.98 -62.60
C LEU O 29 21.24 -8.80 -61.21
N ALA O 30 20.15 -8.04 -61.14
CA ALA O 30 19.47 -7.87 -59.86
C ALA O 30 19.01 -9.20 -59.29
N ALA O 31 18.49 -10.08 -60.16
CA ALA O 31 18.02 -11.39 -59.69
C ALA O 31 19.17 -12.23 -59.19
N TYR O 32 20.32 -12.19 -59.87
CA TYR O 32 21.49 -12.92 -59.41
C TYR O 32 21.92 -12.44 -58.03
N ASP O 33 21.95 -11.12 -57.83
CA ASP O 33 22.32 -10.59 -56.53
C ASP O 33 21.34 -11.03 -55.44
N SER O 34 20.04 -10.95 -55.73
CA SER O 34 19.04 -11.34 -54.75
C SER O 34 19.14 -12.82 -54.40
N ALA O 35 19.34 -13.67 -55.41
CA ALA O 35 19.46 -15.10 -55.16
C ALA O 35 20.72 -15.42 -54.39
N ALA O 36 21.81 -14.69 -54.64
CA ALA O 36 22.99 -14.87 -53.83
C ALA O 36 22.73 -14.50 -52.38
N GLY O 37 22.02 -13.40 -52.16
CA GLY O 37 21.70 -12.99 -50.80
C GLY O 37 20.83 -14.01 -50.09
N TRP O 38 19.91 -14.63 -50.82
CA TRP O 38 18.98 -15.59 -50.23
C TRP O 38 19.46 -17.04 -50.35
N GLN O 39 20.66 -17.27 -50.84
CA GLN O 39 21.24 -18.61 -50.93
C GLN O 39 20.41 -19.52 -51.83
N GLU O 40 20.33 -19.14 -53.11
CA GLU O 40 19.52 -19.85 -54.10
C GLU O 40 20.36 -20.15 -55.36
N PRO O 41 21.12 -21.25 -55.33
CA PRO O 41 21.91 -21.61 -56.52
C PRO O 41 21.07 -21.87 -57.75
N LYS O 42 19.91 -22.51 -57.58
CA LYS O 42 19.05 -22.81 -58.73
C LYS O 42 18.63 -21.52 -59.43
N ALA O 43 18.14 -20.55 -58.65
CA ALA O 43 17.69 -19.29 -59.24
C ALA O 43 18.85 -18.53 -59.88
N MET O 44 19.99 -18.46 -59.21
CA MET O 44 21.08 -17.68 -59.77
C MET O 44 21.66 -18.33 -61.03
N GLU O 45 21.67 -19.66 -61.10
CA GLU O 45 22.11 -20.32 -62.33
C GLU O 45 21.08 -20.13 -63.45
N SER O 46 19.79 -20.14 -63.11
CA SER O 46 18.77 -19.82 -64.09
C SER O 46 19.01 -18.44 -64.69
N ALA O 47 19.29 -17.46 -63.83
CA ALA O 47 19.59 -16.12 -64.31
C ALA O 47 20.82 -16.12 -65.23
N PHE O 48 21.92 -16.69 -64.76
CA PHE O 48 23.14 -16.72 -65.55
C PHE O 48 22.89 -17.34 -66.92
N GLN O 49 22.10 -18.41 -66.98
CA GLN O 49 21.80 -19.05 -68.25
C GLN O 49 20.92 -18.15 -69.12
N SER O 50 19.99 -17.43 -68.52
CA SER O 50 19.11 -16.56 -69.27
C SER O 50 19.75 -15.22 -69.64
N LEU O 51 21.00 -14.99 -69.27
CA LEU O 51 21.65 -13.69 -69.51
C LEU O 51 22.15 -13.55 -70.95
N SER O 52 21.23 -13.73 -71.90
CA SER O 52 21.42 -13.32 -73.28
C SER O 52 22.85 -13.46 -73.78
N TRP O 53 23.34 -14.68 -73.91
CA TRP O 53 24.69 -14.94 -74.38
C TRP O 53 24.77 -15.08 -75.90
N ASP O 54 23.65 -14.98 -76.62
CA ASP O 54 23.60 -15.25 -78.05
C ASP O 54 23.39 -13.98 -78.86
N ASP O 55 24.05 -12.89 -78.46
CA ASP O 55 23.97 -11.62 -79.18
C ASP O 55 25.25 -11.44 -79.98
N ALA O 56 25.12 -11.51 -81.32
CA ALA O 56 26.30 -11.44 -82.18
C ALA O 56 27.01 -10.11 -82.05
N ASP O 57 26.26 -9.01 -81.90
CA ASP O 57 26.89 -7.70 -81.78
C ASP O 57 27.79 -7.62 -80.55
N VAL O 58 27.26 -8.04 -79.40
CA VAL O 58 28.04 -7.99 -78.18
C VAL O 58 29.21 -8.97 -78.26
N LEU O 59 28.98 -10.13 -78.87
CA LEU O 59 30.07 -11.10 -79.01
C LEU O 59 31.20 -10.52 -79.85
N LYS O 60 30.86 -9.77 -80.90
CA LYS O 60 31.86 -9.19 -81.76
C LYS O 60 32.55 -7.99 -81.10
N ALA O 61 31.85 -7.29 -80.23
CA ALA O 61 32.43 -6.16 -79.53
C ALA O 61 33.29 -6.57 -78.33
N LEU O 62 33.08 -7.76 -77.80
CA LEU O 62 33.83 -8.23 -76.63
C LEU O 62 35.34 -8.10 -76.84
N PRO O 63 35.92 -8.71 -77.88
CA PRO O 63 37.37 -8.58 -78.07
C PRO O 63 37.82 -7.16 -78.35
N GLN O 64 36.93 -6.33 -78.90
CA GLN O 64 37.28 -4.93 -79.10
C GLN O 64 37.39 -4.20 -77.76
N TYR O 65 36.45 -4.44 -76.85
CA TYR O 65 36.55 -3.84 -75.53
C TYR O 65 37.77 -4.36 -74.78
N LEU O 66 38.07 -5.65 -74.91
CA LEU O 66 39.23 -6.20 -74.21
C LEU O 66 40.54 -5.57 -74.66
N ASN O 67 40.54 -4.80 -75.76
CA ASN O 67 41.74 -4.18 -76.27
C ASN O 67 41.61 -2.67 -76.44
N CYS O 68 40.45 -2.09 -76.13
CA CYS O 68 40.29 -0.65 -76.23
C CYS O 68 41.16 0.05 -75.20
N ARG O 69 41.24 1.37 -75.33
CA ARG O 69 42.09 2.17 -74.45
C ARG O 69 41.77 3.64 -74.64
N GLY O 70 41.73 4.37 -73.53
CA GLY O 70 41.63 5.82 -73.57
C GLY O 70 40.21 6.31 -73.28
N GLU O 71 39.75 7.26 -74.09
CA GLU O 71 38.50 7.95 -73.80
C GLU O 71 37.30 7.02 -73.90
N GLN O 72 37.26 6.17 -74.91
CA GLN O 72 36.16 5.23 -75.05
C GLN O 72 36.09 4.29 -73.85
N LYS O 73 37.25 3.76 -73.44
CA LYS O 73 37.27 2.88 -72.29
C LYS O 73 36.83 3.62 -71.02
N ARG O 74 37.24 4.88 -70.88
CA ARG O 74 36.85 5.63 -69.69
C ARG O 74 35.34 5.89 -69.67
N ARG O 75 34.76 6.22 -70.82
CA ARG O 75 33.31 6.38 -70.89
C ARG O 75 32.60 5.10 -70.50
N VAL O 76 33.03 3.97 -71.07
CA VAL O 76 32.36 2.70 -70.81
C VAL O 76 32.50 2.33 -69.33
N ASP O 77 33.67 2.56 -68.75
CA ASP O 77 33.87 2.23 -67.35
C ASP O 77 33.06 3.14 -66.44
N PHE O 78 32.92 4.41 -66.81
CA PHE O 78 32.05 5.32 -66.06
C PHE O 78 30.61 4.82 -66.07
N ALA O 79 30.13 4.41 -67.24
CA ALA O 79 28.76 3.91 -67.33
C ALA O 79 28.60 2.62 -66.54
N TYR O 80 29.60 1.73 -66.61
CA TYR O 80 29.49 0.48 -65.87
C TYR O 80 29.59 0.68 -64.37
N ALA O 81 30.28 1.74 -63.93
CA ALA O 81 30.29 2.04 -62.51
C ALA O 81 28.99 2.69 -62.08
N ALA O 82 28.36 3.44 -62.97
CA ALA O 82 27.03 3.95 -62.68
C ALA O 82 26.02 2.81 -62.50
N LEU O 83 26.11 1.79 -63.35
CA LEU O 83 25.13 0.71 -63.28
C LEU O 83 25.48 -0.29 -62.17
N CYS O 84 26.73 -0.73 -62.11
CA CYS O 84 27.17 -1.78 -61.19
C CYS O 84 28.46 -1.32 -60.52
N PRO O 85 28.37 -0.49 -59.48
CA PRO O 85 29.58 0.03 -58.84
C PRO O 85 30.28 -0.92 -57.91
N ARG O 86 29.61 -1.99 -57.50
CA ARG O 86 30.20 -2.91 -56.54
C ARG O 86 31.31 -3.73 -57.20
N PRO O 87 32.48 -3.84 -56.59
CA PRO O 87 33.56 -4.63 -57.20
C PRO O 87 33.32 -6.12 -57.00
N VAL O 88 33.22 -6.86 -58.11
CA VAL O 88 32.99 -8.30 -58.01
C VAL O 88 34.27 -8.98 -57.51
N ASP O 89 34.07 -10.17 -56.94
CA ASP O 89 35.20 -10.94 -56.45
C ASP O 89 36.07 -11.39 -57.62
N GLU O 90 37.37 -11.15 -57.52
CA GLU O 90 38.30 -11.49 -58.59
C GLU O 90 38.43 -12.98 -58.81
N LYS O 91 37.72 -13.80 -58.03
CA LYS O 91 37.81 -15.25 -58.12
C LYS O 91 36.55 -15.91 -58.67
N ASP O 92 35.45 -15.15 -58.84
CA ASP O 92 34.20 -15.73 -59.28
C ASP O 92 34.05 -15.56 -60.79
N PRO O 93 34.29 -16.61 -61.59
CA PRO O 93 34.24 -16.44 -63.04
C PRO O 93 32.87 -16.08 -63.56
N LYS O 94 31.80 -16.53 -62.92
CA LYS O 94 30.46 -16.16 -63.37
C LYS O 94 30.23 -14.66 -63.28
N GLN O 95 30.55 -14.08 -62.13
CA GLN O 95 30.47 -12.63 -61.99
C GLN O 95 31.36 -11.92 -62.99
N THR O 96 32.60 -12.40 -63.12
CA THR O 96 33.52 -11.78 -64.07
C THR O 96 32.94 -11.79 -65.48
N LEU O 97 32.33 -12.90 -65.89
CA LEU O 97 31.81 -13.02 -67.24
C LEU O 97 30.60 -12.15 -67.46
N MET O 98 29.70 -12.08 -66.48
CA MET O 98 28.55 -11.20 -66.61
C MET O 98 28.99 -9.74 -66.69
N SER O 99 29.99 -9.37 -65.90
CA SER O 99 30.53 -8.02 -66.00
C SER O 99 31.10 -7.75 -67.38
N LEU O 100 31.90 -8.68 -67.90
CA LEU O 100 32.45 -8.52 -69.24
C LEU O 100 31.36 -8.37 -70.28
N TRP O 101 30.28 -9.15 -70.15
CA TRP O 101 29.20 -9.09 -71.12
C TRP O 101 28.50 -7.74 -71.08
N MET O 102 28.20 -7.24 -69.88
CA MET O 102 27.58 -5.94 -69.76
C MET O 102 28.48 -4.85 -70.33
N LYS O 103 29.77 -4.91 -70.04
CA LYS O 103 30.70 -3.92 -70.57
C LYS O 103 30.77 -3.98 -72.09
N ALA O 104 30.73 -5.18 -72.66
CA ALA O 104 30.77 -5.30 -74.11
C ALA O 104 29.51 -4.74 -74.74
N ARG O 105 28.36 -4.97 -74.12
CA ARG O 105 27.12 -4.39 -74.61
C ARG O 105 27.20 -2.86 -74.60
N LEU O 106 27.67 -2.30 -73.49
CA LEU O 106 27.82 -0.84 -73.43
C LEU O 106 28.80 -0.33 -74.46
N PHE O 107 29.88 -1.09 -74.70
CA PHE O 107 30.86 -0.68 -75.69
C PHE O 107 30.26 -0.67 -77.09
N SER O 108 29.44 -1.66 -77.41
CA SER O 108 28.75 -1.68 -78.69
C SER O 108 27.85 -0.46 -78.84
N TYR O 109 27.02 -0.21 -77.84
CA TYR O 109 26.14 0.96 -77.89
C TYR O 109 26.94 2.23 -78.07
N ASP O 110 28.09 2.34 -77.39
CA ASP O 110 28.88 3.56 -77.45
C ASP O 110 29.52 3.74 -78.83
N GLN O 111 30.10 2.68 -79.38
CA GLN O 111 30.75 2.81 -80.67
C GLN O 111 29.74 2.99 -81.80
N LYS O 112 28.48 2.60 -81.59
CA LYS O 112 27.45 2.97 -82.55
C LYS O 112 27.03 4.42 -82.38
N HIS O 113 26.61 4.79 -81.17
CA HIS O 113 26.27 6.18 -80.84
C HIS O 113 26.93 6.53 -79.52
N PRO O 114 27.97 7.38 -79.51
CA PRO O 114 28.69 7.65 -78.26
C PRO O 114 27.78 8.16 -77.16
N PHE O 115 28.27 8.06 -75.92
CA PHE O 115 27.55 8.51 -74.76
C PHE O 115 27.84 9.98 -74.46
N VAL O 116 26.86 10.64 -73.85
CA VAL O 116 26.98 12.01 -73.41
C VAL O 116 26.62 12.02 -71.93
N LEU O 117 27.64 11.95 -71.07
CA LEU O 117 27.45 11.73 -69.65
C LEU O 117 27.34 13.01 -68.84
N SER O 118 27.72 14.14 -69.43
CA SER O 118 27.71 15.40 -68.70
C SER O 118 26.30 15.98 -68.66
N PRO O 119 25.86 16.50 -67.52
CA PRO O 119 24.59 17.24 -67.50
C PRO O 119 24.61 18.48 -68.37
N PHE O 120 25.76 19.13 -68.48
CA PHE O 120 25.92 20.29 -69.36
C PHE O 120 26.13 19.78 -70.78
N ALA O 121 25.30 20.24 -71.70
CA ALA O 121 25.35 19.76 -73.07
C ALA O 121 24.39 20.57 -73.93
N ALA O 122 24.68 20.62 -75.22
CA ALA O 122 23.83 21.32 -76.18
C ALA O 122 24.24 20.99 -77.61
N GLY P 2 15.89 -12.71 34.87
CA GLY P 2 15.28 -11.40 34.81
C GLY P 2 14.27 -11.17 35.92
N PHE P 3 14.06 -9.92 36.29
CA PHE P 3 13.09 -9.57 37.31
C PHE P 3 13.01 -8.06 37.46
N HIS P 4 11.91 -7.60 38.03
CA HIS P 4 11.71 -6.21 38.42
C HIS P 4 11.57 -5.28 37.21
N PHE P 5 10.94 -5.80 36.16
CA PHE P 5 10.69 -4.98 34.98
C PHE P 5 9.79 -3.80 35.29
N GLN P 6 8.78 -4.01 36.12
CA GLN P 6 7.91 -2.92 36.54
C GLN P 6 8.69 -1.84 37.28
N GLN P 7 9.59 -2.26 38.17
CA GLN P 7 10.44 -1.29 38.85
C GLN P 7 11.32 -0.54 37.87
N TYR P 8 11.78 -1.22 36.82
CA TYR P 8 12.60 -0.53 35.82
C TYR P 8 11.80 0.51 35.06
N ILE P 9 10.58 0.18 34.67
CA ILE P 9 9.70 1.15 34.02
C ILE P 9 9.47 2.35 34.94
N ALA P 10 9.24 2.08 36.23
CA ALA P 10 9.02 3.17 37.18
C ALA P 10 10.26 4.04 37.32
N MET P 11 11.44 3.42 37.29
CA MET P 11 12.68 4.18 37.35
C MET P 11 12.82 5.10 36.14
N ALA P 12 12.49 4.58 34.96
CA ALA P 12 12.53 5.42 33.77
C ALA P 12 11.55 6.58 33.88
N GLY P 13 10.36 6.32 34.41
CA GLY P 13 9.39 7.39 34.60
C GLY P 13 9.91 8.48 35.53
N ARG P 14 10.44 8.07 36.69
CA ARG P 14 11.01 9.03 37.61
C ARG P 14 12.15 9.81 36.97
N ALA P 15 12.95 9.13 36.15
CA ALA P 15 14.07 9.80 35.51
C ALA P 15 13.60 10.88 34.53
N ILE P 16 12.54 10.59 33.77
CA ILE P 16 12.04 11.60 32.85
C ILE P 16 11.29 12.71 33.56
N ASN P 17 10.77 12.45 34.76
CA ASN P 17 10.07 13.51 35.48
C ASN P 17 11.03 14.66 35.80
N PRO P 18 10.72 15.90 35.40
CA PRO P 18 11.68 16.98 35.64
C PRO P 18 11.95 17.28 37.10
N VAL P 19 10.95 17.22 37.97
CA VAL P 19 11.15 17.48 39.39
C VAL P 19 12.29 16.62 39.91
N GLN P 20 12.35 15.36 39.46
CA GLN P 20 13.46 14.49 39.84
C GLN P 20 14.79 15.02 39.34
N TRP P 21 14.79 15.83 38.27
CA TRP P 21 16.03 16.45 37.83
C TRP P 21 16.55 17.42 38.88
N THR P 22 15.67 18.25 39.45
CA THR P 22 16.08 19.14 40.52
C THR P 22 16.50 18.36 41.75
N ARG P 23 15.77 17.29 42.08
CA ARG P 23 16.14 16.47 43.23
C ARG P 23 17.54 15.90 43.04
N ALA P 24 17.86 15.41 41.84
CA ALA P 24 19.18 14.87 41.58
C ALA P 24 20.24 15.97 41.58
N TRP P 25 19.89 17.16 41.09
CA TRP P 25 20.82 18.29 41.16
C TRP P 25 21.19 18.59 42.60
N ARG P 26 20.20 18.55 43.49
CA ARG P 26 20.50 18.77 44.91
C ARG P 26 21.31 17.63 45.50
N ARG P 27 20.99 16.39 45.13
CA ARG P 27 21.71 15.24 45.66
C ARG P 27 23.16 15.22 45.20
N MET P 28 23.45 15.76 44.02
CA MET P 28 24.81 15.75 43.50
C MET P 28 25.73 16.74 44.21
N GLU P 29 25.23 17.46 45.22
CA GLU P 29 26.09 18.35 45.98
C GLU P 29 27.06 17.53 46.82
N GLY P 30 28.35 17.79 46.65
CA GLY P 30 29.36 17.02 47.34
C GLY P 30 29.35 15.57 46.91
N LYS P 31 29.65 15.32 45.64
CA LYS P 31 29.62 13.99 45.08
C LYS P 31 30.62 13.91 43.95
N SER P 32 31.12 12.70 43.69
CA SER P 32 32.17 12.48 42.72
C SER P 32 31.71 11.52 41.63
N ALA P 33 32.31 11.67 40.45
CA ALA P 33 31.98 10.79 39.34
C ALA P 33 32.35 9.35 39.66
N THR P 34 33.46 9.15 40.36
CA THR P 34 33.82 7.80 40.79
C THR P 34 32.74 7.20 41.67
N GLU P 35 32.21 7.99 42.60
CA GLU P 35 31.16 7.49 43.47
C GLU P 35 29.90 7.15 42.68
N VAL P 36 29.51 8.03 41.75
CA VAL P 36 28.32 7.76 40.94
C VAL P 36 28.50 6.47 40.14
N TYR P 37 29.65 6.33 39.50
CA TYR P 37 29.91 5.14 38.69
C TYR P 37 29.91 3.88 39.54
N ARG P 38 30.53 3.95 40.71
CA ARG P 38 30.57 2.78 41.59
C ARG P 38 29.17 2.42 42.07
N ASP P 39 28.35 3.42 42.36
CA ASP P 39 26.98 3.14 42.79
C ASP P 39 26.19 2.46 41.69
N ALA P 40 26.29 2.97 40.46
CA ALA P 40 25.56 2.34 39.36
C ALA P 40 26.03 0.92 39.11
N LEU P 41 27.36 0.71 39.12
CA LEU P 41 27.89 -0.63 38.93
C LEU P 41 27.43 -1.57 40.04
N ALA P 42 27.39 -1.06 41.27
CA ALA P 42 26.93 -1.89 42.39
C ALA P 42 25.46 -2.23 42.26
N TRP P 43 24.64 -1.31 41.76
CA TRP P 43 23.24 -1.60 41.55
C TRP P 43 23.05 -2.70 40.51
N THR P 44 23.78 -2.59 39.40
CA THR P 44 23.69 -3.62 38.37
C THR P 44 24.15 -4.98 38.90
N ASN P 45 25.25 -4.98 39.64
CA ASN P 45 25.75 -6.22 40.22
C ASN P 45 24.76 -6.80 41.20
N ASN P 46 24.07 -5.95 41.97
CA ASN P 46 23.09 -6.44 42.91
C ASN P 46 21.94 -7.12 42.18
N GLN P 47 21.49 -6.53 41.07
CA GLN P 47 20.46 -7.18 40.27
C GLN P 47 20.90 -8.55 39.79
N PHE P 48 22.08 -8.61 39.15
CA PHE P 48 22.53 -9.89 38.60
C PHE P 48 22.81 -10.92 39.69
N ALA P 49 23.26 -10.47 40.86
CA ALA P 49 23.49 -11.39 41.97
C ALA P 49 22.19 -11.92 42.55
N GLN P 50 21.17 -11.05 42.65
CA GLN P 50 19.85 -11.53 43.02
C GLN P 50 19.40 -12.64 42.09
N ILE P 51 19.57 -12.42 40.78
CA ILE P 51 19.19 -13.45 39.82
C ILE P 51 19.95 -14.75 40.10
N SER P 52 21.27 -14.66 40.14
CA SER P 52 22.09 -15.86 40.30
C SER P 52 21.73 -16.62 41.57
N ARG P 53 21.45 -15.91 42.66
CA ARG P 53 21.14 -16.58 43.91
C ARG P 53 19.73 -17.17 43.89
N ALA P 54 18.73 -16.39 43.50
CA ALA P 54 17.34 -16.81 43.64
C ALA P 54 16.91 -17.80 42.56
N SER P 55 17.62 -17.88 41.44
CA SER P 55 17.26 -18.86 40.43
C SER P 55 17.50 -20.29 40.91
N GLN P 56 18.27 -20.47 41.98
CA GLN P 56 18.57 -21.81 42.46
C GLN P 56 17.38 -22.46 43.15
N TYR P 57 16.50 -21.65 43.76
CA TYR P 57 15.41 -22.18 44.57
C TYR P 57 14.05 -21.59 44.26
N ARG P 58 13.97 -20.51 43.50
CA ARG P 58 12.70 -19.82 43.29
C ARG P 58 12.36 -19.76 41.80
N ALA P 59 11.07 -19.72 41.52
CA ALA P 59 10.55 -19.69 40.16
C ALA P 59 9.57 -18.54 40.02
N TRP P 60 9.78 -17.72 38.99
CA TRP P 60 8.90 -16.60 38.72
C TRP P 60 7.65 -17.05 37.97
N TRP P 61 6.68 -16.15 37.88
CA TRP P 61 5.44 -16.45 37.18
C TRP P 61 5.67 -16.79 35.70
N TRP P 62 6.77 -16.30 35.12
CA TRP P 62 7.08 -16.53 33.73
C TRP P 62 7.97 -17.75 33.50
N GLN P 63 8.18 -18.56 34.53
CA GLN P 63 9.04 -19.73 34.37
C GLN P 63 8.51 -20.64 33.26
N ASN P 64 9.41 -21.17 32.47
CA ASN P 64 9.07 -21.96 31.30
C ASN P 64 10.20 -22.93 31.04
N PRO P 65 9.97 -23.95 30.20
CA PRO P 65 11.03 -24.92 29.92
C PRO P 65 12.29 -24.34 29.33
N LEU P 66 12.29 -23.07 28.91
CA LEU P 66 13.49 -22.40 28.46
C LEU P 66 14.02 -21.41 29.47
N GLY P 67 13.34 -21.23 30.61
CA GLY P 67 13.86 -20.41 31.67
C GLY P 67 13.97 -18.94 31.31
N MET P 68 15.00 -18.30 31.84
CA MET P 68 15.23 -16.89 31.61
C MET P 68 15.68 -16.58 30.19
N GLY P 69 16.04 -17.59 29.42
CA GLY P 69 16.38 -17.35 28.03
C GLY P 69 15.25 -16.70 27.26
N LEU P 70 14.01 -17.12 27.54
CA LEU P 70 12.87 -16.54 26.85
C LEU P 70 12.63 -15.10 27.28
N VAL P 71 12.80 -14.81 28.56
CA VAL P 71 12.63 -13.44 29.04
C VAL P 71 13.70 -12.53 28.43
N LEU P 72 14.93 -13.03 28.30
CA LEU P 72 15.98 -12.24 27.71
C LEU P 72 15.74 -12.03 26.22
N TYR P 73 15.30 -13.08 25.51
CA TYR P 73 14.93 -12.91 24.11
C TYR P 73 13.80 -11.90 23.96
N GLY P 74 12.84 -11.92 24.88
CA GLY P 74 11.74 -10.98 24.81
C GLY P 74 12.20 -9.55 25.04
N THR P 75 13.09 -9.35 26.00
CA THR P 75 13.70 -8.04 26.18
C THR P 75 14.39 -7.57 24.91
N TYR P 76 15.18 -8.45 24.28
CA TYR P 76 15.87 -8.09 23.06
C TYR P 76 14.89 -7.75 21.95
N LYS P 77 13.85 -8.55 21.77
CA LYS P 77 12.89 -8.32 20.71
C LYS P 77 12.12 -7.03 20.92
N ALA P 78 11.78 -6.72 22.18
CA ALA P 78 11.12 -5.46 22.48
C ALA P 78 12.04 -4.28 22.16
N TRP P 79 13.29 -4.35 22.58
CA TRP P 79 14.24 -3.31 22.24
C TRP P 79 14.33 -3.13 20.73
N HIS P 80 14.45 -4.25 20.01
CA HIS P 80 14.53 -4.20 18.56
C HIS P 80 13.33 -3.46 17.98
N MET P 81 12.14 -3.97 18.23
CA MET P 81 10.94 -3.40 17.62
C MET P 81 10.70 -1.97 18.06
N ILE P 82 11.16 -1.58 19.23
CA ILE P 82 10.87 -0.24 19.74
C ILE P 82 11.86 0.79 19.21
N TYR P 83 13.15 0.43 19.10
CA TYR P 83 14.19 1.37 18.73
C TYR P 83 14.68 1.16 17.31
N MET P 84 15.10 -0.06 16.97
CA MET P 84 15.79 -0.28 15.71
C MET P 84 14.84 -0.20 14.53
N VAL P 85 13.62 -0.74 14.68
CA VAL P 85 12.65 -0.68 13.60
C VAL P 85 12.14 0.74 13.42
N ARG P 86 12.05 1.51 14.50
CA ARG P 86 11.71 2.92 14.40
C ARG P 86 12.78 3.68 13.62
N LYS P 87 14.05 3.42 13.94
CA LYS P 87 15.13 4.04 13.19
C LYS P 87 15.11 3.61 11.73
N GLN P 88 14.75 2.36 11.47
CA GLN P 88 14.64 1.87 10.10
C GLN P 88 13.53 2.59 9.35
N LYS P 89 12.39 2.83 9.99
CA LYS P 89 11.32 3.59 9.37
C LYS P 89 11.79 4.99 9.00
N LYS P 90 12.46 5.65 9.93
CA LYS P 90 12.97 6.99 9.65
C LYS P 90 13.96 6.98 8.49
N THR P 91 14.88 6.01 8.51
CA THR P 91 15.87 5.91 7.43
C THR P 91 15.20 5.60 6.10
N ALA P 92 14.15 4.80 6.12
CA ALA P 92 13.43 4.48 4.89
C ALA P 92 12.79 5.73 4.29
N GLN P 93 12.14 6.53 5.13
CA GLN P 93 11.55 7.76 4.63
C GLN P 93 12.61 8.72 4.13
N LEU P 94 13.75 8.80 4.84
CA LEU P 94 14.85 9.64 4.40
C LEU P 94 15.35 9.23 3.02
N VAL P 95 15.61 7.94 2.83
CA VAL P 95 16.11 7.45 1.56
C VAL P 95 15.09 7.65 0.46
N ALA P 96 13.80 7.46 0.77
CA ALA P 96 12.78 7.63 -0.24
C ALA P 96 12.63 9.09 -0.65
N ALA P 97 12.91 10.02 0.27
CA ALA P 97 12.87 11.43 -0.09
C ALA P 97 14.13 11.88 -0.81
N ALA P 98 15.26 11.24 -0.56
CA ALA P 98 16.52 11.69 -1.15
C ALA P 98 16.81 11.05 -2.50
N TYR P 99 16.57 9.75 -2.64
CA TYR P 99 16.92 9.01 -3.84
C TYR P 99 15.76 8.25 -4.45
N GLY P 100 14.69 8.01 -3.71
CA GLY P 100 13.66 7.07 -4.08
C GLY P 100 13.81 5.75 -3.36
N GLN P 101 12.71 5.02 -3.26
CA GLN P 101 12.71 3.75 -2.55
C GLN P 101 13.72 2.80 -3.18
N GLY P 102 14.60 2.27 -2.34
CA GLY P 102 15.67 1.41 -2.81
C GLY P 102 16.87 2.14 -3.35
N GLY P 103 16.99 3.44 -3.10
CA GLY P 103 18.06 4.22 -3.71
C GLY P 103 19.44 3.85 -3.20
N GLN P 104 19.54 3.30 -2.00
CA GLN P 104 20.83 2.93 -1.45
C GLN P 104 21.36 1.62 -2.02
N TRP P 105 20.53 0.88 -2.76
CA TRP P 105 20.93 -0.38 -3.37
C TRP P 105 21.03 -0.28 -4.88
N LEU P 106 21.03 0.93 -5.43
CA LEU P 106 21.12 1.10 -6.87
C LEU P 106 22.50 0.71 -7.38
N ASN P 107 22.53 0.23 -8.61
CA ASN P 107 23.79 -0.12 -9.23
C ASN P 107 24.55 1.14 -9.63
N PRO P 108 25.87 1.06 -9.72
CA PRO P 108 26.64 2.22 -10.17
C PRO P 108 26.25 2.64 -11.57
N VAL P 109 26.46 3.92 -11.86
CA VAL P 109 26.11 4.43 -13.19
C VAL P 109 26.91 3.67 -14.24
N PRO P 110 26.29 3.16 -15.30
CA PRO P 110 27.05 2.40 -16.29
C PRO P 110 28.06 3.28 -17.01
N ARG P 111 29.20 2.67 -17.34
CA ARG P 111 30.21 3.35 -18.15
C ARG P 111 30.25 2.74 -19.54
N THR Q 2 -6.33 43.75 -40.42
CA THR Q 2 -7.26 43.09 -39.52
C THR Q 2 -8.38 42.41 -40.29
N ALA Q 3 -9.09 41.50 -39.64
CA ALA Q 3 -10.13 40.71 -40.26
C ALA Q 3 -11.50 41.34 -40.05
N LEU Q 4 -12.46 40.89 -40.84
CA LEU Q 4 -13.85 41.27 -40.68
C LEU Q 4 -14.58 40.25 -39.82
N PRO Q 5 -15.70 40.64 -39.21
CA PRO Q 5 -16.49 39.66 -38.48
C PRO Q 5 -17.18 38.70 -39.43
N PRO Q 6 -17.45 37.47 -38.99
CA PRO Q 6 -18.15 36.55 -39.88
C PRO Q 6 -19.46 37.13 -40.35
N PRO Q 7 -19.94 36.71 -41.52
CA PRO Q 7 -21.16 37.27 -42.07
C PRO Q 7 -22.38 36.77 -41.31
N PRO Q 8 -23.49 37.49 -41.36
CA PRO Q 8 -24.69 37.06 -40.64
C PRO Q 8 -25.35 35.87 -41.30
N SER Q 9 -26.02 35.06 -40.48
CA SER Q 9 -26.72 33.88 -40.93
C SER Q 9 -28.18 33.97 -40.51
N ALA Q 10 -29.02 33.25 -41.26
CA ALA Q 10 -30.44 33.24 -40.96
C ALA Q 10 -30.71 32.53 -39.64
N ASN Q 11 -31.70 33.04 -38.90
CA ASN Q 11 -32.08 32.43 -37.64
C ASN Q 11 -33.07 31.29 -37.87
N VAL Q 12 -34.05 31.51 -38.73
CA VAL Q 12 -34.94 30.45 -39.16
C VAL Q 12 -34.26 29.65 -40.26
N ALA Q 13 -34.52 28.35 -40.28
CA ALA Q 13 -33.82 27.44 -41.18
C ALA Q 13 -34.43 27.53 -42.58
N VAL Q 14 -33.60 27.94 -43.54
CA VAL Q 14 -33.96 27.88 -44.96
C VAL Q 14 -33.28 26.64 -45.53
N SER Q 15 -34.08 25.67 -45.95
CA SER Q 15 -33.52 24.43 -46.49
C SER Q 15 -33.42 24.49 -48.02
N PHE Q 16 -34.56 24.64 -48.69
CA PHE Q 16 -34.59 24.74 -50.14
C PHE Q 16 -35.66 25.72 -50.62
N THR Q 17 -36.32 26.42 -49.71
CA THR Q 17 -37.42 27.30 -50.09
C THR Q 17 -36.95 28.40 -51.03
N ALA Q 18 -35.69 28.80 -50.94
CA ALA Q 18 -35.14 29.88 -51.74
C ALA Q 18 -34.56 29.38 -53.06
N ALA Q 19 -34.56 28.09 -53.31
CA ALA Q 19 -34.00 27.58 -54.55
C ALA Q 19 -34.77 28.11 -55.74
N PRO Q 20 -34.11 28.30 -56.89
CA PRO Q 20 -34.81 28.82 -58.06
C PRO Q 20 -35.81 27.84 -58.62
N ALA Q 21 -36.94 28.38 -59.08
CA ALA Q 21 -37.99 27.61 -59.70
C ALA Q 21 -38.00 27.76 -61.22
N GLU Q 22 -36.94 28.30 -61.79
CA GLU Q 22 -36.85 28.55 -63.21
C GLU Q 22 -35.39 28.46 -63.61
N PRO Q 23 -35.08 27.83 -64.75
CA PRO Q 23 -33.67 27.71 -65.14
C PRO Q 23 -33.05 29.06 -65.43
N LEU Q 24 -31.72 29.10 -65.31
CA LEU Q 24 -30.97 30.33 -65.48
C LEU Q 24 -31.09 30.83 -66.92
N SER Q 25 -30.58 32.04 -67.15
CA SER Q 25 -30.59 32.69 -68.45
C SER Q 25 -29.17 32.91 -68.92
N ARG Q 26 -29.05 33.39 -70.17
CA ARG Q 26 -27.75 33.56 -70.78
C ARG Q 26 -26.89 34.55 -69.99
N GLY Q 27 -27.48 35.67 -69.58
CA GLY Q 27 -26.72 36.66 -68.83
C GLY Q 27 -26.23 36.11 -67.51
N GLU Q 28 -27.07 35.35 -66.82
CA GLU Q 28 -26.66 34.75 -65.55
C GLU Q 28 -25.54 33.74 -65.75
N VAL Q 29 -25.61 32.96 -66.82
CA VAL Q 29 -24.55 32.00 -67.12
C VAL Q 29 -23.23 32.73 -67.38
N LYS Q 30 -23.28 33.80 -68.18
CA LYS Q 30 -22.07 34.57 -68.45
C LYS Q 30 -21.52 35.19 -67.17
N ALA Q 31 -22.41 35.66 -66.29
CA ALA Q 31 -21.97 36.22 -65.03
C ALA Q 31 -21.28 35.17 -64.17
N ALA Q 32 -21.81 33.95 -64.16
CA ALA Q 32 -21.16 32.88 -63.43
C ALA Q 32 -19.76 32.59 -63.99
N SER Q 33 -19.64 32.57 -65.30
CA SER Q 33 -18.33 32.37 -65.92
C SER Q 33 -17.36 33.47 -65.52
N LEU Q 34 -17.84 34.72 -65.51
CA LEU Q 34 -17.00 35.84 -65.08
C LEU Q 34 -16.57 35.67 -63.62
N LYS Q 35 -17.48 35.21 -62.77
CA LYS Q 35 -17.14 34.99 -61.37
C LYS Q 35 -16.04 33.95 -61.24
N LEU Q 36 -16.13 32.87 -62.01
CA LEU Q 36 -15.08 31.85 -61.97
C LEU Q 36 -13.74 32.42 -62.43
N GLU Q 37 -13.75 33.18 -63.52
CA GLU Q 37 -12.52 33.83 -63.97
C GLU Q 37 -11.94 34.71 -62.87
N LEU Q 38 -12.80 35.47 -62.20
CA LEU Q 38 -12.34 36.36 -61.14
C LEU Q 38 -11.70 35.58 -60.01
N GLN Q 39 -12.32 34.46 -59.60
CA GLN Q 39 -11.76 33.72 -58.49
C GLN Q 39 -10.42 33.09 -58.86
N ASN Q 40 -10.27 32.64 -60.12
CA ASN Q 40 -8.98 32.14 -60.56
C ASN Q 40 -7.92 33.23 -60.52
N ILE Q 41 -8.26 34.42 -61.02
CA ILE Q 41 -7.34 35.55 -60.99
C ILE Q 41 -6.92 35.86 -59.56
N GLU Q 42 -7.88 35.86 -58.64
CA GLU Q 42 -7.58 36.17 -57.24
C GLU Q 42 -6.67 35.11 -56.64
N ARG Q 43 -6.87 33.85 -57.01
CA ARG Q 43 -6.00 32.78 -56.52
C ARG Q 43 -4.57 33.00 -56.97
N GLU Q 44 -4.39 33.35 -58.25
CA GLU Q 44 -3.05 33.61 -58.76
C GLU Q 44 -2.40 34.79 -58.03
N LEU Q 45 -3.16 35.88 -57.89
CA LEU Q 45 -2.64 37.05 -57.18
C LEU Q 45 -2.24 36.70 -55.76
N LYS Q 46 -3.06 35.91 -55.07
CA LYS Q 46 -2.73 35.52 -53.70
C LYS Q 46 -1.45 34.71 -53.66
N ASP Q 47 -1.28 33.78 -54.59
CA ASP Q 47 -0.05 33.00 -54.62
C ASP Q 47 1.16 33.91 -54.77
N TRP Q 48 1.12 34.80 -55.76
CA TRP Q 48 2.23 35.72 -55.96
C TRP Q 48 2.52 36.52 -54.70
N TRP Q 49 1.48 37.14 -54.13
CA TRP Q 49 1.66 38.03 -53.00
C TRP Q 49 2.22 37.29 -51.79
N MET Q 50 1.67 36.11 -51.49
CA MET Q 50 2.12 35.37 -50.33
C MET Q 50 3.55 34.89 -50.49
N SER Q 51 3.91 34.40 -51.68
CA SER Q 51 5.29 33.99 -51.91
C SER Q 51 6.23 35.17 -51.72
N ARG Q 52 5.91 36.30 -52.33
CA ARG Q 52 6.75 37.48 -52.21
C ARG Q 52 6.91 37.90 -50.75
N LYS Q 53 5.81 37.96 -50.02
CA LYS Q 53 5.84 38.37 -48.63
C LYS Q 53 6.69 37.44 -47.78
N ILE Q 54 6.46 36.13 -47.91
CA ILE Q 54 7.20 35.17 -47.09
C ILE Q 54 8.68 35.24 -47.40
N LEU Q 55 9.05 35.28 -48.69
CA LEU Q 55 10.45 35.33 -49.04
C LEU Q 55 11.11 36.60 -48.53
N ARG Q 56 10.44 37.75 -48.68
CA ARG Q 56 11.00 38.99 -48.18
C ARG Q 56 11.24 38.93 -46.69
N ASP Q 57 10.25 38.45 -45.94
CA ASP Q 57 10.40 38.39 -44.48
C ASP Q 57 11.54 37.45 -44.10
N ARG Q 58 11.58 36.26 -44.70
CA ARG Q 58 12.63 35.31 -44.36
C ARG Q 58 14.01 35.87 -44.65
N ASN Q 59 14.17 36.50 -45.80
CA ASN Q 59 15.49 36.99 -46.19
C ASN Q 59 15.91 38.20 -45.35
N ILE Q 60 14.98 39.07 -44.98
CA ILE Q 60 15.32 40.16 -44.07
C ILE Q 60 15.71 39.60 -42.72
N GLY Q 61 15.02 38.57 -42.24
CA GLY Q 61 15.40 37.95 -40.99
C GLY Q 61 16.79 37.33 -41.05
N LEU Q 62 17.09 36.64 -42.15
CA LEU Q 62 18.43 36.09 -42.34
C LEU Q 62 19.48 37.19 -42.32
N PHE Q 63 19.22 38.29 -43.02
CA PHE Q 63 20.17 39.40 -43.04
C PHE Q 63 20.39 39.93 -41.64
N ASN Q 64 19.31 40.12 -40.88
CA ASN Q 64 19.46 40.64 -39.53
C ASN Q 64 20.22 39.67 -38.64
N LEU Q 65 19.99 38.38 -38.82
CA LEU Q 65 20.72 37.38 -38.05
C LEU Q 65 22.21 37.41 -38.38
N LEU Q 66 22.55 37.48 -39.66
CA LEU Q 66 23.95 37.53 -40.06
C LEU Q 66 24.62 38.81 -39.55
N GLN Q 67 23.93 39.94 -39.63
CA GLN Q 67 24.46 41.17 -39.08
C GLN Q 67 24.62 41.10 -37.58
N HIS Q 68 23.72 40.38 -36.90
CA HIS Q 68 23.79 40.24 -35.46
C HIS Q 68 24.98 39.38 -35.05
N HIS Q 69 25.28 38.33 -35.80
CA HIS Q 69 26.42 37.48 -35.53
C HIS Q 69 27.68 37.93 -36.26
N ASN Q 70 27.65 39.08 -36.92
CA ASN Q 70 28.83 39.70 -37.52
C ASN Q 70 29.48 38.76 -38.53
N PHE Q 71 28.73 38.49 -39.59
CA PHE Q 71 29.20 37.65 -40.68
C PHE Q 71 29.70 38.49 -41.84
N ALA Q 72 30.62 37.91 -42.61
CA ALA Q 72 31.17 38.55 -43.80
C ALA Q 72 31.29 37.50 -44.89
N GLY Q 73 30.87 37.86 -46.10
CA GLY Q 73 30.89 36.94 -47.22
C GLY Q 73 31.78 37.39 -48.35
N LEU Q 74 31.60 36.78 -49.52
CA LEU Q 74 32.42 37.14 -50.67
C LEU Q 74 32.29 38.62 -50.99
N SER Q 75 31.08 39.17 -50.84
CA SER Q 75 30.87 40.62 -50.90
C SER Q 75 31.12 41.16 -49.51
N VAL Q 76 32.26 41.81 -49.33
CA VAL Q 76 32.67 42.30 -48.02
C VAL Q 76 31.86 43.56 -47.74
N ASN Q 77 30.75 43.39 -47.02
CA ASN Q 77 29.82 44.47 -46.72
C ASN Q 77 29.58 44.54 -45.21
N ASN Q 78 30.65 44.47 -44.45
CA ASN Q 78 30.60 44.50 -42.99
C ASN Q 78 31.50 45.62 -42.48
N ALA Q 79 30.93 46.52 -41.69
CA ALA Q 79 31.67 47.67 -41.18
C ALA Q 79 32.31 47.42 -39.82
N LYS Q 80 31.83 46.44 -39.07
CA LYS Q 80 32.38 46.13 -37.75
C LYS Q 80 33.62 45.25 -37.82
N LEU Q 81 34.19 45.05 -39.01
CA LEU Q 81 35.40 44.26 -39.15
C LEU Q 81 36.62 45.05 -38.73
N SER Q 82 37.57 44.34 -38.13
CA SER Q 82 38.90 44.90 -37.92
C SER Q 82 39.63 45.00 -39.25
N ASP Q 83 40.55 45.97 -39.33
CA ASP Q 83 41.28 46.16 -40.57
C ASP Q 83 42.12 44.93 -40.92
N SER Q 84 42.69 44.29 -39.91
CA SER Q 84 43.51 43.10 -40.17
C SER Q 84 42.66 41.95 -40.68
N GLN Q 85 41.54 41.68 -40.01
CA GLN Q 85 40.64 40.63 -40.49
C GLN Q 85 40.15 40.93 -41.90
N ARG Q 86 39.85 42.20 -42.18
CA ARG Q 86 39.37 42.56 -43.50
C ARG Q 86 40.44 42.36 -44.56
N VAL Q 87 41.69 42.72 -44.26
CA VAL Q 87 42.78 42.48 -45.19
C VAL Q 87 42.93 41.00 -45.45
N MET Q 88 42.88 40.19 -44.40
CA MET Q 88 43.07 38.75 -44.56
C MET Q 88 41.94 38.14 -45.40
N TRP Q 89 40.69 38.55 -45.13
CA TRP Q 89 39.56 38.02 -45.89
C TRP Q 89 39.61 38.49 -47.34
N THR Q 90 40.00 39.73 -47.58
CA THR Q 90 40.10 40.23 -48.94
C THR Q 90 41.23 39.54 -49.69
N ASP Q 91 42.29 39.14 -48.99
CA ASP Q 91 43.33 38.36 -49.63
C ASP Q 91 42.84 36.96 -49.98
N LEU Q 92 42.05 36.36 -49.10
CA LEU Q 92 41.52 35.02 -49.38
C LEU Q 92 40.49 35.05 -50.50
N VAL Q 93 39.76 36.15 -50.66
CA VAL Q 93 38.67 36.21 -51.63
C VAL Q 93 39.12 36.77 -52.96
N GLN Q 94 39.95 37.80 -52.95
CA GLN Q 94 40.27 38.59 -54.12
C GLN Q 94 41.76 38.60 -54.46
N GLY Q 95 42.62 38.56 -53.46
CA GLY Q 95 44.05 38.67 -53.68
C GLY Q 95 44.78 37.36 -53.53
N LYS Q 96 46.06 37.42 -53.16
CA LYS Q 96 46.91 36.24 -53.04
C LYS Q 96 47.46 36.14 -51.62
N PRO Q 97 47.11 35.12 -50.85
CA PRO Q 97 47.71 34.96 -49.52
C PRO Q 97 49.18 34.59 -49.63
N ASP Q 98 50.03 35.38 -48.97
CA ASP Q 98 51.46 35.14 -49.00
C ASP Q 98 52.09 35.80 -47.79
N VAL Q 99 53.13 35.17 -47.26
CA VAL Q 99 53.86 35.68 -46.11
C VAL Q 99 54.97 36.59 -46.60
N GLU Q 100 55.20 37.68 -45.88
CA GLU Q 100 56.19 38.67 -46.27
C GLU Q 100 57.56 38.30 -45.74
N ASP Q 101 58.59 38.74 -46.45
CA ASP Q 101 59.97 38.48 -46.02
C ASP Q 101 60.35 39.32 -44.81
N LYS Q 102 59.63 40.42 -44.56
CA LYS Q 102 59.93 41.24 -43.39
C LYS Q 102 59.71 40.48 -42.09
N LEU Q 103 58.79 39.51 -42.10
CA LEU Q 103 58.45 38.79 -40.88
C LEU Q 103 59.50 37.75 -40.54
N SER Q 104 59.60 37.45 -39.25
CA SER Q 104 60.39 36.33 -38.79
C SER Q 104 59.65 35.03 -39.08
N VAL Q 105 60.38 33.91 -39.00
CA VAL Q 105 59.80 32.62 -39.35
C VAL Q 105 58.64 32.28 -38.42
N ASP Q 106 58.77 32.62 -37.14
CA ASP Q 106 57.69 32.36 -36.20
C ASP Q 106 56.43 33.15 -36.57
N ALA Q 107 56.61 34.42 -36.94
CA ALA Q 107 55.46 35.23 -37.33
C ALA Q 107 54.85 34.74 -38.64
N ARG Q 108 55.68 34.23 -39.55
CA ARG Q 108 55.13 33.63 -40.77
C ARG Q 108 54.30 32.39 -40.45
N GLU Q 109 54.80 31.54 -39.55
CA GLU Q 109 54.02 30.39 -39.11
C GLU Q 109 52.71 30.83 -38.50
N MET Q 110 52.73 31.87 -37.67
CA MET Q 110 51.51 32.37 -37.06
C MET Q 110 50.53 32.88 -38.11
N LYS Q 111 51.03 33.61 -39.10
CA LYS Q 111 50.17 34.13 -40.16
C LYS Q 111 49.52 33.01 -40.95
N VAL Q 112 50.30 31.98 -41.27
CA VAL Q 112 49.76 30.85 -42.01
C VAL Q 112 48.72 30.11 -41.18
N ASP Q 113 48.97 29.97 -39.88
CA ASP Q 113 48.00 29.32 -39.01
C ASP Q 113 46.70 30.13 -38.95
N MET Q 114 46.82 31.45 -38.92
CA MET Q 114 45.63 32.30 -38.92
C MET Q 114 44.84 32.14 -40.22
N TYR Q 115 45.55 32.18 -41.35
CA TYR Q 115 44.90 31.92 -42.63
C TYR Q 115 44.16 30.59 -42.62
N GLU Q 116 44.83 29.54 -42.16
CA GLU Q 116 44.23 28.20 -42.19
C GLU Q 116 43.01 28.14 -41.30
N LYS Q 117 43.10 28.67 -40.09
CA LYS Q 117 41.96 28.66 -39.18
C LYS Q 117 40.77 29.40 -39.78
N LEU Q 118 41.02 30.61 -40.28
CA LEU Q 118 39.96 31.41 -40.88
C LEU Q 118 39.32 30.67 -42.04
N PHE Q 119 40.13 30.14 -42.96
CA PHE Q 119 39.59 29.52 -44.15
C PHE Q 119 38.87 28.22 -43.83
N LYS Q 120 39.32 27.48 -42.82
CA LYS Q 120 38.64 26.24 -42.47
C LYS Q 120 37.33 26.51 -41.76
N GLN Q 121 37.25 27.59 -40.97
CA GLN Q 121 35.96 27.96 -40.40
C GLN Q 121 35.02 28.51 -41.47
N ALA Q 122 35.57 29.12 -42.52
CA ALA Q 122 34.73 29.69 -43.57
C ALA Q 122 34.19 28.63 -44.52
N ALA Q 123 35.06 27.75 -45.00
CA ALA Q 123 34.70 26.73 -45.99
C ALA Q 123 34.62 25.37 -45.32
N ASP Q 124 33.52 24.68 -45.53
CA ASP Q 124 33.31 23.35 -44.98
C ASP Q 124 33.75 22.29 -45.99
N LEU Q 125 33.62 21.02 -45.60
CA LEU Q 125 34.10 19.93 -46.43
C LEU Q 125 33.30 19.81 -47.72
N GLU Q 126 32.03 20.26 -47.72
CA GLU Q 126 31.23 20.25 -48.92
C GLU Q 126 31.62 21.33 -49.91
N ASN Q 127 32.40 22.32 -49.48
CA ASN Q 127 32.77 23.43 -50.34
C ASN Q 127 33.84 22.99 -51.33
N PRO Q 128 33.72 23.37 -52.60
CA PRO Q 128 34.74 22.94 -53.58
C PRO Q 128 36.11 23.56 -53.36
N CYS Q 129 36.17 24.82 -52.94
CA CYS Q 129 37.44 25.52 -52.85
C CYS Q 129 38.26 25.14 -51.62
N ARG Q 130 37.71 24.32 -50.73
CA ARG Q 130 38.42 23.99 -49.49
C ARG Q 130 39.71 23.25 -49.77
N MET Q 131 39.67 22.23 -50.63
CA MET Q 131 40.88 21.46 -50.90
C MET Q 131 41.95 22.30 -51.55
N PRO Q 132 41.67 23.08 -52.61
CA PRO Q 132 42.71 23.96 -53.16
C PRO Q 132 43.25 24.95 -52.16
N GLY Q 133 42.39 25.58 -51.35
CA GLY Q 133 42.88 26.51 -50.37
C GLY Q 133 43.81 25.87 -49.36
N VAL Q 134 43.41 24.71 -48.84
CA VAL Q 134 44.23 24.02 -47.85
C VAL Q 134 45.54 23.57 -48.48
N ALA Q 135 45.51 23.15 -49.74
CA ALA Q 135 46.74 22.75 -50.41
C ALA Q 135 47.69 23.93 -50.57
N TYR Q 136 47.16 25.09 -50.96
CA TYR Q 136 48.01 26.26 -51.10
C TYR Q 136 48.62 26.66 -49.76
N LEU Q 137 47.81 26.65 -48.69
CA LEU Q 137 48.34 27.01 -47.39
C LEU Q 137 49.36 25.98 -46.89
N ARG Q 138 49.17 24.71 -47.25
CA ARG Q 138 50.16 23.70 -46.89
C ARG Q 138 51.47 23.92 -47.64
N CYS Q 139 51.38 24.31 -48.91
CA CYS Q 139 52.57 24.67 -49.66
C CYS Q 139 53.29 25.85 -49.00
N LEU Q 140 52.52 26.84 -48.55
CA LEU Q 140 53.12 27.95 -47.82
C LEU Q 140 53.85 27.46 -46.57
N ARG Q 141 53.19 26.61 -45.79
CA ARG Q 141 53.86 26.05 -44.61
C ARG Q 141 55.16 25.36 -44.98
N ASP Q 142 55.14 24.60 -46.07
CA ASP Q 142 56.35 23.92 -46.51
C ASP Q 142 57.44 24.90 -46.91
N THR Q 143 57.06 26.04 -47.50
CA THR Q 143 58.00 26.99 -48.07
C THR Q 143 58.14 28.25 -47.21
N LEU Q 144 57.87 28.16 -45.91
CA LEU Q 144 58.04 29.31 -45.03
C LEU Q 144 59.46 29.88 -45.13
N THR Q 145 60.46 29.04 -44.91
CA THR Q 145 61.86 29.47 -44.88
C THR Q 145 62.37 29.71 -46.30
N GLU Q 146 61.71 30.61 -47.01
CA GLU Q 146 62.08 30.97 -48.38
C GLU Q 146 61.59 32.38 -48.66
N THR Q 147 61.96 32.89 -49.82
CA THR Q 147 61.50 34.18 -50.29
C THR Q 147 60.28 34.00 -51.20
N GLN Q 148 59.57 35.11 -51.42
CA GLN Q 148 58.38 35.05 -52.27
C GLN Q 148 58.73 34.65 -53.69
N SER Q 149 59.88 35.11 -54.19
CA SER Q 149 60.29 34.79 -55.55
C SER Q 149 60.45 33.29 -55.72
N ALA Q 150 61.08 32.62 -54.76
CA ALA Q 150 61.27 31.18 -54.82
C ALA Q 150 60.01 30.41 -54.45
N ARG Q 151 59.10 31.03 -53.70
CA ARG Q 151 57.88 30.36 -53.29
C ARG Q 151 56.82 30.37 -54.37
N ARG Q 152 56.84 31.39 -55.22
CA ARG Q 152 55.84 31.49 -56.29
C ARG Q 152 55.94 30.30 -57.24
N SER Q 153 57.15 30.01 -57.70
CA SER Q 153 57.34 28.92 -58.66
C SER Q 153 56.76 27.62 -58.14
N SER Q 154 56.75 27.42 -56.83
CA SER Q 154 56.29 26.16 -56.24
C SER Q 154 54.81 26.17 -55.91
N CYS Q 155 54.26 27.32 -55.51
CA CYS Q 155 52.87 27.39 -55.07
C CYS Q 155 51.91 27.84 -56.15
N LEU Q 156 52.41 28.23 -57.33
CA LEU Q 156 51.53 28.70 -58.38
C LEU Q 156 50.59 27.61 -58.86
N ASN Q 157 51.07 26.37 -58.92
CA ASN Q 157 50.25 25.29 -59.47
C ASN Q 157 49.00 25.05 -58.63
N ALA Q 158 49.04 25.38 -57.35
CA ALA Q 158 47.88 25.26 -56.48
C ALA Q 158 47.08 26.55 -56.40
N PHE Q 159 47.79 27.70 -56.39
CA PHE Q 159 47.07 28.96 -56.39
C PHE Q 159 46.21 29.12 -57.63
N SER Q 160 46.61 28.51 -58.74
CA SER Q 160 45.78 28.58 -59.95
C SER Q 160 44.42 27.95 -59.71
N SER Q 161 44.40 26.72 -59.19
CA SER Q 161 43.13 26.05 -58.91
C SER Q 161 42.33 26.81 -57.87
N PHE Q 162 43.00 27.33 -56.85
CA PHE Q 162 42.29 28.10 -55.83
C PHE Q 162 41.60 29.32 -56.45
N ASP Q 163 42.34 30.09 -57.25
CA ASP Q 163 41.76 31.26 -57.89
C ASP Q 163 40.64 30.88 -58.85
N ALA Q 164 40.76 29.74 -59.51
CA ALA Q 164 39.70 29.28 -60.41
C ALA Q 164 38.41 29.04 -59.63
N CYS Q 165 38.49 28.26 -58.55
CA CYS Q 165 37.31 28.01 -57.73
C CYS Q 165 36.74 29.32 -57.18
N ARG Q 166 37.63 30.23 -56.78
CA ARG Q 166 37.21 31.54 -56.27
C ARG Q 166 36.37 32.30 -57.30
N THR Q 167 36.93 32.49 -58.48
CA THR Q 167 36.22 33.20 -59.54
C THR Q 167 34.94 32.48 -59.92
N GLY Q 168 34.94 31.16 -59.86
CA GLY Q 168 33.71 30.43 -60.12
C GLY Q 168 32.61 30.80 -59.14
N LEU Q 169 32.94 30.84 -57.84
CA LEU Q 169 31.96 31.24 -56.85
C LEU Q 169 31.47 32.66 -57.10
N LEU Q 170 32.39 33.57 -57.42
CA LEU Q 170 31.98 34.95 -57.70
C LEU Q 170 31.00 35.02 -58.86
N LYS Q 171 31.31 34.32 -59.95
CA LYS Q 171 30.42 34.30 -61.10
C LYS Q 171 29.06 33.71 -60.75
N GLN Q 172 29.07 32.64 -59.93
CA GLN Q 172 27.82 32.07 -59.46
C GLN Q 172 26.97 33.10 -58.75
N GLN Q 173 27.58 33.87 -57.84
CA GLN Q 173 26.83 34.87 -57.10
C GLN Q 173 26.23 35.92 -58.04
N SER Q 174 27.05 36.43 -58.96
CA SER Q 174 26.56 37.42 -59.90
C SER Q 174 25.39 36.90 -60.72
N ALA Q 175 25.54 35.70 -61.28
CA ALA Q 175 24.48 35.13 -62.11
C ALA Q 175 23.22 34.91 -61.30
N ALA Q 176 23.36 34.49 -60.05
CA ALA Q 176 22.19 34.29 -59.19
C ALA Q 176 21.45 35.59 -59.00
N VAL Q 177 22.17 36.67 -58.70
CA VAL Q 177 21.52 37.97 -58.53
C VAL Q 177 20.77 38.35 -59.78
N GLU Q 178 21.42 38.24 -60.94
CA GLU Q 178 20.80 38.68 -62.19
C GLU Q 178 19.54 37.87 -62.48
N ASN Q 179 19.63 36.54 -62.38
CA ASN Q 179 18.49 35.69 -62.70
C ASN Q 179 17.34 35.93 -61.74
N SER Q 180 17.64 36.09 -60.46
CA SER Q 180 16.59 36.38 -59.48
C SER Q 180 15.89 37.69 -59.81
N LEU Q 181 16.65 38.72 -60.17
CA LEU Q 181 16.04 39.99 -60.56
C LEU Q 181 15.09 39.80 -61.74
N VAL Q 182 15.55 39.08 -62.76
CA VAL Q 182 14.74 38.91 -63.97
C VAL Q 182 13.44 38.18 -63.62
N ARG Q 183 13.56 37.06 -62.91
CA ARG Q 183 12.39 36.27 -62.55
C ARG Q 183 11.40 37.08 -61.71
N GLN Q 184 11.92 37.81 -60.71
CA GLN Q 184 11.09 38.63 -59.87
C GLN Q 184 10.32 39.67 -60.69
N ASN Q 185 11.01 40.35 -61.60
CA ASN Q 185 10.37 41.39 -62.38
C ASN Q 185 9.28 40.80 -63.29
N MET Q 186 9.55 39.65 -63.91
CA MET Q 186 8.54 39.01 -64.73
C MET Q 186 7.30 38.68 -63.90
N ALA Q 187 7.50 38.08 -62.72
CA ALA Q 187 6.37 37.73 -61.87
C ALA Q 187 5.56 38.96 -61.48
N ASP Q 188 6.24 40.05 -61.12
CA ASP Q 188 5.52 41.26 -60.71
C ASP Q 188 4.73 41.85 -61.87
N VAL Q 189 5.30 41.86 -63.06
CA VAL Q 189 4.57 42.37 -64.23
C VAL Q 189 3.33 41.52 -64.49
N ARG Q 190 3.48 40.18 -64.40
CA ARG Q 190 2.33 39.32 -64.60
C ARG Q 190 1.24 39.60 -63.57
N ALA Q 191 1.64 39.81 -62.32
CA ALA Q 191 0.66 40.11 -61.28
C ALA Q 191 -0.07 41.42 -61.56
N LYS Q 192 0.66 42.43 -61.99
CA LYS Q 192 0.03 43.70 -62.32
C LYS Q 192 -0.98 43.55 -63.45
N ALA Q 193 -0.61 42.79 -64.49
CA ALA Q 193 -1.53 42.56 -65.59
C ALA Q 193 -2.78 41.84 -65.11
N LEU Q 194 -2.61 40.82 -64.26
CA LEU Q 194 -3.77 40.13 -63.70
C LEU Q 194 -4.65 41.09 -62.91
N PHE Q 195 -4.05 42.02 -62.18
CA PHE Q 195 -4.83 42.96 -61.39
C PHE Q 195 -5.67 43.85 -62.30
N GLU Q 196 -5.09 44.33 -63.39
CA GLU Q 196 -5.86 45.16 -64.33
C GLU Q 196 -6.98 44.36 -64.98
N ARG Q 197 -6.70 43.11 -65.36
CA ARG Q 197 -7.74 42.26 -65.91
C ARG Q 197 -8.89 42.09 -64.92
N ARG Q 198 -8.55 41.87 -63.65
CA ARG Q 198 -9.58 41.75 -62.62
C ARG Q 198 -10.37 43.04 -62.48
N ALA Q 199 -9.70 44.19 -62.61
CA ALA Q 199 -10.40 45.46 -62.53
C ALA Q 199 -11.45 45.58 -63.62
N VAL Q 200 -11.07 45.26 -64.86
CA VAL Q 200 -12.03 45.37 -65.96
C VAL Q 200 -13.16 44.36 -65.78
N LEU Q 201 -12.83 43.16 -65.30
CA LEU Q 201 -13.88 42.17 -65.07
C LEU Q 201 -14.83 42.58 -63.97
N LEU Q 202 -14.33 43.31 -62.96
CA LEU Q 202 -15.21 43.82 -61.92
C LEU Q 202 -16.08 44.95 -62.43
N ASP Q 203 -15.55 45.77 -63.34
CA ASP Q 203 -16.38 46.79 -63.97
C ASP Q 203 -17.46 46.15 -64.84
N LEU Q 204 -17.20 44.98 -65.40
CA LEU Q 204 -18.19 44.30 -66.24
C LEU Q 204 -19.11 43.38 -65.44
N VAL Q 205 -18.76 43.04 -64.20
CA VAL Q 205 -19.56 42.08 -63.46
C VAL Q 205 -20.97 42.64 -63.24
N GLU Q 206 -21.89 41.72 -62.96
CA GLU Q 206 -23.31 42.06 -62.84
C GLU Q 206 -23.94 41.21 -61.75
N GLY Q 207 -24.84 41.82 -60.99
CA GLY Q 207 -25.49 41.16 -59.89
C GLY Q 207 -25.62 42.05 -58.68
N LYS Q 208 -26.19 41.53 -57.60
CA LYS Q 208 -26.37 42.30 -56.38
C LYS Q 208 -26.54 41.38 -55.17
N ILE R 33 74.40 -64.28 -25.72
CA ILE R 33 73.71 -64.18 -24.44
C ILE R 33 74.74 -64.07 -23.32
N GLN R 34 75.43 -65.18 -23.04
CA GLN R 34 76.45 -65.20 -22.01
C GLN R 34 77.50 -64.12 -22.24
N HIS R 35 78.12 -64.15 -23.43
CA HIS R 35 79.19 -63.21 -23.72
C HIS R 35 78.69 -61.76 -23.66
N TRP R 36 77.53 -61.50 -24.26
CA TRP R 36 77.02 -60.14 -24.29
C TRP R 36 76.69 -59.63 -22.89
N ASN R 37 76.10 -60.47 -22.04
CA ASN R 37 75.76 -60.04 -20.69
C ASN R 37 77.03 -59.81 -19.86
N LYS R 38 78.03 -60.67 -20.02
CA LYS R 38 79.27 -60.49 -19.27
C LYS R 38 80.00 -59.22 -19.72
N SER R 39 79.99 -58.94 -21.03
CA SER R 39 80.56 -57.70 -21.51
C SER R 39 79.75 -56.50 -21.02
N TYR R 40 78.43 -56.64 -20.93
CA TYR R 40 77.61 -55.58 -20.35
C TYR R 40 78.05 -55.28 -18.93
N GLU R 41 78.28 -56.33 -18.13
CA GLU R 41 78.77 -56.12 -16.77
C GLU R 41 80.13 -55.44 -16.77
N LYS R 42 81.03 -55.87 -17.67
CA LYS R 42 82.36 -55.29 -17.70
C LYS R 42 82.31 -53.80 -18.03
N GLN R 43 81.50 -53.42 -19.01
CA GLN R 43 81.35 -51.99 -19.33
C GLN R 43 80.64 -51.23 -18.23
N VAL R 44 79.67 -51.86 -17.55
CA VAL R 44 79.07 -51.25 -16.37
C VAL R 44 80.15 -50.91 -15.36
N TYR R 45 81.09 -51.83 -15.14
CA TYR R 45 82.13 -51.59 -14.14
C TYR R 45 83.16 -50.57 -14.63
N SER R 46 83.40 -50.50 -15.93
CA SER R 46 84.20 -49.41 -16.48
C SER R 46 83.55 -48.06 -16.20
N GLU R 47 82.26 -47.94 -16.46
CA GLU R 47 81.54 -46.72 -16.12
C GLU R 47 81.61 -46.44 -14.63
N SER R 48 81.55 -47.49 -13.81
CA SER R 48 81.68 -47.31 -12.37
C SER R 48 83.03 -46.73 -12.00
N VAL R 49 84.10 -47.23 -12.62
CA VAL R 49 85.44 -46.71 -12.36
C VAL R 49 85.53 -45.25 -12.76
N ALA R 50 84.97 -44.90 -13.92
CA ALA R 50 84.98 -43.51 -14.36
C ALA R 50 84.24 -42.62 -13.37
N LEU R 51 83.06 -43.06 -12.95
CA LEU R 51 82.28 -42.31 -11.97
C LEU R 51 83.05 -42.14 -10.67
N ASN R 52 83.77 -43.19 -10.25
CA ASN R 52 84.53 -43.11 -9.01
C ASN R 52 85.67 -42.12 -9.13
N ARG R 53 86.36 -42.12 -10.27
CA ARG R 53 87.45 -41.17 -10.46
C ARG R 53 86.94 -39.74 -10.42
N THR R 54 85.86 -39.46 -11.16
CA THR R 54 85.32 -38.10 -11.14
C THR R 54 84.78 -37.74 -9.76
N PHE R 55 84.28 -38.72 -9.00
CA PHE R 55 83.82 -38.47 -7.64
C PHE R 55 84.97 -38.07 -6.73
N GLN R 56 86.06 -38.84 -6.76
CA GLN R 56 87.25 -38.48 -6.01
C GLN R 56 87.72 -37.08 -6.37
N ALA R 57 87.76 -36.77 -7.67
CA ALA R 57 88.25 -35.47 -8.10
C ALA R 57 87.36 -34.35 -7.60
N ARG R 58 86.05 -34.47 -7.84
CA ARG R 58 85.10 -33.47 -7.35
C ARG R 58 85.30 -33.23 -5.86
N ASN R 59 85.30 -34.29 -5.07
CA ASN R 59 85.48 -34.12 -3.64
C ASN R 59 86.77 -33.35 -3.36
N GLN R 60 87.92 -33.97 -3.66
CA GLN R 60 89.20 -33.42 -3.23
C GLN R 60 89.50 -32.05 -3.85
N LEU R 61 88.77 -31.65 -4.88
CA LEU R 61 88.98 -30.32 -5.46
C LEU R 61 88.06 -29.28 -4.83
N VAL R 62 86.76 -29.52 -4.89
CA VAL R 62 85.78 -28.50 -4.51
C VAL R 62 85.36 -28.64 -3.06
N LEU R 63 84.99 -29.85 -2.64
CA LEU R 63 84.28 -30.00 -1.38
C LEU R 63 85.22 -29.93 -0.19
N ASP R 64 86.44 -30.47 -0.33
CA ASP R 64 87.41 -30.35 0.74
C ASP R 64 87.83 -28.91 0.98
N ARG R 65 87.65 -28.04 -0.01
CA ARG R 65 87.96 -26.63 0.15
C ARG R 65 86.77 -25.83 0.64
N LEU R 66 85.56 -26.20 0.23
CA LEU R 66 84.34 -25.52 0.63
C LEU R 66 83.70 -26.11 1.87
N LYS R 67 84.33 -27.09 2.49
CA LYS R 67 83.73 -27.75 3.64
C LYS R 67 83.63 -26.78 4.81
N PRO R 68 82.47 -26.68 5.48
CA PRO R 68 82.39 -25.80 6.66
C PRO R 68 83.29 -26.28 7.78
N SER R 69 83.68 -25.33 8.63
CA SER R 69 84.57 -25.64 9.73
C SER R 69 83.88 -26.51 10.77
N GLY R 70 82.65 -26.17 11.12
CA GLY R 70 81.92 -26.83 12.20
C GLY R 70 81.57 -25.92 13.34
N ALA R 71 82.04 -24.68 13.34
CA ALA R 71 81.69 -23.74 14.40
C ALA R 71 80.21 -23.38 14.34
N TYR R 72 79.68 -23.21 13.13
CA TYR R 72 78.29 -22.82 12.93
C TYR R 72 77.40 -24.02 12.62
N ARG R 73 77.77 -25.19 13.12
CA ARG R 73 76.98 -26.39 12.90
C ARG R 73 75.61 -26.25 13.56
N LEU R 74 74.75 -27.21 13.26
CA LEU R 74 73.40 -27.20 13.81
C LEU R 74 73.45 -27.53 15.29
N PRO R 75 72.89 -26.67 16.15
CA PRO R 75 73.01 -26.87 17.61
C PRO R 75 71.96 -27.83 18.16
N ALA R 76 71.92 -29.04 17.60
CA ALA R 76 70.95 -30.02 18.05
C ALA R 76 71.33 -31.39 17.50
N VAL R 77 70.71 -32.42 18.08
CA VAL R 77 70.91 -33.80 17.68
C VAL R 77 69.55 -34.41 17.39
N ASP R 78 69.51 -35.29 16.39
CA ASP R 78 68.23 -35.85 15.96
C ASP R 78 67.58 -36.64 17.08
N TYR R 79 66.25 -36.64 17.08
CA TYR R 79 65.51 -37.26 18.17
C TYR R 79 65.74 -38.76 18.21
N LYS R 80 66.02 -39.39 17.08
CA LYS R 80 66.31 -40.81 17.06
C LYS R 80 67.62 -41.11 17.78
N ARG R 81 68.66 -40.34 17.50
CA ARG R 81 69.93 -40.53 18.18
C ARG R 81 69.81 -40.22 19.66
N GLN R 82 69.04 -39.20 20.01
CA GLN R 82 68.80 -38.93 21.43
C GLN R 82 68.08 -40.08 22.11
N LEU R 83 67.08 -40.65 21.44
CA LEU R 83 66.35 -41.77 22.01
C LEU R 83 67.26 -42.98 22.20
N SER R 84 68.19 -43.20 21.25
CA SER R 84 69.13 -44.29 21.41
C SER R 84 70.11 -44.01 22.55
N ARG R 85 70.49 -42.75 22.73
CA ARG R 85 71.37 -42.38 23.82
C ARG R 85 70.67 -42.42 25.17
N GLY R 86 69.34 -42.42 25.19
CA GLY R 86 68.62 -42.36 26.44
C GLY R 86 68.58 -40.97 27.03
N THR R 87 68.45 -39.96 26.18
CA THR R 87 68.57 -38.56 26.58
C THR R 87 67.33 -37.75 26.25
N LEU R 88 66.42 -38.27 25.42
CA LEU R 88 65.29 -37.50 24.96
C LEU R 88 64.32 -37.17 26.09
N VAL R 89 63.85 -35.94 26.11
CA VAL R 89 62.75 -35.50 26.96
C VAL R 89 61.66 -34.94 26.05
N GLU R 90 60.41 -35.14 26.45
CA GLU R 90 59.28 -34.83 25.59
C GLU R 90 58.41 -33.69 26.08
N GLY R 91 58.45 -33.36 27.38
CA GLY R 91 57.39 -32.60 28.01
C GLY R 91 57.66 -31.10 28.09
N ALA R 92 56.78 -30.41 28.81
CA ALA R 92 56.87 -28.99 29.07
C ALA R 92 56.85 -28.16 27.79
N ASP R 93 55.68 -28.21 27.14
CA ASP R 93 55.39 -27.24 26.08
C ASP R 93 55.55 -25.81 26.58
N PHE R 94 55.49 -25.61 27.89
CA PHE R 94 55.71 -24.33 28.55
C PHE R 94 56.97 -24.42 29.40
N TYR R 95 57.28 -23.31 30.08
CA TYR R 95 58.43 -23.29 30.98
C TYR R 95 58.18 -22.29 32.10
N LEU R 96 59.07 -22.31 33.08
CA LEU R 96 59.01 -21.40 34.22
C LEU R 96 60.38 -20.73 34.31
N PRO R 97 60.50 -19.45 33.96
CA PRO R 97 61.83 -18.84 33.86
C PRO R 97 62.57 -18.72 35.18
N THR R 98 61.89 -18.23 36.22
CA THR R 98 62.54 -17.88 37.47
C THR R 98 62.36 -19.01 38.50
N ALA R 99 63.40 -19.21 39.31
CA ALA R 99 63.34 -20.23 40.36
C ALA R 99 62.25 -19.91 41.37
N GLN R 100 62.01 -18.63 41.63
CA GLN R 100 60.90 -18.24 42.49
C GLN R 100 59.60 -18.84 41.99
N GLU R 101 59.44 -18.96 40.68
CA GLU R 101 58.25 -19.54 40.07
C GLU R 101 58.35 -21.05 39.94
N GLN R 102 59.57 -21.58 39.88
CA GLN R 102 59.75 -23.02 39.74
C GLN R 102 59.46 -23.74 41.05
N GLN R 103 59.86 -23.16 42.18
CA GLN R 103 59.82 -23.84 43.46
C GLN R 103 58.53 -23.55 44.25
N ARG R 104 57.52 -22.98 43.61
CA ARG R 104 56.29 -22.65 44.32
C ARG R 104 55.61 -23.90 44.86
N LEU R 105 55.36 -24.87 43.99
CA LEU R 105 54.66 -26.08 44.39
C LEU R 105 55.47 -26.95 45.34
N ALA R 106 56.74 -26.65 45.54
CA ALA R 106 57.58 -27.40 46.46
C ALA R 106 57.76 -26.71 47.80
N ARG R 107 57.63 -25.39 47.85
CA ARG R 107 57.80 -24.69 49.12
C ARG R 107 56.73 -25.09 50.13
N HIS R 108 55.46 -25.10 49.71
CA HIS R 108 54.35 -25.60 50.51
C HIS R 108 53.96 -24.67 51.65
N PHE R 109 54.74 -23.62 51.89
CA PHE R 109 54.48 -22.76 53.03
C PHE R 109 54.44 -21.29 52.62
N GLU R 110 55.25 -20.91 51.64
CA GLU R 110 55.26 -19.56 51.09
C GLU R 110 55.38 -19.64 49.58
N PRO R 111 54.36 -20.18 48.91
CA PRO R 111 54.37 -20.16 47.44
C PRO R 111 54.51 -18.76 46.87
N TYR R 112 53.91 -17.77 47.52
CA TYR R 112 54.04 -16.38 47.14
C TYR R 112 54.46 -15.58 48.36
N SER R 113 55.42 -14.69 48.18
CA SER R 113 55.81 -13.79 49.25
C SER R 113 54.62 -12.90 49.65
N GLU R 114 54.79 -12.18 50.75
CA GLU R 114 53.72 -11.31 51.23
C GLU R 114 53.45 -10.18 50.23
N GLN R 115 54.51 -9.55 49.74
CA GLN R 115 54.33 -8.49 48.74
C GLN R 115 53.66 -9.03 47.50
N GLU R 116 54.05 -10.22 47.07
CA GLU R 116 53.43 -10.81 45.88
C GLU R 116 51.97 -11.13 46.13
N GLN R 117 51.63 -11.58 47.33
CA GLN R 117 50.22 -11.82 47.66
C GLN R 117 49.42 -10.52 47.60
N GLU R 118 49.96 -9.46 48.17
CA GLU R 118 49.26 -8.18 48.16
C GLU R 118 49.07 -7.67 46.74
N GLU R 119 50.07 -7.91 45.88
CA GLU R 119 49.92 -7.52 44.48
C GLU R 119 48.87 -8.37 43.77
N ARG R 120 48.83 -9.67 44.08
CA ARG R 120 47.88 -10.56 43.41
C ARG R 120 46.45 -10.24 43.81
N ARG R 121 46.23 -9.82 45.06
CA ARG R 121 44.88 -9.52 45.51
C ARG R 121 44.23 -8.40 44.72
N LYS R 122 44.98 -7.67 43.91
CA LYS R 122 44.42 -6.59 43.10
C LYS R 122 43.82 -7.09 41.79
N PHE R 123 43.97 -8.36 41.46
CA PHE R 123 43.45 -8.94 40.23
C PHE R 123 42.53 -10.12 40.53
N ARG R 124 41.65 -9.96 41.51
CA ARG R 124 40.67 -11.00 41.79
C ARG R 124 39.58 -11.04 40.73
N PHE R 125 39.31 -9.90 40.10
CA PHE R 125 38.35 -9.82 39.01
C PHE R 125 38.99 -9.04 37.86
N GLN R 126 38.44 -9.23 36.67
CA GLN R 126 38.81 -8.40 35.54
C GLN R 126 38.13 -7.05 35.63
N SER R 127 38.80 -6.02 35.11
CA SER R 127 38.34 -4.65 35.24
C SER R 127 37.50 -4.29 34.03
N ILE R 128 36.17 -4.40 34.18
CA ILE R 128 35.29 -3.99 33.10
C ILE R 128 35.37 -2.49 32.88
N SER R 129 35.72 -1.74 33.93
CA SER R 129 35.90 -0.30 33.78
C SER R 129 37.07 0.00 32.84
N VAL R 130 38.20 -0.65 33.06
CA VAL R 130 39.35 -0.45 32.18
C VAL R 130 39.05 -0.96 30.78
N TYR R 131 38.38 -2.11 30.68
CA TYR R 131 37.94 -2.61 29.38
C TYR R 131 37.14 -1.54 28.64
N LEU R 132 36.13 -0.98 29.31
CA LEU R 132 35.26 0.01 28.68
C LEU R 132 36.05 1.24 28.27
N ALA R 133 36.91 1.75 29.15
CA ALA R 133 37.67 2.95 28.83
C ALA R 133 38.57 2.73 27.63
N VAL R 134 39.33 1.63 27.63
CA VAL R 134 40.25 1.36 26.53
C VAL R 134 39.49 1.13 25.24
N ALA R 135 38.35 0.43 25.31
CA ALA R 135 37.58 0.16 24.11
C ALA R 135 36.99 1.44 23.54
N LEU R 136 36.48 2.32 24.40
CA LEU R 136 35.96 3.59 23.92
C LEU R 136 37.05 4.45 23.29
N GLY R 137 38.22 4.51 23.94
CA GLY R 137 39.31 5.27 23.36
C GLY R 137 39.74 4.73 22.01
N ALA R 138 39.90 3.42 21.92
CA ALA R 138 40.32 2.80 20.67
C ALA R 138 39.27 2.98 19.59
N SER R 139 37.99 2.87 19.94
CA SER R 139 36.94 3.08 18.96
C SER R 139 36.92 4.52 18.48
N PHE R 140 37.07 5.48 19.39
CA PHE R 140 37.12 6.88 19.00
C PHE R 140 38.26 7.13 18.02
N VAL R 141 39.45 6.64 18.36
CA VAL R 141 40.61 6.85 17.48
C VAL R 141 40.38 6.18 16.14
N HIS R 142 39.99 4.91 16.16
CA HIS R 142 39.82 4.14 14.94
C HIS R 142 38.75 4.74 14.03
N ASP R 143 37.72 5.36 14.62
CA ASP R 143 36.62 5.87 13.83
C ASP R 143 36.87 7.29 13.32
N TYR R 144 37.49 8.15 14.11
CA TYR R 144 37.62 9.56 13.76
C TYR R 144 39.04 9.96 13.38
N PHE R 145 39.96 9.01 13.29
CA PHE R 145 41.30 9.32 12.80
C PHE R 145 41.73 8.36 11.70
N TYR R 146 41.27 7.11 11.78
CA TYR R 146 41.72 6.08 10.85
C TYR R 146 40.67 5.62 9.85
N GLN R 147 39.39 5.88 10.09
CA GLN R 147 38.31 5.39 9.26
C GLN R 147 37.39 6.52 8.82
N ARG R 148 37.98 7.62 8.37
CA ARG R 148 37.21 8.74 7.84
C ARG R 148 37.02 8.57 6.33
N ARG R 149 35.79 8.81 5.89
CA ARG R 149 35.42 8.70 4.49
C ARG R 149 34.59 9.91 4.09
N PRO R 150 34.66 10.32 2.83
CA PRO R 150 33.97 11.54 2.42
C PRO R 150 32.46 11.37 2.34
N VAL R 151 31.77 12.51 2.44
CA VAL R 151 30.32 12.58 2.43
C VAL R 151 29.91 13.78 1.60
N ALA R 152 28.84 13.64 0.84
CA ALA R 152 28.37 14.71 -0.03
C ALA R 152 27.75 15.84 0.79
N TRP R 153 27.80 17.04 0.21
CA TRP R 153 27.27 18.25 0.83
C TRP R 153 26.46 19.01 -0.20
N CYS R 154 25.20 19.29 0.14
CA CYS R 154 24.31 20.02 -0.74
C CYS R 154 23.80 21.28 -0.07
N LYS S 42 59.95 -52.39 0.99
CA LYS S 42 60.68 -51.41 0.18
C LYS S 42 62.19 -51.59 0.31
N PRO S 43 62.70 -51.85 1.51
CA PRO S 43 64.13 -52.11 1.66
C PRO S 43 64.58 -53.25 0.74
N SER S 44 65.80 -53.12 0.22
CA SER S 44 66.31 -54.08 -0.74
C SER S 44 67.80 -54.29 -0.49
N TRP S 45 68.34 -55.30 -1.17
CA TRP S 45 69.76 -55.63 -1.11
C TRP S 45 70.55 -55.07 -2.28
N HIS S 46 69.88 -54.49 -3.26
CA HIS S 46 70.52 -53.93 -4.45
C HIS S 46 70.56 -52.41 -4.36
N VAL S 47 71.68 -51.83 -4.77
CA VAL S 47 71.89 -50.39 -4.74
C VAL S 47 71.95 -49.89 -6.18
N ALA S 48 71.20 -48.83 -6.46
CA ALA S 48 71.13 -48.27 -7.80
C ALA S 48 72.41 -47.49 -8.12
N ARG S 49 72.48 -47.01 -9.36
CA ARG S 49 73.67 -46.27 -9.79
C ARG S 49 73.76 -44.92 -9.09
N GLU S 50 72.63 -44.22 -8.97
CA GLU S 50 72.64 -42.90 -8.36
C GLU S 50 72.99 -42.97 -6.87
N HIS S 51 72.54 -44.01 -6.18
CA HIS S 51 72.78 -44.18 -4.76
C HIS S 51 74.01 -45.03 -4.46
N ARG S 52 74.92 -45.17 -5.43
CA ARG S 52 76.06 -46.04 -5.25
C ARG S 52 77.06 -45.47 -4.26
N PHE S 53 77.30 -44.17 -4.31
CA PHE S 53 78.36 -43.56 -3.50
C PHE S 53 77.83 -43.05 -2.16
N GLY S 54 77.35 -44.01 -1.36
CA GLY S 54 77.09 -43.78 0.04
C GLY S 54 76.19 -42.62 0.36
N PRO S 55 76.05 -42.34 1.66
CA PRO S 55 75.30 -41.17 2.09
C PRO S 55 76.17 -39.92 2.13
N THR S 56 75.69 -38.84 1.53
CA THR S 56 76.39 -37.57 1.54
C THR S 56 75.79 -36.58 2.53
N LEU S 57 74.61 -36.86 3.07
CA LEU S 57 73.90 -35.94 3.94
C LEU S 57 73.73 -36.52 5.33
N PRO S 58 73.82 -35.71 6.37
CA PRO S 58 73.54 -36.18 7.72
C PRO S 58 72.05 -36.29 7.99
N ASP S 59 71.72 -36.80 9.17
CA ASP S 59 70.32 -37.00 9.54
C ASP S 59 69.62 -35.68 9.83
N HIS S 60 70.28 -34.77 10.54
CA HIS S 60 69.66 -33.50 10.87
C HIS S 60 69.34 -32.66 9.64
N ALA S 61 69.98 -32.96 8.52
CA ALA S 61 69.63 -32.29 7.26
C ALA S 61 68.21 -32.61 6.83
N TYR S 62 67.67 -33.74 7.25
CA TYR S 62 66.33 -34.16 6.88
C TYR S 62 65.34 -34.11 8.03
N TYR S 63 65.69 -34.66 9.19
CA TYR S 63 64.73 -34.83 10.26
C TYR S 63 64.35 -33.48 10.88
N GLY S 64 63.08 -33.36 11.23
CA GLY S 64 62.61 -32.15 11.87
C GLY S 64 63.10 -32.03 13.29
N GLU S 65 63.21 -30.79 13.75
CA GLU S 65 63.72 -30.52 15.08
C GLU S 65 62.76 -31.04 16.14
N HIS S 66 63.22 -30.97 17.39
CA HIS S 66 62.39 -31.32 18.53
C HIS S 66 61.10 -30.50 18.50
N ALA S 67 60.01 -31.13 18.91
CA ALA S 67 58.71 -30.48 18.80
C ALA S 67 58.51 -29.42 19.87
N THR S 68 58.87 -29.71 21.12
CA THR S 68 58.61 -28.80 22.23
C THR S 68 59.82 -27.96 22.62
N TYR S 69 61.03 -28.43 22.36
CA TYR S 69 62.25 -27.65 22.60
C TYR S 69 62.90 -27.40 21.25
N ASN S 70 62.46 -26.37 20.57
CA ASN S 70 62.92 -26.08 19.22
C ASN S 70 63.74 -24.79 19.18
N TYR S 71 64.34 -24.57 18.02
CA TYR S 71 65.31 -23.49 17.85
C TYR S 71 64.69 -22.16 18.22
N PHE S 72 63.51 -21.86 17.68
CA PHE S 72 62.93 -20.54 17.87
C PHE S 72 62.47 -20.35 19.31
N VAL S 73 61.90 -21.38 19.94
CA VAL S 73 61.43 -21.20 21.30
C VAL S 73 62.61 -20.99 22.24
N LEU S 74 63.71 -21.72 22.02
CA LEU S 74 64.90 -21.49 22.83
C LEU S 74 65.45 -20.08 22.58
N PHE S 75 65.49 -19.64 21.33
CA PHE S 75 66.00 -18.32 21.01
C PHE S 75 65.16 -17.22 21.66
N ILE S 76 63.84 -17.34 21.59
CA ILE S 76 62.98 -16.30 22.13
C ILE S 76 63.03 -16.30 23.66
N ARG S 77 63.14 -17.48 24.28
CA ARG S 77 63.31 -17.52 25.72
C ARG S 77 64.64 -16.95 26.15
N GLY S 78 65.65 -17.01 25.27
CA GLY S 78 66.91 -16.36 25.58
C GLY S 78 66.86 -14.86 25.40
N MET S 79 66.08 -14.38 24.43
CA MET S 79 65.94 -12.95 24.19
C MET S 79 64.97 -12.27 25.15
N ARG S 80 64.14 -13.03 25.85
CA ARG S 80 63.12 -12.47 26.73
C ARG S 80 63.61 -11.31 27.60
N PRO S 81 64.79 -11.39 28.22
CA PRO S 81 65.21 -10.29 29.09
C PRO S 81 65.40 -8.98 28.36
N TYR S 82 66.05 -9.02 27.20
CA TYR S 82 66.28 -7.79 26.43
C TYR S 82 64.98 -7.19 25.95
N LEU S 83 64.05 -8.04 25.50
CA LEU S 83 62.74 -7.55 25.06
C LEU S 83 61.97 -6.94 26.22
N GLU S 84 62.03 -7.57 27.39
CA GLU S 84 61.39 -7.00 28.57
C GLU S 84 61.95 -5.62 28.86
N LYS S 85 63.27 -5.49 28.89
CA LYS S 85 63.89 -4.18 29.11
C LYS S 85 63.38 -3.17 28.10
N ILE S 86 63.47 -3.51 26.81
CA ILE S 86 63.09 -2.58 25.75
C ILE S 86 61.64 -2.11 25.93
N PHE S 87 60.71 -3.06 25.95
CA PHE S 87 59.30 -2.70 25.97
C PHE S 87 58.89 -2.04 27.28
N GLY S 88 59.47 -2.46 28.39
CA GLY S 88 59.19 -1.78 29.65
C GLY S 88 59.65 -0.35 29.64
N ASP S 89 60.83 -0.09 29.07
CA ASP S 89 61.31 1.28 28.97
C ASP S 89 60.40 2.13 28.09
N CYS S 90 59.99 1.58 26.94
CA CYS S 90 59.09 2.31 26.05
C CYS S 90 57.76 2.62 26.74
N ALA S 91 57.17 1.62 27.38
CA ALA S 91 55.89 1.82 28.05
C ALA S 91 56.02 2.82 29.19
N SER S 92 57.12 2.76 29.93
CA SER S 92 57.33 3.70 31.02
C SER S 92 57.48 5.12 30.50
N THR S 93 58.21 5.30 29.39
CA THR S 93 58.32 6.62 28.79
C THR S 93 56.96 7.16 28.40
N ILE S 94 56.17 6.35 27.69
CA ILE S 94 54.86 6.80 27.24
C ILE S 94 53.97 7.14 28.43
N LYS S 95 53.99 6.28 29.45
CA LYS S 95 53.15 6.51 30.63
C LYS S 95 53.56 7.78 31.36
N ASN S 96 54.86 8.00 31.52
CA ASN S 96 55.32 9.21 32.20
C ASN S 96 54.91 10.45 31.43
N ALA S 97 55.01 10.41 30.10
CA ALA S 97 54.58 11.55 29.30
C ALA S 97 53.08 11.81 29.48
N ALA S 98 52.28 10.75 29.35
CA ALA S 98 50.83 10.91 29.49
C ALA S 98 50.46 11.43 30.88
N VAL S 99 51.18 10.99 31.91
CA VAL S 99 50.89 11.44 33.26
C VAL S 99 51.28 12.90 33.44
N ALA S 100 52.44 13.29 32.91
CA ALA S 100 52.84 14.69 32.98
C ALA S 100 51.85 15.58 32.25
N VAL S 101 51.18 15.03 31.24
CA VAL S 101 50.18 15.83 30.53
C VAL S 101 48.85 15.84 31.29
N TYR S 102 48.49 14.74 31.96
CA TYR S 102 47.17 14.61 32.54
C TYR S 102 47.07 15.25 33.93
N ARG S 103 48.11 15.10 34.75
CA ARG S 103 48.04 15.66 36.10
C ARG S 103 47.74 17.14 36.11
N PRO S 104 48.48 18.00 35.42
CA PRO S 104 48.17 19.43 35.49
C PRO S 104 46.77 19.76 34.99
N VAL S 105 46.31 19.08 33.96
CA VAL S 105 44.97 19.35 33.43
C VAL S 105 43.91 18.98 34.45
N ASN S 106 44.03 17.81 35.06
CA ASN S 106 43.05 17.40 36.07
C ASN S 106 43.08 18.35 37.26
N ALA S 107 44.27 18.82 37.64
CA ALA S 107 44.37 19.77 38.74
C ALA S 107 43.67 21.09 38.39
N PHE S 108 43.98 21.63 37.21
CA PHE S 108 43.39 22.90 36.78
C PHE S 108 41.88 22.78 36.64
N VAL S 109 41.38 21.59 36.29
CA VAL S 109 39.94 21.42 36.16
C VAL S 109 39.28 21.31 37.53
N VAL S 110 39.85 20.51 38.42
CA VAL S 110 39.26 20.34 39.74
C VAL S 110 39.43 21.60 40.57
N LYS S 111 40.48 22.38 40.30
CA LYS S 111 40.68 23.63 41.03
C LYS S 111 39.54 24.62 40.78
N HIS S 112 38.91 24.53 39.61
CA HIS S 112 37.83 25.44 39.24
C HIS S 112 36.47 24.78 39.20
N ASN S 113 36.40 23.45 39.13
CA ASN S 113 35.13 22.71 39.10
C ASN S 113 35.26 21.52 40.03
N PRO S 114 35.34 21.76 41.34
CA PRO S 114 35.61 20.65 42.27
C PRO S 114 34.47 19.67 42.44
N ASP S 115 33.26 20.01 42.00
CA ASP S 115 32.09 19.18 42.24
C ASP S 115 31.59 18.58 40.92
N LEU S 116 30.82 17.50 41.06
CA LEU S 116 30.33 16.79 39.89
C LEU S 116 29.37 17.66 39.08
N ARG S 117 28.48 18.40 39.75
CA ARG S 117 27.55 19.24 39.01
C ARG S 117 28.29 20.30 38.21
N LEU S 118 29.34 20.88 38.80
CA LEU S 118 30.11 21.89 38.09
C LEU S 118 30.88 21.28 36.93
N GLN S 119 31.42 20.08 37.11
CA GLN S 119 32.10 19.40 36.01
C GLN S 119 31.13 19.12 34.87
N PHE S 120 29.92 18.67 35.19
CA PHE S 120 28.93 18.42 34.16
C PHE S 120 28.53 19.71 33.44
N VAL S 121 28.37 20.79 34.19
CA VAL S 121 28.05 22.07 33.58
C VAL S 121 29.15 22.50 32.62
N ALA S 122 30.41 22.36 33.04
CA ALA S 122 31.52 22.76 32.18
C ALA S 122 31.58 21.90 30.93
N PHE S 123 31.37 20.59 31.08
CA PHE S 123 31.38 19.71 29.92
C PHE S 123 30.27 20.09 28.94
N ALA S 124 29.08 20.38 29.46
CA ALA S 124 27.97 20.76 28.58
C ALA S 124 28.26 22.07 27.87
N SER S 125 28.82 23.04 28.58
CA SER S 125 29.15 24.32 27.95
C SER S 125 30.22 24.14 26.88
N PHE S 126 31.20 23.27 27.14
CA PHE S 126 32.22 22.99 26.14
C PHE S 126 31.59 22.39 24.88
N ILE S 127 30.71 21.41 25.07
CA ILE S 127 30.02 20.80 23.93
C ILE S 127 29.26 21.86 23.15
N ALA S 128 28.53 22.73 23.85
CA ALA S 128 27.70 23.72 23.18
C ALA S 128 28.56 24.71 22.39
N THR S 129 29.67 25.16 22.98
CA THR S 129 30.54 26.11 22.28
C THR S 129 31.15 25.47 21.04
N HIS S 130 31.64 24.23 21.18
CA HIS S 130 32.16 23.51 20.03
C HIS S 130 31.13 23.44 18.91
N MET S 131 29.91 23.04 19.26
CA MET S 131 28.86 22.90 18.26
C MET S 131 28.53 24.24 17.62
N ALA S 132 28.53 25.32 18.39
CA ALA S 132 28.19 26.63 17.85
C ALA S 132 29.25 27.11 16.85
N ILE S 133 30.52 26.95 17.19
CA ILE S 133 31.57 27.37 16.26
C ILE S 133 31.52 26.53 14.99
N THR S 134 31.37 25.21 15.15
CA THR S 134 31.22 24.35 13.98
C THR S 134 30.03 24.80 13.13
N LYS S 135 28.95 25.24 13.78
CA LYS S 135 27.77 25.68 13.04
C LYS S 135 28.06 26.95 12.27
N GLU S 136 28.86 27.85 12.83
CA GLU S 136 29.24 29.06 12.10
C GLU S 136 29.99 28.70 10.82
N PHE S 137 31.04 27.90 10.96
CA PHE S 137 31.80 27.47 9.78
C PHE S 137 30.90 26.77 8.76
N ASN S 138 30.03 25.89 9.24
CA ASN S 138 29.14 25.15 8.36
C ASN S 138 28.16 26.07 7.66
N ASP S 139 27.70 27.12 8.33
CA ASP S 139 26.80 28.08 7.69
C ASP S 139 27.52 28.78 6.54
N MET S 140 28.78 29.15 6.74
CA MET S 140 29.52 29.76 5.64
C MET S 140 29.63 28.81 4.45
N TYR S 141 30.11 27.59 4.69
CA TYR S 141 30.24 26.63 3.61
C TYR S 141 28.89 26.34 2.96
N GLN S 142 27.82 26.36 3.75
CA GLN S 142 26.50 26.10 3.21
C GLN S 142 26.04 27.24 2.31
N ARG S 143 26.41 28.48 2.63
CA ARG S 143 26.10 29.58 1.74
C ARG S 143 26.79 29.39 0.39
N LEU S 144 28.08 29.00 0.42
CA LEU S 144 28.76 28.70 -0.83
C LEU S 144 28.03 27.62 -1.62
N VAL S 145 27.71 26.50 -0.96
CA VAL S 145 27.04 25.40 -1.63
C VAL S 145 25.69 25.83 -2.18
N ASP S 146 24.98 26.69 -1.45
CA ASP S 146 23.69 27.18 -1.93
C ASP S 146 23.84 28.01 -3.19
N ILE S 147 24.88 28.84 -3.24
CA ILE S 147 25.13 29.59 -4.47
C ILE S 147 25.38 28.65 -5.64
N THR S 148 26.17 27.60 -5.41
CA THR S 148 26.45 26.66 -6.49
C THR S 148 25.17 25.96 -6.95
N SER S 149 24.33 25.55 -6.01
CA SER S 149 23.07 24.91 -6.37
C SER S 149 22.16 25.86 -7.14
N LEU S 150 22.14 27.13 -6.75
CA LEU S 150 21.32 28.11 -7.48
C LEU S 150 21.83 28.29 -8.89
N LEU S 151 23.15 28.26 -9.08
CA LEU S 151 23.69 28.37 -10.43
C LEU S 151 23.37 27.13 -11.25
N GLU S 152 23.35 25.95 -10.64
CA GLU S 152 22.91 24.75 -11.34
C GLU S 152 21.44 24.87 -11.76
N LEU S 153 20.59 25.38 -10.86
CA LEU S 153 19.19 25.61 -11.23
C LEU S 153 19.08 26.61 -12.38
N GLN S 154 19.92 27.64 -12.37
CA GLN S 154 19.91 28.62 -13.44
C GLN S 154 20.31 27.97 -14.77
N ALA S 155 21.31 27.10 -14.74
CA ALA S 155 21.69 26.37 -15.94
C ALA S 155 20.55 25.50 -16.45
N ALA S 156 19.86 24.82 -15.53
CA ALA S 156 18.72 23.98 -15.93
C ALA S 156 17.60 24.82 -16.51
N GLN S 157 17.40 26.03 -15.98
CA GLN S 157 16.37 26.92 -16.49
C GLN S 157 16.73 27.44 -17.88
N LEU S 158 18.02 27.67 -18.13
CA LEU S 158 18.45 28.06 -19.46
C LEU S 158 18.11 26.99 -20.48
N HIS S 159 18.38 25.73 -20.15
CA HIS S 159 18.01 24.62 -21.03
C HIS S 159 16.52 24.64 -21.34
N ALA S 160 15.69 24.95 -20.35
CA ALA S 160 14.25 24.95 -20.56
C ALA S 160 13.81 26.02 -21.54
N SER S 161 14.49 27.17 -21.54
CA SER S 161 14.19 28.21 -22.50
C SER S 161 14.41 27.73 -23.93
N GLU S 162 15.49 26.97 -24.14
CA GLU S 162 15.82 26.45 -25.46
C GLU S 162 15.03 25.20 -25.83
N GLY S 163 14.19 24.70 -24.92
CA GLY S 163 13.41 23.52 -25.22
C GLY S 163 14.17 22.21 -25.12
N PHE S 164 15.17 22.16 -24.25
CA PHE S 164 16.00 20.96 -24.13
C PHE S 164 15.28 19.86 -23.37
N TRP S 165 14.54 20.21 -22.33
CA TRP S 165 13.78 19.23 -21.57
C TRP S 165 12.50 18.80 -22.26
N ASP S 166 12.09 19.49 -23.31
CA ASP S 166 10.88 19.14 -24.03
C ASP S 166 11.11 17.93 -24.91
N SER S 167 10.02 17.23 -25.21
CA SER S 167 10.06 16.07 -26.07
C SER S 167 9.90 16.47 -27.53
N GLU S 168 10.16 15.52 -28.42
CA GLU S 168 10.05 15.80 -29.85
C GLU S 168 8.62 16.16 -30.23
N SER S 169 7.64 15.52 -29.60
CA SER S 169 6.25 15.89 -29.84
C SER S 169 5.99 17.35 -29.47
N GLU S 170 6.49 17.79 -28.32
CA GLU S 170 6.27 19.16 -27.89
C GLU S 170 6.99 20.15 -28.80
N GLN S 171 8.22 19.82 -29.23
CA GLN S 171 8.92 20.68 -30.18
C GLN S 171 8.15 20.80 -31.47
N GLN S 172 7.67 19.68 -31.99
CA GLN S 172 6.90 19.69 -33.23
C GLN S 172 5.61 20.50 -33.08
N GLU S 173 4.96 20.39 -31.92
CA GLU S 173 3.73 21.14 -31.70
C GLU S 173 3.99 22.63 -31.64
N ALA S 174 5.08 23.04 -30.99
CA ALA S 174 5.43 24.46 -30.97
C ALA S 174 5.73 24.96 -32.38
N ARG S 175 6.45 24.16 -33.16
CA ARG S 175 6.75 24.52 -34.54
C ARG S 175 5.47 24.68 -35.35
N LEU S 176 4.53 23.75 -35.20
CA LEU S 176 3.24 23.84 -35.88
C LEU S 176 2.47 25.06 -35.44
N GLN S 177 2.54 25.40 -34.16
CA GLN S 177 1.81 26.57 -33.65
C GLN S 177 2.34 27.85 -34.28
N ARG S 178 3.67 27.98 -34.36
CA ARG S 178 4.25 29.12 -35.04
C ARG S 178 3.81 29.18 -36.50
N HIS S 179 3.89 28.03 -37.18
CA HIS S 179 3.45 27.95 -38.57
C HIS S 179 2.03 28.45 -38.74
N ALA S 180 1.13 27.99 -37.86
CA ALA S 180 -0.29 28.32 -38.01
C ALA S 180 -0.54 29.79 -37.73
N GLU S 181 0.06 30.33 -36.68
CA GLU S 181 -0.09 31.76 -36.41
C GLU S 181 0.38 32.59 -37.60
N HIS S 182 1.55 32.25 -38.13
CA HIS S 182 2.10 33.00 -39.28
C HIS S 182 1.16 32.90 -40.48
N ARG S 183 0.67 31.70 -40.76
CA ARG S 183 -0.24 31.51 -41.89
C ARG S 183 -1.50 32.35 -41.73
N ASN S 184 -2.09 32.34 -40.54
CA ASN S 184 -3.32 33.11 -40.32
C ASN S 184 -3.08 34.60 -40.47
N ASP S 185 -1.99 35.10 -39.89
CA ASP S 185 -1.65 36.50 -40.08
C ASP S 185 -1.53 36.84 -41.56
N LEU S 186 -0.82 35.99 -42.31
CA LEU S 186 -0.61 36.26 -43.73
C LEU S 186 -1.92 36.32 -44.48
N GLU S 187 -2.81 35.35 -44.23
CA GLU S 187 -4.06 35.31 -44.99
C GLU S 187 -4.98 36.46 -44.63
N THR S 188 -5.04 36.83 -43.34
CA THR S 188 -5.81 38.00 -42.96
C THR S 188 -5.28 39.25 -43.63
N THR S 189 -3.96 39.42 -43.63
CA THR S 189 -3.36 40.58 -44.27
C THR S 189 -3.65 40.59 -45.77
N TRP S 190 -3.66 39.42 -46.40
CA TRP S 190 -3.99 39.36 -47.82
C TRP S 190 -5.42 39.77 -48.09
N GLU S 191 -6.36 39.29 -47.27
CA GLU S 191 -7.75 39.69 -47.44
C GLU S 191 -7.89 41.20 -47.31
N GLU S 192 -7.27 41.78 -46.27
CA GLU S 192 -7.35 43.22 -46.08
C GLU S 192 -6.75 43.98 -47.26
N ALA S 193 -5.56 43.56 -47.70
CA ALA S 193 -4.88 44.23 -48.80
C ALA S 193 -5.70 44.15 -50.07
N LEU S 194 -6.29 43.00 -50.36
CA LEU S 194 -7.09 42.85 -51.56
C LEU S 194 -8.33 43.73 -51.50
N ARG S 195 -9.00 43.79 -50.34
CA ARG S 195 -10.17 44.66 -50.23
C ARG S 195 -9.80 46.11 -50.47
N GLU S 196 -8.71 46.58 -49.83
CA GLU S 196 -8.31 47.96 -50.00
C GLU S 196 -7.91 48.26 -51.44
N ALA S 197 -7.13 47.37 -52.05
CA ALA S 197 -6.69 47.58 -53.42
C ALA S 197 -7.83 47.45 -54.41
N THR S 198 -8.90 46.76 -54.05
CA THR S 198 -10.06 46.69 -54.93
C THR S 198 -10.90 47.95 -54.82
N LEU S 199 -11.06 48.48 -53.61
CA LEU S 199 -11.83 49.72 -53.48
C LEU S 199 -11.05 50.92 -54.01
N ALA S 200 -9.72 50.84 -54.07
CA ALA S 200 -8.91 51.92 -54.61
C ALA S 200 -8.51 51.70 -56.07
N ARG S 201 -8.63 50.47 -56.57
CA ARG S 201 -8.20 50.12 -57.92
C ARG S 201 -6.79 50.61 -58.20
N ASN S 202 -5.86 50.05 -57.42
CA ASN S 202 -4.45 50.40 -57.53
C ASN S 202 -3.61 49.23 -57.01
N PHE S 203 -2.54 48.91 -57.75
CA PHE S 203 -1.65 47.82 -57.38
C PHE S 203 -0.61 48.25 -56.34
N ASP S 204 -0.32 49.55 -56.26
CA ASP S 204 0.64 50.04 -55.28
C ASP S 204 0.18 49.78 -53.86
N VAL S 205 -1.13 49.64 -53.64
CA VAL S 205 -1.63 49.36 -52.30
C VAL S 205 -1.28 47.93 -51.90
N LEU S 206 -1.52 46.98 -52.80
CA LEU S 206 -1.04 45.61 -52.58
C LEU S 206 0.45 45.62 -52.30
N VAL S 207 1.21 46.38 -53.09
CA VAL S 207 2.66 46.41 -52.89
C VAL S 207 3.01 46.96 -51.52
N SER S 208 2.31 48.01 -51.08
CA SER S 208 2.61 48.62 -49.79
C SER S 208 2.22 47.71 -48.63
N TYR S 209 1.22 46.86 -48.82
CA TYR S 209 0.86 45.91 -47.76
C TYR S 209 1.89 44.81 -47.57
N LEU S 210 3.00 44.82 -48.29
CA LEU S 210 4.02 43.80 -48.13
C LEU S 210 4.93 44.07 -46.93
N ASN S 211 4.82 45.23 -46.29
CA ASN S 211 5.65 45.60 -45.15
C ASN S 211 4.79 46.16 -44.04
N HIS S 212 3.68 45.49 -43.74
CA HIS S 212 2.80 45.87 -42.65
C HIS S 212 3.05 45.09 -41.37
N GLY S 213 3.76 43.97 -41.44
CA GLY S 213 4.08 43.20 -40.26
C GLY S 213 5.41 43.59 -39.64
N GLN S 229 10.19 39.63 -38.52
CA GLN S 229 11.44 39.75 -39.26
C GLN S 229 12.64 39.81 -38.32
N ASN S 230 12.44 39.37 -37.08
CA ASN S 230 13.53 39.41 -36.11
C ASN S 230 14.69 38.55 -36.57
N GLY S 231 14.47 37.25 -36.68
CA GLY S 231 15.45 36.35 -37.27
C GLY S 231 14.75 35.32 -38.12
N ILE S 232 15.02 34.05 -37.86
CA ILE S 232 14.29 32.96 -38.51
C ILE S 232 14.01 31.87 -37.50
N PRO S 233 13.04 31.00 -37.80
CA PRO S 233 12.83 29.84 -36.95
C PRO S 233 14.02 28.89 -37.04
N PRO S 234 14.34 28.19 -35.95
CA PRO S 234 15.48 27.27 -36.00
C PRO S 234 15.28 26.17 -37.04
N SER S 235 16.38 25.84 -37.72
CA SER S 235 16.33 24.80 -38.74
C SER S 235 16.20 23.42 -38.12
N VAL S 236 16.93 23.16 -37.02
CA VAL S 236 16.88 21.89 -36.33
C VAL S 236 16.90 22.14 -34.83
N THR S 237 16.45 21.12 -34.09
CA THR S 237 16.40 21.20 -32.64
C THR S 237 16.97 19.92 -32.04
N TRP S 238 17.54 20.06 -30.85
CA TRP S 238 18.13 18.97 -30.10
C TRP S 238 17.52 18.95 -28.70
N ASN S 239 17.23 17.75 -28.22
CA ASN S 239 16.54 17.59 -26.94
C ASN S 239 17.26 16.55 -26.09
N PHE S 240 16.83 16.48 -24.84
CA PHE S 240 17.46 15.58 -23.87
C PHE S 240 17.09 14.13 -24.12
N ASN S 241 15.86 13.87 -24.57
CA ASN S 241 15.44 12.50 -24.84
C ASN S 241 16.17 11.89 -26.02
N ALA S 242 16.80 12.70 -26.87
CA ALA S 242 17.58 12.18 -27.98
C ALA S 242 18.92 11.62 -27.54
N MET S 243 19.37 11.91 -26.33
CA MET S 243 20.62 11.35 -25.84
C MET S 243 20.39 9.92 -25.38
N PRO S 244 21.23 8.98 -25.81
CA PRO S 244 21.00 7.57 -25.46
C PRO S 244 21.43 7.24 -24.04
N TYR S 245 20.84 6.18 -23.52
CA TYR S 245 21.18 5.65 -22.21
C TYR S 245 20.92 4.17 -22.18
N GLY S 246 21.77 3.43 -21.46
CA GLY S 246 21.58 2.02 -21.28
C GLY S 246 22.85 1.26 -21.00
N LYS S 247 22.77 0.30 -20.08
CA LYS S 247 23.93 -0.54 -19.79
C LYS S 247 24.25 -1.46 -20.96
N GLU S 248 23.22 -1.97 -21.64
CA GLU S 248 23.38 -2.84 -22.79
C GLU S 248 23.20 -2.12 -24.12
N ASN S 249 22.69 -0.91 -24.11
CA ASN S 249 22.37 -0.20 -25.34
C ASN S 249 23.66 0.09 -26.12
N PRO S 250 23.81 -0.43 -27.33
CA PRO S 250 25.04 -0.18 -28.10
C PRO S 250 25.13 1.22 -28.68
N ASP S 251 24.12 2.05 -28.51
CA ASP S 251 24.22 3.45 -28.92
C ASP S 251 25.13 4.27 -28.01
N THR S 252 25.65 3.66 -26.95
CA THR S 252 26.58 4.31 -26.03
C THR S 252 27.96 3.67 -26.04
N LYS S 253 28.15 2.58 -26.77
CA LYS S 253 29.40 1.83 -26.75
C LYS S 253 30.21 2.18 -27.99
N THR S 254 31.36 2.81 -27.77
CA THR S 254 32.36 3.02 -28.82
C THR S 254 33.49 2.02 -28.72
N PHE S 255 34.18 2.00 -27.58
CA PHE S 255 35.26 1.08 -27.31
C PHE S 255 35.08 0.52 -25.91
N PRO S 256 35.50 -0.73 -25.68
CA PRO S 256 35.31 -1.32 -24.35
C PRO S 256 36.14 -0.60 -23.30
N ILE S 257 35.51 -0.36 -22.16
CA ILE S 257 36.15 0.29 -21.03
C ILE S 257 36.85 -0.78 -20.20
N PRO S 258 38.10 -0.56 -19.77
CA PRO S 258 38.80 -1.61 -19.04
C PRO S 258 38.17 -1.91 -17.69
N ASP S 259 38.34 -3.16 -17.26
CA ASP S 259 37.73 -3.61 -16.02
C ASP S 259 38.33 -2.90 -14.82
N HIS S 260 39.64 -2.60 -14.86
CA HIS S 260 40.25 -1.87 -13.76
C HIS S 260 39.78 -0.43 -13.69
N GLU S 261 38.97 0.02 -14.65
CA GLU S 261 38.35 1.33 -14.59
C GLU S 261 36.83 1.27 -14.43
N GLN S 262 36.23 0.11 -14.65
CA GLN S 262 34.81 0.00 -14.38
C GLN S 262 34.55 -0.12 -12.87
N PRO S 263 33.43 0.42 -12.39
CA PRO S 263 33.17 0.43 -10.95
C PRO S 263 32.47 -0.83 -10.47
N TYR S 264 32.52 -1.02 -9.15
CA TYR S 264 31.97 -2.19 -8.50
C TYR S 264 30.59 -1.92 -7.94
N ARG S 265 29.79 -2.97 -7.87
CA ARG S 265 28.49 -2.93 -7.22
C ARG S 265 28.61 -3.32 -5.77
N ALA S 266 27.77 -2.71 -4.93
CA ALA S 266 27.83 -2.96 -3.50
C ALA S 266 27.58 -4.42 -3.19
N PHE S 267 28.20 -4.90 -2.12
CA PHE S 267 28.11 -6.28 -1.68
C PHE S 267 27.54 -6.33 -0.27
N SER S 268 26.51 -7.15 -0.09
CA SER S 268 25.91 -7.38 1.21
C SER S 268 25.52 -8.84 1.30
N LEU S 269 26.06 -9.54 2.29
CA LEU S 269 25.76 -10.96 2.45
C LEU S 269 25.82 -11.31 3.93
N GLY S 270 24.78 -11.99 4.41
CA GLY S 270 24.71 -12.42 5.78
C GLY S 270 23.63 -13.46 5.93
N PHE S 271 23.53 -14.01 7.14
CA PHE S 271 22.47 -14.97 7.44
C PHE S 271 21.10 -14.30 7.48
N THR S 272 21.06 -12.99 7.65
CA THR S 272 19.81 -12.25 7.81
C THR S 272 19.37 -11.55 6.54
N ALA S 273 20.30 -10.99 5.77
CA ALA S 273 19.94 -10.25 4.57
C ALA S 273 21.09 -10.30 3.57
N ASN S 274 20.76 -10.00 2.32
CA ASN S 274 21.75 -9.91 1.26
C ASN S 274 21.22 -8.96 0.19
N ASN S 275 22.05 -8.71 -0.81
CA ASN S 275 21.68 -7.86 -1.94
C ASN S 275 21.95 -8.57 -3.26
N LEU S 276 21.92 -9.90 -3.24
CA LEU S 276 22.20 -10.71 -4.42
C LEU S 276 20.98 -11.43 -4.96
N SER S 277 19.92 -11.56 -4.17
CA SER S 277 18.69 -12.17 -4.63
C SER S 277 17.89 -11.27 -5.55
N GLY S 278 18.36 -10.06 -5.83
CA GLY S 278 17.61 -9.15 -6.65
C GLY S 278 18.50 -8.08 -7.26
N ASN S 279 17.87 -7.23 -8.06
CA ASN S 279 18.54 -6.12 -8.72
C ASN S 279 17.60 -4.93 -8.75
N TRP S 280 18.05 -3.81 -8.21
CA TRP S 280 17.25 -2.59 -8.17
C TRP S 280 17.43 -1.72 -9.40
N GLY S 281 18.45 -1.98 -10.20
CA GLY S 281 18.69 -1.21 -11.40
C GLY S 281 19.52 0.03 -11.16
N ASP S 282 19.55 0.87 -12.18
CA ASP S 282 20.31 2.11 -12.17
C ASP S 282 19.43 3.23 -11.62
N TYR S 283 19.92 4.46 -11.67
CA TYR S 283 19.14 5.59 -11.18
C TYR S 283 18.01 5.95 -12.12
N ILE S 284 18.17 5.66 -13.42
CA ILE S 284 17.16 5.99 -14.42
C ILE S 284 16.34 4.74 -14.71
N ASP S 285 17.02 3.67 -15.11
CA ASP S 285 16.35 2.43 -15.48
C ASP S 285 16.29 1.54 -14.25
N ARG S 286 15.20 1.66 -13.51
CA ARG S 286 14.99 0.89 -12.29
C ARG S 286 14.10 -0.31 -12.57
N GLN S 287 14.17 -1.28 -11.67
CA GLN S 287 13.38 -2.49 -11.80
C GLN S 287 13.05 -3.02 -10.42
N ASP S 288 11.94 -3.76 -10.33
CA ASP S 288 11.53 -4.37 -9.08
C ASP S 288 12.54 -5.44 -8.67
N ASN S 289 12.95 -5.39 -7.41
CA ASN S 289 13.93 -6.35 -6.91
C ASN S 289 13.30 -7.71 -6.64
N LYS S 290 12.03 -7.74 -6.27
CA LYS S 290 11.33 -9.00 -6.03
C LYS S 290 10.80 -9.55 -7.34
N ASN S 291 10.75 -10.88 -7.44
CA ASN S 291 10.27 -11.53 -8.64
C ASN S 291 8.74 -11.59 -8.64
N ALA S 292 8.20 -12.08 -9.75
CA ALA S 292 6.76 -11.97 -9.99
C ALA S 292 5.95 -12.68 -8.92
N LEU S 293 6.40 -13.84 -8.46
CA LEU S 293 5.58 -14.65 -7.57
C LEU S 293 5.39 -13.99 -6.21
N MET S 294 6.34 -13.20 -5.75
CA MET S 294 6.29 -12.59 -4.43
C MET S 294 6.02 -11.09 -4.45
N ARG S 295 5.82 -10.50 -5.62
CA ARG S 295 5.47 -9.09 -5.68
C ARG S 295 4.12 -8.81 -5.03
N PRO S 296 3.09 -9.65 -5.18
CA PRO S 296 1.83 -9.41 -4.46
C PRO S 296 1.95 -9.53 -2.95
N ALA S 297 3.04 -10.09 -2.44
CA ALA S 297 3.26 -10.26 -1.01
C ALA S 297 4.49 -9.50 -0.54
N ARG S 298 4.71 -8.32 -1.12
CA ARG S 298 5.88 -7.51 -0.76
C ARG S 298 5.84 -7.11 0.70
N MET S 299 4.65 -6.84 1.23
CA MET S 299 4.50 -6.46 2.62
C MET S 299 5.18 -7.46 3.55
N MET S 300 5.14 -8.74 3.19
CA MET S 300 5.69 -9.79 4.04
C MET S 300 7.21 -9.81 4.08
N PHE S 301 7.87 -9.02 3.25
CA PHE S 301 9.33 -8.96 3.21
C PHE S 301 9.85 -7.62 3.74
N THR S 302 9.17 -7.04 4.72
CA THR S 302 9.51 -5.72 5.22
C THR S 302 9.35 -5.68 6.73
N ASP S 303 10.22 -4.90 7.38
CA ASP S 303 10.04 -4.60 8.79
C ASP S 303 9.07 -3.45 9.00
N VAL S 304 9.01 -2.51 8.06
CA VAL S 304 8.05 -1.42 8.09
C VAL S 304 7.53 -1.21 6.68
N PHE S 305 6.27 -0.78 6.59
CA PHE S 305 5.60 -0.60 5.31
C PHE S 305 4.67 0.60 5.42
N ILE S 306 4.90 1.60 4.58
CA ILE S 306 4.07 2.80 4.50
C ILE S 306 3.32 2.76 3.19
N PRO S 307 2.02 2.54 3.19
CA PRO S 307 1.29 2.33 1.92
C PRO S 307 1.08 3.63 1.16
N THR S 308 0.53 3.46 -0.04
CA THR S 308 0.22 4.57 -0.91
C THR S 308 -0.96 5.39 -0.35
N THR S 309 -1.13 6.57 -0.92
CA THR S 309 -2.29 7.41 -0.67
C THR S 309 -3.20 7.34 -1.90
N LYS S 310 -4.43 6.92 -1.70
CA LYS S 310 -5.38 6.82 -2.80
C LYS S 310 -6.81 7.12 -2.36
N ALA T 96 42.22 -1.40 -44.09
CA ALA T 96 41.05 -1.40 -43.22
C ALA T 96 41.16 -0.28 -42.18
N SER T 97 40.04 0.01 -41.52
CA SER T 97 40.02 1.07 -40.52
C SER T 97 40.14 0.48 -39.13
N PRO T 98 40.65 1.26 -38.17
CA PRO T 98 40.81 0.73 -36.81
C PRO T 98 39.51 0.52 -36.05
N MET T 99 38.37 0.93 -36.61
CA MET T 99 37.10 0.78 -35.92
C MET T 99 36.33 -0.46 -36.33
N LEU T 100 36.76 -1.16 -37.38
CA LEU T 100 36.18 -2.45 -37.70
C LEU T 100 36.69 -3.56 -36.79
N PHE T 101 37.67 -3.26 -35.94
CA PHE T 101 38.24 -4.22 -35.01
C PHE T 101 37.46 -4.20 -33.70
N THR T 102 37.13 -5.38 -33.19
CA THR T 102 36.31 -5.51 -32.00
C THR T 102 36.94 -6.36 -30.91
N ASP T 103 37.74 -7.35 -31.27
CA ASP T 103 38.31 -8.30 -30.31
C ASP T 103 39.42 -7.61 -29.54
N TYR T 104 39.02 -6.75 -28.61
CA TYR T 104 39.96 -6.03 -27.75
C TYR T 104 40.11 -6.66 -26.37
N ASP T 105 39.24 -7.60 -26.00
CA ASP T 105 39.24 -8.18 -24.68
C ASP T 105 40.06 -9.45 -24.59
N ASN T 106 40.77 -9.82 -25.65
CA ASN T 106 41.67 -10.97 -25.62
C ASN T 106 43.08 -10.53 -25.23
N THR T 107 43.16 -9.88 -24.06
CA THR T 107 44.40 -9.31 -23.57
C THR T 107 45.16 -10.38 -22.79
N ALA T 108 46.02 -11.11 -23.49
CA ALA T 108 46.87 -12.09 -22.84
C ALA T 108 47.92 -11.39 -21.98
N SER T 109 48.66 -12.20 -21.23
CA SER T 109 49.71 -11.70 -20.35
C SER T 109 50.74 -12.80 -20.18
N PRO T 110 52.00 -12.45 -19.91
CA PRO T 110 53.03 -13.49 -19.80
C PRO T 110 52.68 -14.51 -18.74
N LYS T 111 53.01 -15.78 -19.02
CA LYS T 111 52.72 -16.84 -18.08
C LYS T 111 53.54 -16.73 -16.80
N SER T 112 54.61 -15.93 -16.82
CA SER T 112 55.40 -15.71 -15.62
C SER T 112 54.65 -14.89 -14.59
N GLU T 113 53.62 -14.15 -15.00
CA GLU T 113 52.84 -13.33 -14.10
C GLU T 113 51.78 -14.11 -13.34
N LEU T 114 51.77 -15.44 -13.47
CA LEU T 114 50.85 -16.25 -12.68
C LEU T 114 51.18 -16.19 -11.19
N ILE T 115 52.39 -15.78 -10.84
CA ILE T 115 52.75 -15.64 -9.44
C ILE T 115 51.95 -14.55 -8.76
N PHE T 116 51.36 -13.65 -9.53
CA PHE T 116 50.50 -12.59 -9.01
C PHE T 116 49.08 -13.07 -8.76
N MET T 117 48.84 -14.38 -8.79
CA MET T 117 47.49 -14.89 -8.60
C MET T 117 46.92 -14.46 -7.26
N ALA T 118 47.59 -14.83 -6.17
CA ALA T 118 47.09 -14.49 -4.85
C ALA T 118 47.12 -12.99 -4.61
N GLY T 119 48.12 -12.30 -5.15
CA GLY T 119 48.16 -10.85 -5.01
C GLY T 119 46.94 -10.18 -5.62
N ASN T 120 46.60 -10.56 -6.84
CA ASN T 120 45.42 -9.99 -7.50
C ASN T 120 44.15 -10.41 -6.77
N ALA T 121 44.09 -11.63 -6.26
CA ALA T 121 42.92 -12.06 -5.50
C ALA T 121 42.72 -11.18 -4.27
N LEU T 122 43.78 -10.98 -3.50
CA LEU T 122 43.68 -10.15 -2.30
C LEU T 122 43.39 -8.71 -2.66
N GLY T 123 43.95 -8.21 -3.76
CA GLY T 123 43.66 -6.86 -4.19
C GLY T 123 42.20 -6.67 -4.57
N TYR T 124 41.63 -7.65 -5.27
CA TYR T 124 40.22 -7.61 -5.61
C TYR T 124 39.37 -7.65 -4.35
N CYS T 125 39.67 -8.57 -3.43
CA CYS T 125 38.91 -8.66 -2.19
C CYS T 125 39.04 -7.40 -1.37
N THR T 126 40.18 -6.70 -1.46
CA THR T 126 40.35 -5.46 -0.74
C THR T 126 39.51 -4.35 -1.36
N GLU T 127 39.66 -4.15 -2.67
CA GLU T 127 38.91 -3.09 -3.33
C GLU T 127 37.41 -3.32 -3.27
N ARG T 128 36.96 -4.56 -3.10
CA ARG T 128 35.54 -4.86 -3.11
C ARG T 128 34.93 -4.97 -1.71
N PHE T 129 35.64 -5.57 -0.75
CA PHE T 129 35.07 -5.86 0.56
C PHE T 129 35.79 -5.16 1.70
N PHE T 130 37.11 -5.28 1.79
CA PHE T 130 37.80 -4.98 3.04
C PHE T 130 37.82 -3.49 3.37
N GLU T 131 38.00 -2.63 2.37
CA GLU T 131 38.17 -1.21 2.63
C GLU T 131 36.84 -0.46 2.65
N ASN T 132 35.75 -1.14 3.00
CA ASN T 132 34.43 -0.53 3.07
C ASN T 132 33.70 -1.08 4.29
N GLU T 133 32.39 -0.84 4.33
CA GLU T 133 31.60 -1.18 5.50
C GLU T 133 31.56 -2.69 5.73
N TYR T 134 31.49 -3.49 4.66
CA TYR T 134 31.56 -4.93 4.83
C TYR T 134 32.90 -5.34 5.41
N GLY T 135 33.96 -4.61 5.07
CA GLY T 135 35.25 -4.89 5.68
C GLY T 135 35.29 -4.54 7.15
N GLN T 136 34.58 -3.48 7.54
CA GLN T 136 34.45 -3.18 8.96
C GLN T 136 33.72 -4.30 9.69
N SER T 137 32.68 -4.86 9.04
CA SER T 137 31.99 -6.00 9.63
C SER T 137 32.90 -7.21 9.75
N ILE T 138 33.77 -7.42 8.76
CA ILE T 138 34.71 -8.53 8.82
C ILE T 138 35.72 -8.33 9.95
N PHE T 139 36.16 -7.08 10.15
CA PHE T 139 37.06 -6.79 11.26
C PHE T 139 36.38 -7.06 12.59
N MET T 140 35.11 -6.68 12.72
CA MET T 140 34.38 -7.01 13.94
C MET T 140 34.23 -8.52 14.12
N PHE T 141 34.10 -9.26 13.01
CA PHE T 141 34.03 -10.71 13.10
C PHE T 141 35.34 -11.30 13.63
N ALA T 142 36.47 -10.75 13.19
CA ALA T 142 37.75 -11.20 13.72
C ALA T 142 37.88 -10.89 15.21
N LEU T 143 37.50 -9.66 15.60
CA LEU T 143 37.49 -9.32 17.01
C LEU T 143 36.61 -10.28 17.81
N GLY T 144 35.49 -10.69 17.23
CA GLY T 144 34.61 -11.63 17.91
C GLY T 144 35.21 -13.01 18.02
N LEU T 145 35.98 -13.44 17.01
CA LEU T 145 36.71 -14.69 17.14
C LEU T 145 37.68 -14.63 18.32
N ALA T 146 38.40 -13.51 18.45
CA ALA T 146 39.28 -13.34 19.60
C ALA T 146 38.49 -13.39 20.91
N TYR T 147 37.37 -12.67 20.95
CA TYR T 147 36.51 -12.65 22.13
C TYR T 147 36.08 -14.05 22.52
N LEU T 148 35.67 -14.86 21.55
CA LEU T 148 35.20 -16.21 21.83
C LEU T 148 36.34 -17.10 22.31
N ALA T 149 37.52 -16.98 21.69
CA ALA T 149 38.66 -17.75 22.16
C ALA T 149 39.00 -17.43 23.61
N MET T 150 39.01 -16.15 23.95
CA MET T 150 39.29 -15.74 25.32
C MET T 150 38.23 -16.26 26.28
N LEU T 151 36.96 -16.12 25.90
CA LEU T 151 35.87 -16.64 26.71
C LEU T 151 36.02 -18.14 26.95
N GLY T 152 36.39 -18.89 25.91
CA GLY T 152 36.54 -20.32 26.07
C GLY T 152 37.70 -20.69 26.96
N HIS T 153 38.81 -19.96 26.84
CA HIS T 153 39.94 -20.21 27.73
C HIS T 153 39.56 -19.98 29.18
N GLU T 154 38.90 -18.86 29.46
CA GLU T 154 38.49 -18.58 30.83
C GLU T 154 37.46 -19.59 31.33
N GLY T 155 36.58 -20.07 30.45
CA GLY T 155 35.65 -21.11 30.87
C GLY T 155 36.33 -22.42 31.20
N LYS T 156 37.35 -22.78 30.42
CA LYS T 156 38.14 -23.96 30.73
C LYS T 156 38.79 -23.83 32.10
N ILE T 157 39.40 -22.68 32.36
CA ILE T 157 40.02 -22.45 33.67
C ILE T 157 38.98 -22.53 34.78
N HIS T 158 37.81 -21.96 34.53
CA HIS T 158 36.74 -21.98 35.54
C HIS T 158 36.35 -23.41 35.87
N GLY T 159 36.13 -24.23 34.86
CA GLY T 159 35.79 -25.62 35.11
C GLY T 159 36.89 -26.37 35.84
N ALA T 160 38.14 -26.13 35.45
CA ALA T 160 39.26 -26.77 36.13
C ALA T 160 39.26 -26.44 37.62
N VAL T 161 39.13 -25.15 37.95
CA VAL T 161 39.16 -24.76 39.35
C VAL T 161 37.93 -25.28 40.09
N TRP T 162 36.78 -25.30 39.41
CA TRP T 162 35.55 -25.78 40.02
C TRP T 162 35.65 -27.26 40.37
N ARG T 163 36.39 -28.03 39.57
CA ARG T 163 36.61 -29.43 39.91
C ARG T 163 37.70 -29.58 40.97
N MET T 164 38.76 -28.78 40.88
CA MET T 164 39.81 -28.81 41.90
C MET T 164 39.23 -28.58 43.27
N LYS T 165 38.31 -27.64 43.40
CA LYS T 165 37.68 -27.37 44.67
C LYS T 165 37.11 -28.65 45.27
N HIS T 166 36.15 -29.24 44.56
CA HIS T 166 35.46 -30.41 45.10
C HIS T 166 36.42 -31.56 45.36
N LEU T 167 37.43 -31.74 44.51
CA LEU T 167 38.24 -32.95 44.59
C LEU T 167 39.48 -32.80 45.46
N PHE T 168 39.81 -31.59 45.90
CA PHE T 168 41.00 -31.37 46.72
C PHE T 168 40.69 -30.76 48.08
N ALA T 169 39.75 -29.81 48.15
CA ALA T 169 39.62 -29.00 49.35
C ALA T 169 39.13 -29.77 50.56
N THR T 170 38.71 -31.03 50.41
CA THR T 170 38.16 -31.80 51.52
C THR T 170 38.71 -33.21 51.55
N ASN T 171 40.02 -33.36 51.34
CA ASN T 171 40.63 -34.67 51.26
C ASN T 171 41.41 -35.06 52.51
N PHE T 172 42.17 -34.12 53.08
CA PHE T 172 43.08 -34.36 54.20
C PHE T 172 44.32 -35.13 53.77
N LYS T 173 44.34 -35.62 52.53
CA LYS T 173 45.50 -36.32 52.00
C LYS T 173 46.28 -35.50 50.99
N MET T 174 45.68 -34.47 50.41
CA MET T 174 46.33 -33.61 49.45
C MET T 174 46.58 -32.26 50.12
N VAL T 175 47.67 -32.17 50.86
CA VAL T 175 48.13 -30.87 51.31
C VAL T 175 48.77 -30.12 50.16
N GLY T 176 49.39 -30.85 49.25
CA GLY T 176 49.88 -30.31 48.00
C GLY T 176 49.72 -31.34 46.90
N HIS T 177 50.57 -31.26 45.88
CA HIS T 177 50.49 -32.27 44.83
C HIS T 177 51.43 -33.42 45.16
N PRO T 178 51.04 -34.66 44.85
CA PRO T 178 51.89 -35.80 45.24
C PRO T 178 53.28 -35.78 44.62
N ARG T 179 53.44 -35.16 43.45
CA ARG T 179 54.73 -35.11 42.80
C ARG T 179 55.74 -34.26 43.56
N TYR T 180 55.31 -33.55 44.60
CA TYR T 180 56.19 -32.68 45.38
C TYR T 180 56.20 -33.04 46.86
N ALA T 181 55.76 -34.26 47.19
CA ALA T 181 55.74 -34.69 48.58
C ALA T 181 57.13 -34.86 49.16
N TYR T 182 58.17 -34.96 48.31
CA TYR T 182 59.53 -35.07 48.82
C TYR T 182 59.92 -33.84 49.64
N ALA T 183 59.30 -32.70 49.36
CA ALA T 183 59.65 -31.46 50.04
C ALA T 183 58.95 -31.30 51.38
N LEU T 184 57.97 -32.13 51.68
CA LEU T 184 57.27 -32.02 52.95
C LEU T 184 58.17 -32.48 54.10
N PRO T 185 57.97 -31.94 55.29
CA PRO T 185 58.67 -32.48 56.47
C PRO T 185 58.29 -33.93 56.70
N LYS T 186 59.06 -34.58 57.56
CA LYS T 186 58.87 -35.99 57.82
C LYS T 186 57.97 -36.19 59.04
N ASN T 187 57.21 -37.28 59.00
CA ASN T 187 56.23 -37.54 60.04
C ASN T 187 56.92 -38.08 61.29
N PRO T 188 56.73 -37.46 62.45
CA PRO T 188 57.33 -37.99 63.68
C PRO T 188 56.64 -39.23 64.22
N LEU T 189 55.49 -39.61 63.66
CA LEU T 189 54.74 -40.76 64.16
C LEU T 189 55.14 -42.05 63.48
N LEU T 190 55.79 -41.99 62.32
CA LEU T 190 56.22 -43.17 61.61
C LEU T 190 57.61 -43.61 62.07
N GLN T 191 57.83 -44.92 62.06
CA GLN T 191 59.10 -45.49 62.50
C GLN T 191 59.15 -46.98 62.21
N ALA U 7 61.12 62.20 -41.74
CA ALA U 7 62.51 61.77 -41.72
C ALA U 7 62.61 60.25 -41.90
N PRO U 8 62.52 59.79 -43.15
CA PRO U 8 62.61 58.33 -43.38
C PRO U 8 63.95 57.74 -43.00
N HIS U 9 65.03 58.49 -43.24
CA HIS U 9 66.35 58.04 -42.82
C HIS U 9 66.38 57.79 -41.31
N GLN U 10 65.86 58.75 -40.53
CA GLN U 10 65.84 58.59 -39.08
C GLN U 10 64.92 57.45 -38.65
N ARG U 11 63.78 57.30 -39.35
CA ARG U 11 62.88 56.19 -39.02
C ARG U 11 63.57 54.85 -39.21
N ALA U 12 64.24 54.67 -40.35
CA ALA U 12 64.95 53.42 -40.60
C ALA U 12 66.07 53.22 -39.60
N ALA U 13 66.80 54.29 -39.27
CA ALA U 13 67.87 54.19 -38.29
C ALA U 13 67.33 53.71 -36.95
N CYS U 14 66.20 54.27 -36.50
CA CYS U 14 65.68 53.88 -35.20
C CYS U 14 65.08 52.48 -35.24
N GLU U 15 64.51 52.06 -36.37
CA GLU U 15 64.06 50.69 -36.48
C GLU U 15 65.22 49.72 -36.36
N GLN U 16 66.34 50.04 -37.01
CA GLN U 16 67.54 49.22 -36.86
C GLN U 16 68.01 49.21 -35.42
N LEU U 17 67.95 50.38 -34.76
CA LEU U 17 68.34 50.46 -33.36
C LEU U 17 67.47 49.56 -32.49
N HIS U 18 66.16 49.57 -32.74
CA HIS U 18 65.24 48.76 -31.96
C HIS U 18 65.50 47.28 -32.18
N SER U 19 65.76 46.89 -33.43
CA SER U 19 66.10 45.49 -33.71
C SER U 19 67.37 45.10 -32.98
N GLU U 20 68.37 45.99 -32.97
CA GLU U 20 69.62 45.71 -32.27
C GLU U 20 69.39 45.55 -30.77
N TYR U 21 68.53 46.41 -30.21
CA TYR U 21 68.21 46.31 -28.79
C TYR U 21 67.54 44.98 -28.48
N LYS U 22 66.58 44.57 -29.30
CA LYS U 22 65.94 43.29 -29.12
C LYS U 22 66.95 42.15 -29.19
N GLN U 23 67.87 42.22 -30.17
CA GLN U 23 68.87 41.17 -30.32
C GLN U 23 69.76 41.07 -29.10
N CYS U 24 70.23 42.21 -28.60
CA CYS U 24 71.10 42.20 -27.43
C CYS U 24 70.35 41.69 -26.20
N LEU U 25 69.10 42.10 -26.05
CA LEU U 25 68.30 41.64 -24.92
C LEU U 25 68.09 40.13 -24.97
N ALA U 26 67.82 39.60 -26.16
CA ALA U 26 67.66 38.16 -26.30
C ALA U 26 68.96 37.44 -26.01
N LYS U 27 70.09 37.98 -26.49
CA LYS U 27 71.38 37.35 -26.24
C LYS U 27 71.70 37.31 -24.76
N ASN U 28 71.37 38.37 -24.03
CA ASN U 28 71.69 38.43 -22.61
C ASN U 28 70.73 37.60 -21.77
N GLY U 29 69.45 37.58 -22.13
CA GLY U 29 68.44 36.87 -21.37
C GLY U 29 67.68 37.81 -20.44
N ARG U 30 66.57 37.29 -19.92
CA ARG U 30 65.73 38.07 -19.02
C ARG U 30 66.21 38.04 -17.58
N THR U 31 67.24 37.26 -17.27
CA THR U 31 67.84 37.32 -15.94
C THR U 31 68.86 38.46 -15.88
N HIS U 32 69.73 38.55 -16.88
CA HIS U 32 70.71 39.64 -16.97
C HIS U 32 70.18 40.63 -18.00
N PHE U 33 69.28 41.51 -17.55
CA PHE U 33 68.69 42.53 -18.39
C PHE U 33 69.20 43.93 -18.09
N SER U 34 69.93 44.12 -16.99
CA SER U 34 70.48 45.42 -16.65
C SER U 34 71.69 45.78 -17.50
N ALA U 35 72.11 44.91 -18.43
CA ALA U 35 73.27 45.20 -19.26
C ALA U 35 72.90 46.04 -20.48
N CYS U 36 71.65 45.97 -20.93
CA CYS U 36 71.22 46.67 -22.14
C CYS U 36 70.59 48.03 -21.84
N THR U 37 70.95 48.66 -20.72
CA THR U 37 70.46 49.99 -20.42
C THR U 37 71.05 51.06 -21.34
N ASP U 38 72.06 50.71 -22.14
CA ASP U 38 72.68 51.69 -23.04
C ASP U 38 71.67 52.25 -24.04
N PHE U 39 70.68 51.45 -24.43
CA PHE U 39 69.82 51.81 -25.55
C PHE U 39 68.69 52.76 -25.16
N HIS U 40 68.37 52.86 -23.88
CA HIS U 40 67.28 53.75 -23.46
C HIS U 40 67.54 55.18 -23.90
N SER U 41 68.78 55.65 -23.74
CA SER U 41 69.13 57.02 -24.12
C SER U 41 68.63 57.35 -25.52
N LYS U 42 68.83 56.44 -26.47
CA LYS U 42 68.42 56.67 -27.84
C LYS U 42 66.95 56.34 -28.08
N LEU U 43 66.42 55.33 -27.39
CA LEU U 43 65.06 54.89 -27.66
C LEU U 43 64.04 55.89 -27.15
N ARG U 44 64.31 56.53 -26.01
CA ARG U 44 63.39 57.55 -25.50
C ARG U 44 63.37 58.76 -26.43
N ALA U 45 64.53 59.12 -26.99
CA ALA U 45 64.55 60.18 -27.99
C ALA U 45 63.78 59.78 -29.24
N CYS U 46 63.96 58.55 -29.70
CA CYS U 46 63.15 58.04 -30.80
C CYS U 46 61.68 58.23 -30.54
N GLU U 47 61.23 57.83 -29.33
CA GLU U 47 59.82 57.96 -28.99
C GLU U 47 59.38 59.41 -29.03
N ASN U 48 60.12 60.29 -28.34
CA ASN U 48 59.74 61.68 -28.28
C ASN U 48 59.75 62.35 -29.65
N MET U 49 60.51 61.79 -30.59
CA MET U 49 60.63 62.41 -31.91
C MET U 49 59.56 61.89 -32.88
N LEU U 50 59.39 60.57 -32.95
CA LEU U 50 58.50 59.94 -33.92
C LEU U 50 57.12 59.64 -33.36
N GLY U 51 56.83 60.03 -32.12
CA GLY U 51 55.53 59.72 -31.55
C GLY U 51 55.26 58.25 -31.39
N THR U 52 56.30 57.42 -31.34
CA THR U 52 56.18 55.98 -31.22
C THR U 52 56.52 55.53 -29.81
N SER U 53 56.12 54.30 -29.50
CA SER U 53 56.43 53.67 -28.22
C SER U 53 57.19 52.36 -28.47
N TYR U 54 57.93 51.92 -27.44
CA TYR U 54 58.73 50.71 -27.58
C TYR U 54 58.62 49.78 -26.38
N CYS U 55 57.70 50.03 -25.45
CA CYS U 55 57.42 49.09 -24.36
C CYS U 55 58.60 48.93 -23.41
N ILE U 56 59.43 49.97 -23.31
CA ILE U 56 60.68 49.86 -22.56
C ILE U 56 60.40 49.61 -21.08
N ASP U 57 59.72 50.55 -20.44
CA ASP U 57 59.45 50.44 -19.01
C ASP U 57 58.61 49.21 -18.71
N GLU U 58 57.66 48.88 -19.58
CA GLU U 58 56.83 47.71 -19.35
C GLU U 58 57.67 46.43 -19.34
N GLY U 59 58.53 46.27 -20.34
CA GLY U 59 59.39 45.10 -20.36
C GLY U 59 60.33 45.04 -19.18
N ILE U 60 60.90 46.19 -18.80
CA ILE U 60 61.83 46.22 -17.69
C ILE U 60 61.13 45.82 -16.40
N ASN U 61 59.93 46.37 -16.17
CA ASN U 61 59.18 46.04 -14.96
C ASN U 61 58.80 44.56 -14.94
N LEU U 62 58.39 44.03 -16.09
CA LEU U 62 58.04 42.62 -16.16
C LEU U 62 59.24 41.74 -15.81
N MET U 63 60.40 42.04 -16.40
CA MET U 63 61.60 41.28 -16.09
C MET U 63 61.94 41.36 -14.62
N LYS U 64 61.92 42.57 -14.04
CA LYS U 64 62.26 42.73 -12.64
C LYS U 64 61.30 41.98 -11.73
N CYS U 65 60.02 41.97 -12.09
CA CYS U 65 59.02 41.34 -11.23
C CYS U 65 59.07 39.82 -11.31
N THR U 66 59.30 39.26 -12.50
CA THR U 66 59.20 37.82 -12.65
C THR U 66 60.31 37.07 -11.91
N LYS U 67 61.35 37.75 -11.45
CA LYS U 67 62.36 37.11 -10.62
C LYS U 67 62.08 37.26 -9.14
N ASN U 68 61.39 38.34 -8.75
CA ASN U 68 60.92 38.54 -7.38
C ASN U 68 59.41 38.73 -7.45
N PRO U 69 58.66 37.66 -7.70
CA PRO U 69 57.26 37.81 -8.08
C PRO U 69 56.36 38.20 -6.91
N ASP U 70 55.22 38.76 -7.27
CA ASP U 70 54.11 39.19 -6.43
C ASP U 70 53.10 38.07 -6.29
N PRO U 71 52.34 38.03 -5.19
CA PRO U 71 51.29 37.00 -5.07
C PRO U 71 50.35 36.95 -6.25
N SER U 72 50.19 38.05 -6.98
CA SER U 72 49.42 38.03 -8.22
C SER U 72 50.18 37.42 -9.38
N PHE U 73 51.47 37.15 -9.20
CA PHE U 73 52.29 36.52 -10.24
C PHE U 73 52.44 37.43 -11.46
N CYS U 74 52.49 38.74 -11.22
CA CYS U 74 52.85 39.72 -12.24
C CYS U 74 51.82 39.79 -13.37
N ALA U 75 50.57 39.48 -13.06
CA ALA U 75 49.54 39.46 -14.08
C ALA U 75 49.33 40.84 -14.69
N LYS U 76 49.35 41.88 -13.84
CA LYS U 76 49.16 43.23 -14.34
C LYS U 76 50.31 43.67 -15.24
N GLU U 77 51.54 43.29 -14.88
CA GLU U 77 52.67 43.57 -15.75
C GLU U 77 52.54 42.85 -17.09
N PHE U 78 52.11 41.59 -17.07
CA PHE U 78 51.93 40.84 -18.31
C PHE U 78 50.91 41.53 -19.21
N VAL U 79 49.74 41.85 -18.65
CA VAL U 79 48.70 42.45 -19.47
C VAL U 79 49.11 43.84 -19.94
N ALA U 80 49.85 44.59 -19.12
CA ALA U 80 50.32 45.90 -19.55
C ALA U 80 51.25 45.78 -20.75
N MET U 81 52.21 44.85 -20.68
CA MET U 81 53.11 44.66 -21.81
C MET U 81 52.34 44.22 -23.04
N ARG U 82 51.38 43.31 -22.87
CA ARG U 82 50.61 42.81 -24.01
C ARG U 82 49.82 43.93 -24.67
N GLU U 83 49.26 44.83 -23.87
CA GLU U 83 48.47 45.91 -24.44
C GLU U 83 49.34 47.02 -25.01
N CYS U 84 50.55 47.19 -24.48
CA CYS U 84 51.43 48.24 -24.98
C CYS U 84 52.10 47.83 -26.29
N ASN U 85 52.36 46.54 -26.47
CA ASN U 85 53.01 46.10 -27.71
C ASN U 85 52.07 46.14 -28.91
N ARG U 86 50.80 46.50 -28.72
CA ARG U 86 49.88 46.59 -29.84
C ARG U 86 50.25 47.76 -30.74
N PRO U 87 50.04 47.62 -32.06
CA PRO U 87 50.48 48.69 -32.97
C PRO U 87 49.73 50.00 -32.78
N GLN U 88 48.40 49.96 -32.84
CA GLN U 88 47.60 51.18 -32.76
C GLN U 88 47.39 51.66 -31.34
N GLY U 89 47.84 50.91 -30.33
CA GLY U 89 47.71 51.31 -28.96
C GLY U 89 46.92 50.30 -28.14
N PRO U 90 46.89 50.51 -26.83
CA PRO U 90 46.21 49.55 -25.96
C PRO U 90 44.70 49.67 -26.05
N HIS U 91 44.03 48.53 -26.00
CA HIS U 91 42.57 48.47 -25.93
C HIS U 91 42.09 48.42 -24.48
N LEU U 92 42.81 47.69 -23.64
CA LEU U 92 42.46 47.49 -22.24
C LEU U 92 43.51 48.14 -21.37
N VAL U 93 43.06 48.90 -20.36
CA VAL U 93 43.95 49.62 -19.47
C VAL U 93 43.45 49.46 -18.04
N LEU U 94 44.29 49.87 -17.09
CA LEU U 94 43.98 49.83 -15.68
C LEU U 94 43.74 51.27 -15.22
N SER U 95 42.50 51.57 -14.81
CA SER U 95 42.12 52.95 -14.55
C SER U 95 42.91 53.51 -13.37
N SER U 96 43.63 54.59 -13.62
CA SER U 96 44.23 55.36 -12.52
C SER U 96 43.13 56.13 -11.80
N SER U 97 43.01 55.91 -10.50
CA SER U 97 41.89 56.43 -9.73
C SER U 97 42.34 56.71 -8.30
N PRO U 98 41.72 57.67 -7.62
CA PRO U 98 41.88 57.74 -6.16
C PRO U 98 41.12 56.65 -5.43
N SER U 99 40.24 55.93 -6.12
CA SER U 99 39.49 54.84 -5.51
C SER U 99 40.46 53.78 -4.97
N SER U 100 39.97 53.02 -3.98
CA SER U 100 40.81 51.95 -3.42
C SER U 100 40.90 50.77 -4.38
N PRO U 101 39.81 50.19 -4.86
CA PRO U 101 39.91 49.11 -5.85
C PRO U 101 40.05 49.67 -7.25
N PRO U 102 41.11 49.31 -7.97
CA PRO U 102 41.22 49.73 -9.37
C PRO U 102 40.35 48.86 -10.27
N HIS U 103 40.12 49.39 -11.48
CA HIS U 103 39.22 48.76 -12.44
C HIS U 103 39.91 48.58 -13.78
N TYR U 104 39.38 47.66 -14.57
CA TYR U 104 39.81 47.47 -15.95
C TYR U 104 38.89 48.27 -16.85
N GLU U 105 39.46 49.15 -17.66
CA GLU U 105 38.71 50.00 -18.57
C GLU U 105 39.06 49.67 -20.00
N LEU U 106 38.10 49.90 -20.88
CA LEU U 106 38.24 49.63 -22.30
C LEU U 106 38.15 50.94 -23.07
N ARG U 107 39.06 51.12 -24.02
CA ARG U 107 39.05 52.34 -24.82
C ARG U 107 37.78 52.41 -25.65
N PRO U 108 37.26 53.62 -25.90
CA PRO U 108 35.99 53.72 -26.65
C PRO U 108 36.15 53.43 -28.13
N GLU U 109 37.26 53.84 -28.75
CA GLU U 109 37.43 53.67 -30.17
C GLU U 109 37.48 52.21 -30.59
N VAL U 110 37.66 51.29 -29.64
CA VAL U 110 37.66 49.85 -29.92
C VAL U 110 36.48 49.14 -29.26
N LYS U 111 35.53 49.89 -28.71
CA LYS U 111 34.40 49.28 -28.01
C LYS U 111 33.58 48.40 -28.94
N HIS U 112 33.60 48.69 -30.25
CA HIS U 112 32.80 47.93 -31.20
C HIS U 112 33.37 46.55 -31.48
N LEU U 113 34.60 46.26 -31.02
CA LEU U 113 35.19 44.94 -31.20
C LEU U 113 34.87 44.00 -30.05
N TYR U 114 34.35 44.51 -28.95
CA TYR U 114 34.10 43.72 -27.75
C TYR U 114 32.61 43.69 -27.44
N ASN U 115 32.17 42.59 -26.84
CA ASN U 115 30.76 42.40 -26.50
C ASN U 115 30.53 42.94 -25.09
N VAL U 116 30.36 44.26 -25.02
CA VAL U 116 30.17 44.95 -23.75
C VAL U 116 29.16 46.07 -23.94
N ASP U 117 28.49 46.43 -22.84
CA ASP U 117 27.58 47.56 -22.84
C ASP U 117 28.27 48.85 -22.45
N SER U 118 29.29 48.77 -21.60
CA SER U 118 30.04 49.93 -21.14
C SER U 118 31.54 49.63 -21.25
N THR U 119 32.35 50.58 -20.82
CA THR U 119 33.80 50.43 -20.85
C THR U 119 34.38 49.84 -19.57
N ASP U 120 33.59 49.79 -18.50
CA ASP U 120 34.06 49.26 -17.22
C ASP U 120 33.86 47.76 -17.21
N LEU U 121 34.95 47.01 -17.25
CA LEU U 121 34.92 45.55 -17.26
C LEU U 121 35.01 44.96 -15.87
N GLY U 122 34.86 45.77 -14.83
CA GLY U 122 34.89 45.28 -13.46
C GLY U 122 36.22 45.56 -12.79
N SER U 123 36.26 45.21 -11.51
CA SER U 123 37.44 45.45 -10.70
C SER U 123 38.58 44.54 -11.14
N ALA U 124 39.80 44.99 -10.85
CA ALA U 124 41.01 44.24 -11.17
C ALA U 124 41.43 43.30 -10.03
N VAL U 125 40.65 43.24 -8.96
CA VAL U 125 40.91 42.34 -7.84
C VAL U 125 39.63 41.60 -7.51
N ALA U 126 39.77 40.36 -7.06
CA ALA U 126 38.63 39.55 -6.74
C ALA U 126 37.93 40.08 -5.48
N PRO U 127 36.67 39.73 -5.28
CA PRO U 127 35.95 40.19 -4.09
C PRO U 127 36.55 39.60 -2.82
N VAL U 128 36.12 40.16 -1.70
CA VAL U 128 36.52 39.69 -0.38
C VAL U 128 35.36 38.86 0.19
N ARG U 129 35.71 37.76 0.84
CA ARG U 129 34.70 36.86 1.39
C ARG U 129 33.83 37.60 2.39
N SER U 130 32.52 37.56 2.18
CA SER U 130 31.59 38.28 3.05
C SER U 130 30.26 37.55 3.09
N LYS U 131 29.84 37.19 4.31
CA LYS U 131 28.53 36.60 4.51
C LYS U 131 27.43 37.46 3.89
N GLU U 132 27.56 38.78 4.02
CA GLU U 132 26.53 39.66 3.50
C GLU U 132 26.46 39.60 1.98
N GLN U 133 27.62 39.64 1.32
CA GLN U 133 27.64 39.56 -0.14
C GLN U 133 27.09 38.22 -0.61
N LEU U 134 27.45 37.14 0.08
CA LEU U 134 26.92 35.82 -0.28
C LEU U 134 25.40 35.80 -0.18
N ASP U 135 24.86 36.29 0.93
CA ASP U 135 23.41 36.34 1.08
C ASP U 135 22.77 37.20 0.01
N ARG U 136 23.40 38.33 -0.33
CA ARG U 136 22.86 39.20 -1.35
C ARG U 136 22.77 38.49 -2.70
N VAL U 137 23.86 37.83 -3.09
CA VAL U 137 23.88 37.13 -4.37
C VAL U 137 22.86 36.00 -4.38
N ALA U 138 22.73 35.28 -3.27
CA ALA U 138 21.77 34.18 -3.21
C ALA U 138 20.35 34.69 -3.33
N ASP U 139 20.04 35.79 -2.65
CA ASP U 139 18.69 36.36 -2.74
C ASP U 139 18.40 36.84 -4.15
N SER U 140 19.38 37.49 -4.79
CA SER U 140 19.18 37.94 -6.16
C SER U 140 18.91 36.77 -7.08
N LEU U 141 19.67 35.68 -6.94
CA LEU U 141 19.46 34.51 -7.78
C LEU U 141 18.09 33.90 -7.54
N LYS U 142 17.67 33.79 -6.28
CA LYS U 142 16.35 33.26 -5.98
C LYS U 142 15.26 34.11 -6.63
N ALA U 143 15.39 35.43 -6.53
CA ALA U 143 14.40 36.31 -7.14
C ALA U 143 14.37 36.15 -8.65
N ASP U 144 15.54 36.04 -9.27
CA ASP U 144 15.59 35.91 -10.73
C ASP U 144 15.02 34.58 -11.19
N LEU U 145 15.20 33.52 -10.40
CA LEU U 145 14.68 32.21 -10.78
C LEU U 145 13.17 32.14 -10.58
N ASN U 146 12.69 32.57 -9.41
CA ASN U 146 11.26 32.55 -9.11
C ASN U 146 10.71 31.14 -9.20
N LEU U 147 11.23 30.26 -8.34
CA LEU U 147 10.86 28.86 -8.34
C LEU U 147 10.08 28.53 -7.06
N PRO U 148 8.78 28.26 -7.14
CA PRO U 148 8.03 27.85 -5.96
C PRO U 148 8.31 26.40 -5.64
N GLY U 149 9.04 26.16 -4.55
CA GLY U 149 9.48 24.84 -4.21
C GLY U 149 10.87 24.84 -3.59
N TYR U 150 11.52 25.99 -3.63
CA TYR U 150 12.83 26.12 -2.99
C TYR U 150 12.66 26.22 -1.48
N GLY U 151 13.45 25.45 -0.75
CA GLY U 151 13.36 25.40 0.69
C GLY U 151 12.30 24.47 1.24
N HIS U 152 11.48 23.87 0.38
CA HIS U 152 10.46 22.95 0.84
C HIS U 152 11.09 21.63 1.26
N ILE U 153 10.69 21.13 2.42
CA ILE U 153 11.23 19.91 2.99
C ILE U 153 10.08 18.93 3.19
N PRO U 154 9.93 17.95 2.29
CA PRO U 154 8.81 17.01 2.45
C PRO U 154 8.94 16.10 3.65
N TYR U 155 10.15 15.64 3.96
CA TYR U 155 10.37 14.79 5.13
C TYR U 155 11.65 15.23 5.85
N LYS U 156 11.54 15.35 7.17
CA LYS U 156 12.68 15.68 8.03
C LYS U 156 12.77 14.63 9.12
N TRP U 157 13.99 14.13 9.35
CA TRP U 157 14.25 13.20 10.43
C TRP U 157 13.71 13.73 11.75
N GLU U 158 12.87 12.94 12.39
CA GLU U 158 12.20 13.38 13.61
C GLU U 158 13.19 13.47 14.76
N SER U 159 13.31 14.65 15.34
CA SER U 159 14.31 14.90 16.37
C SER U 159 13.96 16.19 17.10
N LEU U 160 14.42 16.28 18.35
CA LEU U 160 14.29 17.54 19.07
C LEU U 160 15.13 18.63 18.45
N ARG U 161 16.22 18.25 17.78
CA ARG U 161 17.06 19.23 17.11
C ARG U 161 16.38 19.72 15.83
N PRO U 162 16.44 21.02 15.53
CA PRO U 162 15.77 21.50 14.32
C PRO U 162 16.31 20.90 13.04
N ASN U 163 17.63 20.84 12.89
CA ASN U 163 18.29 20.31 11.69
C ASN U 163 19.09 19.08 12.07
N PRO U 164 18.52 17.88 11.97
CA PRO U 164 19.28 16.66 12.28
C PRO U 164 20.42 16.48 11.29
N GLY U 165 21.61 16.23 11.81
CA GLY U 165 22.79 16.17 10.98
C GLY U 165 23.41 17.55 10.82
N ALA U 166 23.10 18.20 9.70
CA ALA U 166 23.60 19.55 9.46
C ALA U 166 23.08 20.52 10.50
N SER V 71 55.89 -45.05 12.42
CA SER V 71 56.13 -45.48 13.80
C SER V 71 57.56 -45.93 13.99
N PHE V 72 58.22 -45.34 14.98
CA PHE V 72 59.61 -45.66 15.30
C PHE V 72 59.77 -45.77 16.81
N ALA V 73 60.47 -46.81 17.25
CA ALA V 73 60.68 -47.04 18.66
C ALA V 73 61.98 -47.80 18.86
N ILE V 74 62.54 -47.65 20.05
CA ILE V 74 63.75 -48.37 20.44
C ILE V 74 63.52 -48.89 21.86
N PRO V 75 63.73 -50.18 22.12
CA PRO V 75 63.48 -50.71 23.45
C PRO V 75 64.28 -49.93 24.49
N PRO V 76 63.75 -49.80 25.71
CA PRO V 76 64.35 -48.86 26.68
C PRO V 76 65.81 -49.12 26.96
N ALA V 77 66.14 -50.33 27.38
CA ALA V 77 67.53 -50.69 27.69
C ALA V 77 67.61 -52.12 28.20
N ASN V 78 68.83 -52.58 28.49
CA ASN V 78 69.05 -53.92 28.99
C ASN V 78 70.03 -53.85 30.16
N ALA V 79 70.04 -54.93 30.95
CA ALA V 79 71.00 -55.04 32.03
C ALA V 79 72.43 -54.95 31.51
N ALA V 80 72.67 -55.51 30.31
CA ALA V 80 74.00 -55.43 29.71
C ALA V 80 74.38 -53.98 29.42
N ALA V 81 73.46 -53.23 28.81
CA ALA V 81 73.75 -51.84 28.49
C ALA V 81 73.95 -51.01 29.75
N LEU V 82 73.16 -51.28 30.79
CA LEU V 82 73.25 -50.52 32.03
C LEU V 82 74.39 -50.98 32.93
N ALA V 83 75.02 -52.12 32.63
CA ALA V 83 76.10 -52.62 33.45
C ALA V 83 77.31 -51.68 33.36
N ASP V 84 78.34 -52.00 34.15
CA ASP V 84 79.55 -51.20 34.16
C ASP V 84 80.27 -51.32 32.82
N PRO V 85 80.42 -50.23 32.06
CA PRO V 85 81.10 -50.35 30.77
C PRO V 85 82.59 -50.60 30.88
N LEU V 86 83.21 -50.33 32.04
CA LEU V 86 84.65 -50.41 32.21
C LEU V 86 84.98 -51.38 33.34
N PRO V 87 84.73 -52.66 33.14
CA PRO V 87 85.14 -53.67 34.13
C PRO V 87 86.63 -53.95 34.05
N ALA V 88 87.13 -54.60 35.09
CA ALA V 88 88.55 -54.93 35.16
C ALA V 88 88.82 -56.23 34.42
N THR V 89 90.02 -56.33 33.86
CA THR V 89 90.47 -57.50 33.13
C THR V 89 91.76 -58.02 33.74
N PRO V 90 92.06 -59.30 33.56
CA PRO V 90 93.28 -59.87 34.15
C PRO V 90 94.53 -59.21 33.60
N THR V 91 95.55 -59.12 34.45
CA THR V 91 96.83 -58.55 34.08
C THR V 91 97.87 -59.66 33.95
N PRO V 92 98.80 -59.55 33.01
CA PRO V 92 99.75 -60.63 32.77
C PRO V 92 100.94 -60.54 33.69
N PRO V 93 101.72 -61.61 33.81
CA PRO V 93 102.94 -61.56 34.61
C PRO V 93 104.03 -60.79 33.88
N PRO V 94 105.20 -60.56 34.51
CA PRO V 94 106.25 -59.75 33.89
C PRO V 94 107.10 -60.51 32.87
N VAL V 95 106.44 -61.25 31.99
CA VAL V 95 107.08 -61.87 30.84
C VAL V 95 106.41 -61.47 29.53
N PHE V 96 105.07 -61.46 29.50
CA PHE V 96 104.37 -60.96 28.33
C PHE V 96 104.70 -59.50 28.08
N GLU V 97 104.98 -58.74 29.14
CA GLU V 97 105.33 -57.33 28.96
C GLU V 97 106.68 -57.17 28.28
N ALA V 98 107.55 -58.16 28.40
CA ALA V 98 108.87 -58.12 27.76
C ALA V 98 108.70 -58.37 26.27
N VAL V 99 108.61 -57.28 25.49
CA VAL V 99 108.40 -57.36 24.06
C VAL V 99 109.39 -56.43 23.37
N SER V 100 109.59 -56.68 22.07
CA SER V 100 110.54 -55.90 21.29
C SER V 100 110.29 -54.40 21.42
N SER V 101 109.03 -53.99 21.29
CA SER V 101 108.66 -52.58 21.26
C SER V 101 108.68 -51.92 22.63
N ALA V 102 109.12 -52.63 23.67
CA ALA V 102 109.19 -52.06 25.01
C ALA V 102 110.50 -51.30 25.20
N ALA V 112 96.75 -39.48 37.25
CA ALA V 112 97.11 -38.16 37.77
C ALA V 112 98.11 -37.48 36.85
N LEU V 113 99.34 -37.99 36.84
CA LEU V 113 100.44 -37.49 36.01
C LEU V 113 100.86 -36.06 36.35
N LYS V 114 100.30 -35.49 37.41
CA LYS V 114 100.71 -34.21 37.99
C LYS V 114 100.45 -33.02 37.08
N ASN V 115 99.90 -33.22 35.88
CA ASN V 115 99.66 -32.12 34.95
C ASN V 115 98.29 -32.12 34.32
N VAL V 116 97.51 -33.19 34.45
CA VAL V 116 96.18 -33.29 33.88
C VAL V 116 95.20 -33.64 34.98
N GLU V 117 93.92 -33.71 34.61
CA GLU V 117 92.86 -34.12 35.52
C GLU V 117 92.01 -35.17 34.84
N GLU V 118 91.97 -36.37 35.41
CA GLU V 118 91.11 -37.43 34.91
C GLU V 118 89.69 -37.19 35.40
N VAL V 119 88.77 -37.00 34.46
CA VAL V 119 87.39 -36.68 34.79
C VAL V 119 86.57 -37.96 34.82
N SER V 120 85.75 -38.10 35.86
CA SER V 120 84.87 -39.26 36.00
C SER V 120 83.47 -38.86 36.43
N THR V 121 83.12 -37.58 36.36
CA THR V 121 81.83 -37.11 36.86
C THR V 121 81.36 -35.94 36.02
N MET V 122 80.12 -36.02 35.54
CA MET V 122 79.56 -34.93 34.76
C MET V 122 79.47 -33.66 35.60
N GLU V 123 79.35 -33.79 36.92
CA GLU V 123 79.40 -32.62 37.78
C GLU V 123 80.73 -31.90 37.63
N ARG V 124 81.83 -32.64 37.71
CA ARG V 124 83.15 -32.04 37.52
C ARG V 124 83.28 -31.44 36.13
N TYR V 125 82.80 -32.16 35.12
CA TYR V 125 82.91 -31.66 33.75
C TYR V 125 82.16 -30.34 33.59
N GLU V 126 80.95 -30.25 34.14
CA GLU V 126 80.19 -29.02 34.03
C GLU V 126 80.84 -27.89 34.82
N ALA V 127 81.31 -28.17 36.03
CA ALA V 127 82.03 -27.17 36.79
C ALA V 127 83.17 -26.60 35.96
N ALA V 128 83.98 -27.48 35.38
CA ALA V 128 85.06 -27.03 34.51
C ALA V 128 84.53 -26.16 33.39
N VAL V 129 83.67 -26.72 32.53
CA VAL V 129 83.24 -26.05 31.32
C VAL V 129 82.60 -24.70 31.63
N TYR V 130 81.98 -24.55 32.79
CA TYR V 130 81.21 -23.34 33.08
C TYR V 130 81.96 -22.32 33.93
N GLU V 131 83.03 -22.70 34.60
CA GLU V 131 83.84 -21.74 35.36
C GLU V 131 85.27 -21.65 34.84
N GLU V 132 85.96 -22.79 34.76
CA GLU V 132 87.37 -22.76 34.37
C GLU V 132 87.52 -22.43 32.89
N SER V 133 86.56 -22.85 32.06
CA SER V 133 86.62 -22.51 30.64
C SER V 133 86.39 -21.03 30.40
N PHE V 134 85.74 -20.34 31.34
CA PHE V 134 85.59 -18.90 31.25
C PHE V 134 86.80 -18.17 31.83
N LYS V 135 87.45 -18.77 32.83
CA LYS V 135 88.64 -18.15 33.38
C LYS V 135 89.83 -18.29 32.44
N LYS V 136 90.20 -19.52 32.10
CA LYS V 136 91.29 -19.81 31.19
C LYS V 136 90.93 -21.03 30.35
N PRO V 137 91.45 -21.13 29.14
CA PRO V 137 91.01 -22.20 28.23
C PRO V 137 91.29 -23.59 28.77
N ILE V 138 90.57 -24.56 28.22
CA ILE V 138 90.73 -25.97 28.60
C ILE V 138 90.94 -26.81 27.36
N VAL V 139 91.65 -27.90 27.52
CA VAL V 139 91.92 -28.88 26.47
C VAL V 139 91.53 -30.24 27.01
N CYS V 140 90.55 -30.87 26.37
CA CYS V 140 90.00 -32.14 26.83
C CYS V 140 90.31 -33.21 25.80
N LEU V 141 90.83 -34.34 26.27
CA LEU V 141 91.07 -35.51 25.42
C LEU V 141 90.01 -36.55 25.73
N PHE V 142 89.13 -36.78 24.77
CA PHE V 142 88.11 -37.82 24.87
C PHE V 142 88.64 -39.08 24.22
N PHE V 143 88.66 -40.17 24.99
CA PHE V 143 89.23 -41.43 24.55
C PHE V 143 88.27 -42.57 24.88
N ALA V 144 88.68 -43.78 24.49
CA ALA V 144 87.97 -44.99 24.84
C ALA V 144 88.99 -46.12 24.89
N ARG V 145 88.75 -47.10 25.76
CA ARG V 145 89.75 -48.13 26.02
C ARG V 145 90.01 -48.97 24.77
N PHE V 146 88.97 -49.28 24.01
CA PHE V 146 89.14 -50.15 22.86
C PHE V 146 90.04 -49.54 21.81
N SER V 147 90.25 -48.23 21.83
CA SER V 147 90.99 -47.55 20.79
C SER V 147 92.48 -47.64 21.05
N LEU V 148 93.23 -47.96 20.00
CA LEU V 148 94.69 -47.98 20.08
C LEU V 148 95.29 -46.62 19.79
N GLN V 149 94.63 -45.82 18.95
CA GLN V 149 95.08 -44.46 18.71
C GLN V 149 95.11 -43.67 20.01
N SER V 150 94.18 -43.94 20.92
CA SER V 150 94.16 -43.26 22.21
C SER V 150 95.37 -43.63 23.04
N LYS V 151 95.72 -44.92 23.10
CA LYS V 151 96.91 -45.32 23.83
C LYS V 151 98.16 -44.70 23.21
N VAL V 152 98.19 -44.59 21.89
CA VAL V 152 99.36 -43.99 21.23
C VAL V 152 99.44 -42.50 21.53
N LEU V 153 98.29 -41.84 21.62
CA LEU V 153 98.24 -40.39 21.78
C LEU V 153 98.33 -39.94 23.24
N LEU V 154 98.13 -40.86 24.19
CA LEU V 154 98.11 -40.48 25.59
C LEU V 154 99.41 -39.78 26.01
N GLN V 155 100.54 -40.48 25.85
CA GLN V 155 101.81 -39.94 26.32
C GLN V 155 102.13 -38.58 25.71
N PRO V 156 102.16 -38.41 24.38
CA PRO V 156 102.41 -37.08 23.83
C PRO V 156 101.44 -36.03 24.33
N PHE V 157 100.19 -36.41 24.59
CA PHE V 157 99.26 -35.47 25.20
C PHE V 157 99.72 -35.07 26.59
N LEU V 158 100.26 -36.02 27.35
CA LEU V 158 100.78 -35.70 28.67
C LEU V 158 101.97 -34.76 28.58
N ASP V 159 102.82 -34.94 27.56
CA ASP V 159 103.93 -34.02 27.36
C ASP V 159 103.44 -32.63 26.99
N PHE V 160 102.46 -32.55 26.09
CA PHE V 160 101.88 -31.25 25.74
C PHE V 160 101.27 -30.58 26.95
N ALA V 161 100.66 -31.37 27.85
CA ALA V 161 100.10 -30.82 29.08
C ALA V 161 101.20 -30.28 29.98
N ALA V 162 102.24 -31.08 30.21
CA ALA V 162 103.36 -30.61 31.02
C ALA V 162 103.97 -29.35 30.43
N SER V 163 103.88 -29.19 29.10
CA SER V 163 104.44 -28.01 28.45
C SER V 163 103.56 -26.78 28.68
N ALA V 164 102.27 -26.89 28.35
CA ALA V 164 101.37 -25.73 28.32
C ALA V 164 100.35 -25.75 29.45
N SER V 165 100.72 -26.31 30.60
CA SER V 165 99.81 -26.32 31.73
C SER V 165 99.68 -24.96 32.40
N ASN V 166 100.58 -24.02 32.08
CA ASN V 166 100.51 -22.68 32.68
C ASN V 166 99.45 -21.83 32.01
N ASN V 167 99.18 -22.06 30.72
CA ASN V 167 98.26 -21.25 29.95
C ASN V 167 96.86 -21.84 29.85
N ALA V 168 96.70 -23.14 30.11
CA ALA V 168 95.41 -23.78 29.96
C ALA V 168 95.32 -24.96 30.92
N THR V 169 94.09 -25.43 31.13
CA THR V 169 93.85 -26.62 31.90
C THR V 169 93.72 -27.82 30.97
N PHE V 170 93.96 -29.02 31.51
CA PHE V 170 94.00 -30.24 30.71
C PHE V 170 93.20 -31.33 31.39
N PHE V 171 92.25 -31.91 30.64
CA PHE V 171 91.35 -32.93 31.16
C PHE V 171 91.38 -34.17 30.29
N LEU V 172 91.14 -35.30 30.94
CA LEU V 172 91.19 -36.62 30.30
C LEU V 172 89.88 -37.32 30.58
N ILE V 173 89.09 -37.56 29.54
CA ILE V 173 87.73 -38.05 29.68
C ILE V 173 87.57 -39.35 28.90
N ASP V 174 86.82 -40.28 29.48
CA ASP V 174 86.42 -41.52 28.83
C ASP V 174 84.96 -41.41 28.45
N CYS V 175 84.66 -41.74 27.19
CA CYS V 175 83.31 -41.53 26.67
C CYS V 175 82.30 -42.44 27.35
N ASP V 176 82.68 -43.69 27.62
CA ASP V 176 81.76 -44.63 28.23
C ASP V 176 81.56 -44.36 29.72
N ARG V 177 82.52 -43.70 30.37
CA ARG V 177 82.37 -43.37 31.78
C ARG V 177 81.60 -42.07 31.96
N VAL V 178 81.82 -41.10 31.09
CA VAL V 178 81.10 -39.82 31.15
C VAL V 178 80.56 -39.51 29.77
N PRO V 179 79.45 -40.12 29.36
CA PRO V 179 78.94 -39.87 28.00
C PRO V 179 78.41 -38.46 27.79
N ARG V 180 77.72 -37.91 28.79
CA ARG V 180 77.15 -36.58 28.63
C ARG V 180 78.22 -35.54 28.32
N ALA V 181 79.45 -35.79 28.73
CA ALA V 181 80.54 -34.89 28.36
C ALA V 181 80.90 -35.04 26.89
N ALA V 182 80.78 -36.25 26.35
CA ALA V 182 81.03 -36.46 24.94
C ALA V 182 79.90 -35.91 24.09
N TYR V 183 78.66 -36.08 24.54
CA TYR V 183 77.53 -35.47 23.85
C TYR V 183 77.63 -33.96 23.85
N HIS V 184 78.15 -33.39 24.94
CA HIS V 184 78.26 -31.94 25.05
C HIS V 184 79.29 -31.40 24.05
N ALA V 185 80.45 -32.02 23.97
CA ALA V 185 81.51 -31.58 23.08
C ALA V 185 81.28 -31.96 21.63
N ARG V 186 80.21 -32.71 21.34
CA ARG V 186 79.87 -33.07 19.97
C ARG V 186 80.96 -33.93 19.34
N VAL V 187 81.47 -34.90 20.09
CA VAL V 187 82.48 -35.82 19.60
C VAL V 187 81.79 -37.02 18.99
N GLU V 188 82.20 -37.39 17.77
CA GLU V 188 81.66 -38.52 17.07
C GLU V 188 82.65 -39.65 16.88
N ASN V 189 83.94 -39.38 17.02
CA ASN V 189 84.98 -40.39 16.89
C ASN V 189 86.02 -40.18 17.97
N VAL V 190 86.74 -41.26 18.27
CA VAL V 190 87.77 -41.23 19.32
C VAL V 190 89.09 -41.66 18.69
N PRO V 191 90.22 -41.11 19.13
CA PRO V 191 90.34 -40.07 20.16
C PRO V 191 89.98 -38.69 19.62
N SER V 192 89.72 -37.75 20.51
CA SER V 192 89.36 -36.39 20.07
C SER V 192 89.92 -35.37 21.04
N LEU V 193 90.63 -34.38 20.51
CA LEU V 193 91.00 -33.21 21.28
C LEU V 193 89.94 -32.15 21.13
N VAL V 194 89.64 -31.43 22.21
CA VAL V 194 88.67 -30.35 22.18
C VAL V 194 89.23 -29.19 22.96
N VAL V 195 89.44 -28.06 22.29
CA VAL V 195 89.88 -26.83 22.92
C VAL V 195 88.64 -25.97 23.13
N MET V 196 88.40 -25.59 24.39
CA MET V 196 87.19 -24.88 24.77
C MET V 196 87.54 -23.63 25.56
N LYS V 197 86.75 -22.58 25.33
CA LYS V 197 86.87 -21.31 26.01
C LYS V 197 85.51 -20.63 25.94
N GLY V 198 84.87 -20.45 27.08
CA GLY V 198 83.52 -19.91 27.13
C GLY V 198 82.43 -20.88 26.77
N ASP V 199 82.78 -22.11 26.37
CA ASP V 199 81.85 -23.18 26.05
C ASP V 199 81.17 -22.98 24.70
N ASP V 200 81.21 -21.78 24.13
CA ASP V 200 80.81 -21.60 22.74
C ASP V 200 81.64 -20.53 22.05
N ALA V 201 82.49 -19.83 22.80
CA ALA V 201 83.25 -18.73 22.21
C ALA V 201 84.35 -19.26 21.32
N PHE V 202 85.01 -20.35 21.74
CA PHE V 202 86.01 -21.00 20.92
C PHE V 202 85.98 -22.48 21.29
N ARG V 203 85.32 -23.28 20.46
CA ARG V 203 85.32 -24.73 20.59
C ARG V 203 85.88 -25.31 19.30
N GLN V 204 87.10 -25.80 19.36
CA GLN V 204 87.75 -26.40 18.20
C GLN V 204 88.01 -27.87 18.48
N THR V 205 87.52 -28.73 17.59
CA THR V 205 87.64 -30.17 17.73
C THR V 205 88.66 -30.70 16.73
N ILE V 206 89.62 -31.45 17.23
CA ILE V 206 90.67 -32.06 16.42
C ILE V 206 90.51 -33.57 16.51
N THR V 207 90.49 -34.22 15.35
CA THR V 207 90.35 -35.67 15.27
C THR V 207 90.78 -36.12 13.88
N ASP V 208 90.78 -37.42 13.68
CA ASP V 208 91.14 -38.02 12.39
C ASP V 208 90.00 -38.96 12.00
N SER V 209 89.00 -38.39 11.33
CA SER V 209 87.86 -39.19 10.90
C SER V 209 88.20 -40.09 9.73
N VAL V 210 89.26 -39.79 9.00
CA VAL V 210 89.66 -40.59 7.84
C VAL V 210 90.62 -41.70 8.24
N GLY V 211 91.64 -41.36 9.01
CA GLY V 211 92.66 -42.32 9.38
C GLY V 211 93.96 -42.07 8.65
N VAL V 212 94.32 -40.81 8.48
CA VAL V 212 95.54 -40.41 7.79
C VAL V 212 96.52 -39.72 8.74
N LYS V 213 96.01 -38.93 9.69
CA LYS V 213 96.86 -38.19 10.60
C LYS V 213 97.48 -39.15 11.62
N THR V 214 98.25 -38.58 12.54
CA THR V 214 98.88 -39.32 13.62
C THR V 214 98.87 -38.47 14.88
N ALA V 215 99.45 -39.03 15.94
CA ALA V 215 99.48 -38.33 17.22
C ALA V 215 100.20 -37.01 17.12
N GLY V 216 101.34 -36.99 16.42
CA GLY V 216 102.08 -35.75 16.26
C GLY V 216 101.27 -34.68 15.55
N ASP V 217 100.57 -35.07 14.48
CA ASP V 217 99.75 -34.11 13.74
C ASP V 217 98.62 -33.58 14.61
N LEU V 218 97.97 -34.47 15.36
CA LEU V 218 96.90 -34.03 16.25
C LEU V 218 97.42 -33.04 17.29
N ILE V 219 98.59 -33.32 17.87
CA ILE V 219 99.15 -32.44 18.89
C ILE V 219 99.55 -31.11 18.29
N GLN V 220 100.06 -31.12 17.06
CA GLN V 220 100.40 -29.85 16.40
C GLN V 220 99.15 -29.02 16.15
N GLU V 221 98.08 -29.66 15.69
CA GLU V 221 96.82 -28.94 15.50
C GLU V 221 96.31 -28.38 16.81
N ALA V 222 96.46 -29.15 17.90
CA ALA V 222 96.02 -28.67 19.21
C ALA V 222 96.83 -27.47 19.65
N ARG V 223 98.15 -27.51 19.44
CA ARG V 223 98.98 -26.36 19.77
C ARG V 223 98.57 -25.13 18.98
N SER V 224 98.31 -25.31 17.68
CA SER V 224 97.87 -24.19 16.86
C SER V 224 96.56 -23.62 17.36
N ALA V 225 95.61 -24.48 17.72
CA ALA V 225 94.33 -24.01 18.21
C ALA V 225 94.48 -23.27 19.54
N LEU V 226 95.33 -23.78 20.43
CA LEU V 226 95.56 -23.11 21.70
C LEU V 226 96.19 -21.74 21.49
N ASP V 227 97.18 -21.65 20.60
CA ASP V 227 97.77 -20.36 20.26
C ASP V 227 96.70 -19.40 19.74
N GLN V 228 95.85 -19.89 18.84
CA GLN V 228 94.81 -19.04 18.26
C GLN V 228 93.86 -18.52 19.33
N VAL V 229 93.42 -19.39 20.23
CA VAL V 229 92.46 -18.97 21.24
C VAL V 229 93.10 -17.99 22.22
N LEU V 230 94.37 -18.22 22.58
CA LEU V 230 95.05 -17.29 23.46
C LEU V 230 95.19 -15.91 22.79
N ARG V 231 95.58 -15.90 21.51
CA ARG V 231 95.70 -14.64 20.80
C ARG V 231 94.36 -13.91 20.74
N LEU V 232 93.28 -14.64 20.45
CA LEU V 232 91.97 -14.01 20.37
C LEU V 232 91.51 -13.50 21.73
N ASP V 233 91.86 -14.21 22.81
CA ASP V 233 91.48 -13.74 24.14
C ASP V 233 92.24 -12.47 24.49
N GLN V 234 93.52 -12.40 24.17
CA GLN V 234 94.26 -11.15 24.39
C GLN V 234 93.74 -10.03 23.49
N GLN V 235 93.21 -10.38 22.32
CA GLN V 235 92.76 -9.38 21.38
C GLN V 235 91.53 -8.62 21.90
N GLU V 236 91.56 -7.30 21.72
CA GLU V 236 90.42 -6.43 22.02
C GLU V 236 90.10 -6.42 23.51
N GLY V 237 91.12 -6.17 24.32
CA GLY V 237 90.91 -5.98 25.74
C GLY V 237 90.13 -7.09 26.41
N GLY V 238 90.45 -8.34 26.08
CA GLY V 238 89.81 -9.48 26.70
C GLY V 238 88.49 -9.89 26.08
N THR V 239 87.81 -8.97 25.41
CA THR V 239 86.54 -9.29 24.76
C THR V 239 86.78 -10.01 23.45
N LYS V 240 85.77 -10.02 22.58
CA LYS V 240 85.75 -10.67 21.28
C LYS V 240 85.57 -12.18 21.43
N LEU V 241 85.54 -12.71 22.64
CA LEU V 241 85.28 -14.13 22.89
C LEU V 241 84.09 -14.20 23.84
N GLN V 242 82.89 -14.17 23.27
CA GLN V 242 81.67 -14.26 24.02
C GLN V 242 80.88 -15.49 23.60
N PRO V 243 80.15 -16.12 24.52
CA PRO V 243 79.39 -17.31 24.16
C PRO V 243 78.34 -16.99 23.10
N GLY V 244 78.04 -17.99 22.28
CA GLY V 244 77.13 -17.80 21.18
C GLY V 244 75.76 -18.39 21.42
N VAL V 245 75.48 -19.53 20.78
CA VAL V 245 74.15 -20.12 20.86
C VAL V 245 73.91 -20.70 22.25
N SER V 246 74.94 -21.19 22.92
CA SER V 246 74.78 -21.72 24.27
C SER V 246 74.21 -20.69 25.23
N SER V 247 74.28 -19.41 24.87
CA SER V 247 73.72 -18.37 25.74
C SER V 247 72.22 -18.55 25.92
N TYR V 248 71.53 -19.13 24.93
CA TYR V 248 70.09 -19.31 25.00
C TYR V 248 69.64 -20.74 24.75
N THR V 249 70.50 -21.62 24.23
CA THR V 249 70.14 -23.00 23.99
C THR V 249 70.36 -23.87 25.21
N HIS V 250 71.43 -23.60 25.97
CA HIS V 250 71.80 -24.38 27.15
C HIS V 250 72.08 -25.84 26.79
N HIS V 251 72.39 -26.09 25.52
CA HIS V 251 72.70 -27.43 25.04
C HIS V 251 71.53 -28.37 25.26
N ILE V 252 70.32 -27.84 25.06
CA ILE V 252 69.11 -28.63 25.25
C ILE V 252 68.79 -29.43 23.99
N GLY V 253 69.08 -28.89 22.81
CA GLY V 253 68.90 -29.65 21.59
C GLY V 253 69.92 -30.75 21.44
N VAL V 254 71.08 -30.58 22.07
CA VAL V 254 72.11 -31.62 22.05
C VAL V 254 71.79 -32.69 23.09
N ASP V 255 71.49 -32.27 24.31
CA ASP V 255 71.14 -33.17 25.40
C ASP V 255 69.95 -32.58 26.14
N ASN V 256 68.78 -33.17 25.92
CA ASN V 256 67.55 -32.64 26.51
C ASN V 256 67.57 -32.65 28.03
N LEU V 257 68.52 -33.35 28.65
CA LEU V 257 68.55 -33.45 30.10
C LEU V 257 68.95 -32.15 30.78
N ASN V 258 69.36 -31.14 30.03
CA ASN V 258 69.68 -29.84 30.62
C ASN V 258 68.45 -29.08 31.07
N VAL V 259 67.25 -29.53 30.70
CA VAL V 259 66.04 -28.87 31.18
C VAL V 259 65.93 -29.02 32.70
N TYR V 260 66.33 -30.18 33.22
CA TYR V 260 66.36 -30.35 34.67
C TYR V 260 67.33 -29.38 35.31
N ARG V 261 68.54 -29.28 34.76
CA ARG V 261 69.52 -28.32 35.26
C ARG V 261 68.94 -26.91 35.29
N LYS V 262 68.26 -26.51 34.21
CA LYS V 262 67.67 -25.19 34.13
C LYS V 262 66.43 -25.05 35.00
N GLY V 263 65.87 -26.15 35.50
CA GLY V 263 64.71 -26.09 36.36
C GLY V 263 63.40 -26.04 35.63
N TRP V 264 63.38 -26.28 34.33
CA TRP V 264 62.12 -26.26 33.61
C TRP V 264 61.31 -27.51 33.92
N PRO V 265 59.98 -27.43 33.86
CA PRO V 265 59.17 -28.61 34.10
C PRO V 265 59.35 -29.65 33.00
N VAL V 266 58.84 -30.85 33.27
CA VAL V 266 58.87 -31.95 32.32
C VAL V 266 57.53 -32.65 32.21
N ALA V 267 56.52 -32.22 32.94
CA ALA V 267 55.20 -32.84 32.90
C ALA V 267 54.61 -32.74 31.50
N PRO W 2 31.38 18.71 -39.66
CA PRO W 2 31.06 19.91 -40.42
C PRO W 2 30.60 19.60 -41.83
N PHE W 3 29.74 18.61 -41.97
CA PHE W 3 29.37 18.08 -43.27
C PHE W 3 27.87 17.94 -43.46
N MET W 4 27.13 17.54 -42.42
CA MET W 4 25.69 17.27 -42.52
C MET W 4 25.02 18.08 -41.43
N TRP W 5 24.76 19.34 -41.73
CA TRP W 5 24.30 20.28 -40.71
C TRP W 5 22.85 20.03 -40.35
N ARG W 6 21.98 19.83 -41.35
CA ARG W 6 20.58 19.59 -41.07
C ARG W 6 20.34 18.24 -40.42
N GLN W 7 21.32 17.34 -40.47
CA GLN W 7 21.20 16.02 -39.87
C GLN W 7 21.92 15.90 -38.54
N ARG W 8 22.84 16.80 -38.24
CA ARG W 8 23.59 16.81 -36.99
C ARG W 8 23.13 18.00 -36.17
N ALA W 9 22.08 17.80 -35.39
CA ALA W 9 21.52 18.88 -34.58
C ALA W 9 22.26 19.09 -33.27
N TYR W 10 22.97 18.07 -32.80
CA TYR W 10 23.78 18.22 -31.60
C TYR W 10 24.91 19.22 -31.78
N CYS W 11 25.33 19.45 -33.02
CA CYS W 11 26.40 20.39 -33.33
C CYS W 11 25.86 21.73 -33.85
N ALA W 12 24.59 22.00 -33.63
CA ALA W 12 23.91 23.16 -34.15
C ALA W 12 23.75 24.21 -33.07
N PRO W 13 23.53 25.47 -33.46
CA PRO W 13 23.32 26.53 -32.46
C PRO W 13 21.99 26.38 -31.77
N VAL W 14 21.91 26.96 -30.58
CA VAL W 14 20.70 26.93 -29.76
C VAL W 14 19.65 27.81 -30.43
N PRO W 15 18.36 27.56 -30.18
CA PRO W 15 17.33 28.37 -30.84
C PRO W 15 17.37 29.85 -30.45
N SER W 16 17.99 30.20 -29.34
CA SER W 16 18.12 31.61 -28.98
C SER W 16 19.07 32.36 -29.90
N ALA W 17 19.88 31.63 -30.68
CA ALA W 17 20.81 32.27 -31.59
C ALA W 17 20.15 32.72 -32.88
N PHE W 18 19.10 32.03 -33.32
CA PHE W 18 18.37 32.42 -34.52
C PHE W 18 17.47 33.63 -34.29
N ALA W 19 17.44 34.20 -33.09
CA ALA W 19 16.44 35.20 -32.75
C ALA W 19 16.84 36.61 -33.13
N SER W 20 18.13 36.87 -33.37
CA SER W 20 18.62 38.18 -33.78
C SER W 20 18.43 39.24 -32.70
N GLN W 21 18.16 38.82 -31.47
CA GLN W 21 18.05 39.73 -30.34
C GLN W 21 18.60 39.05 -29.10
N GLN W 22 19.05 39.87 -28.15
CA GLN W 22 19.64 39.36 -26.93
C GLN W 22 18.60 39.30 -25.81
N GLY W 31 28.66 45.18 -17.25
CA GLY W 31 29.90 45.31 -17.99
C GLY W 31 29.94 44.46 -19.24
N VAL W 32 30.38 43.22 -19.08
CA VAL W 32 30.48 42.26 -20.18
C VAL W 32 29.15 41.56 -20.35
N ARG W 33 28.80 41.27 -21.60
CA ARG W 33 27.56 40.59 -21.92
C ARG W 33 27.81 39.10 -22.15
N LYS W 34 26.73 38.34 -22.11
CA LYS W 34 26.79 36.93 -22.40
C LYS W 34 26.94 36.69 -23.90
N PRO W 35 27.58 35.60 -24.30
CA PRO W 35 27.80 35.36 -25.73
C PRO W 35 26.50 35.21 -26.49
N LEU W 36 26.52 35.65 -27.74
CA LEU W 36 25.33 35.59 -28.59
C LEU W 36 25.18 34.24 -29.26
N LEU W 37 26.28 33.54 -29.49
CA LEU W 37 26.29 32.28 -30.22
C LEU W 37 26.71 31.15 -29.28
N ARG W 38 25.85 30.16 -29.13
CA ARG W 38 26.16 28.97 -28.35
C ARG W 38 25.64 27.75 -29.09
N SER W 39 26.28 26.62 -28.85
CA SER W 39 25.94 25.36 -29.51
C SER W 39 25.28 24.41 -28.53
N ASN W 40 24.62 23.39 -29.09
CA ASN W 40 24.05 22.32 -28.29
C ASN W 40 25.09 21.30 -27.85
N SER W 41 26.27 21.31 -28.47
CA SER W 41 27.33 20.39 -28.07
C SER W 41 27.87 20.69 -26.67
N GLU W 42 27.58 21.88 -26.15
CA GLU W 42 27.97 22.20 -24.78
C GLU W 42 27.25 21.32 -23.77
N SER W 43 26.08 20.81 -24.13
CA SER W 43 25.37 19.88 -23.25
C SER W 43 26.20 18.64 -22.94
N LEU W 44 27.22 18.35 -23.75
CA LEU W 44 28.09 17.22 -23.52
C LEU W 44 29.22 17.53 -22.54
N SER W 45 29.26 18.73 -21.99
CA SER W 45 30.23 19.11 -20.98
C SER W 45 29.51 19.44 -19.69
N VAL W 46 30.12 19.06 -18.57
CA VAL W 46 29.50 19.28 -17.27
C VAL W 46 29.66 20.73 -16.82
N PHE W 47 30.89 21.24 -16.85
CA PHE W 47 31.20 22.57 -16.35
C PHE W 47 31.21 23.61 -17.45
N SER W 48 30.39 23.43 -18.48
CA SER W 48 30.30 24.43 -19.54
C SER W 48 29.61 25.69 -19.03
N GLN W 49 28.42 25.54 -18.45
CA GLN W 49 27.65 26.67 -17.95
C GLN W 49 27.79 26.86 -16.46
N ILE W 50 27.72 25.78 -15.68
CA ILE W 50 27.87 25.86 -14.24
C ILE W 50 29.33 26.13 -13.92
N PRO W 51 29.65 26.75 -12.80
CA PRO W 51 31.05 27.01 -12.45
C PRO W 51 31.72 25.79 -11.84
N ASP W 52 33.04 25.84 -11.81
CA ASP W 52 33.87 24.79 -11.23
C ASP W 52 34.18 25.04 -9.76
N GLY W 53 33.30 25.76 -9.06
CA GLY W 53 33.58 26.07 -7.67
C GLY W 53 33.49 24.84 -6.79
N LEU W 54 34.42 24.74 -5.86
CA LEU W 54 34.47 23.61 -4.93
C LEU W 54 34.61 22.29 -5.70
N LEU W 55 35.39 22.32 -6.77
CA LEU W 55 35.53 21.14 -7.63
C LEU W 55 36.38 20.08 -6.96
N GLY W 56 37.59 20.45 -6.52
CA GLY W 56 38.48 19.50 -5.90
C GLY W 56 38.47 19.53 -4.38
N HIS W 57 37.39 20.06 -3.80
CA HIS W 57 37.26 20.17 -2.36
C HIS W 57 36.04 19.43 -1.82
N THR W 58 35.29 18.74 -2.67
CA THR W 58 34.09 18.06 -2.24
C THR W 58 34.36 16.65 -1.73
N THR W 59 35.47 16.04 -2.13
CA THR W 59 35.89 14.75 -1.60
C THR W 59 36.70 14.88 -0.31
N SER W 60 36.87 16.10 0.19
CA SER W 60 37.63 16.32 1.41
C SER W 60 36.76 16.50 2.64
N VAL W 61 35.44 16.59 2.48
CA VAL W 61 34.53 16.68 3.62
C VAL W 61 34.35 15.26 4.16
N THR W 62 35.03 14.96 5.26
CA THR W 62 35.08 13.62 5.81
C THR W 62 34.25 13.54 7.08
N MET W 63 33.66 12.36 7.30
CA MET W 63 32.95 12.06 8.52
C MET W 63 33.45 10.72 9.05
N GLY W 64 33.66 10.66 10.36
CA GLY W 64 34.19 9.47 10.96
C GLY W 64 33.17 8.36 11.07
N ASN W 65 33.69 7.14 11.22
CA ASN W 65 32.85 5.97 11.44
C ASN W 65 32.18 6.07 12.81
N SER W 66 31.37 5.06 13.14
CA SER W 66 30.57 5.13 14.35
C SER W 66 30.52 3.82 15.11
N ASP W 67 31.39 2.86 14.81
CA ASP W 67 31.34 1.56 15.46
C ASP W 67 32.02 1.60 16.81
N ILE W 68 31.41 0.94 17.79
CA ILE W 68 31.95 0.81 19.14
C ILE W 68 32.29 -0.65 19.39
N PHE W 69 33.54 -0.92 19.75
CA PHE W 69 34.03 -2.28 19.94
C PHE W 69 34.02 -2.59 21.44
N PHE W 70 32.82 -2.84 21.96
CA PHE W 70 32.66 -3.19 23.36
C PHE W 70 31.58 -4.26 23.48
N LEU W 71 31.90 -5.31 24.24
CA LEU W 71 30.97 -6.40 24.48
C LEU W 71 31.36 -7.07 25.80
N PRO W 72 30.50 -7.03 26.81
CA PRO W 72 30.85 -7.68 28.08
C PRO W 72 31.16 -9.15 27.87
N LYS W 73 32.15 -9.64 28.63
CA LYS W 73 32.69 -10.99 28.48
C LYS W 73 32.45 -11.76 29.78
N PRO W 74 31.23 -12.22 30.02
CA PRO W 74 30.95 -13.01 31.23
C PRO W 74 31.42 -14.45 31.07
N SER W 75 32.53 -14.77 31.73
CA SER W 75 33.07 -16.12 31.71
C SER W 75 32.56 -16.97 32.87
N ASN W 76 32.06 -16.33 33.94
CA ASN W 76 31.47 -17.08 35.04
C ASN W 76 30.29 -17.92 34.58
N LEU W 77 29.68 -17.60 33.44
CA LEU W 77 28.58 -18.38 32.91
C LEU W 77 29.04 -19.67 32.25
N LEU W 78 30.28 -19.72 31.78
CA LEU W 78 30.78 -20.84 31.02
C LEU W 78 31.77 -21.65 31.86
N LYS W 79 31.76 -22.97 31.62
CA LYS W 79 32.69 -23.87 32.27
C LYS W 79 33.39 -24.81 31.31
N ILE W 80 33.13 -24.70 30.01
CA ILE W 80 33.75 -25.54 29.01
C ILE W 80 34.57 -24.67 28.08
N ALA W 81 35.60 -25.29 27.49
CA ALA W 81 36.38 -24.62 26.46
C ALA W 81 35.57 -24.52 25.17
N LEU W 82 36.06 -23.71 24.25
CA LEU W 82 35.44 -23.52 22.96
C LEU W 82 36.47 -23.69 21.86
N PRO W 83 36.06 -24.15 20.69
CA PRO W 83 37.02 -24.32 19.59
C PRO W 83 37.55 -22.99 19.10
N ALA W 84 38.75 -23.03 18.53
CA ALA W 84 39.41 -21.83 18.04
C ALA W 84 40.08 -22.13 16.70
N PHE W 85 40.09 -21.12 15.84
CA PHE W 85 40.65 -21.26 14.51
C PHE W 85 42.16 -21.12 14.53
N VAL W 86 42.79 -21.70 13.52
CA VAL W 86 44.19 -21.44 13.18
C VAL W 86 44.21 -20.52 11.97
N PHE W 87 44.90 -19.40 12.10
CA PHE W 87 44.88 -18.36 11.07
C PHE W 87 46.08 -18.43 10.13
N MET W 88 47.23 -18.85 10.62
CA MET W 88 48.46 -18.89 9.85
C MET W 88 49.22 -20.16 10.19
N PRO W 89 50.02 -20.66 9.26
CA PRO W 89 50.87 -21.82 9.58
C PRO W 89 52.04 -21.41 10.46
N ASN W 90 52.44 -22.33 11.33
CA ASN W 90 53.54 -22.08 12.26
C ASN W 90 54.85 -22.21 11.48
N LEU W 91 55.45 -21.05 11.18
CA LEU W 91 56.72 -21.00 10.48
C LEU W 91 57.92 -21.05 11.43
N THR W 92 57.68 -20.99 12.73
CA THR W 92 58.75 -21.06 13.71
C THR W 92 59.28 -22.47 13.91
N ILE W 93 58.60 -23.47 13.36
CA ILE W 93 59.02 -24.87 13.49
C ILE W 93 58.97 -25.49 12.10
N PHE W 94 60.04 -26.20 11.75
CA PHE W 94 60.15 -26.82 10.42
C PHE W 94 60.15 -25.76 9.32
N THR W 95 60.86 -24.66 9.58
CA THR W 95 60.86 -23.55 8.64
C THR W 95 61.45 -23.94 7.30
N ARG W 96 62.51 -24.76 7.31
CA ARG W 96 63.22 -25.06 6.09
C ARG W 96 62.45 -26.00 5.17
N ALA W 97 61.52 -26.78 5.71
CA ALA W 97 60.77 -27.76 4.93
C ALA W 97 59.37 -27.30 4.57
N PHE W 98 58.97 -26.10 5.01
CA PHE W 98 57.60 -25.64 4.79
C PHE W 98 57.18 -25.68 3.32
N PRO W 99 57.96 -25.15 2.38
CA PRO W 99 57.55 -25.25 0.97
C PRO W 99 57.40 -26.67 0.49
N PHE W 100 57.99 -27.64 1.19
CA PHE W 100 57.99 -29.02 0.74
C PHE W 100 56.91 -29.86 1.39
N TYR W 101 56.43 -29.49 2.58
CA TYR W 101 55.37 -30.23 3.25
C TYR W 101 54.07 -29.45 3.37
N ALA W 102 54.00 -28.23 2.82
CA ALA W 102 52.80 -27.43 2.98
C ALA W 102 51.60 -28.04 2.25
N HIS W 103 51.84 -28.77 1.17
CA HIS W 103 50.76 -29.30 0.35
C HIS W 103 50.17 -30.59 0.89
N THR W 104 50.72 -31.15 1.96
CA THR W 104 50.23 -32.40 2.51
C THR W 104 49.20 -32.12 3.60
N SER W 105 48.81 -33.16 4.33
CA SER W 105 47.79 -33.03 5.36
C SER W 105 47.94 -34.14 6.39
N SER X 122 61.43 -33.07 83.19
CA SER X 122 61.72 -31.96 82.28
C SER X 122 61.55 -32.40 80.83
N ALA X 123 62.37 -33.36 80.40
CA ALA X 123 62.26 -33.86 79.04
C ALA X 123 60.91 -34.53 78.81
N CYS X 124 60.42 -35.27 79.82
CA CYS X 124 59.10 -35.86 79.72
C CYS X 124 58.03 -34.77 79.59
N ALA X 125 58.18 -33.68 80.34
CA ALA X 125 57.24 -32.58 80.24
C ALA X 125 57.25 -31.97 78.85
N LYS X 126 58.45 -31.82 78.28
CA LYS X 126 58.56 -31.23 76.94
C LYS X 126 57.94 -32.14 75.89
N SER X 127 58.17 -33.45 76.01
CA SER X 127 57.57 -34.40 75.06
C SER X 127 56.05 -34.39 75.18
N VAL X 128 55.54 -34.38 76.41
CA VAL X 128 54.09 -34.28 76.61
C VAL X 128 53.58 -32.99 76.01
N GLU X 129 54.35 -31.90 76.13
CA GLU X 129 53.92 -30.61 75.61
C GLU X 129 53.80 -30.66 74.09
N LYS X 130 54.80 -31.22 73.42
CA LYS X 130 54.75 -31.26 71.95
C LYS X 130 53.70 -32.23 71.45
N SER X 131 53.47 -33.34 72.17
CA SER X 131 52.39 -34.24 71.78
C SER X 131 51.03 -33.58 71.96
N GLU X 132 50.86 -32.82 73.06
CA GLU X 132 49.62 -32.09 73.25
C GLU X 132 49.45 -31.01 72.20
N GLU X 133 50.55 -30.40 71.74
CA GLU X 133 50.46 -29.46 70.64
C GLU X 133 49.97 -30.15 69.38
N LEU X 134 50.51 -31.32 69.09
CA LEU X 134 50.04 -32.09 67.93
C LEU X 134 48.54 -32.37 68.02
N LEU X 135 48.10 -32.90 69.17
CA LEU X 135 46.69 -33.25 69.31
C LEU X 135 45.80 -32.02 69.31
N SER X 136 46.28 -30.90 69.84
CA SER X 136 45.51 -29.66 69.81
C SER X 136 45.37 -29.16 68.39
N ASN X 137 46.43 -29.27 67.58
CA ASN X 137 46.33 -28.90 66.18
C ASN X 137 45.35 -29.81 65.44
N GLY X 138 45.35 -31.09 65.77
CA GLY X 138 44.37 -31.99 65.18
C GLY X 138 42.95 -31.61 65.54
N ALA X 139 42.72 -31.28 66.81
CA ALA X 139 41.40 -30.86 67.24
C ALA X 139 40.99 -29.55 66.57
N ARG X 140 41.93 -28.63 66.41
CA ARG X 140 41.66 -27.38 65.70
C ARG X 140 41.28 -27.66 64.26
N ALA X 141 41.96 -28.61 63.63
CA ALA X 141 41.62 -28.98 62.25
C ALA X 141 40.22 -29.55 62.17
N LEU X 142 39.87 -30.43 63.12
CA LEU X 142 38.51 -30.98 63.13
C LEU X 142 37.48 -29.87 63.33
N TRP X 143 37.74 -28.93 64.23
CA TRP X 143 36.82 -27.83 64.47
C TRP X 143 36.65 -26.98 63.21
N VAL X 144 37.76 -26.66 62.57
CA VAL X 144 37.71 -25.88 61.33
C VAL X 144 36.90 -26.61 60.27
N SER X 145 37.13 -27.92 60.12
CA SER X 145 36.40 -28.68 59.12
C SER X 145 34.90 -28.69 59.41
N CYS X 146 34.54 -28.93 60.67
CA CYS X 146 33.13 -29.01 61.04
C CYS X 146 32.45 -27.66 60.98
N SER X 147 33.20 -26.57 61.11
CA SER X 147 32.64 -25.23 61.02
C SER X 147 32.72 -24.64 59.61
N ASN X 148 33.42 -25.29 58.69
CA ASN X 148 33.49 -24.80 57.33
C ASN X 148 32.12 -24.92 56.66
N PRO X 149 31.81 -24.06 55.70
CA PRO X 149 30.59 -24.23 54.92
C PRO X 149 30.76 -25.32 53.90
N PRO X 150 29.67 -25.85 53.35
CA PRO X 150 29.79 -26.79 52.24
C PRO X 150 30.55 -26.19 51.08
N VAL X 151 31.54 -26.94 50.60
CA VAL X 151 32.47 -26.41 49.61
C VAL X 151 31.76 -26.15 48.29
N TRP X 152 30.67 -26.84 48.01
CA TRP X 152 29.91 -26.57 46.80
C TRP X 152 29.00 -25.36 46.95
N LYS X 153 28.69 -24.97 48.19
CA LYS X 153 28.04 -23.68 48.42
C LYS X 153 29.03 -22.54 48.34
N VAL X 154 30.30 -22.80 48.69
CA VAL X 154 31.29 -21.75 48.70
C VAL X 154 31.56 -21.27 47.27
N ASN X 155 31.90 -19.98 47.14
CA ASN X 155 32.24 -19.41 45.85
C ASN X 155 33.63 -19.84 45.44
N THR X 156 33.79 -20.15 44.15
CA THR X 156 35.03 -20.72 43.65
C THR X 156 36.19 -19.75 43.80
N ASN X 157 35.98 -18.49 43.40
CA ASN X 157 37.04 -17.51 43.48
C ASN X 157 37.41 -17.20 44.92
N GLU X 158 36.43 -17.22 45.83
CA GLU X 158 36.74 -17.03 47.24
C GLU X 158 37.61 -18.17 47.77
N TRP X 159 37.26 -19.41 47.41
CA TRP X 159 38.09 -20.53 47.81
C TRP X 159 39.51 -20.39 47.29
N LEU X 160 39.65 -20.00 46.02
CA LEU X 160 40.98 -19.89 45.45
C LEU X 160 41.76 -18.74 46.06
N ASP X 161 41.07 -17.67 46.47
CA ASP X 161 41.74 -16.58 47.17
C ASP X 161 42.22 -17.02 48.54
N SER X 162 41.42 -17.83 49.22
CA SER X 162 41.84 -18.36 50.51
C SER X 162 43.04 -19.28 50.37
N ASP X 163 43.03 -20.15 49.36
CA ASP X 163 44.11 -21.10 49.15
C ASP X 163 45.20 -20.48 48.30
N GLN X 164 46.44 -20.56 48.78
CA GLN X 164 47.58 -20.00 48.07
C GLN X 164 48.39 -21.04 47.31
N TYR X 165 48.25 -22.32 47.67
CA TYR X 165 49.01 -23.36 46.99
C TYR X 165 48.40 -23.72 45.65
N TRP X 166 47.08 -23.87 45.60
CA TRP X 166 46.42 -24.25 44.36
C TRP X 166 46.32 -23.08 43.39
N GLN X 167 46.53 -21.85 43.85
CA GLN X 167 46.75 -20.75 42.93
C GLN X 167 47.95 -21.01 42.05
N ALA X 168 49.07 -21.41 42.66
CA ALA X 168 50.28 -21.69 41.90
C ALA X 168 50.08 -22.86 40.94
N PHE X 169 49.22 -23.80 41.29
CA PHE X 169 48.94 -24.93 40.41
C PHE X 169 48.18 -24.47 39.17
N VAL X 170 47.28 -23.51 39.32
CA VAL X 170 46.52 -22.99 38.19
C VAL X 170 47.40 -22.11 37.32
N GLU X 171 48.19 -21.24 37.93
CA GLU X 171 49.07 -20.35 37.18
C GLU X 171 50.06 -21.14 36.34
N LYS X 172 50.54 -22.27 36.87
CA LYS X 172 51.54 -23.07 36.17
C LYS X 172 50.99 -23.64 34.88
N HIS X 173 49.78 -24.18 34.91
CA HIS X 173 49.24 -24.91 33.78
C HIS X 173 48.30 -24.09 32.91
N HIS X 174 47.86 -22.92 33.35
CA HIS X 174 46.90 -22.13 32.61
C HIS X 174 47.29 -20.68 32.41
N PHE X 175 48.32 -20.19 33.10
CA PHE X 175 48.90 -18.90 32.81
C PHE X 175 50.22 -19.00 32.06
N TYR X 176 51.07 -19.95 32.44
CA TYR X 176 52.31 -20.15 31.71
C TYR X 176 52.12 -21.00 30.46
N SER X 177 50.94 -21.56 30.25
CA SER X 177 50.61 -22.26 29.02
C SER X 177 49.20 -21.87 28.58
N GLN X 178 48.88 -22.18 27.33
CA GLN X 178 47.57 -21.90 26.77
C GLN X 178 46.91 -23.12 26.17
N TYR X 179 47.53 -24.30 26.23
CA TYR X 179 47.02 -25.49 25.57
C TYR X 179 46.86 -26.66 26.53
N GLN X 180 47.02 -26.45 27.82
CA GLN X 180 46.84 -27.53 28.77
C GLN X 180 45.35 -27.85 28.95
N PRO X 181 45.00 -29.11 29.15
CA PRO X 181 43.59 -29.48 29.27
C PRO X 181 42.99 -28.96 30.57
N GLY X 182 41.67 -28.80 30.54
CA GLY X 182 40.94 -28.33 31.70
C GLY X 182 40.54 -29.45 32.64
N VAL X 183 41.48 -30.34 32.91
CA VAL X 183 41.26 -31.44 33.83
C VAL X 183 41.77 -31.02 35.21
N VAL X 184 41.32 -31.75 36.23
CA VAL X 184 41.64 -31.38 37.60
C VAL X 184 43.12 -31.56 37.89
N ASP X 185 43.75 -32.59 37.29
CA ASP X 185 45.15 -32.91 37.56
C ASP X 185 45.88 -33.13 36.24
N PRO X 186 46.45 -32.09 35.66
CA PRO X 186 47.23 -32.26 34.43
C PRO X 186 48.57 -32.92 34.65
N GLU X 187 49.11 -32.93 35.87
CA GLU X 187 50.38 -33.57 36.16
C GLU X 187 50.23 -35.03 36.52
N ALA X 188 49.13 -35.66 36.14
CA ALA X 188 48.90 -37.05 36.47
C ALA X 188 49.64 -37.98 35.51
N PRO X 189 49.96 -39.19 35.94
CA PRO X 189 50.67 -40.13 35.05
C PRO X 189 49.92 -40.40 33.76
N GLN X 190 48.58 -40.47 33.81
CA GLN X 190 47.81 -40.68 32.60
C GLN X 190 48.07 -39.56 31.60
N GLU X 191 47.98 -38.31 32.07
CA GLU X 191 48.23 -37.17 31.19
C GLU X 191 49.65 -37.19 30.65
N VAL X 192 50.62 -37.50 31.52
CA VAL X 192 52.02 -37.50 31.09
C VAL X 192 52.24 -38.53 29.99
N GLU X 193 51.75 -39.74 30.21
CA GLU X 193 51.95 -40.80 29.22
C GLU X 193 51.20 -40.50 27.93
N ALA X 194 50.01 -39.91 28.04
CA ALA X 194 49.27 -39.53 26.85
C ALA X 194 50.05 -38.49 26.05
N PHE X 195 50.62 -37.51 26.73
CA PHE X 195 51.42 -36.50 26.04
C PHE X 195 52.63 -37.12 25.35
N LYS X 196 53.30 -38.05 26.04
CA LYS X 196 54.46 -38.69 25.43
C LYS X 196 54.07 -39.48 24.18
N GLN X 197 52.99 -40.25 24.27
CA GLN X 197 52.56 -41.05 23.12
C GLN X 197 52.14 -40.15 21.97
N ALA X 198 51.43 -39.06 22.25
CA ALA X 198 51.07 -38.12 21.20
C ALA X 198 52.31 -37.51 20.58
N TRP X 199 53.29 -37.14 21.40
CA TRP X 199 54.56 -36.61 20.89
C TRP X 199 55.19 -37.57 19.90
N HIS X 200 55.34 -38.83 20.31
CA HIS X 200 55.99 -39.81 19.43
C HIS X 200 55.19 -40.04 18.17
N SER X 201 53.86 -40.14 18.29
CA SER X 201 53.04 -40.38 17.11
C SER X 201 53.12 -39.22 16.13
N ARG X 202 53.11 -37.99 16.64
CA ARG X 202 53.24 -36.82 15.77
C ARG X 202 54.57 -36.83 15.05
N MET X 203 55.66 -36.99 15.80
CA MET X 203 56.98 -36.98 15.17
C MET X 203 57.10 -38.07 14.13
N GLY X 204 56.54 -39.25 14.42
CA GLY X 204 56.59 -40.32 13.45
C GLY X 204 55.79 -40.03 12.21
N LYS X 205 54.52 -39.62 12.38
CA LYS X 205 53.71 -39.29 11.22
C LYS X 205 54.35 -38.21 10.38
N PHE X 206 55.15 -37.33 10.99
CA PHE X 206 55.76 -36.25 10.22
C PHE X 206 57.02 -36.70 9.50
N ASN X 207 57.90 -37.43 10.18
CA ASN X 207 59.22 -37.72 9.63
C ASN X 207 59.31 -39.06 8.91
N ASP X 208 58.54 -40.05 9.31
CA ASP X 208 58.73 -41.41 8.82
C ASP X 208 58.31 -41.54 7.36
N ARG X 209 58.98 -42.44 6.66
CA ARG X 209 58.66 -42.82 5.29
C ARG X 209 57.48 -43.77 5.31
N SER X 210 56.33 -43.32 4.83
CA SER X 210 55.10 -44.09 4.90
C SER X 210 54.34 -43.92 3.59
N ASP X 211 53.13 -44.47 3.55
CA ASP X 211 52.25 -44.31 2.40
C ASP X 211 51.52 -42.98 2.41
N THR X 212 51.47 -42.30 3.55
CA THR X 212 50.91 -40.97 3.68
C THR X 212 52.00 -40.03 4.20
N PRO X 213 52.98 -39.72 3.37
CA PRO X 213 54.14 -38.96 3.84
C PRO X 213 53.88 -37.47 3.91
N MET X 214 54.38 -36.85 4.97
CA MET X 214 54.36 -35.40 5.12
C MET X 214 55.68 -34.77 4.68
N LEU X 215 56.79 -35.19 5.29
CA LEU X 215 58.09 -34.60 5.03
C LEU X 215 58.91 -35.37 4.01
N TYR X 216 58.69 -36.67 3.88
CA TYR X 216 59.42 -37.47 2.90
C TYR X 216 58.89 -37.11 1.51
N ALA X 217 59.63 -36.26 0.81
CA ALA X 217 59.20 -35.76 -0.48
C ALA X 217 60.38 -35.06 -1.15
N TYR X 218 60.45 -35.18 -2.47
CA TYR X 218 61.54 -34.61 -3.25
C TYR X 218 62.88 -35.19 -2.82
N MET X 219 62.94 -36.51 -2.77
CA MET X 219 64.11 -37.23 -2.26
C MET X 219 64.95 -37.74 -3.43
N ASN X 220 66.17 -37.22 -3.53
CA ASN X 220 67.13 -37.71 -4.51
C ASN X 220 68.44 -38.08 -3.82
N GLU X 221 68.80 -37.34 -2.77
CA GLU X 221 69.96 -37.64 -1.93
C GLU X 221 69.45 -37.93 -0.53
N LEU X 222 69.55 -39.17 -0.11
CA LEU X 222 68.97 -39.59 1.14
C LEU X 222 69.95 -39.37 2.30
N PRO X 223 69.46 -39.16 3.50
CA PRO X 223 70.34 -39.09 4.67
C PRO X 223 70.79 -40.49 5.08
N SER X 224 71.64 -40.52 6.12
CA SER X 224 72.28 -41.77 6.52
C SER X 224 71.25 -42.82 6.93
N TRP X 225 70.31 -42.43 7.79
CA TRP X 225 69.39 -43.40 8.37
C TRP X 225 68.52 -44.04 7.28
N GLU X 226 67.87 -43.21 6.46
CA GLU X 226 67.02 -43.73 5.40
C GLU X 226 67.83 -44.50 4.37
N TYR X 227 69.02 -43.99 4.04
CA TYR X 227 69.88 -44.68 3.08
C TYR X 227 70.19 -46.10 3.54
N TYR X 228 70.65 -46.24 4.78
CA TYR X 228 71.00 -47.56 5.29
C TYR X 228 69.78 -48.43 5.53
N ASP X 229 68.62 -47.82 5.80
CA ASP X 229 67.41 -48.62 5.95
C ASP X 229 66.92 -49.17 4.62
N LEU X 230 67.13 -48.43 3.54
CA LEU X 230 66.68 -48.88 2.24
C LEU X 230 67.71 -49.78 1.56
N HIS X 231 68.99 -49.57 1.80
CA HIS X 231 70.07 -50.32 1.18
C HIS X 231 70.83 -51.06 2.29
N ARG X 232 70.36 -52.26 2.63
CA ARG X 232 71.02 -53.04 3.67
C ARG X 232 72.37 -53.57 3.22
N SER X 233 72.61 -53.65 1.91
CA SER X 233 73.90 -54.10 1.42
C SER X 233 75.00 -53.11 1.76
N ALA X 234 74.71 -51.82 1.66
CA ALA X 234 75.72 -50.81 1.93
C ALA X 234 76.01 -50.67 3.41
N PHE X 235 74.98 -50.84 4.26
CA PHE X 235 75.21 -50.79 5.69
C PHE X 235 76.22 -51.84 6.12
N LEU X 236 76.10 -53.05 5.59
CA LEU X 236 77.03 -54.12 5.94
C LEU X 236 78.45 -53.78 5.49
N GLU X 237 78.59 -53.37 4.23
CA GLU X 237 79.91 -53.04 3.70
C GLU X 237 80.51 -51.84 4.42
N HIS X 238 79.74 -50.76 4.54
CA HIS X 238 80.24 -49.57 5.23
C HIS X 238 80.57 -49.85 6.69
N MET X 239 79.94 -50.86 7.28
CA MET X 239 80.19 -51.18 8.69
C MET X 239 81.43 -52.05 8.85
N THR X 240 81.56 -53.10 8.04
CA THR X 240 82.76 -53.93 8.10
C THR X 240 84.01 -53.11 7.81
N TYR X 241 83.92 -52.18 6.86
CA TYR X 241 85.07 -51.35 6.55
C TYR X 241 85.43 -50.46 7.73
N PHE X 242 84.42 -49.97 8.46
CA PHE X 242 84.67 -49.11 9.60
C PHE X 242 85.35 -49.88 10.73
N LEU X 243 84.88 -51.10 11.00
CA LEU X 243 85.45 -51.88 12.09
C LEU X 243 86.88 -52.31 11.79
N VAL X 244 87.21 -52.51 10.52
CA VAL X 244 88.54 -52.97 10.14
C VAL X 244 89.49 -51.80 9.92
N ARG X 245 89.07 -50.81 9.14
CA ARG X 245 89.90 -49.64 8.90
C ARG X 245 90.22 -48.92 10.20
N THR X 246 89.28 -48.92 11.15
CA THR X 246 89.48 -48.30 12.46
C THR X 246 88.92 -49.28 13.48
N GLY X 247 89.80 -50.00 14.15
CA GLY X 247 89.36 -50.94 15.15
C GLY X 247 88.53 -50.23 16.20
N GLY X 248 87.22 -50.45 16.17
CA GLY X 248 86.32 -49.70 17.02
C GLY X 248 85.01 -50.42 17.18
N ASP X 249 84.12 -49.78 17.93
CA ASP X 249 82.81 -50.33 18.23
C ASP X 249 81.76 -49.73 17.30
N PHE X 250 80.69 -50.50 17.07
CA PHE X 250 79.58 -50.02 16.27
C PHE X 250 78.98 -48.74 16.83
N ARG X 251 79.17 -48.48 18.13
CA ARG X 251 78.59 -47.31 18.76
C ARG X 251 79.22 -46.01 18.27
N PHE X 252 80.35 -46.08 17.58
CA PHE X 252 81.01 -44.92 17.01
C PHE X 252 80.86 -44.87 15.48
N PHE X 253 79.92 -45.62 14.94
CA PHE X 253 79.70 -45.65 13.51
C PHE X 253 79.41 -44.25 12.99
N PRO X 254 80.18 -43.74 12.03
CA PRO X 254 79.99 -42.36 11.59
C PRO X 254 78.66 -42.15 10.88
N GLU X 255 78.19 -40.91 10.93
CA GLU X 255 76.92 -40.57 10.31
C GLU X 255 77.02 -40.67 8.80
N MET X 256 78.06 -40.08 8.21
CA MET X 256 78.31 -40.16 6.79
C MET X 256 79.76 -40.55 6.58
N PRO X 257 80.05 -41.57 5.77
CA PRO X 257 81.42 -42.03 5.62
C PRO X 257 82.23 -41.09 4.75
N PRO X 258 83.55 -41.13 4.85
CA PRO X 258 84.38 -40.31 3.96
C PRO X 258 84.47 -40.87 2.53
N TRP X 259 84.67 -39.93 1.61
CA TRP X 259 84.80 -40.31 0.21
C TRP X 259 86.01 -41.19 -0.03
N GLN X 260 87.05 -41.05 0.80
CA GLN X 260 88.20 -41.94 0.69
C GLN X 260 87.78 -43.38 0.94
N TRP X 261 87.04 -43.60 2.03
CA TRP X 261 86.53 -44.93 2.33
C TRP X 261 85.65 -45.45 1.21
N LEU X 262 84.77 -44.59 0.69
CA LEU X 262 83.88 -45.03 -0.38
C LEU X 262 84.66 -45.45 -1.62
N ALA X 263 85.67 -44.67 -1.99
CA ALA X 263 86.47 -44.99 -3.17
C ALA X 263 87.24 -46.29 -2.97
N HIS X 264 87.83 -46.48 -1.78
CA HIS X 264 88.53 -47.73 -1.51
C HIS X 264 87.58 -48.91 -1.58
N MET X 265 86.38 -48.77 -1.04
CA MET X 265 85.39 -49.84 -1.15
C MET X 265 85.08 -50.16 -2.59
N GLU X 266 84.92 -49.13 -3.42
CA GLU X 266 84.62 -49.37 -4.83
C GLU X 266 85.75 -50.10 -5.54
N ASN X 267 87.00 -49.71 -5.24
CA ASN X 267 88.13 -50.40 -5.84
C ASN X 267 88.17 -51.87 -5.43
N LEU X 268 87.97 -52.13 -4.14
CA LEU X 268 87.97 -53.52 -3.66
C LEU X 268 86.84 -54.31 -4.30
N ARG X 269 85.67 -53.69 -4.46
CA ARG X 269 84.57 -54.37 -5.13
C ARG X 269 84.93 -54.70 -6.57
N PHE X 270 85.56 -53.75 -7.27
CA PHE X 270 85.98 -54.01 -8.64
C PHE X 270 86.92 -55.20 -8.69
N LYS X 271 87.89 -55.25 -7.79
CA LYS X 271 88.84 -56.36 -7.76
C LYS X 271 88.12 -57.69 -7.55
N LEU X 272 87.33 -57.79 -6.48
CA LEU X 272 86.65 -59.03 -6.15
C LEU X 272 85.76 -59.49 -7.30
N LEU X 273 84.99 -58.57 -7.87
CA LEU X 273 84.04 -58.94 -8.91
C LEU X 273 84.75 -59.28 -10.21
N SER X 274 85.91 -58.67 -10.48
CA SER X 274 86.70 -59.09 -11.63
C SER X 274 87.14 -60.54 -11.48
N VAL X 275 87.70 -60.87 -10.31
CA VAL X 275 88.14 -62.24 -10.07
C VAL X 275 86.96 -63.21 -10.20
N ALA X 276 85.85 -62.89 -9.55
CA ALA X 276 84.69 -63.79 -9.56
C ALA X 276 84.14 -63.94 -10.96
N GLN X 277 84.13 -62.86 -11.75
CA GLN X 277 83.58 -62.92 -13.10
C GLN X 277 84.48 -63.77 -14.00
N SER X 278 85.79 -63.65 -13.84
CA SER X 278 86.69 -64.50 -14.61
C SER X 278 86.47 -65.97 -14.26
N ARG X 279 86.43 -66.29 -12.96
CA ARG X 279 86.21 -67.67 -12.56
C ARG X 279 84.87 -68.20 -13.08
N ARG X 280 83.82 -67.37 -13.00
CA ARG X 280 82.53 -67.79 -13.53
C ARG X 280 82.61 -68.06 -15.01
N SER X 281 83.15 -67.11 -15.78
CA SER X 281 83.32 -67.31 -17.21
C SER X 281 83.98 -68.64 -17.51
N GLN X 282 85.05 -68.97 -16.76
CA GLN X 282 85.82 -70.16 -17.10
C GLN X 282 85.23 -71.45 -16.57
N LEU X 283 84.34 -71.41 -15.58
CA LEU X 283 83.80 -72.64 -14.99
C LEU X 283 82.30 -72.79 -15.22
N GLN X 284 81.49 -71.81 -14.82
CA GLN X 284 80.04 -72.00 -14.78
C GLN X 284 79.46 -72.24 -16.16
N LEU X 285 80.05 -71.63 -17.20
CA LEU X 285 79.53 -71.77 -18.54
C LEU X 285 80.14 -72.96 -19.29
N ALA X 286 81.38 -73.33 -18.97
CA ALA X 286 81.90 -74.59 -19.46
C ALA X 286 81.15 -75.77 -18.87
N ASN X 287 80.55 -75.60 -17.68
CA ASN X 287 79.68 -76.62 -17.14
C ASN X 287 78.55 -76.97 -18.11
N LEU X 288 77.95 -75.96 -18.73
CA LEU X 288 76.93 -76.18 -19.73
C LEU X 288 77.36 -75.60 -21.08
N HIS X 304 68.48 -64.03 -3.91
CA HIS X 304 68.46 -63.60 -2.52
C HIS X 304 69.87 -63.63 -1.94
N GLY X 305 70.56 -62.49 -1.98
CA GLY X 305 71.91 -62.41 -1.47
C GLY X 305 71.99 -62.20 0.03
N GLU X 306 70.95 -61.63 0.64
CA GLU X 306 70.98 -61.36 2.07
C GLU X 306 71.06 -62.66 2.86
N GLU X 307 70.23 -63.65 2.50
CA GLU X 307 70.26 -64.93 3.20
C GLU X 307 71.60 -65.62 3.03
N TYR X 308 72.16 -65.60 1.82
CA TYR X 308 73.46 -66.22 1.59
C TYR X 308 74.54 -65.55 2.43
N THR X 309 74.55 -64.22 2.47
CA THR X 309 75.55 -63.51 3.27
C THR X 309 75.37 -63.83 4.75
N GLN X 310 74.13 -63.88 5.21
CA GLN X 310 73.87 -64.20 6.62
C GLN X 310 74.41 -65.58 6.96
N LYS X 311 74.10 -66.57 6.12
CA LYS X 311 74.58 -67.93 6.35
C LYS X 311 76.10 -67.98 6.34
N PHE X 312 76.73 -67.33 5.37
CA PHE X 312 78.18 -67.33 5.28
C PHE X 312 78.80 -66.76 6.55
N LEU X 313 78.30 -65.60 7.00
CA LEU X 313 78.88 -64.97 8.18
C LEU X 313 78.66 -65.80 9.43
N GLN X 314 77.45 -66.37 9.58
CA GLN X 314 77.18 -67.21 10.73
C GLN X 314 78.11 -68.41 10.77
N TYR X 315 78.24 -69.11 9.63
CA TYR X 315 79.13 -70.26 9.57
C TYR X 315 80.56 -69.86 9.88
N GLU X 316 81.01 -68.73 9.35
CA GLU X 316 82.40 -68.32 9.57
C GLU X 316 82.67 -67.99 11.03
N THR X 317 81.75 -67.26 11.68
CA THR X 317 81.95 -66.95 13.08
C THR X 317 81.90 -68.20 13.94
N GLU X 318 81.00 -69.14 13.61
CA GLU X 318 80.98 -70.40 14.33
C GLU X 318 82.30 -71.15 14.17
N LEU X 319 82.83 -71.17 12.95
CA LEU X 319 84.09 -71.86 12.70
C LEU X 319 85.22 -71.25 13.52
N PHE X 320 85.31 -69.92 13.52
CA PHE X 320 86.40 -69.27 14.25
C PHE X 320 86.23 -69.44 15.76
N GLN X 321 84.99 -69.41 16.25
CA GLN X 321 84.76 -69.67 17.67
C GLN X 321 85.18 -71.09 18.04
N ALA X 322 84.88 -72.05 17.17
CA ALA X 322 85.27 -73.43 17.44
C ALA X 322 86.79 -73.58 17.44
N CYS X 323 87.47 -72.94 16.49
CA CYS X 323 88.92 -72.98 16.47
C CYS X 323 89.50 -72.37 17.75
N ALA X 324 88.97 -71.23 18.17
CA ALA X 324 89.46 -70.59 19.38
C ALA X 324 89.25 -71.48 20.59
N ALA X 325 88.10 -72.16 20.67
CA ALA X 325 87.85 -73.06 21.79
C ALA X 325 88.82 -74.23 21.76
N ARG X 326 89.03 -74.81 20.58
CA ARG X 326 89.98 -75.92 20.45
C ARG X 326 91.37 -75.50 20.92
N LEU X 327 91.79 -74.29 20.57
CA LEU X 327 93.12 -73.84 20.97
C LEU X 327 93.18 -73.54 22.47
N MET X 328 92.13 -72.93 23.01
CA MET X 328 92.10 -72.65 24.44
C MET X 328 92.08 -73.93 25.24
N GLY X 329 91.59 -75.03 24.65
CA GLY X 329 91.64 -76.30 25.33
C GLY X 329 93.04 -76.71 25.74
N HIS X 330 94.05 -76.23 24.99
CA HIS X 330 95.44 -76.54 25.28
C HIS X 330 96.29 -75.30 25.46
N PHE X 331 95.66 -74.13 25.61
CA PHE X 331 96.37 -72.88 25.89
C PHE X 331 97.24 -72.47 24.71
N MET X 332 96.67 -72.55 23.52
CA MET X 332 97.35 -72.17 22.29
C MET X 332 96.58 -71.10 21.51
N PHE X 333 95.60 -70.47 22.14
CA PHE X 333 94.74 -69.53 21.42
C PHE X 333 95.46 -68.21 21.16
N LEU X 334 95.83 -67.49 22.22
CA LEU X 334 96.57 -66.25 22.13
C LEU X 334 97.70 -66.32 23.15
N CYS X 335 98.85 -66.83 22.69
CA CYS X 335 100.03 -67.02 23.54
C CYS X 335 101.19 -66.36 22.82
N ASP X 336 101.37 -65.07 23.04
CA ASP X 336 102.51 -64.32 22.53
C ASP X 336 103.21 -63.63 23.69
N PRO X 337 104.52 -63.41 23.59
CA PRO X 337 105.44 -63.71 22.47
C PRO X 337 105.68 -65.20 22.25
N PHE X 338 105.10 -66.04 23.09
CA PHE X 338 105.25 -67.47 22.93
C PHE X 338 104.76 -67.92 21.56
N ILE X 339 105.17 -69.12 21.17
CA ILE X 339 104.71 -69.74 19.93
C ILE X 339 104.43 -71.21 20.21
N PRO X 340 103.22 -71.70 19.98
CA PRO X 340 102.95 -73.11 20.26
C PRO X 340 103.46 -74.02 19.16
N VAL X 341 103.78 -75.25 19.54
CA VAL X 341 104.33 -76.25 18.63
C VAL X 341 103.80 -77.61 19.03
N GLN X 342 103.47 -78.43 18.02
CA GLN X 342 102.98 -79.78 18.23
C GLN X 342 103.71 -80.81 17.37
N SER X 343 104.85 -80.43 16.78
CA SER X 343 105.59 -81.35 15.92
C SER X 343 107.00 -80.79 15.73
N ALA X 344 107.93 -81.70 15.43
CA ALA X 344 109.31 -81.29 15.21
C ALA X 344 109.45 -80.43 13.96
N GLU X 345 108.63 -80.70 12.94
CA GLU X 345 108.65 -79.85 11.75
C GLU X 345 108.32 -78.40 12.09
N ALA X 346 107.22 -78.20 12.82
CA ALA X 346 106.85 -76.86 13.24
C ALA X 346 107.90 -76.27 14.18
N LEU X 347 108.49 -77.11 15.03
CA LEU X 347 109.54 -76.62 15.91
C LEU X 347 110.70 -76.03 15.11
N SER X 348 111.17 -76.77 14.11
CA SER X 348 112.26 -76.27 13.28
C SER X 348 111.83 -75.02 12.51
N ALA X 349 110.60 -75.02 12.00
CA ALA X 349 110.12 -73.89 11.23
C ALA X 349 110.11 -72.62 12.06
N VAL X 350 109.60 -72.70 13.29
CA VAL X 350 109.51 -71.53 14.15
C VAL X 350 110.85 -71.18 14.78
N THR X 351 111.77 -72.14 14.88
CA THR X 351 113.11 -71.82 15.36
C THR X 351 113.92 -71.10 14.29
N ARG X 352 113.66 -71.40 13.02
CA ARG X 352 114.31 -70.67 11.94
C ARG X 352 113.98 -69.18 12.01
N VAL X 353 112.94 -68.80 12.74
CA VAL X 353 112.63 -67.38 12.93
C VAL X 353 113.80 -66.68 13.62
N ASP X 354 114.13 -67.13 14.83
CA ASP X 354 115.20 -66.53 15.62
C ASP X 354 116.56 -67.13 15.29
N ASN X 355 116.64 -68.06 14.35
CA ASN X 355 117.91 -68.65 13.91
C ASN X 355 118.51 -69.52 15.00
N GLY X 356 117.68 -70.32 15.66
CA GLY X 356 118.12 -71.24 16.68
C GLY X 356 118.18 -70.67 18.08
N LYS X 357 118.18 -69.34 18.22
CA LYS X 357 118.20 -68.71 19.53
C LYS X 357 116.87 -68.94 20.24
N GLY X 358 116.76 -68.42 21.45
CA GLY X 358 115.53 -68.50 22.21
C GLY X 358 115.49 -69.71 23.12
N LYS X 359 114.33 -69.87 23.76
CA LYS X 359 114.11 -70.91 24.75
C LYS X 359 112.87 -71.71 24.39
N LEU X 360 112.67 -72.82 25.08
CA LEU X 360 111.49 -73.66 24.90
C LEU X 360 110.95 -74.05 26.27
N PHE X 361 109.64 -73.91 26.43
CA PHE X 361 108.95 -74.18 27.69
C PHE X 361 107.92 -75.28 27.48
N SER X 362 107.58 -75.95 28.57
CA SER X 362 106.69 -77.11 28.54
C SER X 362 105.78 -77.10 29.76
N LEU X 363 104.72 -77.90 29.68
CA LEU X 363 103.82 -78.13 30.79
C LEU X 363 103.47 -79.61 30.82
N GLY X 364 103.13 -80.12 32.00
CA GLY X 364 103.14 -81.55 32.22
C GLY X 364 101.89 -82.31 31.84
N ASP X 365 101.94 -82.98 30.69
CA ASP X 365 101.02 -84.04 30.31
C ASP X 365 99.56 -83.62 30.23
N ASP X 366 99.22 -82.39 30.61
CA ASP X 366 97.88 -81.85 30.41
C ASP X 366 97.84 -80.82 29.29
N VAL X 367 98.93 -80.10 29.07
CA VAL X 367 99.10 -79.26 27.89
C VAL X 367 99.75 -80.10 26.80
N ASN X 368 99.08 -80.20 25.66
CA ASN X 368 99.49 -81.11 24.60
C ASN X 368 100.31 -80.39 23.51
N ALA X 369 101.10 -79.41 23.92
CA ALA X 369 101.97 -78.70 23.00
C ALA X 369 103.08 -78.03 23.80
N LEU X 370 104.15 -77.67 23.11
CA LEU X 370 105.32 -77.05 23.72
C LEU X 370 105.50 -75.65 23.16
N PHE X 371 105.83 -74.71 24.02
CA PHE X 371 105.91 -73.31 23.62
C PHE X 371 107.36 -72.90 23.39
N TYR X 372 107.54 -71.92 22.52
CA TYR X 372 108.86 -71.42 22.15
C TYR X 372 108.90 -69.93 22.35
N LEU X 373 109.94 -69.45 23.03
CA LEU X 373 110.14 -68.03 23.29
C LEU X 373 111.29 -67.53 22.44
N PRO X 374 111.06 -66.73 21.41
CA PRO X 374 112.18 -66.13 20.67
C PRO X 374 112.87 -65.05 21.47
N GLU X 375 113.83 -64.37 20.86
CA GLU X 375 114.57 -63.32 21.55
C GLU X 375 113.75 -62.04 21.58
N GLN X 376 113.98 -61.25 22.64
CA GLN X 376 113.21 -60.03 22.84
C GLN X 376 113.23 -59.13 21.62
N GLN X 377 114.33 -59.12 20.87
CA GLN X 377 114.40 -58.28 19.68
C GLN X 377 113.55 -58.82 18.54
N ARG X 378 113.19 -60.10 18.57
CA ARG X 378 112.41 -60.73 17.52
C ARG X 378 111.04 -61.17 18.01
N ARG X 379 110.63 -60.74 19.20
CA ARG X 379 109.30 -60.99 19.71
C ARG X 379 108.23 -60.07 19.10
N ASP X 380 108.51 -59.48 17.94
CA ASP X 380 107.56 -58.56 17.32
C ASP X 380 106.38 -59.32 16.73
N VAL X 381 105.44 -58.56 16.16
CA VAL X 381 104.34 -59.10 15.38
C VAL X 381 104.55 -58.72 13.92
N GLU X 382 104.07 -59.58 13.03
CA GLU X 382 104.27 -59.42 11.60
C GLU X 382 103.05 -58.77 10.97
N ARG X 383 103.27 -58.18 9.80
CA ARG X 383 102.20 -57.49 9.09
C ARG X 383 101.17 -58.49 8.59
N PRO X 384 99.93 -58.04 8.40
CA PRO X 384 98.89 -58.98 7.97
C PRO X 384 99.08 -59.51 6.56
N THR X 385 99.63 -58.68 5.65
CA THR X 385 99.93 -59.18 4.32
C THR X 385 100.96 -60.30 4.37
N GLN X 386 102.03 -60.10 5.15
CA GLN X 386 103.01 -61.14 5.33
C GLN X 386 102.40 -62.39 5.95
N ALA X 387 101.50 -62.20 6.92
CA ALA X 387 100.85 -63.35 7.55
C ALA X 387 100.05 -64.14 6.53
N VAL X 388 99.25 -63.46 5.72
CA VAL X 388 98.44 -64.13 4.71
C VAL X 388 99.32 -64.84 3.69
N GLN X 389 100.41 -64.18 3.27
CA GLN X 389 101.31 -64.80 2.32
C GLN X 389 101.93 -66.07 2.90
N THR X 390 102.39 -66.01 4.14
CA THR X 390 102.95 -67.19 4.79
C THR X 390 101.92 -68.32 4.86
N LEU X 391 100.70 -67.99 5.28
CA LEU X 391 99.67 -69.01 5.41
C LEU X 391 99.39 -69.67 4.06
N LEU X 392 99.19 -68.86 3.02
CA LEU X 392 98.87 -69.42 1.71
C LEU X 392 100.04 -70.22 1.16
N GLY X 393 101.27 -69.76 1.37
CA GLY X 393 102.43 -70.51 0.93
C GLY X 393 102.51 -71.87 1.59
N HIS X 394 102.30 -71.91 2.91
CA HIS X 394 102.32 -73.18 3.62
C HIS X 394 101.22 -74.10 3.12
N LEU X 395 100.02 -73.57 2.93
CA LEU X 395 98.91 -74.39 2.48
C LEU X 395 99.16 -74.96 1.09
N GLU X 396 99.70 -74.14 0.19
CA GLU X 396 99.97 -74.61 -1.17
C GLU X 396 101.16 -75.57 -1.21
N ALA X 397 102.10 -75.42 -0.28
CA ALA X 397 103.19 -76.40 -0.20
C ALA X 397 102.69 -77.73 0.34
N THR X 398 101.75 -77.70 1.29
CA THR X 398 101.15 -78.92 1.79
C THR X 398 100.18 -79.53 0.78
N GLY X 399 99.66 -78.74 -0.15
CA GLY X 399 98.76 -79.23 -1.16
C GLY X 399 97.30 -79.10 -0.76
N ARG X 400 96.95 -77.94 -0.18
CA ARG X 400 95.58 -77.67 0.28
C ARG X 400 95.29 -76.20 0.10
N PRO X 401 95.24 -75.72 -1.14
CA PRO X 401 95.02 -74.28 -1.38
C PRO X 401 93.56 -73.89 -1.20
N PHE X 402 93.36 -72.70 -0.66
CA PHE X 402 92.01 -72.15 -0.54
C PHE X 402 91.43 -71.86 -1.92
N ASN X 403 90.18 -71.43 -1.93
CA ASN X 403 89.55 -71.00 -3.17
C ASN X 403 89.98 -69.58 -3.53
N PRO X 404 89.93 -69.22 -4.81
CA PRO X 404 90.39 -67.88 -5.19
C PRO X 404 89.58 -66.77 -4.55
N CYS X 405 88.26 -66.93 -4.46
CA CYS X 405 87.43 -65.90 -3.85
C CYS X 405 87.81 -65.68 -2.39
N TYR X 406 87.99 -66.77 -1.65
CA TYR X 406 88.38 -66.65 -0.25
C TYR X 406 89.78 -66.03 -0.13
N SER X 407 90.68 -66.37 -1.06
CA SER X 407 92.01 -65.77 -1.04
C SER X 407 91.92 -64.26 -1.24
N GLU X 408 91.10 -63.82 -2.20
CA GLU X 408 90.93 -62.38 -2.40
C GLU X 408 90.32 -61.73 -1.18
N LEU X 409 89.38 -62.43 -0.52
CA LEU X 409 88.79 -61.90 0.70
C LEU X 409 89.86 -61.68 1.77
N LEU X 410 90.71 -62.68 1.97
CA LEU X 410 91.80 -62.53 2.93
C LEU X 410 92.71 -61.37 2.55
N HIS X 411 93.00 -61.22 1.26
CA HIS X 411 93.91 -60.16 0.83
C HIS X 411 93.31 -58.78 1.08
N VAL X 412 92.02 -58.61 0.78
CA VAL X 412 91.38 -57.32 1.03
C VAL X 412 91.31 -57.03 2.52
N HIS X 413 91.03 -58.05 3.33
CA HIS X 413 91.05 -57.86 4.78
C HIS X 413 92.42 -57.39 5.24
N ALA X 414 93.48 -58.04 4.75
CA ALA X 414 94.83 -57.64 5.13
C ALA X 414 95.15 -56.23 4.66
N GLU X 415 94.62 -55.83 3.50
CA GLU X 415 94.86 -54.49 3.00
C GLU X 415 94.21 -53.44 3.88
N VAL X 416 92.92 -53.64 4.20
CA VAL X 416 92.23 -52.69 5.06
C VAL X 416 92.84 -52.68 6.45
N LEU X 417 93.48 -53.77 6.87
CA LEU X 417 94.20 -53.76 8.14
C LEU X 417 95.49 -52.95 8.02
N GLU X 418 96.24 -53.15 6.94
CA GLU X 418 97.43 -52.33 6.70
C GLU X 418 97.08 -50.85 6.72
N GLU X 419 95.88 -50.50 6.26
CA GLU X 419 95.47 -49.10 6.27
C GLU X 419 95.53 -48.48 7.65
N ARG X 420 95.60 -49.29 8.72
CA ARG X 420 95.70 -48.73 10.06
C ARG X 420 97.04 -48.05 10.30
N GLY X 421 98.11 -48.61 9.72
CA GLY X 421 99.43 -48.00 9.81
C GLY X 421 100.41 -48.87 10.57
N GLU X 422 101.32 -48.19 11.27
CA GLU X 422 102.38 -48.89 12.01
C GLU X 422 101.78 -49.80 13.08
N HIS X 423 101.09 -49.20 14.05
CA HIS X 423 100.48 -49.96 15.14
C HIS X 423 99.08 -50.35 14.70
N TRP X 424 98.96 -51.54 14.14
CA TRP X 424 97.69 -52.02 13.61
C TRP X 424 96.94 -52.93 14.58
N LEU X 425 97.64 -53.59 15.48
CA LEU X 425 96.99 -54.48 16.43
C LEU X 425 97.38 -54.20 17.87
N THR X 426 98.62 -53.83 18.14
CA THR X 426 99.12 -53.71 19.49
C THR X 426 99.88 -52.40 19.67
N ALA X 427 99.93 -51.94 20.91
CA ALA X 427 100.74 -50.81 21.30
C ALA X 427 102.17 -51.28 21.56
N PRO X 428 103.10 -50.34 21.75
CA PRO X 428 104.50 -50.74 21.96
C PRO X 428 104.69 -51.73 23.09
N GLY X 429 104.26 -51.37 24.29
CA GLY X 429 104.46 -52.22 25.45
C GLY X 429 103.25 -53.09 25.76
N GLU X 430 102.62 -53.63 24.72
CA GLU X 430 101.40 -54.38 24.87
C GLU X 430 101.54 -55.72 24.16
N CYS X 431 100.79 -56.71 24.65
CA CYS X 431 100.77 -58.05 24.09
C CYS X 431 99.43 -58.30 23.40
N VAL X 432 99.37 -59.41 22.66
CA VAL X 432 98.19 -59.71 21.85
C VAL X 432 97.01 -60.04 22.74
N SER X 433 97.24 -60.75 23.85
CA SER X 433 96.14 -61.05 24.76
C SER X 433 95.58 -59.78 25.38
N GLN X 434 96.46 -58.86 25.77
CA GLN X 434 95.99 -57.58 26.31
C GLN X 434 95.22 -56.81 25.26
N ALA X 435 95.68 -56.83 24.01
CA ALA X 435 94.96 -56.14 22.95
C ALA X 435 93.58 -56.75 22.72
N PHE X 436 93.49 -58.08 22.77
CA PHE X 436 92.21 -58.75 22.61
C PHE X 436 91.25 -58.36 23.72
N LEU X 437 91.73 -58.41 24.97
CA LEU X 437 90.89 -58.04 26.09
C LEU X 437 90.51 -56.56 26.03
N ARG X 438 91.36 -55.73 25.44
CA ARG X 438 91.06 -54.32 25.30
C ARG X 438 89.96 -54.08 24.28
N ARG X 439 90.13 -54.63 23.07
CA ARG X 439 89.16 -54.44 22.01
C ARG X 439 87.91 -55.29 22.18
N LEU X 440 87.88 -56.19 23.17
CA LEU X 440 86.74 -57.08 23.33
C LEU X 440 85.51 -56.32 23.78
N ARG X 441 84.40 -56.53 23.08
CA ARG X 441 83.14 -55.89 23.44
C ARG X 441 82.71 -56.33 24.83
N THR X 442 82.53 -55.35 25.72
CA THR X 442 82.21 -55.66 27.12
C THR X 442 80.85 -56.33 27.23
N ASP X 443 79.88 -55.90 26.44
CA ASP X 443 78.55 -56.52 26.45
C ASP X 443 78.52 -57.85 25.71
N ASP X 444 79.67 -58.42 25.38
CA ASP X 444 79.69 -59.70 24.71
C ASP X 444 79.49 -60.82 25.72
N PRO X 445 78.68 -61.83 25.41
CA PRO X 445 78.45 -62.90 26.39
C PRO X 445 79.70 -63.69 26.74
N ALA X 446 80.64 -63.82 25.81
CA ALA X 446 81.86 -64.59 26.02
C ALA X 446 82.91 -63.81 26.79
N TYR X 447 82.57 -62.63 27.32
CA TYR X 447 83.56 -61.82 28.03
C TYR X 447 84.14 -62.58 29.22
N GLU X 448 83.27 -63.15 30.05
CA GLU X 448 83.75 -63.89 31.22
C GLU X 448 84.50 -65.14 30.81
N VAL X 449 84.08 -65.80 29.72
CA VAL X 449 84.80 -66.97 29.25
C VAL X 449 86.23 -66.61 28.89
N TYR X 450 86.41 -65.56 28.09
CA TYR X 450 87.75 -65.15 27.71
C TYR X 450 88.56 -64.70 28.91
N CYS X 451 87.93 -63.98 29.85
CA CYS X 451 88.63 -63.55 31.05
C CYS X 451 89.13 -64.73 31.85
N SER X 452 88.28 -65.75 32.03
CA SER X 452 88.70 -66.96 32.74
C SER X 452 89.85 -67.63 32.02
N TYR X 453 89.74 -67.79 30.70
CA TYR X 453 90.81 -68.43 29.96
C TYR X 453 92.14 -67.71 30.14
N PHE X 454 92.12 -66.38 30.02
CA PHE X 454 93.37 -65.64 30.12
C PHE X 454 93.91 -65.65 31.54
N LYS X 455 93.04 -65.64 32.54
CA LYS X 455 93.50 -65.77 33.92
C LYS X 455 94.23 -67.10 34.12
N GLU X 456 93.60 -68.19 33.69
CA GLU X 456 94.22 -69.50 33.82
C GLU X 456 95.53 -69.58 33.04
N MET X 457 95.55 -69.02 31.83
CA MET X 457 96.76 -69.07 31.01
C MET X 457 97.89 -68.29 31.65
N TYR X 458 97.58 -67.12 32.23
CA TYR X 458 98.60 -66.35 32.90
C TYR X 458 99.15 -67.09 34.10
N GLU X 459 98.26 -67.62 34.96
CA GLU X 459 98.74 -68.29 36.15
C GLU X 459 99.45 -69.60 35.83
N ARG X 460 99.25 -70.15 34.63
CA ARG X 460 100.01 -71.33 34.23
C ARG X 460 101.37 -70.96 33.66
N PHE X 461 101.39 -70.03 32.70
CA PHE X 461 102.65 -69.60 32.11
C PHE X 461 103.57 -68.96 33.13
N ALA X 462 103.02 -68.44 34.24
CA ALA X 462 103.88 -67.87 35.26
C ALA X 462 104.76 -68.93 35.91
N GLY X 463 104.27 -70.15 36.03
CA GLY X 463 105.03 -71.23 36.64
C GLY X 463 105.53 -72.28 35.66
N ALA X 464 105.24 -72.10 34.37
CA ALA X 464 105.71 -73.05 33.37
C ALA X 464 107.20 -73.26 33.48
N LYS X 465 107.64 -74.49 33.23
CA LYS X 465 109.04 -74.87 33.34
C LYS X 465 109.75 -74.74 31.99
N GLU X 466 111.07 -74.62 32.05
CA GLU X 466 111.90 -74.53 30.86
C GLU X 466 112.40 -75.91 30.46
N VAL X 467 112.54 -76.12 29.16
CA VAL X 467 113.01 -77.38 28.61
C VAL X 467 113.87 -77.09 27.39
N SER X 468 114.93 -77.87 27.21
CA SER X 468 115.87 -77.64 26.12
C SER X 468 115.28 -78.16 24.82
N MET X 469 116.09 -78.16 23.76
CA MET X 469 115.58 -78.47 22.43
C MET X 469 115.35 -79.96 22.26
N GLU X 470 116.42 -80.76 22.41
CA GLU X 470 116.32 -82.20 22.16
C GLU X 470 115.32 -82.86 23.10
N ASP X 471 115.10 -82.30 24.28
CA ASP X 471 114.20 -82.91 25.24
C ASP X 471 112.74 -82.85 24.80
N GLY X 472 112.42 -82.11 23.74
CA GLY X 472 111.05 -81.95 23.31
C GLY X 472 110.69 -82.80 22.11
N ARG X 473 111.63 -82.96 21.18
CA ARG X 473 111.37 -83.70 19.95
C ARG X 473 110.80 -85.08 20.26
N LYS X 474 111.50 -85.86 21.10
CA LYS X 474 110.96 -87.14 21.53
C LYS X 474 109.59 -86.97 22.17
N ARG X 475 109.37 -85.86 22.87
CA ARG X 475 108.06 -85.57 23.41
C ARG X 475 107.11 -85.10 22.32
N LEU X 476 107.62 -84.34 21.35
CA LEU X 476 106.79 -83.86 20.26
C LEU X 476 106.23 -85.02 19.44
N ALA X 477 106.91 -86.16 19.43
CA ALA X 477 106.38 -87.32 18.71
C ALA X 477 105.04 -87.77 19.30
N THR X 478 105.04 -88.10 20.59
CA THR X 478 103.79 -88.50 21.25
C THR X 478 102.78 -87.36 21.24
N ILE X 479 103.25 -86.11 21.31
CA ILE X 479 102.34 -84.99 21.22
C ILE X 479 101.63 -84.99 19.87
N GLU X 480 102.36 -85.24 18.79
CA GLU X 480 101.75 -85.32 17.47
C GLU X 480 100.76 -86.48 17.41
N LYS X 481 101.12 -87.61 18.00
CA LYS X 481 100.22 -88.76 18.01
C LYS X 481 98.89 -88.41 18.66
N ASN X 482 98.93 -88.01 19.93
CA ASN X 482 97.70 -87.68 20.63
C ASN X 482 97.00 -86.48 20.02
N ALA X 483 97.74 -85.60 19.34
CA ALA X 483 97.10 -84.44 18.72
C ALA X 483 96.31 -84.83 17.49
N GLN X 484 96.85 -85.74 16.67
CA GLN X 484 96.06 -86.24 15.55
C GLN X 484 94.88 -87.06 16.04
N GLU X 485 95.04 -87.78 17.17
CA GLU X 485 93.90 -88.47 17.76
C GLU X 485 92.81 -87.48 18.16
N GLU X 486 93.19 -86.40 18.84
CA GLU X 486 92.21 -85.39 19.24
C GLU X 486 91.59 -84.71 18.02
N ALA X 487 92.38 -84.50 16.96
CA ALA X 487 91.83 -83.91 15.74
C ALA X 487 90.80 -84.82 15.10
N ALA X 488 91.06 -86.13 15.10
CA ALA X 488 90.06 -87.08 14.61
C ALA X 488 88.80 -87.04 15.47
N ALA X 489 88.98 -86.94 16.79
CA ALA X 489 87.83 -86.88 17.68
C ALA X 489 87.06 -85.57 17.50
N TYR X 490 87.72 -84.53 17.04
CA TYR X 490 87.09 -83.21 16.90
C TYR X 490 85.91 -83.27 15.95
N GLY X 491 86.03 -84.02 14.85
CA GLY X 491 84.93 -84.12 13.91
C GLY X 491 83.66 -84.62 14.57
N LEU X 492 83.77 -85.65 15.41
CA LEU X 492 82.59 -86.13 16.14
C LEU X 492 82.17 -85.15 17.21
N ALA X 493 83.14 -84.50 17.87
CA ALA X 493 82.80 -83.54 18.91
C ALA X 493 81.96 -82.40 18.36
N LEU X 494 82.17 -82.03 17.09
CA LEU X 494 81.36 -80.98 16.50
C LEU X 494 79.89 -81.37 16.46
N LYS X 495 79.60 -82.64 16.18
CA LYS X 495 78.22 -83.10 16.23
C LYS X 495 77.63 -83.03 17.62
N THR X 496 78.48 -83.04 18.66
CA THR X 496 77.97 -83.00 20.02
C THR X 496 77.26 -81.69 20.31
N MET X 497 77.94 -80.57 20.09
CA MET X 497 77.40 -79.25 20.39
C MET X 497 77.44 -78.28 19.23
N GLY X 498 78.22 -78.55 18.18
CA GLY X 498 78.27 -77.66 17.04
C GLY X 498 76.92 -77.53 16.36
N SER X 499 76.83 -76.52 15.51
CA SER X 499 75.58 -76.23 14.81
C SER X 499 75.38 -77.21 13.65
N ALA X 500 74.14 -77.21 13.13
CA ALA X 500 73.81 -78.08 12.00
C ALA X 500 74.70 -77.79 10.80
N GLU X 501 75.09 -76.53 10.62
CA GLU X 501 75.98 -76.19 9.51
C GLU X 501 77.32 -76.89 9.65
N LEU X 502 77.95 -76.75 10.81
CA LEU X 502 79.22 -77.41 11.05
C LEU X 502 79.08 -78.92 10.91
N ALA X 503 78.00 -79.49 11.44
CA ALA X 503 77.79 -80.93 11.34
C ALA X 503 77.72 -81.38 9.89
N HIS X 504 76.86 -80.74 9.10
CA HIS X 504 76.67 -81.14 7.72
C HIS X 504 77.94 -80.91 6.90
N LYS X 505 78.71 -79.87 7.21
CA LYS X 505 79.94 -79.65 6.47
C LYS X 505 81.05 -80.60 6.90
N ALA X 506 80.98 -81.12 8.12
CA ALA X 506 81.93 -82.16 8.53
C ALA X 506 81.57 -83.50 7.90
N ARG X 507 80.28 -83.78 7.74
CA ARG X 507 79.85 -85.00 7.07
C ARG X 507 80.04 -84.89 5.57
N VAL Y 2 -9.35 46.85 -11.40
CA VAL Y 2 -9.82 48.08 -12.02
C VAL Y 2 -11.29 48.32 -11.70
N ARG Y 3 -12.04 47.25 -11.53
CA ARG Y 3 -13.46 47.38 -11.23
C ARG Y 3 -13.66 48.06 -9.89
N ASN Y 4 -14.62 48.98 -9.84
CA ASN Y 4 -15.01 49.64 -8.61
C ASN Y 4 -16.20 48.88 -8.03
N GLN Y 5 -15.92 48.04 -7.04
CA GLN Y 5 -16.93 47.11 -6.55
C GLN Y 5 -18.12 47.84 -5.97
N ARG Y 6 -19.31 47.33 -6.26
CA ARG Y 6 -20.53 47.90 -5.68
C ARG Y 6 -20.62 47.63 -4.18
N TYR Y 7 -19.96 46.58 -3.70
CA TYR Y 7 -20.00 46.16 -2.31
C TYR Y 7 -18.58 45.90 -1.83
N PRO Y 8 -17.85 46.95 -1.43
CA PRO Y 8 -16.49 46.72 -0.91
C PRO Y 8 -16.48 45.72 0.24
N ALA Y 9 -17.46 45.81 1.14
CA ALA Y 9 -17.67 44.80 2.16
C ALA Y 9 -18.72 43.80 1.67
N SER Y 10 -18.33 43.07 0.63
CA SER Y 10 -19.29 42.21 -0.07
C SER Y 10 -19.96 41.20 0.85
N PRO Y 11 -19.25 40.51 1.74
CA PRO Y 11 -19.93 39.49 2.57
C PRO Y 11 -20.93 40.08 3.54
N VAL Y 12 -20.80 41.36 3.88
CA VAL Y 12 -21.60 41.98 4.93
C VAL Y 12 -22.56 43.02 4.37
N GLN Y 13 -22.10 43.85 3.42
CA GLN Y 13 -22.92 44.93 2.90
C GLN Y 13 -24.10 44.38 2.09
N GLU Y 14 -23.83 43.40 1.22
CA GLU Y 14 -24.85 42.86 0.34
C GLU Y 14 -26.08 42.43 1.11
N ILE Y 15 -25.90 41.96 2.34
CA ILE Y 15 -27.00 41.32 3.06
C ILE Y 15 -28.03 42.36 3.50
N PHE Y 16 -27.58 43.38 4.23
CA PHE Y 16 -28.51 44.31 4.87
C PHE Y 16 -28.61 45.67 4.19
N LEU Y 17 -27.81 45.94 3.16
CA LEU Y 17 -27.99 47.15 2.36
C LEU Y 17 -27.50 46.91 0.93
N PRO Y 18 -28.28 46.19 0.15
CA PRO Y 18 -27.96 46.01 -1.27
C PRO Y 18 -28.28 47.27 -2.06
N GLU Y 19 -27.92 47.24 -3.34
CA GLU Y 19 -28.17 48.38 -4.22
C GLU Y 19 -29.40 48.11 -5.07
N PRO Y 20 -30.33 49.05 -5.18
CA PRO Y 20 -31.53 48.82 -5.99
C PRO Y 20 -31.27 49.13 -7.46
N VAL Y 21 -32.25 48.76 -8.28
CA VAL Y 21 -32.18 49.08 -9.70
C VAL Y 21 -32.41 50.58 -9.88
N PRO Y 22 -31.53 51.30 -10.56
CA PRO Y 22 -31.67 52.76 -10.61
C PRO Y 22 -32.86 53.18 -11.47
N PHE Y 23 -33.23 54.45 -11.32
CA PHE Y 23 -34.34 55.05 -12.02
C PHE Y 23 -33.81 56.21 -12.85
N VAL Y 24 -33.98 56.13 -14.17
CA VAL Y 24 -33.30 57.02 -15.09
C VAL Y 24 -34.25 57.99 -15.79
N GLN Y 25 -35.57 57.81 -15.67
CA GLN Y 25 -36.48 58.73 -16.33
C GLN Y 25 -36.29 60.15 -15.81
N PHE Y 26 -36.09 60.30 -14.50
CA PHE Y 26 -35.77 61.60 -13.92
C PHE Y 26 -35.13 61.38 -12.56
N ASP Y 27 -34.65 62.47 -11.97
CA ASP Y 27 -33.84 62.38 -10.76
C ASP Y 27 -34.62 61.75 -9.61
N GLN Y 28 -35.89 62.09 -9.46
CA GLN Y 28 -36.80 61.59 -8.42
C GLN Y 28 -36.46 62.11 -7.04
N THR Y 29 -35.39 62.89 -6.88
CA THR Y 29 -35.03 63.46 -5.58
C THR Y 29 -35.36 64.94 -5.48
N ALA Y 30 -35.84 65.56 -6.56
CA ALA Y 30 -36.16 66.97 -6.61
C ALA Y 30 -37.66 67.15 -6.84
N PRO Y 31 -38.20 68.32 -6.54
CA PRO Y 31 -39.64 68.55 -6.75
C PRO Y 31 -40.03 68.36 -8.20
N SER Y 32 -41.33 68.21 -8.43
CA SER Y 32 -41.87 68.04 -9.76
C SER Y 32 -42.38 69.38 -10.27
N PRO Y 33 -41.86 69.90 -11.38
CA PRO Y 33 -42.37 71.18 -11.89
C PRO Y 33 -43.84 71.08 -12.25
N ASN Y 34 -44.61 72.08 -11.83
CA ASN Y 34 -46.03 72.15 -12.15
C ASN Y 34 -46.31 73.05 -13.34
N SER Y 35 -45.27 73.56 -13.99
CA SER Y 35 -45.41 74.42 -15.16
C SER Y 35 -44.42 73.97 -16.23
N PRO Y 36 -44.75 74.15 -17.50
CA PRO Y 36 -43.84 73.74 -18.56
C PRO Y 36 -42.67 74.71 -18.67
N PRO Y 37 -41.70 74.41 -19.54
CA PRO Y 37 -40.62 75.37 -19.76
C PRO Y 37 -41.09 76.57 -20.56
N ALA Y 38 -40.49 77.71 -20.29
CA ALA Y 38 -40.83 78.92 -21.01
C ALA Y 38 -40.33 78.84 -22.44
N PRO Y 39 -41.12 79.32 -23.42
CA PRO Y 39 -40.67 79.23 -24.81
C PRO Y 39 -39.41 80.05 -25.06
N LEU Y 40 -38.31 79.37 -25.40
CA LEU Y 40 -37.06 80.05 -25.65
C LEU Y 40 -37.20 80.99 -26.85
N PRO Y 41 -36.36 82.03 -26.91
CA PRO Y 41 -36.46 82.98 -28.02
C PRO Y 41 -36.19 82.30 -29.36
N SER Y 42 -37.00 82.67 -30.35
CA SER Y 42 -36.82 82.09 -31.68
C SER Y 42 -35.44 82.46 -32.21
N PRO Y 43 -34.66 81.49 -32.72
CA PRO Y 43 -33.29 81.80 -33.13
C PRO Y 43 -33.20 82.31 -34.57
N SER Y 44 -31.97 82.54 -35.02
CA SER Y 44 -31.71 82.94 -36.39
C SER Y 44 -30.24 82.72 -36.67
N LEU Y 45 -29.81 83.05 -37.88
CA LEU Y 45 -28.41 82.90 -38.28
C LEU Y 45 -27.52 83.99 -37.72
N SER Y 46 -28.03 84.83 -36.82
CA SER Y 46 -27.24 85.88 -36.21
C SER Y 46 -26.37 85.38 -35.05
N GLN Y 47 -26.33 84.07 -34.82
CA GLN Y 47 -25.60 83.51 -33.69
C GLN Y 47 -24.60 82.44 -34.12
N CYS Y 48 -24.28 82.36 -35.41
CA CYS Y 48 -23.35 81.37 -35.93
C CYS Y 48 -21.97 81.96 -36.21
N GLU Y 49 -21.64 83.09 -35.59
CA GLU Y 49 -20.42 83.82 -35.89
C GLU Y 49 -19.18 82.98 -35.59
N GLU Y 50 -18.96 82.69 -34.30
CA GLU Y 50 -17.78 81.95 -33.90
C GLU Y 50 -17.79 80.56 -34.50
N GLN Y 51 -18.95 79.93 -34.58
CA GLN Y 51 -19.02 78.59 -35.15
C GLN Y 51 -18.50 78.60 -36.59
N LYS Y 52 -19.05 79.48 -37.43
CA LYS Y 52 -18.65 79.53 -38.82
C LYS Y 52 -17.17 79.89 -38.96
N ASP Y 53 -16.72 80.92 -38.25
CA ASP Y 53 -15.34 81.36 -38.46
C ASP Y 53 -14.34 80.31 -37.97
N ARG Y 54 -14.64 79.66 -36.84
CA ARG Y 54 -13.74 78.63 -36.34
C ARG Y 54 -13.76 77.41 -37.23
N TYR Y 55 -14.92 77.05 -37.79
CA TYR Y 55 -14.95 75.94 -38.73
C TYR Y 55 -14.11 76.26 -39.96
N ARG Y 56 -14.22 77.47 -40.49
CA ARG Y 56 -13.40 77.86 -41.63
C ARG Y 56 -11.91 77.77 -41.28
N ASP Y 57 -11.52 78.32 -40.14
CA ASP Y 57 -10.12 78.31 -39.74
C ASP Y 57 -9.59 76.88 -39.62
N ILE Y 58 -10.34 76.02 -38.92
CA ILE Y 58 -9.87 74.66 -38.70
C ILE Y 58 -9.87 73.86 -39.99
N SER Y 59 -10.82 74.12 -40.89
CA SER Y 59 -10.81 73.42 -42.17
C SER Y 59 -9.59 73.83 -43.00
N SER Y 60 -9.24 75.12 -42.97
CA SER Y 60 -8.03 75.56 -43.66
C SER Y 60 -6.80 74.90 -43.05
N MET Y 61 -6.70 74.90 -41.72
CA MET Y 61 -5.54 74.32 -41.06
C MET Y 61 -5.47 72.81 -41.28
N PHE Y 62 -6.62 72.15 -41.50
CA PHE Y 62 -6.60 70.73 -41.82
C PHE Y 62 -6.16 70.49 -43.26
N HIS Y 63 -6.67 71.29 -44.20
CA HIS Y 63 -6.16 71.24 -45.57
C HIS Y 63 -4.65 71.41 -45.58
N ARG Y 64 -4.13 72.26 -44.69
CA ARG Y 64 -2.68 72.33 -44.50
C ARG Y 64 -2.14 70.99 -44.00
N GLY Y 65 -2.63 70.54 -42.85
CA GLY Y 65 -2.29 69.21 -42.36
C GLY Y 65 -1.86 69.17 -40.91
N VAL Y 66 -2.06 70.27 -40.19
CA VAL Y 66 -1.62 70.39 -38.80
C VAL Y 66 -2.78 70.55 -37.85
N ALA Y 67 -4.02 70.35 -38.32
CA ALA Y 67 -5.22 70.53 -37.51
C ALA Y 67 -5.71 69.21 -36.91
N GLY Y 68 -6.04 68.26 -37.76
CA GLY Y 68 -6.65 67.01 -37.33
C GLY Y 68 -8.10 66.92 -37.80
N ALA Y 69 -8.72 65.79 -37.47
CA ALA Y 69 -10.10 65.51 -37.86
C ALA Y 69 -11.09 65.68 -36.73
N GLU Y 70 -10.68 65.43 -35.48
CA GLU Y 70 -11.60 65.58 -34.36
C GLU Y 70 -12.05 67.03 -34.23
N GLN Y 71 -11.13 67.97 -34.35
CA GLN Y 71 -11.49 69.39 -34.28
C GLN Y 71 -12.45 69.77 -35.39
N VAL Y 72 -12.18 69.27 -36.61
CA VAL Y 72 -13.06 69.54 -37.74
C VAL Y 72 -14.47 69.05 -37.44
N ARG Y 73 -14.58 67.80 -36.96
CA ARG Y 73 -15.88 67.24 -36.66
C ARG Y 73 -16.59 68.07 -35.59
N GLU Y 74 -15.87 68.43 -34.52
CA GLU Y 74 -16.47 69.20 -33.44
C GLU Y 74 -17.01 70.52 -33.95
N ALA Y 75 -16.19 71.27 -34.69
CA ALA Y 75 -16.61 72.58 -35.18
C ALA Y 75 -17.79 72.45 -36.12
N TYR Y 76 -17.73 71.50 -37.05
CA TYR Y 76 -18.82 71.34 -38.01
C TYR Y 76 -20.10 70.97 -37.29
N ASN Y 77 -20.02 70.14 -36.26
CA ASN Y 77 -21.23 69.74 -35.55
C ASN Y 77 -21.80 70.89 -34.73
N SER Y 78 -20.95 71.73 -34.16
CA SER Y 78 -21.45 72.92 -33.47
C SER Y 78 -22.19 73.84 -34.44
N MET Y 79 -21.58 74.10 -35.60
CA MET Y 79 -22.23 74.94 -36.60
C MET Y 79 -23.55 74.33 -37.07
N ALA Y 80 -23.54 73.01 -37.30
CA ALA Y 80 -24.74 72.34 -37.77
C ALA Y 80 -25.84 72.39 -36.72
N LYS Y 81 -25.49 72.26 -35.43
CA LYS Y 81 -26.49 72.44 -34.39
C LYS Y 81 -27.06 73.85 -34.42
N CYS Y 82 -26.21 74.85 -34.61
CA CYS Y 82 -26.69 76.22 -34.67
C CYS Y 82 -27.68 76.41 -35.81
N PHE Y 83 -27.46 75.74 -36.95
CA PHE Y 83 -28.41 75.83 -38.04
C PHE Y 83 -29.68 75.01 -37.79
N ARG Y 84 -29.53 73.81 -37.24
CA ARG Y 84 -30.68 72.98 -36.94
C ARG Y 84 -31.61 73.66 -35.95
N ARG Y 85 -31.07 74.53 -35.10
CA ARG Y 85 -31.93 75.30 -34.21
C ARG Y 85 -33.00 76.05 -35.00
N VAL Y 86 -32.56 76.85 -35.98
CA VAL Y 86 -33.52 77.64 -36.75
C VAL Y 86 -34.38 76.75 -37.62
N SER Y 87 -33.81 75.66 -38.14
CA SER Y 87 -34.62 74.75 -38.95
C SER Y 87 -35.78 74.18 -38.13
N VAL Y 88 -35.49 73.74 -36.91
CA VAL Y 88 -36.51 73.15 -36.05
C VAL Y 88 -37.51 74.21 -35.62
N ALA Y 89 -37.05 75.43 -35.35
CA ALA Y 89 -37.98 76.50 -35.00
C ALA Y 89 -38.95 76.76 -36.14
N GLU Y 90 -38.45 76.82 -37.38
CA GLU Y 90 -39.31 77.00 -38.53
C GLU Y 90 -40.32 75.87 -38.64
N VAL Y 91 -39.86 74.63 -38.50
CA VAL Y 91 -40.76 73.49 -38.60
C VAL Y 91 -41.86 73.58 -37.56
N LEU Y 92 -41.48 73.81 -36.30
CA LEU Y 92 -42.47 73.87 -35.22
C LEU Y 92 -43.48 74.97 -35.45
N GLU Y 93 -43.02 76.16 -35.88
CA GLU Y 93 -43.93 77.28 -36.02
C GLU Y 93 -44.78 77.20 -37.27
N SER Y 94 -44.36 76.43 -38.27
CA SER Y 94 -45.11 76.32 -39.52
C SER Y 94 -46.07 75.13 -39.49
N ASP Y 95 -45.54 73.93 -39.29
CA ASP Y 95 -46.37 72.73 -39.35
C ASP Y 95 -47.50 72.84 -38.32
N PRO Y 96 -48.74 72.51 -38.70
CA PRO Y 96 -49.85 72.67 -37.75
C PRO Y 96 -49.94 71.56 -36.72
N ALA Y 97 -49.43 70.36 -37.02
CA ALA Y 97 -49.56 69.24 -36.10
C ALA Y 97 -48.85 69.49 -34.77
N PHE Y 98 -47.95 70.46 -34.72
CA PHE Y 98 -47.17 70.73 -33.52
C PHE Y 98 -47.68 71.91 -32.71
N ARG Y 99 -48.74 72.58 -33.17
CA ARG Y 99 -49.29 73.69 -32.40
C ARG Y 99 -49.89 73.21 -31.10
N GLN Y 100 -50.64 72.11 -31.15
CA GLN Y 100 -51.17 71.52 -29.92
C GLN Y 100 -50.05 71.10 -28.98
N ALA Y 101 -49.01 70.47 -29.53
CA ALA Y 101 -47.87 70.06 -28.71
C ALA Y 101 -47.21 71.25 -28.04
N ARG Y 102 -47.09 72.37 -28.77
CA ARG Y 102 -46.53 73.58 -28.19
C ARG Y 102 -47.40 74.08 -27.05
N ASN Y 103 -48.68 74.31 -27.31
CA ASN Y 103 -49.61 74.70 -26.24
C ASN Y 103 -50.27 73.47 -25.61
N PHE Y 104 -49.44 72.52 -25.20
CA PHE Y 104 -49.87 71.38 -24.42
C PHE Y 104 -49.60 71.62 -22.94
N THR Y 105 -50.59 71.28 -22.11
CA THR Y 105 -50.48 71.45 -20.67
C THR Y 105 -51.30 70.39 -19.98
N MET Y 106 -50.86 69.99 -18.79
CA MET Y 106 -51.49 68.91 -18.06
C MET Y 106 -50.88 68.84 -16.68
N ASP Y 107 -51.63 68.26 -15.74
CA ASP Y 107 -51.24 68.21 -14.34
C ASP Y 107 -51.15 66.77 -13.85
N LEU Y 108 -50.33 66.58 -12.81
CA LEU Y 108 -50.13 65.25 -12.24
C LEU Y 108 -51.44 64.65 -11.75
N LYS Y 109 -52.37 65.49 -11.29
CA LYS Y 109 -53.63 64.97 -10.80
C LYS Y 109 -54.43 64.32 -11.93
N GLN Y 110 -54.55 65.02 -13.06
CA GLN Y 110 -55.21 64.41 -14.21
C GLN Y 110 -54.45 63.18 -14.70
N ALA Y 111 -53.11 63.24 -14.64
CA ALA Y 111 -52.32 62.09 -15.05
C ALA Y 111 -52.65 60.85 -14.21
N GLU Y 112 -52.79 61.04 -12.90
CA GLU Y 112 -53.14 59.93 -12.02
C GLU Y 112 -54.60 59.52 -12.15
N ASP Y 113 -55.47 60.46 -12.52
CA ASP Y 113 -56.88 60.12 -12.67
C ASP Y 113 -57.21 59.45 -13.99
N ASP Y 114 -56.37 59.63 -15.01
CA ASP Y 114 -56.65 59.00 -16.30
C ASP Y 114 -56.69 57.49 -16.16
N GLN Y 115 -57.26 56.83 -17.18
CA GLN Y 115 -57.47 55.39 -17.15
C GLN Y 115 -57.03 54.72 -18.44
N ARG Y 116 -56.12 55.33 -19.19
CA ARG Y 116 -55.63 54.72 -20.42
C ARG Y 116 -54.68 53.57 -20.15
N TYR Y 117 -54.14 53.45 -18.93
CA TYR Y 117 -53.19 52.39 -18.62
C TYR Y 117 -53.81 51.01 -18.70
N LYS Y 118 -55.14 50.92 -18.78
CA LYS Y 118 -55.79 49.61 -18.90
C LYS Y 118 -55.56 48.99 -20.27
N GLN Y 119 -55.26 49.82 -21.28
CA GLN Y 119 -55.18 49.38 -22.66
C GLN Y 119 -53.74 49.30 -23.16
N LEU Y 120 -52.78 49.28 -22.26
CA LEU Y 120 -51.36 49.22 -22.62
C LEU Y 120 -50.87 47.78 -22.79
N GLN Y 121 -51.77 46.85 -23.06
CA GLN Y 121 -51.39 45.45 -23.23
C GLN Y 121 -50.96 45.20 -24.67
N TYR Y 122 -49.83 44.53 -24.85
CA TYR Y 122 -49.36 44.18 -26.17
C TYR Y 122 -50.36 43.24 -26.86
N GLY Y 123 -50.42 43.35 -28.18
CA GLY Y 123 -51.34 42.52 -28.95
C GLY Y 123 -50.85 41.10 -29.08
N ARG Y 124 -51.28 40.42 -30.14
CA ARG Y 124 -50.89 39.04 -30.39
C ARG Y 124 -50.61 38.87 -31.88
N VAL Y 125 -49.49 38.24 -32.19
CA VAL Y 125 -49.09 38.07 -33.60
C VAL Y 125 -50.09 37.14 -34.28
N PRO Y 126 -50.50 37.41 -35.52
CA PRO Y 126 -51.46 36.52 -36.19
C PRO Y 126 -50.90 35.12 -36.35
N SER Y 127 -51.76 34.23 -36.84
CA SER Y 127 -51.39 32.85 -37.04
C SER Y 127 -50.56 32.69 -38.31
N ILE Y 128 -49.66 31.71 -38.28
CA ILE Y 128 -48.78 31.47 -39.42
C ILE Y 128 -49.51 30.84 -40.59
N LEU Y 129 -50.75 30.39 -40.40
CA LEU Y 129 -51.52 29.84 -41.50
C LEU Y 129 -52.03 30.92 -42.44
N THR Y 130 -52.14 32.16 -41.97
CA THR Y 130 -52.53 33.26 -42.85
C THR Y 130 -51.54 33.45 -44.00
N LYS Y 131 -50.31 32.97 -43.83
CA LYS Y 131 -49.34 33.05 -44.93
C LYS Y 131 -49.78 32.18 -46.10
N TYR Y 132 -50.31 31.00 -45.81
CA TYR Y 132 -50.87 30.11 -46.83
C TYR Y 132 -52.34 30.39 -47.10
N HIS Y 133 -52.95 31.34 -46.37
CA HIS Y 133 -54.34 31.71 -46.58
C HIS Y 133 -55.28 30.55 -46.28
N LEU Y 134 -55.25 30.12 -45.02
CA LEU Y 134 -56.08 29.00 -44.56
C LEU Y 134 -57.03 29.46 -43.46
N MET Z 146 -27.13 47.65 -63.38
CA MET Z 146 -26.71 46.79 -62.28
C MET Z 146 -25.19 46.65 -62.28
N SER Z 147 -24.57 46.92 -63.42
CA SER Z 147 -23.12 46.95 -63.55
C SER Z 147 -22.64 48.40 -63.63
N VAL Z 148 -21.33 48.56 -63.47
CA VAL Z 148 -20.74 49.90 -63.49
C VAL Z 148 -20.93 50.55 -64.86
N PHE Z 149 -20.77 49.77 -65.93
CA PHE Z 149 -20.97 50.30 -67.27
C PHE Z 149 -22.40 50.79 -67.46
N GLU Z 150 -23.37 49.97 -67.05
CA GLU Z 150 -24.77 50.35 -67.17
C GLU Z 150 -25.08 51.59 -66.36
N ALA Z 151 -24.57 51.66 -65.14
CA ALA Z 151 -24.82 52.84 -64.30
C ALA Z 151 -24.22 54.09 -64.90
N ARG Z 152 -23.02 53.99 -65.45
CA ARG Z 152 -22.39 55.15 -66.07
C ARG Z 152 -23.18 55.59 -67.29
N SER Z 153 -23.67 54.63 -68.09
CA SER Z 153 -24.50 54.99 -69.24
C SER Z 153 -25.78 55.66 -68.79
N SER Z 154 -26.37 55.18 -67.70
CA SER Z 154 -27.60 55.78 -67.18
C SER Z 154 -27.35 57.22 -66.74
N PHE Z 155 -26.23 57.46 -66.06
CA PHE Z 155 -25.92 58.82 -65.64
C PHE Z 155 -25.64 59.73 -66.82
N LEU Z 156 -25.01 59.20 -67.88
CA LEU Z 156 -24.82 59.99 -69.08
C LEU Z 156 -26.15 60.35 -69.72
N ASP Z 157 -27.06 59.38 -69.81
CA ASP Z 157 -28.40 59.68 -70.31
C ASP Z 157 -29.06 60.76 -69.46
N LEU Z 158 -28.94 60.65 -68.15
CA LEU Z 158 -29.52 61.66 -67.27
C LEU Z 158 -28.95 63.04 -67.58
N GLU Z 159 -27.62 63.15 -67.67
CA GLU Z 159 -27.02 64.46 -67.86
C GLU Z 159 -27.38 65.05 -69.22
N GLN Z 160 -27.42 64.22 -70.26
CA GLN Z 160 -27.75 64.75 -71.58
C GLN Z 160 -29.21 65.16 -71.66
N CYS Z 161 -30.10 64.38 -71.05
CA CYS Z 161 -31.52 64.76 -71.03
C CYS Z 161 -31.72 66.03 -70.21
N ALA Z 162 -30.93 66.22 -69.16
CA ALA Z 162 -31.02 67.45 -68.38
C ALA Z 162 -30.55 68.64 -69.21
N ARG Z 163 -29.41 68.49 -69.90
CA ARG Z 163 -28.96 69.57 -70.77
C ARG Z 163 -29.99 69.89 -71.84
N ALA Z 164 -30.71 68.87 -72.32
CA ALA Z 164 -31.74 69.12 -73.33
C ALA Z 164 -32.92 69.87 -72.73
N ALA Z 165 -33.40 69.43 -71.57
CA ALA Z 165 -34.59 70.04 -70.98
C ALA Z 165 -34.30 71.45 -70.49
N GLY Z 166 -33.37 71.58 -69.54
CA GLY Z 166 -33.02 72.86 -68.99
C GLY Z 166 -33.02 72.86 -67.47
N PRO Z 167 -32.55 73.95 -66.86
CA PRO Z 167 -32.49 74.02 -65.40
C PRO Z 167 -33.83 74.26 -64.73
N GLN Z 168 -34.92 74.42 -65.48
CA GLN Z 168 -36.21 74.78 -64.93
C GLN Z 168 -37.22 73.64 -64.94
N ARG Z 169 -37.13 72.73 -65.91
CA ARG Z 169 -38.09 71.65 -66.07
C ARG Z 169 -37.45 70.28 -65.96
N TRP Z 170 -36.19 70.21 -65.55
CA TRP Z 170 -35.49 68.93 -65.46
C TRP Z 170 -36.16 68.02 -64.43
N GLU Z 171 -36.38 68.53 -63.23
CA GLU Z 171 -36.97 67.70 -62.17
C GLU Z 171 -38.32 67.15 -62.57
N ALA Z 172 -39.02 67.78 -63.51
CA ALA Z 172 -40.33 67.33 -63.93
C ALA Z 172 -40.28 66.42 -65.15
N GLU Z 173 -39.27 66.60 -66.01
CA GLU Z 173 -39.19 65.88 -67.27
C GLU Z 173 -38.26 64.67 -67.23
N CYS Z 174 -37.42 64.56 -66.21
CA CYS Z 174 -36.37 63.53 -66.15
C CYS Z 174 -36.47 62.76 -64.83
N GLN Z 175 -37.64 62.21 -64.56
CA GLN Z 175 -37.83 61.40 -63.36
C GLN Z 175 -37.50 59.93 -63.57
N GLY Z 176 -37.93 59.36 -64.69
CA GLY Z 176 -37.68 57.95 -64.93
C GLY Z 176 -36.20 57.64 -65.07
N VAL Z 177 -35.50 58.45 -65.88
CA VAL Z 177 -34.06 58.28 -66.02
C VAL Z 177 -33.37 58.47 -64.68
N ARG Z 178 -33.84 59.43 -63.89
CA ARG Z 178 -33.27 59.67 -62.57
C ARG Z 178 -33.40 58.43 -61.70
N GLN Z 179 -34.59 57.84 -61.67
CA GLN Z 179 -34.80 56.65 -60.84
C GLN Z 179 -33.96 55.48 -61.33
N ARG Z 180 -33.88 55.29 -62.65
CA ARG Z 180 -33.07 54.20 -63.18
C ARG Z 180 -31.60 54.38 -62.79
N ALA Z 181 -31.08 55.60 -62.95
CA ALA Z 181 -29.69 55.85 -62.60
C ALA Z 181 -29.44 55.60 -61.11
N LEU Z 182 -30.34 56.10 -60.26
CA LEU Z 182 -30.17 55.90 -58.83
C LEU Z 182 -30.22 54.42 -58.47
N GLN Z 183 -31.12 53.67 -59.11
CA GLN Z 183 -31.23 52.25 -58.80
C GLN Z 183 -29.98 51.50 -59.24
N ALA Z 184 -29.43 51.84 -60.41
CA ALA Z 184 -28.21 51.19 -60.86
C ALA Z 184 -27.04 51.49 -59.94
N ALA Z 185 -26.87 52.78 -59.60
CA ALA Z 185 -25.82 53.14 -58.65
C ALA Z 185 -26.00 52.44 -57.32
N ALA Z 186 -27.26 52.24 -56.91
CA ALA Z 186 -27.52 51.57 -55.65
C ALA Z 186 -27.15 50.10 -55.71
N ASP Z 187 -27.46 49.43 -56.82
CA ASP Z 187 -27.04 48.05 -57.00
C ASP Z 187 -25.52 47.95 -56.95
N VAL Z 188 -24.82 48.88 -57.60
CA VAL Z 188 -23.36 48.88 -57.58
C VAL Z 188 -22.86 49.04 -56.15
N MET Z 189 -23.43 50.01 -55.43
CA MET Z 189 -23.00 50.26 -54.06
C MET Z 189 -23.23 49.04 -53.18
N SER Z 190 -24.39 48.40 -53.32
CA SER Z 190 -24.67 47.20 -52.54
C SER Z 190 -23.65 46.11 -52.84
N ARG Z 191 -23.39 45.87 -54.13
CA ARG Z 191 -22.46 44.81 -54.49
C ARG Z 191 -21.05 45.09 -53.97
N GLU Z 192 -20.62 46.35 -54.00
CA GLU Z 192 -19.24 46.68 -53.66
C GLU Z 192 -19.04 47.01 -52.19
N CYS Z 193 -20.11 47.20 -51.41
CA CYS Z 193 -19.98 47.59 -50.01
C CYS Z 193 -20.86 46.74 -49.09
N GLY Z 194 -21.40 45.63 -49.58
CA GLY Z 194 -22.24 44.80 -48.74
C GLY Z 194 -21.48 44.17 -47.58
N ALA Z 195 -20.27 43.69 -47.84
CA ALA Z 195 -19.46 43.10 -46.77
C ALA Z 195 -19.33 44.05 -45.59
N TYR Z 196 -19.04 45.32 -45.87
CA TYR Z 196 -18.90 46.28 -44.78
C TYR Z 196 -20.23 46.56 -44.11
N GLY Z 197 -21.32 46.58 -44.88
CA GLY Z 197 -22.63 46.74 -44.28
C GLY Z 197 -23.00 45.58 -43.38
N ASP Z 198 -22.74 44.36 -43.84
CA ASP Z 198 -23.00 43.19 -43.00
C ASP Z 198 -22.12 43.19 -41.77
N SER Z 199 -20.88 43.66 -41.89
CA SER Z 199 -20.01 43.74 -40.72
C SER Z 199 -20.54 44.74 -39.71
N PHE Z 200 -21.00 45.90 -40.18
CA PHE Z 200 -21.60 46.87 -39.27
C PHE Z 200 -22.86 46.31 -38.63
N PHE Z 201 -23.67 45.59 -39.40
CA PHE Z 201 -24.87 44.98 -38.85
C PHE Z 201 -24.52 43.98 -37.75
N GLN Z 202 -23.49 43.17 -37.97
CA GLN Z 202 -23.07 42.20 -36.97
C GLN Z 202 -22.55 42.89 -35.72
N CYS Z 203 -21.75 43.94 -35.90
CA CYS Z 203 -21.25 44.70 -34.76
C CYS Z 203 -22.40 45.33 -33.97
N TYR Z 204 -23.39 45.87 -34.66
CA TYR Z 204 -24.54 46.45 -33.98
C TYR Z 204 -25.33 45.39 -33.23
N ARG Z 205 -25.50 44.21 -33.83
CA ARG Z 205 -26.16 43.12 -33.13
C ARG Z 205 -25.43 42.77 -31.85
N HIS Z 206 -24.10 42.68 -31.92
CA HIS Z 206 -23.30 42.30 -30.77
C HIS Z 206 -22.84 43.48 -29.93
N GLY Z 207 -23.44 44.65 -30.12
CA GLY Z 207 -23.12 45.78 -29.28
C GLY Z 207 -21.70 46.29 -29.41
N PHE Z 208 -21.06 46.03 -30.54
CA PHE Z 208 -19.69 46.48 -30.79
C PHE Z 208 -18.75 45.94 -29.72
N ARG Z 209 -18.96 44.69 -29.33
CA ARG Z 209 -18.12 44.00 -28.36
C ARG Z 209 -17.04 43.16 -29.01
N LEU Z 210 -17.10 42.95 -30.33
CA LEU Z 210 -16.14 42.10 -31.00
C LEU Z 210 -14.84 42.85 -31.23
N GLU Z 211 -13.84 42.12 -31.73
CA GLU Z 211 -12.53 42.73 -31.97
C GLU Z 211 -12.60 43.69 -33.16
N ALA Z 212 -13.19 43.24 -34.27
CA ALA Z 212 -13.28 44.07 -35.47
C ALA Z 212 -14.18 45.27 -35.29
N CYS Z 213 -14.96 45.32 -34.22
CA CYS Z 213 -15.86 46.44 -33.96
C CYS Z 213 -15.21 47.51 -33.10
N GLN Z 214 -13.97 47.32 -32.67
CA GLN Z 214 -13.30 48.30 -31.85
C GLN Z 214 -12.81 49.46 -32.70
N GLY Z 215 -12.89 50.66 -32.15
CA GLY Z 215 -12.51 51.86 -32.89
C GLY Z 215 -13.65 52.38 -33.75
N GLU Z 216 -13.30 52.93 -34.91
CA GLU Z 216 -14.27 53.50 -35.83
C GLU Z 216 -14.16 52.92 -37.22
N LYS Z 217 -13.31 51.90 -37.41
CA LYS Z 217 -13.12 51.33 -38.74
C LYS Z 217 -14.41 50.71 -39.27
N ALA Z 218 -15.20 50.08 -38.40
CA ALA Z 218 -16.44 49.46 -38.83
C ALA Z 218 -17.33 50.43 -39.60
N THR Z 219 -17.25 51.71 -39.29
CA THR Z 219 -18.04 52.75 -39.93
C THR Z 219 -17.28 53.46 -41.03
N MET Z 220 -16.00 53.75 -40.80
CA MET Z 220 -15.20 54.47 -41.78
C MET Z 220 -15.03 53.65 -43.05
N GLN Z 221 -14.92 52.32 -42.93
CA GLN Z 221 -14.80 51.48 -44.11
C GLN Z 221 -16.03 51.60 -45.00
N LEU Z 222 -17.21 51.51 -44.39
CA LEU Z 222 -18.45 51.63 -45.16
C LEU Z 222 -18.58 53.00 -45.79
N LEU Z 223 -18.31 54.05 -45.03
CA LEU Z 223 -18.42 55.40 -45.58
C LEU Z 223 -17.43 55.60 -46.72
N ARG Z 224 -16.21 55.06 -46.58
CA ARG Z 224 -15.20 55.20 -47.63
C ARG Z 224 -15.62 54.44 -48.88
N CYS Z 225 -16.17 53.25 -48.71
CA CYS Z 225 -16.65 52.49 -49.86
C CYS Z 225 -17.73 53.26 -50.60
N GLN Z 226 -18.67 53.84 -49.86
CA GLN Z 226 -19.75 54.61 -50.50
C GLN Z 226 -19.19 55.83 -51.22
N ARG Z 227 -18.27 56.55 -50.57
CA ARG Z 227 -17.67 57.72 -51.21
C ARG Z 227 -16.95 57.33 -52.49
N MET Z 228 -16.20 56.23 -52.47
CA MET Z 228 -15.49 55.78 -53.66
C MET Z 228 -16.45 55.42 -54.77
N VAL Z 229 -17.52 54.70 -54.44
CA VAL Z 229 -18.50 54.32 -55.46
C VAL Z 229 -19.11 55.57 -56.08
N ALA Z 230 -19.50 56.54 -55.25
CA ALA Z 230 -20.07 57.77 -55.77
C ALA Z 230 -19.09 58.48 -56.69
N ASP Z 231 -17.87 58.71 -56.21
CA ASP Z 231 -16.87 59.40 -57.01
C ASP Z 231 -16.55 58.65 -58.30
N ARG Z 232 -16.75 57.35 -58.33
CA ARG Z 232 -16.49 56.58 -59.54
C ARG Z 232 -17.67 56.63 -60.50
N LEU Z 233 -18.89 56.83 -59.99
CA LEU Z 233 -20.08 56.81 -60.82
C LEU Z 233 -20.48 58.20 -61.33
N VAL Z 234 -20.77 59.12 -60.41
CA VAL Z 234 -21.50 60.33 -60.78
C VAL Z 234 -20.64 61.30 -61.58
N PRO Z 235 -19.33 61.43 -61.30
CA PRO Z 235 -18.63 62.45 -62.09
C PRO Z 235 -18.41 62.02 -63.54
N ALA AA 18 -77.48 28.53 91.83
CA ALA AA 18 -76.38 27.58 91.94
C ALA AA 18 -76.86 26.17 91.60
N ARG AA 19 -77.74 25.62 92.45
CA ARG AA 19 -78.31 24.32 92.15
C ARG AA 19 -79.07 24.34 90.83
N SER AA 20 -79.59 25.51 90.44
CA SER AA 20 -80.23 25.62 89.14
C SER AA 20 -79.20 25.55 88.01
N PHE AA 21 -78.00 26.10 88.24
CA PHE AA 21 -76.93 26.08 87.27
C PHE AA 21 -76.04 24.84 87.41
N ARG AA 22 -76.47 23.89 88.22
CA ARG AA 22 -75.82 22.57 88.25
C ARG AA 22 -75.60 22.03 86.84
N TRP AA 23 -76.61 22.15 85.98
CA TRP AA 23 -76.49 21.60 84.64
C TRP AA 23 -75.53 22.42 83.78
N MET AA 24 -75.50 23.74 83.98
CA MET AA 24 -74.49 24.55 83.32
C MET AA 24 -73.09 24.10 83.72
N GLN AA 25 -72.92 23.78 85.00
CA GLN AA 25 -71.62 23.28 85.47
C GLN AA 25 -71.27 21.96 84.81
N ALA AA 26 -72.25 21.06 84.69
CA ALA AA 26 -72.00 19.78 84.03
C ALA AA 26 -71.60 19.98 82.57
N PHE AA 27 -72.32 20.85 81.87
CA PHE AA 27 -71.99 21.12 80.47
C PHE AA 27 -70.58 21.68 80.36
N ALA AA 28 -70.24 22.67 81.18
CA ALA AA 28 -68.88 23.21 81.16
C ALA AA 28 -67.85 22.14 81.46
N ALA AA 29 -68.20 21.17 82.31
CA ALA AA 29 -67.28 20.08 82.59
C ALA AA 29 -67.02 19.26 81.34
N VAL AA 30 -68.09 18.84 80.66
CA VAL AA 30 -67.95 18.09 79.41
C VAL AA 30 -67.97 19.12 78.29
N LYS AA 31 -66.79 19.65 77.98
CA LYS AA 31 -66.65 20.76 77.04
C LYS AA 31 -65.89 20.37 75.78
N GLY AA 32 -64.67 19.84 75.92
CA GLY AA 32 -63.82 19.58 74.78
C GLY AA 32 -63.48 18.12 74.59
N LYS AA 33 -64.43 17.25 74.85
CA LYS AA 33 -64.19 15.82 74.67
C LYS AA 33 -64.26 15.48 73.18
N PRO AA 34 -63.32 14.72 72.64
CA PRO AA 34 -63.32 14.46 71.20
C PRO AA 34 -64.53 13.66 70.77
N THR AA 35 -64.81 13.73 69.46
CA THR AA 35 -65.97 13.11 68.86
C THR AA 35 -65.54 12.32 67.63
N ALA AA 36 -66.52 11.72 66.96
CA ALA AA 36 -66.28 10.98 65.73
C ALA AA 36 -66.18 11.87 64.50
N GLY AA 37 -66.48 13.15 64.62
CA GLY AA 37 -66.44 14.06 63.50
C GLY AA 37 -65.07 14.56 63.12
N SER AA 38 -64.06 14.20 63.90
CA SER AA 38 -62.69 14.62 63.65
C SER AA 38 -61.78 13.47 63.24
N CYS AA 39 -62.32 12.26 63.10
CA CYS AA 39 -61.51 11.08 62.82
C CYS AA 39 -62.34 10.09 62.02
N ALA AA 40 -61.70 9.00 61.63
CA ALA AA 40 -62.39 7.94 60.92
C ALA AA 40 -63.41 7.27 61.82
N ALA AA 41 -64.45 6.71 61.21
CA ALA AA 41 -65.55 6.13 61.94
C ALA AA 41 -65.38 4.65 62.23
N GLY AA 42 -64.32 4.02 61.72
CA GLY AA 42 -64.16 2.59 61.90
C GLY AA 42 -62.71 2.17 61.84
N THR AA 43 -62.48 0.93 62.26
CA THR AA 43 -61.15 0.34 62.24
C THR AA 43 -61.30 -1.18 62.12
N ALA AA 44 -60.39 -1.79 61.37
CA ALA AA 44 -60.42 -3.22 61.13
C ALA AA 44 -59.51 -3.95 62.09
N VAL AA 45 -59.94 -5.13 62.52
CA VAL AA 45 -59.16 -6.00 63.40
C VAL AA 45 -59.25 -7.41 62.84
N VAL AA 46 -58.10 -8.00 62.55
CA VAL AA 46 -58.02 -9.32 61.95
C VAL AA 46 -57.81 -10.34 63.06
N ASN AA 47 -58.58 -11.42 63.03
CA ASN AA 47 -58.42 -12.48 64.01
C ASN AA 47 -57.06 -13.13 63.83
N PRO AA 48 -56.14 -13.05 64.79
CA PRO AA 48 -54.82 -13.65 64.57
C PRO AA 48 -54.87 -15.14 64.31
N GLU AA 49 -55.74 -15.86 65.01
CA GLU AA 49 -55.84 -17.30 64.83
C GLU AA 49 -56.36 -17.64 63.43
N ASP AA 50 -57.26 -16.83 62.90
CA ASP AA 50 -57.84 -17.03 61.57
C ASP AA 50 -57.76 -15.72 60.82
N PRO AA 51 -56.68 -15.48 60.07
CA PRO AA 51 -56.55 -14.20 59.36
C PRO AA 51 -57.61 -13.98 58.31
N THR AA 52 -58.30 -15.05 57.89
CA THR AA 52 -59.41 -14.89 56.96
C THR AA 52 -60.60 -14.18 57.59
N LYS AA 53 -60.63 -14.10 58.92
CA LYS AA 53 -61.72 -13.46 59.64
C LYS AA 53 -61.29 -12.06 60.07
N VAL AA 54 -62.13 -11.08 59.78
CA VAL AA 54 -61.82 -9.68 60.02
C VAL AA 54 -63.10 -8.98 60.47
N THR AA 55 -62.98 -8.17 61.51
CA THR AA 55 -64.11 -7.44 62.07
C THR AA 55 -63.90 -5.94 61.92
N LEU AA 56 -65.01 -5.23 61.80
CA LEU AA 56 -64.99 -3.77 61.62
C LEU AA 56 -65.63 -3.14 62.85
N LYS AA 57 -64.81 -2.55 63.71
CA LYS AA 57 -65.28 -1.87 64.91
C LYS AA 57 -65.53 -0.41 64.58
N GLY AA 58 -66.75 0.04 64.78
CA GLY AA 58 -67.07 1.45 64.62
C GLY AA 58 -68.50 1.63 64.14
N ARG AA 59 -68.70 2.72 63.41
CA ARG AA 59 -69.99 3.18 62.94
C ARG AA 59 -70.03 3.16 61.41
N TYR AA 60 -71.14 3.64 60.87
CA TYR AA 60 -71.29 3.86 59.44
C TYR AA 60 -70.93 5.29 59.11
N THR AA 61 -70.40 5.49 57.91
CA THR AA 61 -70.13 6.85 57.43
C THR AA 61 -69.97 6.84 55.92
N ASN AA 62 -70.64 7.77 55.26
CA ASN AA 62 -70.45 8.08 53.85
C ASN AA 62 -69.85 9.46 53.71
N PHE AA 63 -68.98 9.83 54.65
CA PHE AA 63 -68.53 11.20 54.84
C PHE AA 63 -67.01 11.21 54.96
N SER AA 64 -66.38 12.17 54.29
CA SER AA 64 -64.92 12.25 54.28
C SER AA 64 -64.39 13.66 54.49
N LEU AA 65 -65.25 14.65 54.75
CA LEU AA 65 -64.82 16.03 54.96
C LEU AA 65 -64.65 16.35 56.44
N GLN AA 66 -63.89 15.50 57.13
CA GLN AA 66 -63.64 15.73 58.55
C GLN AA 66 -62.81 16.97 58.77
N HIS AA 67 -61.84 17.22 57.89
CA HIS AA 67 -60.98 18.40 58.03
C HIS AA 67 -61.76 19.69 57.92
N ILE AA 68 -63.05 19.63 57.59
CA ILE AA 68 -63.93 20.78 57.62
C ILE AA 68 -64.95 20.68 58.75
N TRP AA 69 -65.52 19.50 58.94
CA TRP AA 69 -66.57 19.32 59.93
C TRP AA 69 -66.04 19.37 61.37
N GLU AA 70 -64.73 19.25 61.56
CA GLU AA 70 -64.19 19.30 62.91
C GLU AA 70 -64.45 20.63 63.59
N LYS AA 71 -64.81 21.67 62.82
CA LYS AA 71 -65.06 22.99 63.36
C LYS AA 71 -66.54 23.30 63.54
N TYR AA 72 -67.42 22.58 62.85
CA TYR AA 72 -68.86 22.78 62.96
C TYR AA 72 -69.56 21.59 63.61
N ASP AA 73 -68.81 20.66 64.18
CA ASP AA 73 -69.37 19.47 64.82
C ASP AA 73 -70.61 19.75 65.68
N TYR AA 74 -70.69 20.95 66.25
CA TYR AA 74 -71.76 21.27 67.20
C TYR AA 74 -73.11 21.56 66.55
N LEU AA 75 -73.13 21.80 65.23
CA LEU AA 75 -74.35 22.26 64.58
C LEU AA 75 -75.48 21.26 64.70
N GLN AA 76 -75.17 19.97 64.66
CA GLN AA 76 -76.21 18.96 64.71
C GLN AA 76 -77.06 19.10 65.98
N THR AA 77 -76.40 19.03 67.13
CA THR AA 77 -77.11 19.17 68.40
C THR AA 77 -77.67 20.57 68.56
N HIS AA 78 -77.00 21.59 68.02
CA HIS AA 78 -77.57 22.94 68.10
C HIS AA 78 -78.93 23.02 67.42
N LEU AA 79 -79.02 22.50 66.19
CA LEU AA 79 -80.27 22.54 65.46
C LEU AA 79 -81.32 21.66 66.13
N LEU AA 80 -80.91 20.53 66.70
CA LEU AA 80 -81.84 19.73 67.48
C LEU AA 80 -82.43 20.54 68.62
N LEU AA 81 -81.57 21.26 69.34
CA LEU AA 81 -82.05 22.11 70.44
C LEU AA 81 -82.98 23.20 69.93
N ARG AA 82 -82.69 23.74 68.74
CA ARG AA 82 -83.57 24.77 68.19
C ARG AA 82 -84.95 24.21 67.90
N GLU AA 83 -85.02 23.02 67.30
CA GLU AA 83 -86.31 22.39 67.06
C GLU AA 83 -87.06 22.15 68.36
N CYS AA 84 -86.36 21.65 69.39
CA CYS AA 84 -87.01 21.39 70.66
C CYS AA 84 -87.51 22.67 71.31
N MET AA 85 -86.74 23.76 71.19
CA MET AA 85 -87.17 25.04 71.73
C MET AA 85 -88.42 25.54 71.00
N LEU AA 86 -88.47 25.36 69.67
CA LEU AA 86 -89.68 25.70 68.94
C LEU AA 86 -90.86 24.90 69.45
N SER AA 87 -90.66 23.60 69.69
CA SER AA 87 -91.76 22.77 70.18
C SER AA 87 -92.26 23.28 71.53
N GLN AA 88 -91.35 23.63 72.43
CA GLN AA 88 -91.76 24.11 73.75
C GLN AA 88 -92.45 25.47 73.66
N VAL AA 89 -91.94 26.35 72.79
CA VAL AA 89 -92.50 27.69 72.67
C VAL AA 89 -93.86 27.65 72.01
N ALA AA 90 -94.13 26.65 71.16
CA ALA AA 90 -95.47 26.52 70.60
C ALA AA 90 -96.52 26.41 71.69
N LYS AA 91 -96.13 25.95 72.88
CA LYS AA 91 -97.03 25.85 74.02
C LYS AA 91 -96.90 27.04 74.96
N ASN AA 92 -95.67 27.41 75.32
CA ASN AA 92 -95.47 28.52 76.24
C ASN AA 92 -94.29 29.38 75.79
N PRO AA 93 -94.52 30.57 75.23
CA PRO AA 93 -93.42 31.39 74.74
C PRO AA 93 -92.73 32.23 75.81
N ARG AA 94 -93.20 32.19 77.05
CA ARG AA 94 -92.63 33.01 78.12
C ARG AA 94 -91.43 32.35 78.80
N LEU AA 95 -90.91 31.27 78.22
CA LEU AA 95 -89.74 30.61 78.80
C LEU AA 95 -88.43 31.29 78.42
N LEU AA 96 -88.43 32.09 77.35
CA LEU AA 96 -87.24 32.79 76.91
C LEU AA 96 -87.13 34.19 77.51
N ASP AA 97 -88.18 34.68 78.16
CA ASP AA 97 -88.15 36.04 78.71
C ASP AA 97 -86.92 36.32 79.56
N PRO AA 98 -86.40 35.39 80.35
CA PRO AA 98 -85.17 35.69 81.11
C PRO AA 98 -84.02 36.18 80.25
N GLU AA 99 -83.73 35.48 79.15
CA GLU AA 99 -82.61 35.88 78.29
C GLU AA 99 -82.91 37.20 77.60
N ILE AA 100 -84.16 37.40 77.15
CA ILE AA 100 -84.52 38.66 76.52
C ILE AA 100 -84.26 39.81 77.48
N ASN AA 101 -84.71 39.66 78.72
CA ASN AA 101 -84.50 40.72 79.71
C ASN AA 101 -83.02 40.91 80.01
N ALA AA 102 -82.26 39.82 80.05
CA ALA AA 102 -80.83 39.92 80.28
C ALA AA 102 -80.11 40.60 79.14
N GLY AA 103 -80.69 40.60 77.94
CA GLY AA 103 -80.09 41.27 76.81
C GLY AA 103 -79.14 40.41 76.01
N LEU AA 104 -79.31 39.10 76.03
CA LEU AA 104 -78.43 38.22 75.27
C LEU AA 104 -78.82 38.19 73.80
N THR AA 105 -80.12 38.08 73.52
CA THR AA 105 -80.59 37.99 72.15
C THR AA 105 -80.58 39.36 71.48
N PRO AA 106 -80.55 39.39 70.15
CA PRO AA 106 -80.67 40.66 69.43
C PRO AA 106 -82.13 41.11 69.37
N THR AA 107 -82.46 42.14 70.15
CA THR AA 107 -83.82 42.62 70.28
C THR AA 107 -83.81 44.15 70.21
N VAL AA 108 -84.94 44.70 69.78
CA VAL AA 108 -85.12 46.14 69.64
C VAL AA 108 -86.24 46.56 70.60
N PHE AA 109 -85.88 46.87 71.83
CA PHE AA 109 -86.85 47.28 72.84
C PHE AA 109 -87.55 48.57 72.41
N ALA BA 115 -23.96 40.46 -5.46
CA ALA BA 115 -25.42 40.29 -5.45
C ALA BA 115 -25.89 39.62 -6.73
N ALA BA 116 -25.47 40.17 -7.87
CA ALA BA 116 -25.78 39.60 -9.18
C ALA BA 116 -24.88 38.40 -9.40
N SER BA 117 -25.41 37.22 -9.15
CA SER BA 117 -24.63 35.99 -9.24
C SER BA 117 -24.65 35.44 -10.66
N THR BA 118 -23.64 34.64 -10.97
CA THR BA 118 -23.51 34.07 -12.29
C THR BA 118 -24.68 33.15 -12.61
N ILE BA 119 -25.12 33.18 -13.86
CA ILE BA 119 -26.19 32.32 -14.36
C ILE BA 119 -25.55 31.17 -15.12
N PRO BA 120 -25.62 29.93 -14.61
CA PRO BA 120 -25.04 28.82 -15.37
C PRO BA 120 -25.70 28.67 -16.73
N ILE BA 121 -25.09 27.80 -17.55
CA ILE BA 121 -25.59 27.62 -18.91
C ILE BA 121 -26.90 26.86 -18.93
N SER BA 122 -27.25 26.18 -17.85
CA SER BA 122 -28.49 25.44 -17.79
C SER BA 122 -29.71 26.31 -17.52
N GLN BA 123 -29.50 27.53 -17.03
CA GLN BA 123 -30.59 28.45 -16.73
C GLN BA 123 -30.75 29.54 -17.78
N TRP BA 124 -30.14 29.38 -18.95
CA TRP BA 124 -30.19 30.40 -19.99
C TRP BA 124 -31.54 30.42 -20.70
N PRO BA 125 -32.17 29.26 -20.95
CA PRO BA 125 -33.51 29.29 -21.55
C PRO BA 125 -34.51 30.09 -20.74
N SER BA 126 -34.44 30.00 -19.40
CA SER BA 126 -35.29 30.84 -18.56
C SER BA 126 -34.80 32.27 -18.50
N LEU BA 127 -33.50 32.48 -18.65
CA LEU BA 127 -32.96 33.83 -18.69
C LEU BA 127 -33.43 34.58 -19.93
N LEU BA 128 -33.74 33.87 -21.00
CA LEU BA 128 -34.13 34.52 -22.25
C LEU BA 128 -35.56 35.06 -22.18
N TYR BA 129 -36.45 34.38 -21.48
CA TYR BA 129 -37.85 34.75 -21.39
C TYR BA 129 -38.24 35.29 -20.02
N ALA BA 130 -37.30 35.39 -19.10
CA ALA BA 130 -37.52 36.01 -17.80
C ALA BA 130 -36.22 36.69 -17.38
N PRO BA 131 -35.79 37.70 -18.12
CA PRO BA 131 -34.49 38.32 -17.85
C PRO BA 131 -34.52 39.10 -16.55
N PRO BA 132 -33.35 39.40 -15.99
CA PRO BA 132 -33.29 40.17 -14.76
C PRO BA 132 -33.75 41.61 -14.98
N SER BA 133 -34.00 42.30 -13.88
CA SER BA 133 -34.47 43.68 -13.94
C SER BA 133 -33.34 44.60 -14.36
N SER BA 134 -33.69 45.62 -15.14
CA SER BA 134 -32.73 46.60 -15.62
C SER BA 134 -33.43 47.94 -15.69
N PRO BA 135 -32.66 49.03 -15.79
CA PRO BA 135 -33.29 50.35 -15.97
C PRO BA 135 -34.08 50.46 -17.27
N ALA BA 136 -33.78 49.62 -18.26
CA ALA BA 136 -34.49 49.61 -19.53
C ALA BA 136 -34.90 48.16 -19.81
N ASN BA 137 -36.02 47.76 -19.24
CA ASN BA 137 -36.47 46.40 -19.38
C ASN BA 137 -37.33 46.25 -20.64
N PRO BA 138 -37.41 45.04 -21.19
CA PRO BA 138 -38.37 44.79 -22.28
C PRO BA 138 -39.71 44.34 -21.73
N ALA BA 139 -40.67 44.11 -22.61
CA ALA BA 139 -41.97 43.58 -22.22
C ALA BA 139 -41.86 42.06 -22.12
N VAL BA 140 -41.61 41.56 -20.90
CA VAL BA 140 -41.44 40.13 -20.71
C VAL BA 140 -42.70 39.37 -21.12
N GLU BA 141 -43.87 39.96 -20.87
CA GLU BA 141 -45.12 39.32 -21.27
C GLU BA 141 -45.27 39.26 -22.79
N ALA BA 142 -44.49 40.04 -23.53
CA ALA BA 142 -44.57 40.06 -24.98
C ALA BA 142 -43.35 39.45 -25.65
N LEU BA 143 -42.33 39.07 -24.89
CA LEU BA 143 -41.17 38.43 -25.50
C LEU BA 143 -41.53 37.18 -26.29
N PRO BA 144 -42.50 36.37 -25.89
CA PRO BA 144 -42.90 35.24 -26.75
C PRO BA 144 -43.61 35.65 -28.02
N GLU BA 145 -43.89 36.93 -28.21
CA GLU BA 145 -44.60 37.42 -29.38
C GLU BA 145 -43.69 38.14 -30.37
N MET BA 146 -42.39 38.21 -30.11
CA MET BA 146 -41.47 38.85 -31.02
C MET BA 146 -41.10 37.86 -32.13
N GLN BA 147 -41.39 38.24 -33.38
CA GLN BA 147 -41.21 37.37 -34.52
C GLN BA 147 -40.69 38.16 -35.70
N PHE BA 148 -39.88 37.50 -36.52
CA PHE BA 148 -39.37 38.09 -37.75
C PHE BA 148 -39.02 36.94 -38.68
N ASP BA 149 -39.89 36.69 -39.66
CA ASP BA 149 -39.79 35.48 -40.48
C ASP BA 149 -38.76 35.70 -41.59
N ASP BA 150 -37.75 34.84 -41.62
CA ASP BA 150 -36.78 34.84 -42.71
C ASP BA 150 -37.28 34.07 -43.93
N LEU BA 151 -38.38 33.34 -43.81
CA LEU BA 151 -38.93 32.56 -44.90
C LEU BA 151 -40.09 33.27 -45.61
N HIS BA 152 -40.38 34.51 -45.22
CA HIS BA 152 -41.56 35.20 -45.76
C HIS BA 152 -41.51 35.26 -47.28
N TYR BA 153 -40.49 35.91 -47.83
CA TYR BA 153 -40.41 36.17 -49.25
C TYR BA 153 -40.12 34.90 -50.04
N PRO BA 154 -39.22 34.04 -49.57
CA PRO BA 154 -39.03 32.75 -50.25
C PRO BA 154 -40.32 31.95 -50.36
N ARG BA 155 -41.07 31.85 -49.26
CA ARG BA 155 -42.33 31.12 -49.27
C ARG BA 155 -43.35 31.78 -50.19
N GLN BA 156 -43.44 33.10 -50.15
CA GLN BA 156 -44.35 33.82 -51.02
C GLN BA 156 -44.04 33.54 -52.48
N MET BA 157 -42.76 33.62 -52.85
CA MET BA 157 -42.36 33.37 -54.23
C MET BA 157 -42.66 31.93 -54.62
N LEU BA 158 -42.37 30.98 -53.73
CA LEU BA 158 -42.64 29.58 -54.03
C LEU BA 158 -44.12 29.35 -54.29
N LEU BA 159 -44.96 29.88 -53.42
CA LEU BA 159 -46.40 29.70 -53.58
C LEU BA 159 -46.89 30.33 -54.88
N CYS BA 160 -46.42 31.53 -55.19
CA CYS BA 160 -46.90 32.19 -56.41
C CYS BA 160 -46.42 31.45 -57.66
N ARG BA 161 -45.15 31.03 -57.69
CA ARG BA 161 -44.65 30.29 -58.83
C ARG BA 161 -45.34 28.94 -58.98
N GLY BA 162 -45.75 28.33 -57.87
CA GLY BA 162 -46.54 27.12 -57.96
C GLY BA 162 -47.93 27.37 -58.49
N ALA BA 163 -48.51 28.52 -58.12
CA ALA BA 163 -49.79 28.91 -58.69
C ALA BA 163 -49.67 29.09 -60.20
N GLY BA 164 -48.57 29.67 -60.65
CA GLY BA 164 -48.29 29.75 -62.07
C GLY BA 164 -47.87 31.13 -62.56
N TYR BA 165 -47.59 32.04 -61.63
CA TYR BA 165 -47.20 33.39 -61.99
C TYR BA 165 -45.72 33.43 -62.37
N SER BA 166 -45.34 34.54 -63.01
CA SER BA 166 -43.95 34.77 -63.40
C SER BA 166 -43.21 35.52 -62.30
N LEU BA 167 -41.90 35.64 -62.47
CA LEU BA 167 -41.09 36.32 -61.47
C LEU BA 167 -41.49 37.77 -61.32
N GLU BA 168 -41.78 38.45 -62.44
CA GLU BA 168 -42.18 39.85 -62.36
C GLU BA 168 -43.51 40.01 -61.65
N GLN BA 169 -44.48 39.15 -61.98
CA GLN BA 169 -45.77 39.21 -61.30
C GLN BA 169 -45.61 38.94 -59.82
N CYS BA 170 -44.75 37.98 -59.46
CA CYS BA 170 -44.51 37.68 -58.06
C CYS BA 170 -43.90 38.86 -57.34
N ASN BA 171 -42.93 39.53 -57.96
CA ASN BA 171 -42.30 40.68 -57.32
C ASN BA 171 -43.26 41.85 -57.20
N ARG BA 172 -44.19 41.98 -58.14
CA ARG BA 172 -45.18 43.06 -58.04
C ARG BA 172 -46.22 42.75 -56.98
N MET BA 173 -46.59 41.48 -56.81
CA MET BA 173 -47.59 41.08 -55.83
C MET BA 173 -47.00 40.90 -54.43
N ALA BA 174 -45.67 40.88 -54.31
CA ALA BA 174 -45.06 40.68 -53.00
C ALA BA 174 -45.38 41.83 -52.07
N GLN BA 175 -45.52 41.51 -50.79
CA GLN BA 175 -45.79 42.49 -49.75
C GLN BA 175 -44.96 42.13 -48.52
N PRO BA 176 -44.62 43.13 -47.70
CA PRO BA 176 -43.83 42.84 -46.50
C PRO BA 176 -44.65 42.10 -45.46
N ASP BA 177 -43.92 41.42 -44.57
CA ASP BA 177 -44.57 40.56 -43.60
C ASP BA 177 -45.33 41.38 -42.57
N ALA BA 178 -46.55 40.95 -42.28
CA ALA BA 178 -47.34 41.53 -41.19
C ALA BA 178 -47.14 40.81 -39.88
N ARG BA 179 -46.67 39.56 -39.92
CA ARG BA 179 -46.39 38.79 -38.71
C ARG BA 179 -45.01 39.17 -38.16
N VAL BA 180 -44.93 40.40 -37.66
CA VAL BA 180 -43.72 40.89 -37.01
C VAL BA 180 -44.08 41.28 -35.58
N THR BA 181 -43.08 41.71 -34.83
CA THR BA 181 -43.31 42.10 -33.44
C THR BA 181 -44.41 43.15 -33.37
N PRO BA 182 -45.41 42.99 -32.50
CA PRO BA 182 -46.50 43.97 -32.45
C PRO BA 182 -45.99 45.37 -32.13
N GLU BA 183 -46.81 46.36 -32.46
CA GLU BA 183 -46.46 47.75 -32.24
C GLU BA 183 -46.79 48.15 -30.80
N ASN BA 184 -46.01 49.10 -30.29
CA ASN BA 184 -46.23 49.59 -28.95
C ASN BA 184 -47.54 50.35 -28.88
N PRO BA 185 -48.45 49.99 -27.96
CA PRO BA 185 -49.72 50.75 -27.86
C PRO BA 185 -49.53 52.17 -27.37
N ALA BA 186 -48.38 52.48 -26.77
CA ALA BA 186 -48.12 53.84 -26.35
C ALA BA 186 -48.06 54.80 -27.53
N GLU BA 187 -47.59 54.33 -28.68
CA GLU BA 187 -47.50 55.19 -29.85
C GLU BA 187 -48.88 55.66 -30.31
N LYS BA 188 -49.95 54.99 -29.89
CA LYS BA 188 -51.31 55.41 -30.21
C LYS BA 188 -52.05 56.01 -29.05
N LEU BA 189 -51.70 55.64 -27.81
CA LEU BA 189 -52.41 56.15 -26.65
C LEU BA 189 -51.80 57.45 -26.13
N LEU BA 190 -50.47 57.53 -26.08
CA LEU BA 190 -49.76 58.70 -25.57
C LEU BA 190 -49.21 59.55 -26.71
N LYS BA 191 -49.98 59.67 -27.80
CA LYS BA 191 -49.51 60.32 -29.01
C LYS BA 191 -49.14 61.78 -28.75
N GLU BA 192 -50.09 62.54 -28.21
CA GLU BA 192 -49.86 63.97 -28.03
C GLU BA 192 -48.74 64.24 -27.04
N GLU BA 193 -48.71 63.50 -25.94
CA GLU BA 193 -47.66 63.70 -24.94
C GLU BA 193 -46.29 63.37 -25.54
N ALA BA 194 -46.22 62.32 -26.36
CA ALA BA 194 -44.96 61.96 -26.99
C ALA BA 194 -44.50 63.04 -27.96
N VAL BA 195 -45.43 63.58 -28.75
CA VAL BA 195 -45.07 64.64 -29.68
C VAL BA 195 -44.58 65.86 -28.94
N ALA BA 196 -45.23 66.20 -27.83
CA ALA BA 196 -44.80 67.35 -27.03
C ALA BA 196 -43.43 67.12 -26.43
N ALA BA 197 -43.17 65.91 -25.93
CA ALA BA 197 -41.85 65.61 -25.39
C ALA BA 197 -40.78 65.70 -26.47
N ILE BA 198 -41.08 65.22 -27.68
CA ILE BA 198 -40.10 65.27 -28.75
C ILE BA 198 -39.84 66.71 -29.16
N ALA BA 199 -40.87 67.55 -29.18
CA ALA BA 199 -40.67 68.96 -29.45
C ALA BA 199 -39.77 69.58 -28.38
N CYS BA 200 -40.05 69.29 -27.11
CA CYS BA 200 -39.21 69.82 -26.03
C CYS BA 200 -37.76 69.39 -26.22
N LEU BA 201 -37.53 68.13 -26.59
CA LEU BA 201 -36.17 67.65 -26.78
C LEU BA 201 -35.50 68.38 -27.95
N SER BA 202 -36.18 68.46 -29.08
CA SER BA 202 -35.63 69.15 -30.23
C SER BA 202 -35.27 70.59 -29.91
N GLN BA 203 -36.04 71.23 -29.04
CA GLN BA 203 -35.79 72.63 -28.71
C GLN BA 203 -34.74 72.80 -27.62
N ARG BA 204 -34.61 71.82 -26.72
CA ARG BA 204 -33.79 71.97 -25.53
C ARG BA 204 -32.59 71.03 -25.54
N GLU BA 205 -32.19 70.54 -26.71
CA GLU BA 205 -30.94 69.79 -26.86
C GLU BA 205 -31.00 68.43 -26.17
N GLY BA 206 -32.12 67.72 -26.35
CA GLY BA 206 -32.26 66.40 -25.79
C GLY BA 206 -32.66 66.34 -24.35
N GLY BA 207 -33.11 67.45 -23.77
CA GLY BA 207 -33.53 67.46 -22.39
C GLY BA 207 -32.39 67.55 -21.41
N LYS BA 208 -31.27 68.14 -21.81
CA LYS BA 208 -30.15 68.30 -20.90
C LYS BA 208 -30.55 69.13 -19.70
N ASP BA 209 -29.94 68.82 -18.55
CA ASP BA 209 -30.25 69.44 -17.27
C ASP BA 209 -31.76 69.57 -17.07
N GLU BA 210 -32.46 68.46 -17.32
CA GLU BA 210 -33.85 68.29 -16.88
C GLU BA 210 -34.76 69.39 -17.43
N GLN BA 211 -34.81 69.50 -18.75
CA GLN BA 211 -35.66 70.48 -19.41
C GLN BA 211 -36.93 69.90 -20.01
N CYS BA 212 -37.08 68.57 -20.04
CA CYS BA 212 -38.32 67.93 -20.47
C CYS BA 212 -38.88 67.02 -19.38
N ARG BA 213 -38.39 67.18 -18.15
CA ARG BA 213 -38.91 66.42 -17.03
C ARG BA 213 -40.43 66.53 -16.93
N TYR BA 214 -40.99 67.69 -17.27
CA TYR BA 214 -42.43 67.88 -17.21
C TYR BA 214 -43.16 66.81 -18.03
N TYR BA 215 -42.90 66.79 -19.33
CA TYR BA 215 -43.60 65.86 -20.21
C TYR BA 215 -43.23 64.42 -19.87
N ILE BA 216 -41.96 64.16 -19.58
CA ILE BA 216 -41.55 62.79 -19.30
C ILE BA 216 -42.27 62.25 -18.06
N GLU BA 217 -42.41 63.09 -17.03
CA GLU BA 217 -43.08 62.66 -15.82
C GLU BA 217 -44.57 62.50 -16.03
N ARG BA 218 -45.18 63.37 -16.83
CA ARG BA 218 -46.60 63.18 -17.16
C ARG BA 218 -46.80 61.83 -17.84
N MET BA 219 -45.95 61.50 -18.82
CA MET BA 219 -46.07 60.23 -19.50
C MET BA 219 -45.85 59.06 -18.54
N TYR BA 220 -44.83 59.16 -17.69
CA TYR BA 220 -44.53 58.09 -16.76
C TYR BA 220 -45.71 57.83 -15.82
N LYS BA 221 -46.31 58.90 -15.29
CA LYS BA 221 -47.48 58.74 -14.42
C LYS BA 221 -48.63 58.09 -15.18
N LEU BA 222 -48.96 58.63 -16.36
CA LEU BA 222 -50.03 58.08 -17.16
C LEU BA 222 -49.85 56.58 -17.39
N ALA BA 223 -48.61 56.16 -17.62
CA ALA BA 223 -48.37 54.78 -17.98
C ALA BA 223 -48.30 53.85 -16.76
N ASN BA 224 -47.83 54.36 -15.63
CA ASN BA 224 -47.59 53.51 -14.46
C ASN BA 224 -48.73 53.51 -13.46
N LYS BA 225 -49.20 54.70 -13.05
CA LYS BA 225 -50.25 54.81 -12.04
C LYS BA 225 -49.81 54.16 -10.73
N GLU BA 226 -48.73 54.68 -10.17
CA GLU BA 226 -48.19 54.19 -8.91
C GLU BA 226 -47.90 52.69 -9.00
N PRO CA 9 -67.18 -23.11 39.72
CA PRO CA 9 -68.24 -23.62 38.86
C PRO CA 9 -68.43 -22.78 37.61
N LEU CA 10 -67.82 -23.19 36.51
CA LEU CA 10 -67.90 -22.44 35.26
C LEU CA 10 -69.14 -22.85 34.48
N GLY CA 11 -69.84 -21.85 33.96
CA GLY CA 11 -71.01 -22.11 33.15
C GLY CA 11 -72.19 -22.66 33.94
N VAL CA 12 -73.39 -22.52 33.38
CA VAL CA 12 -74.60 -23.05 33.97
C VAL CA 12 -75.38 -23.77 32.89
N LYS CA 13 -76.12 -24.80 33.30
CA LYS CA 13 -76.88 -25.59 32.35
C LYS CA 13 -78.12 -24.84 31.91
N GLY CA 14 -78.41 -24.92 30.61
CA GLY CA 14 -79.51 -24.21 30.02
C GLY CA 14 -79.17 -22.84 29.48
N ARG CA 15 -78.03 -22.29 29.85
CA ARG CA 15 -77.58 -20.99 29.37
C ARG CA 15 -76.51 -21.17 28.31
N SER CA 16 -76.44 -20.22 27.39
CA SER CA 16 -75.55 -20.29 26.24
C SER CA 16 -74.47 -19.23 26.33
N VAL CA 17 -73.30 -19.56 25.78
CA VAL CA 17 -72.18 -18.63 25.75
C VAL CA 17 -72.55 -17.38 24.98
N PHE CA 18 -73.45 -17.51 24.00
CA PHE CA 18 -73.91 -16.34 23.26
C PHE CA 18 -74.76 -15.44 24.14
N ALA CA 19 -75.61 -16.03 25.00
CA ALA CA 19 -76.34 -15.24 25.96
C ALA CA 19 -75.40 -14.54 26.93
N GLY CA 20 -74.32 -15.23 27.32
CA GLY CA 20 -73.33 -14.58 28.16
C GLY CA 20 -72.67 -13.40 27.47
N MET CA 21 -72.32 -13.56 26.20
CA MET CA 21 -71.77 -12.44 25.43
C MET CA 21 -72.74 -11.28 25.40
N ARG CA 22 -74.02 -11.56 25.14
CA ARG CA 22 -75.01 -10.50 25.08
C ARG CA 22 -75.10 -9.76 26.42
N SER CA 23 -75.13 -10.51 27.52
CA SER CA 23 -75.18 -9.89 28.84
C SER CA 23 -73.95 -9.03 29.09
N PHE CA 24 -72.78 -9.52 28.70
CA PHE CA 24 -71.55 -8.76 28.91
C PHE CA 24 -71.56 -7.47 28.10
N ILE CA 25 -72.03 -7.54 26.86
CA ILE CA 25 -72.10 -6.33 26.04
C ILE CA 25 -73.08 -5.33 26.63
N GLY CA 26 -74.22 -5.83 27.12
CA GLY CA 26 -75.15 -4.93 27.80
C GLY CA 26 -74.53 -4.25 29.00
N GLN CA 27 -73.81 -5.01 29.82
CA GLN CA 27 -73.13 -4.43 30.97
C GLN CA 27 -72.15 -3.34 30.53
N ARG CA 28 -71.34 -3.64 29.51
CA ARG CA 28 -70.36 -2.66 29.06
C ARG CA 28 -71.04 -1.38 28.57
N LEU CA 29 -72.12 -1.52 27.79
CA LEU CA 29 -72.78 -0.34 27.26
C LEU CA 29 -73.43 0.48 28.37
N GLY CA 30 -74.05 -0.18 29.34
CA GLY CA 30 -74.63 0.54 30.46
C GLY CA 30 -73.58 1.28 31.26
N ARG CA 31 -72.44 0.63 31.50
CA ARG CA 31 -71.36 1.30 32.22
C ARG CA 31 -70.84 2.50 31.44
N LEU CA 32 -70.72 2.35 30.12
CA LEU CA 32 -70.27 3.48 29.31
C LEU CA 32 -71.25 4.64 29.39
N TYR CA 33 -72.55 4.36 29.33
CA TYR CA 33 -73.52 5.43 29.43
C TYR CA 33 -73.45 6.11 30.79
N ASP CA 34 -73.31 5.33 31.86
CA ASP CA 34 -73.20 5.91 33.19
C ASP CA 34 -71.96 6.80 33.30
N SER CA 35 -70.83 6.34 32.79
CA SER CA 35 -69.60 7.12 32.87
C SER CA 35 -69.67 8.37 32.02
N PHE CA 36 -70.37 8.31 30.88
CA PHE CA 36 -70.53 9.50 30.06
C PHE CA 36 -71.47 10.50 30.71
N TYR CA 37 -72.52 10.01 31.36
CA TYR CA 37 -73.44 10.89 32.06
C TYR CA 37 -72.74 11.61 33.20
N TYR CA 38 -72.00 10.87 34.02
CA TYR CA 38 -71.27 11.46 35.14
C TYR CA 38 -69.88 11.87 34.67
N SER CA 39 -69.85 12.93 33.87
CA SER CA 39 -68.62 13.47 33.33
C SER CA 39 -68.81 14.95 33.05
N GLN CA 40 -67.69 15.63 32.78
CA GLN CA 40 -67.73 17.06 32.49
C GLN CA 40 -68.26 17.30 31.08
N SER CA 41 -69.20 18.24 30.97
CA SER CA 41 -69.73 18.61 29.66
C SER CA 41 -68.70 19.35 28.82
N SER CA 42 -67.68 19.93 29.45
CA SER CA 42 -66.70 20.71 28.71
C SER CA 42 -65.78 19.82 27.89
N THR CA 43 -65.55 18.59 28.32
CA THR CA 43 -64.56 17.70 27.73
C THR CA 43 -65.15 16.51 27.01
N LYS CA 44 -66.24 15.94 27.53
CA LYS CA 44 -66.71 14.65 27.04
C LYS CA 44 -67.26 14.75 25.63
N TYR CA 45 -68.11 15.74 25.37
CA TYR CA 45 -68.68 15.89 24.04
C TYR CA 45 -67.57 16.03 23.01
N VAL CA 46 -66.64 16.94 23.25
CA VAL CA 46 -65.51 17.11 22.34
C VAL CA 46 -64.79 15.79 22.13
N MET CA 47 -64.19 15.26 23.21
CA MET CA 47 -63.31 14.10 23.10
C MET CA 47 -64.02 12.87 22.56
N VAL CA 48 -65.35 12.82 22.61
CA VAL CA 48 -66.08 11.62 22.20
C VAL CA 48 -66.72 11.75 20.83
N PHE CA 49 -66.98 12.97 20.35
CA PHE CA 49 -67.66 13.13 19.08
C PHE CA 49 -66.89 13.97 18.07
N LEU CA 50 -66.24 15.05 18.49
CA LEU CA 50 -65.68 16.00 17.53
C LEU CA 50 -64.28 15.60 17.08
N PHE CA 51 -63.42 15.17 18.00
CA PHE CA 51 -62.11 14.66 17.59
C PHE CA 51 -62.25 13.34 16.85
N PRO CA 52 -62.99 12.36 17.36
CA PRO CA 52 -63.20 11.13 16.57
C PRO CA 52 -63.78 11.40 15.19
N ALA CA 53 -64.76 12.28 15.08
CA ALA CA 53 -65.40 12.53 13.78
C ALA CA 53 -64.41 13.15 12.81
N GLY CA 54 -63.67 14.16 13.25
CA GLY CA 54 -62.69 14.79 12.37
C GLY CA 54 -61.58 13.84 11.97
N ILE CA 55 -61.07 13.07 12.92
CA ILE CA 55 -60.03 12.10 12.61
C ILE CA 55 -60.55 11.07 11.61
N PHE CA 56 -61.78 10.60 11.82
CA PHE CA 56 -62.38 9.64 10.90
C PHE CA 56 -62.49 10.22 9.50
N TYR CA 57 -63.01 11.44 9.40
CA TYR CA 57 -63.16 12.08 8.10
C TYR CA 57 -61.82 12.21 7.40
N THR CA 58 -60.82 12.72 8.12
CA THR CA 58 -59.51 12.92 7.52
C THR CA 58 -58.90 11.61 7.05
N ARG CA 59 -58.89 10.60 7.93
CA ARG CA 59 -58.30 9.32 7.57
C ARG CA 59 -59.02 8.68 6.39
N PHE CA 60 -60.35 8.71 6.40
CA PHE CA 60 -61.11 8.11 5.33
C PHE CA 60 -60.83 8.81 4.01
N ARG CA 61 -60.85 10.15 4.02
CA ARG CA 61 -60.58 10.90 2.81
C ARG CA 61 -59.18 10.61 2.27
N ALA CA 62 -58.20 10.51 3.17
CA ALA CA 62 -56.83 10.29 2.72
C ALA CA 62 -56.63 8.87 2.18
N ASP CA 63 -57.23 7.89 2.83
CA ASP CA 63 -57.01 6.49 2.48
C ASP CA 63 -57.96 5.99 1.39
N THR CA 64 -58.96 6.79 1.01
CA THR CA 64 -59.94 6.39 0.01
C THR CA 64 -59.85 7.22 -1.25
N LYS CA 65 -59.88 8.54 -1.13
CA LYS CA 65 -59.78 9.41 -2.28
C LYS CA 65 -58.32 9.62 -2.68
N LEU CA 66 -58.12 10.32 -3.79
CA LEU CA 66 -56.79 10.57 -4.32
C LEU CA 66 -56.66 12.06 -4.61
N GLY CA 67 -55.58 12.66 -4.12
CA GLY CA 67 -55.41 14.09 -4.19
C GLY CA 67 -54.33 14.55 -5.14
N TYR CA 68 -54.36 15.83 -5.47
CA TYR CA 68 -53.42 16.43 -6.41
C TYR CA 68 -52.95 17.76 -5.87
N HIS CA 69 -51.67 18.06 -6.05
CA HIS CA 69 -51.11 19.36 -5.70
C HIS CA 69 -51.20 20.27 -6.91
N VAL CA 70 -52.00 21.32 -6.79
CA VAL CA 70 -52.29 22.22 -7.89
C VAL CA 70 -51.44 23.47 -7.74
N PHE CA 71 -50.87 23.92 -8.87
CA PHE CA 71 -50.11 25.15 -9.00
C PHE CA 71 -50.66 25.94 -10.18
N ILE CA 72 -50.35 27.24 -10.20
CA ILE CA 72 -50.71 28.11 -11.30
C ILE CA 72 -49.47 28.86 -11.75
N ASN CA 73 -49.34 29.04 -13.08
CA ASN CA 73 -48.12 29.60 -13.64
C ASN CA 73 -47.95 31.06 -13.26
N GLU CA 74 -48.94 31.90 -13.55
CA GLU CA 74 -48.85 33.33 -13.38
C GLU CA 74 -49.86 33.81 -12.35
N GLU CA 75 -49.57 34.98 -11.78
CA GLU CA 75 -50.45 35.57 -10.77
C GLU CA 75 -51.73 36.10 -11.39
N LYS CA 76 -51.66 36.58 -12.64
CA LYS CA 76 -52.85 37.10 -13.29
C LYS CA 76 -53.91 36.03 -13.51
N LEU CA 77 -53.52 34.76 -13.48
CA LEU CA 77 -54.45 33.66 -13.63
C LEU CA 77 -55.05 33.20 -12.30
N TYR CA 78 -54.57 33.74 -11.18
CA TYR CA 78 -55.10 33.32 -9.90
C TYR CA 78 -56.59 33.64 -9.81
N PRO CA 79 -57.37 32.83 -9.09
CA PRO CA 79 -58.79 33.13 -8.94
C PRO CA 79 -59.02 34.30 -7.99
N ASP CA 80 -60.28 34.69 -7.90
CA ASP CA 80 -60.72 35.78 -7.01
C ASP CA 80 -61.40 35.15 -5.80
N TYR CA 81 -60.65 35.05 -4.70
CA TYR CA 81 -61.16 34.52 -3.45
C TYR CA 81 -61.33 35.61 -2.40
N SER CA 82 -61.60 36.84 -2.85
CA SER CA 82 -61.72 37.94 -1.91
C SER CA 82 -63.01 37.87 -1.10
N GLN CA 83 -64.07 37.32 -1.68
CA GLN CA 83 -65.36 37.28 -1.00
C GLN CA 83 -65.44 36.11 -0.02
N ASN CA 84 -65.22 34.89 -0.50
CA ASN CA 84 -65.31 33.72 0.36
C ASN CA 84 -64.35 33.87 1.54
N TYR CA 85 -64.80 33.38 2.70
CA TYR CA 85 -64.06 33.54 3.93
C TYR CA 85 -63.15 32.34 4.19
N PHE CA 86 -62.19 32.53 5.10
CA PHE CA 86 -61.17 31.56 5.49
C PHE CA 86 -60.15 31.31 4.39
N ASP CA 87 -60.29 31.94 3.23
CA ASP CA 87 -59.28 31.85 2.18
C ASP CA 87 -59.42 33.10 1.31
N THR CA 88 -58.60 34.11 1.58
CA THR CA 88 -58.68 35.39 0.89
C THR CA 88 -57.62 35.54 -0.18
N LYS CA 89 -56.90 34.47 -0.50
CA LYS CA 89 -55.82 34.54 -1.47
C LYS CA 89 -55.47 33.13 -1.91
N TRP CA 90 -55.06 33.01 -3.18
CA TRP CA 90 -54.63 31.73 -3.71
C TRP CA 90 -53.20 31.44 -3.31
N THR CA 91 -52.93 30.18 -2.98
CA THR CA 91 -51.58 29.72 -2.65
C THR CA 91 -51.27 28.50 -3.50
N ASN CA 92 -50.13 28.55 -4.19
CA ASN CA 92 -49.73 27.44 -5.05
C ASN CA 92 -49.29 26.25 -4.21
N GLY CA 93 -49.44 25.06 -4.78
CA GLY CA 93 -49.14 23.84 -4.07
C GLY CA 93 -50.32 23.32 -3.27
N ARG CA 94 -51.53 23.67 -3.67
CA ARG CA 94 -52.70 23.36 -2.85
C ARG CA 94 -53.15 21.92 -3.07
N LYS CA 95 -53.39 21.22 -1.98
CA LYS CA 95 -53.89 19.85 -2.04
C LYS CA 95 -55.38 19.86 -2.31
N VAL CA 96 -55.79 19.17 -3.37
CA VAL CA 96 -57.17 19.13 -3.81
C VAL CA 96 -57.57 17.68 -3.99
N TYR CA 97 -58.59 17.24 -3.26
CA TYR CA 97 -59.10 15.88 -3.38
C TYR CA 97 -60.24 15.85 -4.38
N LEU CA 98 -60.22 14.85 -5.25
CA LEU CA 98 -61.17 14.73 -6.34
C LEU CA 98 -61.71 13.31 -6.42
N ASP CA 99 -62.75 13.16 -7.23
CA ASP CA 99 -63.36 11.87 -7.50
C ASP CA 99 -62.82 11.29 -8.80
N ASP CA 100 -62.94 9.97 -8.93
CA ASP CA 100 -62.36 9.28 -10.08
C ASP CA 100 -63.02 9.70 -11.39
N GLU CA 101 -64.23 10.25 -11.35
CA GLU CA 101 -64.94 10.66 -12.54
C GLU CA 101 -64.70 12.11 -12.92
N THR CA 102 -63.84 12.82 -12.18
CA THR CA 102 -63.63 14.24 -12.42
C THR CA 102 -62.86 14.45 -13.71
N THR CA 103 -63.25 15.49 -14.45
CA THR CA 103 -62.58 15.89 -15.68
C THR CA 103 -61.83 17.20 -15.48
N VAL CA 104 -61.08 17.57 -16.51
CA VAL CA 104 -60.29 18.79 -16.45
C VAL CA 104 -61.19 20.01 -16.38
N GLU CA 105 -62.32 19.98 -17.09
CA GLU CA 105 -63.25 21.10 -17.01
C GLU CA 105 -63.83 21.26 -15.62
N GLN CA 106 -64.22 20.14 -14.99
CA GLN CA 106 -64.74 20.19 -13.64
C GLN CA 106 -63.68 20.70 -12.67
N LEU CA 107 -62.44 20.25 -12.85
CA LEU CA 107 -61.35 20.74 -11.99
C LEU CA 107 -61.17 22.24 -12.16
N LYS CA 108 -61.18 22.71 -13.40
CA LYS CA 108 -61.00 24.14 -13.66
C LYS CA 108 -62.13 24.95 -13.03
N ALA CA 109 -63.37 24.47 -13.14
CA ALA CA 109 -64.49 25.16 -12.55
C ALA CA 109 -64.39 25.17 -11.03
N GLN CA 110 -63.97 24.05 -10.44
CA GLN CA 110 -63.80 24.00 -8.99
C GLN CA 110 -62.72 24.96 -8.54
N ILE CA 111 -61.67 25.12 -9.33
CA ILE CA 111 -60.60 26.05 -8.98
C ILE CA 111 -61.10 27.48 -9.05
N TYR CA 112 -61.76 27.85 -10.14
CA TYR CA 112 -62.18 29.22 -10.37
C TYR CA 112 -63.56 29.52 -9.81
N GLY CA 113 -64.11 28.64 -8.98
CA GLY CA 113 -65.34 28.93 -8.29
C GLY CA 113 -66.55 29.07 -9.20
N GLY CA 114 -66.64 28.24 -10.23
CA GLY CA 114 -67.77 28.30 -11.13
C GLY CA 114 -67.96 29.65 -11.79
N LYS CA 115 -66.91 30.44 -11.89
CA LYS CA 115 -66.96 31.75 -12.51
C LYS CA 115 -66.14 31.76 -13.79
N ALA CA 116 -66.27 32.85 -14.55
CA ALA CA 116 -65.61 32.96 -15.84
C ALA CA 116 -64.09 32.83 -15.68
N ALA CA 117 -63.52 31.77 -16.23
CA ALA CA 117 -62.09 31.57 -16.17
C ALA CA 117 -61.41 32.29 -17.33
N PRO CA 118 -60.10 32.52 -17.24
CA PRO CA 118 -59.40 33.16 -18.36
C PRO CA 118 -59.45 32.32 -19.62
N GLU CA 119 -58.90 32.84 -20.71
CA GLU CA 119 -58.98 32.19 -22.00
C GLU CA 119 -57.76 31.30 -22.23
N ASN CA 120 -58.00 30.17 -22.89
CA ASN CA 120 -56.93 29.27 -23.31
C ASN CA 120 -56.16 28.75 -22.10
N VAL CA 121 -56.86 28.50 -21.00
CA VAL CA 121 -56.26 27.90 -19.83
C VAL CA 121 -56.22 26.39 -19.99
N LYS CA 122 -55.07 25.80 -19.65
CA LYS CA 122 -54.88 24.37 -19.80
C LYS CA 122 -54.09 23.83 -18.61
N VAL CA 123 -54.14 22.52 -18.48
CA VAL CA 123 -53.53 21.80 -17.37
C VAL CA 123 -52.39 20.95 -17.89
N ALA CA 124 -51.32 20.86 -17.11
CA ALA CA 124 -50.16 20.07 -17.48
C ALA CA 124 -49.63 19.34 -16.26
N CYS CA 125 -48.91 18.25 -16.51
CA CYS CA 125 -48.25 17.49 -15.46
C CYS CA 125 -46.92 17.00 -16.04
N ARG CA 126 -45.83 17.45 -15.44
CA ARG CA 126 -44.50 17.03 -15.86
C ARG CA 126 -44.22 17.45 -17.30
N GLY CA 127 -44.81 18.56 -17.71
CA GLY CA 127 -44.60 19.13 -19.02
C GLY CA 127 -45.54 18.66 -20.10
N ARG CA 128 -46.55 17.87 -19.76
CA ARG CA 128 -47.41 17.21 -20.73
C ARG CA 128 -48.83 17.74 -20.60
N VAL CA 129 -49.36 18.30 -21.68
CA VAL CA 129 -50.65 18.98 -21.66
C VAL CA 129 -51.76 17.96 -21.71
N PHE CA 130 -52.81 18.22 -20.93
CA PHE CA 130 -54.00 17.38 -20.90
C PHE CA 130 -55.08 17.98 -21.79
N GLU CA 131 -55.90 17.11 -22.36
CA GLU CA 131 -57.10 17.56 -23.05
C GLU CA 131 -58.19 17.87 -22.04
N ASP CA 132 -59.07 18.81 -22.40
CA ASP CA 132 -60.11 19.23 -21.47
C ASP CA 132 -61.15 18.13 -21.27
N ALA CA 133 -61.38 17.29 -22.28
CA ALA CA 133 -62.28 16.16 -22.15
C ALA CA 133 -61.51 14.89 -21.82
N ASP CA 134 -60.78 14.94 -20.71
CA ASP CA 134 -59.98 13.82 -20.25
C ASP CA 134 -60.18 13.64 -18.74
N ASN CA 135 -60.16 12.38 -18.32
CA ASN CA 135 -60.25 12.07 -16.91
C ASN CA 135 -58.92 12.37 -16.24
N VAL CA 136 -58.96 13.13 -15.15
CA VAL CA 136 -57.73 13.55 -14.49
C VAL CA 136 -56.96 12.35 -13.98
N ALA CA 137 -57.66 11.38 -13.40
CA ALA CA 137 -56.99 10.23 -12.81
C ALA CA 137 -56.22 9.44 -13.87
N MET CA 138 -56.87 9.16 -15.00
CA MET CA 138 -56.22 8.38 -16.04
C MET CA 138 -55.13 9.18 -16.74
N ALA CA 139 -55.36 10.48 -16.94
CA ALA CA 139 -54.33 11.32 -17.53
C ALA CA 139 -53.08 11.35 -16.67
N VAL CA 140 -53.24 11.43 -15.35
CA VAL CA 140 -52.10 11.40 -14.44
C VAL CA 140 -51.44 10.04 -14.50
N ARG CA 141 -52.24 8.96 -14.41
CA ARG CA 141 -51.70 7.61 -14.53
C ARG CA 141 -50.83 7.47 -15.76
N ALA CA 142 -51.22 8.11 -16.86
CA ALA CA 142 -50.49 7.97 -18.11
C ALA CA 142 -49.23 8.85 -18.14
N PHE CA 143 -49.39 10.13 -17.80
CA PHE CA 143 -48.31 11.09 -18.00
C PHE CA 143 -47.39 11.20 -16.79
N CYS CA 144 -47.94 11.43 -15.61
CA CYS CA 144 -47.15 11.60 -14.40
C CYS CA 144 -47.63 10.57 -13.37
N LYS CA 145 -47.08 9.36 -13.46
CA LYS CA 145 -47.44 8.28 -12.56
C LYS CA 145 -46.81 8.54 -11.19
N ARG CA 146 -47.66 8.67 -10.17
CA ARG CA 146 -47.23 8.90 -8.79
C ARG CA 146 -46.55 10.25 -8.61
N ASP CA 147 -46.83 11.20 -9.49
CA ASP CA 147 -46.37 12.59 -9.36
C ASP CA 147 -47.50 13.50 -9.80
N PRO CA 148 -48.54 13.64 -8.98
CA PRO CA 148 -49.78 14.29 -9.42
C PRO CA 148 -49.73 15.80 -9.48
N ARG CA 149 -48.54 16.41 -9.34
CA ARG CA 149 -48.43 17.86 -9.35
C ARG CA 149 -48.92 18.45 -10.66
N LEU CA 150 -50.06 19.12 -10.62
CA LEU CA 150 -50.68 19.72 -11.79
C LEU CA 150 -50.36 21.22 -11.84
N LEU CA 151 -50.27 21.74 -13.07
CA LEU CA 151 -49.98 23.14 -13.31
C LEU CA 151 -51.01 23.70 -14.27
N LEU CA 152 -51.58 24.85 -13.92
CA LEU CA 152 -52.51 25.57 -14.78
C LEU CA 152 -51.77 26.73 -15.44
N PHE CA 153 -51.75 26.71 -16.78
CA PHE CA 153 -51.06 27.73 -17.54
C PHE CA 153 -51.97 28.23 -18.67
N GLN CA 154 -51.49 29.25 -19.36
CA GLN CA 154 -52.22 29.85 -20.47
C GLN CA 154 -51.53 29.45 -21.77
N ASP CA 155 -52.28 28.84 -22.68
CA ASP CA 155 -51.75 28.30 -23.93
C ASP CA 155 -52.18 29.22 -25.07
N ASN CA 156 -51.37 30.25 -25.33
CA ASN CA 156 -51.60 31.13 -26.47
C ASN CA 156 -50.80 30.66 -27.67
N LEU CA 157 -49.48 30.63 -27.53
CA LEU CA 157 -48.57 30.09 -28.54
C LEU CA 157 -48.91 30.59 -29.94
N ARG DA 108 -98.26 16.62 51.75
CA ARG DA 108 -97.05 15.93 51.31
C ARG DA 108 -95.80 16.62 51.87
N PRO DA 109 -94.72 15.85 52.03
CA PRO DA 109 -93.49 16.44 52.59
C PRO DA 109 -92.89 17.53 51.72
N GLY DA 110 -92.62 17.24 50.44
CA GLY DA 110 -91.91 18.15 49.57
C GLY DA 110 -92.78 19.00 48.67
N GLN DA 111 -94.10 18.98 48.84
CA GLN DA 111 -94.97 19.78 47.99
C GLN DA 111 -94.71 21.27 48.17
N GLY DA 112 -94.40 21.69 49.39
CA GLY DA 112 -94.13 23.10 49.62
C GLY DA 112 -92.97 23.61 48.78
N SER DA 113 -91.95 22.77 48.59
CA SER DA 113 -90.81 23.17 47.78
C SER DA 113 -91.10 22.97 46.29
N ASN DA 114 -91.74 21.86 45.92
CA ASN DA 114 -92.03 21.59 44.52
C ASN DA 114 -93.05 22.55 43.94
N ALA DA 115 -93.79 23.27 44.79
CA ALA DA 115 -94.73 24.27 44.26
C ALA DA 115 -93.99 25.47 43.69
N GLN DA 116 -92.79 25.77 44.20
CA GLN DA 116 -92.00 26.88 43.69
C GLN DA 116 -91.39 26.58 42.32
N PHE DA 117 -91.45 25.34 41.86
CA PHE DA 117 -90.81 24.93 40.60
C PHE DA 117 -91.85 24.97 39.50
N GLN DA 118 -92.15 26.19 39.03
CA GLN DA 118 -93.05 26.40 37.91
C GLN DA 118 -92.31 27.26 36.89
N THR DA 119 -92.05 26.70 35.72
CA THR DA 119 -91.21 27.33 34.71
C THR DA 119 -92.07 27.86 33.56
N SER DA 120 -91.48 28.79 32.81
CA SER DA 120 -92.12 29.35 31.63
C SER DA 120 -91.76 28.54 30.40
N LEU DA 121 -92.48 28.80 29.30
CA LEU DA 121 -92.18 28.16 28.03
C LEU DA 121 -90.76 28.51 27.57
N ALA DA 122 -90.42 29.80 27.65
CA ALA DA 122 -89.07 30.22 27.28
C ALA DA 122 -88.04 29.60 28.21
N ASP DA 123 -88.37 29.49 29.51
CA ASP DA 123 -87.44 28.90 30.46
C ASP DA 123 -87.16 27.44 30.09
N LYS DA 124 -88.21 26.67 29.79
CA LYS DA 124 -88.00 25.27 29.45
C LYS DA 124 -87.30 25.11 28.11
N THR DA 125 -87.56 26.00 27.16
CA THR DA 125 -86.83 25.95 25.90
C THR DA 125 -85.35 26.23 26.12
N ARG DA 126 -85.05 27.23 26.96
CA ARG DA 126 -83.66 27.57 27.25
C ARG DA 126 -82.97 26.42 27.97
N GLY DA 127 -83.68 25.73 28.87
CA GLY DA 127 -83.10 24.58 29.53
C GLY DA 127 -82.84 23.44 28.57
N LEU DA 128 -83.80 23.16 27.68
CA LEU DA 128 -83.62 22.13 26.67
C LEU DA 128 -82.39 22.44 25.82
N LEU DA 129 -82.20 23.71 25.46
CA LEU DA 129 -81.03 24.09 24.67
C LEU DA 129 -79.74 24.08 25.47
N GLY DA 130 -79.82 24.23 26.79
CA GLY DA 130 -78.63 24.23 27.61
C GLY DA 130 -77.78 25.46 27.39
N VAL DA 131 -78.29 26.62 27.77
CA VAL DA 131 -77.58 27.88 27.51
C VAL DA 131 -76.39 28.01 28.45
N GLY DA 132 -76.66 28.05 29.76
CA GLY DA 132 -75.61 28.27 30.73
C GLY DA 132 -75.07 26.99 31.33
N PHE DA 133 -75.17 25.89 30.58
CA PHE DA 133 -74.70 24.60 31.08
C PHE DA 133 -73.91 23.80 30.06
N LEU DA 134 -73.94 24.16 28.78
CA LEU DA 134 -73.10 23.50 27.77
C LEU DA 134 -71.79 24.24 27.58
N ARG DA 135 -71.84 25.56 27.42
CA ARG DA 135 -70.66 26.40 27.37
C ARG DA 135 -69.74 25.98 26.23
N PRO DA 136 -70.15 26.20 24.98
CA PRO DA 136 -69.26 25.91 23.85
C PRO DA 136 -67.97 26.70 23.90
N THR DA 137 -67.98 27.88 24.52
CA THR DA 137 -66.73 28.61 24.72
C THR DA 137 -65.79 27.83 25.64
N LYS DA 138 -66.35 27.20 26.68
CA LYS DA 138 -65.54 26.34 27.54
C LYS DA 138 -65.02 25.13 26.77
N MET DA 139 -65.86 24.56 25.90
CA MET DA 139 -65.41 23.43 25.09
C MET DA 139 -64.27 23.82 24.18
N ALA DA 140 -64.37 25.00 23.55
CA ALA DA 140 -63.31 25.47 22.67
C ALA DA 140 -62.03 25.75 23.46
N SER DA 141 -62.16 26.34 24.64
CA SER DA 141 -60.99 26.56 25.49
C SER DA 141 -60.32 25.24 25.84
N PHE DA 142 -61.11 24.23 26.19
CA PHE DA 142 -60.55 22.93 26.49
C PHE DA 142 -59.82 22.35 25.29
N ALA DA 143 -60.43 22.43 24.11
CA ALA DA 143 -59.79 21.89 22.91
C ALA DA 143 -58.46 22.59 22.65
N ALA DA 144 -58.46 23.92 22.75
CA ALA DA 144 -57.23 24.67 22.50
C ALA DA 144 -56.15 24.28 23.50
N THR DA 145 -56.50 24.21 24.79
CA THR DA 145 -55.50 23.85 25.79
C THR DA 145 -54.99 22.44 25.58
N PHE DA 146 -55.88 21.51 25.22
CA PHE DA 146 -55.48 20.12 25.02
C PHE DA 146 -54.53 20.01 23.82
N LEU DA 147 -54.79 20.76 22.76
CA LEU DA 147 -53.90 20.72 21.60
C LEU DA 147 -52.57 21.39 21.91
N LEU DA 148 -52.60 22.46 22.70
CA LEU DA 148 -51.35 23.12 23.08
C LEU DA 148 -50.51 22.26 24.01
N ASN DA 149 -51.14 21.38 24.78
CA ASN DA 149 -50.41 20.52 25.70
C ASN DA 149 -49.59 19.45 25.00
N PHE DA 150 -49.55 19.42 23.68
CA PHE DA 150 -48.76 18.44 22.96
C PHE DA 150 -47.28 18.82 22.86
N ARG DA 151 -46.92 20.02 23.31
CA ARG DA 151 -45.51 20.43 23.27
C ARG DA 151 -44.67 19.69 24.30
N PHE DA 152 -45.30 19.24 25.38
CA PHE DA 152 -44.56 18.54 26.42
C PHE DA 152 -44.01 17.22 25.90
N TYR DA 153 -44.75 16.54 25.02
CA TYR DA 153 -44.23 15.30 24.45
C TYR DA 153 -42.96 15.55 23.65
N PHE DA 154 -42.96 16.62 22.86
CA PHE DA 154 -41.77 16.95 22.07
C PHE DA 154 -40.59 17.31 22.96
N MET DA 155 -40.84 18.12 23.99
CA MET DA 155 -39.78 18.44 24.94
C MET DA 155 -39.20 17.17 25.57
N TYR DA 156 -40.08 16.28 26.02
CA TYR DA 156 -39.64 15.07 26.70
C TYR DA 156 -38.83 14.18 25.77
N MET DA 157 -39.29 14.00 24.53
CA MET DA 157 -38.55 13.15 23.60
C MET DA 157 -37.20 13.76 23.26
N ALA DA 158 -37.13 15.08 23.13
CA ALA DA 158 -35.86 15.73 22.89
C ALA DA 158 -34.89 15.47 24.03
N ARG DA 159 -35.33 15.70 25.27
CA ARG DA 159 -34.47 15.45 26.42
C ARG DA 159 -34.02 14.00 26.47
N THR DA 160 -34.95 13.06 26.23
CA THR DA 160 -34.62 11.65 26.30
C THR DA 160 -33.58 11.27 25.25
N THR DA 161 -33.77 11.72 24.02
CA THR DA 161 -32.83 11.40 22.96
C THR DA 161 -31.46 12.00 23.24
N PHE DA 162 -31.41 13.22 23.75
CA PHE DA 162 -30.13 13.83 24.06
C PHE DA 162 -29.41 13.02 25.13
N GLN DA 163 -30.11 12.66 26.20
CA GLN DA 163 -29.48 11.89 27.27
C GLN DA 163 -29.09 10.50 26.82
N ALA DA 164 -29.77 9.96 25.81
CA ALA DA 164 -29.44 8.63 25.31
C ALA DA 164 -28.23 8.67 24.38
N VAL DA 165 -28.07 9.74 23.60
CA VAL DA 165 -26.98 9.80 22.63
C VAL DA 165 -25.71 10.42 23.21
N ARG DA 166 -25.81 11.13 24.34
CA ARG DA 166 -24.62 11.69 24.99
C ARG DA 166 -23.44 10.72 25.03
N PRO DA 167 -23.56 9.48 25.50
CA PRO DA 167 -22.40 8.59 25.48
C PRO DA 167 -21.96 8.23 24.08
N LEU DA 168 -22.90 8.03 23.17
CA LEU DA 168 -22.53 7.77 21.78
C LEU DA 168 -21.69 8.90 21.21
N LEU DA 169 -22.08 10.14 21.49
CA LEU DA 169 -21.27 11.28 21.04
C LEU DA 169 -19.89 11.22 21.66
N ALA DA 170 -19.81 11.12 22.99
CA ALA DA 170 -18.52 11.06 23.66
C ALA DA 170 -17.63 9.97 23.10
N PHE DA 171 -18.23 8.87 22.62
CA PHE DA 171 -17.46 7.73 22.15
C PHE DA 171 -17.09 7.84 20.68
N SER DA 172 -17.88 8.57 19.89
CA SER DA 172 -17.71 8.62 18.44
C SER DA 172 -17.01 9.89 17.97
N VAL DA 173 -17.48 11.07 18.36
CA VAL DA 173 -16.94 12.30 17.78
C VAL DA 173 -15.60 12.65 18.42
N PHE DA 174 -15.52 12.58 19.74
CA PHE DA 174 -14.23 12.76 20.40
C PHE DA 174 -13.26 11.67 19.97
N GLY DA 175 -13.78 10.47 19.69
CA GLY DA 175 -12.94 9.42 19.13
C GLY DA 175 -12.39 9.80 17.77
N GLU DA 176 -13.22 10.38 16.91
CA GLU DA 176 -12.74 10.86 15.62
C GLU DA 176 -11.66 11.90 15.78
N VAL DA 177 -11.82 12.79 16.76
CA VAL DA 177 -10.80 13.82 17.02
C VAL DA 177 -9.48 13.15 17.43
N MET DA 178 -9.56 12.22 18.39
CA MET DA 178 -8.38 11.48 18.81
C MET DA 178 -7.73 10.77 17.62
N LYS DA 179 -8.55 10.25 16.71
CA LYS DA 179 -8.02 9.52 15.57
C LYS DA 179 -7.31 10.46 14.60
N LEU DA 180 -7.86 11.65 14.40
CA LEU DA 180 -7.15 12.68 13.64
C LEU DA 180 -5.79 12.94 14.24
N VAL DA 181 -5.74 13.15 15.56
CA VAL DA 181 -4.47 13.44 16.22
C VAL DA 181 -3.49 12.30 16.03
N LEU DA 182 -3.96 11.06 16.19
CA LEU DA 182 -3.10 9.89 16.01
C LEU DA 182 -2.58 9.82 14.58
N ALA DA 183 -3.43 10.12 13.61
CA ALA DA 183 -3.03 10.06 12.21
C ALA DA 183 -2.01 11.13 11.88
N THR DA 184 -2.05 12.25 12.58
CA THR DA 184 -1.14 13.35 12.27
C THR DA 184 0.15 13.32 13.06
N MET DA 185 0.18 12.72 14.24
CA MET DA 185 1.35 12.79 15.09
C MET DA 185 2.32 11.67 14.77
N SER DA 186 3.61 11.97 14.86
CA SER DA 186 4.66 11.00 14.59
C SER DA 186 5.67 10.86 15.71
N SER DA 187 6.01 11.96 16.39
CA SER DA 187 7.11 11.96 17.33
C SER DA 187 6.73 11.24 18.62
N GLY DA 188 7.66 11.23 19.57
CA GLY DA 188 7.48 10.48 20.81
C GLY DA 188 7.04 11.32 21.97
N LEU DA 189 7.51 12.56 22.03
CA LEU DA 189 7.12 13.46 23.11
C LEU DA 189 5.63 13.78 23.05
N PHE DA 190 5.16 14.15 21.86
CA PHE DA 190 3.75 14.46 21.70
C PHE DA 190 2.89 13.24 21.99
N SER DA 191 3.36 12.05 21.60
CA SER DA 191 2.60 10.84 21.88
C SER DA 191 2.54 10.56 23.37
N PHE DA 192 3.67 10.73 24.06
CA PHE DA 192 3.69 10.60 25.51
C PHE DA 192 2.69 11.53 26.16
N LEU DA 193 2.59 12.75 25.65
CA LEU DA 193 1.66 13.72 26.24
C LEU DA 193 0.20 13.42 25.86
N PHE DA 194 -0.01 12.80 24.70
CA PHE DA 194 -1.36 12.54 24.20
C PHE DA 194 -1.98 11.27 24.81
N SER DA 195 -1.14 10.34 25.27
CA SER DA 195 -1.66 9.18 25.99
C SER DA 195 -2.55 9.60 27.15
N PHE DA 196 -2.16 10.65 27.86
CA PHE DA 196 -2.94 11.12 29.00
C PHE DA 196 -4.26 11.73 28.55
N VAL DA 197 -4.28 12.38 27.39
CA VAL DA 197 -5.54 12.86 26.84
C VAL DA 197 -6.47 11.70 26.54
N LEU DA 198 -5.92 10.61 26.00
CA LEU DA 198 -6.73 9.43 25.74
C LEU DA 198 -7.32 8.87 27.03
N ALA DA 199 -6.51 8.78 28.08
CA ALA DA 199 -7.01 8.29 29.36
C ALA DA 199 -8.10 9.20 29.90
N PHE DA 200 -7.91 10.52 29.78
CA PHE DA 200 -8.94 11.45 30.20
C PHE DA 200 -10.23 11.24 29.43
N GLU DA 201 -10.12 10.92 28.14
CA GLU DA 201 -11.32 10.62 27.35
C GLU DA 201 -12.02 9.38 27.87
N VAL DA 202 -11.25 8.38 28.29
CA VAL DA 202 -11.85 7.21 28.94
C VAL DA 202 -12.69 7.63 30.14
N PHE DA 203 -12.08 8.39 31.04
CA PHE DA 203 -12.79 8.81 32.25
C PHE DA 203 -14.01 9.65 31.91
N TYR DA 204 -13.90 10.52 30.91
CA TYR DA 204 -15.02 11.37 30.52
C TYR DA 204 -16.16 10.54 29.96
N PHE DA 205 -15.84 9.52 29.17
CA PHE DA 205 -16.88 8.61 28.68
C PHE DA 205 -17.62 7.95 29.83
N PHE DA 206 -16.88 7.48 30.84
CA PHE DA 206 -17.55 6.84 31.97
C PHE DA 206 -18.42 7.84 32.73
N LEU DA 207 -17.95 9.09 32.85
CA LEU DA 207 -18.76 10.12 33.51
C LEU DA 207 -20.05 10.37 32.75
N GLN DA 208 -19.96 10.49 31.43
CA GLN DA 208 -21.16 10.71 30.62
C GLN DA 208 -22.12 9.54 30.74
N CYS DA 209 -21.58 8.32 30.79
CA CYS DA 209 -22.44 7.15 30.96
C CYS DA 209 -23.17 7.19 32.31
N TYR DA 210 -22.47 7.59 33.37
CA TYR DA 210 -23.13 7.71 34.67
C TYR DA 210 -24.23 8.75 34.63
N ILE DA 211 -23.96 9.91 34.04
CA ILE DA 211 -24.97 10.96 33.94
C ILE DA 211 -26.18 10.45 33.17
N SER DA 212 -25.95 9.76 32.06
CA SER DA 212 -27.07 9.25 31.27
C SER DA 212 -27.86 8.21 32.04
N TYR DA 213 -27.18 7.33 32.77
CA TYR DA 213 -27.88 6.35 33.59
C TYR DA 213 -28.79 7.04 34.60
N THR DA 214 -28.27 8.08 35.27
CA THR DA 214 -29.07 8.80 36.24
C THR DA 214 -30.30 9.41 35.60
N PHE DA 215 -30.11 10.18 34.53
CA PHE DA 215 -31.25 10.85 33.90
C PHE DA 215 -32.24 9.85 33.31
N LEU DA 216 -31.76 8.70 32.84
CA LEU DA 216 -32.67 7.73 32.26
C LEU DA 216 -33.48 7.00 33.32
N THR DA 217 -32.86 6.67 34.46
CA THR DA 217 -33.64 6.11 35.56
C THR DA 217 -34.61 7.14 36.12
N MET DA 218 -34.32 8.43 35.97
CA MET DA 218 -35.30 9.44 36.36
C MET DA 218 -36.45 9.52 35.36
N PHE DA 219 -36.15 9.39 34.07
CA PHE DA 219 -37.16 9.56 33.03
C PHE DA 219 -37.99 8.31 32.79
N PHE DA 220 -37.52 7.14 33.21
CA PHE DA 220 -38.25 5.89 33.02
C PHE DA 220 -38.75 5.31 34.34
N THR DA 221 -38.94 6.16 35.33
CA THR DA 221 -39.48 5.75 36.63
C THR DA 221 -40.96 6.10 36.67
N VAL DA 222 -41.80 5.10 36.89
CA VAL DA 222 -43.25 5.27 36.96
C VAL DA 222 -43.72 4.86 38.34
N LEU DA 223 -44.62 5.65 38.90
CA LEU DA 223 -45.20 5.32 40.20
C LEU DA 223 -46.02 4.04 40.12
N PHE DA 224 -46.98 4.00 39.20
CA PHE DA 224 -47.89 2.86 39.07
C PHE DA 224 -47.45 1.93 37.94
N LYS EA 47 -8.49 -58.38 52.11
CA LYS EA 47 -8.20 -58.42 50.69
C LYS EA 47 -7.53 -57.12 50.24
N THR EA 48 -6.84 -57.19 49.11
CA THR EA 48 -6.12 -56.06 48.55
C THR EA 48 -6.94 -55.40 47.44
N LEU EA 49 -6.64 -54.13 47.18
CA LEU EA 49 -7.31 -53.37 46.14
C LEU EA 49 -6.48 -53.38 44.87
N GLU EA 50 -7.10 -53.81 43.76
CA GLU EA 50 -6.45 -53.82 42.46
C GLU EA 50 -7.18 -52.99 41.42
N ARG EA 51 -8.47 -52.76 41.57
CA ARG EA 51 -9.21 -51.96 40.61
C ARG EA 51 -8.68 -50.53 40.58
N ASN EA 52 -8.66 -49.94 39.39
CA ASN EA 52 -8.24 -48.56 39.20
C ASN EA 52 -9.45 -47.67 39.42
N VAL EA 53 -9.55 -47.07 40.60
CA VAL EA 53 -10.73 -46.31 41.01
C VAL EA 53 -10.70 -44.94 40.35
N PRO EA 54 -11.68 -44.60 39.52
CA PRO EA 54 -11.74 -43.24 38.99
C PRO EA 54 -12.16 -42.24 40.06
N MET EA 55 -11.88 -40.97 39.79
CA MET EA 55 -12.24 -39.91 40.72
C MET EA 55 -13.70 -39.51 40.62
N LYS EA 56 -14.39 -39.90 39.54
CA LYS EA 56 -15.80 -39.56 39.42
C LYS EA 56 -16.68 -40.40 40.32
N GLU EA 57 -16.18 -41.55 40.78
CA GLU EA 57 -16.88 -42.36 41.77
C GLU EA 57 -16.76 -41.79 43.18
N ILE EA 58 -15.99 -40.72 43.37
CA ILE EA 58 -15.72 -40.18 44.69
C ILE EA 58 -16.17 -38.73 44.74
N LEU EA 59 -15.60 -37.91 43.87
CA LEU EA 59 -15.90 -36.48 43.80
C LEU EA 59 -16.90 -36.23 42.68
N GLN EA 60 -18.07 -35.76 43.04
CA GLN EA 60 -19.10 -35.43 42.06
C GLN EA 60 -19.12 -33.94 41.80
N PRO EA 61 -19.02 -33.50 40.54
CA PRO EA 61 -19.03 -32.07 40.27
C PRO EA 61 -20.44 -31.49 40.30
N LEU EA 62 -20.51 -30.25 40.76
CA LEU EA 62 -21.78 -29.54 40.76
C LEU EA 62 -22.20 -29.21 39.33
N TRP EA 63 -23.49 -29.02 39.14
CA TRP EA 63 -24.04 -28.63 37.85
C TRP EA 63 -24.16 -27.11 37.82
N VAL EA 64 -23.39 -26.48 36.92
CA VAL EA 64 -23.29 -25.03 36.87
C VAL EA 64 -23.50 -24.53 35.45
N VAL EA 65 -23.57 -25.45 34.49
CA VAL EA 65 -23.74 -25.05 33.10
C VAL EA 65 -25.08 -24.35 32.90
N GLU EA 66 -26.14 -24.95 33.35
CA GLU EA 66 -27.45 -24.35 33.28
C GLU EA 66 -27.84 -23.84 34.66
N PRO EA 67 -28.34 -22.61 34.77
CA PRO EA 67 -28.48 -22.00 36.07
C PRO EA 67 -29.57 -22.65 36.90
N PRO EA 68 -29.62 -22.37 38.19
CA PRO EA 68 -30.66 -22.95 39.04
C PRO EA 68 -31.98 -22.23 38.90
N ASN EA 69 -33.04 -22.95 39.24
CA ASN EA 69 -34.40 -22.45 39.24
C ASN EA 69 -34.93 -22.54 40.67
N PHE EA 70 -34.71 -21.48 41.45
CA PHE EA 70 -35.14 -21.48 42.83
C PHE EA 70 -36.66 -21.51 42.97
N LEU EA 71 -37.37 -21.06 41.94
CA LEU EA 71 -38.83 -21.10 41.96
C LEU EA 71 -39.38 -22.49 41.67
N ARG EA 72 -38.58 -23.36 41.05
CA ARG EA 72 -39.01 -24.72 40.73
C ARG EA 72 -40.25 -24.71 39.84
N GLN EA 73 -40.30 -23.74 38.92
CA GLN EA 73 -41.41 -23.58 38.01
C GLN EA 73 -40.85 -23.21 36.64
N PRO EA 74 -41.49 -23.67 35.57
CA PRO EA 74 -40.99 -23.36 34.23
C PRO EA 74 -41.27 -21.92 33.81
N VAL EA 75 -40.53 -21.49 32.79
CA VAL EA 75 -40.53 -20.10 32.38
C VAL EA 75 -41.89 -19.68 31.85
N TRP EA 76 -42.55 -20.55 31.09
CA TRP EA 76 -43.87 -20.20 30.58
C TRP EA 76 -44.88 -20.05 31.70
N LYS EA 77 -44.74 -20.85 32.77
CA LYS EA 77 -45.64 -20.71 33.91
C LYS EA 77 -45.36 -19.42 34.66
N GLN EA 78 -44.09 -19.03 34.78
CA GLN EA 78 -43.76 -17.73 35.33
C GLN EA 78 -44.43 -16.62 34.53
N PHE EA 79 -44.27 -16.67 33.21
CA PHE EA 79 -44.83 -15.65 32.34
C PHE EA 79 -46.34 -15.56 32.50
N TRP EA 80 -47.00 -16.72 32.54
CA TRP EA 80 -48.44 -16.76 32.74
C TRP EA 80 -48.85 -16.18 34.09
N GLU EA 81 -48.09 -16.50 35.15
CA GLU EA 81 -48.42 -15.98 36.47
C GLU EA 81 -48.28 -14.46 36.52
N ALA EA 82 -47.31 -13.92 35.80
CA ALA EA 82 -47.07 -12.48 35.81
C ALA EA 82 -48.23 -11.70 35.21
N GLN EA 83 -49.01 -12.31 34.33
CA GLN EA 83 -50.12 -11.62 33.69
C GLN EA 83 -51.16 -11.17 34.71
N PHE EA 84 -51.39 -11.98 35.74
CA PHE EA 84 -52.42 -11.68 36.72
C PHE EA 84 -51.89 -10.87 37.89
N ALA EA 85 -50.58 -10.68 37.96
CA ALA EA 85 -49.98 -9.82 38.97
C ALA EA 85 -50.15 -8.37 38.53
N ASN EA 86 -50.30 -7.48 39.51
CA ASN EA 86 -50.52 -6.07 39.21
C ASN EA 86 -49.28 -5.44 38.57
N ARG EA 87 -49.51 -4.68 37.50
CA ARG EA 87 -48.51 -3.92 36.73
C ARG EA 87 -47.61 -4.78 35.85
N SER EA 88 -47.93 -6.06 35.64
CA SER EA 88 -47.10 -6.91 34.80
C SER EA 88 -47.88 -7.55 33.66
N PHE EA 89 -49.02 -6.97 33.29
CA PHE EA 89 -49.83 -7.52 32.21
C PHE EA 89 -49.11 -7.29 30.88
N PHE EA 90 -49.00 -8.36 30.09
CA PHE EA 90 -48.37 -8.32 28.77
C PHE EA 90 -47.20 -7.34 28.71
N PHE EA 91 -47.26 -6.28 27.90
CA PHE EA 91 -46.09 -5.43 27.75
C PHE EA 91 -46.10 -4.20 28.65
N PHE EA 92 -47.07 -4.07 29.53
CA PHE EA 92 -47.06 -3.01 30.51
C PHE EA 92 -46.11 -3.39 31.64
N GLY EA 93 -45.53 -2.38 32.28
CA GLY EA 93 -44.60 -2.65 33.36
C GLY EA 93 -43.18 -2.70 32.85
N ASN EA 94 -42.26 -2.98 33.78
CA ASN EA 94 -40.85 -3.05 33.46
C ASN EA 94 -40.24 -4.38 33.87
N ALA EA 95 -41.07 -5.42 33.93
CA ALA EA 95 -40.59 -6.75 34.24
C ALA EA 95 -40.00 -7.43 33.01
N TRP EA 96 -39.33 -8.56 33.24
CA TRP EA 96 -38.77 -9.31 32.13
C TRP EA 96 -39.89 -9.79 31.23
N THR EA 97 -41.03 -10.16 31.82
CA THR EA 97 -42.16 -10.62 31.03
C THR EA 97 -42.65 -9.50 30.13
N SER EA 98 -42.61 -8.28 30.63
CA SER EA 98 -43.01 -7.11 29.84
C SER EA 98 -42.06 -6.92 28.67
N ALA EA 99 -40.76 -7.08 28.90
CA ALA EA 99 -39.80 -6.96 27.80
C ALA EA 99 -40.02 -8.06 26.76
N ALA EA 100 -40.30 -9.27 27.23
CA ALA EA 100 -40.51 -10.40 26.34
C ALA EA 100 -41.76 -10.20 25.49
N ALA EA 101 -42.82 -9.67 26.12
CA ALA EA 101 -44.06 -9.46 25.40
C ALA EA 101 -43.92 -8.31 24.41
N PHE EA 102 -43.18 -7.26 24.78
CA PHE EA 102 -42.93 -6.19 23.83
C PHE EA 102 -42.14 -6.69 22.62
N ALA EA 103 -41.15 -7.55 22.87
CA ALA EA 103 -40.40 -8.15 21.76
C ALA EA 103 -41.32 -8.96 20.86
N PHE EA 104 -42.14 -9.83 21.46
CA PHE EA 104 -43.07 -10.61 20.66
C PHE EA 104 -44.07 -9.72 19.91
N PHE EA 105 -44.45 -8.60 20.51
CA PHE EA 105 -45.40 -7.70 19.88
C PHE EA 105 -44.80 -7.04 18.65
N ILE EA 106 -43.57 -6.55 18.77
CA ILE EA 106 -42.92 -5.93 17.61
C ILE EA 106 -42.60 -6.99 16.55
N TRP EA 107 -42.40 -8.24 16.96
CA TRP EA 107 -42.22 -9.30 15.98
C TRP EA 107 -43.54 -9.61 15.26
N TRP EA 108 -44.63 -9.66 16.00
CA TRP EA 108 -45.95 -9.93 15.42
C TRP EA 108 -46.39 -8.80 14.51
N SER EA 109 -45.93 -7.58 14.79
CA SER EA 109 -46.21 -6.46 13.92
C SER EA 109 -45.54 -6.66 12.56
N ARG EA 110 -45.74 -5.67 11.68
CA ARG EA 110 -45.23 -5.72 10.32
C ARG EA 110 -43.92 -4.97 10.13
N VAL EA 111 -43.54 -4.11 11.08
CA VAL EA 111 -42.48 -3.14 10.83
C VAL EA 111 -41.16 -3.83 10.54
N PHE EA 112 -40.94 -5.02 11.08
CA PHE EA 112 -39.67 -5.72 10.90
C PHE EA 112 -39.72 -6.78 9.81
N ASP EA 113 -40.84 -6.89 9.10
CA ASP EA 113 -40.92 -7.83 8.00
C ASP EA 113 -40.21 -7.27 6.76
N PRO EA 114 -39.85 -8.14 5.82
CA PRO EA 114 -39.18 -7.68 4.61
C PRO EA 114 -40.08 -6.78 3.79
N PRO EA 115 -39.52 -5.90 2.97
CA PRO EA 115 -40.33 -5.02 2.16
C PRO EA 115 -40.87 -5.73 0.93
N PRO EA 116 -41.93 -5.23 0.34
CA PRO EA 116 -42.44 -5.82 -0.90
C PRO EA 116 -41.61 -5.39 -2.12
N LYS EA 117 -41.89 -6.09 -3.22
CA LYS EA 117 -41.19 -5.84 -4.46
C LYS EA 117 -41.40 -4.41 -4.95
N GLU EA 118 -42.57 -3.83 -4.64
CA GLU EA 118 -42.83 -2.45 -5.01
C GLU EA 118 -41.95 -1.46 -4.25
N ARG EA 119 -41.27 -1.91 -3.18
CA ARG EA 119 -40.48 -1.02 -2.35
C ARG EA 119 -39.04 -1.48 -2.21
N LEU EA 120 -38.64 -2.56 -2.87
CA LEU EA 120 -37.26 -3.06 -2.74
C LEU EA 120 -36.24 -1.99 -3.07
N ASP EA 121 -36.45 -1.25 -4.16
CA ASP EA 121 -35.45 -0.29 -4.59
C ASP EA 121 -35.44 0.96 -3.76
N ARG EA 122 -36.17 1.01 -2.64
CA ARG EA 122 -36.08 2.15 -1.75
C ARG EA 122 -34.84 2.06 -0.88
N TYR EA 123 -34.57 0.89 -0.32
CA TYR EA 123 -33.39 0.68 0.51
C TYR EA 123 -32.63 -0.59 0.17
N TRP EA 124 -33.33 -1.68 -0.14
CA TRP EA 124 -32.68 -2.99 -0.13
C TRP EA 124 -31.67 -3.15 -1.26
N LEU EA 125 -32.02 -2.71 -2.47
CA LEU EA 125 -31.15 -2.92 -3.61
C LEU EA 125 -29.89 -2.07 -3.56
N ASN EA 126 -29.80 -1.13 -2.63
CA ASN EA 126 -28.59 -0.34 -2.41
C ASN EA 126 -27.99 -0.63 -1.04
N SER EA 127 -28.17 -1.86 -0.57
CA SER EA 127 -27.78 -2.25 0.78
C SER EA 127 -26.46 -3.00 0.77
N PRO EA 128 -25.63 -2.78 1.80
CA PRO EA 128 -24.36 -3.52 1.87
C PRO EA 128 -24.57 -5.01 2.01
N LYS EA 129 -25.53 -5.44 2.82
CA LYS EA 129 -25.82 -6.87 2.95
C LYS EA 129 -26.22 -7.46 1.61
N PHE EA 130 -27.10 -6.79 0.88
CA PHE EA 130 -27.54 -7.28 -0.41
C PHE EA 130 -26.38 -7.38 -1.39
N ARG EA 131 -25.55 -6.33 -1.45
CA ARG EA 131 -24.42 -6.33 -2.38
C ARG EA 131 -23.43 -7.43 -2.05
N ILE EA 132 -23.10 -7.58 -0.76
CA ILE EA 132 -22.13 -8.59 -0.35
C ILE EA 132 -22.68 -9.99 -0.62
N LEU EA 133 -23.96 -10.21 -0.34
CA LEU EA 133 -24.55 -11.53 -0.60
C LEU EA 133 -24.56 -11.84 -2.09
N SER EA 134 -24.91 -10.86 -2.92
CA SER EA 134 -24.91 -11.09 -4.36
C SER EA 134 -23.51 -11.42 -4.85
N ALA EA 135 -22.52 -10.67 -4.40
CA ALA EA 135 -21.14 -10.95 -4.81
C ALA EA 135 -20.70 -12.33 -4.33
N PHE EA 136 -21.06 -12.70 -3.10
CA PHE EA 136 -20.62 -13.98 -2.56
C PHE EA 136 -21.25 -15.14 -3.30
N HIS EA 137 -22.53 -15.05 -3.63
CA HIS EA 137 -23.22 -16.15 -4.30
C HIS EA 137 -23.08 -16.11 -5.81
N ASN EA 138 -22.44 -15.08 -6.35
CA ASN EA 138 -21.94 -15.08 -7.72
C ASN EA 138 -20.41 -14.95 -7.64
N PRO EA 139 -19.71 -16.06 -7.41
CA PRO EA 139 -18.29 -15.98 -7.00
C PRO EA 139 -17.39 -15.11 -7.87
N GLY EA 140 -17.32 -15.39 -9.16
CA GLY EA 140 -16.38 -14.70 -10.02
C GLY EA 140 -17.02 -13.79 -11.04
N LYS EA 141 -18.06 -13.07 -10.63
CA LYS EA 141 -18.82 -12.21 -11.53
C LYS EA 141 -19.04 -10.86 -10.87
N ARG EA 142 -19.63 -9.94 -11.63
CA ARG EA 142 -19.90 -8.58 -11.18
C ARG EA 142 -21.39 -8.32 -11.29
N PRO EA 143 -22.13 -8.27 -10.19
CA PRO EA 143 -23.59 -8.20 -10.29
C PRO EA 143 -24.17 -6.80 -10.42
N GLY EA 144 -23.33 -5.81 -10.75
CA GLY EA 144 -23.85 -4.46 -10.89
C GLY EA 144 -24.94 -4.35 -11.95
N LEU EA 145 -24.71 -4.99 -13.11
CA LEU EA 145 -25.68 -4.93 -14.19
C LEU EA 145 -26.98 -5.64 -13.83
N LYS EA 146 -26.87 -6.84 -13.24
CA LYS EA 146 -28.06 -7.56 -12.82
C LYS EA 146 -28.81 -6.80 -11.73
N ILE EA 147 -28.11 -6.06 -10.88
CA ILE EA 147 -28.76 -5.25 -9.87
C ILE EA 147 -29.51 -4.09 -10.51
N SER EA 148 -28.90 -3.44 -11.50
CA SER EA 148 -29.61 -2.42 -12.25
C SER EA 148 -30.87 -2.97 -12.88
N LEU EA 149 -30.80 -4.18 -13.43
CA LEU EA 149 -31.97 -4.79 -14.05
C LEU EA 149 -33.03 -5.17 -13.03
N MET EA 150 -32.61 -5.61 -11.84
CA MET EA 150 -33.55 -5.87 -10.77
C MET EA 150 -34.25 -4.60 -10.33
N THR EA 151 -33.54 -3.48 -10.32
CA THR EA 151 -34.16 -2.19 -10.01
C THR EA 151 -35.18 -1.81 -11.06
N TYR EA 152 -34.80 -1.93 -12.34
CA TYR EA 152 -35.73 -1.70 -13.43
C TYR EA 152 -36.99 -2.53 -13.27
N GLU EA 153 -36.82 -3.82 -12.93
CA GLU EA 153 -37.96 -4.70 -12.72
C GLU EA 153 -38.82 -4.21 -11.56
N ALA EA 154 -38.21 -3.98 -10.40
CA ALA EA 154 -38.97 -3.56 -9.23
C ALA EA 154 -39.77 -2.31 -9.52
N ARG EA 155 -39.27 -1.42 -10.37
CA ARG EA 155 -39.99 -0.19 -10.65
C ARG EA 155 -41.03 -0.34 -11.77
N TYR EA 156 -40.78 -1.22 -12.74
CA TYR EA 156 -41.66 -1.35 -13.89
C TYR EA 156 -42.79 -2.36 -13.67
N CYS EA 157 -42.45 -3.53 -13.14
CA CYS EA 157 -43.38 -4.65 -13.10
C CYS EA 157 -44.17 -4.74 -11.80
N TYR EA 158 -43.74 -4.06 -10.75
CA TYR EA 158 -44.40 -4.16 -9.46
C TYR EA 158 -44.79 -2.81 -8.86
N ARG EA 159 -44.41 -1.70 -9.48
CA ARG EA 159 -44.85 -0.38 -9.06
C ARG EA 159 -45.61 0.37 -10.13
N GLY EA 160 -45.53 -0.04 -11.38
CA GLY EA 160 -46.33 0.56 -12.43
C GLY EA 160 -45.69 1.70 -13.18
N LEU EA 161 -44.37 1.84 -13.13
CA LEU EA 161 -43.68 2.92 -13.81
C LEU EA 161 -43.23 2.47 -15.18
N ASP EA 162 -43.77 3.12 -16.21
CA ASP EA 162 -43.39 2.79 -17.58
C ASP EA 162 -42.01 3.30 -17.94
N HIS EA 163 -41.50 4.29 -17.21
CA HIS EA 163 -40.19 4.88 -17.46
C HIS EA 163 -39.42 4.88 -16.15
N PRO EA 164 -38.82 3.76 -15.78
CA PRO EA 164 -38.19 3.64 -14.46
C PRO EA 164 -36.86 4.37 -14.35
N PHE EA 165 -36.09 4.40 -15.43
CA PHE EA 165 -34.74 4.94 -15.42
C PHE EA 165 -34.74 6.37 -15.95
N THR EA 166 -34.09 7.25 -15.22
CA THR EA 166 -33.78 8.59 -15.71
C THR EA 166 -32.48 8.55 -16.50
N LEU EA 167 -31.98 9.73 -16.86
CA LEU EA 167 -30.75 9.82 -17.64
C LEU EA 167 -29.56 9.30 -16.85
N ASN EA 168 -29.49 9.62 -15.56
CA ASN EA 168 -28.40 9.14 -14.72
C ASN EA 168 -28.40 7.62 -14.62
N GLU EA 169 -29.58 7.03 -14.41
CA GLU EA 169 -29.67 5.58 -14.30
C GLU EA 169 -29.34 4.90 -15.62
N MET EA 170 -29.75 5.52 -16.73
CA MET EA 170 -29.40 4.98 -18.04
C MET EA 170 -27.90 5.01 -18.26
N LYS EA 171 -27.25 6.11 -17.88
CA LYS EA 171 -25.80 6.20 -17.98
C LYS EA 171 -25.12 5.17 -17.10
N ASP EA 172 -25.63 4.95 -15.89
CA ASP EA 172 -25.06 3.93 -15.01
C ASP EA 172 -25.18 2.54 -15.61
N PHE EA 173 -26.35 2.23 -16.19
CA PHE EA 173 -26.53 0.94 -16.85
C PHE EA 173 -25.53 0.76 -17.98
N LEU EA 174 -25.36 1.79 -18.82
CA LEU EA 174 -24.44 1.66 -19.94
C LEU EA 174 -23.00 1.59 -19.47
N PHE EA 175 -22.66 2.28 -18.38
CA PHE EA 175 -21.33 2.18 -17.80
C PHE EA 175 -21.03 0.76 -17.34
N LYS EA 176 -22.00 0.13 -16.67
CA LYS EA 176 -21.79 -1.24 -16.21
C LYS EA 176 -21.72 -2.20 -17.38
N LEU EA 177 -22.50 -1.96 -18.44
CA LEU EA 177 -22.41 -2.77 -19.64
C LEU EA 177 -21.03 -2.68 -20.27
N ARG EA 178 -20.50 -1.46 -20.40
CA ARG EA 178 -19.16 -1.26 -20.93
C ARG EA 178 -18.11 -1.96 -20.07
N GLU EA 179 -18.27 -1.90 -18.75
CA GLU EA 179 -17.30 -2.57 -17.88
C GLU EA 179 -17.35 -4.08 -18.06
N GLN EA 180 -18.56 -4.63 -18.19
CA GLN EA 180 -18.67 -6.06 -18.47
C GLN EA 180 -17.95 -6.42 -19.76
N TYR EA 181 -18.17 -5.63 -20.81
CA TYR EA 181 -17.51 -5.87 -22.09
C TYR EA 181 -15.99 -5.84 -21.93
N LEU EA 182 -15.47 -4.81 -21.27
CA LEU EA 182 -14.03 -4.68 -21.12
C LEU EA 182 -13.46 -5.82 -20.29
N VAL EA 183 -14.16 -6.21 -19.24
CA VAL EA 183 -13.66 -7.28 -18.37
C VAL EA 183 -13.58 -8.59 -19.14
N ASN EA 184 -14.60 -8.88 -19.97
CA ASN EA 184 -14.56 -10.11 -20.73
C ASN EA 184 -13.65 -10.02 -21.95
N LYS EA 185 -13.28 -8.82 -22.38
CA LYS EA 185 -12.41 -8.65 -23.53
C LYS EA 185 -10.94 -8.70 -23.15
N TYR EA 186 -10.54 -7.92 -22.15
CA TYR EA 186 -9.16 -7.87 -21.69
C TYR EA 186 -9.03 -8.69 -20.42
N GLU EA 187 -8.15 -9.69 -20.44
CA GLU EA 187 -7.96 -10.57 -19.30
C GLU EA 187 -7.08 -9.88 -18.27
N GLY EA 188 -7.62 -9.69 -17.07
CA GLY EA 188 -6.87 -9.11 -15.98
C GLY EA 188 -6.96 -7.62 -15.84
N ILE EA 189 -7.85 -6.96 -16.57
CA ILE EA 189 -7.97 -5.51 -16.49
C ILE EA 189 -8.39 -5.12 -15.08
N GLN EA 190 -7.87 -4.00 -14.60
CA GLN EA 190 -7.93 -3.64 -13.20
C GLN EA 190 -8.30 -2.16 -13.08
N PHE EA 191 -8.16 -1.62 -11.86
CA PHE EA 191 -8.88 -0.42 -11.44
C PHE EA 191 -8.88 0.70 -12.47
N PRO EA 192 -7.71 1.23 -12.86
CA PRO EA 192 -7.70 2.49 -13.62
C PRO EA 192 -8.69 2.53 -14.76
N PHE EA 193 -9.04 1.37 -15.34
CA PHE EA 193 -9.94 1.31 -16.47
C PHE EA 193 -11.31 0.75 -16.11
N VAL EA 194 -11.40 -0.08 -15.08
CA VAL EA 194 -12.65 -0.61 -14.58
C VAL EA 194 -12.55 -0.63 -13.06
N PHE EA 195 -13.70 -0.44 -12.39
CA PHE EA 195 -13.67 -0.47 -10.93
C PHE EA 195 -13.52 -1.90 -10.45
N ARG EA 196 -12.29 -2.31 -10.19
CA ARG EA 196 -11.97 -3.67 -9.82
C ARG EA 196 -10.54 -3.72 -9.33
N GLN EA 197 -10.31 -4.49 -8.26
CA GLN EA 197 -8.98 -4.70 -7.71
C GLN EA 197 -8.85 -6.14 -7.27
N PHE EA 198 -7.72 -6.76 -7.61
CA PHE EA 198 -7.36 -8.07 -7.09
C PHE EA 198 -5.85 -8.16 -6.95
N ASN EA 199 -5.42 -8.95 -5.98
CA ASN EA 199 -4.02 -8.98 -5.56
C ASN EA 199 -3.18 -9.91 -6.42
N ARG EA 200 -3.67 -11.12 -6.70
CA ARG EA 200 -2.90 -12.13 -7.43
C ARG EA 200 -2.89 -11.77 -8.90
N VAL EA 201 -1.89 -11.01 -9.30
CA VAL EA 201 -1.77 -10.52 -10.66
C VAL EA 201 -0.60 -11.22 -11.33
N SER EA 202 -0.56 -11.11 -12.66
CA SER EA 202 0.48 -11.72 -13.49
C SER EA 202 1.42 -10.62 -13.97
N THR EA 203 2.70 -10.74 -13.64
CA THR EA 203 3.72 -9.79 -14.02
C THR EA 203 4.74 -10.45 -14.93
N PRO EA 204 5.47 -9.65 -15.73
CA PRO EA 204 6.37 -10.25 -16.73
C PRO EA 204 7.50 -11.06 -16.13
N GLY EA 205 8.17 -10.54 -15.10
CA GLY EA 205 9.30 -11.21 -14.50
C GLY EA 205 10.48 -10.27 -14.33
N THR EA 206 10.66 -9.39 -15.29
CA THR EA 206 11.64 -8.30 -15.21
C THR EA 206 10.85 -7.00 -15.38
N LEU EA 207 10.38 -6.46 -14.27
CA LEU EA 207 9.51 -5.29 -14.27
C LEU EA 207 10.36 -4.03 -14.17
N GLU EA 208 10.37 -3.24 -15.24
CA GLU EA 208 11.11 -1.99 -15.28
C GLU EA 208 10.27 -0.87 -14.68
N VAL EA 209 10.94 0.05 -14.01
CA VAL EA 209 10.32 1.20 -13.38
C VAL EA 209 10.95 2.46 -13.96
N HIS EA 210 10.13 3.31 -14.56
CA HIS EA 210 10.59 4.56 -15.13
C HIS EA 210 9.69 5.69 -14.67
N THR EA 211 10.24 6.91 -14.70
CA THR EA 211 9.45 8.09 -14.46
C THR EA 211 8.57 8.39 -15.65
N SER EA 212 7.34 8.80 -15.38
CA SER EA 212 6.43 9.18 -16.44
C SER EA 212 6.92 10.47 -17.10
N PRO EA 213 6.56 10.69 -18.36
CA PRO EA 213 6.92 11.95 -19.00
C PRO EA 213 6.13 13.11 -18.44
N ALA EA 214 6.76 14.28 -18.44
CA ALA EA 214 6.10 15.48 -17.99
C ALA EA 214 4.85 15.74 -18.82
N LEU EA 215 3.87 16.39 -18.20
CA LEU EA 215 2.62 16.68 -18.88
C LEU EA 215 2.87 17.56 -20.10
N GLN EA 216 2.15 17.28 -21.18
CA GLN EA 216 2.38 17.96 -22.44
C GLN EA 216 2.15 19.45 -22.30
N GLN EA 217 3.13 20.24 -22.71
CA GLN EA 217 2.99 21.69 -22.77
C GLN EA 217 1.95 22.04 -23.83
N GLN EA 218 0.82 22.58 -23.39
CA GLN EA 218 -0.16 23.04 -24.36
C GLN EA 218 0.04 24.52 -24.65
N PRO EA 219 -0.14 24.96 -25.89
CA PRO EA 219 -0.02 26.40 -26.18
C PRO EA 219 -1.08 27.19 -25.46
N HIS EA 220 -0.72 28.39 -25.03
CA HIS EA 220 -1.63 29.27 -24.32
C HIS EA 220 -1.28 30.71 -24.64
N PHE EA 221 -2.26 31.59 -24.47
CA PHE EA 221 -2.03 33.01 -24.67
C PHE EA 221 -1.12 33.55 -23.57
N HIS EA 222 -0.38 34.59 -23.90
CA HIS EA 222 0.58 35.19 -22.96
C HIS EA 222 1.59 34.15 -22.49
N VAL FA 33 -72.08 -35.29 18.95
CA VAL FA 33 -72.37 -34.12 19.75
C VAL FA 33 -73.11 -33.08 18.91
N SER FA 34 -74.13 -32.47 19.50
CA SER FA 34 -74.97 -31.52 18.78
C SER FA 34 -74.52 -30.09 19.04
N PHE FA 35 -74.95 -29.20 18.15
CA PHE FA 35 -74.57 -27.79 18.24
C PHE FA 35 -74.97 -27.19 19.58
N SER FA 36 -76.23 -27.39 19.97
CA SER FA 36 -76.74 -26.78 21.19
C SER FA 36 -76.04 -27.33 22.43
N GLN FA 37 -75.98 -28.66 22.56
CA GLN FA 37 -75.38 -29.26 23.74
C GLN FA 37 -73.87 -29.03 23.77
N PHE FA 38 -73.26 -28.69 22.64
CA PHE FA 38 -71.86 -28.31 22.64
C PHE FA 38 -71.69 -26.88 23.12
N PHE FA 39 -72.47 -25.94 22.59
CA PHE FA 39 -72.35 -24.56 22.98
C PHE FA 39 -73.05 -24.24 24.29
N ASP FA 40 -73.60 -25.24 24.98
CA ASP FA 40 -74.07 -25.02 26.34
C ASP FA 40 -72.88 -24.69 27.23
N SER FA 41 -73.10 -23.75 28.16
CA SER FA 41 -72.00 -23.23 28.96
C SER FA 41 -71.30 -24.34 29.74
N GLU FA 42 -72.08 -25.19 30.41
CA GLU FA 42 -71.50 -26.23 31.25
C GLU FA 42 -70.63 -27.17 30.43
N TYR FA 43 -71.21 -27.76 29.38
CA TYR FA 43 -70.45 -28.69 28.55
C TYR FA 43 -69.31 -27.98 27.82
N PHE FA 44 -69.47 -26.70 27.54
CA PHE FA 44 -68.45 -25.96 26.78
C PHE FA 44 -67.24 -25.63 27.64
N TRP FA 45 -67.45 -25.45 28.94
CA TRP FA 45 -66.38 -25.03 29.84
C TRP FA 45 -65.85 -26.18 30.71
N THR FA 46 -66.52 -27.33 30.73
CA THR FA 46 -66.13 -28.43 31.59
C THR FA 46 -65.65 -29.64 30.81
N LYS FA 47 -66.46 -30.15 29.89
CA LYS FA 47 -66.18 -31.42 29.24
C LYS FA 47 -65.71 -31.28 27.79
N ALA FA 48 -66.04 -30.19 27.13
CA ALA FA 48 -65.73 -30.05 25.71
C ALA FA 48 -64.26 -29.71 25.51
N ASN FA 49 -63.78 -29.94 24.30
CA ASN FA 49 -62.45 -29.58 23.86
C ASN FA 49 -62.59 -28.42 22.88
N VAL FA 50 -62.34 -27.21 23.36
CA VAL FA 50 -62.56 -26.00 22.58
C VAL FA 50 -61.29 -25.59 21.86
N GLY FA 51 -60.29 -26.47 21.87
CA GLY FA 51 -59.02 -26.19 21.25
C GLY FA 51 -59.15 -25.89 19.77
N PRO FA 52 -59.72 -26.83 19.03
CA PRO FA 52 -59.90 -26.59 17.58
C PRO FA 52 -60.78 -25.40 17.29
N PHE FA 53 -61.85 -25.21 18.05
CA PHE FA 53 -62.73 -24.08 17.83
C PHE FA 53 -61.96 -22.77 17.97
N PHE FA 54 -61.21 -22.61 19.06
CA PHE FA 54 -60.51 -21.36 19.28
C PHE FA 54 -59.32 -21.21 18.34
N LEU FA 55 -58.72 -22.31 17.88
CA LEU FA 55 -57.67 -22.20 16.87
C LEU FA 55 -58.24 -21.69 15.55
N PHE FA 56 -59.38 -22.25 15.12
CA PHE FA 56 -60.05 -21.73 13.95
C PHE FA 56 -60.42 -20.27 14.14
N LEU FA 57 -60.86 -19.90 15.35
CA LEU FA 57 -61.20 -18.51 15.61
C LEU FA 57 -59.99 -17.60 15.47
N PHE FA 58 -58.84 -18.03 15.98
CA PHE FA 58 -57.62 -17.22 15.87
C PHE FA 58 -57.16 -17.12 14.43
N THR FA 59 -57.30 -18.19 13.65
CA THR FA 59 -56.78 -18.22 12.29
C THR FA 59 -57.79 -17.73 11.26
N SER FA 60 -59.01 -17.38 11.67
CA SER FA 60 -60.02 -16.84 10.76
C SER FA 60 -59.47 -15.92 9.68
N PRO FA 61 -58.64 -14.92 9.96
CA PRO FA 61 -58.11 -14.09 8.87
C PRO FA 61 -57.40 -14.89 7.80
N PHE FA 62 -56.63 -15.90 8.19
CA PHE FA 62 -55.94 -16.73 7.21
C PHE FA 62 -56.92 -17.41 6.27
N TRP FA 63 -57.97 -18.00 6.82
CA TRP FA 63 -58.94 -18.71 5.98
C TRP FA 63 -59.70 -17.74 5.08
N TYR FA 64 -60.07 -16.58 5.62
CA TYR FA 64 -60.76 -15.58 4.82
C TYR FA 64 -59.90 -15.13 3.64
N GLN FA 65 -58.65 -14.77 3.92
CA GLN FA 65 -57.75 -14.36 2.86
C GLN FA 65 -57.52 -15.48 1.85
N GLY FA 66 -57.45 -16.73 2.32
CA GLY FA 66 -57.25 -17.83 1.40
C GLY FA 66 -58.43 -18.04 0.47
N ILE FA 67 -59.65 -17.93 1.00
CA ILE FA 67 -60.84 -18.02 0.16
C ILE FA 67 -60.83 -16.92 -0.89
N LYS FA 68 -60.59 -15.69 -0.45
CA LYS FA 68 -60.54 -14.59 -1.41
C LYS FA 68 -59.46 -14.81 -2.46
N THR FA 69 -58.33 -15.38 -2.05
CA THR FA 69 -57.23 -15.59 -2.97
C THR FA 69 -57.57 -16.66 -4.01
N VAL FA 70 -58.25 -17.72 -3.59
CA VAL FA 70 -58.69 -18.75 -4.55
C VAL FA 70 -59.63 -18.13 -5.58
N TYR FA 71 -60.64 -17.41 -5.09
CA TYR FA 71 -61.59 -16.78 -6.01
C TYR FA 71 -60.86 -15.83 -6.96
N ALA FA 72 -59.91 -15.06 -6.44
CA ALA FA 72 -59.19 -14.10 -7.26
C ALA FA 72 -58.32 -14.80 -8.29
N SER FA 73 -57.73 -15.94 -7.94
CA SER FA 73 -56.93 -16.68 -8.89
C SER FA 73 -57.80 -17.12 -10.07
N CYS FA 74 -58.97 -17.69 -9.77
CA CYS FA 74 -59.87 -18.11 -10.85
C CYS FA 74 -60.26 -16.91 -11.73
N ARG FA 75 -60.68 -15.82 -11.08
CA ARG FA 75 -61.10 -14.64 -11.82
C ARG FA 75 -59.98 -14.09 -12.68
N TYR FA 76 -58.75 -14.08 -12.16
CA TYR FA 76 -57.62 -13.53 -12.89
C TYR FA 76 -57.27 -14.40 -14.09
N ARG FA 77 -57.39 -15.72 -13.94
CA ARG FA 77 -57.18 -16.61 -15.08
C ARG FA 77 -58.16 -16.30 -16.20
N LYS FA 78 -59.46 -16.27 -15.86
CA LYS FA 78 -60.47 -15.93 -16.86
C LYS FA 78 -60.19 -14.57 -17.50
N LEU FA 79 -59.81 -13.59 -16.68
CA LEU FA 79 -59.59 -12.24 -17.16
C LEU FA 79 -58.40 -12.17 -18.10
N ASN FA 80 -57.34 -12.91 -17.80
CA ASN FA 80 -56.18 -12.95 -18.69
C ASN FA 80 -56.58 -13.51 -20.05
N GLU FA 81 -57.32 -14.63 -20.04
CA GLU FA 81 -57.80 -15.19 -21.30
C GLU FA 81 -58.58 -14.16 -22.10
N ARG FA 82 -59.56 -13.52 -21.45
CA ARG FA 82 -60.41 -12.56 -22.14
C ARG FA 82 -59.61 -11.39 -22.68
N GLU FA 83 -58.64 -10.90 -21.90
CA GLU FA 83 -57.84 -9.76 -22.32
C GLU FA 83 -57.02 -10.09 -23.55
N ILE FA 84 -56.38 -11.26 -23.56
CA ILE FA 84 -55.61 -11.67 -24.73
C ILE FA 84 -56.51 -11.72 -25.96
N ILE FA 85 -57.65 -12.39 -25.84
CA ILE FA 85 -58.53 -12.54 -27.00
C ILE FA 85 -59.03 -11.18 -27.47
N SER FA 86 -59.32 -10.27 -26.53
CA SER FA 86 -59.82 -8.96 -26.90
C SER FA 86 -58.77 -8.14 -27.65
N ASP FA 87 -57.53 -8.18 -27.16
CA ASP FA 87 -56.47 -7.45 -27.86
C ASP FA 87 -56.25 -8.00 -29.26
N ARG FA 88 -56.31 -9.32 -29.41
CA ARG FA 88 -56.15 -9.89 -30.74
C ARG FA 88 -57.32 -9.55 -31.66
N TYR FA 89 -58.53 -9.46 -31.12
CA TYR FA 89 -59.66 -9.03 -31.93
C TYR FA 89 -59.50 -7.58 -32.38
N THR FA 90 -58.98 -6.72 -31.50
CA THR FA 90 -58.73 -5.33 -31.89
C THR FA 90 -57.70 -5.27 -33.02
N TRP FA 91 -56.61 -6.02 -32.85
CA TRP FA 91 -55.60 -6.13 -33.91
C TRP FA 91 -56.24 -6.53 -35.23
N LEU FA 92 -57.09 -7.56 -35.19
CA LEU FA 92 -57.73 -8.05 -36.42
C LEU FA 92 -58.62 -6.99 -37.03
N HIS FA 93 -59.36 -6.25 -36.20
CA HIS FA 93 -60.22 -5.18 -36.70
C HIS FA 93 -59.40 -4.14 -37.47
N GLU FA 94 -58.30 -3.70 -36.87
CA GLU FA 94 -57.46 -2.71 -37.55
C GLU FA 94 -56.90 -3.26 -38.86
N ARG FA 95 -56.44 -4.51 -38.86
CA ARG FA 95 -55.88 -5.08 -40.08
C ARG FA 95 -56.94 -5.21 -41.16
N MET FA 96 -58.18 -5.54 -40.78
CA MET FA 96 -59.24 -5.65 -41.78
C MET FA 96 -59.60 -4.29 -42.36
N LEU FA 97 -59.57 -3.24 -41.54
CA LEU FA 97 -59.75 -1.91 -42.08
C LEU FA 97 -58.67 -1.57 -43.08
N GLU FA 98 -57.42 -1.88 -42.74
CA GLU FA 98 -56.32 -1.66 -43.69
C GLU FA 98 -56.55 -2.42 -44.99
N ASP FA 99 -57.03 -3.67 -44.88
CA ASP FA 99 -57.28 -4.46 -46.08
C ASP FA 99 -58.37 -3.85 -46.95
N GLU FA 100 -59.41 -3.30 -46.31
CA GLU FA 100 -60.45 -2.62 -47.08
C GLU FA 100 -59.88 -1.40 -47.81
N VAL FA 101 -59.08 -0.61 -47.11
CA VAL FA 101 -58.45 0.54 -47.73
C VAL FA 101 -57.61 0.12 -48.92
N GLU FA 102 -56.85 -0.96 -48.77
CA GLU FA 102 -56.01 -1.43 -49.86
C GLU FA 102 -56.84 -1.91 -51.05
N ARG FA 103 -57.95 -2.60 -50.76
CA ARG FA 103 -58.81 -3.07 -51.83
C ARG FA 103 -59.40 -1.90 -52.61
N VAL FA 104 -59.70 -0.80 -51.92
CA VAL FA 104 -60.21 0.38 -52.61
C VAL FA 104 -59.10 1.07 -53.39
N LEU FA 105 -57.87 1.06 -52.86
CA LEU FA 105 -56.77 1.70 -53.55
C LEU FA 105 -56.43 0.97 -54.85
N LEU FA 106 -56.44 -0.36 -54.82
CA LEU FA 106 -56.06 -1.13 -55.99
C LEU FA 106 -56.94 -0.83 -57.21
N GLU FA 107 -58.08 -0.17 -57.02
CA GLU FA 107 -58.92 0.19 -58.15
C GLU FA 107 -58.35 1.39 -58.91
N GLN FA 108 -57.57 2.23 -58.24
CA GLN FA 108 -56.98 3.40 -58.89
C GLN FA 108 -55.74 3.07 -59.71
N VAL FA 109 -55.25 1.83 -59.63
CA VAL FA 109 -54.09 1.43 -60.43
C VAL FA 109 -54.51 1.38 -61.90
N PRO FA 110 -53.76 1.99 -62.81
CA PRO FA 110 -54.16 1.98 -64.22
C PRO FA 110 -54.15 0.58 -64.79
N ALA FA 111 -54.83 0.43 -65.93
CA ALA FA 111 -54.87 -0.87 -66.61
C ALA FA 111 -53.48 -1.28 -67.04
N GLY FA 112 -53.13 -2.53 -66.74
CA GLY FA 112 -51.81 -3.04 -67.02
C GLY FA 112 -50.79 -2.84 -65.92
N GLY FA 113 -51.18 -2.20 -64.82
CA GLY FA 113 -50.27 -1.98 -63.72
C GLY FA 113 -49.39 -0.75 -63.92
N PHE FA 114 -48.42 -0.63 -63.03
CA PHE FA 114 -47.47 0.47 -63.09
C PHE FA 114 -46.27 0.11 -63.96
N ASP FA 115 -45.70 1.13 -64.59
CA ASP FA 115 -44.48 0.97 -65.38
C ASP FA 115 -43.31 1.17 -64.43
N LYS FA 116 -42.89 0.06 -63.79
CA LYS FA 116 -41.82 0.11 -62.81
C LYS FA 116 -40.45 0.30 -63.42
N THR FA 117 -40.35 0.47 -64.74
CA THR FA 117 -39.06 0.66 -65.39
C THR FA 117 -38.66 2.13 -65.42
N ARG FA 118 -39.60 3.02 -65.67
CA ARG FA 118 -39.37 4.44 -65.78
C ARG FA 118 -39.82 5.15 -64.52
N PRO FA 119 -39.43 6.41 -64.33
CA PRO FA 119 -39.98 7.20 -63.23
C PRO FA 119 -41.37 7.70 -63.55
N GLY FA 120 -42.21 7.76 -62.50
CA GLY FA 120 -43.57 8.25 -62.68
C GLY FA 120 -43.61 9.68 -63.15
N LEU FA 121 -42.75 10.52 -62.57
CA LEU FA 121 -42.66 11.93 -62.93
C LEU FA 121 -41.25 12.22 -63.43
N LEU FA 122 -41.16 12.66 -64.68
CA LEU FA 122 -39.88 13.08 -65.26
C LEU FA 122 -39.76 14.58 -65.07
N LEU FA 123 -38.79 14.99 -64.25
CA LEU FA 123 -38.70 16.36 -63.75
C LEU FA 123 -37.37 17.00 -64.13
N GLY FA 124 -36.95 16.79 -65.37
CA GLY FA 124 -35.75 17.43 -65.86
C GLY FA 124 -35.22 16.75 -67.11
N PRO FA 125 -34.44 17.47 -67.89
CA PRO FA 125 -33.90 16.91 -69.13
C PRO FA 125 -32.75 15.96 -68.86
N SER FA 126 -32.42 15.17 -69.88
CA SER FA 126 -31.28 14.24 -69.83
C SER FA 126 -30.56 14.38 -71.17
N THR FA 127 -29.60 15.29 -71.21
CA THR FA 127 -28.88 15.61 -72.44
C THR FA 127 -27.47 15.04 -72.43
N ALA GA 33 -28.27 -54.20 1.73
CA ALA GA 33 -28.44 -52.84 1.24
C ALA GA 33 -29.90 -52.52 0.98
N ILE GA 34 -30.70 -53.58 0.77
CA ILE GA 34 -32.12 -53.41 0.48
C ILE GA 34 -32.96 -53.50 1.74
N LYS GA 35 -32.68 -54.47 2.61
CA LYS GA 35 -33.49 -54.72 3.79
C LYS GA 35 -32.71 -54.58 5.08
N GLY GA 36 -31.52 -55.18 5.16
CA GLY GA 36 -30.80 -55.27 6.42
C GLY GA 36 -30.28 -53.93 6.90
N PRO GA 37 -30.07 -53.80 8.21
CA PRO GA 37 -29.50 -52.56 8.75
C PRO GA 37 -28.01 -52.44 8.43
N SER GA 38 -27.67 -51.54 7.53
CA SER GA 38 -26.29 -51.41 7.07
C SER GA 38 -26.06 -49.98 6.61
N VAL GA 39 -24.80 -49.69 6.28
CA VAL GA 39 -24.40 -48.38 5.78
C VAL GA 39 -25.05 -48.14 4.42
N PRO GA 40 -25.06 -49.12 3.51
CA PRO GA 40 -25.82 -48.94 2.27
C PRO GA 40 -27.30 -48.69 2.52
N HIS GA 41 -27.88 -49.37 3.50
CA HIS GA 41 -29.28 -49.14 3.82
C HIS GA 41 -29.51 -47.72 4.30
N SER GA 42 -28.60 -47.21 5.13
CA SER GA 42 -28.72 -45.84 5.61
C SER GA 42 -28.57 -44.83 4.48
N ILE GA 43 -27.65 -45.10 3.55
CA ILE GA 43 -27.47 -44.21 2.40
C ILE GA 43 -28.74 -44.19 1.56
N LEU GA 44 -29.31 -45.37 1.30
CA LEU GA 44 -30.58 -45.44 0.57
C LEU GA 44 -31.67 -44.67 1.31
N PHE GA 45 -31.70 -44.79 2.64
CA PHE GA 45 -32.70 -44.08 3.43
C PHE GA 45 -32.55 -42.57 3.26
N GLY GA 46 -31.31 -42.07 3.29
CA GLY GA 46 -31.10 -40.64 3.11
C GLY GA 46 -31.49 -40.17 1.72
N VAL GA 47 -31.16 -40.96 0.70
CA VAL GA 47 -31.56 -40.60 -0.66
C VAL GA 47 -33.07 -40.54 -0.77
N GLY GA 48 -33.76 -41.52 -0.19
CA GLY GA 48 -35.22 -41.51 -0.20
C GLY GA 48 -35.78 -40.31 0.54
N ALA GA 49 -35.16 -39.93 1.66
CA ALA GA 49 -35.61 -38.76 2.39
C ALA GA 49 -35.47 -37.50 1.54
N GLY GA 50 -34.34 -37.36 0.84
CA GLY GA 50 -34.19 -36.20 -0.03
C GLY GA 50 -35.22 -36.17 -1.14
N CYS GA 51 -35.46 -37.33 -1.77
CA CYS GA 51 -36.45 -37.39 -2.84
C CYS GA 51 -37.85 -37.04 -2.32
N CYS GA 52 -38.17 -37.49 -1.11
CA CYS GA 52 -39.48 -37.17 -0.53
C CYS GA 52 -39.57 -35.69 -0.19
N ALA GA 53 -38.47 -35.10 0.28
CA ALA GA 53 -38.45 -33.66 0.53
C ALA GA 53 -38.75 -32.90 -0.75
N TYR GA 54 -38.13 -33.30 -1.86
CA TYR GA 54 -38.39 -32.57 -3.10
C TYR GA 54 -39.78 -32.86 -3.65
N ALA GA 55 -40.33 -34.05 -3.36
CA ALA GA 55 -41.72 -34.29 -3.70
C ALA GA 55 -42.65 -33.35 -2.93
N GLY GA 56 -42.34 -33.13 -1.66
CA GLY GA 56 -43.10 -32.17 -0.88
C GLY GA 56 -42.99 -30.76 -1.45
N TYR GA 57 -41.79 -30.38 -1.87
CA TYR GA 57 -41.62 -29.09 -2.53
C TYR GA 57 -42.49 -28.99 -3.77
N TYR GA 58 -42.51 -30.05 -4.58
CA TYR GA 58 -43.35 -30.08 -5.78
C TYR GA 58 -44.81 -29.89 -5.41
N LEU GA 59 -45.28 -30.58 -4.38
CA LEU GA 59 -46.67 -30.45 -3.96
C LEU GA 59 -46.99 -29.02 -3.53
N TYR GA 60 -46.10 -28.45 -2.71
CA TYR GA 60 -46.28 -27.07 -2.25
C TYR GA 60 -46.43 -26.12 -3.43
N ARG GA 61 -45.49 -26.20 -4.38
CA ARG GA 61 -45.54 -25.28 -5.51
C ARG GA 61 -46.75 -25.54 -6.39
N ALA GA 62 -47.14 -26.80 -6.58
CA ALA GA 62 -48.31 -27.10 -7.38
C ALA GA 62 -49.55 -26.47 -6.77
N MET GA 63 -49.76 -26.67 -5.47
CA MET GA 63 -50.94 -26.10 -4.83
C MET GA 63 -50.90 -24.58 -4.89
N ARG GA 64 -49.74 -23.98 -4.64
CA ARG GA 64 -49.62 -22.53 -4.70
C ARG GA 64 -49.98 -22.00 -6.08
N LEU GA 65 -49.40 -22.60 -7.14
CA LEU GA 65 -49.66 -22.12 -8.48
C LEU GA 65 -51.09 -22.39 -8.93
N THR GA 66 -51.73 -23.41 -8.38
CA THR GA 66 -53.06 -23.78 -8.83
C THR GA 66 -54.16 -23.03 -8.11
N PHE GA 67 -53.91 -22.53 -6.89
CA PHE GA 67 -54.97 -21.87 -6.13
C PHE GA 67 -54.57 -20.56 -5.48
N PHE GA 68 -53.29 -20.20 -5.45
CA PHE GA 68 -52.82 -19.05 -4.68
C PHE GA 68 -51.85 -18.20 -5.49
N ASP GA 69 -52.18 -17.91 -6.74
CA ASP GA 69 -51.27 -17.14 -7.59
C ASP GA 69 -52.05 -16.17 -8.47
N THR GA 70 -51.80 -14.87 -8.26
CA THR GA 70 -52.22 -13.81 -9.18
C THR GA 70 -51.04 -13.03 -9.74
N GLU GA 71 -49.87 -13.12 -9.10
CA GLU GA 71 -48.69 -12.42 -9.57
C GLU GA 71 -48.33 -12.84 -10.99
N SER GA 72 -48.53 -14.11 -11.32
CA SER GA 72 -48.20 -14.59 -12.66
C SER GA 72 -49.04 -13.87 -13.72
N VAL GA 73 -50.34 -13.81 -13.50
CA VAL GA 73 -51.23 -13.14 -14.46
C VAL GA 73 -50.89 -11.66 -14.55
N ALA GA 74 -50.69 -11.02 -13.39
CA ALA GA 74 -50.38 -9.60 -13.40
C ALA GA 74 -49.09 -9.32 -14.15
N LEU GA 75 -48.07 -10.15 -13.93
CA LEU GA 75 -46.79 -9.96 -14.57
C LEU GA 75 -46.87 -10.24 -16.06
N GLN GA 76 -47.66 -11.23 -16.47
CA GLN GA 76 -47.84 -11.49 -17.90
C GLN GA 76 -48.49 -10.30 -18.58
N SER GA 77 -49.54 -9.73 -17.97
CA SER GA 77 -50.17 -8.55 -18.54
C SER GA 77 -49.17 -7.40 -18.65
N ARG GA 78 -48.42 -7.16 -17.58
CA ARG GA 78 -47.43 -6.10 -17.59
C ARG GA 78 -46.36 -6.32 -18.65
N LEU GA 79 -45.99 -7.58 -18.90
CA LEU GA 79 -44.96 -7.87 -19.89
C LEU GA 79 -45.48 -7.67 -21.31
N ARG GA 80 -46.75 -8.01 -21.55
CA ARG GA 80 -47.33 -7.70 -22.86
C ARG GA 80 -47.39 -6.19 -23.08
N TYR GA 81 -47.77 -5.45 -22.05
CA TYR GA 81 -47.71 -3.99 -22.10
C TYR GA 81 -46.30 -3.52 -22.46
N ALA GA 82 -45.29 -4.12 -21.82
CA ALA GA 82 -43.91 -3.74 -22.08
C ALA GA 82 -43.52 -4.02 -23.52
N GLU GA 83 -44.01 -5.13 -24.07
CA GLU GA 83 -43.71 -5.45 -25.47
C GLU GA 83 -44.27 -4.40 -26.40
N LYS GA 84 -45.54 -4.02 -26.19
CA LYS GA 84 -46.14 -2.96 -26.97
C LYS GA 84 -45.30 -1.69 -26.89
N GLN GA 85 -44.92 -1.31 -25.67
CA GLN GA 85 -44.12 -0.09 -25.47
C GLN GA 85 -42.80 -0.17 -26.22
N LYS GA 86 -42.12 -1.31 -26.13
CA LYS GA 86 -40.85 -1.50 -26.80
C LYS GA 86 -40.99 -1.32 -28.30
N LEU GA 87 -41.98 -1.97 -28.89
CA LEU GA 87 -42.15 -1.88 -30.35
C LEU GA 87 -42.49 -0.47 -30.77
N PHE GA 88 -43.32 0.23 -29.99
CA PHE GA 88 -43.62 1.62 -30.31
C PHE GA 88 -42.35 2.46 -30.34
N HIS GA 89 -41.55 2.37 -29.28
CA HIS GA 89 -40.31 3.16 -29.24
C HIS GA 89 -39.40 2.81 -30.41
N GLN GA 90 -39.30 1.53 -30.74
CA GLN GA 90 -38.47 1.10 -31.85
C GLN GA 90 -38.92 1.76 -33.16
N GLU GA 91 -40.21 1.67 -33.46
CA GLU GA 91 -40.73 2.26 -34.69
C GLU GA 91 -40.50 3.77 -34.71
N LEU GA 92 -40.66 4.43 -33.57
CA LEU GA 92 -40.46 5.87 -33.50
C LEU GA 92 -39.02 6.24 -33.84
N ASP GA 93 -38.06 5.55 -33.22
CA ASP GA 93 -36.66 5.83 -33.50
C ASP GA 93 -36.32 5.56 -34.96
N ARG GA 94 -36.87 4.48 -35.51
CA ARG GA 94 -36.66 4.20 -36.93
C ARG GA 94 -37.15 5.35 -37.80
N GLU GA 95 -38.35 5.86 -37.49
CA GLU GA 95 -38.91 6.95 -38.29
C GLU GA 95 -38.04 8.20 -38.21
N LEU GA 96 -37.54 8.51 -37.01
CA LEU GA 96 -36.67 9.68 -36.86
C LEU GA 96 -35.40 9.53 -37.68
N ALA GA 97 -34.75 8.36 -37.61
CA ALA GA 97 -33.55 8.14 -38.41
C ALA GA 97 -33.86 8.24 -39.90
N ALA GA 98 -35.02 7.72 -40.32
CA ALA GA 98 -35.41 7.82 -41.72
C ALA GA 98 -35.57 9.27 -42.15
N GLY GA 99 -36.12 10.10 -41.28
CA GLY GA 99 -36.22 11.52 -41.61
C GLY GA 99 -34.87 12.18 -41.72
N HIS GA 100 -33.95 11.81 -40.82
CA HIS GA 100 -32.58 12.30 -40.95
C HIS GA 100 -32.00 11.96 -42.32
N ILE GA 101 -32.20 10.72 -42.77
CA ILE GA 101 -31.67 10.33 -44.07
C ILE GA 101 -32.39 11.08 -45.18
N ALA GA 102 -33.69 11.31 -45.03
CA ALA GA 102 -34.44 12.04 -46.04
C ALA GA 102 -33.94 13.46 -46.20
N SER GA 103 -33.41 14.04 -45.12
CA SER GA 103 -32.82 15.37 -45.24
C SER GA 103 -31.68 15.44 -46.25
N LEU GA 104 -31.15 14.30 -46.69
CA LEU GA 104 -30.04 14.25 -47.64
C LEU GA 104 -30.48 14.23 -49.10
N VAL GA 105 -31.77 14.00 -49.36
CA VAL GA 105 -32.26 13.98 -50.73
C VAL GA 105 -32.12 15.34 -51.38
N ALA GA 106 -32.10 16.41 -50.56
CA ALA GA 106 -31.90 17.75 -51.11
C ALA GA 106 -30.46 17.94 -51.56
N GLU GA 107 -29.51 17.38 -50.81
CA GLU GA 107 -28.11 17.45 -51.23
C GLU GA 107 -27.85 16.56 -52.43
N TYR GA 108 -28.55 15.44 -52.52
CA TYR GA 108 -28.34 14.53 -53.65
C TYR GA 108 -28.53 15.26 -54.97
N ASP GA 109 -27.56 15.10 -55.86
CA ASP GA 109 -27.59 15.69 -57.20
C ASP GA 109 -27.38 14.59 -58.22
N PRO GA 110 -28.42 14.18 -58.95
CA PRO GA 110 -28.26 13.06 -59.89
C PRO GA 110 -27.48 13.42 -61.15
N VAL GA 111 -27.20 14.71 -61.37
CA VAL GA 111 -26.43 15.10 -62.55
C VAL GA 111 -24.95 14.82 -62.36
N ALA GA 112 -24.49 14.83 -61.10
CA ALA GA 112 -23.08 14.56 -60.84
C ALA GA 112 -22.70 13.13 -61.22
N THR GA 113 -23.66 12.22 -61.23
CA THR GA 113 -23.40 10.87 -61.70
C THR GA 113 -23.10 10.83 -63.19
N ARG GA 114 -23.44 11.89 -63.91
CA ARG GA 114 -23.25 11.92 -65.35
C ARG GA 114 -21.76 11.92 -65.69
N LEU GA 115 -21.40 11.15 -66.71
CA LEU GA 115 -20.04 11.14 -67.20
C LEU GA 115 -19.85 12.25 -68.23
N PRO GA 116 -18.68 12.90 -68.29
CA PRO GA 116 -18.51 14.00 -69.24
C PRO GA 116 -18.81 13.58 -70.67
N PHE GA 117 -19.60 14.39 -71.36
CA PHE GA 117 -19.96 14.15 -72.75
C PHE GA 117 -20.73 12.84 -72.91
N GLN GA 118 -21.66 12.61 -71.99
CA GLN GA 118 -22.53 11.46 -72.01
C GLN GA 118 -23.90 11.87 -71.52
N PRO GA 119 -24.95 11.16 -71.92
CA PRO GA 119 -26.29 11.51 -71.47
C PRO GA 119 -26.58 11.01 -70.06
N MET GA 120 -27.53 11.68 -69.43
CA MET GA 120 -27.95 11.33 -68.07
C MET GA 120 -28.90 10.13 -68.11
N GLN GA 121 -28.82 9.32 -67.06
CA GLN GA 121 -29.62 8.10 -66.96
C GLN GA 121 -30.84 8.34 -66.07
N ASP GA 122 -31.99 7.86 -66.53
CA ASP GA 122 -33.19 7.88 -65.70
C ASP GA 122 -33.06 6.98 -64.49
N ARG GA 123 -32.08 6.08 -64.47
CA ARG GA 123 -31.90 5.20 -63.32
C ARG GA 123 -31.70 5.99 -62.05
N TYR GA 124 -31.03 7.14 -62.13
CA TYR GA 124 -30.80 7.98 -60.96
C TYR GA 124 -31.89 9.04 -60.82
N ARG GA 125 -33.15 8.58 -60.91
CA ARG GA 125 -34.33 9.39 -60.62
C ARG GA 125 -34.25 10.80 -61.19
N VAL GA 126 -34.29 10.92 -62.52
CA VAL GA 126 -34.31 12.23 -63.15
C VAL GA 126 -35.47 13.06 -62.61
N SER HA 14 -13.09 68.08 -47.79
CA SER HA 14 -14.24 67.23 -47.47
C SER HA 14 -13.84 66.12 -46.52
N ILE HA 15 -14.27 66.21 -45.28
CA ILE HA 15 -13.94 65.23 -44.26
C ILE HA 15 -14.94 64.09 -44.34
N LEU HA 16 -14.51 62.90 -43.91
CA LEU HA 16 -15.31 61.69 -43.99
C LEU HA 16 -15.93 61.40 -42.63
N GLY HA 17 -17.24 61.22 -42.62
CA GLY HA 17 -17.95 60.85 -41.41
C GLY HA 17 -17.93 61.92 -40.34
N ALA HA 18 -18.62 63.03 -40.60
CA ALA HA 18 -18.67 64.13 -39.64
C ALA HA 18 -19.78 63.90 -38.62
N GLU HA 19 -21.01 63.67 -39.09
CA GLU HA 19 -22.17 63.49 -38.23
C GLU HA 19 -22.37 62.04 -37.81
N ALA HA 20 -21.36 61.18 -37.99
CA ALA HA 20 -21.50 59.76 -37.76
C ALA HA 20 -20.81 59.27 -36.50
N PHE HA 21 -20.16 60.15 -35.74
CA PHE HA 21 -19.43 59.76 -34.54
C PHE HA 21 -19.89 60.59 -33.35
N PRO HA 22 -21.19 60.57 -33.04
CA PRO HA 22 -21.64 61.21 -31.81
C PRO HA 22 -21.04 60.57 -30.58
N GLU HA 23 -20.78 59.26 -30.61
CA GLU HA 23 -20.08 58.61 -29.51
C GLU HA 23 -18.77 59.31 -29.20
N LEU HA 24 -18.11 59.85 -30.22
CA LEU HA 24 -16.85 60.57 -30.03
C LEU HA 24 -17.08 62.02 -29.66
N LEU HA 25 -18.00 62.71 -30.35
CA LEU HA 25 -18.26 64.10 -30.03
C LEU HA 25 -18.75 64.24 -28.59
N SER HA 26 -19.91 63.68 -28.29
CA SER HA 26 -20.36 63.53 -26.92
C SER HA 26 -19.75 62.25 -26.37
N LYS HA 27 -19.05 62.36 -25.25
CA LYS HA 27 -18.25 61.24 -24.77
C LYS HA 27 -19.15 60.12 -24.29
N VAL HA 28 -19.79 59.45 -25.24
CA VAL HA 28 -20.74 58.36 -24.96
C VAL HA 28 -20.03 57.04 -25.25
N PRO HA 29 -19.76 56.21 -24.26
CA PRO HA 29 -19.13 54.92 -24.54
C PRO HA 29 -20.14 53.85 -24.91
N LEU HA 30 -19.84 53.08 -25.96
CA LEU HA 30 -20.71 51.99 -26.35
C LEU HA 30 -20.58 50.78 -25.44
N ASN HA 31 -19.57 50.75 -24.58
CA ASN HA 31 -19.33 49.62 -23.69
C ASN HA 31 -18.23 50.01 -22.72
N PRO HA 32 -18.12 49.31 -21.59
CA PRO HA 32 -17.07 49.66 -20.62
C PRO HA 32 -15.66 49.54 -21.18
N GLN HA 33 -15.45 48.68 -22.16
CA GLN HA 33 -14.12 48.58 -22.77
C GLN HA 33 -13.78 49.88 -23.51
N MET HA 34 -14.70 50.38 -24.33
CA MET HA 34 -14.48 51.66 -24.99
C MET HA 34 -14.34 52.79 -23.98
N ASP HA 35 -15.13 52.73 -22.90
CA ASP HA 35 -15.03 53.76 -21.87
C ASP HA 35 -13.62 53.79 -21.28
N GLU HA 36 -13.10 52.62 -20.89
CA GLU HA 36 -11.77 52.54 -20.31
C GLU HA 36 -10.71 52.96 -21.32
N ASP HA 37 -10.88 52.58 -22.58
CA ASP HA 37 -9.89 52.91 -23.60
C ASP HA 37 -9.82 54.42 -23.82
N LYS HA 38 -10.93 55.02 -24.22
CA LYS HA 38 -10.95 56.44 -24.55
C LYS HA 38 -11.04 57.34 -23.33
N HIS HA 39 -11.05 56.78 -22.12
CA HIS HA 39 -10.95 57.56 -20.90
C HIS HA 39 -12.12 58.52 -20.75
N PHE HA 40 -13.31 58.08 -21.16
CA PHE HA 40 -14.51 58.88 -20.94
C PHE HA 40 -14.91 58.86 -19.47
N ASN HA 41 -14.78 57.71 -18.82
CA ASN HA 41 -15.03 57.58 -17.38
C ASN HA 41 -16.49 57.92 -17.05
N LYS HA 42 -17.41 57.32 -17.79
CA LYS HA 42 -18.83 57.45 -17.52
C LYS HA 42 -19.44 56.16 -16.99
N TYR HA 43 -18.64 55.13 -16.77
CA TYR HA 43 -19.10 53.90 -16.16
C TYR HA 43 -18.64 53.90 -14.70
N LYS HA 44 -19.60 54.03 -13.79
CA LYS HA 44 -19.26 54.18 -12.37
C LYS HA 44 -18.49 52.97 -11.86
N TRP HA 45 -18.80 51.78 -12.37
CA TRP HA 45 -18.22 50.55 -11.87
C TRP HA 45 -16.96 50.14 -12.63
N GLY HA 46 -16.46 50.98 -13.53
CA GLY HA 46 -15.23 50.67 -14.21
C GLY HA 46 -15.41 49.57 -15.25
N ASN HA 47 -14.38 48.74 -15.39
CA ASN HA 47 -14.38 47.68 -16.39
C ASN HA 47 -13.45 46.57 -15.95
N GLU HA 48 -13.95 45.33 -15.99
CA GLU HA 48 -13.11 44.16 -15.81
C GLU HA 48 -12.87 43.54 -17.18
N PRO HA 49 -11.69 43.70 -17.78
CA PRO HA 49 -11.51 43.27 -19.17
C PRO HA 49 -11.80 41.79 -19.37
N ILE HA 50 -12.44 41.48 -20.49
CA ILE HA 50 -12.61 40.10 -20.93
C ILE HA 50 -11.26 39.64 -21.49
N PRO HA 51 -10.57 38.70 -20.85
CA PRO HA 51 -9.24 38.30 -21.33
C PRO HA 51 -9.31 37.70 -22.74
N VAL HA 52 -8.14 37.58 -23.34
CA VAL HA 52 -8.07 37.14 -24.73
C VAL HA 52 -8.46 35.67 -24.85
N ASN HA 53 -8.12 34.86 -23.86
CA ASN HA 53 -8.49 33.45 -23.89
C ASN HA 53 -10.00 33.25 -23.88
N ARG HA 54 -10.75 34.27 -23.47
CA ARG HA 54 -12.20 34.23 -23.54
C ARG HA 54 -12.75 35.03 -24.72
N ARG HA 55 -11.98 35.98 -25.24
CA ARG HA 55 -12.42 36.72 -26.42
C ARG HA 55 -12.29 35.89 -27.69
N THR HA 56 -11.27 35.05 -27.76
CA THR HA 56 -11.08 34.18 -28.91
C THR HA 56 -10.50 32.85 -28.44
N GLY HA 57 -10.27 31.96 -29.37
CA GLY HA 57 -9.72 30.66 -29.08
C GLY HA 57 -10.27 29.61 -30.02
N SER HA 58 -9.92 28.36 -29.73
CA SER HA 58 -10.28 27.22 -30.55
C SER HA 58 -11.13 26.24 -29.76
N ARG HA 59 -11.82 25.37 -30.49
CA ARG HA 59 -12.59 24.30 -29.87
C ARG HA 59 -11.67 23.32 -29.17
N MET HA 60 -12.13 22.80 -28.04
CA MET HA 60 -11.36 21.91 -27.20
C MET HA 60 -12.19 20.70 -26.81
N ASN HA 61 -11.48 19.61 -26.48
CA ASN HA 61 -12.11 18.45 -25.87
C ASN HA 61 -12.39 18.73 -24.40
N SER HA 62 -13.49 18.16 -23.90
CA SER HA 62 -13.99 18.50 -22.58
C SER HA 62 -14.04 17.33 -21.61
N SER HA 63 -14.45 16.16 -22.05
CA SER HA 63 -14.69 15.06 -21.14
C SER HA 63 -13.42 14.60 -20.45
N ILE HA 64 -13.54 14.26 -19.15
CA ILE HA 64 -12.41 13.69 -18.43
C ILE HA 64 -12.14 12.25 -18.87
N TYR HA 65 -13.13 11.60 -19.47
CA TYR HA 65 -12.96 10.26 -20.02
C TYR HA 65 -12.43 10.30 -21.44
N ASP HA 66 -11.80 11.40 -21.83
CA ASP HA 66 -11.07 11.52 -23.08
C ASP HA 66 -9.60 11.74 -22.75
N ASN HA 67 -8.72 11.09 -23.50
CA ASN HA 67 -7.29 11.21 -23.22
C ASN HA 67 -6.77 12.59 -23.61
N ARG HA 68 -7.26 13.13 -24.72
CA ARG HA 68 -6.88 14.47 -25.14
C ARG HA 68 -7.86 15.52 -24.61
N ASN HA 69 -8.09 15.50 -23.30
CA ASN HA 69 -8.98 16.46 -22.68
C ASN HA 69 -8.27 17.80 -22.50
N HIS HA 70 -9.03 18.88 -22.66
CA HIS HA 70 -8.52 20.25 -22.59
C HIS HA 70 -7.52 20.55 -23.71
N GLU HA 71 -7.52 19.72 -24.75
CA GLU HA 71 -6.67 19.93 -25.91
C GLU HA 71 -7.52 20.33 -27.10
N ALA HA 72 -6.91 21.12 -27.99
CA ALA HA 72 -7.63 21.63 -29.14
C ALA HA 72 -8.06 20.49 -30.06
N VAL HA 73 -9.16 20.71 -30.74
CA VAL HA 73 -9.67 19.73 -31.69
C VAL HA 73 -8.83 19.76 -32.96
N ARG HA 74 -8.50 18.58 -33.47
CA ARG HA 74 -7.68 18.46 -34.66
C ARG HA 74 -8.54 18.48 -35.91
N HIS HA 75 -8.08 19.23 -36.90
CA HIS HA 75 -8.78 19.34 -38.17
C HIS HA 75 -7.84 18.97 -39.32
N PRO HA 76 -8.37 18.75 -40.52
CA PRO HA 76 -7.50 18.48 -41.66
C PRO HA 76 -6.59 19.65 -42.00
N TRP HA 77 -6.99 20.87 -41.66
CA TRP HA 77 -6.22 22.07 -41.95
C TRP HA 77 -5.42 22.50 -40.73
N SER HA 78 -4.41 23.33 -40.98
CA SER HA 78 -3.60 23.87 -39.90
C SER HA 78 -4.43 24.81 -39.04
N THR HA 79 -4.32 24.68 -37.73
CA THR HA 79 -5.14 25.45 -36.81
C THR HA 79 -4.31 25.88 -35.60
N ASP HA 80 -4.52 27.13 -35.19
CA ASP HA 80 -3.97 27.61 -33.93
C ASP HA 80 -4.57 26.82 -32.76
N ALA HA 81 -3.70 26.22 -31.95
CA ALA HA 81 -4.13 25.31 -30.90
C ALA HA 81 -4.37 26.00 -29.57
N ARG HA 82 -4.31 27.32 -29.52
CA ARG HA 82 -4.63 28.04 -28.29
C ARG HA 82 -6.12 28.03 -28.08
N THR HA 83 -6.55 27.49 -26.94
CA THR HA 83 -7.95 27.18 -26.71
C THR HA 83 -8.68 28.30 -25.99
N PHE HA 84 -9.98 28.35 -26.21
CA PHE HA 84 -10.86 29.19 -25.42
C PHE HA 84 -11.03 28.59 -24.04
N HIS HA 85 -10.80 29.40 -23.00
CA HIS HA 85 -10.90 28.93 -21.64
C HIS HA 85 -12.19 29.43 -21.02
N PRO HA 86 -13.11 28.56 -20.62
CA PRO HA 86 -14.31 29.02 -19.93
C PRO HA 86 -13.97 29.65 -18.59
N ASN HA 87 -14.89 30.47 -18.10
CA ASN HA 87 -14.72 31.15 -16.83
C ASN HA 87 -15.08 30.17 -15.72
N ASP HA 88 -14.05 29.64 -15.06
CA ASP HA 88 -14.24 28.63 -14.02
C ASP HA 88 -14.31 29.24 -12.63
N ASN HA 89 -13.64 30.37 -12.41
CA ASN HA 89 -13.63 31.07 -11.13
C ASN HA 89 -14.14 32.49 -11.34
N PRO HA 90 -15.44 32.66 -11.58
CA PRO HA 90 -15.99 33.99 -11.79
C PRO HA 90 -16.12 34.77 -10.50
N GLU HA 91 -16.10 36.09 -10.64
CA GLU HA 91 -16.24 36.96 -9.49
C GLU HA 91 -17.67 36.88 -8.94
N ALA HA 92 -17.81 37.26 -7.67
CA ALA HA 92 -19.11 37.19 -7.02
C ALA HA 92 -20.12 38.11 -7.69
N ASP HA 93 -19.71 39.34 -8.00
CA ASP HA 93 -20.59 40.32 -8.60
C ASP HA 93 -20.35 40.34 -10.11
N ARG HA 94 -21.40 40.06 -10.87
CA ARG HA 94 -21.35 39.93 -12.32
C ARG HA 94 -22.40 40.87 -12.91
N ILE HA 95 -22.25 42.14 -12.56
CA ILE HA 95 -23.31 43.15 -12.59
C ILE HA 95 -24.25 42.95 -13.76
N ASN HA 96 -23.71 42.67 -14.94
CA ASN HA 96 -24.52 42.38 -16.11
C ASN HA 96 -24.78 40.87 -16.15
N THR HA 97 -26.00 40.47 -15.80
CA THR HA 97 -26.42 39.08 -15.86
C THR HA 97 -27.27 38.80 -17.09
N GLN HA 98 -27.15 39.62 -18.12
CA GLN HA 98 -27.84 39.37 -19.37
C GLN HA 98 -27.12 38.27 -20.17
N TYR HA 99 -27.84 37.71 -21.13
CA TYR HA 99 -27.28 36.68 -21.99
C TYR HA 99 -26.02 37.18 -22.69
N SER HA 100 -25.99 38.46 -23.05
CA SER HA 100 -24.82 39.03 -23.71
C SER HA 100 -23.54 38.77 -22.90
N ASN HA 101 -23.58 39.06 -21.60
CA ASN HA 101 -22.41 38.90 -20.76
C ASN HA 101 -22.26 37.47 -20.23
N MET HA 102 -23.33 36.69 -20.23
CA MET HA 102 -23.22 35.30 -19.76
C MET HA 102 -22.63 34.38 -20.82
N VAL HA 103 -22.95 34.62 -22.10
CA VAL HA 103 -22.49 33.73 -23.15
C VAL HA 103 -20.98 33.75 -23.29
N SER HA 104 -20.32 34.84 -22.88
CA SER HA 104 -18.88 34.95 -22.99
C SER HA 104 -18.14 34.03 -22.03
N ASP HA 105 -18.84 33.46 -21.05
CA ASP HA 105 -18.22 32.53 -20.10
C ASP HA 105 -18.11 31.12 -20.66
N SER HA 106 -18.82 30.81 -21.74
CA SER HA 106 -18.82 29.47 -22.30
C SER HA 106 -18.53 29.43 -23.80
N PHE HA 107 -18.66 30.54 -24.52
CA PHE HA 107 -18.35 30.61 -25.93
C PHE HA 107 -17.76 31.98 -26.23
N PRO HA 108 -16.98 32.11 -27.29
CA PRO HA 108 -16.58 33.44 -27.74
C PRO HA 108 -17.60 34.06 -28.67
N GLU HA 109 -17.99 35.30 -28.40
CA GLU HA 109 -19.03 35.95 -29.19
C GLU HA 109 -18.68 35.95 -30.67
N GLY HA 110 -17.44 36.25 -31.01
CA GLY HA 110 -17.00 36.28 -32.39
C GLY HA 110 -16.74 34.93 -33.00
N GLY HA 111 -17.06 33.85 -32.31
CA GLY HA 111 -16.80 32.52 -32.80
C GLY HA 111 -15.38 32.07 -32.53
N PHE HA 112 -15.14 30.79 -32.80
CA PHE HA 112 -13.83 30.22 -32.58
C PHE HA 112 -12.88 30.60 -33.71
N SER HA 113 -11.58 30.45 -33.44
CA SER HA 113 -10.53 30.87 -34.36
C SER HA 113 -9.97 29.70 -35.17
N ASP HA 114 -10.79 28.68 -35.43
CA ASP HA 114 -10.36 27.49 -36.14
C ASP HA 114 -11.03 27.36 -37.50
N ALA HA 115 -11.29 28.50 -38.15
CA ALA HA 115 -11.95 28.45 -39.45
C ALA HA 115 -10.92 28.27 -40.56
N PRO HA 116 -11.25 27.51 -41.61
CA PRO HA 116 -10.29 27.31 -42.70
C PRO HA 116 -10.46 28.28 -43.86
N ARG HA 117 -9.36 28.48 -44.56
CA ARG HA 117 -9.32 29.16 -45.85
C ARG HA 117 -8.84 28.13 -46.87
N PHE HA 118 -9.78 27.49 -47.55
CA PHE HA 118 -9.44 26.40 -48.44
C PHE HA 118 -8.75 26.91 -49.69
N SER HA 119 -7.65 26.25 -50.06
CA SER HA 119 -6.92 26.64 -51.26
C SER HA 119 -7.65 26.22 -52.53
N SER HA 120 -8.65 25.35 -52.42
CA SER HA 120 -9.37 24.84 -53.57
C SER HA 120 -10.76 24.44 -53.13
N ASN HA 121 -11.61 24.14 -54.12
CA ASN HA 121 -12.98 23.76 -53.83
C ASN HA 121 -13.11 22.28 -53.51
N TRP HA 122 -12.24 21.44 -54.07
CA TRP HA 122 -12.36 20.01 -53.83
C TRP HA 122 -11.93 19.64 -52.41
N GLU HA 123 -11.03 20.43 -51.82
CA GLU HA 123 -10.69 20.21 -50.42
C GLU HA 123 -11.90 20.45 -49.51
N ARG HA 124 -12.61 21.56 -49.76
CA ARG HA 124 -13.86 21.84 -49.06
C ARG HA 124 -14.85 20.71 -49.25
N LEU HA 125 -15.04 20.29 -50.50
CA LEU HA 125 -15.94 19.19 -50.81
C LEU HA 125 -15.60 17.94 -50.01
N LEU HA 126 -14.32 17.56 -50.00
CA LEU HA 126 -13.91 16.33 -49.35
C LEU HA 126 -14.08 16.43 -47.84
N ALA HA 127 -13.72 17.58 -47.26
CA ALA HA 127 -13.92 17.77 -45.83
C ALA HA 127 -15.38 17.61 -45.45
N TYR HA 128 -16.27 18.29 -46.18
CA TYR HA 128 -17.69 18.13 -45.92
C TYR HA 128 -18.13 16.68 -46.08
N HIS HA 129 -17.72 16.04 -47.18
CA HIS HA 129 -18.10 14.67 -47.45
C HIS HA 129 -17.71 13.74 -46.31
N HIS HA 130 -16.57 14.00 -45.67
CA HIS HA 130 -16.14 13.18 -44.57
C HIS HA 130 -16.58 13.68 -43.21
N GLY HA 131 -17.30 14.81 -43.15
CA GLY HA 131 -17.87 15.25 -41.91
C GLY HA 131 -16.93 16.05 -41.05
N LEU HA 132 -16.04 16.82 -41.67
CA LEU HA 132 -15.04 17.58 -40.95
C LEU HA 132 -15.17 19.07 -41.16
N TYR HA 133 -16.21 19.51 -41.86
CA TYR HA 133 -16.39 20.93 -42.14
C TYR HA 133 -17.86 21.20 -42.42
N SER HA 134 -18.37 22.28 -41.84
CA SER HA 134 -19.64 22.84 -42.20
C SER HA 134 -19.53 24.33 -41.99
N PRO HA 135 -19.85 25.15 -42.99
CA PRO HA 135 -19.76 26.60 -42.78
C PRO HA 135 -20.66 27.09 -41.67
N GLU HA 136 -21.85 26.50 -41.54
CA GLU HA 136 -22.73 26.79 -40.44
C GLU HA 136 -22.02 26.69 -39.09
N LYS HA 137 -20.99 25.86 -39.02
CA LYS HA 137 -20.28 25.59 -37.78
C LYS HA 137 -18.99 26.37 -37.65
N PHE HA 138 -18.33 26.68 -38.77
CA PHE HA 138 -16.99 27.25 -38.72
C PHE HA 138 -16.93 28.72 -39.08
N ASN HA 139 -17.80 29.21 -39.95
CA ASN HA 139 -17.80 30.61 -40.35
C ASN HA 139 -19.10 31.22 -39.83
N SER HA 140 -19.06 31.70 -38.58
CA SER HA 140 -20.26 32.16 -37.90
C SER HA 140 -19.87 32.70 -36.54
N THR HA 141 -20.77 33.48 -35.97
CA THR HA 141 -20.65 34.02 -34.62
C THR HA 141 -21.68 33.36 -33.72
N THR HA 142 -21.67 33.76 -32.46
CA THR HA 142 -22.73 33.35 -31.55
C THR HA 142 -24.04 34.05 -31.90
N LYS HA 143 -25.13 33.41 -31.51
CA LYS HA 143 -26.46 33.98 -31.73
C LYS HA 143 -26.83 34.88 -30.56
N THR HA 144 -27.39 36.03 -30.88
CA THR HA 144 -27.87 36.97 -29.87
C THR HA 144 -29.21 36.49 -29.31
N ALA HA 145 -29.52 36.97 -28.11
CA ALA HA 145 -30.75 36.58 -27.44
C ALA HA 145 -31.97 36.86 -28.30
N ASP HA 146 -31.99 38.00 -28.99
CA ASP HA 146 -33.11 38.33 -29.85
C ASP HA 146 -33.27 37.32 -30.97
N GLU HA 147 -32.17 36.95 -31.62
CA GLU HA 147 -32.23 35.96 -32.68
C GLU HA 147 -32.72 34.62 -32.16
N ILE HA 148 -32.20 34.20 -31.00
CA ILE HA 148 -32.64 32.96 -30.38
C ILE HA 148 -34.15 32.99 -30.15
N ARG HA 149 -34.65 34.11 -29.63
CA ARG HA 149 -36.07 34.20 -29.32
C ARG HA 149 -36.91 34.18 -30.60
N LEU HA 150 -36.47 34.88 -31.63
CA LEU HA 150 -37.17 34.85 -32.91
C LEU HA 150 -37.27 33.43 -33.44
N ALA HA 151 -36.16 32.72 -33.45
CA ALA HA 151 -36.16 31.34 -33.93
C ALA HA 151 -37.09 30.47 -33.11
N VAL HA 152 -37.02 30.59 -31.78
CA VAL HA 152 -37.85 29.76 -30.90
C VAL HA 152 -39.32 30.04 -31.14
N ASN HA 153 -39.68 31.31 -31.31
CA ASN HA 153 -41.08 31.66 -31.48
C ASN HA 153 -41.62 31.20 -32.82
N ASP HA 154 -40.81 31.30 -33.87
CA ASP HA 154 -41.21 30.77 -35.17
C ASP HA 154 -41.43 29.26 -35.09
N PHE HA 155 -40.49 28.55 -34.45
CA PHE HA 155 -40.64 27.10 -34.31
C PHE HA 155 -41.88 26.75 -33.51
N ALA HA 156 -42.15 27.51 -32.46
CA ALA HA 156 -43.33 27.25 -31.64
C ALA HA 156 -44.61 27.45 -32.44
N ALA HA 157 -44.67 28.53 -33.22
CA ALA HA 157 -45.82 28.75 -34.08
C ALA HA 157 -46.01 27.60 -35.06
N LYS HA 158 -44.92 27.15 -35.69
CA LYS HA 158 -45.03 26.04 -36.64
C LYS HA 158 -45.51 24.77 -35.96
N VAL HA 159 -45.02 24.49 -34.75
CA VAL HA 159 -45.43 23.28 -34.05
C VAL HA 159 -46.90 23.36 -33.67
N HIS HA 160 -47.34 24.51 -33.17
CA HIS HA 160 -48.74 24.69 -32.83
C HIS HA 160 -49.63 24.51 -34.05
N ALA HA 161 -49.24 25.09 -35.18
CA ALA HA 161 -49.98 24.87 -36.42
C ALA HA 161 -50.00 23.40 -36.81
N ASP HA 162 -48.90 22.69 -36.59
CA ASP HA 162 -48.86 21.27 -36.91
C ASP HA 162 -49.90 20.51 -36.10
N ASP HA 163 -49.85 20.62 -34.79
CA ASP HA 163 -50.88 19.96 -33.97
C ASP HA 163 -51.08 20.68 -32.64
N PRO HA 164 -52.24 21.29 -32.43
CA PRO HA 164 -52.49 21.92 -31.12
C PRO HA 164 -52.78 20.91 -30.02
N LYS HA 165 -53.50 19.84 -30.35
CA LYS HA 165 -53.92 18.85 -29.34
C LYS HA 165 -52.86 17.77 -29.18
N ASN HA 166 -51.62 18.19 -28.95
CA ASN HA 166 -50.50 17.31 -28.72
C ASN HA 166 -49.85 17.66 -27.39
N ALA HA 167 -49.47 16.64 -26.64
CA ALA HA 167 -48.94 16.83 -25.30
C ALA HA 167 -47.44 17.10 -25.27
N CYS HA 168 -46.69 16.58 -26.23
CA CYS HA 168 -45.24 16.74 -26.27
C CYS HA 168 -44.81 18.02 -27.00
N LYS HA 169 -45.77 18.88 -27.31
CA LYS HA 169 -45.49 20.11 -28.05
C LYS HA 169 -44.48 20.99 -27.31
N TYR HA 170 -44.77 21.31 -26.05
CA TYR HA 170 -43.88 22.19 -25.31
C TYR HA 170 -42.54 21.52 -25.02
N LEU HA 171 -42.52 20.19 -24.96
CA LEU HA 171 -41.25 19.49 -24.78
C LEU HA 171 -40.36 19.63 -26.00
N MET HA 172 -40.94 19.48 -27.20
CA MET HA 172 -40.18 19.71 -28.41
C MET HA 172 -39.70 21.15 -28.49
N ILE HA 173 -40.57 22.09 -28.15
CA ILE HA 173 -40.18 23.50 -28.14
C ILE HA 173 -39.03 23.74 -27.17
N GLU HA 174 -39.04 23.04 -26.04
CA GLU HA 174 -37.99 23.26 -25.04
C GLU HA 174 -36.66 22.68 -25.49
N GLU HA 175 -36.67 21.54 -26.15
CA GLU HA 175 -35.40 21.02 -26.65
C GLU HA 175 -34.83 21.93 -27.75
N PHE HA 176 -35.71 22.45 -28.62
CA PHE HA 176 -35.27 23.43 -29.60
C PHE HA 176 -34.66 24.66 -28.91
N LYS HA 177 -35.36 25.17 -27.90
CA LYS HA 177 -34.90 26.35 -27.18
C LYS HA 177 -33.54 26.11 -26.53
N CYS HA 178 -33.36 24.94 -25.92
CA CYS HA 178 -32.10 24.66 -25.24
C CYS HA 178 -30.96 24.51 -26.24
N LEU HA 179 -31.23 23.88 -27.38
CA LEU HA 179 -30.20 23.83 -28.42
C LEU HA 179 -29.79 25.23 -28.85
N GLN HA 180 -30.77 26.08 -29.17
CA GLN HA 180 -30.46 27.44 -29.60
C GLN HA 180 -29.68 28.19 -28.53
N SER HA 181 -30.08 28.04 -27.26
CA SER HA 181 -29.40 28.76 -26.19
C SER HA 181 -27.98 28.26 -25.98
N ALA HA 182 -27.75 26.97 -26.16
CA ALA HA 182 -26.42 26.40 -26.02
C ALA HA 182 -25.61 26.49 -27.30
N GLN HA 183 -26.14 27.11 -28.35
CA GLN HA 183 -25.38 27.39 -29.55
C GLN HA 183 -24.97 26.11 -30.25
N ALA HA 184 -25.94 25.27 -30.57
CA ALA HA 184 -25.65 23.98 -31.19
C ALA HA 184 -25.06 24.14 -32.58
N ARG HA 185 -25.27 25.29 -33.23
CA ARG HA 185 -24.67 25.51 -34.54
C ARG HA 185 -23.16 25.40 -34.48
N ILE HA 186 -22.55 25.91 -33.42
CA ILE HA 186 -21.09 25.92 -33.29
C ILE HA 186 -20.59 24.96 -32.23
N ASP HA 187 -21.46 24.41 -31.39
CA ASP HA 187 -21.08 23.40 -30.40
C ASP HA 187 -22.17 22.33 -30.35
N PRO HA 188 -22.31 21.55 -31.43
CA PRO HA 188 -23.42 20.59 -31.50
C PRO HA 188 -23.34 19.51 -30.43
N GLN HA 189 -22.16 18.95 -30.20
CA GLN HA 189 -22.02 17.89 -29.21
C GLN HA 189 -22.31 18.40 -27.81
N GLY HA 190 -21.69 19.53 -27.45
CA GLY HA 190 -21.95 20.13 -26.15
C GLY HA 190 -23.41 20.46 -25.94
N ALA HA 191 -24.11 20.90 -26.99
CA ALA HA 191 -25.51 21.27 -26.85
C ALA HA 191 -26.41 20.04 -26.76
N ALA HA 192 -26.13 19.01 -27.55
CA ALA HA 192 -26.87 17.76 -27.43
C ALA HA 192 -26.73 17.18 -26.04
N THR HA 193 -25.54 17.29 -25.46
CA THR HA 193 -25.33 16.86 -24.08
C THR HA 193 -26.33 17.52 -23.12
N LYS HA 194 -26.84 18.70 -23.48
CA LYS HA 194 -27.80 19.39 -22.63
C LYS HA 194 -29.24 19.11 -23.01
N CYS HA 195 -29.51 18.85 -24.29
CA CYS HA 195 -30.89 18.75 -24.78
C CYS HA 195 -31.40 17.32 -24.90
N VAL HA 196 -30.54 16.32 -24.74
CA VAL HA 196 -31.00 14.94 -24.82
C VAL HA 196 -32.02 14.62 -23.74
N LYS HA 197 -32.02 15.37 -22.64
CA LYS HA 197 -33.01 15.12 -21.58
C LYS HA 197 -34.41 15.49 -22.03
N TRP HA 198 -34.56 16.66 -22.68
CA TRP HA 198 -35.85 17.01 -23.23
C TRP HA 198 -36.24 16.10 -24.37
N PHE HA 199 -35.26 15.62 -25.14
CA PHE HA 199 -35.59 14.62 -26.15
C PHE HA 199 -36.17 13.37 -25.51
N ASN HA 200 -35.58 12.91 -24.41
CA ASN HA 200 -36.06 11.72 -23.73
C ASN HA 200 -37.45 11.93 -23.16
N GLU HA 201 -37.69 13.10 -22.58
CA GLU HA 201 -39.02 13.43 -22.08
C GLU HA 201 -40.04 13.43 -23.21
N TRP HA 202 -39.67 13.95 -24.38
CA TRP HA 202 -40.58 13.93 -25.53
C TRP HA 202 -40.89 12.50 -25.95
N ARG HA 203 -39.88 11.64 -25.95
CA ARG HA 203 -40.08 10.23 -26.24
C ARG HA 203 -41.10 9.60 -25.30
N GLN HA 204 -40.92 9.83 -24.00
CA GLN HA 204 -41.86 9.31 -23.02
C GLN HA 204 -43.27 9.84 -23.25
N CYS HA 205 -43.39 11.14 -23.51
CA CYS HA 205 -44.70 11.72 -23.75
C CYS HA 205 -45.34 11.15 -25.00
N ALA HA 206 -44.54 10.83 -26.02
CA ALA HA 206 -45.08 10.19 -27.21
C ALA HA 206 -45.71 8.85 -26.86
N TRP HA 207 -44.98 8.03 -26.12
CA TRP HA 207 -45.54 6.75 -25.71
C TRP HA 207 -46.82 6.95 -24.89
N ASP HA 208 -46.81 7.91 -23.98
CA ASP HA 208 -47.97 8.13 -23.11
C ASP HA 208 -49.19 8.55 -23.93
N GLN HA 209 -49.00 9.46 -24.88
CA GLN HA 209 -50.10 9.88 -25.73
C GLN HA 209 -50.62 8.71 -26.56
N GLU HA 210 -49.71 7.88 -27.07
CA GLU HA 210 -50.15 6.73 -27.86
C GLU HA 210 -50.97 5.77 -27.02
N LYS HA 211 -50.54 5.51 -25.78
CA LYS HA 211 -51.26 4.55 -24.96
C LYS HA 211 -52.58 5.11 -24.46
N MET HA 212 -52.70 6.44 -24.36
CA MET HA 212 -53.98 7.02 -24.03
C MET HA 212 -54.93 6.99 -25.22
N VAL HA 213 -54.40 7.20 -26.42
CA VAL HA 213 -55.23 7.16 -27.62
C VAL HA 213 -55.71 5.73 -27.88
N LYS HA 214 -54.78 4.82 -28.07
CA LYS HA 214 -55.07 3.40 -28.15
C LYS HA 214 -55.12 2.84 -26.73
N GLY HA 215 -56.30 2.44 -26.28
CA GLY HA 215 -56.43 2.01 -24.91
C GLY HA 215 -55.54 0.83 -24.60
N TYR HA 216 -54.47 1.10 -23.86
CA TYR HA 216 -53.51 0.10 -23.45
C TYR HA 216 -53.40 0.14 -21.94
N ASN HA 217 -53.80 -0.95 -21.29
CA ASN HA 217 -53.74 -1.06 -19.84
C ASN HA 217 -53.30 -2.48 -19.50
N TYR HA 218 -53.12 -2.74 -18.22
CA TYR HA 218 -52.63 -4.02 -17.76
C TYR HA 218 -53.37 -4.42 -16.49
N ILE HA 219 -53.41 -5.73 -16.25
CA ILE HA 219 -54.02 -6.26 -15.03
C ILE HA 219 -53.08 -5.97 -13.87
N GLU HA 220 -53.51 -5.11 -12.95
CA GLU HA 220 -52.75 -4.85 -11.75
C GLU HA 220 -53.01 -5.94 -10.71
N ASP HA 221 -51.96 -6.30 -9.98
CA ASP HA 221 -52.09 -7.33 -8.97
C ASP HA 221 -52.73 -6.76 -7.72
N ARG HA 222 -53.22 -7.66 -6.87
CA ARG HA 222 -53.83 -7.25 -5.62
C ARG HA 222 -52.83 -6.47 -4.78
N ARG HA 223 -53.35 -5.82 -3.75
CA ARG HA 223 -52.52 -5.01 -2.88
C ARG HA 223 -51.64 -5.88 -2.00
N ALA HA 224 -50.40 -5.44 -1.81
CA ALA HA 224 -49.45 -6.23 -1.04
C ALA HA 224 -49.78 -6.17 0.44
N ARG HA 225 -49.39 -7.23 1.15
CA ARG HA 225 -49.72 -7.32 2.58
C ARG HA 225 -49.09 -6.21 3.38
N LYS HA 226 -47.92 -5.74 2.95
CA LYS HA 226 -47.22 -4.66 3.63
C LYS HA 226 -47.11 -3.43 2.73
N HIS HA 227 -48.21 -3.09 2.06
CA HIS HA 227 -48.22 -1.86 1.26
C HIS HA 227 -47.91 -0.65 2.13
N LYS HA 228 -48.47 -0.63 3.33
CA LYS HA 228 -48.12 0.41 4.30
C LYS HA 228 -47.00 -0.09 5.20
N PRO HA 229 -45.96 0.70 5.43
CA PRO HA 229 -44.91 0.25 6.37
C PRO HA 229 -45.40 0.20 7.79
N TYR HA 230 -46.33 1.06 8.16
CA TYR HA 230 -46.84 1.15 9.51
C TYR HA 230 -48.35 1.37 9.45
N ILE HA 231 -49.08 0.71 10.35
CA ILE HA 231 -50.53 0.76 10.31
C ILE HA 231 -51.03 2.18 10.45
N GLY HA 232 -50.38 2.97 11.32
CA GLY HA 232 -50.75 4.35 11.50
C GLY HA 232 -50.35 5.28 10.39
N ALA HA 233 -49.66 4.78 9.38
CA ALA HA 233 -49.24 5.62 8.27
C ALA HA 233 -50.38 5.76 7.27
N PRO HA 234 -50.52 6.92 6.64
CA PRO HA 234 -51.56 7.08 5.61
C PRO HA 234 -51.12 6.50 4.28
N ASP HA 235 -52.04 5.76 3.65
CA ASP HA 235 -51.79 5.18 2.34
C ASP HA 235 -52.40 6.10 1.30
N LEU HA 236 -51.62 7.11 0.92
CA LEU HA 236 -52.07 8.05 -0.10
C LEU HA 236 -52.34 7.32 -1.41
N GLN HA 237 -53.55 7.50 -1.93
CA GLN HA 237 -53.96 6.81 -3.14
C GLN HA 237 -53.38 7.50 -4.37
N TYR HA 238 -52.81 6.71 -5.27
CA TYR HA 238 -52.25 7.19 -6.52
C TYR HA 238 -52.96 6.53 -7.68
N SER HA 239 -53.32 7.34 -8.67
CA SER HA 239 -54.06 6.86 -9.83
C SER HA 239 -53.40 5.65 -10.47
N SER IA 164 -1.57 -1.98 -24.00
CA SER IA 164 -0.99 -2.06 -22.66
C SER IA 164 -2.06 -1.94 -21.59
N MET IA 165 -3.15 -2.67 -21.76
CA MET IA 165 -4.28 -2.62 -20.85
C MET IA 165 -4.56 -3.93 -20.14
N ASP IA 166 -4.25 -5.06 -20.76
CA ASP IA 166 -4.51 -6.35 -20.14
C ASP IA 166 -3.45 -6.66 -19.08
N HIS IA 167 -3.82 -7.51 -18.14
CA HIS IA 167 -2.93 -7.99 -17.09
C HIS IA 167 -2.25 -6.82 -16.37
N GLY IA 168 -3.09 -6.01 -15.73
CA GLY IA 168 -2.60 -4.86 -15.02
C GLY IA 168 -2.30 -5.14 -13.57
N MET IA 169 -1.50 -4.25 -12.99
CA MET IA 169 -1.12 -4.38 -11.59
C MET IA 169 -2.20 -3.82 -10.68
N GLN IA 170 -2.13 -4.21 -9.42
CA GLN IA 170 -3.03 -3.66 -8.41
C GLN IA 170 -2.69 -2.20 -8.18
N TYR IA 171 -3.60 -1.31 -8.56
CA TYR IA 171 -3.35 0.12 -8.58
C TYR IA 171 -3.83 0.80 -7.31
N SER IA 172 -4.83 0.22 -6.65
CA SER IA 172 -5.38 0.74 -5.42
C SER IA 172 -5.32 -0.35 -4.35
N SER IA 173 -5.37 0.08 -3.10
CA SER IA 173 -5.25 -0.83 -1.97
C SER IA 173 -6.59 -1.45 -1.61
N ILE IA 174 -6.53 -2.68 -1.13
CA ILE IA 174 -7.70 -3.41 -0.67
C ILE IA 174 -7.63 -3.51 0.84
N TYR IA 175 -8.74 -3.19 1.52
CA TYR IA 175 -8.75 -3.16 2.96
C TYR IA 175 -10.17 -3.31 3.46
N TRP IA 176 -10.28 -3.59 4.76
CA TRP IA 176 -11.55 -3.67 5.47
C TRP IA 176 -11.49 -2.74 6.66
N GLU IA 177 -12.42 -1.81 6.74
CA GLU IA 177 -12.42 -0.87 7.85
C GLU IA 177 -12.87 -1.55 9.14
N THR IA 178 -12.33 -1.06 10.25
CA THR IA 178 -12.58 -1.67 11.54
C THR IA 178 -14.07 -1.74 11.85
N SER IA 179 -14.52 -2.93 12.26
CA SER IA 179 -15.85 -3.18 12.77
C SER IA 179 -16.95 -3.05 11.71
N HIS IA 180 -16.59 -3.07 10.43
CA HIS IA 180 -17.59 -3.16 9.39
C HIS IA 180 -18.10 -4.59 9.28
N ARG IA 181 -19.41 -4.74 9.13
CA ARG IA 181 -20.01 -6.06 9.16
C ARG IA 181 -19.85 -6.77 7.83
N THR IA 182 -19.99 -8.09 7.89
CA THR IA 182 -19.81 -8.97 6.74
C THR IA 182 -21.09 -9.68 6.32
N TYR IA 183 -21.99 -9.95 7.26
CA TYR IA 183 -23.29 -10.53 6.98
C TYR IA 183 -23.20 -11.94 6.41
N LEU IA 184 -22.11 -12.65 6.69
CA LEU IA 184 -21.92 -14.00 6.22
C LEU IA 184 -21.67 -14.93 7.40
N PRO IA 185 -22.43 -16.01 7.56
CA PRO IA 185 -22.13 -16.99 8.60
C PRO IA 185 -21.03 -17.96 8.18
N PHE IA 186 -20.77 -18.96 9.02
CA PHE IA 186 -19.69 -19.89 8.75
C PHE IA 186 -20.10 -21.02 7.80
N TRP IA 187 -21.38 -21.19 7.53
CA TRP IA 187 -21.87 -22.17 6.57
C TRP IA 187 -22.28 -21.53 5.25
N ALA IA 188 -21.92 -20.27 5.04
CA ALA IA 188 -22.30 -19.57 3.81
C ALA IA 188 -21.75 -20.28 2.58
N SER IA 189 -20.55 -20.83 2.67
CA SER IA 189 -19.97 -21.51 1.51
C SER IA 189 -20.77 -22.74 1.14
N LEU IA 190 -21.38 -23.40 2.13
CA LEU IA 190 -22.24 -24.54 1.83
C LEU IA 190 -23.61 -24.11 1.37
N THR IA 191 -24.06 -22.93 1.78
CA THR IA 191 -25.29 -22.38 1.24
C THR IA 191 -25.20 -22.27 -0.28
N GLN IA 192 -26.37 -22.30 -0.93
CA GLN IA 192 -26.43 -22.10 -2.38
C GLN IA 192 -27.79 -21.56 -2.74
N LYS IA 193 -27.88 -20.98 -3.93
CA LYS IA 193 -29.07 -20.30 -4.40
C LYS IA 193 -30.09 -21.31 -4.95
N PHE IA 194 -31.27 -20.81 -5.30
CA PHE IA 194 -32.32 -21.64 -5.85
C PHE IA 194 -33.42 -20.75 -6.41
N SER IA 195 -34.00 -21.16 -7.53
CA SER IA 195 -35.15 -20.48 -8.10
C SER IA 195 -36.24 -21.51 -8.36
N TRP IA 196 -37.48 -21.12 -8.04
CA TRP IA 196 -38.65 -21.96 -8.28
C TRP IA 196 -39.12 -21.94 -9.73
N LYS IA 197 -38.39 -21.28 -10.62
CA LYS IA 197 -38.88 -21.07 -11.98
C LYS IA 197 -38.91 -22.37 -12.78
N ILE IA 198 -37.87 -23.20 -12.65
CA ILE IA 198 -37.82 -24.44 -13.40
C ILE IA 198 -38.95 -25.38 -12.96
N MET IA 199 -39.10 -25.55 -11.64
CA MET IA 199 -40.17 -26.38 -11.12
C MET IA 199 -41.54 -25.84 -11.50
N ASP IA 200 -41.70 -24.51 -11.45
CA ASP IA 200 -42.97 -23.91 -11.84
C ASP IA 200 -43.29 -24.19 -13.30
N ASP IA 201 -42.28 -24.10 -14.17
CA ASP IA 201 -42.51 -24.39 -15.58
C ASP IA 201 -42.89 -25.85 -15.80
N GLN IA 202 -42.18 -26.77 -15.13
CA GLN IA 202 -42.55 -28.18 -15.21
C GLN IA 202 -44.00 -28.39 -14.78
N ILE IA 203 -44.38 -27.81 -13.65
CA ILE IA 203 -45.72 -27.99 -13.12
C ILE IA 203 -46.77 -27.41 -14.07
N ARG IA 204 -46.50 -26.22 -14.61
CA ARG IA 204 -47.43 -25.63 -15.56
C ARG IA 204 -47.60 -26.52 -16.79
N SER IA 205 -46.49 -27.03 -17.33
CA SER IA 205 -46.57 -27.90 -18.50
C SER IA 205 -47.35 -29.17 -18.19
N PHE IA 206 -47.20 -29.69 -16.97
CA PHE IA 206 -47.89 -30.94 -16.62
C PHE IA 206 -49.36 -30.73 -16.34
N LEU IA 207 -49.74 -29.59 -15.76
CA LEU IA 207 -51.11 -29.33 -15.39
C LEU IA 207 -51.88 -28.54 -16.44
N ARG IA 208 -51.23 -28.17 -17.55
CA ARG IA 208 -51.89 -27.46 -18.63
C ARG IA 208 -52.43 -26.12 -18.16
N LEU IA 209 -51.56 -25.37 -17.47
CA LEU IA 209 -51.90 -24.05 -16.98
C LEU IA 209 -51.68 -23.00 -18.06
N PRO IA 210 -52.25 -21.81 -17.89
CA PRO IA 210 -52.12 -20.79 -18.94
C PRO IA 210 -50.69 -20.51 -19.33
N LYS IA 211 -50.41 -20.57 -20.62
CA LYS IA 211 -49.09 -20.29 -21.16
C LYS IA 211 -48.97 -18.81 -21.52
N PRO IA 212 -47.76 -18.27 -21.44
CA PRO IA 212 -47.54 -16.90 -21.94
C PRO IA 212 -47.51 -16.87 -23.46
N VAL IA 213 -47.86 -15.71 -24.01
CA VAL IA 213 -47.95 -15.55 -25.46
C VAL IA 213 -46.58 -15.61 -26.13
N THR IA 214 -45.50 -15.53 -25.36
CA THR IA 214 -44.17 -15.65 -25.94
C THR IA 214 -43.93 -17.02 -26.56
N THR IA 215 -44.78 -18.00 -26.25
CA THR IA 215 -44.67 -19.30 -26.88
C THR IA 215 -45.11 -19.25 -28.34
N GLU IA 216 -45.85 -18.23 -28.74
CA GLU IA 216 -46.29 -18.10 -30.12
C GLU IA 216 -45.34 -17.16 -30.86
N PRO IA 217 -44.71 -17.58 -31.95
CA PRO IA 217 -43.73 -16.71 -32.61
C PRO IA 217 -44.32 -15.44 -33.18
N PHE IA 218 -45.56 -15.48 -33.68
CA PHE IA 218 -46.17 -14.28 -34.23
C PHE IA 218 -46.52 -13.31 -33.12
N VAL IA 219 -46.36 -12.02 -33.41
CA VAL IA 219 -46.54 -10.96 -32.44
C VAL IA 219 -47.71 -10.10 -32.86
N PHE IA 220 -48.74 -10.04 -32.02
CA PHE IA 220 -49.90 -9.20 -32.24
C PHE IA 220 -49.80 -7.85 -31.55
N SER IA 221 -48.68 -7.56 -30.89
CA SER IA 221 -48.53 -6.34 -30.11
C SER IA 221 -48.23 -5.12 -30.98
N SER IA 222 -48.35 -5.22 -32.30
CA SER IA 222 -48.17 -4.07 -33.16
C SER IA 222 -48.90 -4.34 -34.47
N GLY IA 223 -48.99 -3.29 -35.29
CA GLY IA 223 -49.63 -3.42 -36.59
C GLY IA 223 -48.73 -4.02 -37.64
N SER IA 224 -47.44 -3.74 -37.57
CA SER IA 224 -46.51 -4.28 -38.55
C SER IA 224 -46.07 -5.69 -38.15
N PRO IA 225 -45.73 -6.53 -39.13
CA PRO IA 225 -45.45 -7.94 -38.82
C PRO IA 225 -44.13 -8.11 -38.08
N TYR IA 226 -44.20 -8.76 -36.92
CA TYR IA 226 -43.04 -9.11 -36.12
C TYR IA 226 -43.04 -10.61 -35.87
N ILE IA 227 -41.85 -11.21 -35.87
CA ILE IA 227 -41.68 -12.63 -35.59
C ILE IA 227 -40.65 -12.79 -34.48
N ARG IA 228 -40.91 -13.69 -33.56
CA ARG IA 228 -39.99 -13.89 -32.44
C ARG IA 228 -38.84 -14.79 -32.84
N ARG IA 229 -37.63 -14.36 -32.49
CA ARG IA 229 -36.43 -15.18 -32.61
C ARG IA 229 -36.05 -15.67 -31.22
N TYR IA 230 -35.95 -16.98 -31.07
CA TYR IA 230 -35.71 -17.62 -29.78
C TYR IA 230 -34.24 -18.02 -29.66
N PHE IA 231 -33.67 -17.78 -28.48
CA PHE IA 231 -32.30 -18.19 -28.19
C PHE IA 231 -32.33 -19.44 -27.31
N GLY IA 232 -32.63 -20.57 -27.96
CA GLY IA 232 -32.55 -21.86 -27.30
C GLY IA 232 -33.59 -22.12 -26.25
N ASP IA 233 -34.56 -21.22 -26.08
CA ASP IA 233 -35.60 -21.41 -25.07
C ASP IA 233 -36.71 -20.40 -25.34
N ALA IA 234 -37.93 -20.79 -24.98
CA ALA IA 234 -39.07 -19.90 -25.17
C ALA IA 234 -39.04 -18.71 -24.24
N ASP IA 235 -38.24 -18.78 -23.17
CA ASP IA 235 -38.15 -17.67 -22.23
C ASP IA 235 -37.22 -16.56 -22.72
N ILE IA 236 -36.39 -16.84 -23.72
CA ILE IA 236 -35.43 -15.87 -24.24
C ILE IA 236 -35.78 -15.66 -25.71
N SER IA 237 -36.40 -14.52 -26.00
CA SER IA 237 -36.85 -14.22 -27.35
C SER IA 237 -36.72 -12.73 -27.60
N VAL IA 238 -36.61 -12.39 -28.88
CA VAL IA 238 -36.63 -10.99 -29.32
C VAL IA 238 -37.53 -10.87 -30.54
N PRO IA 239 -38.43 -9.89 -30.59
CA PRO IA 239 -39.21 -9.68 -31.82
C PRO IA 239 -38.37 -9.00 -32.90
N VAL IA 240 -38.56 -9.45 -34.13
CA VAL IA 240 -37.83 -8.95 -35.28
C VAL IA 240 -38.85 -8.56 -36.34
N PRO IA 241 -38.77 -7.37 -36.91
CA PRO IA 241 -39.73 -6.97 -37.95
C PRO IA 241 -39.46 -7.66 -39.27
N LEU IA 242 -40.55 -7.95 -39.98
CA LEU IA 242 -40.46 -8.62 -41.28
C LEU IA 242 -40.48 -7.65 -42.45
N HIS IA 243 -41.20 -6.54 -42.32
CA HIS IA 243 -41.35 -5.62 -43.44
C HIS IA 243 -40.00 -5.05 -43.84
N ALA IA 244 -39.86 -4.79 -45.14
CA ALA IA 244 -38.79 -3.95 -45.65
C ALA IA 244 -39.40 -2.57 -45.83
N PRO IA 245 -39.30 -1.70 -44.83
CA PRO IA 245 -40.09 -0.47 -44.85
C PRO IA 245 -39.69 0.44 -46.00
N ALA IA 246 -40.69 0.96 -46.68
CA ALA IA 246 -40.48 1.95 -47.73
C ALA IA 246 -40.52 3.34 -47.10
N HIS IA 247 -39.49 4.13 -47.39
CA HIS IA 247 -39.38 5.48 -46.86
C HIS IA 247 -39.61 6.48 -47.97
N PHE IA 248 -40.08 7.66 -47.60
CA PHE IA 248 -40.48 8.68 -48.56
C PHE IA 248 -39.92 10.02 -48.15
N ALA IA 249 -39.63 10.85 -49.16
CA ALA IA 249 -39.05 12.17 -48.96
C ALA IA 249 -39.78 13.16 -49.85
N PHE IA 250 -40.52 14.08 -49.23
CA PHE IA 250 -41.22 15.14 -49.95
C PHE IA 250 -40.27 16.31 -50.21
N VAL IA 251 -39.15 15.98 -50.87
CA VAL IA 251 -38.04 16.91 -51.02
C VAL IA 251 -37.58 16.92 -52.48
N PRO IA 252 -37.19 18.07 -53.02
CA PRO IA 252 -36.56 18.09 -54.34
C PRO IA 252 -35.05 17.92 -54.27
N THR IA 253 -34.52 17.35 -55.35
CA THR IA 253 -33.10 17.04 -55.43
C THR IA 253 -32.31 18.17 -56.08
N GLY IA 254 -31.06 18.31 -55.66
CA GLY IA 254 -30.17 19.29 -56.26
C GLY IA 254 -30.47 20.71 -55.89
N THR IA 255 -31.09 20.94 -54.73
CA THR IA 255 -31.50 22.27 -54.30
C THR IA 255 -30.67 22.79 -53.15
N VAL IA 256 -29.60 22.10 -52.78
CA VAL IA 256 -28.81 22.46 -51.62
C VAL IA 256 -27.36 22.03 -51.84
N SER IA 257 -26.43 22.93 -51.53
CA SER IA 257 -24.99 22.65 -51.58
C SER IA 257 -24.41 23.11 -50.25
N PRO IA 258 -24.46 22.25 -49.22
CA PRO IA 258 -24.08 22.72 -47.89
C PRO IA 258 -22.62 23.08 -47.75
N TRP IA 259 -21.73 22.43 -48.50
CA TRP IA 259 -20.31 22.74 -48.37
C TRP IA 259 -20.02 24.19 -48.77
N GLU IA 260 -20.77 24.71 -49.74
CA GLU IA 260 -20.55 26.07 -50.21
C GLU IA 260 -21.10 27.07 -49.20
N GLU IA 261 -20.29 28.06 -48.86
CA GLU IA 261 -20.77 29.19 -48.07
C GLU IA 261 -21.61 30.08 -48.97
N THR IA 262 -22.89 30.22 -48.65
CA THR IA 262 -23.83 30.93 -49.50
C THR IA 262 -24.04 32.37 -49.09
N GLY IA 263 -23.69 32.74 -47.87
CA GLY IA 263 -23.81 34.13 -47.45
C GLY IA 263 -22.88 35.07 -48.17
N MET IA 264 -21.90 34.55 -48.90
CA MET IA 264 -20.93 35.38 -49.60
C MET IA 264 -21.27 35.57 -51.07
N GLU IA 265 -22.03 34.66 -51.66
CA GLU IA 265 -22.42 34.79 -53.05
C GLU IA 265 -23.61 35.74 -53.19
N THR IA 266 -23.64 36.45 -54.31
CA THR IA 266 -24.70 37.42 -54.58
C THR IA 266 -25.87 36.74 -55.26
N GLY IA 267 -27.06 36.92 -54.70
CA GLY IA 267 -28.25 36.33 -55.26
C GLY IA 267 -29.32 36.08 -54.22
N PRO IA 268 -30.49 35.61 -54.67
CA PRO IA 268 -31.55 35.30 -53.71
C PRO IA 268 -31.17 34.22 -52.71
N GLN IA 269 -30.57 33.13 -53.21
CA GLN IA 269 -30.08 32.09 -52.31
C GLN IA 269 -29.07 32.65 -51.31
N GLY IA 270 -28.26 33.59 -51.75
CA GLY IA 270 -27.29 34.20 -50.85
C GLY IA 270 -27.96 35.02 -49.76
N ALA IA 271 -28.91 35.86 -50.15
CA ALA IA 271 -29.60 36.69 -49.16
C ALA IA 271 -30.41 35.84 -48.18
N ALA IA 272 -30.93 34.71 -48.66
CA ALA IA 272 -31.73 33.83 -47.81
C ALA IA 272 -30.87 32.94 -46.91
N ALA IA 273 -29.67 32.58 -47.36
CA ALA IA 273 -28.70 32.00 -46.43
C ALA IA 273 -28.26 33.04 -45.41
N ARG IA 274 -28.20 34.30 -45.83
CA ARG IA 274 -28.28 35.42 -44.94
C ARG IA 274 -29.75 35.56 -44.60
N GLY IA 275 -30.16 36.71 -44.06
CA GLY IA 275 -31.47 36.84 -43.49
C GLY IA 275 -32.20 38.06 -44.04
N ALA IA 276 -33.49 38.12 -43.71
CA ALA IA 276 -34.28 39.28 -44.08
C ALA IA 276 -33.86 40.53 -43.33
N ALA IA 277 -33.24 40.36 -42.16
CA ALA IA 277 -32.76 41.52 -41.41
C ALA IA 277 -31.59 42.18 -42.12
N ALA IA 278 -30.61 41.39 -42.56
CA ALA IA 278 -29.49 41.93 -43.30
C ALA IA 278 -29.95 42.55 -44.61
N THR IA 279 -30.89 41.90 -45.30
CA THR IA 279 -31.38 42.44 -46.56
C THR IA 279 -32.11 43.76 -46.34
N ALA IA 280 -32.91 43.85 -45.27
CA ALA IA 280 -33.59 45.09 -44.95
C ALA IA 280 -32.61 46.20 -44.59
N PHE IA 281 -31.58 45.87 -43.82
CA PHE IA 281 -30.55 46.85 -43.49
C PHE IA 281 -29.86 47.35 -44.75
N ARG IA 282 -29.55 46.43 -45.67
CA ARG IA 282 -28.92 46.82 -46.92
C ARG IA 282 -29.84 47.72 -47.73
N ALA IA 283 -31.13 47.44 -47.73
CA ALA IA 283 -32.08 48.28 -48.45
C ALA IA 283 -32.19 49.67 -47.82
N VAL IA 284 -32.14 49.74 -46.50
CA VAL IA 284 -32.19 51.03 -45.82
C VAL IA 284 -30.96 51.86 -46.15
N LEU IA 285 -29.78 51.23 -46.09
CA LEU IA 285 -28.56 51.93 -46.51
C LEU IA 285 -28.68 52.39 -47.96
N GLU IA 286 -29.25 51.56 -48.81
CA GLU IA 286 -29.45 51.91 -50.22
C GLU IA 286 -30.31 53.15 -50.34
N SER IA 287 -31.41 53.20 -49.61
CA SER IA 287 -32.32 54.35 -49.68
C SER IA 287 -31.63 55.63 -49.20
N ALA IA 288 -30.92 55.55 -48.07
CA ALA IA 288 -30.23 56.73 -47.57
C ALA IA 288 -29.17 57.22 -48.54
N TRP IA 289 -28.39 56.28 -49.11
CA TRP IA 289 -27.39 56.64 -50.09
C TRP IA 289 -28.02 57.28 -51.31
N LYS IA 290 -29.19 56.79 -51.73
CA LYS IA 290 -29.88 57.39 -52.87
C LYS IA 290 -30.34 58.80 -52.55
N CYS IA 291 -30.81 59.04 -51.33
CA CYS IA 291 -31.16 60.40 -50.93
C CYS IA 291 -29.96 61.33 -51.05
N ASP IA 292 -28.82 60.91 -50.47
CA ASP IA 292 -27.63 61.74 -50.53
C ASP IA 292 -27.19 62.00 -51.96
N ILE IA 293 -27.19 60.95 -52.79
CA ILE IA 293 -26.74 61.11 -54.17
C ILE IA 293 -27.70 61.97 -54.96
N ASP IA 294 -28.99 61.96 -54.62
CA ASP IA 294 -29.94 62.84 -55.29
C ASP IA 294 -29.67 64.29 -54.93
N GLU IA 295 -29.37 64.55 -53.65
CA GLU IA 295 -28.97 65.90 -53.26
C GLU IA 295 -27.73 66.35 -54.04
N GLN IA 296 -26.74 65.47 -54.16
CA GLN IA 296 -25.53 65.82 -54.90
C GLN IA 296 -25.85 66.09 -56.37
N ILE IA 297 -26.69 65.26 -56.97
CA ILE IA 297 -27.06 65.46 -58.37
C ILE IA 297 -27.75 66.80 -58.55
N LYS IA 298 -28.64 67.15 -57.64
CA LYS IA 298 -29.32 68.44 -57.73
C LYS IA 298 -28.30 69.58 -57.66
N GLU IA 299 -27.43 69.56 -56.65
CA GLU IA 299 -26.50 70.67 -56.50
C GLU IA 299 -25.49 70.71 -57.64
N LYS IA 300 -25.26 69.60 -58.32
CA LYS IA 300 -24.32 69.60 -59.44
C LYS IA 300 -24.99 70.13 -60.71
N LEU IA 301 -26.20 69.68 -61.00
CA LEU IA 301 -26.87 70.07 -62.23
C LEU IA 301 -27.47 71.46 -62.16
N HIS IA 302 -27.72 71.98 -60.96
CA HIS IA 302 -28.19 73.36 -60.84
C HIS IA 302 -27.13 74.37 -61.24
N SER IA 303 -25.85 73.99 -61.15
CA SER IA 303 -24.76 74.87 -61.53
C SER IA 303 -24.72 75.06 -63.04
N SER JA 2 -47.94 4.60 35.60
CA SER JA 2 -48.67 5.55 34.78
C SER JA 2 -47.88 5.89 33.52
N THR JA 3 -47.16 7.00 33.52
CA THR JA 3 -46.38 7.43 32.38
C THR JA 3 -45.12 8.12 32.87
N SER JA 4 -44.39 8.73 31.94
CA SER JA 4 -43.12 9.37 32.25
C SER JA 4 -42.58 10.08 31.02
N PRO JA 5 -41.57 10.94 31.18
CA PRO JA 5 -41.01 11.61 29.99
C PRO JA 5 -40.45 10.66 28.96
N GLY JA 6 -39.84 9.55 29.40
CA GLY JA 6 -39.30 8.58 28.48
C GLY JA 6 -40.33 7.85 27.66
N LEU JA 7 -41.61 7.94 28.03
CA LEU JA 7 -42.70 7.31 27.29
C LEU JA 7 -43.42 8.28 26.38
N ALA JA 8 -42.81 9.42 26.06
CA ALA JA 8 -43.47 10.40 25.22
C ALA JA 8 -43.71 9.85 23.82
N PHE JA 9 -42.74 9.10 23.28
CA PHE JA 9 -42.92 8.48 21.98
C PHE JA 9 -44.18 7.63 21.95
N ALA JA 10 -44.29 6.70 22.90
CA ALA JA 10 -45.42 5.79 22.91
C ALA JA 10 -46.73 6.52 23.20
N ASN JA 11 -46.70 7.50 24.10
CA ASN JA 11 -47.92 8.26 24.39
C ASN JA 11 -48.43 8.97 23.15
N LEU JA 12 -47.54 9.67 22.46
CA LEU JA 12 -47.93 10.38 21.24
C LEU JA 12 -48.45 9.41 20.20
N THR JA 13 -47.71 8.32 19.97
CA THR JA 13 -48.12 7.34 18.98
C THR JA 13 -49.51 6.80 19.28
N LEU JA 14 -49.76 6.42 20.53
CA LEU JA 14 -51.07 5.91 20.91
C LEU JA 14 -52.14 6.96 20.68
N LEU JA 15 -51.98 8.14 21.29
CA LEU JA 15 -52.99 9.18 21.18
C LEU JA 15 -53.33 9.50 19.74
N LEU JA 16 -52.35 9.42 18.83
CA LEU JA 16 -52.59 9.78 17.45
C LEU JA 16 -53.00 8.61 16.56
N ASP JA 17 -52.80 7.38 17.00
CA ASP JA 17 -53.07 6.20 16.17
C ASP JA 17 -54.29 5.40 16.60
N VAL JA 18 -54.52 5.20 17.89
CA VAL JA 18 -55.62 4.33 18.32
C VAL JA 18 -56.96 4.95 17.92
N PRO JA 19 -57.09 6.28 17.82
CA PRO JA 19 -58.36 6.82 17.30
C PRO JA 19 -58.54 6.59 15.82
N GLN JA 20 -57.49 6.26 15.08
CA GLN JA 20 -57.58 6.02 13.65
C GLN JA 20 -57.94 4.57 13.32
N LEU JA 21 -57.88 3.65 14.28
CA LEU JA 21 -58.18 2.27 13.98
C LEU JA 21 -59.62 2.07 13.52
N PRO JA 22 -60.62 2.72 14.12
CA PRO JA 22 -61.98 2.62 13.54
C PRO JA 22 -62.03 3.04 12.09
N ALA JA 23 -61.35 4.14 11.73
CA ALA JA 23 -61.35 4.59 10.35
C ALA JA 23 -60.63 3.61 9.45
N ILE JA 24 -59.56 3.00 9.94
CA ILE JA 24 -58.83 2.00 9.15
C ILE JA 24 -59.73 0.80 8.88
N TRP JA 25 -60.43 0.32 9.90
CA TRP JA 25 -61.34 -0.79 9.73
C TRP JA 25 -62.48 -0.43 8.78
N ALA JA 26 -62.97 0.80 8.86
CA ALA JA 26 -64.01 1.24 7.95
C ALA JA 26 -63.53 1.27 6.51
N VAL JA 27 -62.29 1.72 6.30
CA VAL JA 27 -61.71 1.73 4.96
C VAL JA 27 -61.60 0.31 4.42
N ASN JA 28 -61.15 -0.61 5.27
CA ASN JA 28 -61.04 -2.00 4.85
C ASN JA 28 -62.40 -2.57 4.47
N ALA JA 29 -63.43 -2.29 5.28
CA ALA JA 29 -64.77 -2.78 4.98
C ALA JA 29 -65.30 -2.19 3.68
N TRP JA 30 -65.05 -0.89 3.46
CA TRP JA 30 -65.50 -0.26 2.23
C TRP JA 30 -64.81 -0.88 1.02
N ARG JA 31 -63.52 -1.18 1.14
CA ARG JA 31 -62.82 -1.83 0.05
C ARG JA 31 -63.41 -3.21 -0.24
N GLU JA 32 -63.72 -3.97 0.82
CA GLU JA 32 -64.35 -5.26 0.62
C GLU JA 32 -65.68 -5.13 -0.10
N LEU JA 33 -66.50 -4.16 0.31
CA LEU JA 33 -67.80 -3.99 -0.33
C LEU JA 33 -67.67 -3.57 -1.78
N ASN JA 34 -66.71 -2.69 -2.09
CA ASN JA 34 -66.49 -2.30 -3.47
C ASN JA 34 -66.05 -3.48 -4.31
N GLY JA 35 -65.17 -4.33 -3.76
CA GLY JA 35 -64.78 -5.53 -4.48
C GLY JA 35 -65.94 -6.46 -4.72
N LEU JA 36 -66.81 -6.62 -3.72
CA LEU JA 36 -67.98 -7.46 -3.86
C LEU JA 36 -68.89 -6.93 -4.97
N PHE JA 37 -69.14 -5.62 -4.99
CA PHE JA 37 -69.99 -5.05 -6.02
C PHE JA 37 -69.36 -5.21 -7.40
N THR JA 38 -68.06 -5.00 -7.50
CA THR JA 38 -67.38 -5.17 -8.78
C THR JA 38 -67.51 -6.61 -9.27
N GLU JA 39 -67.35 -7.58 -8.38
CA GLU JA 39 -67.45 -8.98 -8.79
C GLU JA 39 -68.88 -9.33 -9.18
N MET JA 40 -69.86 -8.79 -8.46
CA MET JA 40 -71.25 -9.02 -8.83
C MET JA 40 -71.54 -8.46 -10.21
N LYS JA 41 -71.04 -7.25 -10.50
CA LYS JA 41 -71.24 -6.68 -11.82
C LYS JA 41 -70.56 -7.50 -12.90
N THR JA 42 -69.34 -7.97 -12.63
CA THR JA 42 -68.65 -8.83 -13.59
C THR JA 42 -69.45 -10.10 -13.87
N LEU JA 43 -69.96 -10.74 -12.83
CA LEU JA 43 -70.79 -11.92 -13.01
C LEU JA 43 -72.03 -11.60 -13.84
N ALA JA 44 -72.68 -10.48 -13.54
CA ALA JA 44 -73.85 -10.08 -14.31
C ALA JA 44 -73.51 -9.96 -15.79
N GLY JA 45 -72.39 -9.33 -16.10
CA GLY JA 45 -71.95 -9.20 -17.48
C GLY JA 45 -71.53 -7.79 -17.83
N THR JA 46 -70.59 -7.68 -18.76
CA THR JA 46 -70.05 -6.40 -19.20
C THR JA 46 -69.67 -6.49 -20.66
N SER JA 47 -69.84 -5.38 -21.37
CA SER JA 47 -69.41 -5.32 -22.77
C SER JA 47 -67.90 -5.51 -22.88
N ASP JA 48 -67.14 -4.64 -22.22
CA ASP JA 48 -65.69 -4.79 -22.11
C ASP JA 48 -65.34 -5.23 -20.69
N LEU JA 49 -64.19 -5.89 -20.56
CA LEU JA 49 -63.79 -6.45 -19.29
C LEU JA 49 -63.57 -5.35 -18.25
N LEU JA 50 -63.51 -5.78 -16.99
CA LEU JA 50 -63.21 -4.91 -15.87
C LEU JA 50 -61.97 -5.42 -15.17
N TYR JA 51 -61.04 -4.52 -14.90
CA TYR JA 51 -59.86 -4.88 -14.11
C TYR JA 51 -60.22 -4.82 -12.62
N PRO JA 52 -60.17 -5.94 -11.89
CA PRO JA 52 -60.67 -5.91 -10.50
C PRO JA 52 -59.85 -5.01 -9.59
N SER JA 53 -58.54 -5.22 -9.54
CA SER JA 53 -57.68 -4.52 -8.60
C SER JA 53 -57.20 -3.18 -9.12
N ASN JA 54 -57.89 -2.61 -10.10
CA ASN JA 54 -57.54 -1.31 -10.65
C ASN JA 54 -58.44 -0.24 -10.06
N ARG JA 55 -57.89 0.97 -9.97
CA ARG JA 55 -58.59 2.08 -9.33
C ARG JA 55 -59.89 2.40 -10.03
N TYR JA 56 -59.85 2.62 -11.34
CA TYR JA 56 -60.98 3.11 -12.10
C TYR JA 56 -61.07 2.37 -13.42
N ASN JA 57 -62.30 2.03 -13.82
CA ASN JA 57 -62.57 1.32 -15.08
C ASN JA 57 -63.60 2.12 -15.86
N PRO JA 58 -63.16 3.01 -16.75
CA PRO JA 58 -64.10 3.82 -17.53
C PRO JA 58 -64.54 3.21 -18.85
N GLN JA 59 -64.04 2.03 -19.22
CA GLN JA 59 -64.29 1.49 -20.54
C GLN JA 59 -65.75 1.13 -20.71
N ASN JA 60 -66.30 1.51 -21.87
CA ASN JA 60 -67.65 1.15 -22.27
C ASN JA 60 -67.66 1.05 -23.79
N GLU JA 61 -68.85 1.06 -24.38
CA GLU JA 61 -68.95 0.92 -25.83
C GLU JA 61 -68.38 2.12 -26.57
N LYS JA 62 -68.27 3.28 -25.91
CA LYS JA 62 -67.83 4.51 -26.53
C LYS JA 62 -66.63 5.12 -25.83
N THR JA 63 -65.88 4.33 -25.06
CA THR JA 63 -64.78 4.86 -24.26
C THR JA 63 -63.70 3.80 -24.11
N ASN JA 64 -62.46 4.21 -24.30
CA ASN JA 64 -61.32 3.32 -24.14
C ASN JA 64 -61.11 2.99 -22.66
N ARG JA 65 -60.14 2.11 -22.41
CA ARG JA 65 -59.74 1.76 -21.07
C ARG JA 65 -58.84 2.81 -20.42
N MET JA 66 -58.75 4.00 -21.02
CA MET JA 66 -58.02 5.12 -20.44
C MET JA 66 -58.83 6.40 -20.44
N GLY JA 67 -60.13 6.32 -20.75
CA GLY JA 67 -60.99 7.47 -20.70
C GLY JA 67 -61.16 8.22 -22.00
N ARG JA 68 -60.52 7.77 -23.06
CA ARG JA 68 -60.62 8.42 -24.36
C ARG JA 68 -61.65 7.71 -25.23
N PRO JA 69 -62.20 8.40 -26.22
CA PRO JA 69 -63.12 7.73 -27.14
C PRO JA 69 -62.41 6.66 -27.96
N ARG JA 70 -63.15 5.61 -28.28
CA ARG JA 70 -62.60 4.52 -29.07
C ARG JA 70 -62.43 4.94 -30.51
N LYS JA 71 -61.29 4.58 -31.09
CA LYS JA 71 -61.05 4.81 -32.51
C LYS JA 71 -61.70 3.72 -33.34
N TYR JA 72 -62.24 4.11 -34.48
CA TYR JA 72 -62.83 3.17 -35.44
C TYR JA 72 -64.04 2.47 -34.84
N ASN JA 73 -64.91 3.23 -34.19
CA ASN JA 73 -66.07 2.69 -33.51
C ASN JA 73 -67.37 3.29 -34.02
N HIS JA 74 -67.35 3.96 -35.17
CA HIS JA 74 -68.56 4.58 -35.70
C HIS JA 74 -69.45 3.55 -36.38
N GLY JA 75 -68.86 2.61 -37.10
CA GLY JA 75 -69.60 1.58 -37.81
C GLY JA 75 -69.74 0.32 -36.98
N GLU JA 76 -70.20 -0.72 -37.65
CA GLU JA 76 -70.38 -2.04 -37.04
C GLU JA 76 -69.44 -3.04 -37.70
N TRP JA 77 -69.15 -4.11 -36.97
CA TRP JA 77 -68.17 -5.10 -37.37
C TRP JA 77 -68.80 -6.48 -37.39
N MET JA 78 -68.39 -7.30 -38.35
CA MET JA 78 -68.98 -8.63 -38.50
C MET JA 78 -68.72 -9.50 -37.28
N PHE JA 79 -67.52 -9.42 -36.72
CA PHE JA 79 -67.17 -10.20 -35.54
C PHE JA 79 -67.67 -9.60 -34.25
N GLY JA 80 -68.50 -8.56 -34.33
CA GLY JA 80 -69.12 -8.01 -33.14
C GLY JA 80 -68.30 -6.87 -32.56
N ASN JA 81 -68.11 -6.89 -31.25
CA ASN JA 81 -67.34 -5.84 -30.60
C ASN JA 81 -65.89 -5.88 -31.08
N SER JA 82 -65.29 -4.69 -31.14
CA SER JA 82 -63.92 -4.54 -31.57
C SER JA 82 -62.92 -4.84 -30.45
N TYR JA 83 -63.37 -5.53 -29.41
CA TYR JA 83 -62.55 -5.77 -28.24
C TYR JA 83 -62.99 -7.03 -27.51
N TYR KA 83 -17.40 -28.22 41.70
CA TYR KA 83 -17.23 -29.19 42.77
C TYR KA 83 -17.61 -28.60 44.12
N ALA KA 84 -18.12 -29.44 45.00
CA ALA KA 84 -18.52 -28.98 46.31
C ALA KA 84 -17.31 -28.55 47.13
N THR KA 85 -17.57 -27.67 48.09
CA THR KA 85 -16.55 -27.18 49.01
C THR KA 85 -16.62 -28.02 50.28
N LEU KA 86 -15.73 -29.00 50.38
CA LEU KA 86 -15.70 -29.88 51.54
C LEU KA 86 -14.89 -29.25 52.66
N GLY KA 87 -15.18 -29.70 53.88
CA GLY KA 87 -14.52 -29.17 55.07
C GLY KA 87 -15.51 -28.88 56.17
N SER KA 88 -15.06 -29.04 57.41
CA SER KA 88 -15.86 -28.79 58.60
C SER KA 88 -15.53 -27.47 59.26
N GLY KA 89 -14.83 -26.58 58.57
CA GLY KA 89 -14.35 -25.33 59.15
C GLY KA 89 -15.26 -24.17 58.82
N TRP KA 90 -15.45 -23.29 59.80
CA TRP KA 90 -16.23 -22.08 59.65
C TRP KA 90 -15.37 -20.86 59.37
N SER KA 91 -14.08 -21.05 59.15
CA SER KA 91 -13.17 -19.93 58.95
C SER KA 91 -13.31 -19.40 57.53
N PHE KA 92 -13.77 -18.16 57.40
CA PHE KA 92 -13.85 -17.50 56.10
C PHE KA 92 -12.43 -17.14 55.67
N SER KA 93 -11.90 -17.89 54.71
CA SER KA 93 -10.50 -17.77 54.31
C SER KA 93 -10.42 -17.34 52.85
N LYS KA 94 -9.68 -16.28 52.61
CA LYS KA 94 -9.32 -15.84 51.28
C LYS KA 94 -7.79 -15.81 51.17
N VAL KA 95 -7.31 -15.80 49.93
CA VAL KA 95 -5.88 -15.88 49.67
C VAL KA 95 -5.44 -14.69 48.82
N GLN KA 96 -4.20 -14.28 49.03
CA GLN KA 96 -3.53 -13.32 48.17
C GLN KA 96 -2.37 -14.02 47.47
N TYR KA 97 -2.14 -13.66 46.23
CA TYR KA 97 -1.15 -14.33 45.40
C TYR KA 97 0.14 -13.54 45.32
N THR KA 98 1.22 -14.24 45.04
CA THR KA 98 2.53 -13.69 44.82
C THR KA 98 2.88 -13.76 43.34
N LYS KA 99 4.09 -13.33 43.00
CA LYS KA 99 4.60 -13.43 41.63
C LYS KA 99 5.55 -14.60 41.47
N TYR KA 100 5.53 -15.55 42.39
CA TYR KA 100 6.40 -16.71 42.35
C TYR KA 100 5.55 -17.98 42.31
N ARG KA 101 6.07 -18.98 41.61
CA ARG KA 101 5.38 -20.25 41.45
C ARG KA 101 5.77 -21.23 42.55
N ILE KA 102 4.88 -22.20 42.78
CA ILE KA 102 5.13 -23.23 43.77
C ILE KA 102 6.23 -24.15 43.25
N THR KA 103 7.17 -24.49 44.13
CA THR KA 103 8.31 -25.32 43.80
C THR KA 103 8.36 -26.51 44.74
N LYS KA 104 8.65 -27.68 44.17
CA LYS KA 104 8.79 -28.92 44.91
C LYS KA 104 10.13 -29.54 44.60
N PRO KA 105 10.60 -30.47 45.43
CA PRO KA 105 11.89 -31.10 45.19
C PRO KA 105 11.93 -31.83 43.85
N TRP KA 106 13.11 -31.84 43.24
CA TRP KA 106 13.26 -32.46 41.94
C TRP KA 106 13.00 -33.96 42.00
N THR KA 107 12.27 -34.46 41.01
CA THR KA 107 12.03 -35.89 40.87
C THR KA 107 11.94 -36.19 39.38
N THR KA 108 12.57 -37.28 38.96
CA THR KA 108 12.62 -37.65 37.55
C THR KA 108 11.40 -38.45 37.11
N ASP KA 109 10.53 -38.86 38.02
CA ASP KA 109 9.39 -39.70 37.69
C ASP KA 109 8.05 -39.14 38.16
N THR KA 110 8.04 -38.14 39.04
CA THR KA 110 6.81 -37.64 39.62
C THR KA 110 6.61 -36.18 39.27
N THR KA 111 5.36 -35.73 39.40
CA THR KA 111 4.99 -34.36 39.17
C THR KA 111 3.85 -34.00 40.11
N PHE KA 112 3.88 -32.78 40.64
CA PHE KA 112 2.88 -32.34 41.60
C PHE KA 112 1.79 -31.55 40.91
N ASP KA 113 0.54 -31.81 41.29
CA ASP KA 113 -0.59 -31.16 40.65
C ASP KA 113 -1.76 -31.09 41.62
N ASP KA 114 -2.78 -30.32 41.25
CA ASP KA 114 -3.97 -30.17 42.06
C ASP KA 114 -4.93 -31.33 41.80
N ILE KA 115 -5.48 -31.88 42.88
CA ILE KA 115 -6.27 -33.10 42.77
C ILE KA 115 -7.57 -32.84 42.01
N ILE KA 116 -8.19 -31.68 42.24
CA ILE KA 116 -9.46 -31.40 41.59
C ILE KA 116 -9.26 -31.04 40.12
N LEU KA 117 -8.14 -30.40 39.79
CA LEU KA 117 -7.87 -30.06 38.40
C LEU KA 117 -7.37 -31.25 37.59
N SER KA 118 -6.72 -32.20 38.25
CA SER KA 118 -6.19 -33.37 37.57
C SER KA 118 -7.20 -34.50 37.47
N GLN KA 119 -8.08 -34.65 38.46
CA GLN KA 119 -9.01 -35.76 38.53
C GLN KA 119 -8.27 -37.09 38.38
N PRO KA 120 -7.26 -37.33 39.21
CA PRO KA 120 -6.39 -38.50 39.01
C PRO KA 120 -7.08 -39.79 39.39
N SER KA 121 -6.50 -40.89 38.93
CA SER KA 121 -6.91 -42.23 39.28
C SER KA 121 -5.83 -42.91 40.10
N LYS KA 122 -6.18 -44.10 40.61
CA LYS KA 122 -5.27 -44.82 41.49
C LYS KA 122 -3.96 -45.14 40.80
N GLU KA 123 -4.00 -45.41 39.49
CA GLU KA 123 -2.77 -45.69 38.75
C GLU KA 123 -2.04 -44.41 38.40
N ASP KA 124 -2.74 -43.28 38.29
CA ASP KA 124 -2.06 -42.01 38.07
C ASP KA 124 -1.31 -41.57 39.32
N PHE KA 125 -1.80 -41.94 40.49
CA PHE KA 125 -1.09 -41.63 41.72
C PHE KA 125 0.27 -42.31 41.76
N ALA KA 126 1.23 -41.64 42.38
CA ALA KA 126 2.57 -42.18 42.54
C ALA KA 126 2.67 -43.05 43.79
N LYS KA 127 3.56 -44.02 43.73
CA LYS KA 127 3.71 -45.01 44.79
C LYS KA 127 5.06 -44.88 45.48
N PHE KA 128 5.12 -45.39 46.71
CA PHE KA 128 6.34 -45.38 47.48
C PHE KA 128 6.24 -46.44 48.57
N THR KA 129 7.36 -46.70 49.22
CA THR KA 129 7.45 -47.71 50.27
C THR KA 129 7.49 -47.04 51.64
N LYS KA 130 6.69 -47.56 52.56
CA LYS KA 130 6.57 -47.04 53.91
C LYS KA 130 7.04 -48.10 54.90
N GLU KA 131 7.61 -47.63 56.01
CA GLU KA 131 8.13 -48.51 57.04
C GLU KA 131 7.00 -49.04 57.92
N ALA KA 132 7.01 -50.34 58.15
CA ALA KA 132 5.92 -51.07 58.82
C ALA KA 132 6.01 -51.09 60.33
N PRO KA 133 7.18 -51.44 60.92
CA PRO KA 133 7.22 -51.86 62.32
C PRO KA 133 6.38 -51.04 63.28
N LEU KA 134 6.52 -49.70 63.21
CA LEU KA 134 5.80 -48.85 64.15
C LEU KA 134 4.31 -49.09 64.07
N PHE KA 135 3.79 -49.39 62.88
CA PHE KA 135 2.37 -49.69 62.73
C PHE KA 135 2.07 -51.15 63.01
N LEU KA 136 3.00 -52.05 62.68
CA LEU KA 136 2.74 -53.48 62.86
C LEU KA 136 2.65 -53.83 64.34
N ARG KA 137 3.38 -53.14 65.20
CA ARG KA 137 3.28 -53.39 66.63
C ARG KA 137 1.87 -53.06 67.13
N PHE KA 138 1.39 -51.85 66.83
CA PHE KA 138 0.04 -51.46 67.22
C PHE KA 138 -0.99 -52.39 66.60
N LEU KA 139 -0.75 -52.85 65.37
CA LEU KA 139 -1.69 -53.75 64.73
C LEU KA 139 -1.74 -55.09 65.45
N LYS KA 140 -0.58 -55.63 65.83
CA LYS KA 140 -0.56 -56.87 66.59
C LYS KA 140 -1.32 -56.72 67.89
N LEU KA 141 -1.12 -55.59 68.58
CA LEU KA 141 -1.86 -55.35 69.81
C LEU KA 141 -3.36 -55.34 69.56
N VAL KA 142 -3.81 -54.57 68.56
CA VAL KA 142 -5.23 -54.44 68.30
C VAL KA 142 -5.83 -55.79 67.91
N THR KA 143 -5.08 -56.59 67.15
CA THR KA 143 -5.60 -57.87 66.70
C THR KA 143 -5.66 -58.87 67.84
N ASP KA 144 -4.67 -58.86 68.73
CA ASP KA 144 -4.74 -59.70 69.91
C ASP KA 144 -5.91 -59.30 70.80
N VAL KA 145 -6.28 -58.02 70.79
CA VAL KA 145 -7.43 -57.58 71.59
C VAL KA 145 -8.73 -58.02 70.94
N GLU KA 146 -8.85 -57.84 69.63
CA GLU KA 146 -10.12 -58.08 68.95
C GLU KA 146 -10.39 -59.56 68.70
N GLY KA 147 -9.34 -60.35 68.47
CA GLY KA 147 -9.50 -61.77 68.20
C GLY KA 147 -9.46 -62.11 66.72
N ARG KA 148 -8.51 -61.52 65.99
CA ARG KA 148 -8.32 -61.84 64.59
C ARG KA 148 -6.82 -61.69 64.28
N GLN KA 149 -6.10 -62.81 64.31
CA GLN KA 149 -4.67 -62.81 64.07
C GLN KA 149 -4.30 -63.20 62.64
N GLU KA 150 -5.19 -63.92 61.95
CA GLU KA 150 -4.95 -64.24 60.55
C GLU KA 150 -4.74 -62.96 59.74
N ALA KA 151 -5.50 -61.92 60.05
CA ALA KA 151 -5.36 -60.65 59.33
C ALA KA 151 -3.97 -60.05 59.57
N PHE KA 152 -3.52 -60.05 60.82
CA PHE KA 152 -2.20 -59.53 61.11
C PHE KA 152 -1.13 -60.32 60.39
N ILE KA 153 -1.23 -61.65 60.40
CA ILE KA 153 -0.21 -62.47 59.75
C ILE KA 153 -0.18 -62.19 58.26
N GLN KA 154 -1.35 -62.16 57.62
CA GLN KA 154 -1.42 -61.91 56.19
C GLN KA 154 -0.87 -60.54 55.86
N PHE KA 155 -1.26 -59.51 56.62
CA PHE KA 155 -0.80 -58.16 56.33
C PHE KA 155 0.70 -58.03 56.54
N ALA KA 156 1.25 -58.70 57.55
CA ALA KA 156 2.68 -58.63 57.79
C ALA KA 156 3.47 -59.32 56.68
N LYS KA 157 2.99 -60.50 56.24
CA LYS KA 157 3.67 -61.17 55.14
C LYS KA 157 3.54 -60.37 53.85
N ARG KA 158 2.46 -59.61 53.70
CA ARG KA 158 2.32 -58.74 52.53
C ARG KA 158 3.24 -57.54 52.62
N CYS KA 159 3.41 -57.00 53.83
CA CYS KA 159 4.05 -55.71 54.02
C CYS KA 159 5.55 -55.80 54.26
N GLU KA 160 6.07 -56.97 54.60
CA GLU KA 160 7.51 -57.12 54.80
C GLU KA 160 8.27 -56.51 53.64
N ASN KA 161 9.47 -56.02 53.92
CA ASN KA 161 10.25 -55.22 52.98
C ASN KA 161 9.54 -53.92 52.64
N GLY KA 162 8.71 -53.43 53.55
CA GLY KA 162 8.03 -52.17 53.36
C GLY KA 162 6.69 -52.31 52.65
N LEU KA 163 5.78 -51.40 52.97
CA LEU KA 163 4.47 -51.37 52.35
C LEU KA 163 4.51 -50.45 51.13
N THR KA 164 4.26 -51.01 49.95
CA THR KA 164 4.18 -50.24 48.72
C THR KA 164 2.77 -49.72 48.55
N VAL KA 165 2.62 -48.39 48.52
CA VAL KA 165 1.31 -47.76 48.57
C VAL KA 165 1.36 -46.42 47.85
N GLU KA 166 0.19 -45.95 47.43
CA GLU KA 166 0.08 -44.62 46.85
C GLU KA 166 0.50 -43.57 47.87
N LYS KA 167 1.19 -42.54 47.40
CA LYS KA 167 1.90 -41.64 48.29
C LYS KA 167 0.96 -40.64 48.95
N ASP KA 168 0.11 -39.97 48.16
CA ASP KA 168 -0.71 -38.87 48.65
C ASP KA 168 -2.15 -39.29 48.90
N VAL KA 169 -2.36 -40.51 49.36
CA VAL KA 169 -3.69 -41.00 49.75
C VAL KA 169 -3.56 -41.44 51.21
N TYR KA 170 -3.88 -40.52 52.12
CA TYR KA 170 -3.69 -40.80 53.54
C TYR KA 170 -4.68 -39.98 54.36
N VAL KA 171 -4.70 -40.27 55.65
CA VAL KA 171 -5.48 -39.53 56.63
C VAL KA 171 -4.56 -39.19 57.79
N THR KA 172 -4.67 -37.96 58.29
CA THR KA 172 -3.78 -37.54 59.37
C THR KA 172 -4.25 -38.09 60.71
N LYS KA 173 -3.29 -38.14 61.64
CA LYS KA 173 -3.59 -38.65 62.98
C LYS KA 173 -4.67 -37.82 63.66
N LYS KA 174 -4.65 -36.52 63.46
CA LYS KA 174 -5.65 -35.65 64.09
C LYS KA 174 -7.04 -35.96 63.56
N GLU KA 175 -7.18 -36.09 62.25
CA GLU KA 175 -8.47 -36.43 61.66
C GLU KA 175 -8.95 -37.79 62.15
N LEU KA 176 -8.04 -38.77 62.20
CA LEU KA 176 -8.44 -40.10 62.67
C LEU KA 176 -8.89 -40.06 64.12
N VAL KA 177 -8.19 -39.28 64.97
CA VAL KA 177 -8.57 -39.19 66.37
C VAL KA 177 -9.92 -38.52 66.51
N ASP KA 178 -10.17 -37.46 65.73
CA ASP KA 178 -11.47 -36.82 65.77
C ASP KA 178 -12.58 -37.80 65.38
N CYS KA 179 -12.34 -38.59 64.33
CA CYS KA 179 -13.32 -39.58 63.91
C CYS KA 179 -13.60 -40.58 65.02
N LEU KA 180 -12.53 -41.13 65.60
CA LEU KA 180 -12.69 -42.10 66.68
C LEU KA 180 -13.50 -41.50 67.83
N TRP KA 181 -13.14 -40.29 68.25
CA TRP KA 181 -13.82 -39.68 69.38
C TRP KA 181 -15.28 -39.45 69.09
N LYS KA 182 -15.60 -38.90 67.92
CA LYS KA 182 -16.99 -38.60 67.62
C LYS KA 182 -17.80 -39.86 67.33
N ASN KA 183 -17.13 -40.98 67.04
CA ASN KA 183 -17.83 -42.23 66.77
C ASN KA 183 -17.84 -43.17 67.97
N GLY KA 184 -17.18 -42.81 69.06
CA GLY KA 184 -17.40 -43.48 70.32
C GLY KA 184 -16.33 -44.46 70.75
N TYR KA 185 -15.10 -44.30 70.28
CA TYR KA 185 -14.01 -45.15 70.76
C TYR KA 185 -13.53 -44.63 72.11
N THR KA 186 -13.13 -45.56 72.96
CA THR KA 186 -12.86 -45.23 74.35
C THR KA 186 -11.58 -44.41 74.49
N ASP KA 187 -11.51 -43.69 75.63
CA ASP KA 187 -10.34 -42.88 75.92
C ASP KA 187 -9.08 -43.72 76.00
N THR KA 188 -9.19 -44.96 76.47
CA THR KA 188 -8.02 -45.83 76.52
C THR KA 188 -7.47 -46.08 75.12
N GLU KA 189 -8.35 -46.42 74.18
CA GLU KA 189 -7.91 -46.67 72.81
C GLU KA 189 -7.35 -45.40 72.17
N ILE KA 190 -7.98 -44.25 72.42
CA ILE KA 190 -7.50 -43.01 71.85
C ILE KA 190 -6.12 -42.68 72.40
N ASN KA 191 -5.92 -42.86 73.71
CA ASN KA 191 -4.61 -42.59 74.31
C ASN KA 191 -3.57 -43.58 73.80
N ALA KA 192 -3.97 -44.82 73.54
CA ALA KA 192 -3.05 -45.77 72.93
C ALA KA 192 -2.59 -45.27 71.56
N PHE KA 193 -3.54 -44.85 70.72
CA PHE KA 193 -3.18 -44.26 69.44
C PHE KA 193 -2.19 -43.11 69.63
N GLU KA 194 -2.49 -42.21 70.55
CA GLU KA 194 -1.67 -41.01 70.73
C GLU KA 194 -0.25 -41.37 71.15
N ILE KA 195 -0.11 -42.27 72.13
CA ILE KA 195 1.21 -42.61 72.62
C ILE KA 195 1.97 -43.48 71.62
N ALA KA 196 1.26 -44.19 70.75
CA ALA KA 196 1.91 -45.09 69.83
C ALA KA 196 2.45 -44.36 68.61
N PHE KA 197 1.66 -43.45 68.04
CA PHE KA 197 2.08 -42.84 66.80
C PHE KA 197 2.50 -41.39 67.00
N PRO KA 198 3.50 -40.92 66.24
CA PRO KA 198 3.88 -39.50 66.32
C PRO KA 198 2.74 -38.60 65.86
N ALA KA 199 2.96 -37.30 66.06
CA ALA KA 199 1.93 -36.33 65.70
C ALA KA 199 1.81 -36.15 64.20
N ASP KA 200 2.91 -36.29 63.47
CA ASP KA 200 2.94 -36.09 62.03
C ASP KA 200 2.83 -37.39 61.26
N TYR KA 201 2.30 -38.44 61.88
CA TYR KA 201 2.13 -39.70 61.18
C TYR KA 201 0.97 -39.61 60.20
N LYS KA 202 1.07 -40.38 59.12
CA LYS KA 202 0.07 -40.39 58.06
C LYS KA 202 -0.37 -41.81 57.79
N PHE KA 203 -1.64 -42.09 58.06
CA PHE KA 203 -2.21 -43.41 57.87
C PHE KA 203 -2.75 -43.55 56.46
N HIS KA 204 -2.44 -44.65 55.81
CA HIS KA 204 -2.91 -44.93 54.46
C HIS KA 204 -4.05 -45.95 54.50
N TYR KA 205 -4.71 -46.07 53.35
CA TYR KA 205 -5.94 -46.85 53.30
C TYR KA 205 -5.73 -48.33 53.60
N PRO KA 206 -4.61 -48.98 53.26
CA PRO KA 206 -4.45 -50.38 53.67
C PRO KA 206 -4.33 -50.50 55.18
N GLU KA 207 -3.58 -49.60 55.81
CA GLU KA 207 -3.50 -49.58 57.27
C GLU KA 207 -4.88 -49.42 57.88
N LEU KA 208 -5.65 -48.44 57.39
CA LEU KA 208 -6.99 -48.23 57.94
C LEU KA 208 -7.84 -49.47 57.78
N ALA KA 209 -7.78 -50.10 56.61
CA ALA KA 209 -8.63 -51.26 56.35
C ALA KA 209 -8.27 -52.42 57.27
N VAL KA 210 -6.98 -52.72 57.38
CA VAL KA 210 -6.57 -53.83 58.23
C VAL KA 210 -6.77 -53.53 59.70
N LEU KA 211 -6.83 -52.24 60.07
CA LEU KA 211 -6.98 -51.88 61.46
C LEU KA 211 -8.42 -51.81 61.91
N PHE KA 212 -9.35 -51.53 61.00
CA PHE KA 212 -10.76 -51.40 61.35
C PHE KA 212 -11.64 -52.45 60.68
N ASP KA 213 -11.05 -53.44 60.02
CA ASP KA 213 -11.80 -54.52 59.38
C ASP KA 213 -12.78 -53.95 58.34
N LEU KA 214 -12.26 -53.08 57.48
CA LEU KA 214 -13.02 -52.46 56.42
C LEU KA 214 -12.40 -52.80 55.06
N THR KA 215 -13.00 -52.27 54.01
CA THR KA 215 -12.53 -52.50 52.65
C THR KA 215 -11.58 -51.40 52.21
N GLU KA 216 -10.51 -51.81 51.52
CA GLU KA 216 -9.54 -50.86 51.03
C GLU KA 216 -10.18 -49.86 50.08
N GLU KA 217 -11.21 -50.27 49.36
CA GLU KA 217 -11.92 -49.34 48.46
C GLU KA 217 -12.55 -48.20 49.26
N ASP KA 218 -13.29 -48.54 50.32
CA ASP KA 218 -13.93 -47.53 51.14
C ASP KA 218 -12.89 -46.65 51.82
N CYS KA 219 -11.80 -47.25 52.31
CA CYS KA 219 -10.76 -46.45 52.94
C CYS KA 219 -10.11 -45.50 51.95
N TYR KA 220 -9.91 -45.96 50.71
CA TYR KA 220 -9.36 -45.12 49.67
C TYR KA 220 -10.27 -43.93 49.38
N LYS KA 221 -11.57 -44.18 49.27
CA LYS KA 221 -12.51 -43.11 49.02
C LYS KA 221 -12.54 -42.11 50.17
N TYR KA 222 -12.48 -42.61 51.41
CA TYR KA 222 -12.46 -41.72 52.56
C TYR KA 222 -11.20 -40.85 52.55
N CYS KA 223 -10.05 -41.47 52.29
CA CYS KA 223 -8.82 -40.70 52.22
C CYS KA 223 -8.88 -39.64 51.13
N ILE KA 224 -9.47 -39.99 49.98
CA ILE KA 224 -9.55 -39.02 48.88
C ILE KA 224 -10.44 -37.86 49.27
N ARG KA 225 -11.57 -38.13 49.92
CA ARG KA 225 -12.43 -37.05 50.37
C ARG KA 225 -11.73 -36.15 51.37
N GLN KA 226 -10.98 -36.75 52.29
CA GLN KA 226 -10.30 -35.96 53.31
C GLN KA 226 -9.15 -35.15 52.72
N ARG KA 227 -8.56 -35.63 51.63
CA ARG KA 227 -7.53 -34.84 50.95
C ARG KA 227 -8.13 -33.72 50.13
N ALA KA 228 -9.27 -33.97 49.48
CA ALA KA 228 -9.96 -32.91 48.75
C ALA KA 228 -10.47 -31.84 49.69
N ALA KA 229 -10.78 -32.20 50.93
CA ALA KA 229 -11.16 -31.19 51.91
C ALA KA 229 -10.07 -30.16 52.12
N THR KA 230 -8.80 -30.56 51.92
CA THR KA 230 -7.65 -29.67 52.01
C THR KA 230 -6.92 -29.68 50.68
N PRO KA 231 -7.51 -29.09 49.63
CA PRO KA 231 -6.93 -29.20 48.30
C PRO KA 231 -5.83 -28.18 48.02
N GLU KA 232 -5.50 -27.32 48.98
CA GLU KA 232 -4.37 -26.42 48.80
C GLU KA 232 -3.06 -27.18 48.68
N GLU KA 233 -3.00 -28.37 49.24
CA GLU KA 233 -1.80 -29.20 49.19
C GLU KA 233 -1.80 -30.00 47.89
N LEU KA 234 -0.72 -29.87 47.12
CA LEU KA 234 -0.62 -30.58 45.87
C LEU KA 234 -0.36 -32.06 46.11
N VAL KA 235 -0.80 -32.88 45.17
CA VAL KA 235 -0.62 -34.32 45.24
C VAL KA 235 0.34 -34.75 44.15
N GLU KA 236 1.02 -35.87 44.39
CA GLU KA 236 2.11 -36.33 43.56
C GLU KA 236 1.63 -37.44 42.63
N LEU KA 237 1.71 -37.19 41.33
CA LEU KA 237 1.30 -38.12 40.30
C LEU KA 237 2.51 -38.61 39.53
N LYS KA 238 2.30 -39.65 38.73
CA LYS KA 238 3.32 -40.13 37.83
C LYS KA 238 3.54 -39.12 36.71
N TYR KA 239 4.81 -38.90 36.37
CA TYR KA 239 5.15 -37.97 35.31
C TYR KA 239 4.86 -38.59 33.95
N THR KA 240 4.23 -37.82 33.08
CA THR KA 240 3.92 -38.23 31.72
C THR KA 240 4.39 -37.17 30.76
N LYS KA 241 5.03 -37.60 29.67
CA LYS KA 241 5.48 -36.67 28.65
C LYS KA 241 4.28 -35.92 28.06
N PRO KA 242 4.52 -34.74 27.49
CA PRO KA 242 3.44 -34.05 26.80
C PRO KA 242 2.92 -34.87 25.63
N LYS KA 243 1.73 -34.49 25.16
CA LYS KA 243 1.03 -35.24 24.13
C LYS KA 243 0.57 -34.30 23.03
N ASN KA 244 0.65 -34.77 21.79
CA ASN KA 244 0.08 -34.09 20.64
C ASN KA 244 0.84 -32.80 20.32
N LEU KA 245 2.16 -32.83 20.53
CA LEU KA 245 2.97 -31.64 20.34
C LEU KA 245 3.03 -31.24 18.88
N VAL KA 246 3.08 -32.22 17.97
CA VAL KA 246 3.20 -31.91 16.55
C VAL KA 246 1.91 -31.26 16.04
N SER KA 247 0.77 -31.86 16.36
CA SER KA 247 -0.50 -31.28 15.96
C SER KA 247 -0.70 -29.92 16.60
N SER KA 248 -0.29 -29.77 17.86
CA SER KA 248 -0.42 -28.48 18.53
C SER KA 248 0.45 -27.43 17.85
N TYR KA 249 1.65 -27.81 17.42
CA TYR KA 249 2.50 -26.90 16.68
C TYR KA 249 1.84 -26.47 15.37
N GLY KA 250 1.29 -27.44 14.64
CA GLY KA 250 0.59 -27.09 13.41
C GLY KA 250 -0.54 -26.11 13.65
N LEU KA 251 -1.36 -26.37 14.67
CA LEU KA 251 -2.50 -25.51 14.95
C LEU KA 251 -2.06 -24.14 15.43
N CYS KA 252 -0.99 -24.06 16.21
CA CYS KA 252 -0.50 -22.76 16.65
C CYS KA 252 0.10 -21.97 15.49
N PHE KA 253 0.79 -22.64 14.58
CA PHE KA 253 1.24 -21.94 13.38
C PHE KA 253 0.07 -21.40 12.59
N LEU KA 254 -0.97 -22.22 12.41
CA LEU KA 254 -2.16 -21.74 11.72
C LEU KA 254 -2.76 -20.54 12.44
N GLY KA 255 -2.80 -20.60 13.77
CA GLY KA 255 -3.34 -19.50 14.55
C GLY KA 255 -2.58 -18.20 14.31
N VAL KA 256 -1.26 -18.25 14.39
CA VAL KA 256 -0.48 -17.04 14.18
C VAL KA 256 -0.60 -16.57 12.74
N TRP KA 257 -0.54 -17.51 11.79
CA TRP KA 257 -0.63 -17.17 10.37
C TRP KA 257 -1.92 -16.44 10.04
N PHE KA 258 -3.02 -16.82 10.71
CA PHE KA 258 -4.29 -16.15 10.46
C PHE KA 258 -4.56 -14.97 11.39
N GLY KA 259 -3.88 -14.88 12.52
CA GLY KA 259 -4.19 -13.88 13.51
C GLY KA 259 -3.29 -12.67 13.54
N LEU KA 260 -2.05 -12.82 13.06
CA LEU KA 260 -1.11 -11.72 13.03
C LEU KA 260 -0.95 -11.10 11.65
N SER KA 261 -1.55 -11.70 10.63
CA SER KA 261 -1.56 -11.12 9.28
C SER KA 261 -2.69 -10.09 9.18
N ASN KA 262 -2.55 -9.03 9.97
CA ASN KA 262 -3.58 -8.01 10.03
C ASN KA 262 -2.98 -6.75 10.65
N THR KA 263 -3.80 -5.70 10.71
CA THR KA 263 -3.43 -4.41 11.27
C THR KA 263 -4.14 -4.14 12.59
N VAL KA 264 -4.47 -5.22 13.31
CA VAL KA 264 -5.26 -5.07 14.53
C VAL KA 264 -4.43 -4.43 15.65
N LEU KA 265 -3.21 -4.91 15.85
CA LEU KA 265 -2.36 -4.41 16.92
C LEU KA 265 -1.70 -3.08 16.58
N SER KA 266 -2.09 -2.46 15.47
CA SER KA 266 -1.55 -1.18 15.05
C SER KA 266 -2.66 -0.20 14.69
N ASN KA 267 -3.88 -0.48 15.14
CA ASN KA 267 -5.05 0.27 14.75
C ASN KA 267 -5.26 1.51 15.62
N ALA KA 268 -5.89 2.51 15.01
CA ALA KA 268 -6.37 3.65 15.78
C ALA KA 268 -7.34 3.19 16.86
N TRP KA 269 -8.19 2.22 16.55
CA TRP KA 269 -9.06 1.66 17.57
C TRP KA 269 -8.25 1.08 18.72
N PHE KA 270 -7.23 0.28 18.39
CA PHE KA 270 -6.36 -0.25 19.43
C PHE KA 270 -5.85 0.88 20.31
N TYR KA 271 -5.09 1.81 19.72
CA TYR KA 271 -4.43 2.85 20.50
C TYR KA 271 -5.39 3.78 21.22
N SER KA 272 -6.63 3.91 20.75
CA SER KA 272 -7.57 4.86 21.34
C SER KA 272 -8.49 4.23 22.39
N LYS KA 273 -8.86 2.96 22.24
CA LYS KA 273 -9.80 2.31 23.12
C LYS KA 273 -9.20 1.11 23.84
N THR KA 274 -8.52 0.22 23.12
CA THR KA 274 -8.15 -1.06 23.70
C THR KA 274 -7.03 -0.88 24.72
N PHE KA 275 -6.00 -0.13 24.37
CA PHE KA 275 -4.88 0.05 25.27
C PHE KA 275 -5.24 1.03 26.40
N PRO KA 276 -5.90 2.15 26.11
CA PRO KA 276 -6.26 3.06 27.20
C PRO KA 276 -7.23 2.46 28.20
N PHE KA 277 -8.36 1.91 27.73
CA PHE KA 277 -9.32 1.31 28.65
C PHE KA 277 -8.70 0.16 29.43
N GLY KA 278 -8.00 -0.74 28.73
CA GLY KA 278 -7.40 -1.87 29.42
C GLY KA 278 -6.34 -1.45 30.43
N ALA KA 279 -5.49 -0.49 30.05
CA ALA KA 279 -4.46 -0.02 30.95
C ALA KA 279 -5.05 0.70 32.15
N VAL KA 280 -6.11 1.47 31.95
CA VAL KA 280 -6.75 2.16 33.06
C VAL KA 280 -7.39 1.15 34.01
N PHE KA 281 -8.08 0.15 33.47
CA PHE KA 281 -8.64 -0.89 34.30
C PHE KA 281 -7.54 -1.60 35.09
N TYR KA 282 -6.43 -1.92 34.43
CA TYR KA 282 -5.35 -2.63 35.09
C TYR KA 282 -4.74 -1.79 36.20
N MET KA 283 -4.51 -0.50 35.95
CA MET KA 283 -3.92 0.37 36.95
C MET KA 283 -4.86 0.55 38.14
N LEU KA 284 -6.15 0.78 37.87
CA LEU KA 284 -7.11 0.91 38.97
C LEU KA 284 -7.20 -0.37 39.77
N GLY KA 285 -7.21 -1.51 39.10
CA GLY KA 285 -7.25 -2.77 39.82
C GLY KA 285 -6.00 -3.00 40.66
N SER KA 286 -4.84 -2.64 40.13
CA SER KA 286 -3.61 -2.80 40.88
C SER KA 286 -3.54 -1.85 42.06
N TYR KA 287 -4.14 -0.67 41.95
CA TYR KA 287 -4.05 0.33 43.01
C TYR KA 287 -5.11 0.14 44.07
N PHE KA 288 -6.30 -0.34 43.71
CA PHE KA 288 -7.38 -0.60 44.64
C PHE KA 288 -7.72 -2.08 44.71
N TYR KA 289 -6.70 -2.94 44.54
CA TYR KA 289 -6.93 -4.38 44.54
C TYR KA 289 -7.60 -4.83 45.84
N ARG KA 290 -7.14 -4.31 46.97
CA ARG KA 290 -7.61 -4.77 48.26
C ARG KA 290 -8.87 -4.05 48.73
N ASP KA 291 -8.97 -2.75 48.45
CA ASP KA 291 -10.19 -2.01 48.80
C ASP KA 291 -11.41 -2.65 48.17
N ILE KA 292 -11.31 -3.01 46.90
CA ILE KA 292 -12.43 -3.63 46.20
C ILE KA 292 -12.80 -4.95 46.85
N ARG KA 293 -11.81 -5.81 47.08
CA ARG KA 293 -12.08 -7.11 47.67
C ARG KA 293 -12.75 -6.98 49.03
N GLU KA 294 -12.26 -6.06 49.86
CA GLU KA 294 -12.83 -5.88 51.19
C GLU KA 294 -14.26 -5.35 51.10
N LYS KA 295 -14.50 -4.36 50.24
CA LYS KA 295 -15.83 -3.81 50.09
C LYS KA 295 -16.81 -4.85 49.59
N LEU KA 296 -16.33 -5.81 48.80
CA LEU KA 296 -17.21 -6.87 48.33
C LEU KA 296 -17.47 -7.93 49.40
N TRP KA 297 -16.42 -8.29 50.16
CA TRP KA 297 -16.51 -9.39 51.11
C TRP KA 297 -17.10 -8.98 52.45
N LYS KA 298 -17.31 -7.69 52.68
CA LYS KA 298 -17.89 -7.23 53.94
C LYS KA 298 -19.18 -7.96 54.26
N GLU KA 299 -20.11 -8.00 53.29
CA GLU KA 299 -21.42 -8.58 53.53
C GLU KA 299 -21.33 -10.07 53.84
N GLU KA 300 -20.52 -10.79 53.06
CA GLU KA 300 -20.38 -12.23 53.29
C GLU KA 300 -19.77 -12.51 54.66
N LYS KA 301 -18.76 -11.72 55.07
CA LYS KA 301 -18.19 -11.90 56.39
C LYS KA 301 -19.23 -11.67 57.47
N SER KA 302 -20.03 -10.61 57.34
CA SER KA 302 -21.05 -10.33 58.33
C SER KA 302 -22.08 -11.47 58.41
N LEU KA 303 -22.49 -11.98 57.24
CA LEU KA 303 -23.46 -13.07 57.23
C LEU KA 303 -22.91 -14.32 57.90
N ILE KA 304 -21.66 -14.66 57.61
CA ILE KA 304 -21.05 -15.85 58.21
C ILE KA 304 -20.96 -15.69 59.72
N HIS KA 305 -20.55 -14.50 60.18
CA HIS KA 305 -20.49 -14.24 61.61
C HIS KA 305 -21.86 -14.41 62.27
N THR KA 306 -22.89 -13.82 61.65
CA THR KA 306 -24.24 -13.93 62.20
C THR KA 306 -24.69 -15.39 62.29
N ALA KA 307 -24.46 -16.15 61.22
CA ALA KA 307 -24.86 -17.55 61.21
C ALA KA 307 -24.17 -18.33 62.31
N GLN KA 308 -22.87 -18.13 62.48
CA GLN KA 308 -22.14 -18.86 63.51
C GLN KA 308 -22.63 -18.49 64.90
N GLU KA 309 -22.87 -17.20 65.14
CA GLU KA 309 -23.38 -16.78 66.45
C GLU KA 309 -24.72 -17.41 66.74
N ASN KA 310 -25.62 -17.40 65.77
CA ASN KA 310 -26.94 -18.00 65.98
C ASN KA 310 -26.82 -19.48 66.29
N LYS KA 311 -26.01 -20.20 65.50
CA LYS KA 311 -25.80 -21.62 65.75
C LYS KA 311 -25.31 -21.85 67.17
N ASN KA 312 -24.29 -21.12 67.59
CA ASN KA 312 -23.73 -21.32 68.92
C ASN KA 312 -24.76 -21.07 70.01
N MET KA 313 -25.46 -19.94 69.94
CA MET KA 313 -26.40 -19.61 71.01
C MET KA 313 -27.52 -20.64 71.09
N GLY KA 314 -28.04 -21.06 69.93
CA GLY KA 314 -29.11 -22.06 69.95
C GLY KA 314 -28.64 -23.38 70.53
N GLU KA 315 -27.47 -23.86 70.09
CA GLU KA 315 -26.95 -25.11 70.62
C GLU KA 315 -26.77 -25.03 72.13
N GLU KA 316 -26.18 -23.93 72.61
CA GLU KA 316 -25.96 -23.80 74.05
C GLU KA 316 -27.27 -23.80 74.83
N SER KA 317 -28.27 -23.06 74.34
CA SER KA 317 -29.54 -23.00 75.05
C SER KA 317 -30.18 -24.38 75.11
N VAL KA 318 -30.23 -25.10 73.98
CA VAL KA 318 -30.83 -26.42 73.98
C VAL KA 318 -30.09 -27.35 74.91
N TYR KA 319 -28.76 -27.29 74.90
CA TYR KA 319 -27.96 -28.17 75.76
C TYR KA 319 -28.27 -27.92 77.23
N LYS KA 320 -28.27 -26.65 77.64
CA LYS KA 320 -28.50 -26.37 79.06
C LYS KA 320 -29.92 -26.71 79.48
N GLN KA 321 -30.90 -26.55 78.58
CA GLN KA 321 -32.26 -26.91 78.94
C GLN KA 321 -32.41 -28.42 79.09
N MET KA 322 -31.82 -29.20 78.18
CA MET KA 322 -31.85 -30.64 78.32
C MET KA 322 -31.13 -31.08 79.59
N LYS KA 323 -30.05 -30.39 79.95
CA LYS KA 323 -29.39 -30.69 81.21
C LYS KA 323 -30.32 -30.43 82.39
N LYS KA 324 -31.05 -29.32 82.37
CA LYS KA 324 -32.05 -29.07 83.40
C LYS KA 324 -33.03 -30.23 83.51
N TYR KA 325 -33.57 -30.66 82.37
CA TYR KA 325 -34.59 -31.71 82.37
C TYR KA 325 -34.01 -33.13 82.38
N ALA KA 326 -32.71 -33.27 82.62
CA ALA KA 326 -32.09 -34.59 82.56
C ALA KA 326 -32.55 -35.50 83.70
N THR KA 327 -32.94 -34.92 84.84
CA THR KA 327 -33.26 -35.67 86.04
C THR KA 327 -34.76 -35.95 86.19
N ASP KA 328 -35.46 -36.14 85.07
CA ASP KA 328 -36.88 -36.43 85.10
C ASP KA 328 -37.19 -37.91 84.87
N THR KA 329 -36.17 -38.76 84.86
CA THR KA 329 -36.37 -40.20 84.68
C THR KA 329 -36.37 -40.96 85.99
N LYS KA 330 -35.75 -40.43 87.04
CA LYS KA 330 -35.68 -41.13 88.32
C LYS KA 330 -37.01 -41.14 89.06
N CYS KA 331 -38.01 -40.38 88.59
CA CYS KA 331 -39.33 -40.43 89.21
C CYS KA 331 -39.87 -41.85 89.21
N LEU KA 332 -39.68 -42.58 88.10
CA LEU KA 332 -40.21 -43.92 88.00
C LEU KA 332 -39.55 -44.85 89.00
N ASP KA 333 -38.22 -44.92 88.98
CA ASP KA 333 -37.51 -45.80 89.91
C ASP KA 333 -37.68 -45.39 91.36
N TYR KA 334 -38.05 -44.14 91.61
CA TYR KA 334 -38.45 -43.76 92.97
C TYR KA 334 -39.83 -44.32 93.29
N LEU KA 335 -40.75 -44.25 92.35
CA LEU KA 335 -42.10 -44.74 92.55
C LEU KA 335 -42.10 -46.25 92.79
N MET LA 1 -30.83 -25.89 62.21
CA MET LA 1 -30.09 -27.04 61.62
C MET LA 1 -30.58 -27.33 60.20
N LEU LA 2 -29.73 -27.99 59.42
CA LEU LA 2 -30.03 -28.35 58.05
C LEU LA 2 -30.52 -29.78 57.97
N ASN LA 3 -31.20 -30.08 56.86
CA ASN LA 3 -31.67 -31.44 56.58
C ASN LA 3 -30.63 -32.19 55.75
N PHE LA 4 -29.44 -32.34 56.34
CA PHE LA 4 -28.30 -33.03 55.73
C PHE LA 4 -27.84 -34.11 56.71
N ILE LA 5 -28.22 -35.34 56.44
CA ILE LA 5 -27.87 -36.48 57.30
C ILE LA 5 -26.71 -37.22 56.66
N PRO LA 6 -25.55 -37.35 57.32
CA PRO LA 6 -24.42 -38.03 56.68
C PRO LA 6 -24.73 -39.50 56.41
N LYS LA 7 -24.28 -39.97 55.26
CA LYS LA 7 -24.38 -41.39 54.97
C LYS LA 7 -23.50 -42.17 55.92
N ARG LA 8 -24.05 -43.25 56.48
CA ARG LA 8 -23.32 -44.07 57.43
C ARG LA 8 -22.45 -45.12 56.74
N CYS LA 9 -22.32 -45.04 55.42
CA CYS LA 9 -21.41 -45.93 54.72
C CYS LA 9 -19.97 -45.60 55.10
N PRO LA 10 -19.09 -46.61 55.19
CA PRO LA 10 -17.71 -46.33 55.62
C PRO LA 10 -16.93 -45.46 54.65
N SER LA 11 -17.31 -45.43 53.37
CA SER LA 11 -16.65 -44.54 52.43
C SER LA 11 -16.89 -43.07 52.74
N VAL LA 12 -17.89 -42.78 53.57
CA VAL LA 12 -18.24 -41.41 53.95
C VAL LA 12 -17.99 -41.17 55.43
N SER LA 13 -18.67 -41.91 56.29
CA SER LA 13 -18.55 -41.77 57.73
C SER LA 13 -17.86 -43.03 58.23
N LEU LA 14 -16.54 -43.00 58.24
CA LEU LA 14 -15.76 -44.13 58.71
C LEU LA 14 -16.07 -44.40 60.18
N LEU LA 15 -16.36 -45.66 60.50
CA LEU LA 15 -16.51 -46.11 61.88
C LEU LA 15 -17.80 -45.60 62.52
N PHE LA 16 -18.90 -45.62 61.77
CA PHE LA 16 -20.16 -45.10 62.32
C PHE LA 16 -20.64 -45.96 63.48
N GLY LA 17 -20.93 -47.23 63.22
CA GLY LA 17 -21.54 -48.10 64.21
C GLY LA 17 -20.58 -49.11 64.78
N LYS LA 18 -19.27 -48.85 64.68
CA LYS LA 18 -18.30 -49.77 65.25
C LYS LA 18 -18.39 -49.81 66.77
N ARG LA 19 -18.84 -48.72 67.38
CA ARG LA 19 -19.07 -48.63 68.81
C ARG LA 19 -20.52 -48.23 69.08
N PRO LA 20 -21.01 -48.44 70.29
CA PRO LA 20 -22.42 -48.18 70.59
C PRO LA 20 -22.73 -46.76 71.00
N VAL LA 21 -21.82 -45.81 70.76
CA VAL LA 21 -21.98 -44.45 71.24
C VAL LA 21 -21.48 -43.46 70.19
N GLN LA 22 -22.09 -42.28 70.19
CA GLN LA 22 -21.63 -41.15 69.41
C GLN LA 22 -21.33 -39.98 70.34
N ARG LA 23 -20.44 -39.10 69.91
CA ARG LA 23 -20.04 -37.95 70.71
C ARG LA 23 -20.06 -36.69 69.85
N ILE LA 24 -20.35 -35.56 70.47
CA ILE LA 24 -20.42 -34.29 69.76
C ILE LA 24 -19.97 -33.17 70.69
N GLU LA 25 -19.46 -32.11 70.07
CA GLU LA 25 -19.13 -30.87 70.75
C GLU LA 25 -20.20 -29.83 70.47
N VAL LA 26 -20.60 -29.11 71.51
CA VAL LA 26 -21.77 -28.23 71.46
C VAL LA 26 -21.35 -26.83 71.87
N GLY LA 27 -21.75 -25.84 71.08
CA GLY LA 27 -21.59 -24.46 71.45
C GLY LA 27 -20.19 -23.93 71.24
N GLN LA 28 -20.00 -22.68 71.66
CA GLN LA 28 -18.68 -22.05 71.57
C GLN LA 28 -17.71 -22.66 72.57
N ALA LA 29 -18.20 -23.01 73.76
CA ALA LA 29 -17.37 -23.68 74.75
C ALA LA 29 -17.07 -25.12 74.39
N ARG LA 30 -17.81 -25.70 73.43
CA ARG LA 30 -17.56 -27.06 72.96
C ARG LA 30 -17.74 -28.07 74.08
N HIS LA 31 -18.89 -28.01 74.73
CA HIS LA 31 -19.24 -29.01 75.73
C HIS LA 31 -19.41 -30.37 75.07
N GLN LA 32 -18.98 -31.41 75.77
CA GLN LA 32 -19.10 -32.77 75.24
C GLN LA 32 -20.49 -33.33 75.52
N LEU LA 33 -21.02 -34.08 74.57
CA LEU LA 33 -22.29 -34.77 74.76
C LEU LA 33 -22.23 -36.12 74.08
N GLU LA 34 -22.64 -37.17 74.80
CA GLU LA 34 -22.69 -38.52 74.29
C GLU LA 34 -24.13 -38.93 74.03
N ILE LA 35 -24.33 -39.65 72.94
CA ILE LA 35 -25.67 -40.01 72.47
C ILE LA 35 -25.67 -41.48 72.06
N PRO LA 36 -26.70 -42.25 72.42
CA PRO LA 36 -26.74 -43.66 71.99
C PRO LA 36 -26.95 -43.81 70.49
N VAL LA 37 -26.20 -44.76 69.93
CA VAL LA 37 -26.24 -45.00 68.49
C VAL LA 37 -27.62 -45.45 68.04
N GLU LA 38 -28.43 -46.01 68.93
CA GLU LA 38 -29.79 -46.37 68.55
C GLU LA 38 -30.68 -45.14 68.43
N THR LA 39 -30.58 -44.25 69.41
CA THR LA 39 -31.24 -42.95 69.31
C THR LA 39 -30.85 -42.26 68.00
N ILE LA 40 -29.61 -42.42 67.57
CA ILE LA 40 -29.19 -41.82 66.30
C ILE LA 40 -29.80 -42.56 65.12
N GLU LA 41 -29.66 -43.89 65.11
CA GLU LA 41 -30.18 -44.70 64.01
C GLU LA 41 -31.67 -44.49 63.79
N LYS LA 42 -32.39 -44.03 64.81
CA LYS LA 42 -33.80 -43.73 64.63
C LYS LA 42 -34.02 -42.73 63.50
N ILE LA 43 -33.00 -41.95 63.14
CA ILE LA 43 -33.13 -40.94 62.09
C ILE LA 43 -33.11 -41.58 60.71
N TYR LA 44 -32.31 -42.63 60.53
CA TYR LA 44 -32.18 -43.25 59.23
C TYR LA 44 -33.38 -44.08 58.84
N GLU LA 45 -34.42 -44.12 59.68
CA GLU LA 45 -35.69 -44.70 59.27
C GLU LA 45 -36.55 -43.67 58.53
N GLY LA 46 -36.38 -42.39 58.85
CA GLY LA 46 -37.03 -41.33 58.10
C GLY LA 46 -36.20 -40.78 56.98
N VAL LA 47 -34.88 -41.01 57.04
CA VAL LA 47 -34.02 -40.59 55.94
C VAL LA 47 -34.58 -41.08 54.61
N ASP LA 48 -34.46 -40.22 53.59
CA ASP LA 48 -34.87 -40.55 52.23
C ASP LA 48 -33.63 -40.66 51.35
N SER LA 49 -33.50 -41.79 50.64
CA SER LA 49 -32.29 -42.06 49.87
C SER LA 49 -32.34 -41.51 48.45
N ARG LA 50 -33.52 -41.16 47.95
CA ARG LA 50 -33.61 -40.54 46.63
C ARG LA 50 -32.81 -39.24 46.58
N LEU LA 51 -32.71 -38.54 47.70
CA LEU LA 51 -32.07 -37.24 47.77
C LEU LA 51 -30.67 -37.37 48.34
N GLU LA 52 -29.69 -36.80 47.64
CA GLU LA 52 -28.31 -36.85 48.07
C GLU LA 52 -27.63 -35.56 47.65
N TYR LA 53 -26.96 -34.91 48.60
CA TYR LA 53 -26.39 -33.59 48.39
C TYR LA 53 -24.96 -33.55 48.92
N HIS LA 54 -24.27 -32.47 48.59
CA HIS LA 54 -22.93 -32.17 49.10
C HIS LA 54 -21.97 -33.32 48.77
N ASN LA 55 -21.74 -33.49 47.47
CA ASN LA 55 -20.89 -34.55 46.92
C ASN LA 55 -21.50 -35.93 47.13
N LYS LA 56 -22.82 -35.99 47.28
CA LYS LA 56 -23.53 -37.25 47.48
C LYS LA 56 -23.03 -37.97 48.72
N ASP LA 57 -22.82 -37.21 49.79
CA ASP LA 57 -22.46 -37.75 51.09
C ASP LA 57 -23.52 -37.50 52.16
N TYR LA 58 -24.54 -36.72 51.84
CA TYR LA 58 -25.60 -36.39 52.79
C TYR LA 58 -26.95 -36.66 52.14
N ASN LA 59 -27.77 -37.43 52.81
CA ASN LA 59 -29.15 -37.62 52.41
C ASN LA 59 -30.04 -36.59 53.12
N ALA LA 60 -31.32 -36.60 52.79
CA ALA LA 60 -32.29 -35.70 53.40
C ALA LA 60 -33.38 -36.51 54.09
N MET LA 61 -33.84 -36.00 55.22
CA MET LA 61 -34.96 -36.62 55.92
C MET LA 61 -36.27 -36.22 55.26
N LYS LA 62 -37.33 -36.91 55.66
CA LYS LA 62 -38.68 -36.50 55.28
C LYS LA 62 -39.09 -35.28 56.09
N TRP LA 63 -39.77 -34.34 55.41
CA TRP LA 63 -40.05 -33.05 56.02
C TRP LA 63 -40.84 -33.21 57.31
N LYS LA 64 -41.74 -34.17 57.37
CA LYS LA 64 -42.51 -34.41 58.58
C LYS LA 64 -41.59 -34.61 59.78
N ASP LA 65 -40.69 -35.59 59.68
CA ASP LA 65 -39.80 -35.90 60.79
C ASP LA 65 -38.84 -34.76 61.07
N PHE LA 66 -38.26 -34.18 60.01
CA PHE LA 66 -37.32 -33.09 60.21
C PHE LA 66 -37.97 -31.93 60.95
N MET LA 67 -39.22 -31.60 60.60
CA MET LA 67 -39.89 -30.49 61.25
C MET LA 67 -40.33 -30.84 62.66
N LYS LA 68 -40.68 -32.10 62.93
CA LYS LA 68 -40.91 -32.51 64.31
C LYS LA 68 -39.66 -32.28 65.15
N LEU LA 69 -38.51 -32.66 64.62
CA LEU LA 69 -37.24 -32.46 65.31
C LEU LA 69 -36.97 -30.98 65.54
N LYS LA 70 -37.14 -30.17 64.50
CA LYS LA 70 -36.96 -28.72 64.66
C LYS LA 70 -37.92 -28.15 65.69
N LEU LA 71 -39.15 -28.65 65.74
CA LEU LA 71 -40.12 -28.14 66.70
C LEU LA 71 -39.72 -28.49 68.12
N ASP LA 72 -39.23 -29.71 68.35
CA ASP LA 72 -38.74 -30.05 69.68
C ASP LA 72 -37.60 -29.13 70.09
N ALA LA 73 -36.65 -28.90 69.17
CA ALA LA 73 -35.56 -27.98 69.47
C ALA LA 73 -36.08 -26.58 69.81
N TYR LA 74 -37.02 -26.08 69.01
CA TYR LA 74 -37.54 -24.73 69.22
C TYR LA 74 -38.28 -24.63 70.55
N HIS LA 75 -39.03 -25.68 70.90
CA HIS LA 75 -39.72 -25.69 72.19
C HIS LA 75 -38.74 -25.63 73.33
N LEU LA 76 -37.69 -26.47 73.29
CA LEU LA 76 -36.68 -26.42 74.32
C LEU LA 76 -36.04 -25.04 74.42
N LEU LA 77 -35.74 -24.43 73.27
CA LEU LA 77 -35.07 -23.13 73.28
C LEU LA 77 -35.96 -22.05 73.87
N GLU LA 78 -37.23 -22.02 73.47
CA GLU LA 78 -38.12 -20.98 74.00
C GLU LA 78 -38.41 -21.22 75.48
N ALA LA 79 -38.44 -22.48 75.91
CA ALA LA 79 -38.57 -22.75 77.34
C ALA LA 79 -37.35 -22.24 78.10
N SER LA 80 -36.16 -22.44 77.55
CA SER LA 80 -34.96 -21.90 78.17
C SER LA 80 -35.01 -20.38 78.26
N GLN LA 81 -35.52 -19.73 77.20
CA GLN LA 81 -35.59 -18.28 77.20
C GLN LA 81 -36.62 -17.77 78.21
N SER LA 82 -37.74 -18.48 78.35
CA SER LA 82 -38.78 -18.08 79.28
C SER LA 82 -38.39 -18.44 80.71
N GLU LA 83 -39.11 -17.84 81.66
CA GLU LA 83 -38.89 -18.09 83.08
C GLU LA 83 -40.01 -18.87 83.74
N THR LA 84 -41.23 -18.79 83.21
CA THR LA 84 -42.35 -19.57 83.72
C THR LA 84 -42.36 -21.00 83.19
N ALA LA 85 -41.25 -21.46 82.61
CA ALA LA 85 -41.20 -22.79 82.06
C ALA LA 85 -41.40 -23.84 83.14
N ALA LA 86 -41.93 -24.99 82.72
CA ALA LA 86 -42.15 -26.09 83.65
C ALA LA 86 -40.82 -26.64 84.14
N LYS LA 87 -40.77 -26.99 85.43
CA LYS LA 87 -39.57 -27.58 86.00
C LYS LA 87 -39.37 -29.03 85.59
N SER LA 88 -40.30 -29.59 84.81
CA SER LA 88 -40.20 -30.97 84.37
C SER LA 88 -40.95 -31.13 83.05
N ALA LA 89 -40.54 -32.13 82.28
CA ALA LA 89 -41.17 -32.46 81.01
C ALA LA 89 -42.23 -33.56 81.14
N LEU LA 90 -42.82 -33.69 82.32
CA LEU LA 90 -43.80 -34.74 82.56
C LEU LA 90 -45.23 -34.20 82.42
N SER MA 15 -21.32 65.41 -46.11
CA SER MA 15 -22.01 65.35 -47.39
C SER MA 15 -22.87 64.09 -47.48
N SER MA 16 -23.00 63.37 -46.37
CA SER MA 16 -23.84 62.17 -46.29
C SER MA 16 -24.62 62.18 -44.98
N PRO MA 17 -25.44 63.21 -44.77
CA PRO MA 17 -26.08 63.37 -43.45
C PRO MA 17 -27.00 62.23 -43.09
N HIS MA 18 -27.78 61.74 -44.05
CA HIS MA 18 -28.73 60.67 -43.75
C HIS MA 18 -28.00 59.42 -43.25
N MET MA 19 -27.01 58.98 -44.02
CA MET MA 19 -26.23 57.81 -43.62
C MET MA 19 -25.55 58.03 -42.28
N ASP MA 20 -24.89 59.19 -42.12
CA ASP MA 20 -24.17 59.46 -40.88
C ASP MA 20 -25.09 59.38 -39.68
N ARG MA 21 -26.24 60.05 -39.76
CA ARG MA 21 -27.16 60.09 -38.62
C ARG MA 21 -27.80 58.75 -38.38
N LEU MA 22 -28.07 57.98 -39.43
CA LEU MA 22 -28.57 56.63 -39.24
C LEU MA 22 -27.59 55.79 -38.43
N LEU MA 23 -26.32 55.75 -38.87
CA LEU MA 23 -25.33 54.96 -38.16
C LEU MA 23 -25.14 55.46 -36.73
N GLY MA 24 -25.15 56.78 -36.55
CA GLY MA 24 -25.02 57.32 -35.20
C GLY MA 24 -26.16 56.91 -34.29
N ASP MA 25 -27.38 57.00 -34.79
CA ASP MA 25 -28.53 56.59 -33.98
C ASP MA 25 -28.45 55.11 -33.62
N LEU MA 26 -28.00 54.27 -34.57
CA LEU MA 26 -27.84 52.86 -34.25
C LEU MA 26 -26.82 52.65 -33.15
N LYS MA 27 -25.66 53.31 -33.27
CA LYS MA 27 -24.65 53.21 -32.22
C LYS MA 27 -25.20 53.65 -30.87
N LEU MA 28 -26.01 54.71 -30.87
CA LEU MA 28 -26.53 55.23 -29.61
C LEU MA 28 -27.57 54.29 -29.00
N LEU MA 29 -28.36 53.63 -29.84
CA LEU MA 29 -29.28 52.60 -29.33
C LEU MA 29 -28.49 51.46 -28.68
N ALA MA 30 -27.45 51.00 -29.36
CA ALA MA 30 -26.60 49.95 -28.79
C ALA MA 30 -26.00 50.39 -27.47
N ALA MA 31 -25.55 51.65 -27.40
CA ALA MA 31 -24.96 52.15 -26.16
C ALA MA 31 -25.98 52.22 -25.04
N TYR MA 32 -27.20 52.65 -25.36
CA TYR MA 32 -28.25 52.68 -24.35
C TYR MA 32 -28.52 51.28 -23.81
N ASP MA 33 -28.60 50.29 -24.69
CA ASP MA 33 -28.81 48.92 -24.25
C ASP MA 33 -27.67 48.44 -23.36
N SER MA 34 -26.44 48.69 -23.77
CA SER MA 34 -25.29 48.25 -22.98
C SER MA 34 -25.26 48.92 -21.61
N ALA MA 35 -25.54 50.22 -21.56
CA ALA MA 35 -25.54 50.93 -20.30
C ALA MA 35 -26.66 50.45 -19.40
N ALA MA 36 -27.81 50.11 -19.97
CA ALA MA 36 -28.87 49.51 -19.18
C ALA MA 36 -28.43 48.19 -18.59
N GLY MA 37 -27.78 47.36 -19.40
CA GLY MA 37 -27.29 46.08 -18.89
C GLY MA 37 -26.27 46.23 -17.78
N TRP MA 38 -25.43 47.25 -17.88
CA TRP MA 38 -24.38 47.47 -16.90
C TRP MA 38 -24.77 48.46 -15.79
N GLN MA 39 -26.02 48.90 -15.77
CA GLN MA 39 -26.52 49.78 -14.70
C GLN MA 39 -25.77 51.12 -14.68
N GLU MA 40 -25.88 51.86 -15.79
CA GLU MA 40 -25.19 53.13 -15.96
C GLU MA 40 -26.15 54.22 -16.40
N PRO MA 41 -26.84 54.85 -15.45
CA PRO MA 41 -27.76 55.94 -15.80
C PRO MA 41 -27.08 57.11 -16.48
N LYS MA 42 -25.88 57.47 -16.04
CA LYS MA 42 -25.17 58.59 -16.63
C LYS MA 42 -24.91 58.34 -18.11
N ALA MA 43 -24.39 57.16 -18.45
CA ALA MA 43 -24.09 56.85 -19.84
C ALA MA 43 -25.37 56.78 -20.68
N MET MA 44 -26.42 56.14 -20.15
CA MET MA 44 -27.62 56.01 -20.97
C MET MA 44 -28.32 57.35 -21.18
N GLU MA 45 -28.26 58.24 -20.19
CA GLU MA 45 -28.82 59.58 -20.40
C GLU MA 45 -27.97 60.38 -21.38
N SER MA 46 -26.64 60.22 -21.32
CA SER MA 46 -25.79 60.85 -22.32
C SER MA 46 -26.20 60.41 -23.72
N ALA MA 47 -26.41 59.10 -23.91
CA ALA MA 47 -26.85 58.60 -25.20
C ALA MA 47 -28.18 59.22 -25.62
N PHE MA 48 -29.17 59.15 -24.73
CA PHE MA 48 -30.49 59.71 -25.04
C PHE MA 48 -30.39 61.17 -25.46
N GLN MA 49 -29.55 61.94 -24.76
CA GLN MA 49 -29.39 63.35 -25.11
C GLN MA 49 -28.69 63.52 -26.46
N SER MA 50 -27.74 62.65 -26.76
CA SER MA 50 -27.01 62.73 -28.02
C SER MA 50 -27.77 62.12 -29.19
N LEU MA 51 -28.98 61.61 -28.98
CA LEU MA 51 -29.73 60.92 -30.03
C LEU MA 51 -30.43 61.91 -30.99
N SER MA 52 -29.63 62.81 -31.56
CA SER MA 52 -30.03 63.61 -32.72
C SER MA 52 -31.51 63.98 -32.74
N TRP MA 53 -31.93 64.83 -31.80
CA TRP MA 53 -33.32 65.26 -31.73
C TRP MA 53 -33.59 66.52 -32.54
N ASP MA 54 -32.60 67.07 -33.22
CA ASP MA 54 -32.71 68.35 -33.92
C ASP MA 54 -32.70 68.19 -35.43
N ASP MA 55 -33.36 67.14 -35.94
CA ASP MA 55 -33.45 66.89 -37.37
C ASP MA 55 -34.84 67.32 -37.84
N ALA MA 56 -34.89 68.38 -38.63
CA ALA MA 56 -36.17 68.93 -39.08
C ALA MA 56 -36.94 67.93 -39.93
N ASP MA 57 -36.24 67.18 -40.78
CA ASP MA 57 -36.92 66.22 -41.63
C ASP MA 57 -37.65 65.16 -40.80
N VAL MA 58 -36.95 64.57 -39.84
CA VAL MA 58 -37.56 63.54 -39.00
C VAL MA 58 -38.66 64.15 -38.15
N LEU MA 59 -38.46 65.37 -37.66
CA LEU MA 59 -39.49 66.02 -36.87
C LEU MA 59 -40.75 66.23 -37.69
N LYS MA 60 -40.60 66.58 -38.96
CA LYS MA 60 -41.75 66.81 -39.82
C LYS MA 60 -42.41 65.50 -40.23
N ALA MA 61 -41.64 64.42 -40.32
CA ALA MA 61 -42.20 63.12 -40.69
C ALA MA 61 -42.85 62.40 -39.51
N LEU MA 62 -42.51 62.76 -38.28
CA LEU MA 62 -43.06 62.12 -37.11
C LEU MA 62 -44.59 62.09 -37.13
N PRO MA 63 -45.26 63.25 -37.23
CA PRO MA 63 -46.73 63.20 -37.25
C PRO MA 63 -47.29 62.50 -38.47
N GLN MA 64 -46.54 62.45 -39.57
CA GLN MA 64 -46.99 61.68 -40.73
C GLN MA 64 -46.97 60.19 -40.45
N TYR MA 65 -45.91 59.71 -39.80
CA TYR MA 65 -45.85 58.30 -39.43
C TYR MA 65 -46.92 57.97 -38.41
N LEU MA 66 -47.17 58.87 -37.46
CA LEU MA 66 -48.19 58.61 -36.45
C LEU MA 66 -49.58 58.46 -37.04
N ASN MA 67 -49.77 58.81 -38.31
CA ASN MA 67 -51.07 58.74 -38.95
C ASN MA 67 -51.05 57.91 -40.23
N CYS MA 68 -49.90 57.39 -40.64
CA CYS MA 68 -49.84 56.56 -41.84
C CYS MA 68 -50.61 55.26 -41.63
N ARG MA 69 -50.77 54.52 -42.72
CA ARG MA 69 -51.54 53.28 -42.67
C ARG MA 69 -51.34 52.51 -43.96
N GLY MA 70 -51.19 51.20 -43.83
CA GLY MA 70 -51.18 50.32 -45.00
C GLY MA 70 -49.78 49.87 -45.38
N GLU MA 71 -49.48 49.93 -46.67
CA GLU MA 71 -48.25 49.35 -47.18
C GLU MA 71 -47.01 50.09 -46.68
N GLN MA 72 -47.07 51.42 -46.66
CA GLN MA 72 -45.95 52.20 -46.17
C GLN MA 72 -45.66 51.87 -44.71
N LYS MA 73 -46.71 51.82 -43.89
CA LYS MA 73 -46.53 51.48 -42.49
C LYS MA 73 -45.97 50.08 -42.33
N ARG MA 74 -46.42 49.14 -43.16
CA ARG MA 74 -45.92 47.77 -43.04
C ARG MA 74 -44.45 47.70 -43.43
N ARG MA 75 -44.04 48.40 -44.48
CA ARG MA 75 -42.63 48.46 -44.84
C ARG MA 75 -41.80 49.02 -43.70
N VAL MA 76 -42.23 50.14 -43.13
CA VAL MA 76 -41.46 50.79 -42.08
C VAL MA 76 -41.38 49.89 -40.84
N ASP MA 77 -42.48 49.21 -40.51
CA ASP MA 77 -42.47 48.32 -39.36
C ASP MA 77 -41.59 47.10 -39.59
N PHE MA 78 -41.57 46.59 -40.83
CA PHE MA 78 -40.68 45.50 -41.16
C PHE MA 78 -39.22 45.92 -40.98
N ALA MA 79 -38.87 47.11 -41.47
CA ALA MA 79 -37.51 47.59 -41.30
C ALA MA 79 -37.16 47.81 -39.84
N TYR MA 80 -38.10 48.36 -39.07
CA TYR MA 80 -37.84 48.60 -37.66
C TYR MA 80 -37.73 47.30 -36.87
N ALA MA 81 -38.42 46.25 -37.30
CA ALA MA 81 -38.25 44.96 -36.65
C ALA MA 81 -36.95 44.32 -37.05
N ALA MA 82 -36.49 44.56 -38.27
CA ALA MA 82 -35.17 44.11 -38.67
C ALA MA 82 -34.08 44.75 -37.81
N LEU MA 83 -34.21 46.05 -37.54
CA LEU MA 83 -33.18 46.75 -36.78
C LEU MA 83 -33.30 46.51 -35.29
N CYS MA 84 -34.51 46.66 -34.74
CA CYS MA 84 -34.77 46.59 -33.30
C CYS MA 84 -35.98 45.70 -33.08
N PRO MA 85 -35.79 44.37 -33.07
CA PRO MA 85 -36.94 43.46 -32.92
C PRO MA 85 -37.44 43.31 -31.50
N ARG MA 86 -36.67 43.71 -30.51
CA ARG MA 86 -37.08 43.52 -29.12
C ARG MA 86 -38.21 44.47 -28.78
N PRO MA 87 -39.28 43.99 -28.14
CA PRO MA 87 -40.38 44.90 -27.78
C PRO MA 87 -40.02 45.70 -26.54
N VAL MA 88 -40.02 47.03 -26.67
CA VAL MA 88 -39.71 47.88 -25.53
C VAL MA 88 -40.86 47.85 -24.52
N ASP MA 89 -40.53 48.17 -23.29
CA ASP MA 89 -41.53 48.21 -22.23
C ASP MA 89 -42.51 49.34 -22.51
N GLU MA 90 -43.81 49.02 -22.46
CA GLU MA 90 -44.85 50.00 -22.75
C GLU MA 90 -44.92 51.11 -21.71
N LYS MA 91 -44.07 51.08 -20.69
CA LYS MA 91 -44.08 52.07 -19.62
C LYS MA 91 -42.86 52.98 -19.62
N ASP MA 92 -41.85 52.71 -20.45
CA ASP MA 92 -40.64 53.51 -20.44
C ASP MA 92 -40.70 54.57 -21.54
N PRO MA 93 -40.99 55.83 -21.19
CA PRO MA 93 -41.14 56.85 -22.23
C PRO MA 93 -39.87 57.11 -23.02
N LYS MA 94 -38.70 56.97 -22.41
CA LYS MA 94 -37.46 57.19 -23.15
C LYS MA 94 -37.33 56.17 -24.28
N GLN MA 95 -37.52 54.89 -23.97
CA GLN MA 95 -37.49 53.87 -25.01
C GLN MA 95 -38.56 54.13 -26.06
N THR MA 96 -39.78 54.46 -25.62
CA THR MA 96 -40.85 54.74 -26.56
C THR MA 96 -40.46 55.85 -27.52
N LEU MA 97 -39.84 56.91 -26.99
CA LEU MA 97 -39.51 58.07 -27.81
C LEU MA 97 -38.39 57.76 -28.78
N MET MA 98 -37.38 57.02 -28.33
CA MET MA 98 -36.30 56.64 -29.25
C MET MA 98 -36.83 55.75 -30.37
N SER MA 99 -37.74 54.84 -30.03
CA SER MA 99 -38.38 54.01 -31.06
C SER MA 99 -39.14 54.87 -32.05
N LEU MA 100 -39.94 55.82 -31.55
CA LEU MA 100 -40.68 56.70 -32.45
C LEU MA 100 -39.75 57.49 -33.35
N TRP MA 101 -38.62 57.95 -32.81
CA TRP MA 101 -37.69 58.74 -33.60
C TRP MA 101 -37.07 57.90 -34.71
N MET MA 102 -36.64 56.67 -34.38
CA MET MA 102 -36.08 55.80 -35.40
C MET MA 102 -37.11 55.48 -36.48
N LYS MA 103 -38.35 55.21 -36.07
CA LYS MA 103 -39.39 54.92 -37.05
C LYS MA 103 -39.68 56.12 -37.94
N ALA MA 104 -39.64 57.33 -37.38
CA ALA MA 104 -39.86 58.53 -38.18
C ALA MA 104 -38.74 58.74 -39.17
N ARG MA 105 -37.50 58.48 -38.75
CA ARG MA 105 -36.37 58.57 -39.67
C ARG MA 105 -36.54 57.60 -40.83
N LEU MA 106 -36.89 56.35 -40.52
CA LEU MA 106 -37.10 55.37 -41.57
C LEU MA 106 -38.26 55.77 -42.48
N PHE MA 107 -39.31 56.36 -41.91
CA PHE MA 107 -40.44 56.80 -42.72
C PHE MA 107 -40.03 57.90 -43.68
N SER MA 108 -39.20 58.84 -43.21
CA SER MA 108 -38.71 59.89 -44.10
C SER MA 108 -37.90 59.29 -45.25
N TYR MA 109 -36.95 58.40 -44.92
CA TYR MA 109 -36.16 57.77 -45.96
C TYR MA 109 -37.06 57.03 -46.95
N ASP MA 110 -38.10 56.38 -46.46
CA ASP MA 110 -38.96 55.60 -47.34
C ASP MA 110 -39.79 56.49 -48.25
N GLN MA 111 -40.38 57.55 -47.70
CA GLN MA 111 -41.21 58.43 -48.53
C GLN MA 111 -40.37 59.24 -49.50
N LYS MA 112 -39.07 59.41 -49.23
CA LYS MA 112 -38.21 59.99 -50.26
C LYS MA 112 -37.85 58.96 -51.32
N HIS MA 113 -37.30 57.82 -50.91
CA HIS MA 113 -37.00 56.71 -51.81
C HIS MA 113 -37.50 55.43 -51.17
N PRO MA 114 -38.56 54.81 -51.69
CA PRO MA 114 -39.13 53.63 -51.02
C PRO MA 114 -38.11 52.52 -50.85
N PHE MA 115 -38.43 51.60 -49.93
CA PHE MA 115 -37.57 50.47 -49.64
C PHE MA 115 -37.91 49.29 -50.55
N VAL MA 116 -36.90 48.47 -50.81
CA VAL MA 116 -37.04 47.24 -51.58
C VAL MA 116 -36.48 46.12 -50.70
N LEU MA 117 -37.37 45.45 -49.97
CA LEU MA 117 -36.97 44.50 -48.94
C LEU MA 117 -36.84 43.08 -49.45
N SER MA 118 -37.36 42.78 -50.64
CA SER MA 118 -37.32 41.41 -51.14
C SER MA 118 -35.95 41.12 -51.76
N PRO MA 119 -35.39 39.93 -51.50
CA PRO MA 119 -34.17 39.54 -52.23
C PRO MA 119 -34.40 39.42 -53.72
N PHE MA 120 -35.59 39.01 -54.14
CA PHE MA 120 -35.93 38.95 -55.55
C PHE MA 120 -36.30 40.34 -56.03
N ALA MA 121 -35.62 40.82 -57.08
CA ALA MA 121 -35.85 42.17 -57.55
C ALA MA 121 -35.05 42.38 -58.82
N ALA MA 122 -35.52 43.33 -59.64
CA ALA MA 122 -34.84 43.67 -60.88
C ALA MA 122 -35.42 44.95 -61.47
N GLY NA 2 -10.29 -19.69 33.58
CA GLY NA 2 -9.76 -20.44 32.45
C GLY NA 2 -8.63 -21.36 32.84
N PHE NA 3 -8.45 -22.44 32.08
CA PHE NA 3 -7.36 -23.38 32.34
C PHE NA 3 -7.35 -24.44 31.24
N HIS NA 4 -6.20 -25.11 31.11
CA HIS NA 4 -6.04 -26.28 30.26
C HIS NA 4 -6.11 -25.92 28.77
N PHE NA 5 -5.59 -24.73 28.43
CA PHE NA 5 -5.55 -24.32 27.03
C PHE NA 5 -4.68 -25.25 26.21
N GLN NA 6 -3.55 -25.70 26.77
CA GLN NA 6 -2.70 -26.64 26.06
C GLN NA 6 -3.43 -27.95 25.80
N GLN NA 7 -4.18 -28.44 26.79
CA GLN NA 7 -4.98 -29.64 26.57
C GLN NA 7 -6.03 -29.41 25.50
N TYR NA 8 -6.58 -28.21 25.42
CA TYR NA 8 -7.56 -27.93 24.37
C TYR NA 8 -6.93 -27.95 22.99
N ILE NA 9 -5.74 -27.35 22.86
CA ILE NA 9 -5.02 -27.41 21.58
C ILE NA 9 -4.73 -28.86 21.21
N ALA NA 10 -4.32 -29.67 22.19
CA ALA NA 10 -4.04 -31.07 21.91
C ALA NA 10 -5.29 -31.82 21.49
N MET NA 11 -6.43 -31.49 22.10
CA MET NA 11 -7.70 -32.10 21.70
C MET NA 11 -8.03 -31.76 20.25
N ALA NA 12 -7.85 -30.50 19.87
CA ALA NA 12 -8.08 -30.11 18.49
C ALA NA 12 -7.16 -30.87 17.53
N GLY NA 13 -5.89 -31.04 17.92
CA GLY NA 13 -4.98 -31.80 17.09
C GLY NA 13 -5.42 -33.24 16.90
N ARG NA 14 -5.78 -33.90 18.00
CA ARG NA 14 -6.27 -35.28 17.90
C ARG NA 14 -7.52 -35.34 17.05
N ALA NA 15 -8.39 -34.33 17.16
CA ALA NA 15 -9.62 -34.33 16.38
C ALA NA 15 -9.33 -34.23 14.89
N ILE NA 16 -8.38 -33.41 14.50
CA ILE NA 16 -8.05 -33.29 13.09
C ILE NA 16 -7.27 -34.50 12.58
N ASN NA 17 -6.59 -35.22 13.46
CA ASN NA 17 -5.85 -36.40 13.01
C ASN NA 17 -6.82 -37.43 12.44
N PRO NA 18 -6.63 -37.91 11.20
CA PRO NA 18 -7.62 -38.83 10.62
C PRO NA 18 -7.72 -40.17 11.34
N VAL NA 19 -6.59 -40.72 11.81
CA VAL NA 19 -6.64 -41.99 12.52
C VAL NA 19 -7.64 -41.94 13.66
N GLN NA 20 -7.70 -40.79 14.35
CA GLN NA 20 -8.69 -40.61 15.39
C GLN NA 20 -10.10 -40.65 14.84
N TRP NA 21 -10.29 -40.34 13.55
CA TRP NA 21 -11.61 -40.47 12.95
C TRP NA 21 -12.04 -41.94 12.92
N THR NA 22 -11.13 -42.84 12.53
CA THR NA 22 -11.45 -44.26 12.55
C THR NA 22 -11.66 -44.74 13.98
N ARG NA 23 -10.83 -44.27 14.92
CA ARG NA 23 -11.01 -44.65 16.31
C ARG NA 23 -12.39 -44.25 16.82
N ALA NA 24 -12.83 -43.04 16.47
CA ALA NA 24 -14.16 -42.58 16.90
C ALA NA 24 -15.26 -43.34 16.18
N TRP NA 25 -15.04 -43.70 14.92
CA TRP NA 25 -16.01 -44.52 14.21
C TRP NA 25 -16.20 -45.86 14.91
N ARG NA 26 -15.11 -46.45 15.40
CA ARG NA 26 -15.23 -47.71 16.13
C ARG NA 26 -15.89 -47.48 17.49
N ARG NA 27 -15.55 -46.39 18.17
CA ARG NA 27 -16.14 -46.13 19.47
C ARG NA 27 -17.63 -45.85 19.39
N MET NA 28 -18.10 -45.30 18.27
CA MET NA 28 -19.52 -44.99 18.12
C MET NA 28 -20.38 -46.22 17.92
N GLU NA 29 -19.81 -47.43 17.92
CA GLU NA 29 -20.61 -48.64 17.82
C GLU NA 29 -21.41 -48.83 19.09
N GLY NA 30 -22.73 -48.95 18.96
CA GLY NA 30 -23.59 -49.07 20.11
C GLY NA 30 -23.56 -47.82 20.96
N LYS NA 31 -24.02 -46.70 20.39
CA LYS NA 31 -23.97 -45.42 21.06
C LYS NA 31 -25.12 -44.56 20.55
N SER NA 32 -25.57 -43.63 21.38
CA SER NA 32 -26.73 -42.81 21.07
C SER NA 32 -26.36 -41.34 21.07
N ALA NA 33 -27.12 -40.57 20.29
CA ALA NA 33 -26.91 -39.12 20.24
C ALA NA 33 -27.14 -38.48 21.60
N THR NA 34 -28.14 -38.97 22.33
CA THR NA 34 -28.36 -38.47 23.68
C THR NA 34 -27.14 -38.69 24.56
N GLU NA 35 -26.55 -39.88 24.47
CA GLU NA 35 -25.36 -40.17 25.27
C GLU NA 35 -24.20 -39.25 24.88
N VAL NA 36 -23.98 -39.07 23.58
CA VAL NA 36 -22.90 -38.19 23.13
C VAL NA 36 -23.10 -36.78 23.64
N TYR NA 37 -24.33 -36.26 23.50
CA TYR NA 37 -24.63 -34.90 23.93
C TYR NA 37 -24.45 -34.76 25.44
N ARG NA 38 -24.91 -35.75 26.21
CA ARG NA 38 -24.77 -35.69 27.64
C ARG NA 38 -23.32 -35.73 28.05
N ASP NA 39 -22.50 -36.53 27.36
CA ASP NA 39 -21.08 -36.60 27.68
C ASP NA 39 -20.40 -35.27 27.41
N ALA NA 40 -20.70 -34.64 26.27
CA ALA NA 40 -20.09 -33.35 25.97
C ALA NA 40 -20.50 -32.29 26.98
N LEU NA 41 -21.80 -32.25 27.30
CA LEU NA 41 -22.29 -31.29 28.28
C LEU NA 41 -21.63 -31.52 29.64
N ALA NA 42 -21.45 -32.78 30.02
CA ALA NA 42 -20.82 -33.10 31.29
C ALA NA 42 -19.35 -32.67 31.29
N TRP NA 43 -18.67 -32.83 30.17
CA TRP NA 43 -17.28 -32.38 30.08
C TRP NA 43 -17.18 -30.87 30.27
N THR NA 44 -18.05 -30.13 29.57
CA THR NA 44 -18.05 -28.68 29.71
C THR NA 44 -18.35 -28.26 31.15
N ASN NA 45 -19.35 -28.91 31.76
CA ASN NA 45 -19.70 -28.59 33.14
C ASN NA 45 -18.55 -28.92 34.08
N ASN NA 46 -17.82 -30.00 33.81
CA ASN NA 46 -16.69 -30.34 34.66
C ASN NA 46 -15.62 -29.27 34.58
N GLN NA 47 -15.35 -28.77 33.38
CA GLN NA 47 -14.39 -27.67 33.25
C GLN NA 47 -14.83 -26.46 34.07
N PHE NA 48 -16.07 -26.00 33.86
CA PHE NA 48 -16.52 -24.81 34.55
C PHE NA 48 -16.60 -25.01 36.06
N ALA NA 49 -16.91 -26.22 36.51
CA ALA NA 49 -16.96 -26.50 37.93
C ALA NA 49 -15.56 -26.54 38.54
N GLN NA 50 -14.59 -27.09 37.81
CA GLN NA 50 -13.20 -26.99 38.24
C GLN NA 50 -12.83 -25.53 38.46
N ILE NA 51 -13.18 -24.68 37.50
CA ILE NA 51 -12.86 -23.26 37.65
C ILE NA 51 -13.51 -22.70 38.91
N SER NA 52 -14.82 -22.88 39.03
CA SER NA 52 -15.55 -22.30 40.16
C SER NA 52 -14.99 -22.76 41.50
N ARG NA 53 -14.60 -24.03 41.60
CA ARG NA 53 -14.09 -24.55 42.85
C ARG NA 53 -12.67 -24.08 43.13
N ALA NA 54 -11.77 -24.21 42.15
CA ALA NA 54 -10.37 -23.94 42.40
C ALA NA 54 -10.01 -22.46 42.43
N SER NA 55 -10.86 -21.59 41.88
CA SER NA 55 -10.58 -20.16 41.96
C SER NA 55 -10.68 -19.65 43.39
N GLN NA 56 -11.29 -20.41 44.29
CA GLN NA 56 -11.46 -19.94 45.67
C GLN NA 56 -10.15 -19.99 46.45
N TYR NA 57 -9.25 -20.91 46.10
CA TYR NA 57 -8.04 -21.12 46.88
C TYR NA 57 -6.76 -21.16 46.06
N ARG NA 58 -6.83 -21.26 44.73
CA ARG NA 58 -5.65 -21.45 43.92
C ARG NA 58 -5.51 -20.32 42.90
N ALA NA 59 -4.27 -20.04 42.53
CA ALA NA 59 -3.94 -18.97 41.59
C ALA NA 59 -3.04 -19.52 40.49
N TRP NA 60 -3.43 -19.27 39.25
CA TRP NA 60 -2.65 -19.72 38.11
C TRP NA 60 -1.49 -18.76 37.83
N TRP NA 61 -0.59 -19.20 36.96
CA TRP NA 61 0.56 -18.39 36.60
C TRP NA 61 0.15 -17.07 35.96
N TRP NA 62 -1.03 -17.00 35.37
CA TRP NA 62 -1.51 -15.80 34.71
C TRP NA 62 -2.35 -14.92 35.62
N GLN NA 63 -2.39 -15.20 36.92
CA GLN NA 63 -3.20 -14.39 37.82
C GLN NA 63 -2.76 -12.93 37.77
N ASN NA 64 -3.74 -12.05 37.80
CA ASN NA 64 -3.51 -10.62 37.64
C ASN NA 64 -4.61 -9.88 38.37
N PRO NA 65 -4.44 -8.57 38.59
CA PRO NA 65 -5.47 -7.80 39.31
C PRO NA 65 -6.83 -7.81 38.64
N LEU NA 66 -6.94 -8.28 37.40
CA LEU NA 66 -8.23 -8.45 36.74
C LEU NA 66 -8.68 -9.90 36.68
N GLY NA 67 -7.87 -10.83 37.17
CA GLY NA 67 -8.29 -12.21 37.27
C GLY NA 67 -8.52 -12.87 35.92
N MET NA 68 -9.51 -13.74 35.89
CA MET NA 68 -9.83 -14.50 34.68
C MET NA 68 -10.49 -13.63 33.61
N GLY NA 69 -10.89 -12.40 33.95
CA GLY NA 69 -11.43 -11.51 32.94
C GLY NA 69 -10.44 -11.26 31.83
N LEU NA 70 -9.15 -11.13 32.16
CA LEU NA 70 -8.14 -10.88 31.15
C LEU NA 70 -7.92 -12.11 30.28
N VAL NA 71 -7.94 -13.30 30.88
CA VAL NA 71 -7.80 -14.52 30.09
C VAL NA 71 -8.97 -14.70 29.15
N LEU NA 72 -10.18 -14.37 29.61
CA LEU NA 72 -11.35 -14.48 28.75
C LEU NA 72 -11.31 -13.45 27.63
N TYR NA 73 -10.92 -12.22 27.94
CA TYR NA 73 -10.74 -11.22 26.90
C TYR NA 73 -9.70 -11.67 25.88
N GLY NA 74 -8.62 -12.29 26.35
CA GLY NA 74 -7.59 -12.76 25.43
C GLY NA 74 -8.10 -13.87 24.54
N THR NA 75 -8.86 -14.81 25.09
CA THR NA 75 -9.52 -15.82 24.28
C THR NA 75 -10.39 -15.18 23.21
N TYR NA 76 -11.20 -14.19 23.60
CA TYR NA 76 -12.07 -13.52 22.64
C TYR NA 76 -11.26 -12.83 21.55
N LYS NA 77 -10.21 -12.11 21.94
CA LYS NA 77 -9.41 -11.36 20.98
C LYS NA 77 -8.69 -12.30 20.02
N ALA NA 78 -8.21 -13.44 20.52
CA ALA NA 78 -7.59 -14.43 19.65
C ALA NA 78 -8.59 -14.98 18.66
N TRP NA 79 -9.78 -15.36 19.14
CA TRP NA 79 -10.82 -15.81 18.24
C TRP NA 79 -11.11 -14.77 17.17
N HIS NA 80 -11.27 -13.52 17.60
CA HIS NA 80 -11.54 -12.43 16.66
C HIS NA 80 -10.47 -12.38 15.58
N MET NA 81 -9.22 -12.17 15.98
CA MET NA 81 -8.15 -11.98 15.01
C MET NA 81 -7.92 -13.21 14.15
N ILE NA 82 -8.26 -14.40 14.64
CA ILE NA 82 -7.98 -15.61 13.89
C ILE NA 82 -9.08 -15.92 12.89
N TYR NA 83 -10.34 -15.70 13.26
CA TYR NA 83 -11.47 -16.07 12.43
C TYR NA 83 -12.14 -14.89 11.76
N MET NA 84 -12.54 -13.88 12.55
CA MET NA 84 -13.37 -12.81 12.01
C MET NA 84 -12.58 -11.89 11.10
N VAL NA 85 -11.34 -11.59 11.46
CA VAL NA 85 -10.52 -10.72 10.62
C VAL NA 85 -10.11 -11.45 9.34
N ARG NA 86 -9.92 -12.76 9.42
CA ARG NA 86 -9.68 -13.56 8.22
C ARG NA 86 -10.88 -13.50 7.28
N LYS NA 87 -12.07 -13.67 7.84
CA LYS NA 87 -13.28 -13.57 7.03
C LYS NA 87 -13.43 -12.16 6.44
N GLN NA 88 -13.03 -11.15 7.21
CA GLN NA 88 -13.08 -9.78 6.71
C GLN NA 88 -12.12 -9.58 5.55
N LYS NA 89 -10.92 -10.16 5.64
CA LYS NA 89 -9.98 -10.08 4.52
C LYS NA 89 -10.57 -10.71 3.27
N LYS NA 90 -11.15 -11.90 3.42
CA LYS NA 90 -11.76 -12.57 2.28
C LYS NA 90 -12.90 -11.74 1.69
N THR NA 91 -13.75 -11.19 2.55
CA THR NA 91 -14.86 -10.37 2.08
C THR NA 91 -14.36 -9.10 1.40
N ALA NA 92 -13.27 -8.54 1.90
CA ALA NA 92 -12.71 -7.34 1.29
C ALA NA 92 -12.22 -7.63 -0.12
N GLN NA 93 -11.51 -8.74 -0.29
CA GLN NA 93 -11.05 -9.10 -1.63
C GLN NA 93 -12.23 -9.40 -2.55
N LEU NA 94 -13.25 -10.05 -2.03
CA LEU NA 94 -14.45 -10.33 -2.81
C LEU NA 94 -15.11 -9.04 -3.29
N VAL NA 95 -15.31 -8.10 -2.37
CA VAL NA 95 -15.96 -6.84 -2.74
C VAL NA 95 -15.10 -6.05 -3.71
N ALA NA 96 -13.78 -6.08 -3.52
CA ALA NA 96 -12.91 -5.33 -4.42
C ALA NA 96 -12.89 -5.94 -5.81
N ALA NA 97 -13.09 -7.25 -5.93
CA ALA NA 97 -13.17 -7.87 -7.24
C ALA NA 97 -14.54 -7.69 -7.89
N ALA NA 98 -15.60 -7.56 -7.09
CA ALA NA 98 -16.94 -7.47 -7.65
C ALA NA 98 -17.38 -6.04 -7.97
N TYR NA 99 -17.08 -5.09 -7.08
CA TYR NA 99 -17.55 -3.73 -7.21
C TYR NA 99 -16.44 -2.70 -7.16
N GLY NA 100 -15.27 -3.04 -6.64
CA GLY NA 100 -14.25 -2.09 -6.28
C GLY NA 100 -14.24 -1.82 -4.78
N GLN NA 101 -13.09 -1.36 -4.30
CA GLN NA 101 -12.93 -1.10 -2.88
C GLN NA 101 -13.95 -0.08 -2.40
N GLY NA 102 -14.70 -0.45 -1.36
CA GLY NA 102 -15.77 0.39 -0.87
C GLY NA 102 -17.07 0.26 -1.61
N GLY NA 103 -17.23 -0.77 -2.45
CA GLY NA 103 -18.40 -0.86 -3.29
C GLY NA 103 -19.68 -1.11 -2.52
N GLN NA 104 -19.59 -1.71 -1.33
CA GLN NA 104 -20.78 -1.98 -0.53
C GLN NA 104 -21.30 -0.74 0.18
N TRP NA 105 -20.54 0.35 0.19
CA TRP NA 105 -20.96 1.59 0.82
C TRP NA 105 -21.25 2.69 -0.19
N LEU NA 106 -21.39 2.35 -1.46
CA LEU NA 106 -21.67 3.34 -2.48
C LEU NA 106 -23.09 3.89 -2.33
N ASN NA 107 -23.25 5.14 -2.72
CA ASN NA 107 -24.56 5.75 -2.68
C ASN NA 107 -25.43 5.21 -3.81
N PRO NA 108 -26.75 5.24 -3.64
CA PRO NA 108 -27.64 4.79 -4.71
C PRO NA 108 -27.46 5.65 -5.97
N VAL NA 109 -27.76 5.04 -7.11
CA VAL NA 109 -27.63 5.77 -8.37
C VAL NA 109 -28.52 6.99 -8.34
N PRO NA 110 -28.01 8.18 -8.68
CA PRO NA 110 -28.85 9.37 -8.63
C PRO NA 110 -30.00 9.31 -9.62
N ARG NA 111 -31.13 9.87 -9.23
CA ARG NA 111 -32.26 9.99 -10.11
C ARG NA 111 -32.47 11.44 -10.52
N THR OA 2 -1.77 3.70 -59.80
CA THR OA 2 -0.69 3.48 -58.85
C THR OA 2 0.35 4.58 -58.97
N ALA OA 3 1.20 4.69 -57.94
CA ALA OA 3 2.20 5.74 -57.86
C ALA OA 3 3.55 5.26 -58.39
N LEU OA 4 4.41 6.22 -58.67
CA LEU OA 4 5.79 5.93 -59.04
C LEU OA 4 6.69 5.97 -57.82
N PRO OA 5 7.85 5.32 -57.88
CA PRO OA 5 8.79 5.42 -56.77
C PRO OA 5 9.40 6.81 -56.72
N PRO OA 6 9.82 7.27 -55.55
CA PRO OA 6 10.45 8.58 -55.47
C PRO OA 6 11.64 8.66 -56.39
N PRO OA 7 12.00 9.85 -56.85
CA PRO OA 7 13.10 10.00 -57.79
C PRO OA 7 14.43 9.80 -57.09
N PRO OA 8 15.47 9.46 -57.83
CA PRO OA 8 16.78 9.25 -57.21
C PRO OA 8 17.44 10.55 -56.80
N SER OA 9 18.24 10.47 -55.75
CA SER OA 9 18.96 11.61 -55.21
C SER OA 9 20.45 11.33 -55.21
N ALA OA 10 21.24 12.40 -55.24
CA ALA OA 10 22.68 12.27 -55.23
C ALA OA 10 23.17 11.72 -53.90
N ASN OA 11 24.20 10.88 -53.96
CA ASN OA 11 24.78 10.32 -52.75
C ASN OA 11 25.80 11.29 -52.14
N VAL OA 12 26.64 11.88 -52.98
CA VAL OA 12 27.54 12.93 -52.55
C VAL OA 12 26.78 14.25 -52.53
N ALA OA 13 27.11 15.10 -51.56
CA ALA OA 13 26.36 16.33 -51.34
C ALA OA 13 26.76 17.38 -52.36
N VAL OA 14 25.80 17.82 -53.16
CA VAL OA 14 25.97 18.97 -54.05
C VAL OA 14 25.31 20.15 -53.37
N SER OA 15 26.10 21.14 -52.99
CA SER OA 15 25.55 22.31 -52.29
C SER OA 15 25.25 23.44 -53.28
N PHE OA 16 26.29 23.94 -53.95
CA PHE OA 16 26.11 24.99 -54.95
C PHE OA 16 27.04 24.81 -56.13
N THR OA 17 27.78 23.70 -56.19
CA THR OA 17 28.76 23.50 -57.25
C THR OA 17 28.10 23.50 -58.63
N ALA OA 18 26.84 23.10 -58.71
CA ALA OA 18 26.12 23.01 -59.97
C ALA OA 18 25.40 24.30 -60.34
N ALA OA 19 25.46 25.32 -59.50
CA ALA OA 19 24.77 26.56 -59.80
C ALA OA 19 25.35 27.19 -61.06
N PRO OA 20 24.53 27.91 -61.83
CA PRO OA 20 25.02 28.52 -63.06
C PRO OA 20 26.01 29.64 -62.78
N ALA OA 21 27.03 29.71 -63.64
CA ALA OA 21 28.05 30.75 -63.57
C ALA OA 21 27.85 31.83 -64.63
N GLU OA 22 26.68 31.86 -65.27
CA GLU OA 22 26.39 32.79 -66.33
C GLU OA 22 24.90 33.08 -66.31
N PRO OA 23 24.47 34.32 -66.50
CA PRO OA 23 23.04 34.63 -66.47
C PRO OA 23 22.29 33.94 -67.61
N LEU OA 24 21.00 33.74 -67.38
CA LEU OA 24 20.17 33.05 -68.35
C LEU OA 24 20.07 33.85 -69.64
N SER OA 25 19.46 33.22 -70.64
CA SER OA 25 19.25 33.82 -71.95
C SER OA 25 17.76 33.95 -72.23
N ARG OA 26 17.45 34.61 -73.36
CA ARG OA 26 16.07 34.89 -73.71
C ARG OA 26 15.27 33.60 -73.86
N GLY OA 27 15.83 32.62 -74.55
CA GLY OA 27 15.12 31.37 -74.74
C GLY OA 27 14.84 30.66 -73.43
N GLU OA 28 15.81 30.67 -72.52
CA GLU OA 28 15.60 30.03 -71.22
C GLU OA 28 14.53 30.76 -70.42
N VAL OA 29 14.51 32.10 -70.50
CA VAL OA 29 13.49 32.86 -69.79
C VAL OA 29 12.11 32.51 -70.35
N LYS OA 30 11.98 32.45 -71.68
CA LYS OA 30 10.70 32.09 -72.27
C LYS OA 30 10.28 30.69 -71.89
N ALA OA 31 11.25 29.77 -71.81
CA ALA OA 31 10.93 28.40 -71.41
C ALA OA 31 10.43 28.37 -69.97
N ALA OA 32 11.04 29.17 -69.09
CA ALA OA 32 10.55 29.24 -67.71
C ALA OA 32 9.12 29.77 -67.66
N SER OA 33 8.83 30.80 -68.45
CA SER OA 33 7.47 31.31 -68.51
C SER OA 33 6.50 30.24 -68.98
N LEU OA 34 6.88 29.48 -70.00
CA LEU OA 34 6.04 28.38 -70.47
C LEU OA 34 5.82 27.34 -69.39
N LYS OA 35 6.87 27.03 -68.62
CA LYS OA 35 6.72 26.07 -67.53
C LYS OA 35 5.72 26.56 -66.50
N LEU OA 36 5.77 27.84 -66.17
CA LEU OA 36 4.80 28.40 -65.22
C LEU OA 36 3.39 28.30 -65.76
N GLU OA 37 3.21 28.66 -67.03
CA GLU OA 37 1.89 28.53 -67.64
C GLU OA 37 1.39 27.09 -67.57
N LEU OA 38 2.29 26.13 -67.85
CA LEU OA 38 1.90 24.73 -67.81
C LEU OA 38 1.48 24.32 -66.42
N GLN OA 39 2.22 24.74 -65.39
CA GLN OA 39 1.86 24.32 -64.04
C GLN OA 39 0.52 24.93 -63.62
N ASN OA 40 0.24 26.17 -64.03
CA ASN OA 40 -1.07 26.75 -63.75
C ASN OA 40 -2.18 25.96 -64.43
N ILE OA 41 -1.98 25.61 -65.70
CA ILE OA 41 -2.96 24.82 -66.43
C ILE OA 41 -3.21 23.49 -65.72
N GLU OA 42 -2.14 22.84 -65.28
CA GLU OA 42 -2.27 21.55 -64.61
C GLU OA 42 -3.02 21.70 -63.29
N ARG OA 43 -2.78 22.80 -62.57
CA ARG OA 43 -3.52 23.04 -61.33
C ARG OA 43 -5.02 23.16 -61.60
N GLU OA 44 -5.38 23.93 -62.63
CA GLU OA 44 -6.79 24.06 -62.99
C GLU OA 44 -7.40 22.72 -63.35
N LEU OA 45 -6.71 21.95 -64.20
CA LEU OA 45 -7.19 20.64 -64.59
C LEU OA 45 -7.39 19.74 -63.37
N LYS OA 46 -6.44 19.76 -62.44
CA LYS OA 46 -6.55 18.93 -61.25
C LYS OA 46 -7.77 19.33 -60.43
N ASP OA 47 -8.00 20.63 -60.27
CA ASP OA 47 -9.17 21.08 -59.53
C ASP OA 47 -10.44 20.54 -60.17
N TRP OA 48 -10.60 20.75 -61.47
CA TRP OA 48 -11.78 20.24 -62.16
C TRP OA 48 -11.95 18.74 -61.95
N TRP OA 49 -10.88 17.98 -62.21
CA TRP OA 49 -10.97 16.53 -62.17
C TRP OA 49 -11.32 16.03 -60.78
N MET OA 50 -10.66 16.59 -59.76
CA MET OA 50 -10.90 16.12 -58.39
C MET OA 50 -12.31 16.47 -57.94
N SER OA 51 -12.78 17.68 -58.26
CA SER OA 51 -14.15 18.02 -57.90
C SER OA 51 -15.14 17.07 -58.56
N ARG OA 52 -14.97 16.84 -59.86
CA ARG OA 52 -15.87 15.95 -60.58
C ARG OA 52 -15.86 14.56 -59.98
N LYS OA 53 -14.67 14.02 -59.71
CA LYS OA 53 -14.55 12.68 -59.15
C LYS OA 53 -15.23 12.57 -57.80
N ILE OA 54 -14.93 13.51 -56.90
CA ILE OA 54 -15.48 13.46 -55.55
C ILE OA 54 -17.00 13.55 -55.60
N LEU OA 55 -17.52 14.49 -56.38
CA LEU OA 55 -18.98 14.64 -56.46
C LEU OA 55 -19.63 13.39 -57.03
N ARG OA 56 -19.07 12.84 -58.10
CA ARG OA 56 -19.64 11.64 -58.68
C ARG OA 56 -19.67 10.50 -57.66
N ASP OA 57 -18.56 10.28 -56.96
CA ASP OA 57 -18.52 9.20 -55.99
C ASP OA 57 -19.53 9.42 -54.87
N ARG OA 58 -19.58 10.63 -54.32
CA ARG OA 58 -20.50 10.91 -53.23
C ARG OA 58 -21.94 10.70 -53.67
N ASN OA 59 -22.30 11.17 -54.86
CA ASN OA 59 -23.68 11.08 -55.29
C ASN OA 59 -24.07 9.65 -55.65
N ILE OA 60 -23.15 8.87 -56.21
CA ILE OA 60 -23.44 7.47 -56.43
C ILE OA 60 -23.62 6.73 -55.11
N GLY OA 61 -22.80 7.07 -54.12
CA GLY OA 61 -22.97 6.47 -52.81
C GLY OA 61 -24.31 6.83 -52.17
N LEU OA 62 -24.72 8.09 -52.30
CA LEU OA 62 -26.03 8.50 -51.81
C LEU OA 62 -27.14 7.73 -52.51
N PHE OA 63 -27.04 7.59 -53.83
CA PHE OA 63 -28.06 6.85 -54.57
C PHE OA 63 -28.13 5.41 -54.08
N ASN OA 64 -26.97 4.77 -53.90
CA ASN OA 64 -26.97 3.38 -53.43
C ASN OA 64 -27.55 3.27 -52.03
N LEU OA 65 -27.26 4.25 -51.17
CA LEU OA 65 -27.82 4.24 -49.83
C LEU OA 65 -29.33 4.38 -49.85
N LEU OA 66 -29.85 5.30 -50.67
CA LEU OA 66 -31.28 5.49 -50.77
C LEU OA 66 -31.96 4.25 -51.34
N GLN OA 67 -31.35 3.64 -52.36
CA GLN OA 67 -31.90 2.40 -52.90
C GLN OA 67 -31.85 1.27 -51.89
N HIS OA 68 -30.82 1.26 -51.03
CA HIS OA 68 -30.70 0.23 -50.01
C HIS OA 68 -31.77 0.38 -48.93
N HIS OA 69 -32.09 1.62 -48.56
CA HIS OA 69 -33.13 1.88 -47.59
C HIS OA 69 -34.50 2.08 -48.22
N ASN OA 70 -34.63 1.85 -49.52
CA ASN OA 70 -35.91 1.85 -50.21
C ASN OA 70 -36.64 3.19 -50.04
N PHE OA 71 -36.02 4.24 -50.59
CA PHE OA 71 -36.56 5.57 -50.56
C PHE OA 71 -37.27 5.90 -51.86
N ALA OA 72 -38.24 6.80 -51.77
CA ALA OA 72 -38.99 7.28 -52.92
C ALA OA 72 -39.18 8.78 -52.78
N GLY OA 73 -38.94 9.51 -53.87
CA GLY OA 73 -39.05 10.95 -53.86
C GLY OA 73 -40.11 11.48 -54.79
N LEU OA 74 -40.06 12.79 -55.07
CA LEU OA 74 -41.03 13.39 -55.97
C LEU OA 74 -41.03 12.71 -57.32
N SER OA 75 -39.86 12.33 -57.81
CA SER OA 75 -39.74 11.47 -58.99
C SER OA 75 -39.85 10.03 -58.51
N VAL OA 76 -41.01 9.42 -58.74
CA VAL OA 76 -41.26 8.06 -58.25
C VAL OA 76 -40.50 7.10 -59.16
N ASN OA 77 -39.30 6.72 -58.72
CA ASN OA 77 -38.40 5.85 -59.49
C ASN OA 77 -37.97 4.67 -58.64
N ASN OA 78 -38.94 4.06 -57.96
CA ASN OA 78 -38.69 2.92 -57.09
C ASN OA 78 -39.58 1.77 -57.52
N ALA OA 79 -38.98 0.61 -57.79
CA ALA OA 79 -39.71 -0.55 -58.26
C ALA OA 79 -40.15 -1.48 -57.14
N LYS OA 80 -39.51 -1.41 -55.98
CA LYS OA 80 -39.87 -2.26 -54.84
C LYS OA 80 -41.05 -1.73 -54.05
N LEU OA 81 -41.75 -0.72 -54.56
CA LEU OA 81 -42.91 -0.18 -53.87
C LEU OA 81 -44.12 -1.08 -54.05
N SER OA 82 -44.95 -1.15 -53.01
CA SER OA 82 -46.26 -1.75 -53.13
C SER OA 82 -47.16 -0.84 -53.95
N ASP OA 83 -48.14 -1.45 -54.62
CA ASP OA 83 -49.05 -0.65 -55.45
C ASP OA 83 -49.84 0.33 -54.61
N SER OA 84 -50.24 -0.06 -53.40
CA SER OA 84 -51.01 0.84 -52.54
C SER OA 84 -50.16 2.02 -52.09
N GLN OA 85 -48.95 1.74 -51.62
CA GLN OA 85 -48.05 2.82 -51.22
C GLN OA 85 -47.77 3.75 -52.39
N ARG OA 86 -47.59 3.18 -53.58
CA ARG OA 86 -47.31 4.00 -54.75
C ARG OA 86 -48.49 4.88 -55.11
N VAL OA 87 -49.71 4.34 -55.04
CA VAL OA 87 -50.90 5.13 -55.29
C VAL OA 87 -51.00 6.28 -54.29
N MET OA 88 -50.75 5.98 -53.01
CA MET OA 88 -50.86 7.01 -51.99
C MET OA 88 -49.82 8.10 -52.19
N TRP OA 89 -48.58 7.72 -52.50
CA TRP OA 89 -47.52 8.70 -52.72
C TRP OA 89 -47.79 9.53 -53.97
N THR OA 90 -48.28 8.90 -55.03
CA THR OA 90 -48.60 9.63 -56.24
C THR OA 90 -49.78 10.56 -56.04
N ASP OA 91 -50.70 10.22 -55.15
CA ASP OA 91 -51.77 11.15 -54.81
C ASP OA 91 -51.24 12.33 -54.01
N LEU OA 92 -50.30 12.08 -53.10
CA LEU OA 92 -49.73 13.18 -52.32
C LEU OA 92 -48.87 14.09 -53.17
N VAL OA 93 -48.23 13.56 -54.22
CA VAL OA 93 -47.28 14.33 -55.00
C VAL OA 93 -47.94 14.99 -56.22
N GLN OA 94 -48.83 14.26 -56.90
CA GLN OA 94 -49.35 14.65 -58.19
C GLN OA 94 -50.86 14.82 -58.21
N GLY OA 95 -51.59 14.02 -57.45
CA GLY OA 95 -53.04 14.02 -57.47
C GLY OA 95 -53.66 14.70 -56.27
N LYS OA 96 -54.87 14.29 -55.92
CA LYS OA 96 -55.62 14.89 -54.83
C LYS OA 96 -55.98 13.84 -53.79
N PRO OA 97 -55.47 13.91 -52.57
CA PRO OA 97 -55.87 12.94 -51.54
C PRO OA 97 -57.32 13.17 -51.14
N ASP OA 98 -58.11 12.11 -51.22
CA ASP OA 98 -59.52 12.19 -50.87
C ASP OA 98 -60.03 10.80 -50.53
N VAL OA 99 -60.94 10.74 -49.58
CA VAL OA 99 -61.55 9.48 -49.16
C VAL OA 99 -62.78 9.22 -50.02
N GLU OA 100 -62.98 7.96 -50.38
CA GLU OA 100 -64.06 7.57 -51.25
C GLU OA 100 -65.33 7.29 -50.45
N ASP OA 101 -66.47 7.51 -51.10
CA ASP OA 101 -67.76 7.26 -50.45
C ASP OA 101 -68.03 5.77 -50.30
N LYS OA 102 -67.36 4.92 -51.07
CA LYS OA 102 -67.55 3.49 -50.95
C LYS OA 102 -67.11 2.98 -49.57
N LEU OA 103 -66.15 3.65 -48.96
CA LEU OA 103 -65.60 3.19 -47.69
C LEU OA 103 -66.53 3.52 -46.53
N SER OA 104 -66.43 2.71 -45.49
CA SER OA 104 -67.09 3.03 -44.23
C SER OA 104 -66.31 4.12 -43.50
N VAL OA 105 -66.95 4.72 -42.51
CA VAL OA 105 -66.35 5.84 -41.80
C VAL OA 105 -65.06 5.41 -41.11
N ASP OA 106 -65.04 4.19 -40.57
CA ASP OA 106 -63.82 3.70 -39.92
C ASP OA 106 -62.69 3.57 -40.92
N ALA OA 107 -62.98 3.03 -42.11
CA ALA OA 107 -61.95 2.90 -43.13
C ALA OA 107 -61.48 4.26 -43.64
N ARG OA 108 -62.39 5.23 -43.71
CA ARG OA 108 -61.99 6.59 -44.07
C ARG OA 108 -61.03 7.17 -43.03
N GLU OA 109 -61.36 6.99 -41.76
CA GLU OA 109 -60.46 7.44 -40.70
C GLU OA 109 -59.10 6.77 -40.83
N MET OA 110 -59.09 5.47 -41.11
CA MET OA 110 -57.83 4.75 -41.27
C MET OA 110 -57.03 5.30 -42.45
N LYS OA 111 -57.70 5.56 -43.58
CA LYS OA 111 -57.01 6.09 -44.74
C LYS OA 111 -56.41 7.46 -44.45
N VAL OA 112 -57.16 8.32 -43.75
CA VAL OA 112 -56.65 9.64 -43.43
C VAL OA 112 -55.47 9.53 -42.47
N ASP OA 113 -55.53 8.60 -41.52
CA ASP OA 113 -54.41 8.40 -40.61
C ASP OA 113 -53.18 7.92 -41.36
N MET OA 114 -53.37 7.05 -42.35
CA MET OA 114 -52.25 6.59 -43.16
C MET OA 114 -51.63 7.74 -43.94
N TYR OA 115 -52.49 8.54 -44.59
CA TYR OA 115 -52.00 9.74 -45.28
C TYR OA 115 -51.18 10.62 -44.34
N GLU OA 116 -51.71 10.88 -43.16
CA GLU OA 116 -51.04 11.79 -42.23
C GLU OA 116 -49.70 11.23 -41.78
N LYS OA 117 -49.67 9.94 -41.43
CA LYS OA 117 -48.42 9.33 -41.00
C LYS OA 117 -47.37 9.39 -42.10
N LEU OA 118 -47.75 8.98 -43.31
CA LEU OA 118 -46.84 9.02 -44.44
C LEU OA 118 -46.31 10.42 -44.69
N PHE OA 119 -47.21 11.40 -44.74
CA PHE OA 119 -46.79 12.75 -45.07
C PHE OA 119 -45.95 13.38 -43.97
N LYS OA 120 -46.22 13.04 -42.71
CA LYS OA 120 -45.41 13.60 -41.63
C LYS OA 120 -44.04 12.96 -41.57
N GLN OA 121 -43.92 11.68 -41.92
CA GLN OA 121 -42.60 11.08 -42.02
C GLN OA 121 -41.85 11.62 -43.23
N ALA OA 122 -42.57 12.01 -44.28
CA ALA OA 122 -41.91 12.50 -45.49
C ALA OA 122 -41.44 13.93 -45.32
N ALA OA 123 -42.30 14.81 -44.84
CA ALA OA 123 -42.02 16.24 -44.72
C ALA OA 123 -41.76 16.59 -43.26
N ASP OA 124 -40.65 17.27 -43.01
CA ASP OA 124 -40.30 17.70 -41.67
C ASP OA 124 -40.79 19.12 -41.42
N LEU OA 125 -40.53 19.62 -40.22
CA LEU OA 125 -41.04 20.94 -39.83
C LEU OA 125 -40.41 22.06 -40.65
N GLU OA 126 -39.20 21.84 -41.16
CA GLU OA 126 -38.55 22.84 -42.01
C GLU OA 126 -39.14 22.88 -43.42
N ASN OA 127 -39.91 21.87 -43.80
CA ASN OA 127 -40.47 21.81 -45.14
C ASN OA 127 -41.63 22.79 -45.28
N PRO OA 128 -41.71 23.54 -46.38
CA PRO OA 128 -42.81 24.50 -46.52
C PRO OA 128 -44.17 23.85 -46.69
N CYS OA 129 -44.27 22.72 -47.39
CA CYS OA 129 -45.56 22.13 -47.70
C CYS OA 129 -46.18 21.37 -46.53
N ARG OA 130 -45.47 21.24 -45.42
CA ARG OA 130 -45.97 20.45 -44.30
C ARG OA 130 -47.25 21.05 -43.74
N MET OA 131 -47.25 22.37 -43.49
CA MET OA 131 -48.43 22.99 -42.90
C MET OA 131 -49.64 22.90 -43.82
N PRO OA 132 -49.54 23.23 -45.10
CA PRO OA 132 -50.70 23.04 -45.99
C PRO OA 132 -51.17 21.61 -46.06
N GLY OA 133 -50.25 20.64 -46.15
CA GLY OA 133 -50.66 19.25 -46.20
C GLY OA 133 -51.42 18.83 -44.95
N VAL OA 134 -50.87 19.19 -43.78
CA VAL OA 134 -51.51 18.81 -42.53
C VAL OA 134 -52.87 19.50 -42.40
N ALA OA 135 -52.97 20.74 -42.87
CA ALA OA 135 -54.25 21.44 -42.82
C ALA OA 135 -55.29 20.75 -43.70
N TYR OA 136 -54.89 20.35 -44.90
CA TYR OA 136 -55.82 19.66 -45.79
C TYR OA 136 -56.27 18.34 -45.18
N LEU OA 137 -55.35 17.57 -44.61
CA LEU OA 137 -55.72 16.31 -44.00
C LEU OA 137 -56.59 16.51 -42.77
N ARG OA 138 -56.37 17.60 -42.03
CA ARG OA 138 -57.23 17.91 -40.89
C ARG OA 138 -58.64 18.27 -41.36
N CYS OA 139 -58.74 19.01 -42.47
CA CYS OA 139 -60.05 19.27 -43.05
C CYS OA 139 -60.74 17.98 -43.46
N LEU OA 140 -59.98 17.04 -44.04
CA LEU OA 140 -60.55 15.73 -44.36
C LEU OA 140 -61.08 15.04 -43.11
N ARG OA 141 -60.27 15.02 -42.05
CA ARG OA 141 -60.74 14.43 -40.79
C ARG OA 141 -62.03 15.08 -40.34
N ASP OA 142 -62.11 16.39 -40.43
CA ASP OA 142 -63.33 17.09 -40.01
C ASP OA 142 -64.51 16.71 -40.88
N THR OA 143 -64.29 16.46 -42.16
CA THR OA 143 -65.35 16.23 -43.13
C THR OA 143 -65.46 14.78 -43.55
N LEU OA 144 -65.01 13.84 -42.71
CA LEU OA 144 -65.14 12.43 -43.02
C LEU OA 144 -66.59 12.05 -43.33
N THR OA 145 -67.50 12.36 -42.41
CA THR OA 145 -68.90 11.97 -42.55
C THR OA 145 -69.62 12.89 -43.54
N GLU OA 146 -69.11 12.90 -44.77
CA GLU OA 146 -69.67 13.71 -45.85
C GLU OA 146 -69.32 13.06 -47.17
N THR OA 147 -69.87 13.61 -48.24
CA THR OA 147 -69.56 13.19 -49.60
C THR OA 147 -68.47 14.07 -50.19
N GLN OA 148 -67.86 13.59 -51.27
CA GLN OA 148 -66.80 14.34 -51.92
C GLN OA 148 -67.30 15.67 -52.44
N SER OA 149 -68.54 15.69 -52.95
CA SER OA 149 -69.10 16.92 -53.50
C SER OA 149 -69.18 18.00 -52.43
N ALA OA 150 -69.64 17.64 -51.23
CA ALA OA 150 -69.75 18.59 -50.14
C ALA OA 150 -68.40 18.87 -49.49
N ARG OA 151 -67.44 17.95 -49.61
CA ARG OA 151 -66.13 18.14 -48.99
C ARG OA 151 -65.23 19.03 -49.82
N ARG OA 152 -65.41 19.04 -51.14
CA ARG OA 152 -64.58 19.87 -52.01
C ARG OA 152 -64.74 21.34 -51.66
N SER OA 153 -65.98 21.81 -51.57
CA SER OA 153 -66.22 23.22 -51.31
C SER OA 153 -65.49 23.70 -50.05
N SER OA 154 -65.30 22.80 -49.08
CA SER OA 154 -64.68 23.18 -47.82
C SER OA 154 -63.17 23.00 -47.81
N CYS OA 155 -62.66 21.99 -48.51
CA CYS OA 155 -61.22 21.69 -48.47
C CYS OA 155 -60.44 22.31 -49.63
N LEU OA 156 -61.12 22.94 -50.59
CA LEU OA 156 -60.43 23.51 -51.74
C LEU OA 156 -59.48 24.62 -51.32
N ASN OA 157 -59.88 25.44 -50.34
CA ASN OA 157 -59.07 26.59 -49.95
C ASN OA 157 -57.71 26.18 -49.42
N ALA OA 158 -57.61 24.97 -48.87
CA ALA OA 158 -56.34 24.45 -48.38
C ALA OA 158 -55.62 23.61 -49.43
N PHE OA 159 -56.38 22.84 -50.22
CA PHE OA 159 -55.77 22.09 -51.29
C PHE OA 159 -55.08 23.00 -52.29
N SER OA 160 -55.58 24.21 -52.47
CA SER OA 160 -54.93 25.15 -53.38
C SER OA 160 -53.51 25.46 -52.92
N SER OA 161 -53.35 25.83 -51.65
CA SER OA 161 -52.02 26.12 -51.14
C SER OA 161 -51.13 24.88 -51.18
N PHE OA 162 -51.69 23.72 -50.86
CA PHE OA 162 -50.91 22.49 -50.90
C PHE OA 162 -50.38 22.24 -52.32
N ASP OA 163 -51.26 22.32 -53.32
CA ASP OA 163 -50.85 22.10 -54.70
C ASP OA 163 -49.85 23.16 -55.14
N ALA OA 164 -49.98 24.39 -54.66
CA ALA OA 164 -49.02 25.43 -55.01
C ALA OA 164 -47.63 25.07 -54.50
N CYS OA 165 -47.52 24.73 -53.22
CA CYS OA 165 -46.23 24.32 -52.68
C CYS OA 165 -45.66 23.11 -53.42
N ARG OA 166 -46.54 22.17 -53.76
CA ARG OA 166 -46.16 20.97 -54.49
C ARG OA 166 -45.51 21.34 -55.84
N THR OA 167 -46.23 22.09 -56.65
CA THR OA 167 -45.72 22.50 -57.95
C THR OA 167 -44.45 23.32 -57.81
N GLY OA 168 -44.35 24.12 -56.74
CA GLY OA 168 -43.12 24.85 -56.50
C GLY OA 168 -41.94 23.93 -56.32
N LEU OA 169 -42.10 22.89 -55.51
CA LEU OA 169 -41.01 21.93 -55.33
C LEU OA 169 -40.65 21.25 -56.64
N LEU OA 170 -41.65 20.87 -57.42
CA LEU OA 170 -41.39 20.23 -58.70
C LEU OA 170 -40.57 21.14 -59.62
N LYS OA 171 -40.97 22.40 -59.72
CA LYS OA 171 -40.24 23.36 -60.54
C LYS OA 171 -38.82 23.55 -60.03
N GLN OA 172 -38.65 23.58 -58.71
CA GLN OA 172 -37.32 23.68 -58.14
C GLN OA 172 -36.44 22.52 -58.61
N GLN OA 173 -36.98 21.31 -58.55
CA GLN OA 173 -36.20 20.14 -58.96
C GLN OA 173 -35.81 20.23 -60.43
N SER OA 174 -36.76 20.57 -61.28
CA SER OA 174 -36.47 20.69 -62.72
C SER OA 174 -35.39 21.73 -62.98
N ALA OA 175 -35.53 22.92 -62.37
CA ALA OA 175 -34.56 23.98 -62.59
C ALA OA 175 -33.19 23.57 -62.08
N ALA OA 176 -33.14 22.87 -60.96
CA ALA OA 176 -31.86 22.41 -60.43
C ALA OA 176 -31.18 21.48 -61.42
N VAL OA 177 -31.92 20.51 -61.95
CA VAL OA 177 -31.35 19.60 -62.94
C VAL OA 177 -30.78 20.37 -64.12
N GLU OA 178 -31.58 21.30 -64.67
CA GLU OA 178 -31.16 22.02 -65.86
C GLU OA 178 -29.89 22.83 -65.59
N ASN OA 179 -29.89 23.59 -64.49
CA ASN OA 179 -28.75 24.45 -64.19
C ASN OA 179 -27.50 23.63 -63.92
N SER OA 180 -27.64 22.51 -63.21
CA SER OA 180 -26.48 21.66 -62.97
C SER OA 180 -25.92 21.11 -64.27
N LEU OA 181 -26.78 20.69 -65.18
CA LEU OA 181 -26.31 20.23 -66.49
C LEU OA 181 -25.52 21.31 -67.19
N VAL OA 182 -26.07 22.53 -67.24
CA VAL OA 182 -25.40 23.61 -67.95
C VAL OA 182 -24.03 23.90 -67.35
N ARG OA 183 -23.97 24.04 -66.02
CA ARG OA 183 -22.72 24.35 -65.35
C ARG OA 183 -21.69 23.24 -65.58
N GLN OA 184 -22.12 21.99 -65.45
CA GLN OA 184 -21.23 20.86 -65.68
C GLN OA 184 -20.65 20.88 -67.08
N ASN OA 185 -21.51 21.11 -68.09
CA ASN OA 185 -21.03 21.10 -69.46
C ASN OA 185 -20.04 22.23 -69.70
N MET OA 186 -20.32 23.42 -69.17
CA MET OA 186 -19.38 24.53 -69.33
C MET OA 186 -18.03 24.17 -68.71
N ALA OA 187 -18.04 23.62 -67.50
CA ALA OA 187 -16.78 23.27 -66.85
C ALA OA 187 -16.00 22.24 -67.66
N ASP OA 188 -16.69 21.23 -68.19
CA ASP OA 188 -16.01 20.20 -68.95
C ASP OA 188 -15.41 20.76 -70.23
N VAL OA 189 -16.14 21.64 -70.91
CA VAL OA 189 -15.60 22.26 -72.13
C VAL OA 189 -14.36 23.07 -71.80
N ARG OA 190 -14.40 23.83 -70.70
CA ARG OA 190 -13.23 24.62 -70.31
C ARG OA 190 -12.04 23.71 -70.03
N ALA OA 191 -12.28 22.58 -69.36
CA ALA OA 191 -11.19 21.66 -69.06
C ALA OA 191 -10.60 21.09 -70.34
N LYS OA 192 -11.44 20.73 -71.30
CA LYS OA 192 -10.94 20.21 -72.57
C LYS OA 192 -10.09 21.25 -73.29
N ALA OA 193 -10.53 22.50 -73.31
CA ALA OA 193 -9.75 23.56 -73.93
C ALA OA 193 -8.41 23.72 -73.25
N LEU OA 194 -8.40 23.70 -71.90
CA LEU OA 194 -7.14 23.78 -71.18
C LEU OA 194 -6.22 22.62 -71.54
N PHE OA 195 -6.78 21.42 -71.71
CA PHE OA 195 -5.96 20.28 -72.07
C PHE OA 195 -5.31 20.46 -73.43
N GLU OA 196 -6.06 20.97 -74.40
CA GLU OA 196 -5.47 21.21 -75.72
C GLU OA 196 -4.40 22.28 -75.66
N ARG OA 197 -4.64 23.36 -74.90
CA ARG OA 197 -3.63 24.38 -74.73
C ARG OA 197 -2.36 23.80 -74.12
N ARG OA 198 -2.52 22.93 -73.12
CA ARG OA 198 -1.35 22.29 -72.52
C ARG OA 198 -0.63 21.41 -73.54
N ALA OA 199 -1.38 20.74 -74.41
CA ALA OA 199 -0.76 19.91 -75.43
C ALA OA 199 0.12 20.75 -76.35
N VAL OA 200 -0.40 21.87 -76.82
CA VAL OA 200 0.40 22.71 -77.71
C VAL OA 200 1.61 23.28 -76.97
N LEU OA 201 1.43 23.65 -75.70
CA LEU OA 201 2.55 24.18 -74.94
C LEU OA 201 3.61 23.11 -74.69
N LEU OA 202 3.21 21.85 -74.57
CA LEU OA 202 4.19 20.77 -74.43
C LEU OA 202 4.90 20.51 -75.74
N ASP OA 203 4.20 20.66 -76.87
CA ASP OA 203 4.88 20.55 -78.15
C ASP OA 203 5.87 21.69 -78.35
N LEU OA 204 5.61 22.84 -77.75
CA LEU OA 204 6.52 23.98 -77.88
C LEU OA 204 7.60 24.02 -76.80
N VAL OA 205 7.45 23.25 -75.73
CA VAL OA 205 8.40 23.33 -74.62
C VAL OA 205 9.78 22.90 -75.09
N GLU OA 206 10.79 23.33 -74.35
CA GLU OA 206 12.18 23.10 -74.72
C GLU OA 206 13.00 22.85 -73.47
N GLY OA 207 13.96 21.92 -73.58
CA GLY OA 207 14.79 21.53 -72.47
C GLY OA 207 15.02 20.04 -72.42
N LYS OA 208 15.76 19.58 -71.42
CA LYS OA 208 16.03 18.16 -71.27
C LYS OA 208 16.44 17.82 -69.85
N ILE PA 33 -72.98 56.02 43.09
CA ILE PA 33 -72.14 55.01 43.72
C ILE PA 33 -73.01 54.02 44.48
N GLN PA 34 -73.60 54.48 45.59
CA GLN PA 34 -74.46 53.62 46.39
C GLN PA 34 -75.59 53.06 45.54
N HIS PA 35 -76.36 53.94 44.90
CA HIS PA 35 -77.52 53.50 44.14
C HIS PA 35 -77.12 52.58 43.00
N TRP PA 36 -76.06 52.94 42.27
CA TRP PA 36 -75.64 52.13 41.13
C TRP PA 36 -75.17 50.74 41.58
N ASN PA 37 -74.42 50.66 42.68
CA ASN PA 37 -73.94 49.38 43.16
C ASN PA 37 -75.09 48.51 43.66
N LYS PA 38 -76.05 49.12 44.36
CA LYS PA 38 -77.19 48.35 44.84
C LYS PA 38 -78.05 47.85 43.69
N SER PA 39 -78.23 48.67 42.65
CA SER PA 39 -78.93 48.22 41.46
C SER PA 39 -78.14 47.13 40.75
N TYR PA 40 -76.81 47.23 40.74
CA TYR PA 40 -76.00 46.16 40.18
C TYR PA 40 -76.26 44.85 40.90
N GLU PA 41 -76.32 44.89 42.23
CA GLU PA 41 -76.64 43.68 42.99
C GLU PA 41 -78.03 43.16 42.64
N LYS PA 42 -79.00 44.07 42.53
CA LYS PA 42 -80.37 43.64 42.23
C LYS PA 42 -80.46 42.96 40.87
N GLN PA 43 -79.80 43.51 39.86
CA GLN PA 43 -79.79 42.87 38.55
C GLN PA 43 -78.98 41.57 38.56
N VAL PA 44 -77.90 41.52 39.33
CA VAL PA 44 -77.20 40.26 39.53
C VAL PA 44 -78.14 39.19 40.04
N TYR PA 45 -78.99 39.55 41.02
CA TYR PA 45 -79.90 38.57 41.59
C TYR PA 45 -81.05 38.23 40.64
N SER PA 46 -81.46 39.18 39.80
CA SER PA 46 -82.40 38.86 38.72
C SER PA 46 -81.80 37.82 37.77
N GLU PA 47 -80.56 38.03 37.35
CA GLU PA 47 -79.88 37.04 36.53
C GLU PA 47 -79.77 35.70 37.25
N SER PA 48 -79.54 35.74 38.56
CA SER PA 48 -79.49 34.51 39.34
C SER PA 48 -80.83 33.77 39.30
N VAL PA 49 -81.93 34.50 39.44
CA VAL PA 49 -83.24 33.88 39.39
C VAL PA 49 -83.49 33.26 38.01
N ALA PA 50 -83.10 33.97 36.95
CA ALA PA 50 -83.26 33.42 35.61
C ALA PA 50 -82.45 32.14 35.45
N LEU PA 51 -81.19 32.16 35.90
CA LEU PA 51 -80.34 30.99 35.83
C LEU PA 51 -80.95 29.83 36.61
N ASN PA 52 -81.53 30.13 37.78
CA ASN PA 52 -82.13 29.07 38.59
C ASN PA 52 -83.34 28.48 37.91
N ARG PA 53 -84.17 29.30 37.28
CA ARG PA 53 -85.33 28.78 36.57
C ARG PA 53 -84.91 27.87 35.43
N THR PA 54 -83.96 28.32 34.61
CA THR PA 54 -83.51 27.47 33.52
C THR PA 54 -82.82 26.21 34.03
N PHE PA 55 -82.16 26.29 35.19
CA PHE PA 55 -81.53 25.12 35.78
C PHE PA 55 -82.58 24.09 36.19
N GLN PA 56 -83.62 24.54 36.91
CA GLN PA 56 -84.72 23.66 37.27
C GLN PA 56 -85.31 23.01 36.02
N ALA PA 57 -85.54 23.81 34.98
CA ALA PA 57 -86.17 23.29 33.77
C ALA PA 57 -85.29 22.25 33.11
N ARG PA 58 -84.02 22.58 32.87
CA ARG PA 58 -83.07 21.64 32.29
C ARG PA 58 -83.10 20.32 33.06
N ASN PA 59 -82.94 20.38 34.37
CA ASN PA 59 -82.94 19.16 35.16
C ASN PA 59 -84.21 18.38 34.93
N GLN PA 60 -85.35 18.94 35.35
CA GLN PA 60 -86.60 18.18 35.37
C GLN PA 60 -87.06 17.77 33.98
N LEU PA 61 -86.51 18.35 32.91
CA LEU PA 61 -86.86 17.93 31.57
C LEU PA 61 -85.93 16.84 31.04
N VAL PA 62 -84.64 17.12 31.01
CA VAL PA 62 -83.69 16.24 30.33
C VAL PA 62 -83.07 15.24 31.29
N LEU PA 63 -82.58 15.71 32.44
CA LEU PA 63 -81.70 14.88 33.25
C LEU PA 63 -82.48 13.87 34.07
N ASP PA 64 -83.67 14.25 34.55
CA ASP PA 64 -84.49 13.28 35.26
C ASP PA 64 -84.98 12.16 34.36
N ARG PA 65 -84.98 12.38 33.04
CA ARG PA 65 -85.35 11.34 32.09
C ARG PA 65 -84.15 10.52 31.63
N LEU PA 66 -82.99 11.15 31.50
CA LEU PA 66 -81.77 10.48 31.06
C LEU PA 66 -80.94 9.94 32.22
N LYS PA 67 -81.42 10.04 33.45
CA LYS PA 67 -80.63 9.62 34.58
C LYS PA 67 -80.44 8.12 34.56
N PRO PA 68 -79.22 7.61 34.76
CA PRO PA 68 -79.03 6.15 34.80
C PRO PA 68 -79.75 5.54 35.99
N SER PA 69 -80.09 4.26 35.85
CA SER PA 69 -80.81 3.55 36.89
C SER PA 69 -79.93 3.34 38.12
N GLY PA 70 -78.69 2.94 37.91
CA GLY PA 70 -77.78 2.58 38.99
C GLY PA 70 -77.34 1.14 38.97
N ALA PA 71 -77.89 0.31 38.07
CA ALA PA 71 -77.46 -1.07 37.97
C ALA PA 71 -76.03 -1.17 37.46
N TYR PA 72 -75.67 -0.31 36.51
CA TYR PA 72 -74.35 -0.31 35.89
C TYR PA 72 -73.43 0.74 36.52
N ARG PA 73 -73.66 1.07 37.78
CA ARG PA 73 -72.83 2.06 38.46
C ARG PA 73 -71.40 1.55 38.58
N LEU PA 74 -70.53 2.44 39.03
CA LEU PA 74 -69.12 2.10 39.18
C LEU PA 74 -68.96 1.16 40.36
N PRO PA 75 -68.34 -0.01 40.17
CA PRO PA 75 -68.26 -1.01 41.25
C PRO PA 75 -67.09 -0.76 42.20
N ALA PA 76 -67.04 0.43 42.78
CA ALA PA 76 -65.96 0.78 43.68
C ALA PA 76 -66.32 2.04 44.44
N VAL PA 77 -65.58 2.29 45.51
CA VAL PA 77 -65.75 3.47 46.34
C VAL PA 77 -64.40 4.17 46.45
N ASP PA 78 -64.42 5.50 46.50
CA ASP PA 78 -63.19 6.26 46.49
C ASP PA 78 -62.34 5.94 47.73
N TYR PA 79 -61.03 6.03 47.55
CA TYR PA 79 -60.11 5.63 48.61
C TYR PA 79 -60.24 6.53 49.82
N LYS PA 80 -60.64 7.79 49.62
CA LYS PA 80 -60.83 8.69 50.76
C LYS PA 80 -62.01 8.25 51.61
N ARG PA 81 -63.12 7.91 50.96
CA ARG PA 81 -64.28 7.44 51.71
C ARG PA 81 -63.99 6.10 52.38
N GLN PA 82 -63.24 5.23 51.71
CA GLN PA 82 -62.85 3.98 52.35
C GLN PA 82 -61.97 4.23 53.58
N LEU PA 83 -61.03 5.17 53.47
CA LEU PA 83 -60.17 5.51 54.59
C LEU PA 83 -60.97 6.07 55.75
N SER PA 84 -61.99 6.88 55.45
CA SER PA 84 -62.85 7.39 56.52
C SER PA 84 -63.68 6.28 57.15
N ARG PA 85 -64.11 5.31 56.33
CA ARG PA 85 -64.86 4.17 56.85
C ARG PA 85 -63.98 3.20 57.63
N GLY PA 86 -62.67 3.28 57.48
CA GLY PA 86 -61.79 2.32 58.11
C GLY PA 86 -61.77 0.99 57.40
N THR PA 87 -61.81 1.01 56.08
CA THR PA 87 -61.96 -0.19 55.27
C THR PA 87 -60.82 -0.39 54.28
N LEU PA 88 -60.01 0.63 54.04
CA LEU PA 88 -58.99 0.58 53.01
C LEU PA 88 -57.91 -0.44 53.34
N VAL PA 89 -57.52 -1.21 52.33
CA VAL PA 89 -56.34 -2.07 52.39
C VAL PA 89 -55.43 -1.66 51.25
N GLU PA 90 -54.12 -1.77 51.50
CA GLU PA 90 -53.13 -1.24 50.57
C GLU PA 90 -52.28 -2.29 49.88
N GLY PA 91 -52.16 -3.50 50.44
CA GLY PA 91 -51.09 -4.41 50.11
C GLY PA 91 -51.44 -5.43 49.05
N ALA PA 92 -50.51 -6.37 48.86
CA ALA PA 92 -50.66 -7.49 47.94
C ALA PA 92 -50.85 -7.01 46.50
N ASP PA 93 -49.78 -6.42 45.97
CA ASP PA 93 -49.70 -6.21 44.53
C ASP PA 93 -49.86 -7.51 43.76
N PHE PA 94 -49.65 -8.64 44.42
CA PHE PA 94 -49.87 -9.97 43.87
C PHE PA 94 -50.99 -10.65 44.64
N TYR PA 95 -51.29 -11.89 44.26
CA TYR PA 95 -52.30 -12.67 44.97
C TYR PA 95 -51.97 -14.15 44.85
N LEU PA 96 -52.71 -14.95 45.60
CA LEU PA 96 -52.57 -16.40 45.59
C LEU PA 96 -53.95 -16.99 45.33
N PRO PA 97 -54.20 -17.54 44.13
CA PRO PA 97 -55.56 -17.93 43.77
C PRO PA 97 -56.13 -19.07 44.61
N THR PA 98 -55.36 -20.13 44.79
CA THR PA 98 -55.85 -21.35 45.40
C THR PA 98 -55.47 -21.43 46.88
N ALA PA 99 -56.38 -21.98 47.67
CA ALA PA 99 -56.11 -22.14 49.11
C ALA PA 99 -54.94 -23.05 49.36
N GLN PA 100 -54.73 -24.06 48.51
CA GLN PA 100 -53.55 -24.89 48.60
C GLN PA 100 -52.28 -24.05 48.57
N GLU PA 101 -52.31 -22.95 47.82
CA GLU PA 101 -51.17 -22.04 47.74
C GLU PA 101 -51.19 -20.99 48.82
N GLN PA 102 -52.38 -20.68 49.36
CA GLN PA 102 -52.48 -19.66 50.40
C GLN PA 102 -51.98 -20.19 51.74
N GLN PA 103 -52.26 -21.45 52.04
CA GLN PA 103 -52.00 -22.01 53.36
C GLN PA 103 -50.66 -22.72 53.48
N ARG PA 104 -49.77 -22.52 52.50
CA ARG PA 104 -48.48 -23.20 52.53
C ARG PA 104 -47.65 -22.78 53.74
N LEU PA 105 -47.46 -21.48 53.91
CA LEU PA 105 -46.64 -20.97 55.00
C LEU PA 105 -47.26 -21.20 56.36
N ALA PA 106 -48.52 -21.62 56.42
CA ALA PA 106 -49.18 -21.90 57.69
C ALA PA 106 -49.22 -23.39 58.02
N ARG PA 107 -49.17 -24.26 57.02
CA ARG PA 107 -49.22 -25.70 57.29
C ARG PA 107 -48.00 -26.15 58.09
N HIS PA 108 -46.80 -25.74 57.68
CA HIS PA 108 -45.56 -25.97 58.41
C HIS PA 108 -45.09 -27.42 58.37
N PHE PA 109 -45.89 -28.31 57.81
CA PHE PA 109 -45.54 -29.73 57.83
C PHE PA 109 -45.65 -30.34 56.44
N GLU PA 110 -46.60 -29.87 55.64
CA GLU PA 110 -46.77 -30.31 54.26
C GLU PA 110 -47.08 -29.11 53.39
N PRO PA 111 -46.12 -28.19 53.25
CA PRO PA 111 -46.33 -27.07 52.32
C PRO PA 111 -46.63 -27.53 50.90
N TYR PA 112 -46.02 -28.62 50.47
CA TYR PA 112 -46.28 -29.22 49.17
C TYR PA 112 -46.57 -30.70 49.38
N SER PA 113 -47.60 -31.18 48.71
CA SER PA 113 -47.90 -32.61 48.74
C SER PA 113 -46.74 -33.40 48.15
N GLU PA 114 -46.81 -34.72 48.31
CA GLU PA 114 -45.74 -35.57 47.79
C GLU PA 114 -45.67 -35.51 46.27
N GLN PA 115 -46.82 -35.60 45.61
CA GLN PA 115 -46.85 -35.50 44.15
C GLN PA 115 -46.31 -34.16 43.69
N GLU PA 116 -46.67 -33.08 44.39
CA GLU PA 116 -46.19 -31.76 44.04
C GLU PA 116 -44.68 -31.67 44.23
N GLN PA 117 -44.15 -32.27 45.30
CA GLN PA 117 -42.71 -32.30 45.50
C GLN PA 117 -42.00 -33.01 44.36
N GLU PA 118 -42.53 -34.18 43.96
CA GLU PA 118 -41.92 -34.93 42.88
C GLU PA 118 -41.95 -34.15 41.58
N GLU PA 119 -43.03 -33.40 41.35
CA GLU PA 119 -43.09 -32.56 40.16
C GLU PA 119 -42.10 -31.41 40.23
N ARG PA 120 -41.94 -30.81 41.41
CA ARG PA 120 -41.02 -29.69 41.56
C ARG PA 120 -39.58 -30.10 41.37
N ARG PA 121 -39.23 -31.32 41.81
CA ARG PA 121 -37.85 -31.77 41.68
C ARG PA 121 -37.37 -31.84 40.24
N LYS PA 122 -38.28 -31.72 39.27
CA LYS PA 122 -37.89 -31.75 37.87
C LYS PA 122 -37.44 -30.40 37.34
N PHE PA 123 -37.56 -29.34 38.14
CA PHE PA 123 -37.16 -27.99 37.74
C PHE PA 123 -36.13 -27.42 38.71
N ARG PA 124 -35.14 -28.22 39.10
CA ARG PA 124 -34.08 -27.70 39.95
C ARG PA 124 -33.14 -26.80 39.17
N PHE PA 125 -33.02 -27.02 37.86
CA PHE PA 125 -32.23 -26.17 36.99
C PHE PA 125 -33.05 -25.83 35.76
N GLN PA 126 -32.64 -24.77 35.08
CA GLN PA 126 -33.22 -24.44 33.79
C GLN PA 126 -32.61 -25.33 32.72
N SER PA 127 -33.41 -25.63 31.69
CA SER PA 127 -33.02 -26.57 30.65
C SER PA 127 -32.37 -25.81 29.51
N ILE PA 128 -31.04 -25.78 29.50
CA ILE PA 128 -30.32 -25.15 28.40
C ILE PA 128 -30.53 -25.95 27.13
N SER PA 129 -30.79 -27.25 27.24
CA SER PA 129 -31.08 -28.06 26.07
C SER PA 129 -32.36 -27.60 25.40
N VAL PA 130 -33.42 -27.43 26.19
CA VAL PA 130 -34.68 -26.95 25.64
C VAL PA 130 -34.54 -25.52 25.12
N TYR PA 131 -33.82 -24.67 25.85
CA TYR PA 131 -33.52 -23.33 25.36
C TYR PA 131 -32.89 -23.39 23.97
N LEU PA 132 -31.85 -24.20 23.83
CA LEU PA 132 -31.13 -24.31 22.56
C LEU PA 132 -32.04 -24.81 21.46
N ALA PA 133 -32.80 -25.87 21.73
CA ALA PA 133 -33.67 -26.43 20.71
C ALA PA 133 -34.71 -25.41 20.24
N VAL PA 134 -35.39 -24.77 21.19
CA VAL PA 134 -36.43 -23.81 20.83
C VAL PA 134 -35.83 -22.62 20.10
N ALA PA 135 -34.65 -22.17 20.53
CA ALA PA 135 -34.03 -21.02 19.90
C ALA PA 135 -33.60 -21.36 18.47
N LEU PA 136 -33.04 -22.55 18.26
CA LEU PA 136 -32.66 -22.95 16.92
C LEU PA 136 -33.88 -23.09 16.02
N GLY PA 137 -34.95 -23.70 16.52
CA GLY PA 137 -36.16 -23.80 15.72
C GLY PA 137 -36.72 -22.44 15.35
N ALA PA 138 -36.80 -21.55 16.32
CA ALA PA 138 -37.35 -20.23 16.07
C ALA PA 138 -36.47 -19.44 15.12
N SER PA 139 -35.15 -19.56 15.25
CA SER PA 139 -34.24 -18.88 14.34
C SER PA 139 -34.38 -19.43 12.93
N PHE PA 140 -34.47 -20.75 12.78
CA PHE PA 140 -34.66 -21.34 11.46
C PHE PA 140 -35.92 -20.82 10.81
N VAL PA 141 -37.04 -20.84 11.55
CA VAL PA 141 -38.31 -20.37 11.00
C VAL PA 141 -38.22 -18.89 10.64
N HIS PA 142 -37.75 -18.08 11.58
CA HIS PA 142 -37.69 -16.64 11.38
C HIS PA 142 -36.79 -16.26 10.22
N ASP PA 143 -35.74 -17.04 9.97
CA ASP PA 143 -34.78 -16.70 8.93
C ASP PA 143 -35.18 -17.21 7.56
N TYR PA 144 -35.74 -18.42 7.48
CA TYR PA 144 -36.00 -19.05 6.19
C TYR PA 144 -37.48 -19.10 5.83
N PHE PA 145 -38.35 -18.48 6.63
CA PHE PA 145 -39.75 -18.38 6.25
C PHE PA 145 -40.26 -16.95 6.36
N TYR PA 146 -39.73 -16.18 7.32
CA TYR PA 146 -40.23 -14.84 7.59
C TYR PA 146 -39.29 -13.73 7.18
N GLN PA 147 -38.02 -14.00 6.96
CA GLN PA 147 -37.02 -12.97 6.68
C GLN PA 147 -36.24 -13.30 5.40
N ARG PA 148 -36.96 -13.69 4.36
CA ARG PA 148 -36.33 -13.95 3.06
C ARG PA 148 -36.31 -12.68 2.23
N ARG PA 149 -35.17 -12.40 1.60
CA ARG PA 149 -34.98 -11.24 0.76
C ARG PA 149 -34.29 -11.65 -0.53
N PRO PA 150 -34.55 -10.94 -1.63
CA PRO PA 150 -33.99 -11.37 -2.91
C PRO PA 150 -32.51 -11.10 -3.03
N VAL PA 151 -31.89 -11.85 -3.93
CA VAL PA 151 -30.45 -11.81 -4.17
C VAL PA 151 -30.24 -11.90 -5.68
N ALA PA 152 -29.26 -11.17 -6.19
CA ALA PA 152 -28.98 -11.15 -7.61
C ALA PA 152 -28.33 -12.45 -8.05
N TRP PA 153 -28.53 -12.78 -9.33
CA TRP PA 153 -28.00 -14.00 -9.94
C TRP PA 153 -27.37 -13.64 -11.27
N CYS PA 154 -26.10 -13.99 -11.43
CA CYS PA 154 -25.38 -13.72 -12.67
C CYS PA 154 -24.87 -15.02 -13.28
N LYS QA 42 -55.91 28.79 48.81
CA LYS QA 42 -56.80 28.74 47.65
C LYS QA 42 -58.28 28.66 48.06
N PRO QA 43 -58.61 27.87 49.08
CA PRO QA 43 -59.99 27.83 49.56
C PRO QA 43 -60.47 29.23 49.92
N SER QA 44 -61.75 29.48 49.67
CA SER QA 44 -62.33 30.80 49.87
C SER QA 44 -63.76 30.64 50.38
N TRP QA 45 -64.32 31.78 50.80
CA TRP QA 45 -65.69 31.85 51.29
C TRP QA 45 -66.66 32.35 50.22
N HIS QA 46 -66.17 32.77 49.08
CA HIS QA 46 -66.99 33.30 47.99
C HIS QA 46 -67.12 32.26 46.88
N VAL QA 47 -68.32 32.13 46.33
CA VAL QA 47 -68.61 31.19 45.26
C VAL QA 47 -68.88 31.97 43.98
N ALA QA 48 -68.24 31.56 42.90
CA ALA QA 48 -68.40 32.24 41.62
C ALA QA 48 -69.75 31.92 41.00
N ARG QA 49 -70.02 32.56 39.85
CA ARG QA 49 -71.28 32.35 39.17
C ARG QA 49 -71.37 30.94 38.58
N GLU QA 50 -70.28 30.47 37.96
CA GLU QA 50 -70.28 29.16 37.33
C GLU QA 50 -70.44 28.05 38.36
N HIS QA 51 -69.84 28.21 39.54
CA HIS QA 51 -69.88 27.19 40.58
C HIS QA 51 -71.00 27.45 41.58
N ARG QA 52 -72.01 28.22 41.21
CA ARG QA 52 -73.07 28.56 42.14
C ARG QA 52 -73.97 27.38 42.46
N PHE QA 53 -74.29 26.56 41.45
CA PHE QA 53 -75.27 25.49 41.63
C PHE QA 53 -74.62 24.17 42.01
N GLY QA 54 -73.97 24.19 43.17
CA GLY QA 54 -73.54 22.99 43.85
C GLY QA 54 -72.67 22.05 43.04
N PRO QA 55 -72.39 20.89 43.61
CA PRO QA 55 -71.66 19.85 42.87
C PRO QA 55 -72.60 18.98 42.06
N THR QA 56 -72.26 18.79 40.79
CA THR QA 56 -73.04 17.93 39.91
C THR QA 56 -72.38 16.58 39.69
N LEU QA 57 -71.12 16.42 40.09
CA LEU QA 57 -70.37 15.21 39.83
C LEU QA 57 -69.96 14.51 41.12
N PRO QA 58 -69.97 13.18 41.15
CA PRO QA 58 -69.50 12.46 42.33
C PRO QA 58 -67.97 12.42 42.39
N ASP QA 59 -67.46 11.85 43.47
CA ASP QA 59 -66.02 11.78 43.67
C ASP QA 59 -65.37 10.77 42.74
N HIS QA 60 -65.98 9.60 42.57
CA HIS QA 60 -65.41 8.57 41.72
C HIS QA 60 -65.31 9.01 40.26
N ALA QA 61 -66.07 10.03 39.87
CA ALA QA 61 -65.93 10.58 38.53
C ALA QA 61 -64.56 11.21 38.32
N TYR QA 62 -63.90 11.64 39.39
CA TYR QA 62 -62.58 12.28 39.30
C TYR QA 62 -61.46 11.41 39.85
N TYR QA 63 -61.63 10.85 41.04
CA TYR QA 63 -60.53 10.19 41.71
C TYR QA 63 -60.16 8.89 41.02
N GLY QA 64 -58.86 8.61 40.98
CA GLY QA 64 -58.39 7.39 40.38
C GLY QA 64 -58.69 6.18 41.24
N GLU QA 65 -58.81 5.04 40.59
CA GLU QA 65 -59.17 3.81 41.27
C GLU QA 65 -58.04 3.38 42.22
N HIS QA 66 -58.35 2.36 43.00
CA HIS QA 66 -57.35 1.74 43.87
C HIS QA 66 -56.13 1.33 43.05
N ALA QA 67 -54.96 1.48 43.65
CA ALA QA 67 -53.72 1.23 42.91
C ALA QA 67 -53.45 -0.26 42.74
N THR QA 68 -53.62 -1.05 43.79
CA THR QA 68 -53.28 -2.47 43.74
C THR QA 68 -54.48 -3.38 43.50
N TYR QA 69 -55.68 -2.95 43.85
CA TYR QA 69 -56.90 -3.71 43.57
C TYR QA 69 -57.75 -2.86 42.63
N ASN QA 70 -57.46 -2.97 41.33
CA ASN QA 70 -58.11 -2.14 40.34
C ASN QA 70 -59.00 -2.98 39.43
N TYR QA 71 -59.77 -2.27 38.62
CA TYR QA 71 -60.81 -2.89 37.80
C TYR QA 71 -60.24 -3.99 36.93
N PHE QA 72 -59.16 -3.68 36.21
CA PHE QA 72 -58.63 -4.63 35.24
C PHE QA 72 -58.01 -5.84 35.93
N VAL QA 73 -57.30 -5.63 37.02
CA VAL QA 73 -56.67 -6.75 37.69
C VAL QA 73 -57.72 -7.69 38.27
N LEU QA 74 -58.79 -7.13 38.84
CA LEU QA 74 -59.89 -7.97 39.31
C LEU QA 74 -60.54 -8.71 38.15
N PHE QA 75 -60.77 -8.02 37.05
CA PHE QA 75 -61.40 -8.65 35.89
C PHE QA 75 -60.56 -9.80 35.35
N ILE QA 76 -59.25 -9.58 35.22
CA ILE QA 76 -58.40 -10.61 34.64
C ILE QA 76 -58.24 -11.78 35.60
N ARG QA 77 -58.20 -11.51 36.91
CA ARG QA 77 -58.17 -12.60 37.87
C ARG QA 77 -59.47 -13.38 37.87
N GLY QA 78 -60.58 -12.74 37.50
CA GLY QA 78 -61.83 -13.46 37.36
C GLY QA 78 -61.90 -14.27 36.08
N MET QA 79 -61.27 -13.78 35.01
CA MET QA 79 -61.26 -14.49 33.74
C MET QA 79 -60.22 -15.60 33.69
N ARG QA 80 -59.26 -15.62 34.60
CA ARG QA 80 -58.17 -16.59 34.59
C ARG QA 80 -58.62 -18.02 34.30
N PRO QA 81 -59.70 -18.52 34.90
CA PRO QA 81 -60.07 -19.92 34.66
C PRO QA 81 -60.43 -20.21 33.21
N TYR QA 82 -61.23 -19.32 32.60
CA TYR QA 82 -61.64 -19.52 31.21
C TYR QA 82 -60.44 -19.45 30.28
N LEU QA 83 -59.53 -18.51 30.53
CA LEU QA 83 -58.33 -18.40 29.71
C LEU QA 83 -57.44 -19.63 29.86
N GLU QA 84 -57.31 -20.14 31.08
CA GLU QA 84 -56.55 -21.37 31.28
C GLU QA 84 -57.16 -22.52 30.49
N LYS QA 85 -58.48 -22.69 30.59
CA LYS QA 85 -59.14 -23.73 29.79
C LYS QA 85 -58.83 -23.57 28.31
N ILE QA 86 -59.06 -22.37 27.78
CA ILE QA 86 -58.87 -22.11 26.36
C ILE QA 86 -57.46 -22.46 25.92
N PHE QA 87 -56.47 -21.82 26.53
CA PHE QA 87 -55.10 -21.98 26.08
C PHE QA 87 -54.57 -23.37 26.34
N GLY QA 88 -54.97 -24.01 27.44
CA GLY QA 88 -54.57 -25.38 27.67
C GLY QA 88 -55.11 -26.31 26.61
N ASP QA 89 -56.37 -26.11 26.21
CA ASP QA 89 -56.94 -26.94 25.15
C ASP QA 89 -56.20 -26.73 23.84
N CYS QA 90 -55.92 -25.47 23.49
CA CYS QA 90 -55.20 -25.20 22.25
C CYS QA 90 -53.81 -25.85 22.27
N ALA QA 91 -53.08 -25.67 23.36
CA ALA QA 91 -51.74 -26.23 23.45
C ALA QA 91 -51.78 -27.75 23.42
N SER QA 92 -52.77 -28.36 24.07
CA SER QA 92 -52.88 -29.81 24.05
C SER QA 92 -53.19 -30.31 22.64
N THR QA 93 -54.07 -29.63 21.92
CA THR QA 93 -54.35 -30.00 20.54
C THR QA 93 -53.08 -29.96 19.71
N ILE QA 94 -52.35 -28.84 19.78
CA ILE QA 94 -51.13 -28.70 18.98
C ILE QA 94 -50.12 -29.78 19.35
N LYS QA 95 -49.95 -30.03 20.65
CA LYS QA 95 -48.97 -31.03 21.09
C LYS QA 95 -49.37 -32.43 20.64
N ASN QA 96 -50.65 -32.77 20.73
CA ASN QA 96 -51.09 -34.08 20.29
C ASN QA 96 -50.87 -34.26 18.79
N ALA QA 97 -51.14 -33.21 18.01
CA ALA QA 97 -50.88 -33.30 16.57
C ALA QA 97 -49.40 -33.50 16.30
N ALA QA 98 -48.55 -32.68 16.93
CA ALA QA 98 -47.12 -32.80 16.70
C ALA QA 98 -46.61 -34.17 17.11
N VAL QA 99 -47.15 -34.74 18.20
CA VAL QA 99 -46.71 -36.05 18.65
C VAL QA 99 -47.17 -37.14 17.69
N ALA QA 100 -48.40 -37.04 17.22
CA ALA QA 100 -48.88 -38.02 16.24
C ALA QA 100 -48.05 -37.96 14.97
N VAL QA 101 -47.48 -36.80 14.65
CA VAL QA 101 -46.63 -36.70 13.48
C VAL QA 101 -45.21 -37.21 13.76
N TYR QA 102 -44.71 -37.00 14.98
CA TYR QA 102 -43.31 -37.27 15.28
C TYR QA 102 -43.08 -38.74 15.64
N ARG QA 103 -43.98 -39.35 16.40
CA ARG QA 103 -43.79 -40.74 16.81
C ARG QA 103 -43.56 -41.67 15.63
N PRO QA 104 -44.45 -41.73 14.63
CA PRO QA 104 -44.23 -42.67 13.53
C PRO QA 104 -42.93 -42.41 12.79
N VAL QA 105 -42.55 -41.15 12.61
CA VAL QA 105 -41.33 -40.84 11.89
C VAL QA 105 -40.12 -41.33 12.68
N ASN QA 106 -40.08 -41.05 13.98
CA ASN QA 106 -38.96 -41.51 14.79
C ASN QA 106 -38.89 -43.03 14.81
N ALA QA 107 -40.04 -43.70 14.84
CA ALA QA 107 -40.04 -45.16 14.80
C ALA QA 107 -39.50 -45.67 13.48
N PHE QA 108 -39.99 -45.13 12.36
CA PHE QA 108 -39.55 -45.57 11.05
C PHE QA 108 -38.06 -45.29 10.84
N VAL QA 109 -37.53 -44.25 11.48
CA VAL QA 109 -36.11 -43.94 11.35
C VAL QA 109 -35.27 -44.89 12.20
N VAL QA 110 -35.68 -45.10 13.45
CA VAL QA 110 -34.91 -45.97 14.33
C VAL QA 110 -35.05 -47.42 13.89
N LYS QA 111 -36.17 -47.78 13.25
CA LYS QA 111 -36.34 -49.14 12.78
C LYS QA 111 -35.32 -49.50 11.72
N HIS QA 112 -34.83 -48.52 10.97
CA HIS QA 112 -33.87 -48.74 9.90
C HIS QA 112 -32.49 -48.20 10.19
N ASN QA 113 -32.35 -47.30 11.16
CA ASN QA 113 -31.05 -46.73 11.55
C ASN QA 113 -30.99 -46.69 13.07
N PRO QA 114 -30.91 -47.85 13.71
CA PRO QA 114 -30.98 -47.90 15.18
C PRO QA 114 -29.77 -47.33 15.90
N ASP QA 115 -28.66 -47.14 15.20
CA ASP QA 115 -27.41 -46.71 15.84
C ASP QA 115 -27.05 -45.29 15.41
N LEU QA 116 -26.21 -44.67 16.23
CA LEU QA 116 -25.83 -43.28 15.98
C LEU QA 116 -25.04 -43.15 14.68
N ARG QA 117 -24.12 -44.08 14.41
CA ARG QA 117 -23.35 -43.99 13.18
C ARG QA 117 -24.25 -44.10 11.96
N LEU QA 118 -25.25 -44.97 12.01
CA LEU QA 118 -26.17 -45.12 10.90
C LEU QA 118 -27.05 -43.88 10.73
N GLN QA 119 -27.48 -43.30 11.85
CA GLN QA 119 -28.25 -42.06 11.78
C GLN QA 119 -27.43 -40.94 11.15
N PHE QA 120 -26.16 -40.84 11.54
CA PHE QA 120 -25.29 -39.81 10.96
C PHE QA 120 -25.08 -40.05 9.47
N VAL QA 121 -24.89 -41.31 9.08
CA VAL QA 121 -24.73 -41.63 7.66
C VAL QA 121 -25.97 -41.23 6.89
N ALA QA 122 -27.15 -41.55 7.42
CA ALA QA 122 -28.39 -41.21 6.73
C ALA QA 122 -28.57 -39.70 6.61
N PHE QA 123 -28.25 -38.98 7.68
CA PHE QA 123 -28.35 -37.53 7.64
C PHE QA 123 -27.42 -36.94 6.59
N ALA QA 124 -26.19 -37.44 6.52
CA ALA QA 124 -25.23 -36.94 5.55
C ALA QA 124 -25.68 -37.25 4.12
N SER QA 125 -26.21 -38.45 3.90
CA SER QA 125 -26.70 -38.79 2.57
C SER QA 125 -27.89 -37.92 2.17
N PHE QA 126 -28.77 -37.64 3.12
CA PHE QA 126 -29.90 -36.74 2.86
C PHE QA 126 -29.40 -35.36 2.45
N ILE QA 127 -28.45 -34.82 3.21
CA ILE QA 127 -27.86 -33.52 2.88
C ILE QA 127 -27.28 -33.55 1.47
N ALA QA 128 -26.52 -34.60 1.15
CA ALA QA 128 -25.86 -34.67 -0.14
C ALA QA 128 -26.87 -34.73 -1.28
N THR QA 129 -27.92 -35.54 -1.12
CA THR QA 129 -28.93 -35.66 -2.17
C THR QA 129 -29.65 -34.33 -2.37
N HIS QA 130 -30.05 -33.68 -1.27
CA HIS QA 130 -30.67 -32.37 -1.36
C HIS QA 130 -29.79 -31.40 -2.14
N MET QA 131 -28.51 -31.35 -1.77
CA MET QA 131 -27.59 -30.42 -2.44
C MET QA 131 -27.44 -30.75 -3.92
N ALA QA 132 -27.40 -32.04 -4.25
CA ALA QA 132 -27.22 -32.43 -5.65
C ALA QA 132 -28.42 -32.04 -6.50
N ILE QA 133 -29.63 -32.27 -6.00
CA ILE QA 133 -30.82 -31.88 -6.77
C ILE QA 133 -30.88 -30.37 -6.92
N THR QA 134 -30.63 -29.64 -5.83
CA THR QA 134 -30.58 -28.20 -5.92
C THR QA 134 -29.55 -27.75 -6.94
N LYS QA 135 -28.42 -28.46 -7.02
CA LYS QA 135 -27.38 -28.11 -7.97
C LYS QA 135 -27.84 -28.33 -9.41
N GLU QA 136 -28.61 -29.38 -9.64
CA GLU QA 136 -29.16 -29.61 -10.97
C GLU QA 136 -30.05 -28.45 -11.40
N PHE QA 137 -31.02 -28.10 -10.55
CA PHE QA 137 -31.90 -26.98 -10.87
C PHE QA 137 -31.10 -25.70 -11.08
N ASN QA 138 -30.12 -25.45 -10.22
CA ASN QA 138 -29.31 -24.24 -10.32
C ASN QA 138 -28.49 -24.23 -11.59
N ASP QA 139 -28.01 -25.39 -12.04
CA ASP QA 139 -27.27 -25.45 -13.29
C ASP QA 139 -28.17 -25.05 -14.46
N MET QA 140 -29.42 -25.51 -14.46
CA MET QA 140 -30.33 -25.11 -15.51
C MET QA 140 -30.54 -23.59 -15.51
N TYR QA 141 -30.91 -23.04 -14.35
CA TYR QA 141 -31.12 -21.59 -14.27
C TYR QA 141 -29.85 -20.83 -14.63
N GLN QA 142 -28.68 -21.38 -14.30
CA GLN QA 142 -27.43 -20.72 -14.62
C GLN QA 142 -27.17 -20.72 -16.11
N ARG QA 143 -27.56 -21.78 -16.81
CA ARG QA 143 -27.44 -21.77 -18.26
C ARG QA 143 -28.30 -20.67 -18.86
N LEU QA 144 -29.54 -20.52 -18.37
CA LEU QA 144 -30.36 -19.40 -18.83
C LEU QA 144 -29.67 -18.05 -18.59
N VAL QA 145 -29.20 -17.84 -17.36
CA VAL QA 145 -28.55 -16.58 -17.02
C VAL QA 145 -27.31 -16.34 -17.88
N ASP QA 146 -26.57 -17.41 -18.18
CA ASP QA 146 -25.38 -17.28 -19.01
C ASP QA 146 -25.76 -16.84 -20.42
N ILE QA 147 -26.84 -17.39 -20.97
CA ILE QA 147 -27.30 -16.94 -22.27
C ILE QA 147 -27.64 -15.46 -22.24
N THR QA 148 -28.33 -15.02 -21.19
CA THR QA 148 -28.69 -13.60 -21.11
C THR QA 148 -27.44 -12.73 -21.02
N SER QA 149 -26.46 -13.14 -20.24
CA SER QA 149 -25.22 -12.37 -20.13
C SER QA 149 -24.47 -12.33 -21.46
N LEU QA 150 -24.49 -13.44 -22.20
CA LEU QA 150 -23.83 -13.45 -23.51
C LEU QA 150 -24.54 -12.50 -24.46
N LEU QA 151 -25.86 -12.42 -24.39
CA LEU QA 151 -26.58 -11.49 -25.24
C LEU QA 151 -26.29 -10.04 -24.85
N GLU QA 152 -26.12 -9.77 -23.55
CA GLU QA 152 -25.70 -8.44 -23.14
C GLU QA 152 -24.32 -8.10 -23.68
N LEU QA 153 -23.39 -9.06 -23.63
CA LEU QA 153 -22.07 -8.84 -24.22
C LEU QA 153 -22.16 -8.58 -25.71
N GLN QA 154 -23.06 -9.30 -26.40
CA GLN QA 154 -23.25 -9.09 -27.82
C GLN QA 154 -23.78 -7.69 -28.10
N ALA QA 155 -24.71 -7.22 -27.27
CA ALA QA 155 -25.20 -5.85 -27.41
C ALA QA 155 -24.08 -4.85 -27.21
N ALA QA 156 -23.24 -5.07 -26.21
CA ALA QA 156 -22.12 -4.15 -25.96
C ALA QA 156 -21.13 -4.18 -27.12
N GLN QA 157 -20.94 -5.34 -27.74
CA GLN QA 157 -20.04 -5.45 -28.89
C GLN QA 157 -20.61 -4.73 -30.10
N LEU QA 158 -21.93 -4.77 -30.27
CA LEU QA 158 -22.57 -4.02 -31.34
C LEU QA 158 -22.30 -2.53 -31.20
N HIS QA 159 -22.44 -2.00 -29.99
CA HIS QA 159 -22.12 -0.60 -29.74
C HIS QA 159 -20.69 -0.27 -30.14
N ALA QA 160 -19.75 -1.18 -29.86
CA ALA QA 160 -18.36 -0.93 -30.18
C ALA QA 160 -18.12 -0.84 -31.67
N SER QA 161 -18.86 -1.61 -32.47
CA SER QA 161 -18.74 -1.51 -33.92
C SER QA 161 -19.13 -0.12 -34.40
N GLU QA 162 -20.18 0.46 -33.81
CA GLU QA 162 -20.65 1.79 -34.19
C GLU QA 162 -19.84 2.91 -33.56
N GLY QA 163 -18.85 2.60 -32.73
CA GLY QA 163 -18.04 3.62 -32.10
C GLY QA 163 -18.71 4.32 -30.95
N PHE QA 164 -19.58 3.63 -30.22
CA PHE QA 164 -20.30 4.24 -29.11
C PHE QA 164 -19.42 4.41 -27.88
N TRP QA 165 -18.57 3.43 -27.61
CA TRP QA 165 -17.67 3.50 -26.47
C TRP QA 165 -16.46 4.39 -26.73
N ASP QA 166 -16.24 4.79 -27.98
CA ASP QA 166 -15.11 5.63 -28.32
C ASP QA 166 -15.37 7.08 -27.91
N SER QA 167 -14.30 7.81 -27.70
CA SER QA 167 -14.37 9.21 -27.34
C SER QA 167 -14.43 10.08 -28.58
N GLU QA 168 -14.75 11.36 -28.37
CA GLU QA 168 -14.84 12.29 -29.49
C GLU QA 168 -13.51 12.44 -30.19
N SER QA 169 -12.41 12.42 -29.44
CA SER QA 169 -11.09 12.46 -30.06
C SER QA 169 -10.88 11.27 -30.98
N GLU QA 170 -11.25 10.07 -30.53
CA GLU QA 170 -11.07 8.88 -31.35
C GLU QA 170 -11.96 8.91 -32.60
N GLN QA 171 -13.19 9.37 -32.45
CA GLN QA 171 -14.08 9.51 -33.60
C GLN QA 171 -13.50 10.49 -34.61
N GLN QA 172 -13.01 11.63 -34.13
CA GLN QA 172 -12.41 12.62 -35.01
C GLN QA 172 -11.18 12.07 -35.70
N GLU QA 173 -10.36 11.29 -34.99
CA GLU QA 173 -9.17 10.72 -35.58
C GLU QA 173 -9.52 9.71 -36.67
N ALA QA 174 -10.53 8.87 -36.44
CA ALA QA 174 -10.97 7.94 -37.48
C ALA QA 174 -11.48 8.69 -38.70
N ARG QA 175 -12.23 9.76 -38.47
CA ARG QA 175 -12.74 10.57 -39.56
C ARG QA 175 -11.59 11.17 -40.37
N LEU QA 176 -10.59 11.70 -39.68
CA LEU QA 176 -9.41 12.24 -40.33
C LEU QA 176 -8.65 11.18 -41.11
N GLN QA 177 -8.57 9.96 -40.56
CA GLN QA 177 -7.87 8.88 -41.23
C GLN QA 177 -8.56 8.53 -42.55
N ARG QA 178 -9.89 8.42 -42.52
CA ARG QA 178 -10.62 8.18 -43.76
C ARG QA 178 -10.38 9.29 -44.76
N HIS QA 179 -10.48 10.54 -44.29
CA HIS QA 179 -10.22 11.69 -45.16
C HIS QA 179 -8.86 11.59 -45.84
N ALA QA 180 -7.82 11.27 -45.06
CA ALA QA 180 -6.47 11.26 -45.59
C ALA QA 180 -6.27 10.12 -46.59
N GLU QA 181 -6.76 8.93 -46.26
CA GLU QA 181 -6.67 7.82 -47.21
C GLU QA 181 -7.35 8.18 -48.53
N HIS QA 182 -8.55 8.74 -48.45
CA HIS QA 182 -9.28 9.12 -49.66
C HIS QA 182 -8.51 10.15 -50.47
N ARG QA 183 -7.99 11.17 -49.79
CA ARG QA 183 -7.23 12.21 -50.46
C ARG QA 183 -6.00 11.64 -51.17
N ASN QA 184 -5.27 10.76 -50.50
CA ASN QA 184 -4.08 10.19 -51.11
C ASN QA 184 -4.42 9.33 -52.32
N ASP QA 185 -5.45 8.50 -52.20
CA ASP QA 185 -5.91 7.73 -53.36
C ASP QA 185 -6.24 8.65 -54.52
N LEU QA 186 -6.99 9.72 -54.25
CA LEU QA 186 -7.40 10.63 -55.32
C LEU QA 186 -6.20 11.26 -56.00
N GLU QA 187 -5.23 11.74 -55.22
CA GLU QA 187 -4.09 12.43 -55.82
C GLU QA 187 -3.20 11.47 -56.60
N THR QA 188 -3.00 10.26 -56.08
CA THR QA 188 -2.25 9.26 -56.85
C THR QA 188 -2.95 8.94 -58.17
N THR QA 189 -4.27 8.76 -58.12
CA THR QA 189 -5.02 8.48 -59.35
C THR QA 189 -4.92 9.64 -60.33
N TRP QA 190 -4.92 10.87 -59.82
CA TRP QA 190 -4.79 12.03 -60.69
C TRP QA 190 -3.42 12.05 -61.37
N GLU QA 191 -2.36 11.80 -60.61
CA GLU QA 191 -1.03 11.75 -61.21
C GLU QA 191 -0.97 10.71 -62.31
N GLU QA 192 -1.48 9.50 -62.04
CA GLU QA 192 -1.46 8.44 -63.04
C GLU QA 192 -2.27 8.83 -64.26
N ALA QA 193 -3.47 9.36 -64.06
CA ALA QA 193 -4.32 9.74 -65.18
C ALA QA 193 -3.68 10.82 -66.03
N LEU QA 194 -3.06 11.81 -65.39
CA LEU QA 194 -2.43 12.88 -66.14
C LEU QA 194 -1.24 12.35 -66.94
N ARG QA 195 -0.44 11.47 -66.35
CA ARG QA 195 0.68 10.90 -67.08
C ARG QA 195 0.19 10.13 -68.32
N GLU QA 196 -0.82 9.28 -68.13
CA GLU QA 196 -1.33 8.50 -69.26
C GLU QA 196 -1.93 9.40 -70.32
N ALA QA 197 -2.74 10.38 -69.91
CA ALA QA 197 -3.36 11.28 -70.87
C ALA QA 197 -2.36 12.20 -71.55
N THR QA 198 -1.20 12.43 -70.93
CA THR QA 198 -0.17 13.22 -71.58
C THR QA 198 0.60 12.39 -72.59
N LEU QA 199 0.88 11.13 -72.27
CA LEU QA 199 1.57 10.29 -73.25
C LEU QA 199 0.68 9.88 -74.40
N ALA QA 200 -0.65 9.90 -74.20
CA ALA QA 200 -1.59 9.58 -75.26
C ALA QA 200 -2.16 10.81 -75.94
N ARG QA 201 -2.04 11.98 -75.33
CA ARG QA 201 -2.60 13.22 -75.85
C ARG QA 201 -4.08 13.04 -76.20
N ASN QA 202 -4.87 12.74 -75.17
CA ASN QA 202 -6.29 12.52 -75.33
C ASN QA 202 -6.97 12.80 -74.00
N PHE QA 203 -8.11 13.50 -74.06
CA PHE QA 203 -8.89 13.86 -72.88
C PHE QA 203 -9.80 12.73 -72.43
N ASP QA 204 -10.16 11.83 -73.34
CA ASP QA 204 -11.01 10.70 -72.97
C ASP QA 204 -10.34 9.79 -71.96
N VAL QA 205 -9.02 9.79 -71.88
CA VAL QA 205 -8.33 8.98 -70.88
C VAL QA 205 -8.53 9.56 -69.49
N LEU QA 206 -8.35 10.87 -69.35
CA LEU QA 206 -8.72 11.53 -68.11
C LEU QA 206 -10.15 11.22 -67.74
N VAL QA 207 -11.06 11.30 -68.71
CA VAL QA 207 -12.47 11.04 -68.43
C VAL QA 207 -12.67 9.61 -67.94
N SER QA 208 -11.98 8.65 -68.56
CA SER QA 208 -12.15 7.25 -68.19
C SER QA 208 -11.57 6.96 -66.82
N TYR QA 209 -10.53 7.70 -66.41
CA TYR QA 209 -9.97 7.51 -65.08
C TYR QA 209 -10.90 8.00 -63.96
N LEU QA 210 -12.10 8.49 -64.28
CA LEU QA 210 -13.03 8.94 -63.25
C LEU QA 210 -13.79 7.80 -62.60
N ASN QA 211 -13.67 6.58 -63.11
CA ASN QA 211 -14.36 5.41 -62.57
C ASN QA 211 -13.39 4.25 -62.42
N HIS QA 212 -12.22 4.52 -61.85
CA HIS QA 212 -11.23 3.48 -61.59
C HIS QA 212 -11.26 2.98 -60.15
N GLY QA 213 -11.91 3.70 -59.25
CA GLY QA 213 -12.01 3.26 -57.87
C GLY QA 213 -13.27 2.46 -57.61
N GLN QA 229 -17.61 3.82 -53.23
CA GLN QA 229 -18.95 4.22 -53.63
C GLN QA 229 -20.01 3.40 -52.92
N ASN QA 230 -19.63 2.73 -51.84
CA ASN QA 230 -20.59 1.89 -51.12
C ASN QA 230 -21.74 2.72 -50.61
N GLY QA 231 -21.46 3.64 -49.69
CA GLY QA 231 -22.44 4.61 -49.25
C GLY QA 231 -21.81 5.97 -49.08
N ILE QA 232 -21.95 6.56 -47.89
CA ILE QA 232 -21.25 7.80 -47.57
C ILE QA 232 -20.76 7.72 -46.12
N PRO QA 233 -19.79 8.56 -45.77
CA PRO QA 233 -19.41 8.67 -44.37
C PRO QA 233 -20.54 9.26 -43.54
N PRO QA 234 -20.66 8.86 -42.28
CA PRO QA 234 -21.74 9.41 -41.46
C PRO QA 234 -21.62 10.92 -41.29
N SER QA 235 -22.77 11.58 -41.30
CA SER QA 235 -22.79 13.03 -41.15
C SER QA 235 -22.48 13.44 -39.71
N VAL QA 236 -23.04 12.71 -38.75
CA VAL QA 236 -22.84 12.99 -37.33
C VAL QA 236 -22.66 11.67 -36.58
N THR QA 237 -22.08 11.77 -35.40
CA THR QA 237 -21.83 10.62 -34.55
C THR QA 237 -22.23 10.93 -33.12
N TRP QA 238 -22.65 9.88 -32.42
CA TRP QA 238 -23.07 9.96 -31.03
C TRP QA 238 -22.29 8.94 -30.23
N ASN QA 239 -21.86 9.34 -29.03
CA ASN QA 239 -21.00 8.51 -28.21
C ASN QA 239 -21.53 8.48 -26.78
N PHE QA 240 -20.94 7.58 -25.99
CA PHE QA 240 -21.38 7.37 -24.61
C PHE QA 240 -20.96 8.51 -23.71
N ASN QA 241 -19.78 9.09 -23.95
CA ASN QA 241 -19.33 10.20 -23.11
C ASN QA 241 -20.15 11.45 -23.29
N ALA QA 242 -20.93 11.54 -24.36
CA ALA QA 242 -21.82 12.67 -24.55
C ALA QA 242 -23.06 12.61 -23.68
N MET QA 243 -23.36 11.47 -23.08
CA MET QA 243 -24.50 11.38 -22.18
C MET QA 243 -24.13 11.95 -20.82
N PRO QA 244 -24.95 12.82 -20.24
CA PRO QA 244 -24.59 13.47 -18.98
C PRO QA 244 -24.81 12.55 -17.79
N TYR QA 245 -24.09 12.86 -16.71
CA TYR QA 245 -24.23 12.16 -15.45
C TYR QA 245 -23.87 13.11 -14.32
N GLY QA 246 -24.57 12.96 -13.20
CA GLY QA 246 -24.27 13.74 -12.02
C GLY QA 246 -25.44 13.93 -11.09
N LYS QA 247 -25.19 13.83 -9.78
CA LYS QA 247 -26.24 14.07 -8.81
C LYS QA 247 -26.65 15.53 -8.79
N GLU QA 248 -25.69 16.44 -8.96
CA GLU QA 248 -25.95 17.87 -8.99
C GLU QA 248 -25.99 18.45 -10.39
N ASN QA 249 -25.55 17.70 -11.39
CA ASN QA 249 -25.45 18.22 -12.74
C ASN QA 249 -26.84 18.56 -13.28
N PRO QA 250 -27.12 19.82 -13.63
CA PRO QA 250 -28.45 20.17 -14.13
C PRO QA 250 -28.71 19.72 -15.56
N ASP QA 251 -27.73 19.12 -16.24
CA ASP QA 251 -27.97 18.54 -17.55
C ASP QA 251 -28.80 17.27 -17.48
N THR QA 252 -29.15 16.81 -16.29
CA THR QA 252 -29.98 15.64 -16.10
C THR QA 252 -31.31 15.96 -15.43
N LYS QA 253 -31.53 17.20 -15.02
CA LYS QA 253 -32.71 17.59 -14.26
C LYS QA 253 -33.70 18.26 -15.20
N THR QA 254 -34.85 17.62 -15.39
CA THR QA 254 -35.98 18.23 -16.09
C THR QA 254 -37.03 18.72 -15.10
N PHE QA 255 -37.56 17.82 -14.29
CA PHE QA 255 -38.54 18.12 -13.26
C PHE QA 255 -38.13 17.42 -11.98
N PRO QA 256 -38.45 18.01 -10.83
CA PRO QA 256 -38.05 17.37 -9.56
C PRO QA 256 -38.78 16.05 -9.36
N ILE QA 257 -38.02 15.06 -8.91
CA ILE QA 257 -38.54 13.74 -8.62
C ILE QA 257 -39.07 13.74 -7.19
N PRO QA 258 -40.26 13.20 -6.92
CA PRO QA 258 -40.79 13.25 -5.56
C PRO QA 258 -39.97 12.44 -4.58
N ASP QA 259 -40.00 12.89 -3.33
CA ASP QA 259 -39.21 12.26 -2.28
C ASP QA 259 -39.69 10.85 -1.99
N HIS QA 260 -41.01 10.61 -2.09
CA HIS QA 260 -41.52 9.27 -1.88
C HIS QA 260 -41.13 8.32 -3.00
N GLU QA 261 -40.48 8.82 -4.06
CA GLU QA 261 -39.94 7.98 -5.11
C GLU QA 261 -38.42 8.00 -5.15
N GLN QA 262 -37.77 8.94 -4.48
CA GLN QA 262 -36.32 8.90 -4.41
C GLN QA 262 -35.87 7.82 -3.42
N PRO QA 263 -34.74 7.16 -3.68
CA PRO QA 263 -34.29 6.08 -2.83
C PRO QA 263 -33.45 6.55 -1.64
N TYR QA 264 -33.31 5.64 -0.67
CA TYR QA 264 -32.62 5.93 0.57
C TYR QA 264 -31.19 5.41 0.53
N ARG QA 265 -30.32 6.07 1.28
CA ARG QA 265 -28.95 5.64 1.47
C ARG QA 265 -28.86 4.75 2.71
N ALA QA 266 -27.95 3.78 2.64
CA ALA QA 266 -27.81 2.83 3.73
C ALA QA 266 -27.43 3.53 5.02
N PHE QA 267 -27.88 2.97 6.15
CA PHE QA 267 -27.64 3.52 7.46
C PHE QA 267 -26.89 2.50 8.31
N SER QA 268 -25.79 2.94 8.91
CA SER QA 268 -25.02 2.12 9.84
C SER QA 268 -24.53 3.02 10.97
N LEU QA 269 -24.89 2.66 12.19
CA LEU QA 269 -24.49 3.45 13.35
C LEU QA 269 -24.33 2.53 14.55
N GLY QA 270 -23.19 2.66 15.22
CA GLY QA 270 -22.92 1.89 16.42
C GLY QA 270 -21.77 2.50 17.17
N PHE QA 271 -21.47 1.93 18.33
CA PHE QA 271 -20.33 2.37 19.11
C PHE QA 271 -19.01 2.00 18.45
N THR QA 272 -19.03 1.03 17.54
CA THR QA 272 -17.82 0.52 16.91
C THR QA 272 -17.59 1.08 15.52
N ALA QA 273 -18.64 1.26 14.72
CA ALA QA 273 -18.49 1.73 13.36
C ALA QA 273 -19.76 2.46 12.93
N ASN QA 274 -19.61 3.26 11.87
CA ASN QA 274 -20.74 3.95 11.26
C ASN QA 274 -20.41 4.21 9.80
N ASN QA 275 -21.38 4.77 9.08
CA ASN QA 275 -21.21 5.12 7.68
C ASN QA 275 -21.61 6.57 7.44
N LEU QA 276 -21.50 7.40 8.46
CA LEU QA 276 -21.88 8.81 8.39
C LEU QA 276 -20.70 9.75 8.45
N SER QA 277 -19.54 9.30 8.90
CA SER QA 277 -18.34 10.12 8.93
C SER QA 277 -17.72 10.29 7.55
N GLY QA 278 -18.31 9.72 6.51
CA GLY QA 278 -17.73 9.82 5.19
C GLY QA 278 -18.75 9.55 4.11
N ASN QA 279 -18.30 9.67 2.87
CA ASN QA 279 -19.12 9.43 1.70
C ASN QA 279 -18.25 8.75 0.64
N TRP QA 280 -18.70 7.59 0.16
CA TRP QA 280 -17.99 6.84 -0.85
C TRP QA 280 -18.38 7.23 -2.27
N GLY QA 281 -19.47 7.94 -2.43
CA GLY QA 281 -19.91 8.35 -3.74
C GLY QA 281 -20.78 7.33 -4.43
N ASP QA 282 -21.00 7.59 -5.71
CA ASP QA 282 -21.82 6.75 -6.56
C ASP QA 282 -20.95 5.67 -7.19
N TYR QA 283 -21.52 4.89 -8.11
CA TYR QA 283 -20.76 3.84 -8.77
C TYR QA 283 -19.78 4.41 -9.79
N ILE QA 284 -20.10 5.58 -10.36
CA ILE QA 284 -19.26 6.20 -11.37
C ILE QA 284 -18.40 7.27 -10.71
N ASP QA 285 -19.04 8.22 -10.03
CA ASP QA 285 -18.36 9.34 -9.39
C ASP QA 285 -18.09 8.96 -7.95
N ARG QA 286 -16.93 8.38 -7.72
CA ARG QA 286 -16.49 7.93 -6.40
C ARG QA 286 -15.59 8.97 -5.76
N GLN QA 287 -15.47 8.89 -4.44
CA GLN QA 287 -14.63 9.81 -3.70
C GLN QA 287 -14.09 9.10 -2.47
N ASP QA 288 -12.94 9.57 -2.01
CA ASP QA 288 -12.33 9.02 -0.81
C ASP QA 288 -13.20 9.33 0.41
N ASN QA 289 -13.46 8.30 1.22
CA ASN QA 289 -14.29 8.46 2.39
C ASN QA 289 -13.55 9.17 3.53
N LYS QA 290 -12.24 8.97 3.62
CA LYS QA 290 -11.44 9.63 4.65
C LYS QA 290 -11.06 11.03 4.18
N ASN QA 291 -10.93 11.94 5.13
CA ASN QA 291 -10.57 13.31 4.81
C ASN QA 291 -9.06 13.44 4.67
N ALA QA 292 -8.64 14.65 4.28
CA ALA QA 292 -7.26 14.85 3.85
C ALA QA 292 -6.26 14.53 4.96
N LEU QA 293 -6.58 14.88 6.21
CA LEU QA 293 -5.61 14.75 7.28
C LEU QA 293 -5.27 13.31 7.60
N MET QA 294 -6.21 12.39 7.39
CA MET QA 294 -6.02 10.99 7.75
C MET QA 294 -5.85 10.07 6.54
N ARG QA 295 -5.85 10.60 5.33
CA ARG QA 295 -5.59 9.78 4.16
C ARG QA 295 -4.18 9.19 4.17
N PRO QA 296 -3.14 9.90 4.59
CA PRO QA 296 -1.81 9.27 4.70
C PRO QA 296 -1.72 8.18 5.75
N ALA QA 297 -2.70 8.07 6.64
CA ALA QA 297 -2.72 7.06 7.70
C ALA QA 297 -3.92 6.15 7.56
N ARG QA 298 -4.29 5.83 6.32
CA ARG QA 298 -5.45 4.97 6.07
C ARG QA 298 -5.25 3.59 6.67
N MET QA 299 -4.02 3.09 6.63
CA MET QA 299 -3.71 1.78 7.19
C MET QA 299 -4.20 1.66 8.63
N MET QA 300 -4.13 2.75 9.39
CA MET QA 300 -4.49 2.73 10.80
C MET QA 300 -5.98 2.62 11.04
N PHE QA 301 -6.81 2.73 10.00
CA PHE QA 301 -8.26 2.61 10.13
C PHE QA 301 -8.78 1.33 9.48
N THR QA 302 -8.01 0.24 9.56
CA THR QA 302 -8.37 -1.00 8.90
C THR QA 302 -8.03 -2.18 9.81
N ASP QA 303 -8.84 -3.22 9.71
CA ASP QA 303 -8.49 -4.49 10.34
C ASP QA 303 -7.58 -5.33 9.46
N VAL QA 304 -7.71 -5.19 8.14
CA VAL QA 304 -6.83 -5.85 7.19
C VAL QA 304 -6.50 -4.86 6.09
N PHE QA 305 -5.29 -4.99 5.53
CA PHE QA 305 -4.81 -4.07 4.51
C PHE QA 305 -3.95 -4.86 3.54
N ILE QA 306 -4.35 -4.87 2.26
CA ILE QA 306 -3.62 -5.53 1.19
C ILE QA 306 -3.05 -4.44 0.29
N PRO QA 307 -1.74 -4.21 0.29
CA PRO QA 307 -1.18 -3.07 -0.43
C PRO QA 307 -1.14 -3.29 -1.94
N THR QA 308 -0.75 -2.22 -2.63
CA THR QA 308 -0.62 -2.24 -4.07
C THR QA 308 0.55 -3.11 -4.49
N THR QA 309 0.58 -3.43 -5.78
CA THR QA 309 1.71 -4.07 -6.43
C THR QA 309 2.45 -3.02 -7.25
N LYS QA 310 3.73 -2.84 -6.98
CA LYS QA 310 4.53 -1.87 -7.72
C LYS QA 310 5.98 -2.31 -7.86
N ALA RA 96 -47.56 32.20 -20.94
CA ALA RA 96 -46.28 31.61 -20.55
C ALA RA 96 -46.31 30.10 -20.76
N SER RA 97 -45.13 29.48 -20.71
CA SER RA 97 -45.03 28.05 -20.90
C SER RA 97 -44.93 27.34 -19.55
N PRO RA 98 -45.35 26.07 -19.49
CA PRO RA 98 -45.31 25.35 -18.21
C PRO RA 98 -43.90 24.99 -17.75
N MET RA 99 -42.87 25.24 -18.55
CA MET RA 99 -41.50 24.89 -18.18
C MET RA 99 -40.73 26.05 -17.58
N LEU RA 100 -41.26 27.27 -17.64
CA LEU RA 100 -40.65 28.38 -16.91
C LEU RA 100 -40.98 28.35 -15.43
N PHE RA 101 -41.85 27.43 -15.00
CA PHE RA 101 -42.23 27.29 -13.62
C PHE RA 101 -41.30 26.32 -12.91
N THR RA 102 -40.84 26.70 -11.72
CA THR RA 102 -39.85 25.93 -10.98
C THR RA 102 -40.29 25.58 -9.57
N ASP RA 103 -41.08 26.44 -8.92
CA ASP RA 103 -41.45 26.26 -7.52
C ASP RA 103 -42.50 25.14 -7.43
N TYR RA 104 -42.02 23.90 -7.57
CA TYR RA 104 -42.86 22.74 -7.47
C TYR RA 104 -42.80 22.06 -6.09
N ASP RA 105 -41.83 22.43 -5.26
CA ASP RA 105 -41.62 21.78 -3.98
C ASP RA 105 -42.36 22.45 -2.84
N ASN RA 106 -43.18 23.46 -3.13
CA ASN RA 106 -44.01 24.11 -2.12
C ASN RA 106 -45.38 23.42 -2.02
N THR RA 107 -45.33 22.11 -1.78
CA THR RA 107 -46.53 21.28 -1.76
C THR RA 107 -47.11 21.30 -0.36
N ALA RA 108 -48.00 22.25 -0.11
CA ALA RA 108 -48.71 22.32 1.15
C ALA RA 108 -49.67 21.13 1.29
N SER RA 109 -50.26 21.01 2.47
CA SER RA 109 -51.20 19.95 2.77
C SER RA 109 -52.14 20.44 3.85
N PRO RA 110 -53.37 19.92 3.91
CA PRO RA 110 -54.32 20.43 4.91
C PRO RA 110 -53.77 20.28 6.32
N LYS RA 111 -54.06 21.28 7.16
CA LYS RA 111 -53.60 21.26 8.53
C LYS RA 111 -54.24 20.14 9.34
N SER RA 112 -55.35 19.58 8.85
CA SER RA 112 -55.98 18.46 9.53
C SER RA 112 -55.16 17.19 9.44
N GLU RA 113 -54.22 17.12 8.50
CA GLU RA 113 -53.38 15.95 8.33
C GLU RA 113 -52.19 15.94 9.27
N LEU RA 114 -52.12 16.88 10.21
CA LEU RA 114 -51.06 16.85 11.21
C LEU RA 114 -51.18 15.65 12.14
N ILE RA 115 -52.36 15.03 12.20
CA ILE RA 115 -52.54 13.84 13.01
C ILE RA 115 -51.71 12.68 12.48
N PHE RA 116 -51.29 12.74 11.22
CA PHE RA 116 -50.43 11.73 10.64
C PHE RA 116 -48.95 11.94 10.98
N MET RA 117 -48.65 12.81 11.94
CA MET RA 117 -47.26 13.09 12.28
C MET RA 117 -46.53 11.82 12.70
N ALA RA 118 -47.03 11.17 13.75
CA ALA RA 118 -46.38 9.97 14.26
C ALA RA 118 -46.45 8.83 13.25
N GLY RA 119 -47.55 8.74 12.51
CA GLY RA 119 -47.66 7.72 11.49
C GLY RA 119 -46.57 7.84 10.44
N ASN RA 120 -46.38 9.06 9.92
CA ASN RA 120 -45.33 9.28 8.94
C ASN RA 120 -43.94 9.07 9.54
N ALA RA 121 -43.76 9.46 10.80
CA ALA RA 121 -42.47 9.23 11.44
C ALA RA 121 -42.15 7.74 11.51
N LEU RA 122 -43.12 6.94 11.98
CA LEU RA 122 -42.90 5.50 12.07
C LEU RA 122 -42.74 4.87 10.70
N GLY RA 123 -43.47 5.37 9.70
CA GLY RA 123 -43.30 4.85 8.35
C GLY RA 123 -41.93 5.14 7.79
N TYR RA 124 -41.41 6.34 8.04
CA TYR RA 124 -40.06 6.67 7.61
C TYR RA 124 -39.04 5.79 8.31
N CYS RA 125 -39.17 5.64 9.63
CA CYS RA 125 -38.25 4.80 10.38
C CYS RA 125 -38.34 3.36 9.94
N THR RA 126 -39.50 2.91 9.50
CA THR RA 126 -39.64 1.55 9.01
C THR RA 126 -38.97 1.38 7.67
N GLU RA 127 -39.29 2.26 6.71
CA GLU RA 127 -38.70 2.14 5.39
C GLU RA 127 -37.20 2.34 5.40
N ARG RA 128 -36.66 3.04 6.41
CA ARG RA 128 -35.24 3.33 6.46
C ARG RA 128 -34.45 2.37 7.34
N PHE RA 129 -34.98 1.96 8.48
CA PHE RA 129 -34.23 1.17 9.46
C PHE RA 129 -34.82 -0.20 9.72
N PHE RA 130 -36.11 -0.28 10.04
CA PHE RA 130 -36.64 -1.48 10.68
C PHE RA 130 -36.70 -2.68 9.74
N GLU RA 131 -37.05 -2.47 8.47
CA GLU RA 131 -37.26 -3.59 7.56
C GLU RA 131 -35.98 -3.98 6.82
N ASN RA 132 -34.82 -3.74 7.42
CA ASN RA 132 -33.55 -4.10 6.83
C ASN RA 132 -32.63 -4.64 7.93
N GLU RA 133 -31.34 -4.72 7.60
CA GLU RA 133 -30.37 -5.35 8.50
C GLU RA 133 -30.23 -4.57 9.80
N TYR RA 134 -30.25 -3.23 9.72
CA TYR RA 134 -30.23 -2.45 10.96
C TYR RA 134 -31.46 -2.73 11.80
N GLY RA 135 -32.59 -3.02 11.17
CA GLY RA 135 -33.77 -3.40 11.92
C GLY RA 135 -33.62 -4.75 12.58
N GLN RA 136 -32.93 -5.67 11.91
CA GLN RA 136 -32.62 -6.94 12.56
C GLN RA 136 -31.74 -6.74 13.78
N SER RA 137 -30.78 -5.82 13.67
CA SER RA 137 -29.94 -5.49 14.83
C SER RA 137 -30.77 -4.89 15.96
N ILE RA 138 -31.75 -4.05 15.61
CA ILE RA 138 -32.61 -3.46 16.63
C ILE RA 138 -33.47 -4.53 17.30
N PHE RA 139 -33.94 -5.50 16.52
CA PHE RA 139 -34.70 -6.61 17.09
C PHE RA 139 -33.83 -7.42 18.06
N MET RA 140 -32.58 -7.67 17.69
CA MET RA 140 -31.67 -8.34 18.60
C MET RA 140 -31.44 -7.51 19.85
N PHE RA 141 -31.40 -6.18 19.72
CA PHE RA 141 -31.24 -5.32 20.89
C PHE RA 141 -32.43 -5.46 21.84
N ALA RA 142 -33.64 -5.54 21.29
CA ALA RA 142 -34.82 -5.74 22.13
C ALA RA 142 -34.76 -7.10 22.82
N LEU RA 143 -34.40 -8.15 22.08
CA LEU RA 143 -34.22 -9.46 22.71
C LEU RA 143 -33.20 -9.40 23.82
N GLY RA 144 -32.13 -8.61 23.64
CA GLY RA 144 -31.13 -8.48 24.67
C GLY RA 144 -31.62 -7.73 25.89
N LEU RA 145 -32.49 -6.74 25.68
CA LEU RA 145 -33.14 -6.10 26.82
C LEU RA 145 -33.93 -7.11 27.63
N ALA RA 146 -34.69 -7.96 26.95
CA ALA RA 146 -35.42 -9.02 27.65
C ALA RA 146 -34.47 -9.95 28.39
N TYR RA 147 -33.38 -10.35 27.73
CA TYR RA 147 -32.38 -11.21 28.33
C TYR RA 147 -31.82 -10.59 29.61
N LEU RA 148 -31.50 -9.30 29.57
CA LEU RA 148 -30.93 -8.64 30.73
C LEU RA 148 -31.94 -8.50 31.86
N ALA RA 149 -33.19 -8.21 31.53
CA ALA RA 149 -34.23 -8.15 32.56
C ALA RA 149 -34.37 -9.49 33.26
N MET RA 150 -34.41 -10.57 32.48
CA MET RA 150 -34.53 -11.90 33.07
C MET RA 150 -33.33 -12.24 33.93
N LEU RA 151 -32.13 -11.94 33.42
CA LEU RA 151 -30.91 -12.15 34.19
C LEU RA 151 -30.95 -11.41 35.51
N GLY RA 152 -31.40 -10.16 35.48
CA GLY RA 152 -31.45 -9.38 36.71
C GLY RA 152 -32.46 -9.91 37.70
N HIS RA 153 -33.62 -10.36 37.21
CA HIS RA 153 -34.61 -10.96 38.10
C HIS RA 153 -34.04 -12.20 38.78
N GLU RA 154 -33.41 -13.08 38.00
CA GLU RA 154 -32.84 -14.29 38.59
C GLU RA 154 -31.70 -13.96 39.54
N GLY RA 155 -30.93 -12.92 39.26
CA GLY RA 155 -29.89 -12.51 40.20
C GLY RA 155 -30.45 -11.99 41.51
N LYS RA 156 -31.53 -11.22 41.42
CA LYS RA 156 -32.21 -10.77 42.64
C LYS RA 156 -32.68 -11.95 43.47
N ILE RA 157 -33.31 -12.93 42.82
CA ILE RA 157 -33.76 -14.11 43.54
C ILE RA 157 -32.58 -14.84 44.16
N HIS RA 158 -31.47 -14.94 43.42
CA HIS RA 158 -30.29 -15.62 43.93
C HIS RA 158 -29.78 -14.96 45.18
N GLY RA 159 -29.66 -13.63 45.16
CA GLY RA 159 -29.21 -12.92 46.35
C GLY RA 159 -30.15 -13.09 47.52
N ALA RA 160 -31.46 -13.02 47.24
CA ALA RA 160 -32.44 -13.22 48.31
C ALA RA 160 -32.26 -14.57 48.98
N VAL RA 161 -32.16 -15.63 48.18
CA VAL RA 161 -32.02 -16.97 48.76
C VAL RA 161 -30.68 -17.11 49.46
N TRP RA 162 -29.63 -16.50 48.91
CA TRP RA 162 -28.31 -16.58 49.51
C TRP RA 162 -28.27 -15.92 50.87
N ARG RA 163 -29.07 -14.86 51.06
CA ARG RA 163 -29.17 -14.25 52.39
C ARG RA 163 -30.09 -15.04 53.30
N MET RA 164 -31.20 -15.56 52.77
CA MET RA 164 -32.10 -16.39 53.55
C MET RA 164 -31.35 -17.56 54.16
N LYS RA 165 -30.49 -18.20 53.39
CA LYS RA 165 -29.70 -19.30 53.90
C LYS RA 165 -28.98 -18.90 55.19
N HIS RA 166 -28.09 -17.93 55.09
CA HIS RA 166 -27.27 -17.54 56.23
C HIS RA 166 -28.13 -17.08 57.40
N LEU RA 167 -29.22 -16.38 57.14
CA LEU RA 167 -29.96 -15.73 58.22
C LEU RA 167 -31.08 -16.58 58.81
N PHE RA 168 -31.41 -17.72 58.19
CA PHE RA 168 -32.49 -18.57 58.69
C PHE RA 168 -32.04 -19.98 59.03
N ALA RA 169 -31.14 -20.58 58.23
CA ALA RA 169 -30.89 -22.00 58.32
C ALA RA 169 -30.20 -22.41 59.61
N THR RA 170 -29.75 -21.47 60.44
CA THR RA 170 -29.00 -21.80 61.65
C THR RA 170 -29.47 -20.96 62.83
N ASN RA 171 -30.78 -20.80 62.98
CA ASN RA 171 -31.34 -19.94 64.02
C ASN RA 171 -31.91 -20.71 65.19
N PHE RA 172 -32.64 -21.80 64.92
CA PHE RA 172 -33.37 -22.57 65.93
C PHE RA 172 -34.62 -21.83 66.41
N LYS RA 173 -34.78 -20.57 66.01
CA LYS RA 173 -35.97 -19.81 66.37
C LYS RA 173 -36.92 -19.61 65.21
N MET RA 174 -36.45 -19.77 63.98
CA MET RA 174 -37.27 -19.63 62.79
C MET RA 174 -37.49 -21.01 62.21
N VAL RA 175 -38.49 -21.71 62.73
CA VAL RA 175 -38.96 -22.93 62.07
C VAL RA 175 -39.77 -22.55 60.85
N GLY RA 176 -40.48 -21.43 60.93
CA GLY RA 176 -41.16 -20.84 59.80
C GLY RA 176 -41.10 -19.34 59.88
N HIS RA 177 -42.07 -18.67 59.29
CA HIS RA 177 -42.08 -17.21 59.41
C HIS RA 177 -42.91 -16.78 60.62
N PRO RA 178 -42.49 -15.74 61.34
CA PRO RA 178 -43.22 -15.38 62.57
C PRO RA 178 -44.68 -15.01 62.33
N ARG RA 179 -45.02 -14.51 61.15
CA ARG RA 179 -46.41 -14.14 60.87
C ARG RA 179 -47.34 -15.33 60.82
N TYR RA 180 -46.82 -16.55 60.87
CA TYR RA 180 -47.63 -17.77 60.79
C TYR RA 180 -47.41 -18.68 62.00
N ALA RA 181 -46.87 -18.13 63.09
CA ALA RA 181 -46.64 -18.93 64.29
C ALA RA 181 -47.94 -19.36 64.95
N TYR RA 182 -49.06 -18.72 64.64
CA TYR RA 182 -50.33 -19.14 65.21
C TYR RA 182 -50.67 -20.57 64.82
N ALA RA 183 -50.17 -21.04 63.69
CA ALA RA 183 -50.48 -22.37 63.20
C ALA RA 183 -49.63 -23.45 63.83
N LEU RA 184 -48.56 -23.09 64.53
CA LEU RA 184 -47.71 -24.08 65.15
C LEU RA 184 -48.42 -24.74 66.34
N PRO RA 185 -48.10 -25.99 66.64
CA PRO RA 185 -48.59 -26.61 67.88
C PRO RA 185 -48.12 -25.82 69.09
N LYS RA 186 -48.72 -26.13 70.23
CA LYS RA 186 -48.42 -25.43 71.46
C LYS RA 186 -47.36 -26.17 72.25
N ASN RA 187 -46.54 -25.40 72.96
CA ASN RA 187 -45.42 -25.97 73.70
C ASN RA 187 -45.91 -26.64 74.98
N PRO RA 188 -45.59 -27.92 75.20
CA PRO RA 188 -45.99 -28.56 76.46
C PRO RA 188 -45.17 -28.14 77.66
N LEU RA 189 -44.09 -27.39 77.46
CA LEU RA 189 -43.22 -26.99 78.56
C LEU RA 189 -43.64 -25.67 79.18
N LEU RA 190 -44.45 -24.87 78.49
CA LEU RA 190 -44.90 -23.60 79.02
C LEU RA 190 -46.18 -23.78 79.82
N GLN RA 191 -46.33 -22.95 80.84
CA GLN RA 191 -47.50 -23.01 81.72
C GLN RA 191 -47.51 -21.85 82.70
N ALA SA 7 -69.84 -11.15 -65.92
CA ALA SA 7 -71.19 -10.98 -65.40
C ALA SA 7 -71.21 -9.89 -64.33
N PRO SA 8 -71.26 -8.62 -64.75
CA PRO SA 8 -71.28 -7.53 -63.77
C PRO SA 8 -72.52 -7.53 -62.90
N HIS SA 9 -73.68 -7.89 -63.49
CA HIS SA 9 -74.90 -8.02 -62.70
C HIS SA 9 -74.71 -9.02 -61.57
N GLN SA 10 -74.15 -10.19 -61.89
CA GLN SA 10 -73.93 -11.20 -60.86
C GLN SA 10 -72.89 -10.75 -59.84
N ARG SA 11 -71.85 -10.06 -60.30
CA ARG SA 11 -70.84 -9.55 -59.37
C ARG SA 11 -71.47 -8.60 -58.36
N ALA SA 12 -72.27 -7.64 -58.85
CA ALA SA 12 -72.93 -6.70 -57.94
C ALA SA 12 -73.90 -7.42 -57.01
N ALA SA 13 -74.65 -8.40 -57.55
CA ALA SA 13 -75.56 -9.15 -56.71
C ALA SA 13 -74.83 -9.85 -55.58
N CYS SA 14 -73.69 -10.47 -55.88
CA CYS SA 14 -72.97 -11.20 -54.84
C CYS SA 14 -72.30 -10.25 -53.86
N GLU SA 15 -71.86 -9.07 -54.32
CA GLU SA 15 -71.33 -8.09 -53.39
C GLU SA 15 -72.41 -7.64 -52.41
N GLN SA 16 -73.62 -7.41 -52.92
CA GLN SA 16 -74.74 -7.08 -52.04
C GLN SA 16 -75.02 -8.22 -51.07
N LEU SA 17 -74.95 -9.46 -51.56
CA LEU SA 17 -75.15 -10.62 -50.69
C LEU SA 17 -74.11 -10.67 -49.58
N HIS SA 18 -72.85 -10.40 -49.92
CA HIS SA 18 -71.79 -10.43 -48.92
C HIS SA 18 -71.99 -9.32 -47.88
N SER SA 19 -72.38 -8.13 -48.33
CA SER SA 19 -72.67 -7.06 -47.39
C SER SA 19 -73.81 -7.45 -46.46
N GLU SA 20 -74.85 -8.08 -47.01
CA GLU SA 20 -75.98 -8.51 -46.19
C GLU SA 20 -75.54 -9.56 -45.17
N TYR SA 21 -74.67 -10.49 -45.59
CA TYR SA 21 -74.16 -11.50 -44.67
C TYR SA 21 -73.38 -10.86 -43.54
N LYS SA 22 -72.51 -9.90 -43.87
CA LYS SA 22 -71.77 -9.19 -42.84
C LYS SA 22 -72.72 -8.47 -41.88
N GLN SA 23 -73.75 -7.82 -42.42
CA GLN SA 23 -74.69 -7.10 -41.58
C GLN SA 23 -75.41 -8.03 -40.62
N CYS SA 24 -75.89 -9.17 -41.13
CA CYS SA 24 -76.58 -10.13 -40.27
C CYS SA 24 -75.66 -10.69 -39.22
N LEU SA 25 -74.41 -10.99 -39.59
CA LEU SA 25 -73.46 -11.53 -38.64
C LEU SA 25 -73.15 -10.52 -37.54
N ALA SA 26 -73.01 -9.25 -37.91
CA ALA SA 26 -72.78 -8.21 -36.91
C ALA SA 26 -74.00 -8.06 -35.99
N LYS SA 27 -75.19 -8.10 -36.56
CA LYS SA 27 -76.40 -7.96 -35.76
C LYS SA 27 -76.52 -9.11 -34.76
N ASN SA 28 -76.16 -10.32 -35.17
CA ASN SA 28 -76.30 -11.47 -34.29
C ASN SA 28 -75.19 -11.55 -33.26
N GLY SA 29 -73.97 -11.17 -33.63
CA GLY SA 29 -72.83 -11.24 -32.75
C GLY SA 29 -72.02 -12.51 -32.97
N ARG SA 30 -70.82 -12.51 -32.39
CA ARG SA 30 -69.91 -13.65 -32.56
C ARG SA 30 -70.20 -14.77 -31.57
N THR SA 31 -71.12 -14.57 -30.64
CA THR SA 31 -71.55 -15.67 -29.78
C THR SA 31 -72.61 -16.51 -30.48
N HIS SA 32 -73.61 -15.85 -31.06
CA HIS SA 32 -74.65 -16.52 -31.83
C HIS SA 32 -74.33 -16.33 -33.31
N PHE SA 33 -73.45 -17.19 -33.82
CA PHE SA 33 -73.03 -17.15 -35.22
C PHE SA 33 -73.59 -18.29 -36.04
N SER SA 34 -74.18 -19.31 -35.41
CA SER SA 34 -74.76 -20.43 -36.13
C SER SA 34 -76.09 -20.08 -36.77
N ALA SA 35 -76.56 -18.85 -36.62
CA ALA SA 35 -77.84 -18.45 -37.21
C ALA SA 35 -77.70 -18.02 -38.66
N CYS SA 36 -76.51 -17.55 -39.06
CA CYS SA 36 -76.28 -17.04 -40.40
C CYS SA 36 -75.71 -18.09 -41.35
N THR SA 37 -75.96 -19.38 -41.09
CA THR SA 37 -75.51 -20.42 -42.00
C THR SA 37 -76.28 -20.43 -43.31
N ASP SA 38 -77.37 -19.65 -43.41
CA ASP SA 38 -78.15 -19.62 -44.64
C ASP SA 38 -77.33 -19.15 -45.83
N PHE SA 39 -76.36 -18.27 -45.59
CA PHE SA 39 -75.67 -17.58 -46.67
C PHE SA 39 -74.56 -18.41 -47.31
N HIS SA 40 -74.08 -19.46 -46.64
CA HIS SA 40 -73.01 -20.27 -47.20
C HIS SA 40 -73.41 -20.85 -48.55
N SER SA 41 -74.64 -21.35 -48.65
CA SER SA 41 -75.12 -21.94 -49.89
C SER SA 41 -74.83 -21.05 -51.09
N LYS SA 42 -75.10 -19.75 -50.95
CA LYS SA 42 -74.89 -18.81 -52.04
C LYS SA 42 -73.45 -18.32 -52.12
N LEU SA 43 -72.76 -18.19 -50.98
CA LEU SA 43 -71.43 -17.62 -50.99
C LEU SA 43 -70.42 -18.58 -51.59
N ARG SA 44 -70.57 -19.88 -51.33
CA ARG SA 44 -69.67 -20.85 -51.91
C ARG SA 44 -69.84 -20.91 -53.42
N ALA SA 45 -71.07 -20.77 -53.90
CA ALA SA 45 -71.30 -20.69 -55.34
C ALA SA 45 -70.67 -19.43 -55.92
N CYS SA 46 -70.84 -18.29 -55.22
CA CYS SA 46 -70.15 -17.07 -55.63
C CYS SA 46 -68.67 -17.31 -55.80
N GLU SA 47 -68.05 -17.95 -54.81
CA GLU SA 47 -66.62 -18.20 -54.88
C GLU SA 47 -66.28 -19.07 -56.08
N ASN SA 48 -66.96 -20.20 -56.22
CA ASN SA 48 -66.66 -21.12 -57.32
C ASN SA 48 -66.90 -20.48 -58.67
N MET SA 49 -67.74 -19.45 -58.75
CA MET SA 49 -68.06 -18.82 -60.03
C MET SA 49 -67.10 -17.68 -60.36
N LEU SA 50 -66.86 -16.78 -59.41
CA LEU SA 50 -66.08 -15.59 -59.65
C LEU SA 50 -64.62 -15.74 -59.25
N GLY SA 51 -64.20 -16.92 -58.81
CA GLY SA 51 -62.81 -17.09 -58.39
C GLY SA 51 -62.43 -16.24 -57.19
N THR SA 52 -63.41 -15.83 -56.39
CA THR SA 52 -63.17 -15.00 -55.22
C THR SA 52 -63.30 -15.83 -53.95
N SER SA 53 -62.79 -15.27 -52.85
CA SER SA 53 -62.89 -15.87 -51.53
C SER SA 53 -63.59 -14.90 -50.58
N TYR SA 54 -64.16 -15.45 -49.51
CA TYR SA 54 -64.91 -14.64 -48.56
C TYR SA 54 -64.58 -14.96 -47.10
N CYS SA 55 -63.56 -15.77 -46.83
CA CYS SA 55 -63.08 -16.00 -45.47
C CYS SA 55 -64.10 -16.70 -44.59
N ILE SA 56 -64.98 -17.49 -45.22
CA ILE SA 56 -66.12 -18.07 -44.50
C ILE SA 56 -65.63 -19.04 -43.43
N ASP SA 57 -64.93 -20.09 -43.85
CA ASP SA 57 -64.47 -21.10 -42.91
C ASP SA 57 -63.52 -20.50 -41.88
N GLU SA 58 -62.67 -19.56 -42.29
CA GLU SA 58 -61.74 -18.94 -41.36
C GLU SA 58 -62.50 -18.20 -40.25
N GLY SA 59 -63.47 -17.38 -40.64
CA GLY SA 59 -64.25 -16.67 -39.64
C GLY SA 59 -65.02 -17.60 -38.73
N ILE SA 60 -65.60 -18.66 -39.31
CA ILE SA 60 -66.38 -19.60 -38.51
C ILE SA 60 -65.49 -20.30 -37.50
N ASN SA 61 -64.32 -20.75 -37.94
CA ASN SA 61 -63.40 -21.42 -37.02
C ASN SA 61 -62.92 -20.47 -35.93
N LEU SA 62 -62.63 -19.22 -36.29
CA LEU SA 62 -62.21 -18.26 -35.29
C LEU SA 62 -63.29 -18.05 -34.24
N MET SA 63 -64.53 -17.85 -34.68
CA MET SA 63 -65.64 -17.68 -33.75
C MET SA 63 -65.78 -18.90 -32.84
N LYS SA 64 -65.76 -20.10 -33.42
CA LYS SA 64 -65.93 -21.30 -32.62
C LYS SA 64 -64.82 -21.46 -31.60
N CYS SA 65 -63.59 -21.10 -31.99
CA CYS SA 65 -62.45 -21.31 -31.10
C CYS SA 65 -62.41 -20.28 -29.97
N THR SA 66 -62.76 -19.02 -30.26
CA THR SA 66 -62.60 -17.99 -29.24
C THR SA 66 -63.55 -18.15 -28.06
N LYS SA 67 -64.57 -19.00 -28.16
CA LYS SA 67 -65.41 -19.30 -27.01
C LYS SA 67 -64.94 -20.52 -26.24
N ASN SA 68 -64.28 -21.47 -26.92
CA ASN SA 68 -63.65 -22.61 -26.29
C ASN SA 68 -62.17 -22.58 -26.68
N PRO SA 69 -61.40 -21.66 -26.12
CA PRO SA 69 -60.06 -21.38 -26.64
C PRO SA 69 -59.06 -22.48 -26.34
N ASP SA 70 -58.01 -22.47 -27.14
CA ASP SA 70 -56.83 -23.33 -27.10
C ASP SA 70 -55.73 -22.66 -26.27
N PRO SA 71 -54.84 -23.44 -25.66
CA PRO SA 71 -53.72 -22.81 -24.93
C PRO SA 71 -52.95 -21.80 -25.75
N SER SA 72 -52.94 -21.93 -27.08
CA SER SA 72 -52.34 -20.93 -27.93
C SER SA 72 -53.20 -19.69 -28.08
N PHE SA 73 -54.45 -19.72 -27.59
CA PHE SA 73 -55.36 -18.59 -27.65
C PHE SA 73 -55.72 -18.23 -29.10
N CYS SA 74 -55.83 -19.25 -29.95
CA CYS SA 74 -56.38 -19.11 -31.29
C CYS SA 74 -55.52 -18.23 -32.19
N ALA SA 75 -54.21 -18.19 -31.91
CA ALA SA 75 -53.32 -17.32 -32.68
C ALA SA 75 -53.29 -17.72 -34.15
N LYS SA 76 -53.27 -19.03 -34.42
CA LYS SA 76 -53.22 -19.49 -35.80
C LYS SA 76 -54.50 -19.15 -36.53
N GLU SA 77 -55.65 -19.25 -35.86
CA GLU SA 77 -56.91 -18.83 -36.48
C GLU SA 77 -56.89 -17.34 -36.77
N PHE SA 78 -56.41 -16.53 -35.84
CA PHE SA 78 -56.33 -15.09 -36.06
C PHE SA 78 -55.48 -14.77 -37.27
N VAL SA 79 -54.28 -15.33 -37.34
CA VAL SA 79 -53.39 -15.01 -38.45
C VAL SA 79 -53.95 -15.55 -39.75
N ALA SA 80 -54.62 -16.70 -39.73
CA ALA SA 80 -55.22 -17.24 -40.94
C ALA SA 80 -56.29 -16.30 -41.47
N MET SA 81 -57.18 -15.83 -40.59
CA MET SA 81 -58.20 -14.88 -41.02
C MET SA 81 -57.58 -13.61 -41.56
N ARG SA 82 -56.55 -13.10 -40.88
CA ARG SA 82 -55.92 -11.86 -41.31
C ARG SA 82 -55.28 -12.01 -42.68
N GLU SA 83 -54.67 -13.16 -42.96
CA GLU SA 83 -54.03 -13.37 -44.25
C GLU SA 83 -55.04 -13.68 -45.34
N CYS SA 84 -56.18 -14.27 -44.98
CA CYS SA 84 -57.18 -14.61 -45.98
C CYS SA 84 -57.99 -13.38 -46.40
N ASN SA 85 -58.19 -12.43 -45.48
CA ASN SA 85 -58.96 -11.25 -45.83
C ASN SA 85 -58.18 -10.29 -46.73
N ARG SA 86 -56.94 -10.58 -47.06
CA ARG SA 86 -56.18 -9.72 -47.95
C ARG SA 86 -56.74 -9.79 -49.37
N PRO SA 87 -56.70 -8.67 -50.11
CA PRO SA 87 -57.32 -8.67 -51.45
C PRO SA 87 -56.64 -9.60 -52.43
N GLN SA 88 -55.33 -9.45 -52.61
CA GLN SA 88 -54.59 -10.24 -53.61
C GLN SA 88 -54.24 -11.63 -53.12
N GLY SA 89 -54.50 -11.95 -51.86
CA GLY SA 89 -54.20 -13.26 -51.33
C GLY SA 89 -53.27 -13.20 -50.14
N PRO SA 90 -53.08 -14.33 -49.48
CA PRO SA 90 -52.22 -14.36 -48.29
C PRO SA 90 -50.75 -14.27 -48.64
N HIS SA 91 -50.01 -13.54 -47.82
CA HIS SA 91 -48.55 -13.47 -47.93
C HIS SA 91 -47.89 -14.52 -47.05
N LEU SA 92 -48.44 -14.76 -45.86
CA LEU SA 92 -47.89 -15.67 -44.88
C LEU SA 92 -48.86 -16.83 -44.69
N VAL SA 93 -48.33 -18.06 -44.71
CA VAL SA 93 -49.14 -19.26 -44.60
C VAL SA 93 -48.45 -20.22 -43.64
N LEU SA 94 -49.18 -21.27 -43.26
CA LEU SA 94 -48.68 -22.32 -42.39
C LEU SA 94 -48.47 -23.57 -43.24
N SER SA 95 -47.22 -23.99 -43.39
CA SER SA 95 -46.89 -25.04 -44.33
C SER SA 95 -47.55 -26.36 -43.93
N SER SA 96 -48.36 -26.91 -44.82
CA SER SA 96 -48.85 -28.27 -44.65
C SER SA 96 -47.72 -29.25 -44.94
N SER SA 97 -47.43 -30.11 -43.97
CA SER SA 97 -46.24 -30.95 -44.03
C SER SA 97 -46.52 -32.25 -43.31
N PRO SA 98 -45.88 -33.36 -43.71
CA PRO SA 98 -45.84 -34.54 -42.83
C PRO SA 98 -44.93 -34.36 -41.63
N SER SA 99 -44.11 -33.31 -41.62
CA SER SA 99 -43.21 -33.05 -40.49
C SER SA 99 -44.03 -32.85 -39.22
N SER SA 100 -43.38 -33.10 -38.08
CA SER SA 100 -44.07 -32.90 -36.80
C SER SA 100 -44.21 -31.43 -36.47
N PRO SA 101 -43.15 -30.62 -36.47
CA PRO SA 101 -43.32 -29.19 -36.24
C PRO SA 101 -43.67 -28.47 -37.53
N PRO SA 102 -44.80 -27.75 -37.56
CA PRO SA 102 -45.11 -26.94 -38.74
C PRO SA 102 -44.33 -25.64 -38.76
N HIS SA 103 -44.28 -25.03 -39.93
CA HIS SA 103 -43.48 -23.84 -40.16
C HIS SA 103 -44.34 -22.74 -40.77
N TYR SA 104 -43.85 -21.51 -40.63
CA TYR SA 104 -44.44 -20.35 -41.29
C TYR SA 104 -43.70 -20.10 -42.60
N GLU SA 105 -44.43 -20.08 -43.70
CA GLU SA 105 -43.86 -19.88 -45.02
C GLU SA 105 -44.38 -18.58 -45.61
N LEU SA 106 -43.55 -17.98 -46.46
CA LEU SA 106 -43.86 -16.73 -47.12
C LEU SA 106 -43.96 -16.96 -48.62
N ARG SA 107 -44.99 -16.40 -49.24
CA ARG SA 107 -45.16 -16.55 -50.67
C ARG SA 107 -44.01 -15.88 -51.42
N PRO SA 108 -43.62 -16.42 -52.56
CA PRO SA 108 -42.47 -15.84 -53.28
C PRO SA 108 -42.79 -14.52 -53.96
N GLU SA 109 -44.00 -14.38 -54.51
CA GLU SA 109 -44.35 -13.17 -55.25
C GLU SA 109 -44.36 -11.92 -54.36
N VAL SA 110 -44.35 -12.08 -53.04
CA VAL SA 110 -44.30 -10.96 -52.12
C VAL SA 110 -43.01 -10.95 -51.31
N LYS SA 111 -42.04 -11.79 -51.68
CA LYS SA 111 -40.80 -11.86 -50.92
C LYS SA 111 -40.06 -10.54 -50.93
N HIS SA 112 -40.26 -9.72 -51.97
CA HIS SA 112 -39.54 -8.46 -52.07
C HIS SA 112 -40.06 -7.40 -51.11
N LEU SA 113 -41.19 -7.64 -50.44
CA LEU SA 113 -41.72 -6.71 -49.46
C LEU SA 113 -41.20 -6.97 -48.06
N TYR SA 114 -40.56 -8.12 -47.83
CA TYR SA 114 -40.11 -8.51 -46.51
C TYR SA 114 -38.60 -8.65 -46.49
N ASN SA 115 -38.02 -8.38 -45.32
CA ASN SA 115 -36.57 -8.44 -45.14
C ASN SA 115 -36.18 -9.85 -44.72
N VAL SA 116 -36.09 -10.73 -45.71
CA VAL SA 116 -35.79 -12.13 -45.48
C VAL SA 116 -34.88 -12.64 -46.60
N ASP SA 117 -34.10 -13.67 -46.27
CA ASP SA 117 -33.26 -14.33 -47.26
C ASP SA 117 -33.97 -15.50 -47.92
N SER SA 118 -34.86 -16.17 -47.20
CA SER SA 118 -35.62 -17.30 -47.71
C SER SA 118 -37.09 -17.12 -47.34
N THR SA 119 -37.91 -18.10 -47.71
CA THR SA 119 -39.33 -18.07 -47.41
C THR SA 119 -39.69 -18.72 -46.08
N ASP SA 120 -38.77 -19.48 -45.48
CA ASP SA 120 -39.03 -20.15 -44.22
C ASP SA 120 -38.74 -19.19 -43.08
N LEU SA 121 -39.78 -18.76 -42.38
CA LEU SA 121 -39.66 -17.82 -41.27
C LEU SA 121 -39.53 -18.52 -39.93
N GLY SA 122 -39.29 -19.83 -39.92
CA GLY SA 122 -39.12 -20.56 -38.70
C GLY SA 122 -40.36 -21.35 -38.32
N SER SA 123 -40.21 -22.13 -37.25
CA SER SA 123 -41.29 -22.96 -36.77
C SER SA 123 -42.42 -22.12 -36.19
N ALA SA 124 -43.62 -22.70 -36.20
CA ALA SA 124 -44.80 -22.06 -35.66
C ALA SA 124 -45.01 -22.37 -34.17
N VAL SA 125 -44.09 -23.11 -33.56
CA VAL SA 125 -44.15 -23.41 -32.13
C VAL SA 125 -42.79 -23.12 -31.53
N ALA SA 126 -42.80 -22.68 -30.27
CA ALA SA 126 -41.56 -22.36 -29.59
C ALA SA 126 -40.75 -23.62 -29.32
N PRO SA 127 -39.45 -23.46 -29.09
CA PRO SA 127 -38.62 -24.64 -28.79
C PRO SA 127 -39.00 -25.27 -27.47
N VAL SA 128 -38.47 -26.47 -27.25
CA VAL SA 128 -38.65 -27.21 -26.01
C VAL SA 128 -37.39 -27.05 -25.17
N ARG SA 129 -37.58 -26.87 -23.87
CA ARG SA 129 -36.44 -26.65 -22.98
C ARG SA 129 -35.50 -27.85 -23.03
N SER SA 130 -34.23 -27.59 -23.31
CA SER SA 130 -33.25 -28.65 -23.45
C SER SA 130 -31.87 -28.14 -23.02
N LYS SA 131 -31.28 -28.82 -22.05
CA LYS SA 131 -29.92 -28.52 -21.63
C LYS SA 131 -28.96 -28.51 -22.81
N GLU SA 132 -29.15 -29.45 -23.74
CA GLU SA 132 -28.26 -29.57 -24.89
C GLU SA 132 -28.40 -28.34 -25.80
N GLN SA 133 -29.63 -27.93 -26.09
CA GLN SA 133 -29.82 -26.75 -26.93
C GLN SA 133 -29.27 -25.51 -26.26
N LEU SA 134 -29.46 -25.37 -24.95
CA LEU SA 134 -28.91 -24.23 -24.23
C LEU SA 134 -27.40 -24.20 -24.36
N ASP SA 135 -26.74 -25.34 -24.11
CA ASP SA 135 -25.29 -25.39 -24.24
C ASP SA 135 -24.85 -25.06 -25.66
N ARG SA 136 -25.58 -25.56 -26.65
CA ARG SA 136 -25.24 -25.29 -28.05
C ARG SA 136 -25.28 -23.80 -28.34
N VAL SA 137 -26.37 -23.14 -27.94
CA VAL SA 137 -26.52 -21.72 -28.19
C VAL SA 137 -25.43 -20.93 -27.47
N ALA SA 138 -25.13 -21.32 -26.23
CA ALA SA 138 -24.11 -20.61 -25.48
C ALA SA 138 -22.74 -20.75 -26.14
N ASP SA 139 -22.40 -21.95 -26.60
CA ASP SA 139 -21.13 -22.15 -27.26
C ASP SA 139 -21.04 -21.36 -28.55
N SER SA 140 -22.14 -21.34 -29.32
CA SER SA 140 -22.15 -20.56 -30.55
C SER SA 140 -21.94 -19.08 -30.25
N LEU SA 141 -22.60 -18.55 -29.23
CA LEU SA 141 -22.43 -17.15 -28.88
C LEU SA 141 -21.00 -16.86 -28.44
N LYS SA 142 -20.42 -17.74 -27.62
CA LYS SA 142 -19.03 -17.55 -27.20
C LYS SA 142 -18.10 -17.52 -28.41
N ALA SA 143 -18.30 -18.44 -29.35
CA ALA SA 143 -17.45 -18.47 -30.53
C ALA SA 143 -17.61 -17.20 -31.36
N ASP SA 144 -18.85 -16.72 -31.51
CA ASP SA 144 -19.08 -15.53 -32.31
C ASP SA 144 -18.49 -14.29 -31.65
N LEU SA 145 -18.51 -14.25 -30.32
CA LEU SA 145 -17.96 -13.09 -29.60
C LEU SA 145 -16.43 -13.10 -29.62
N ASN SA 146 -15.82 -14.24 -29.29
CA ASN SA 146 -14.37 -14.37 -29.28
C ASN SA 146 -13.75 -13.36 -28.32
N LEU SA 147 -14.10 -13.51 -27.04
CA LEU SA 147 -13.65 -12.60 -26.00
C LEU SA 147 -12.69 -13.32 -25.07
N PRO SA 148 -11.40 -13.01 -25.08
CA PRO SA 148 -10.47 -13.61 -24.12
C PRO SA 148 -10.61 -12.95 -22.75
N GLY SA 149 -11.18 -13.70 -21.80
CA GLY SA 149 -11.49 -13.14 -20.51
C GLY SA 149 -12.78 -13.71 -19.94
N TYR SA 150 -13.51 -14.44 -20.77
CA TYR SA 150 -14.72 -15.11 -20.30
C TYR SA 150 -14.35 -16.31 -19.46
N GLY SA 151 -15.00 -16.44 -18.30
CA GLY SA 151 -14.72 -17.52 -17.38
C GLY SA 151 -13.54 -17.28 -16.47
N HIS SA 152 -12.80 -16.20 -16.65
CA HIS SA 152 -11.68 -15.90 -15.78
C HIS SA 152 -12.16 -15.43 -14.42
N ILE SA 153 -11.58 -15.98 -13.37
CA ILE SA 153 -11.96 -15.68 -12.00
C ILE SA 153 -10.74 -15.14 -11.27
N PRO SA 154 -10.65 -13.81 -11.10
CA PRO SA 154 -9.46 -13.27 -10.41
C PRO SA 154 -9.38 -13.63 -8.95
N TYR SA 155 -10.51 -13.66 -8.24
CA TYR SA 155 -10.52 -14.03 -6.84
C TYR SA 155 -11.70 -14.94 -6.55
N LYS SA 156 -11.45 -16.02 -5.83
CA LYS SA 156 -12.47 -16.95 -5.40
C LYS SA 156 -12.36 -17.15 -3.90
N TRP SA 157 -13.50 -17.08 -3.22
CA TRP SA 157 -13.55 -17.34 -1.78
C TRP SA 157 -12.87 -18.66 -1.45
N GLU SA 158 -11.91 -18.61 -0.54
CA GLU SA 158 -11.12 -19.77 -0.21
C GLU SA 158 -11.95 -20.78 0.57
N SER SA 159 -12.07 -21.99 0.03
CA SER SA 159 -12.94 -23.00 0.61
C SER SA 159 -12.57 -24.36 0.03
N LEU SA 160 -12.87 -25.40 0.79
CA LEU SA 160 -12.72 -26.75 0.26
C LEU SA 160 -13.72 -27.02 -0.86
N ARG SA 161 -14.84 -26.33 -0.84
CA ARG SA 161 -15.83 -26.48 -1.90
C ARG SA 161 -15.35 -25.77 -3.17
N PRO SA 162 -15.53 -26.37 -4.35
CA PRO SA 162 -15.06 -25.70 -5.56
C PRO SA 162 -15.73 -24.35 -5.83
N ASN SA 163 -17.05 -24.29 -5.70
CA ASN SA 163 -17.82 -23.07 -5.95
C ASN SA 163 -18.50 -22.63 -4.66
N PRO SA 164 -17.86 -21.77 -3.88
CA PRO SA 164 -18.51 -21.28 -2.65
C PRO SA 164 -19.75 -20.46 -2.97
N GLY SA 165 -20.84 -20.79 -2.30
CA GLY SA 165 -22.11 -20.19 -2.62
C GLY SA 165 -22.84 -20.97 -3.69
N ALA SA 166 -22.73 -20.51 -4.93
CA ALA SA 166 -23.33 -21.20 -6.06
C ALA SA 166 -22.74 -22.59 -6.22
N SER TA 71 -50.95 15.65 49.80
CA SER TA 71 -50.97 14.85 51.02
C SER TA 71 -52.34 14.89 51.68
N PHE TA 72 -52.90 13.72 51.93
CA PHE TA 72 -54.21 13.59 52.56
C PHE TA 72 -54.16 12.48 53.59
N ALA TA 73 -54.73 12.76 54.77
CA ALA TA 73 -54.73 11.80 55.86
C ALA TA 73 -55.94 12.05 56.74
N ILE TA 74 -56.34 10.99 57.43
CA ILE TA 74 -57.43 11.07 58.40
C ILE TA 74 -57.00 10.33 59.66
N PRO TA 75 -57.08 10.94 60.84
CA PRO TA 75 -56.62 10.25 62.04
C PRO TA 75 -57.33 8.91 62.18
N PRO TA 76 -56.65 7.91 62.78
CA PRO TA 76 -57.16 6.54 62.74
C PRO TA 76 -58.56 6.39 63.31
N ALA TA 77 -58.76 6.82 64.55
CA ALA TA 77 -60.05 6.71 65.20
C ALA TA 77 -59.99 7.23 66.63
N ASN TA 78 -61.12 7.21 67.33
CA ASN TA 78 -61.18 7.65 68.71
C ASN TA 78 -62.00 6.67 69.52
N ALA TA 79 -61.83 6.72 70.84
CA ALA TA 79 -62.65 5.90 71.73
C ALA TA 79 -64.13 6.17 71.52
N ALA TA 80 -64.49 7.42 71.24
CA ALA TA 80 -65.88 7.74 70.99
C ALA TA 80 -66.39 7.03 69.74
N ALA TA 81 -65.62 7.09 68.66
CA ALA TA 81 -66.03 6.43 67.42
C ALA TA 81 -66.11 4.92 67.59
N LEU TA 82 -65.18 4.34 68.34
CA LEU TA 82 -65.15 2.89 68.53
C LEU TA 82 -66.13 2.42 69.61
N ALA TA 83 -66.72 3.33 70.37
CA ALA TA 83 -67.65 2.95 71.42
C ALA TA 83 -68.91 2.35 70.81
N ASP TA 84 -69.81 1.88 71.68
CA ASP TA 84 -71.05 1.29 71.23
C ASP TA 84 -71.94 2.34 70.58
N PRO TA 85 -72.26 2.23 69.29
CA PRO TA 85 -73.10 3.26 68.67
C PRO TA 85 -74.54 3.24 69.15
N LEU TA 86 -75.01 2.15 69.73
CA LEU TA 86 -76.41 1.96 70.10
C LEU TA 86 -76.52 1.68 71.59
N PRO TA 87 -76.22 2.67 72.43
CA PRO TA 87 -76.42 2.51 73.87
C PRO TA 87 -77.89 2.66 74.23
N ALA TA 88 -78.21 2.24 75.45
CA ALA TA 88 -79.58 2.31 75.93
C ALA TA 88 -79.87 3.68 76.52
N THR TA 89 -81.12 4.10 76.41
CA THR TA 89 -81.58 5.37 76.91
C THR TA 89 -82.75 5.15 77.87
N PRO TA 90 -82.99 6.09 78.79
CA PRO TA 90 -84.08 5.92 79.75
C PRO TA 90 -85.43 5.84 79.06
N THR TA 91 -86.33 5.06 79.66
CA THR TA 91 -87.68 4.91 79.16
C THR TA 91 -88.66 5.65 80.08
N PRO TA 92 -89.72 6.24 79.52
CA PRO TA 92 -90.61 7.06 80.34
C PRO TA 92 -91.67 6.21 81.01
N PRO TA 93 -92.36 6.75 82.01
CA PRO TA 93 -93.48 6.01 82.63
C PRO TA 93 -94.69 6.03 81.72
N PRO TA 94 -95.77 5.32 82.10
CA PRO TA 94 -96.95 5.22 81.23
C PRO TA 94 -97.88 6.44 81.30
N VAL TA 95 -97.30 7.63 81.22
CA VAL TA 95 -98.04 8.87 81.09
C VAL TA 95 -97.58 9.66 79.87
N PHE TA 96 -96.27 9.76 79.67
CA PHE TA 96 -95.75 10.39 78.46
C PHE TA 96 -96.20 9.64 77.21
N GLU TA 97 -96.39 8.32 77.32
CA GLU TA 97 -96.85 7.55 76.18
C GLU TA 97 -98.29 7.89 75.81
N ALA TA 98 -99.07 8.36 76.77
CA ALA TA 98 -100.46 8.75 76.51
C ALA TA 98 -100.48 10.07 75.75
N VAL TA 99 -100.56 9.98 74.43
CA VAL TA 99 -100.55 11.15 73.56
C VAL TA 99 -101.68 11.03 72.54
N SER TA 100 -102.03 12.18 71.96
CA SER TA 100 -103.12 12.22 70.99
C SER TA 100 -102.94 11.19 69.89
N SER TA 101 -101.75 11.11 69.32
CA SER TA 101 -101.48 10.26 68.17
C SER TA 101 -101.36 8.79 68.52
N ALA TA 102 -101.60 8.41 69.77
CA ALA TA 102 -101.53 7.01 70.17
C ALA TA 102 -102.85 6.30 69.87
N ALA TA 112 -88.40 -9.61 66.41
CA ALA TA 112 -88.77 -10.87 65.77
C ALA TA 112 -89.93 -10.65 64.81
N LEU TA 113 -91.11 -10.41 65.35
CA LEU TA 113 -92.33 -10.14 64.60
C LEU TA 113 -92.79 -11.34 63.76
N LYS TA 114 -92.14 -12.50 63.91
CA LYS TA 114 -92.55 -13.77 63.35
C LYS TA 114 -92.50 -13.80 61.82
N ASN TA 115 -92.10 -12.71 61.16
CA ASN TA 115 -92.06 -12.69 59.71
C ASN TA 115 -90.78 -12.10 59.13
N VAL TA 116 -89.92 -11.49 59.94
CA VAL TA 116 -88.68 -10.89 59.47
C VAL TA 116 -87.53 -11.46 60.30
N GLU TA 117 -86.32 -11.05 59.94
CA GLU TA 117 -85.12 -11.43 60.69
C GLU TA 117 -84.31 -10.17 60.96
N GLU TA 118 -84.12 -9.87 62.24
CA GLU TA 118 -83.27 -8.74 62.64
C GLU TA 118 -81.81 -9.19 62.56
N VAL TA 119 -81.03 -8.53 61.71
CA VAL TA 119 -79.65 -8.90 61.48
C VAL TA 119 -78.75 -8.06 62.37
N SER TA 120 -77.79 -8.72 63.02
CA SER TA 120 -76.83 -8.03 63.88
C SER TA 120 -75.42 -8.53 63.65
N THR TA 121 -75.15 -9.27 62.58
CA THR TA 121 -73.85 -9.87 62.36
C THR TA 121 -73.57 -9.93 60.86
N MET TA 122 -72.41 -9.42 60.47
CA MET TA 122 -72.03 -9.49 59.06
C MET TA 122 -71.90 -10.93 58.59
N GLU TA 123 -71.59 -11.85 59.49
CA GLU TA 123 -71.60 -13.27 59.14
C GLU TA 123 -72.98 -13.69 58.67
N ARG TA 124 -74.01 -13.36 59.44
CA ARG TA 124 -75.38 -13.68 59.03
C ARG TA 124 -75.73 -12.98 57.73
N TYR TA 125 -75.35 -11.72 57.59
CA TYR TA 125 -75.68 -10.99 56.36
C TYR TA 125 -75.04 -11.65 55.14
N GLU TA 126 -73.78 -12.06 55.25
CA GLU TA 126 -73.12 -12.71 54.13
C GLU TA 126 -73.73 -14.07 53.83
N ALA TA 127 -74.00 -14.85 54.87
CA ALA TA 127 -74.69 -16.13 54.67
C ALA TA 127 -75.96 -15.92 53.86
N ALA TA 128 -76.78 -14.96 54.29
CA ALA TA 128 -78.00 -14.64 53.55
C ALA TA 128 -77.68 -14.29 52.11
N VAL TA 129 -76.91 -13.22 51.89
CA VAL TA 129 -76.68 -12.69 50.56
C VAL TA 129 -76.10 -13.73 49.62
N TYR TA 130 -75.34 -14.69 50.15
CA TYR TA 130 -74.62 -15.63 49.30
C TYR TA 130 -75.31 -16.98 49.13
N GLU TA 131 -76.26 -17.33 50.00
CA GLU TA 131 -77.01 -18.56 49.83
C GLU TA 131 -78.51 -18.32 49.63
N GLU TA 132 -79.13 -17.57 50.55
CA GLU TA 132 -80.57 -17.38 50.48
C GLU TA 132 -80.94 -16.46 49.32
N SER TA 133 -80.08 -15.49 49.00
CA SER TA 133 -80.34 -14.62 47.86
C SER TA 133 -80.24 -15.35 46.55
N PHE TA 134 -79.52 -16.47 46.51
CA PHE TA 134 -79.48 -17.31 45.32
C PHE TA 134 -80.63 -18.28 45.28
N LYS TA 135 -81.10 -18.73 46.45
CA LYS TA 135 -82.26 -19.63 46.49
C LYS TA 135 -83.54 -18.88 46.15
N LYS TA 136 -83.88 -17.87 46.95
CA LYS TA 136 -85.07 -17.05 46.74
C LYS TA 136 -84.73 -15.61 47.11
N PRO TA 137 -85.42 -14.64 46.51
CA PRO TA 137 -85.02 -13.23 46.71
C PRO TA 137 -85.14 -12.78 48.16
N ILE TA 138 -84.44 -11.70 48.48
CA ILE TA 138 -84.47 -11.12 49.81
C ILE TA 138 -84.77 -9.64 49.70
N VAL TA 139 -85.40 -9.12 50.76
CA VAL TA 139 -85.73 -7.71 50.88
C VAL TA 139 -85.19 -7.23 52.22
N CYS TA 140 -84.27 -6.29 52.18
CA CYS TA 140 -83.59 -5.80 53.36
C CYS TA 140 -83.96 -4.34 53.60
N LEU TA 141 -84.34 -4.02 54.84
CA LEU TA 141 -84.62 -2.64 55.23
C LEU TA 141 -83.46 -2.15 56.09
N PHE TA 142 -82.70 -1.21 55.55
CA PHE TA 142 -81.61 -0.57 56.27
C PHE TA 142 -82.15 0.69 56.92
N PHE TA 143 -82.00 0.79 58.25
CA PHE TA 143 -82.53 1.90 59.02
C PHE TA 143 -81.47 2.43 59.97
N ALA TA 144 -81.85 3.46 60.71
CA ALA TA 144 -81.02 4.01 61.78
C ALA TA 144 -81.96 4.62 62.82
N ARG TA 145 -81.53 4.58 64.07
CA ARG TA 145 -82.43 4.98 65.16
C ARG TA 145 -82.79 6.46 65.07
N PHE TA 146 -81.84 7.30 64.69
CA PHE TA 146 -82.11 8.73 64.67
C PHE TA 146 -83.19 9.10 63.67
N SER TA 147 -83.47 8.23 62.71
CA SER TA 147 -84.38 8.56 61.62
C SER TA 147 -85.82 8.32 62.06
N LEU TA 148 -86.69 9.29 61.75
CA LEU TA 148 -88.11 9.15 62.01
C LEU TA 148 -88.83 8.46 60.86
N GLN TA 149 -88.34 8.65 59.64
CA GLN TA 149 -88.91 7.94 58.50
C GLN TA 149 -88.81 6.44 58.70
N SER TA 150 -87.74 5.98 59.36
CA SER TA 150 -87.60 4.55 59.63
C SER TA 150 -88.67 4.06 60.59
N LYS TA 151 -88.93 4.81 61.67
CA LYS TA 151 -89.98 4.44 62.59
C LYS TA 151 -91.34 4.43 61.90
N VAL TA 152 -91.56 5.38 60.99
CA VAL TA 152 -92.83 5.44 60.28
C VAL TA 152 -92.97 4.26 59.33
N LEU TA 153 -91.86 3.83 58.72
CA LEU TA 153 -91.88 2.80 57.70
C LEU TA 153 -91.80 1.40 58.27
N LEU TA 154 -91.41 1.25 59.53
CA LEU TA 154 -91.24 -0.08 60.11
C LEU TA 154 -92.51 -0.91 60.02
N GLN TA 155 -93.61 -0.42 60.60
CA GLN TA 155 -94.84 -1.21 60.65
C GLN TA 155 -95.32 -1.62 59.27
N PRO TA 156 -95.53 -0.70 58.32
CA PRO TA 156 -95.94 -1.13 56.97
C PRO TA 156 -94.98 -2.12 56.34
N PHE TA 157 -93.69 -2.01 56.63
CA PHE TA 157 -92.75 -3.01 56.16
C PHE TA 157 -93.04 -4.37 56.78
N LEU TA 158 -93.41 -4.38 58.06
CA LEU TA 158 -93.77 -5.65 58.70
C LEU TA 158 -95.03 -6.24 58.07
N ASP TA 159 -95.97 -5.40 57.70
CA ASP TA 159 -97.17 -5.89 57.01
C ASP TA 159 -96.82 -6.47 55.65
N PHE TA 160 -95.97 -5.76 54.90
CA PHE TA 160 -95.53 -6.27 53.60
C PHE TA 160 -94.79 -7.59 53.75
N ALA TA 161 -94.03 -7.74 54.83
CA ALA TA 161 -93.35 -9.01 55.10
C ALA TA 161 -94.36 -10.11 55.40
N ALA TA 162 -95.31 -9.85 56.30
CA ALA TA 162 -96.34 -10.84 56.58
C ALA TA 162 -97.10 -11.22 55.32
N SER TA 163 -97.20 -10.29 54.37
CA SER TA 163 -97.91 -10.58 53.12
C SER TA 163 -97.09 -11.47 52.20
N ALA TA 164 -95.86 -11.07 51.90
CA ALA TA 164 -95.05 -11.72 50.88
C ALA TA 164 -93.88 -12.51 51.46
N SER TA 165 -94.05 -13.08 52.65
CA SER TA 165 -93.00 -13.89 53.25
C SER TA 165 -92.87 -15.25 52.59
N ASN TA 166 -93.86 -15.66 51.80
CA ASN TA 166 -93.80 -16.95 51.12
C ASN TA 166 -92.89 -16.91 49.91
N ASN TA 167 -92.78 -15.76 49.25
CA ASN TA 167 -92.02 -15.63 48.01
C ASN TA 167 -90.61 -15.09 48.22
N ALA TA 168 -90.34 -14.45 49.37
CA ALA TA 168 -89.04 -13.85 49.59
C ALA TA 168 -88.75 -13.82 51.09
N THR TA 169 -87.48 -13.62 51.41
CA THR TA 169 -87.06 -13.44 52.79
C THR TA 169 -86.98 -11.95 53.11
N PHE TA 170 -87.08 -11.63 54.40
CA PHE TA 170 -87.14 -10.25 54.85
C PHE TA 170 -86.18 -10.02 56.01
N PHE TA 171 -85.31 -9.02 55.86
CA PHE TA 171 -84.29 -8.73 56.85
C PHE TA 171 -84.36 -7.27 57.27
N LEU TA 172 -83.96 -7.03 58.51
CA LEU TA 172 -84.02 -5.71 59.14
C LEU TA 172 -82.64 -5.40 59.69
N ILE TA 173 -81.98 -4.40 59.11
CA ILE TA 173 -80.57 -4.10 59.40
C ILE TA 173 -80.45 -2.68 59.89
N ASP TA 174 -79.57 -2.49 60.88
CA ASP TA 174 -79.19 -1.17 61.37
C ASP TA 174 -77.79 -0.85 60.86
N CYS TA 175 -77.64 0.35 60.28
CA CYS TA 175 -76.39 0.69 59.62
C CYS TA 175 -75.24 0.82 60.61
N ASP TA 176 -75.51 1.37 61.79
CA ASP TA 176 -74.44 1.55 62.78
C ASP TA 176 -74.06 0.25 63.45
N ARG TA 177 -74.98 -0.73 63.48
CA ARG TA 177 -74.66 -2.01 64.09
C ARG TA 177 -73.95 -2.93 63.10
N VAL TA 178 -74.35 -2.88 61.83
CA VAL TA 178 -73.71 -3.70 60.80
C VAL TA 178 -73.38 -2.80 59.61
N PRO TA 179 -72.30 -2.02 59.68
CA PRO TA 179 -71.99 -1.10 58.58
C PRO TA 179 -71.59 -1.80 57.30
N ARG TA 180 -70.81 -2.87 57.39
CA ARG TA 180 -70.35 -3.56 56.20
C ARG TA 180 -71.51 -4.04 55.34
N ALA TA 181 -72.66 -4.28 55.95
CA ALA TA 181 -73.85 -4.63 55.18
C ALA TA 181 -74.39 -3.43 54.43
N ALA TA 182 -74.26 -2.24 55.01
CA ALA TA 182 -74.70 -1.03 54.32
C ALA TA 182 -73.72 -0.65 53.22
N TYR TA 183 -72.42 -0.81 53.47
CA TYR TA 183 -71.44 -0.59 52.42
C TYR TA 183 -71.63 -1.57 51.27
N HIS TA 184 -72.03 -2.79 51.57
CA HIS TA 184 -72.23 -3.80 50.54
C HIS TA 184 -73.40 -3.44 49.63
N ALA TA 185 -74.53 -3.06 50.23
CA ALA TA 185 -75.73 -2.73 49.47
C ALA TA 185 -75.66 -1.34 48.83
N ARG TA 186 -74.60 -0.58 49.09
CA ARG TA 186 -74.42 0.73 48.46
C ARG TA 186 -75.53 1.69 48.88
N VAL TA 187 -75.86 1.68 50.16
CA VAL TA 187 -76.88 2.59 50.70
C VAL TA 187 -76.20 3.86 51.16
N GLU TA 188 -76.75 5.01 50.73
CA GLU TA 188 -76.22 6.31 51.10
C GLU TA 188 -77.16 7.11 51.99
N ASN TA 189 -78.44 6.75 52.04
CA ASN TA 189 -79.41 7.43 52.87
C ASN TA 189 -80.31 6.39 53.53
N VAL TA 190 -80.91 6.79 54.64
CA VAL TA 190 -81.80 5.90 55.40
C VAL TA 190 -83.16 6.57 55.53
N PRO TA 191 -84.26 5.81 55.53
CA PRO TA 191 -84.30 4.35 55.37
C PRO TA 191 -84.11 3.92 53.93
N SER TA 192 -83.79 2.66 53.71
CA SER TA 192 -83.59 2.16 52.36
C SER TA 192 -84.07 0.72 52.24
N LEU TA 193 -84.91 0.46 51.25
CA LEU TA 193 -85.25 -0.90 50.87
C LEU TA 193 -84.28 -1.38 49.81
N VAL TA 194 -83.90 -2.65 49.90
CA VAL TA 194 -83.00 -3.25 48.92
C VAL TA 194 -83.53 -4.64 48.58
N VAL TA 195 -83.90 -4.84 47.32
CA VAL TA 195 -84.32 -6.14 46.82
C VAL TA 195 -83.12 -6.77 46.14
N MET TA 196 -82.74 -7.96 46.59
CA MET TA 196 -81.54 -8.63 46.11
C MET TA 196 -81.85 -10.05 45.70
N LYS TA 197 -81.18 -10.48 44.63
CA LYS TA 197 -81.29 -11.82 44.09
C LYS TA 197 -80.00 -12.11 43.34
N GLY TA 198 -79.21 -13.07 43.83
CA GLY TA 198 -77.92 -13.36 43.26
C GLY TA 198 -76.82 -12.39 43.64
N ASP TA 199 -77.14 -11.34 44.37
CA ASP TA 199 -76.19 -10.35 44.88
C ASP TA 199 -75.72 -9.39 43.80
N ASP TA 200 -75.91 -9.72 42.52
CA ASP TA 200 -75.72 -8.74 41.47
C ASP TA 200 -76.69 -8.93 40.32
N ALA TA 201 -77.48 -10.01 40.36
CA ALA TA 201 -78.37 -10.29 39.26
C ALA TA 201 -79.56 -9.35 39.25
N PHE TA 202 -80.07 -9.02 40.44
CA PHE TA 202 -81.14 -8.04 40.57
C PHE TA 202 -80.97 -7.38 41.93
N ARG TA 203 -80.36 -6.20 41.94
CA ARG TA 203 -80.25 -5.38 43.15
C ARG TA 203 -80.94 -4.06 42.86
N GLN TA 204 -82.12 -3.86 43.45
CA GLN TA 204 -82.88 -2.63 43.27
C GLN TA 204 -83.01 -1.94 44.62
N THR TA 205 -82.60 -0.67 44.65
CA THR TA 205 -82.59 0.12 45.87
C THR TA 205 -83.70 1.16 45.79
N ILE TA 206 -84.54 1.20 46.82
CA ILE TA 206 -85.64 2.14 46.92
C ILE TA 206 -85.38 3.04 48.11
N THR TA 207 -85.46 4.35 47.89
CA THR TA 207 -85.25 5.33 48.94
C THR TA 207 -85.84 6.65 48.47
N ASP TA 208 -85.78 7.65 49.36
CA ASP TA 208 -86.27 8.99 49.07
C ASP TA 208 -85.13 9.96 49.39
N SER TA 209 -84.26 10.18 48.41
CA SER TA 209 -83.14 11.09 48.61
C SER TA 209 -83.58 12.55 48.62
N VAL TA 210 -84.75 12.85 48.07
CA VAL TA 210 -85.24 14.23 48.02
C VAL TA 210 -86.06 14.55 49.26
N GLY TA 211 -87.00 13.68 49.61
CA GLY TA 211 -87.90 13.94 50.72
C GLY TA 211 -89.29 14.27 50.24
N VAL TA 212 -89.75 13.57 49.21
CA VAL TA 212 -91.07 13.77 48.64
C VAL TA 212 -91.96 12.55 48.82
N LYS TA 213 -91.38 11.35 48.74
CA LYS TA 213 -92.15 10.12 48.85
C LYS TA 213 -92.57 9.91 50.32
N THR TA 214 -93.24 8.78 50.54
CA THR TA 214 -93.67 8.39 51.87
C THR TA 214 -93.56 6.88 52.00
N ALA TA 215 -93.94 6.37 53.17
CA ALA TA 215 -93.84 4.93 53.43
C ALA TA 215 -94.67 4.13 52.44
N GLY TA 216 -95.89 4.59 52.15
CA GLY TA 216 -96.71 3.87 51.18
C GLY TA 216 -96.07 3.80 49.81
N ASP TA 217 -95.50 4.91 49.35
CA ASP TA 217 -94.85 4.92 48.05
C ASP TA 217 -93.65 4.00 48.03
N LEU TA 218 -92.85 4.02 49.09
CA LEU TA 218 -91.70 3.12 49.16
C LEU TA 218 -92.14 1.66 49.13
N ILE TA 219 -93.20 1.33 49.86
CA ILE TA 219 -93.67 -0.06 49.89
C ILE TA 219 -94.24 -0.46 48.53
N GLN TA 220 -94.90 0.46 47.84
CA GLN TA 220 -95.41 0.15 46.51
C GLN TA 220 -94.26 -0.11 45.54
N GLU TA 221 -93.22 0.71 45.60
CA GLU TA 221 -92.05 0.49 44.76
C GLU TA 221 -91.40 -0.85 45.08
N ALA TA 222 -91.35 -1.21 46.37
CA ALA TA 222 -90.78 -2.49 46.76
C ALA TA 222 -91.60 -3.65 46.21
N ARG TA 223 -92.92 -3.55 46.29
CA ARG TA 223 -93.78 -4.58 45.72
C ARG TA 223 -93.56 -4.72 44.22
N SER TA 224 -93.46 -3.59 43.52
CA SER TA 224 -93.21 -3.64 42.08
C SER TA 224 -91.88 -4.31 41.78
N ALA TA 225 -90.83 -3.98 42.54
CA ALA TA 225 -89.53 -4.57 42.31
C ALA TA 225 -89.54 -6.07 42.59
N LEU TA 226 -90.25 -6.48 43.65
CA LEU TA 226 -90.34 -7.91 43.96
C LEU TA 226 -91.08 -8.66 42.85
N ASP TA 227 -92.18 -8.08 42.36
CA ASP TA 227 -92.89 -8.68 41.24
C ASP TA 227 -91.96 -8.82 40.03
N GLN TA 228 -91.21 -7.76 39.73
CA GLN TA 228 -90.32 -7.79 38.58
C GLN TA 228 -89.27 -8.89 38.71
N VAL TA 229 -88.66 -9.00 39.89
CA VAL TA 229 -87.60 -9.99 40.07
C VAL TA 229 -88.17 -11.39 40.00
N LEU TA 230 -89.36 -11.60 40.57
CA LEU TA 230 -89.97 -12.92 40.49
C LEU TA 230 -90.29 -13.28 39.03
N ARG TA 231 -90.85 -12.34 38.28
CA ARG TA 231 -91.13 -12.58 36.88
C ARG TA 231 -89.87 -12.92 36.11
N LEU TA 232 -88.80 -12.16 36.34
CA LEU TA 232 -87.55 -12.43 35.62
C LEU TA 232 -86.95 -13.76 36.02
N ASP TA 233 -87.09 -14.16 37.28
CA ASP TA 233 -86.59 -15.46 37.70
C ASP TA 233 -87.35 -16.59 37.04
N GLN TA 234 -88.68 -16.47 36.95
CA GLN TA 234 -89.46 -17.47 36.23
C GLN TA 234 -89.14 -17.46 34.74
N GLN TA 235 -88.75 -16.31 34.22
CA GLN TA 235 -88.48 -16.18 32.79
C GLN TA 235 -87.27 -16.99 32.37
N GLU TA 236 -87.39 -17.68 31.25
CA GLU TA 236 -86.27 -18.39 30.61
C GLU TA 236 -85.76 -19.53 31.48
N GLY TA 237 -86.68 -20.37 31.92
CA GLY TA 237 -86.30 -21.59 32.63
C GLY TA 237 -85.36 -21.36 33.81
N GLY TA 238 -85.64 -20.32 34.61
CA GLY TA 238 -84.86 -20.03 35.79
C GLY TA 238 -83.61 -19.22 35.55
N THR TA 239 -83.07 -19.23 34.32
CA THR TA 239 -81.89 -18.46 33.99
C THR TA 239 -82.25 -17.00 33.76
N LYS TA 240 -81.37 -16.26 33.10
CA LYS TA 240 -81.49 -14.84 32.79
C LYS TA 240 -81.20 -13.99 34.03
N LEU TA 241 -80.97 -14.59 35.19
CA LEU TA 241 -80.59 -13.86 36.40
C LEU TA 241 -79.28 -14.48 36.88
N GLN TA 242 -78.18 -13.98 36.34
CA GLN TA 242 -76.85 -14.43 36.72
C GLN TA 242 -76.05 -13.27 37.30
N PRO TA 243 -75.17 -13.54 38.26
CA PRO TA 243 -74.39 -12.46 38.85
C PRO TA 243 -73.51 -11.77 37.81
N GLY TA 244 -73.27 -10.49 38.03
CA GLY TA 244 -72.53 -9.70 37.07
C GLY TA 244 -71.10 -9.43 37.50
N VAL TA 245 -70.84 -8.20 37.94
CA VAL TA 245 -69.47 -7.80 38.27
C VAL TA 245 -69.00 -8.49 39.54
N SER TA 246 -69.92 -8.76 40.47
CA SER TA 246 -69.53 -9.45 41.70
C SER TA 246 -68.91 -10.81 41.43
N SER TA 247 -69.11 -11.36 40.23
CA SER TA 247 -68.50 -12.64 39.90
C SER TA 247 -66.98 -12.58 39.95
N TYR TA 248 -66.40 -11.41 39.68
CA TYR TA 248 -64.95 -11.25 39.67
C TYR TA 248 -64.45 -10.12 40.56
N THR TA 249 -65.31 -9.23 41.02
CA THR TA 249 -64.90 -8.14 41.90
C THR TA 249 -64.91 -8.54 43.36
N HIS TA 250 -65.87 -9.37 43.76
CA HIS TA 250 -66.03 -9.80 45.15
C HIS TA 250 -66.26 -8.62 46.08
N HIS TA 251 -66.73 -7.50 45.53
CA HIS TA 251 -67.01 -6.30 46.32
C HIS TA 251 -65.75 -5.79 47.01
N ILE TA 252 -64.63 -5.91 46.32
CA ILE TA 252 -63.36 -5.46 46.89
C ILE TA 252 -63.16 -3.97 46.68
N GLY TA 253 -63.64 -3.43 45.57
CA GLY TA 253 -63.58 -2.00 45.36
C GLY TA 253 -64.53 -1.25 46.26
N VAL TA 254 -65.61 -1.90 46.67
CA VAL TA 254 -66.56 -1.31 47.60
C VAL TA 254 -66.03 -1.40 49.03
N ASP TA 255 -65.60 -2.60 49.43
CA ASP TA 255 -65.07 -2.83 50.76
C ASP TA 255 -63.82 -3.71 50.60
N ASN TA 256 -62.65 -3.10 50.76
CA ASN TA 256 -61.40 -3.81 50.55
C ASN TA 256 -61.20 -4.97 51.52
N LEU TA 257 -62.01 -5.07 52.57
CA LEU TA 257 -61.84 -6.14 53.55
C LEU TA 257 -62.23 -7.51 53.02
N ASN TA 258 -62.81 -7.59 51.83
CA ASN TA 258 -63.13 -8.88 51.24
C ASN TA 258 -61.89 -9.64 50.77
N VAL TA 259 -60.73 -8.99 50.72
CA VAL TA 259 -59.51 -9.70 50.36
C VAL TA 259 -59.19 -10.77 51.41
N TYR TA 260 -59.45 -10.47 52.68
CA TYR TA 260 -59.27 -11.48 53.72
C TYR TA 260 -60.20 -12.66 53.49
N ARG TA 261 -61.48 -12.37 53.23
CA ARG TA 261 -62.44 -13.43 52.93
C ARG TA 261 -61.96 -14.30 51.79
N LYS TA 262 -61.46 -13.68 50.72
CA LYS TA 262 -60.96 -14.42 49.56
C LYS TA 262 -59.63 -15.09 49.83
N GLY TA 263 -58.94 -14.75 50.91
CA GLY TA 263 -57.69 -15.37 51.26
C GLY TA 263 -56.48 -14.77 50.59
N TRP TA 264 -56.62 -13.60 49.95
CA TRP TA 264 -55.48 -12.98 49.33
C TRP TA 264 -54.56 -12.38 50.38
N PRO TA 265 -53.27 -12.30 50.10
CA PRO TA 265 -52.34 -11.69 51.05
C PRO TA 265 -52.60 -10.19 51.19
N VAL TA 266 -51.98 -9.61 52.22
CA VAL TA 266 -52.07 -8.18 52.48
C VAL TA 266 -50.72 -7.56 52.77
N ALA TA 267 -49.64 -8.35 52.76
CA ALA TA 267 -48.31 -7.84 53.03
C ALA TA 267 -47.91 -6.78 52.01
N PRO UA 2 -37.40 16.68 -35.05
CA PRO UA 2 -37.25 16.52 -36.50
C PRO UA 2 -36.96 17.83 -37.22
N PHE UA 3 -36.07 18.62 -36.65
CA PHE UA 3 -35.84 19.98 -37.10
C PHE UA 3 -34.37 20.31 -37.31
N MET UA 4 -33.48 19.81 -36.45
CA MET UA 4 -32.05 20.15 -36.49
C MET UA 4 -31.29 18.83 -36.51
N TRP UA 5 -31.15 18.28 -37.72
CA TRP UA 5 -30.62 16.93 -37.86
C TRP UA 5 -29.12 16.90 -37.63
N ARG UA 6 -28.39 17.86 -38.22
CA ARG UA 6 -26.95 17.89 -38.04
C ARG UA 6 -26.54 18.26 -36.62
N GLN UA 7 -27.46 18.79 -35.83
CA GLN UA 7 -27.18 19.18 -34.46
C GLN UA 7 -27.71 18.19 -33.44
N ARG UA 8 -28.64 17.33 -33.83
CA ARG UA 8 -29.22 16.32 -32.95
C ARG UA 8 -28.73 14.95 -33.42
N ALA UA 9 -27.57 14.54 -32.91
CA ALA UA 9 -26.98 13.27 -33.31
C ALA UA 9 -27.56 12.09 -32.56
N TYR UA 10 -28.14 12.33 -31.38
CA TYR UA 10 -28.79 11.25 -30.64
C TYR UA 10 -29.99 10.69 -31.39
N CYS UA 11 -30.59 11.47 -32.29
CA CYS UA 11 -31.74 11.04 -33.06
C CYS UA 11 -31.35 10.63 -34.48
N ALA UA 12 -30.09 10.37 -34.72
CA ALA UA 12 -29.56 10.08 -36.03
C ALA UA 12 -29.32 8.58 -36.19
N PRO UA 13 -29.23 8.10 -37.43
CA PRO UA 13 -28.97 6.68 -37.64
C PRO UA 13 -27.54 6.31 -37.26
N VAL UA 14 -27.34 5.03 -36.98
CA VAL UA 14 -26.04 4.51 -36.61
C VAL UA 14 -25.14 4.52 -37.84
N PRO UA 15 -23.82 4.58 -37.67
CA PRO UA 15 -22.93 4.62 -38.84
C PRO UA 15 -23.02 3.39 -39.72
N SER UA 16 -23.50 2.26 -39.21
CA SER UA 16 -23.66 1.09 -40.06
C SER UA 16 -24.77 1.26 -41.08
N ALA UA 17 -25.64 2.27 -40.91
CA ALA UA 17 -26.72 2.51 -41.84
C ALA UA 17 -26.26 3.25 -43.09
N PHE UA 18 -25.24 4.09 -42.96
CA PHE UA 18 -24.69 4.81 -44.11
C PHE UA 18 -23.85 3.94 -45.02
N ALA UA 19 -23.69 2.65 -44.70
CA ALA UA 19 -22.73 1.81 -45.39
C ALA UA 19 -23.27 1.18 -46.67
N SER UA 20 -24.58 1.13 -46.85
CA SER UA 20 -25.21 0.57 -48.05
C SER UA 20 -24.94 -0.92 -48.21
N GLN UA 21 -24.49 -1.59 -47.16
CA GLN UA 21 -24.29 -3.02 -47.18
C GLN UA 21 -24.62 -3.58 -45.79
N GLN UA 22 -25.00 -4.87 -45.78
CA GLN UA 22 -25.39 -5.52 -44.54
C GLN UA 22 -24.21 -6.27 -43.93
N GLY UA 31 -33.41 -17.22 -41.79
CA GLY UA 31 -34.74 -16.82 -42.21
C GLY UA 31 -34.89 -15.31 -42.31
N VAL UA 32 -35.22 -14.67 -41.20
CA VAL UA 32 -35.42 -13.23 -41.15
C VAL UA 32 -34.07 -12.56 -40.89
N ARG UA 33 -33.87 -11.40 -41.49
CA ARG UA 33 -32.65 -10.64 -41.33
C ARG UA 33 -32.83 -9.53 -40.30
N LYS UA 34 -31.71 -9.02 -39.82
CA LYS UA 34 -31.72 -7.90 -38.90
C LYS UA 34 -32.04 -6.60 -39.65
N PRO UA 35 -32.67 -5.64 -38.97
CA PRO UA 35 -33.06 -4.40 -39.66
C PRO UA 35 -31.86 -3.63 -40.18
N LEU UA 36 -32.07 -2.96 -41.30
CA LEU UA 36 -31.00 -2.19 -41.94
C LEU UA 36 -30.86 -0.81 -41.34
N LEU UA 37 -31.94 -0.26 -40.80
CA LEU UA 37 -31.96 1.10 -40.28
C LEU UA 37 -32.19 1.07 -38.77
N ARG UA 38 -31.25 1.65 -38.02
CA ARG UA 38 -31.38 1.77 -36.59
C ARG UA 38 -30.89 3.16 -36.18
N SER UA 39 -31.42 3.64 -35.06
CA SER UA 39 -31.10 4.97 -34.55
C SER UA 39 -30.26 4.87 -33.29
N ASN UA 40 -29.61 5.98 -32.95
CA ASN UA 40 -28.88 6.09 -31.71
C ASN UA 40 -29.78 6.33 -30.51
N SER UA 41 -31.03 6.73 -30.74
CA SER UA 41 -31.98 6.95 -29.65
C SER UA 41 -32.34 5.64 -28.94
N GLU UA 42 -32.06 4.50 -29.56
CA GLU UA 42 -32.28 3.22 -28.91
C GLU UA 42 -31.39 3.05 -27.69
N SER UA 43 -30.24 3.72 -27.67
CA SER UA 43 -29.38 3.68 -26.50
C SER UA 43 -30.07 4.17 -25.25
N LEU UA 44 -31.17 4.92 -25.40
CA LEU UA 44 -31.93 5.40 -24.26
C LEU UA 44 -32.94 4.39 -23.75
N SER UA 45 -32.98 3.20 -24.32
CA SER UA 45 -33.83 2.11 -23.86
C SER UA 45 -32.97 0.95 -23.40
N VAL UA 46 -33.40 0.30 -22.32
CA VAL UA 46 -32.63 -0.81 -21.76
C VAL UA 46 -32.82 -2.08 -22.58
N PHE UA 47 -34.08 -2.45 -22.83
CA PHE UA 47 -34.40 -3.71 -23.50
C PHE UA 47 -34.62 -3.53 -24.99
N SER UA 48 -33.93 -2.56 -25.60
CA SER UA 48 -34.04 -2.38 -27.04
C SER UA 48 -33.37 -3.53 -27.78
N GLN UA 49 -32.11 -3.79 -27.46
CA GLN UA 49 -31.36 -4.85 -28.12
C GLN UA 49 -31.31 -6.14 -27.32
N ILE UA 50 -31.07 -6.05 -26.02
CA ILE UA 50 -31.03 -7.22 -25.14
C ILE UA 50 -32.46 -7.73 -24.96
N PRO UA 51 -32.66 -9.01 -24.70
CA PRO UA 51 -34.01 -9.52 -24.50
C PRO UA 51 -34.52 -9.26 -23.09
N ASP UA 52 -35.83 -9.39 -22.95
CA ASP UA 52 -36.50 -9.23 -21.66
C ASP UA 52 -36.63 -10.53 -20.89
N GLY UA 53 -35.73 -11.47 -21.12
CA GLY UA 53 -35.83 -12.76 -20.46
C GLY UA 53 -35.55 -12.65 -18.97
N LEU UA 54 -36.34 -13.36 -18.18
CA LEU UA 54 -36.20 -13.36 -16.74
C LEU UA 54 -36.35 -11.94 -16.19
N LEU UA 55 -37.29 -11.18 -16.77
CA LEU UA 55 -37.45 -9.79 -16.38
C LEU UA 55 -38.15 -9.67 -15.03
N GLY UA 56 -39.30 -10.32 -14.89
CA GLY UA 56 -40.04 -10.25 -13.65
C GLY UA 56 -39.83 -11.44 -12.73
N HIS UA 57 -38.73 -12.16 -12.92
CA HIS UA 57 -38.41 -13.32 -12.10
C HIS UA 57 -37.09 -13.21 -11.37
N THR UA 58 -36.42 -12.06 -11.47
CA THR UA 58 -35.13 -11.87 -10.83
C THR UA 58 -35.24 -11.39 -9.39
N THR UA 59 -36.36 -10.77 -9.03
CA THR UA 59 -36.63 -10.39 -7.65
C THR UA 59 -37.26 -11.50 -6.84
N SER UA 60 -37.43 -12.68 -7.43
CA SER UA 60 -38.04 -13.81 -6.75
C SER UA 60 -37.03 -14.81 -6.22
N VAL UA 61 -35.75 -14.67 -6.58
CA VAL UA 61 -34.70 -15.54 -6.05
C VAL UA 61 -34.38 -15.04 -4.65
N THR UA 62 -34.89 -15.74 -3.64
CA THR UA 62 -34.78 -15.32 -2.26
C THR UA 62 -33.79 -16.19 -1.50
N MET UA 63 -33.11 -15.58 -0.55
CA MET UA 63 -32.22 -16.28 0.36
C MET UA 63 -32.56 -15.88 1.79
N GLY UA 64 -32.59 -16.85 2.67
CA GLY UA 64 -32.97 -16.60 4.04
C GLY UA 64 -31.87 -15.90 4.84
N ASN UA 65 -32.30 -15.28 5.93
CA ASN UA 65 -31.37 -14.65 6.85
C ASN UA 65 -30.53 -15.73 7.54
N SER UA 66 -29.62 -15.30 8.42
CA SER UA 66 -28.67 -16.21 9.03
C SER UA 66 -28.43 -15.96 10.51
N ASP UA 67 -29.28 -15.19 11.17
CA ASP UA 67 -29.06 -14.85 12.57
C ASP UA 67 -29.57 -15.96 13.48
N ILE UA 68 -28.79 -16.26 14.52
CA ILE UA 68 -29.15 -17.25 15.52
C ILE UA 68 -29.36 -16.53 16.84
N PHE UA 69 -30.53 -16.71 17.44
CA PHE UA 69 -30.90 -16.02 18.67
C PHE UA 69 -30.68 -16.98 19.84
N PHE UA 70 -29.41 -17.15 20.20
CA PHE UA 70 -29.03 -17.99 21.33
C PHE UA 70 -27.90 -17.35 22.10
N LEU UA 71 -28.05 -17.28 23.41
CA LEU UA 71 -27.02 -16.72 24.28
C LEU UA 71 -27.19 -17.32 25.67
N PRO UA 72 -26.22 -18.08 26.16
CA PRO UA 72 -26.35 -18.66 27.49
C PRO UA 72 -26.60 -17.59 28.54
N LYS UA 73 -27.45 -17.92 29.52
CA LYS UA 73 -27.92 -16.98 30.54
C LYS UA 73 -27.47 -17.48 31.91
N PRO UA 74 -26.20 -17.30 32.26
CA PRO UA 74 -25.71 -17.71 33.58
C PRO UA 74 -26.11 -16.71 34.65
N SER UA 75 -27.10 -17.07 35.45
CA SER UA 75 -27.55 -16.24 36.55
C SER UA 75 -26.85 -16.56 37.86
N ASN UA 76 -26.25 -17.75 37.97
CA ASN UA 76 -25.48 -18.08 39.16
C ASN UA 76 -24.31 -17.12 39.38
N LEU UA 77 -23.89 -16.42 38.32
CA LEU UA 77 -22.82 -15.45 38.45
C LEU UA 77 -23.27 -14.15 39.09
N LEU UA 78 -24.56 -13.82 38.99
CA LEU UA 78 -25.09 -12.56 39.45
C LEU UA 78 -25.90 -12.75 40.73
N LYS UA 79 -25.85 -11.74 41.60
CA LYS UA 79 -26.62 -11.72 42.83
C LYS UA 79 -27.39 -10.43 43.04
N ILE UA 80 -27.30 -9.48 42.11
CA ILE UA 80 -28.00 -8.21 42.21
C ILE UA 80 -28.99 -8.09 41.07
N ALA UA 81 -30.04 -7.31 41.30
CA ALA UA 81 -30.99 -7.00 40.25
C ALA UA 81 -30.36 -6.02 39.27
N LEU UA 82 -31.03 -5.86 38.12
CA LEU UA 82 -30.59 -4.94 37.09
C LEU UA 82 -31.74 -4.06 36.67
N PRO UA 83 -31.46 -2.83 36.24
CA PRO UA 83 -32.55 -1.94 35.82
C PRO UA 83 -33.21 -2.45 34.54
N ALA UA 84 -34.47 -2.05 34.38
CA ALA UA 84 -35.27 -2.48 33.24
C ALA UA 84 -36.08 -1.30 32.72
N PHE UA 85 -36.26 -1.28 31.40
CA PHE UA 85 -36.99 -0.20 30.76
C PHE UA 85 -38.50 -0.40 30.86
N VAL UA 86 -39.21 0.71 30.75
CA VAL UA 86 -40.66 0.71 30.53
C VAL UA 86 -40.89 1.07 29.07
N PHE UA 87 -41.62 0.21 28.37
CA PHE UA 87 -41.81 0.35 26.93
C PHE UA 87 -43.11 1.04 26.56
N MET UA 88 -44.16 0.86 27.34
CA MET UA 88 -45.47 1.39 27.05
C MET UA 88 -46.10 1.90 28.33
N PRO UA 89 -46.99 2.88 28.25
CA PRO UA 89 -47.72 3.31 29.44
C PRO UA 89 -48.78 2.31 29.84
N ASN UA 90 -49.01 2.20 31.14
CA ASN UA 90 -49.99 1.26 31.67
C ASN UA 90 -51.38 1.84 31.45
N LEU UA 91 -52.08 1.31 30.46
CA LEU UA 91 -53.43 1.74 30.15
C LEU UA 91 -54.49 0.97 30.92
N THR UA 92 -54.08 -0.06 31.67
CA THR UA 92 -55.02 -0.85 32.47
C THR UA 92 -55.43 -0.13 33.74
N ILE UA 93 -54.77 0.97 34.10
CA ILE UA 93 -55.07 1.74 35.29
C ILE UA 93 -55.17 3.20 34.91
N PHE UA 94 -56.23 3.87 35.36
CA PHE UA 94 -56.47 5.27 35.04
C PHE UA 94 -56.68 5.43 33.54
N THR UA 95 -57.42 4.50 32.95
CA THR UA 95 -57.61 4.51 31.50
C THR UA 95 -58.35 5.76 31.04
N ARG UA 96 -59.33 6.20 31.82
CA ARG UA 96 -60.20 7.29 31.37
C ARG UA 96 -59.49 8.64 31.42
N ALA UA 97 -58.44 8.79 32.24
CA ALA UA 97 -57.75 10.05 32.41
C ALA UA 97 -56.44 10.12 31.64
N PHE UA 98 -56.06 9.06 30.94
CA PHE UA 98 -54.76 9.01 30.27
C PHE UA 98 -54.54 10.18 29.33
N PRO UA 99 -55.46 10.53 28.44
CA PRO UA 99 -55.23 11.70 27.58
C PRO UA 99 -55.07 12.99 28.36
N PHE UA 100 -55.50 13.03 29.62
CA PHE UA 100 -55.47 14.25 30.41
C PHE UA 100 -54.26 14.36 31.31
N TYR UA 101 -53.66 13.23 31.71
CA TYR UA 101 -52.48 13.26 32.55
C TYR UA 101 -51.23 12.74 31.86
N ALA UA 102 -51.30 12.39 30.57
CA ALA UA 102 -50.14 11.84 29.90
C ALA UA 102 -49.02 12.86 29.75
N HIS UA 103 -49.35 14.14 29.67
CA HIS UA 103 -48.35 15.18 29.43
C HIS UA 103 -47.61 15.62 30.67
N THR UA 104 -48.00 15.12 31.84
CA THR UA 104 -47.36 15.52 33.09
C THR UA 104 -46.21 14.56 33.42
N SER UA 105 -45.66 14.69 34.63
CA SER UA 105 -44.53 13.88 35.04
C SER UA 105 -44.46 13.78 36.56
N SER VA 122 -47.85 -46.85 85.50
CA SER VA 122 -48.32 -46.87 84.12
C SER VA 122 -48.31 -45.46 83.53
N ALA VA 123 -49.12 -44.57 84.11
CA ALA VA 123 -49.16 -43.20 83.62
C ALA VA 123 -47.82 -42.52 83.83
N CYS VA 124 -47.16 -42.80 84.95
CA CYS VA 124 -45.82 -42.26 85.17
C CYS VA 124 -44.85 -42.78 84.11
N ALA VA 125 -44.97 -44.07 83.77
CA ALA VA 125 -44.11 -44.63 82.73
C ALA VA 125 -44.36 -43.95 81.40
N LYS VA 126 -45.62 -43.68 81.07
CA LYS VA 126 -45.94 -43.03 79.80
C LYS VA 126 -45.41 -41.60 79.77
N SER VA 127 -45.54 -40.87 80.87
CA SER VA 127 -45.01 -39.52 80.93
C SER VA 127 -43.49 -39.52 80.81
N VAL VA 128 -42.82 -40.43 81.50
CA VAL VA 128 -41.38 -40.55 81.36
C VAL VA 128 -41.02 -40.89 79.91
N GLU VA 129 -41.83 -41.72 79.27
CA GLU VA 129 -41.56 -42.10 77.89
C GLU VA 129 -41.65 -40.90 76.95
N LYS VA 130 -42.68 -40.08 77.10
CA LYS VA 130 -42.82 -38.95 76.20
C LYS VA 130 -41.78 -37.87 76.50
N SER VA 131 -41.40 -37.71 77.77
CA SER VA 131 -40.32 -36.76 78.09
C SER VA 131 -38.99 -37.25 77.51
N GLU VA 132 -38.73 -38.55 77.60
CA GLU VA 132 -37.53 -39.10 76.99
C GLU VA 132 -37.56 -38.96 75.47
N GLU VA 133 -38.75 -39.07 74.87
CA GLU VA 133 -38.87 -38.81 73.43
C GLU VA 133 -38.50 -37.37 73.11
N LEU VA 134 -38.99 -36.43 73.91
CA LEU VA 134 -38.63 -35.02 73.71
C LEU VA 134 -37.12 -34.83 73.79
N LEU VA 135 -36.50 -35.34 74.86
CA LEU VA 135 -35.07 -35.14 75.03
C LEU VA 135 -34.26 -35.87 73.96
N SER VA 136 -34.74 -37.02 73.51
CA SER VA 136 -34.06 -37.73 72.43
C SER VA 136 -34.14 -36.95 71.13
N ASN VA 137 -35.28 -36.33 70.86
CA ASN VA 137 -35.39 -35.48 69.68
C ASN VA 137 -34.46 -34.28 69.78
N GLY VA 138 -34.34 -33.71 70.98
CA GLY VA 138 -33.39 -32.63 71.17
C GLY VA 138 -31.96 -33.05 70.92
N ALA VA 139 -31.59 -34.23 71.42
CA ALA VA 139 -30.24 -34.75 71.20
C ALA VA 139 -30.01 -35.04 69.73
N ARG VA 140 -31.03 -35.56 69.04
CA ARG VA 140 -30.92 -35.78 67.60
C ARG VA 140 -30.72 -34.48 66.87
N ALA VA 141 -31.42 -33.42 67.30
CA ALA VA 141 -31.24 -32.12 66.67
C ALA VA 141 -29.83 -31.59 66.88
N LEU VA 142 -29.30 -31.75 68.09
CA LEU VA 142 -27.92 -31.33 68.35
C LEU VA 142 -26.94 -32.12 67.49
N TRP VA 143 -27.15 -33.42 67.36
CA TRP VA 143 -26.27 -34.25 66.55
C TRP VA 143 -26.33 -33.81 65.08
N VAL VA 144 -27.54 -33.59 64.57
CA VAL VA 144 -27.69 -33.13 63.20
C VAL VA 144 -26.97 -31.80 62.99
N SER VA 145 -27.14 -30.87 63.93
CA SER VA 145 -26.50 -29.57 63.80
C SER VA 145 -24.99 -29.70 63.79
N CYS VA 146 -24.44 -30.49 64.72
CA CYS VA 146 -23.00 -30.64 64.82
C CYS VA 146 -22.41 -31.41 63.65
N SER VA 147 -23.21 -32.25 63.00
CA SER VA 147 -22.75 -32.99 61.83
C SER VA 147 -23.04 -32.29 60.51
N ASN VA 148 -23.82 -31.21 60.53
CA ASN VA 148 -24.09 -30.48 59.31
C ASN VA 148 -22.81 -29.81 58.81
N PRO VA 149 -22.70 -29.59 57.50
CA PRO VA 149 -21.58 -28.82 56.99
C PRO VA 149 -21.81 -27.34 57.21
N PRO VA 150 -20.77 -26.52 57.13
CA PRO VA 150 -20.98 -25.06 57.18
C PRO VA 150 -21.93 -24.60 56.09
N VAL VA 151 -22.92 -23.82 56.50
CA VAL VA 151 -24.00 -23.45 55.59
C VAL VA 151 -23.49 -22.56 54.48
N TRP VA 152 -22.39 -21.83 54.69
CA TRP VA 152 -21.81 -21.03 53.62
C TRP VA 152 -20.98 -21.86 52.67
N LYS VA 153 -20.53 -23.04 53.10
CA LYS VA 153 -19.94 -23.99 52.18
C LYS VA 153 -21.01 -24.72 51.38
N VAL VA 154 -22.19 -24.91 51.96
CA VAL VA 154 -23.24 -25.64 51.28
C VAL VA 154 -23.72 -24.86 50.05
N ASN VA 155 -24.16 -25.60 49.03
CA ASN VA 155 -24.69 -24.99 47.83
C ASN VA 155 -26.10 -24.48 48.07
N THR VA 156 -26.39 -23.30 47.53
CA THR VA 156 -27.66 -22.64 47.83
C THR VA 156 -28.85 -23.44 47.32
N ASN VA 157 -28.77 -23.91 46.08
CA ASN VA 157 -29.88 -24.67 45.51
C ASN VA 157 -30.08 -26.00 46.22
N GLU VA 158 -28.98 -26.63 46.68
CA GLU VA 158 -29.12 -27.85 47.45
C GLU VA 158 -29.82 -27.59 48.77
N TRP VA 159 -29.46 -26.51 49.46
CA TRP VA 159 -30.15 -26.15 50.68
C TRP VA 159 -31.64 -25.92 50.43
N LEU VA 160 -31.96 -25.20 49.36
CA LEU VA 160 -33.36 -24.92 49.09
C LEU VA 160 -34.13 -26.16 48.68
N ASP VA 161 -33.46 -27.12 48.04
CA ASP VA 161 -34.10 -28.38 47.72
C ASP VA 161 -34.37 -29.18 48.98
N SER VA 162 -33.43 -29.16 49.92
CA SER VA 162 -33.65 -29.84 51.19
C SER VA 162 -34.81 -29.21 51.96
N ASP VA 163 -34.87 -27.89 52.00
CA ASP VA 163 -35.90 -27.18 52.74
C ASP VA 163 -37.14 -27.00 51.88
N GLN VA 164 -38.30 -27.39 52.41
CA GLN VA 164 -39.55 -27.27 51.69
C GLN VA 164 -40.38 -26.08 52.12
N TYR VA 165 -40.12 -25.52 53.30
CA TYR VA 165 -40.90 -24.39 53.78
C TYR VA 165 -40.44 -23.08 53.13
N TRP VA 166 -39.14 -22.87 53.05
CA TRP VA 166 -38.62 -21.64 52.47
C TRP VA 166 -38.72 -21.62 50.96
N GLN VA 167 -38.94 -22.77 50.33
CA GLN VA 167 -39.35 -22.79 48.93
C GLN VA 167 -40.64 -22.02 48.74
N ALA VA 168 -41.64 -22.30 49.57
CA ALA VA 168 -42.92 -21.60 49.48
C ALA VA 168 -42.77 -20.12 49.74
N PHE VA 169 -41.81 -19.74 50.59
CA PHE VA 169 -41.58 -18.33 50.86
C PHE VA 169 -41.03 -17.61 49.64
N VAL VA 170 -40.18 -18.29 48.87
CA VAL VA 170 -39.60 -17.69 47.67
C VAL VA 170 -40.64 -17.64 46.55
N GLU VA 171 -41.39 -18.72 46.38
CA GLU VA 171 -42.42 -18.76 45.33
C GLU VA 171 -43.47 -17.67 45.56
N LYS VA 172 -43.80 -17.39 46.81
CA LYS VA 172 -44.83 -16.41 47.12
C LYS VA 172 -44.42 -15.01 46.68
N HIS VA 173 -43.18 -14.62 46.96
CA HIS VA 173 -42.74 -13.24 46.74
C HIS VA 173 -41.98 -13.04 45.45
N HIS VA 174 -41.57 -14.11 44.77
CA HIS VA 174 -40.76 -13.97 43.56
C HIS VA 174 -41.27 -14.76 42.38
N PHE VA 175 -42.22 -15.66 42.57
CA PHE VA 175 -42.92 -16.30 41.47
C PHE VA 175 -44.31 -15.74 41.26
N TYR VA 176 -45.05 -15.48 42.33
CA TYR VA 176 -46.35 -14.87 42.19
C TYR VA 176 -46.29 -13.35 42.04
N SER VA 177 -45.10 -12.76 42.18
CA SER VA 177 -44.89 -11.36 41.91
C SER VA 177 -43.58 -11.18 41.15
N GLN VA 178 -43.41 -10.00 40.58
CA GLN VA 178 -42.21 -9.67 39.82
C GLN VA 178 -41.54 -8.38 40.30
N TYR VA 179 -42.09 -7.73 41.32
CA TYR VA 179 -41.60 -6.43 41.77
C TYR VA 179 -41.24 -6.40 43.25
N GLN VA 180 -41.23 -7.55 43.91
CA GLN VA 180 -40.86 -7.57 45.31
C GLN VA 180 -39.35 -7.43 45.47
N PRO VA 181 -38.90 -6.75 46.53
CA PRO VA 181 -37.47 -6.54 46.70
C PRO VA 181 -36.73 -7.82 47.05
N GLY VA 182 -35.44 -7.82 46.72
CA GLY VA 182 -34.59 -8.97 46.99
C GLY VA 182 -34.01 -8.94 48.38
N VAL VA 183 -34.85 -8.66 49.37
CA VAL VA 183 -34.44 -8.66 50.76
C VAL VA 183 -34.78 -10.01 51.37
N VAL VA 184 -34.16 -10.31 52.50
CA VAL VA 184 -34.33 -11.62 53.12
C VAL VA 184 -35.75 -11.80 53.63
N ASP VA 185 -36.38 -10.74 54.12
CA ASP VA 185 -37.70 -10.82 54.73
C ASP VA 185 -38.58 -9.71 54.18
N PRO VA 186 -39.30 -9.97 53.07
CA PRO VA 186 -40.22 -8.96 52.54
C PRO VA 186 -41.48 -8.79 53.37
N GLU VA 187 -41.84 -9.75 54.20
CA GLU VA 187 -43.02 -9.66 55.04
C GLU VA 187 -42.73 -8.99 56.38
N ALA VA 188 -41.66 -8.22 56.48
CA ALA VA 188 -41.30 -7.59 57.72
C ALA VA 188 -42.10 -6.30 57.93
N PRO VA 189 -42.28 -5.88 59.19
CA PRO VA 189 -43.04 -4.65 59.43
C PRO VA 189 -42.45 -3.44 58.74
N GLN VA 190 -41.12 -3.36 58.66
CA GLN VA 190 -40.50 -2.24 57.95
C GLN VA 190 -40.95 -2.20 56.50
N GLU VA 191 -40.89 -3.34 55.82
CA GLU VA 191 -41.32 -3.41 54.43
C GLU VA 191 -42.80 -3.07 54.29
N VAL VA 192 -43.64 -3.60 55.20
CA VAL VA 192 -45.07 -3.36 55.12
C VAL VA 192 -45.36 -1.87 55.25
N GLU VA 193 -44.77 -1.22 56.26
CA GLU VA 193 -45.04 0.19 56.48
C GLU VA 193 -44.48 1.04 55.34
N ALA VA 194 -43.31 0.65 54.80
CA ALA VA 194 -42.78 1.37 53.67
C ALA VA 194 -43.71 1.28 52.47
N PHE VA 195 -44.26 0.10 52.22
CA PHE VA 195 -45.19 -0.07 51.11
C PHE VA 195 -46.44 0.78 51.32
N LYS VA 196 -46.95 0.81 52.55
CA LYS VA 196 -48.15 1.61 52.82
C LYS VA 196 -47.87 3.10 52.60
N GLN VA 197 -46.74 3.59 53.11
CA GLN VA 197 -46.42 5.00 52.94
C GLN VA 197 -46.21 5.35 51.48
N ALA VA 198 -45.54 4.48 50.72
CA ALA VA 198 -45.39 4.71 49.29
C ALA VA 198 -46.74 4.73 48.59
N TRP VA 199 -47.62 3.81 48.95
CA TRP VA 199 -48.97 3.78 48.40
C TRP VA 199 -49.66 5.12 48.60
N HIS VA 200 -49.68 5.59 49.84
CA HIS VA 200 -50.37 6.84 50.14
C HIS VA 200 -49.73 8.02 49.41
N SER VA 201 -48.39 8.07 49.39
CA SER VA 201 -47.72 9.18 48.73
C SER VA 201 -48.00 9.19 47.24
N ARG VA 202 -48.00 8.02 46.61
CA ARG VA 202 -48.31 7.93 45.18
C ARG VA 202 -49.73 8.41 44.91
N MET VA 203 -50.70 7.87 45.64
CA MET VA 203 -52.08 8.26 45.42
C MET VA 203 -52.27 9.75 45.63
N GLY VA 204 -51.61 10.31 46.65
CA GLY VA 204 -51.71 11.75 46.88
C GLY VA 204 -51.10 12.55 45.76
N LYS VA 205 -49.86 12.25 45.39
CA LYS VA 205 -49.22 12.97 44.31
C LYS VA 205 -50.03 12.89 43.03
N PHE VA 206 -50.80 11.82 42.83
CA PHE VA 206 -51.57 11.69 41.61
C PHE VA 206 -52.88 12.46 41.68
N ASN VA 207 -53.62 12.33 42.77
CA ASN VA 207 -54.98 12.86 42.82
C ASN VA 207 -55.08 14.26 43.40
N ASP VA 208 -54.19 14.63 44.32
CA ASP VA 208 -54.37 15.86 45.08
C ASP VA 208 -54.14 17.09 44.22
N ARG VA 209 -54.85 18.17 44.58
CA ARG VA 209 -54.67 19.48 43.96
C ARG VA 209 -53.44 20.14 44.56
N SER VA 210 -52.39 20.30 43.75
CA SER VA 210 -51.12 20.81 44.23
C SER VA 210 -50.55 21.76 43.17
N ASP VA 211 -49.32 22.22 43.42
CA ASP VA 211 -48.62 23.05 42.46
C ASP VA 211 -47.99 22.24 41.35
N THR VA 212 -47.83 20.93 41.54
CA THR VA 212 -47.32 20.01 40.51
C THR VA 212 -48.39 18.96 40.26
N PRO VA 213 -49.50 19.34 39.62
CA PRO VA 213 -50.64 18.42 39.49
C PRO VA 213 -50.45 17.44 38.36
N MET VA 214 -50.86 16.19 38.61
CA MET VA 214 -50.90 15.16 37.58
C MET VA 214 -52.30 15.02 36.98
N LEU VA 215 -53.29 14.75 37.83
CA LEU VA 215 -54.66 14.49 37.39
C LEU VA 215 -55.55 15.71 37.45
N TYR VA 216 -55.28 16.65 38.35
CA TYR VA 216 -56.07 17.87 38.45
C TYR VA 216 -55.75 18.75 37.24
N ALA VA 217 -56.63 18.70 36.23
CA ALA VA 217 -56.40 19.41 34.99
C ALA VA 217 -57.70 19.40 34.19
N TYR VA 218 -57.93 20.49 33.46
CA TYR VA 218 -59.15 20.66 32.67
C TYR VA 218 -60.39 20.61 33.58
N MET VA 219 -60.36 21.42 34.64
CA MET VA 219 -61.40 21.41 35.65
C MET VA 219 -62.35 22.57 35.43
N ASN VA 220 -63.61 22.26 35.12
CA ASN VA 220 -64.65 23.26 35.01
C ASN VA 220 -65.83 22.88 35.91
N GLU VA 221 -66.10 21.58 36.03
CA GLU VA 221 -67.11 21.06 36.94
C GLU VA 221 -66.41 20.19 37.97
N LEU VA 222 -66.38 20.64 39.20
CA LEU VA 222 -65.62 19.99 40.23
C LEU VA 222 -66.46 18.90 40.92
N PRO VA 223 -65.82 17.87 41.44
CA PRO VA 223 -66.54 16.87 42.24
C PRO VA 223 -66.86 17.41 43.63
N SER VA 224 -67.55 16.59 44.41
CA SER VA 224 -68.06 17.03 45.71
C SER VA 224 -66.92 17.44 46.63
N TRP VA 225 -65.91 16.59 46.76
CA TRP VA 225 -64.85 16.83 47.74
C TRP VA 225 -64.11 18.12 47.44
N GLU VA 226 -63.60 18.26 46.20
CA GLU VA 226 -62.87 19.46 45.83
C GLU VA 226 -63.77 20.69 45.89
N TYR VA 227 -65.02 20.55 45.45
CA TYR VA 227 -65.95 21.68 45.49
C TYR VA 227 -66.10 22.20 46.90
N TYR VA 228 -66.39 21.31 47.85
CA TYR VA 228 -66.58 21.73 49.23
C TYR VA 228 -65.29 22.17 49.88
N ASP VA 229 -64.15 21.66 49.44
CA ASP VA 229 -62.88 22.11 49.99
C ASP VA 229 -62.53 23.51 49.52
N LEU VA 230 -62.93 23.86 48.30
CA LEU VA 230 -62.63 25.20 47.77
C LEU VA 230 -63.67 26.23 48.18
N HIS VA 231 -64.93 25.81 48.33
CA HIS VA 231 -66.03 26.70 48.66
C HIS VA 231 -66.58 26.27 50.02
N ARG VA 232 -66.01 26.81 51.10
CA ARG VA 232 -66.47 26.47 52.43
C ARG VA 232 -67.83 27.06 52.74
N SER VA 233 -68.23 28.10 52.01
CA SER VA 233 -69.55 28.70 52.22
C SER VA 233 -70.66 27.73 51.82
N ALA VA 234 -70.45 27.00 50.72
CA ALA VA 234 -71.49 26.10 50.25
C ALA VA 234 -71.59 24.86 51.11
N PHE VA 235 -70.46 24.37 51.63
CA PHE VA 235 -70.50 23.22 52.52
C PHE VA 235 -71.38 23.49 53.73
N LEU VA 236 -71.25 24.67 54.31
CA LEU VA 236 -72.06 25.02 55.47
C LEU VA 236 -73.54 25.08 55.11
N GLU VA 237 -73.87 25.77 54.03
CA GLU VA 237 -75.26 25.89 53.62
C GLU VA 237 -75.84 24.54 53.22
N HIS VA 238 -75.13 23.80 52.37
CA HIS VA 238 -75.61 22.49 51.95
C HIS VA 238 -75.72 21.52 53.11
N MET VA 239 -74.97 21.74 54.19
CA MET VA 239 -75.01 20.86 55.34
C MET VA 239 -76.15 21.20 56.28
N THR VA 240 -76.33 22.49 56.60
CA THR VA 240 -77.46 22.89 57.43
C THR VA 240 -78.77 22.51 56.78
N TYR VA 241 -78.87 22.66 55.46
CA TYR VA 241 -80.11 22.30 54.77
C TYR VA 241 -80.36 20.80 54.87
N PHE VA 242 -79.31 20.00 54.81
CA PHE VA 242 -79.46 18.56 54.91
C PHE VA 242 -79.92 18.14 56.29
N LEU VA 243 -79.36 18.73 57.34
CA LEU VA 243 -79.73 18.36 58.70
C LEU VA 243 -81.15 18.78 59.03
N VAL VA 244 -81.64 19.86 58.43
CA VAL VA 244 -82.97 20.36 58.72
C VAL VA 244 -84.02 19.72 57.80
N ARG VA 245 -83.75 19.72 56.50
CA ARG VA 245 -84.69 19.10 55.56
C ARG VA 245 -84.88 17.63 55.87
N THR VA 246 -83.83 16.96 56.32
CA THR VA 246 -83.88 15.56 56.69
C THR VA 246 -83.14 15.42 58.01
N GLY VA 247 -83.88 15.31 59.11
CA GLY VA 247 -83.25 15.16 60.41
C GLY VA 247 -82.34 13.95 60.40
N GLY VA 248 -81.04 14.20 60.38
CA GLY VA 248 -80.09 13.12 60.20
C GLY VA 248 -78.71 13.53 60.70
N ASP VA 249 -77.77 12.61 60.55
CA ASP VA 249 -76.41 12.81 60.99
C ASP VA 249 -75.53 13.21 59.82
N PHE VA 250 -74.46 13.94 60.13
CA PHE VA 250 -73.50 14.32 59.10
C PHE VA 250 -72.90 13.11 58.40
N ARG VA 251 -72.94 11.94 59.02
CA ARG VA 251 -72.35 10.74 58.44
C ARG VA 251 -73.12 10.26 57.22
N PHE VA 252 -74.33 10.76 56.99
CA PHE VA 252 -75.12 10.42 55.82
C PHE VA 252 -75.18 11.57 54.82
N PHE VA 253 -74.27 12.52 54.92
CA PHE VA 253 -74.24 13.67 54.03
C PHE VA 253 -74.11 13.19 52.59
N PRO VA 254 -75.03 13.56 51.70
CA PRO VA 254 -74.98 13.02 50.34
C PRO VA 254 -73.77 13.51 49.56
N GLU VA 255 -73.37 12.72 48.58
CA GLU VA 255 -72.22 13.06 47.76
C GLU VA 255 -72.51 14.29 46.90
N MET VA 256 -73.65 14.30 46.22
CA MET VA 256 -74.08 15.43 45.41
C MET VA 256 -75.53 15.75 45.78
N PRO VA 257 -75.85 17.00 46.11
CA PRO VA 257 -77.20 17.32 46.55
C PRO VA 257 -78.18 17.35 45.38
N PRO VA 258 -79.47 17.21 45.64
CA PRO VA 258 -80.45 17.33 44.56
C PRO VA 258 -80.69 18.77 44.12
N TRP VA 259 -81.06 18.89 42.85
CA TRP VA 259 -81.35 20.20 42.28
C TRP VA 259 -82.54 20.86 42.97
N GLN VA 260 -83.46 20.07 43.51
CA GLN VA 260 -84.56 20.65 44.28
C GLN VA 260 -84.02 21.39 45.49
N TRP VA 261 -83.13 20.74 46.24
CA TRP VA 261 -82.51 21.38 47.38
C TRP VA 261 -81.75 22.63 46.97
N LEU VA 262 -81.00 22.55 45.87
CA LEU VA 262 -80.22 23.70 45.42
C LEU VA 262 -81.13 24.87 45.08
N ALA VA 263 -82.23 24.61 44.37
CA ALA VA 263 -83.16 25.67 44.00
C ALA VA 263 -83.81 26.28 45.22
N HIS VA 264 -84.22 25.45 46.18
CA HIS VA 264 -84.80 26.00 47.40
C HIS VA 264 -83.81 26.87 48.15
N MET VA 265 -82.55 26.43 48.22
CA MET VA 265 -81.53 27.25 48.84
C MET VA 265 -81.38 28.59 48.14
N GLU VA 266 -81.41 28.59 46.81
CA GLU VA 266 -81.27 29.84 46.08
C GLU VA 266 -82.43 30.77 46.34
N ASN VA 267 -83.66 30.23 46.40
CA ASN VA 267 -84.82 31.05 46.70
C ASN VA 267 -84.70 31.66 48.09
N LEU VA 268 -84.32 30.86 49.08
CA LEU VA 268 -84.17 31.36 50.44
C LEU VA 268 -83.09 32.44 50.50
N ARG VA 269 -81.98 32.23 49.79
CA ARG VA 269 -80.95 33.25 49.73
C ARG VA 269 -81.48 34.54 49.14
N PHE VA 270 -82.23 34.44 48.04
CA PHE VA 270 -82.83 35.63 47.45
C PHE VA 270 -83.68 36.38 48.46
N LYS VA 271 -84.53 35.64 49.19
CA LYS VA 271 -85.38 36.27 50.19
C LYS VA 271 -84.56 37.01 51.25
N LEU VA 272 -83.65 36.28 51.88
CA LEU VA 272 -82.84 36.87 52.96
C LEU VA 272 -82.08 38.08 52.48
N LEU VA 273 -81.45 37.99 51.30
CA LEU VA 273 -80.64 39.09 50.83
C LEU VA 273 -81.49 40.27 50.37
N SER VA 274 -82.70 40.02 49.87
CA SER VA 274 -83.62 41.12 49.58
C SER VA 274 -83.93 41.90 50.85
N VAL VA 275 -84.31 41.17 51.91
CA VAL VA 275 -84.63 41.84 53.17
C VAL VA 275 -83.43 42.62 53.68
N ALA VA 276 -82.26 41.99 53.70
CA ALA VA 276 -81.07 42.63 54.23
C ALA VA 276 -80.68 43.85 53.40
N GLN VA 277 -80.84 43.76 52.08
CA GLN VA 277 -80.48 44.88 51.21
C GLN VA 277 -81.43 46.05 51.42
N SER VA 278 -82.72 45.78 51.60
CA SER VA 278 -83.66 46.86 51.89
C SER VA 278 -83.30 47.53 53.21
N ARG VA 279 -83.06 46.73 54.26
CA ARG VA 279 -82.71 47.32 55.55
C ARG VA 279 -81.43 48.13 55.45
N ARG VA 280 -80.43 47.62 54.73
CA ARG VA 280 -79.18 48.36 54.55
C ARG VA 280 -79.44 49.68 53.84
N SER VA 281 -80.14 49.63 52.71
CA SER VA 281 -80.48 50.84 51.98
C SER VA 281 -81.10 51.88 52.91
N GLN VA 282 -82.03 51.45 53.76
CA GLN VA 282 -82.76 52.41 54.57
C GLN VA 282 -82.03 52.87 55.83
N LEU VA 283 -81.02 52.12 56.29
CA LEU VA 283 -80.33 52.50 57.53
C LEU VA 283 -78.86 52.86 57.31
N GLN VA 284 -78.08 51.98 56.70
CA GLN VA 284 -76.63 52.15 56.68
C GLN VA 284 -76.22 53.41 55.92
N LEU VA 285 -76.97 53.78 54.89
CA LEU VA 285 -76.63 54.94 54.09
C LEU VA 285 -77.25 56.23 54.61
N ALA VA 286 -78.42 56.14 55.26
CA ALA VA 286 -78.91 57.30 56.00
C ALA VA 286 -78.01 57.63 57.17
N ASN VA 287 -77.29 56.64 57.70
CA ASN VA 287 -76.29 56.92 58.73
C ASN VA 287 -75.28 57.96 58.24
N LEU VA 288 -74.83 57.84 56.99
CA LEU VA 288 -73.93 58.82 56.39
C LEU VA 288 -74.57 59.45 55.16
N HIS VA 304 -64.25 39.44 55.83
CA HIS VA 304 -64.10 38.09 56.35
C HIS VA 304 -65.41 37.58 56.94
N GLY VA 305 -66.17 36.85 56.11
CA GLY VA 305 -67.44 36.32 56.56
C GLY VA 305 -67.34 35.03 57.34
N GLU VA 306 -66.27 34.26 57.13
CA GLU VA 306 -66.12 32.99 57.83
C GLU VA 306 -66.02 33.20 59.34
N GLU VA 307 -65.20 34.15 59.76
CA GLU VA 307 -65.04 34.42 61.18
C GLU VA 307 -66.36 34.90 61.79
N TYR VA 308 -67.06 35.79 61.09
CA TYR VA 308 -68.34 36.28 61.60
C TYR VA 308 -69.34 35.15 61.75
N THR VA 309 -69.44 34.28 60.75
CA THR VA 309 -70.35 33.15 60.84
C THR VA 309 -69.97 32.23 61.98
N GLN VA 310 -68.67 31.97 62.15
CA GLN VA 310 -68.22 31.11 63.24
C GLN VA 310 -68.62 31.69 64.59
N LYS VA 311 -68.36 32.99 64.79
CA LYS VA 311 -68.72 33.63 66.04
C LYS VA 311 -70.22 33.58 66.27
N PHE VA 312 -71.01 33.88 65.23
CA PHE VA 312 -72.46 33.85 65.37
C PHE VA 312 -72.94 32.48 65.82
N LEU VA 313 -72.46 31.43 65.15
CA LEU VA 313 -72.92 30.09 65.46
C LEU VA 313 -72.48 29.66 66.85
N GLN VA 314 -71.24 29.98 67.23
CA GLN VA 314 -70.76 29.65 68.57
C GLN VA 314 -71.61 30.33 69.63
N TYR VA 315 -71.84 31.64 69.48
CA TYR VA 315 -72.66 32.36 70.44
C TYR VA 315 -74.05 31.79 70.51
N GLU VA 316 -74.64 31.44 69.37
CA GLU VA 316 -76.01 30.93 69.38
C GLU VA 316 -76.10 29.58 70.07
N THR VA 317 -75.16 28.68 69.78
CA THR VA 317 -75.20 27.38 70.45
C THR VA 317 -74.94 27.52 71.95
N GLU VA 318 -74.05 28.42 72.34
CA GLU VA 318 -73.85 28.67 73.77
C GLU VA 318 -75.13 29.19 74.41
N LEU VA 319 -75.82 30.11 73.75
CA LEU VA 319 -77.05 30.66 74.27
C LEU VA 319 -78.10 29.57 74.46
N PHE VA 320 -78.28 28.72 73.45
CA PHE VA 320 -79.30 27.68 73.55
C PHE VA 320 -78.93 26.65 74.61
N GLN VA 321 -77.64 26.32 74.73
CA GLN VA 321 -77.21 25.41 75.78
C GLN VA 321 -77.49 26.00 77.16
N ALA VA 322 -77.24 27.30 77.32
CA ALA VA 322 -77.51 27.93 78.61
C ALA VA 322 -79.00 27.94 78.92
N CYS VA 323 -79.83 28.22 77.91
CA CYS VA 323 -81.28 28.17 78.13
C CYS VA 323 -81.72 26.77 78.53
N ALA VA 324 -81.20 25.75 77.84
CA ALA VA 324 -81.57 24.39 78.18
C ALA VA 324 -81.15 24.03 79.60
N ALA VA 325 -79.96 24.47 80.01
CA ALA VA 325 -79.52 24.20 81.37
C ALA VA 325 -80.40 24.92 82.38
N ARG VA 326 -80.73 26.18 82.12
CA ARG VA 326 -81.61 26.92 83.01
C ARG VA 326 -82.96 26.21 83.17
N LEU VA 327 -83.49 25.68 82.07
CA LEU VA 327 -84.78 25.01 82.15
C LEU VA 327 -84.67 23.66 82.85
N MET VA 328 -83.60 22.91 82.59
CA MET VA 328 -83.41 21.64 83.26
C MET VA 328 -83.20 21.84 84.76
N GLY VA 329 -82.72 23.01 85.16
CA GLY VA 329 -82.60 23.30 86.57
C GLY VA 329 -83.91 23.16 87.32
N HIS VA 330 -85.04 23.37 86.63
CA HIS VA 330 -86.35 23.27 87.23
C HIS VA 330 -87.25 22.27 86.50
N PHE VA 331 -86.68 21.45 85.61
CA PHE VA 331 -87.42 20.40 84.91
C PHE VA 331 -88.46 20.99 83.97
N MET VA 332 -88.04 22.01 83.21
CA MET VA 332 -88.91 22.67 82.24
C MET VA 332 -88.31 22.63 80.84
N PHE VA 333 -87.30 21.80 80.61
CA PHE VA 333 -86.60 21.81 79.33
C PHE VA 333 -87.44 21.14 78.24
N LEU VA 334 -87.70 19.85 78.41
CA LEU VA 334 -88.52 19.08 77.48
C LEU VA 334 -89.51 18.27 78.32
N CYS VA 335 -90.66 18.87 78.58
CA CYS VA 335 -91.70 18.26 79.41
C CYS VA 335 -93.00 18.33 78.62
N ASP VA 336 -93.23 17.33 77.78
CA ASP VA 336 -94.47 17.17 77.02
C ASP VA 336 -95.05 15.81 77.31
N PRO VA 337 -96.38 15.66 77.26
CA PRO VA 337 -97.41 16.64 76.91
C PRO VA 337 -97.58 17.75 77.94
N PHE VA 338 -96.85 17.68 79.05
CA PHE VA 338 -96.93 18.70 80.07
C PHE VA 338 -96.60 20.07 79.49
N ILE VA 339 -96.98 21.10 80.22
CA ILE VA 339 -96.64 22.48 79.86
C ILE VA 339 -96.25 23.21 81.14
N PRO VA 340 -95.04 23.79 81.21
CA PRO VA 340 -94.65 24.49 82.43
C PRO VA 340 -95.24 25.88 82.52
N VAL VA 341 -95.43 26.34 83.75
CA VAL VA 341 -96.03 27.64 84.00
C VAL VA 341 -95.38 28.24 85.24
N GLN VA 342 -95.13 29.55 85.19
CA GLN VA 342 -94.53 30.27 86.30
C GLN VA 342 -95.30 31.54 86.65
N SER VA 343 -96.52 31.70 86.15
CA SER VA 343 -97.32 32.89 86.41
C SER VA 343 -98.76 32.61 86.05
N ALA VA 344 -99.67 33.36 86.68
CA ALA VA 344 -101.09 33.17 86.40
C ALA VA 344 -101.44 33.58 84.98
N GLU VA 345 -100.76 34.58 84.44
CA GLU VA 345 -100.98 34.97 83.05
C GLU VA 345 -100.70 33.80 82.12
N ALA VA 346 -99.53 33.18 82.26
CA ALA VA 346 -99.19 32.02 81.44
C ALA VA 346 -100.13 30.86 81.72
N LEU VA 347 -100.57 30.70 82.97
CA LEU VA 347 -101.53 29.66 83.28
C LEU VA 347 -102.80 29.82 82.48
N SER VA 348 -103.37 31.03 82.48
CA SER VA 348 -104.58 31.28 81.72
C SER VA 348 -104.32 31.11 80.23
N ALA VA 349 -103.17 31.59 79.75
CA ALA VA 349 -102.87 31.49 78.33
C ALA VA 349 -102.83 30.04 77.87
N VAL VA 350 -102.16 29.18 78.64
CA VAL VA 350 -102.04 27.78 78.25
C VAL VA 350 -103.31 26.99 78.57
N THR VA 351 -104.14 27.47 79.48
CA THR VA 351 -105.43 26.81 79.71
C THR VA 351 -106.41 27.13 78.60
N ARG VA 352 -106.30 28.31 78.00
CA ARG VA 352 -107.12 28.63 76.84
C ARG VA 352 -106.89 27.66 75.69
N VAL VA 353 -105.79 26.91 75.73
CA VAL VA 353 -105.55 25.89 74.71
C VAL VA 353 -106.66 24.83 74.76
N ASP VA 354 -106.79 24.18 75.90
CA ASP VA 354 -107.79 23.13 76.07
C ASP VA 354 -109.14 23.67 76.51
N ASN VA 355 -109.27 24.99 76.65
CA ASN VA 355 -110.55 25.61 76.99
C ASN VA 355 -110.96 25.29 78.42
N GLY VA 356 -110.00 25.34 79.34
CA GLY VA 356 -110.25 25.11 80.74
C GLY VA 356 -110.15 23.67 81.18
N LYS VA 357 -110.21 22.72 80.24
CA LYS VA 357 -110.10 21.31 80.59
C LYS VA 357 -108.68 20.99 81.03
N GLY VA 358 -108.45 19.73 81.38
CA GLY VA 358 -107.13 19.28 81.76
C GLY VA 358 -106.89 19.35 83.25
N LYS VA 359 -105.66 19.01 83.62
CA LYS VA 359 -105.24 18.94 85.01
C LYS VA 359 -104.01 19.80 85.23
N LEU VA 360 -103.65 19.99 86.50
CA LEU VA 360 -102.46 20.73 86.87
C LEU VA 360 -101.72 19.96 87.96
N PHE VA 361 -100.41 19.82 87.78
CA PHE VA 361 -99.55 19.08 88.69
C PHE VA 361 -98.48 20.00 89.27
N SER VA 362 -97.96 19.60 90.43
CA SER VA 362 -97.02 20.42 91.18
C SER VA 362 -95.97 19.53 91.80
N LEU VA 363 -94.88 20.17 92.23
CA LEU VA 363 -93.82 19.52 92.99
C LEU VA 363 -93.38 20.45 94.10
N GLY VA 364 -92.87 19.88 95.18
CA GLY VA 364 -92.75 20.63 96.43
C GLY VA 364 -91.50 21.47 96.60
N ASP VA 365 -91.68 22.78 96.42
CA ASP VA 365 -90.74 23.81 96.86
C ASP VA 365 -89.33 23.69 96.30
N ASP VA 366 -89.03 22.63 95.55
CA ASP VA 366 -87.77 22.54 94.83
C ASP VA 366 -87.93 22.74 93.34
N VAL VA 367 -89.08 22.39 92.79
CA VAL VA 367 -89.46 22.74 91.43
C VAL VA 367 -90.19 24.08 91.48
N ASN VA 368 -89.68 25.08 90.75
CA ASN VA 368 -90.16 26.44 90.84
C ASN VA 368 -91.15 26.76 89.73
N ALA VA 369 -91.95 25.78 89.33
CA ALA VA 369 -92.98 25.99 88.31
C ALA VA 369 -94.01 24.88 88.46
N LEU VA 370 -95.18 25.12 87.88
CA LEU VA 370 -96.29 24.18 87.94
C LEU VA 370 -96.63 23.71 86.53
N PHE VA 371 -96.92 22.42 86.38
CA PHE VA 371 -97.12 21.85 85.07
C PHE VA 371 -98.61 21.67 84.80
N TYR VA 372 -98.96 21.70 83.52
CA TYR VA 372 -100.35 21.60 83.09
C TYR VA 372 -100.46 20.47 82.06
N LEU VA 373 -101.43 19.59 82.27
CA LEU VA 373 -101.68 18.48 81.35
C LEU VA 373 -102.97 18.73 80.60
N PRO VA 374 -102.92 19.05 79.30
CA PRO VA 374 -104.16 19.17 78.53
C PRO VA 374 -104.81 17.82 78.28
N GLU VA 375 -105.88 17.80 77.51
CA GLU VA 375 -106.58 16.55 77.23
C GLU VA 375 -105.86 15.76 76.15
N GLN VA 376 -105.99 14.43 76.23
CA GLN VA 376 -105.28 13.55 75.32
C GLN VA 376 -105.51 13.92 73.86
N GLN VA 377 -106.71 14.42 73.53
CA GLN VA 377 -106.98 14.80 72.16
C GLN VA 377 -106.25 16.07 71.75
N ARG VA 378 -105.83 16.88 72.71
CA ARG VA 378 -105.14 18.14 72.43
C ARG VA 378 -103.69 18.13 72.89
N ARG VA 379 -103.17 16.97 73.25
CA ARG VA 379 -101.75 16.82 73.59
C ARG VA 379 -100.85 16.76 72.36
N ASP VA 380 -101.30 17.27 71.22
CA ASP VA 380 -100.51 17.22 70.00
C ASP VA 380 -99.36 18.23 70.06
N VAL VA 381 -98.57 18.24 69.00
CA VAL VA 381 -97.54 19.25 68.79
C VAL VA 381 -97.95 20.12 67.62
N GLU VA 382 -97.55 21.38 67.66
CA GLU VA 382 -97.95 22.36 66.65
C GLU VA 382 -96.86 22.52 65.60
N ARG VA 383 -97.26 23.02 64.44
CA ARG VA 383 -96.34 23.19 63.34
C ARG VA 383 -95.32 24.28 63.66
N PRO VA 384 -94.15 24.22 63.03
CA PRO VA 384 -93.11 25.22 63.34
C PRO VA 384 -93.46 26.62 62.89
N THR VA 385 -94.17 26.76 61.77
CA THR VA 385 -94.61 28.09 61.35
C THR VA 385 -95.56 28.69 62.37
N GLN VA 386 -96.52 27.90 62.85
CA GLN VA 386 -97.41 28.36 63.90
C GLN VA 386 -96.64 28.72 65.17
N ALA VA 387 -95.63 27.91 65.51
CA ALA VA 387 -94.83 28.19 66.71
C ALA VA 387 -94.13 29.53 66.57
N VAL VA 388 -93.49 29.77 65.43
CA VAL VA 388 -92.78 31.02 65.22
C VAL VA 388 -93.75 32.20 65.23
N GLN VA 389 -94.91 32.03 64.61
CA GLN VA 389 -95.90 33.11 64.62
C GLN VA 389 -96.34 33.44 66.03
N THR VA 390 -96.64 32.41 66.83
CA THR VA 390 -97.04 32.63 68.21
C THR VA 390 -95.95 33.35 68.98
N LEU VA 391 -94.71 32.90 68.85
CA LEU VA 391 -93.60 33.51 69.56
C LEU VA 391 -93.46 34.98 69.20
N LEU VA 392 -93.45 35.28 67.90
CA LEU VA 392 -93.27 36.66 67.46
C LEU VA 392 -94.44 37.53 67.89
N GLY VA 393 -95.67 36.98 67.82
CA GLY VA 393 -96.82 37.74 68.28
C GLY VA 393 -96.72 38.08 69.76
N HIS VA 394 -96.35 37.11 70.58
CA HIS VA 394 -96.20 37.36 72.00
C HIS VA 394 -95.11 38.40 72.26
N LEU VA 395 -93.97 38.28 71.57
CA LEU VA 395 -92.89 39.23 71.78
C LEU VA 395 -93.30 40.64 71.38
N GLU VA 396 -93.98 40.79 70.25
CA GLU VA 396 -94.41 42.11 69.81
C GLU VA 396 -95.52 42.67 70.67
N ALA VA 397 -96.35 41.82 71.27
CA ALA VA 397 -97.35 42.29 72.21
C ALA VA 397 -96.71 42.76 73.50
N THR VA 398 -95.65 42.08 73.95
CA THR VA 398 -94.92 42.51 75.12
C THR VA 398 -94.05 43.73 74.85
N GLY VA 399 -93.70 43.97 73.58
CA GLY VA 399 -92.91 45.11 73.21
C GLY VA 399 -91.42 44.81 73.16
N ARG VA 400 -91.08 43.66 72.59
CA ARG VA 400 -89.68 43.22 72.49
C ARG VA 400 -89.50 42.43 71.21
N PRO VA 401 -89.65 43.08 70.06
CA PRO VA 401 -89.55 42.37 68.78
C PRO VA 401 -88.11 42.07 68.39
N PHE VA 402 -87.91 40.91 67.78
CA PHE VA 402 -86.61 40.55 67.26
C PHE VA 402 -86.23 41.46 66.10
N ASN VA 403 -85.02 41.28 65.60
CA ASN VA 403 -84.58 42.01 64.42
C ASN VA 403 -85.14 41.34 63.16
N PRO VA 404 -85.28 42.11 62.07
CA PRO VA 404 -85.86 41.52 60.86
C PRO VA 404 -85.05 40.37 60.30
N CYS VA 405 -83.72 40.49 60.31
CA CYS VA 405 -82.88 39.42 59.79
C CYS VA 405 -83.09 38.13 60.58
N TYR VA 406 -83.10 38.24 61.91
CA TYR VA 406 -83.32 37.05 62.74
C TYR VA 406 -84.72 36.50 62.52
N SER VA 407 -85.71 37.37 62.31
CA SER VA 407 -87.05 36.88 62.04
C SER VA 407 -87.09 36.08 60.74
N GLU VA 408 -86.44 36.59 59.70
CA GLU VA 408 -86.39 35.84 58.43
C GLU VA 408 -85.65 34.53 58.62
N LEU VA 409 -84.61 34.53 59.45
CA LEU VA 409 -83.89 33.29 59.73
C LEU VA 409 -84.82 32.26 60.37
N LEU VA 410 -85.58 32.68 61.37
CA LEU VA 410 -86.54 31.78 62.00
C LEU VA 410 -87.56 31.28 60.99
N HIS VA 411 -88.02 32.16 60.10
CA HIS VA 411 -89.05 31.76 59.14
C HIS VA 411 -88.51 30.74 58.16
N VAL VA 412 -87.28 30.93 57.67
CA VAL VA 412 -86.71 29.96 56.75
C VAL VA 412 -86.45 28.64 57.44
N HIS VA 413 -86.01 28.68 58.70
CA HIS VA 413 -85.85 27.45 59.47
C HIS VA 413 -87.17 26.70 59.56
N ALA VA 414 -88.24 27.42 59.90
CA ALA VA 414 -89.56 26.80 60.01
C ALA VA 414 -90.02 26.24 58.67
N GLU VA 415 -89.67 26.91 57.57
CA GLU VA 415 -90.07 26.43 56.26
C GLU VA 415 -89.36 25.12 55.91
N VAL VA 416 -88.04 25.09 56.10
CA VAL VA 416 -87.30 23.86 55.81
C VAL VA 416 -87.72 22.74 56.75
N LEU VA 417 -88.23 23.09 57.94
CA LEU VA 417 -88.78 22.06 58.82
C LEU VA 417 -90.12 21.55 58.30
N GLU VA 418 -91.00 22.46 57.87
CA GLU VA 418 -92.25 22.06 57.24
C GLU VA 418 -92.01 21.12 56.07
N GLU VA 419 -90.89 21.32 55.35
CA GLU VA 419 -90.58 20.45 54.23
C GLU VA 419 -90.50 18.99 54.63
N ARG VA 420 -90.38 18.68 55.93
CA ARG VA 420 -90.32 17.29 56.35
C ARG VA 420 -91.67 16.60 56.15
N GLY VA 421 -92.77 17.32 56.35
CA GLY VA 421 -94.10 16.78 56.11
C GLY VA 421 -94.92 16.68 57.39
N GLU VA 422 -95.78 15.67 57.43
CA GLU VA 422 -96.67 15.49 58.56
C GLU VA 422 -95.89 15.26 59.85
N HIS VA 423 -95.12 14.18 59.91
CA HIS VA 423 -94.32 13.86 61.09
C HIS VA 423 -92.97 14.53 60.94
N TRP VA 424 -92.86 15.74 61.49
CA TRP VA 424 -91.64 16.52 61.36
C TRP VA 424 -90.72 16.41 62.56
N LEU VA 425 -91.24 16.09 63.73
CA LEU VA 425 -90.42 15.96 64.93
C LEU VA 425 -90.63 14.65 65.66
N THR VA 426 -91.86 14.14 65.70
CA THR VA 426 -92.18 12.98 66.52
C THR VA 426 -92.98 11.97 65.72
N ALA VA 427 -92.90 10.71 66.16
CA ALA VA 427 -93.72 9.65 65.63
C ALA VA 427 -95.07 9.65 66.33
N PRO VA 428 -96.03 8.86 65.86
CA PRO VA 428 -97.36 8.87 66.48
C PRO VA 428 -97.34 8.62 67.97
N GLY VA 429 -96.77 7.49 68.39
CA GLY VA 429 -96.77 7.12 69.79
C GLY VA 429 -95.48 7.50 70.50
N GLU VA 430 -94.96 8.68 70.19
CA GLU VA 430 -93.67 9.13 70.70
C GLU VA 430 -93.82 10.52 71.31
N CYS VA 431 -92.96 10.81 72.28
CA CYS VA 431 -92.93 12.10 72.94
C CYS VA 431 -91.68 12.88 72.53
N VAL VA 432 -91.66 14.15 72.92
CA VAL VA 432 -90.58 15.04 72.49
C VAL VA 432 -89.27 14.64 73.15
N SER VA 433 -89.30 14.21 74.40
CA SER VA 433 -88.08 13.77 75.07
C SER VA 433 -87.52 12.52 74.41
N GLN VA 434 -88.39 11.58 74.06
CA GLN VA 434 -87.95 10.39 73.35
C GLN VA 434 -87.36 10.75 71.99
N ALA VA 435 -87.99 11.70 71.30
CA ALA VA 435 -87.46 12.12 70.00
C ALA VA 435 -86.08 12.77 70.15
N PHE VA 436 -85.90 13.58 71.20
CA PHE VA 436 -84.61 14.21 71.44
C PHE VA 436 -83.54 13.16 71.72
N LEU VA 437 -83.85 12.21 72.59
CA LEU VA 437 -82.89 11.16 72.89
C LEU VA 437 -82.62 10.29 71.67
N ARG VA 438 -83.59 10.17 70.77
CA ARG VA 438 -83.41 9.39 69.55
C ARG VA 438 -82.46 10.09 68.59
N ARG VA 439 -82.75 11.36 68.28
CA ARG VA 439 -81.94 12.12 67.36
C ARG VA 439 -80.62 12.60 67.96
N LEU VA 440 -80.42 12.41 69.25
CA LEU VA 440 -79.21 12.94 69.89
C LEU VA 440 -77.98 12.17 69.41
N ARG VA 441 -76.96 12.91 69.01
CA ARG VA 441 -75.71 12.31 68.56
C ARG VA 441 -75.08 11.53 69.72
N THR VA 442 -74.84 10.25 69.50
CA THR VA 442 -74.32 9.40 70.57
C THR VA 442 -72.91 9.81 70.98
N ASP VA 443 -72.08 10.21 70.03
CA ASP VA 443 -70.74 10.67 70.33
C ASP VA 443 -70.71 12.08 70.89
N ASP VA 444 -71.86 12.63 71.27
CA ASP VA 444 -71.88 13.97 71.85
C ASP VA 444 -71.49 13.90 73.32
N PRO VA 445 -70.66 14.85 73.79
CA PRO VA 445 -70.24 14.79 75.20
C PRO VA 445 -71.38 14.93 76.18
N ALA VA 446 -72.42 15.68 75.82
CA ALA VA 446 -73.55 15.92 76.70
C ALA VA 446 -74.55 14.77 76.74
N TYR VA 447 -74.22 13.64 76.12
CA TYR VA 447 -75.15 12.52 76.05
C TYR VA 447 -75.53 12.05 77.46
N GLU VA 448 -74.52 11.83 78.30
CA GLU VA 448 -74.79 11.37 79.66
C GLU VA 448 -75.51 12.43 80.48
N VAL VA 449 -75.21 13.70 80.25
CA VAL VA 449 -75.90 14.78 80.95
C VAL VA 449 -77.39 14.73 80.63
N TYR VA 450 -77.73 14.67 79.35
CA TYR VA 450 -79.14 14.63 78.97
C TYR VA 450 -79.81 13.35 79.48
N CYS VA 451 -79.10 12.23 79.43
CA CYS VA 451 -79.67 10.97 79.93
C CYS VA 451 -79.99 11.09 81.43
N SER VA 452 -79.06 11.64 82.20
CA SER VA 452 -79.30 11.84 83.62
C SER VA 452 -80.49 12.75 83.86
N TYR VA 453 -80.55 13.87 83.13
CA TYR VA 453 -81.67 14.79 83.30
C TYR VA 453 -82.99 14.10 83.03
N PHE VA 454 -83.07 13.36 81.93
CA PHE VA 454 -84.35 12.74 81.58
C PHE VA 454 -84.70 11.62 82.55
N LYS VA 455 -83.71 10.89 83.06
CA LYS VA 455 -83.98 9.89 84.08
C LYS VA 455 -84.59 10.52 85.32
N GLU VA 456 -83.96 11.60 85.81
CA GLU VA 456 -84.47 12.29 86.99
C GLU VA 456 -85.86 12.85 86.73
N MET VA 457 -86.07 13.43 85.54
CA MET VA 457 -87.37 14.02 85.23
C MET VA 457 -88.45 12.96 85.18
N TYR VA 458 -88.15 11.80 84.60
CA TYR VA 458 -89.11 10.71 84.56
C TYR VA 458 -89.46 10.24 85.96
N GLU VA 459 -88.44 9.97 86.77
CA GLU VA 459 -88.71 9.44 88.11
C GLU VA 459 -89.37 10.48 89.01
N ARG VA 460 -89.30 11.76 88.65
CA ARG VA 460 -90.03 12.78 89.41
C ARG VA 460 -91.47 12.89 88.94
N PHE VA 461 -91.68 13.04 87.63
CA PHE VA 461 -93.02 13.15 87.10
C PHE VA 461 -93.84 11.90 87.36
N ALA VA 462 -93.19 10.76 87.58
CA ALA VA 462 -93.94 9.54 87.90
C ALA VA 462 -94.66 9.66 89.23
N GLY VA 463 -94.08 10.38 90.18
CA GLY VA 463 -94.69 10.56 91.49
C GLY VA 463 -95.24 11.94 91.75
N ALA VA 464 -95.13 12.84 90.77
CA ALA VA 464 -95.66 14.18 90.95
C ALA VA 464 -97.12 14.13 91.37
N LYS VA 465 -97.52 15.09 92.21
CA LYS VA 465 -98.86 15.15 92.75
C LYS VA 465 -99.74 16.07 91.91
N GLU VA 466 -101.04 15.87 92.02
CA GLU VA 466 -102.03 16.67 91.32
C GLU VA 466 -102.49 17.82 92.20
N VAL VA 467 -102.79 18.95 91.56
CA VAL VA 467 -103.24 20.15 92.26
C VAL VA 467 -104.28 20.84 91.38
N SER VA 468 -105.30 21.42 92.01
CA SER VA 468 -106.38 22.05 91.28
C SER VA 468 -105.94 23.42 90.78
N MET VA 469 -106.88 24.19 90.21
CA MET VA 469 -106.53 25.44 89.56
C MET VA 469 -106.23 26.53 90.58
N GLU VA 470 -107.22 26.86 91.42
CA GLU VA 470 -107.07 27.97 92.36
C GLU VA 470 -105.91 27.73 93.33
N ASP VA 471 -105.58 26.48 93.61
CA ASP VA 471 -104.51 26.19 94.56
C ASP VA 471 -103.14 26.57 94.04
N GLY VA 472 -103.00 26.93 92.77
CA GLY VA 472 -101.72 27.25 92.20
C GLY VA 472 -101.46 28.73 92.06
N ARG VA 473 -102.51 29.50 91.73
CA ARG VA 473 -102.35 30.93 91.50
C ARG VA 473 -101.67 31.61 92.67
N LYS VA 474 -102.20 31.41 93.89
CA LYS VA 474 -101.54 31.92 95.08
C LYS VA 474 -100.11 31.42 95.16
N ARG VA 475 -99.87 30.18 94.71
CA ARG VA 475 -98.51 29.65 94.66
C ARG VA 475 -97.74 30.26 93.49
N LEU VA 476 -98.43 30.49 92.37
CA LEU VA 476 -97.77 31.08 91.21
C LEU VA 476 -97.26 32.48 91.51
N ALA VA 477 -97.85 33.17 92.47
CA ALA VA 477 -97.36 34.49 92.85
C ALA VA 477 -95.93 34.40 93.39
N THR VA 478 -95.74 33.61 94.45
CA THR VA 478 -94.39 33.44 95.00
C THR VA 478 -93.47 32.78 94.00
N ILE VA 479 -94.00 31.91 93.13
CA ILE VA 479 -93.17 31.33 92.09
C ILE VA 479 -92.64 32.41 91.16
N GLU VA 480 -93.50 33.35 90.77
CA GLU VA 480 -93.06 34.46 89.94
C GLU VA 480 -92.02 35.31 90.65
N LYS VA 481 -92.24 35.55 91.94
CA LYS VA 481 -91.26 36.33 92.72
C LYS VA 481 -89.89 35.68 92.67
N ASN VA 482 -89.79 34.45 93.16
CA ASN VA 482 -88.50 33.78 93.19
C ASN VA 482 -87.96 33.52 91.80
N ALA VA 483 -88.83 33.44 90.79
CA ALA VA 483 -88.36 33.23 89.43
C ALA VA 483 -87.71 34.47 88.85
N GLN VA 484 -88.30 35.65 89.10
CA GLN VA 484 -87.62 36.88 88.70
C GLN VA 484 -86.34 37.09 89.48
N GLU VA 485 -86.31 36.66 90.74
CA GLU VA 485 -85.06 36.72 91.50
C GLU VA 485 -83.99 35.85 90.85
N GLU VA 486 -84.35 34.61 90.49
CA GLU VA 486 -83.39 33.72 89.84
C GLU VA 486 -82.98 34.27 88.48
N ALA VA 487 -83.90 34.92 87.76
CA ALA VA 487 -83.56 35.50 86.47
C ALA VA 487 -82.56 36.63 86.63
N ALA VA 488 -82.73 37.46 87.67
CA ALA VA 488 -81.76 38.50 87.95
C ALA VA 488 -80.41 37.89 88.31
N ALA VA 489 -80.42 36.81 89.08
CA ALA VA 489 -79.16 36.14 89.43
C ALA VA 489 -78.50 35.50 88.22
N TYR VA 490 -79.29 35.15 87.21
CA TYR VA 490 -78.76 34.47 86.03
C TYR VA 490 -77.71 35.30 85.32
N GLY VA 491 -77.94 36.62 85.23
CA GLY VA 491 -76.96 37.48 84.58
C GLY VA 491 -75.58 37.36 85.20
N LEU VA 492 -75.52 37.36 86.54
CA LEU VA 492 -74.23 37.19 87.21
C LEU VA 492 -73.73 35.76 87.07
N ALA VA 493 -74.65 34.78 87.11
CA ALA VA 493 -74.24 33.39 86.98
C ALA VA 493 -73.55 33.13 85.64
N LEU VA 494 -73.94 33.86 84.60
CA LEU VA 494 -73.29 33.70 83.31
C LEU VA 494 -71.81 34.08 83.39
N LYS VA 495 -71.48 35.12 84.15
CA LYS VA 495 -70.08 35.47 84.36
C LYS VA 495 -69.32 34.37 85.10
N THR VA 496 -70.03 33.52 85.86
CA THR VA 496 -69.34 32.48 86.63
C THR VA 496 -68.69 31.47 85.70
N MET VA 497 -69.46 30.88 84.79
CA MET VA 497 -68.96 29.85 83.90
C MET VA 497 -69.23 30.12 82.42
N GLY VA 498 -70.11 31.06 82.08
CA GLY VA 498 -70.36 31.37 80.69
C GLY VA 498 -69.13 31.89 79.98
N SER VA 499 -69.20 31.92 78.66
CA SER VA 499 -68.08 32.34 77.85
C SER VA 499 -67.97 33.87 77.84
N ALA VA 500 -66.82 34.35 77.36
CA ALA VA 500 -66.59 35.78 77.28
C ALA VA 500 -67.65 36.47 76.42
N GLU VA 501 -68.13 35.79 75.38
CA GLU VA 501 -69.17 36.37 74.54
C GLU VA 501 -70.43 36.63 75.36
N LEU VA 502 -70.92 35.60 76.05
CA LEU VA 502 -72.10 35.76 76.89
C LEU VA 502 -71.89 36.84 77.93
N ALA VA 503 -70.71 36.86 78.56
CA ALA VA 503 -70.43 37.86 79.59
C ALA VA 503 -70.53 39.27 79.01
N HIS VA 504 -69.82 39.51 77.91
CA HIS VA 504 -69.78 40.85 77.32
C HIS VA 504 -71.15 41.27 76.81
N LYS VA 505 -71.95 40.31 76.30
CA LYS VA 505 -73.28 40.66 75.83
C LYS VA 505 -74.26 40.88 76.98
N ALA VA 506 -74.00 40.27 78.13
CA ALA VA 506 -74.81 40.55 79.31
C ALA VA 506 -74.46 41.91 79.90
N ARG VA 507 -73.19 42.29 79.85
CA ARG VA 507 -72.77 43.60 80.32
C ARG VA 507 -73.17 44.69 79.32
#